data_8J4U
#
_entry.id   8J4U
#
_cell.length_a   1.00
_cell.length_b   1.00
_cell.length_c   1.00
_cell.angle_alpha   90.00
_cell.angle_beta   90.00
_cell.angle_gamma   90.00
#
_symmetry.space_group_name_H-M   'P 1'
#
loop_
_entity.id
_entity.type
_entity.pdbx_description
1 polymer 'SIR2-like domain-containing protein'
2 polymer 'Nucleoside triphosphate hydrolase'
3 non-polymer '[(2R,3S,4R,5R)-5-(6-AMINOPURIN-9-YL)-3,4-DIHYDROXY-OXOLAN-2-YL]METHYL[HYDROXY-[[(2R,3S,4R,5S)-3,4,5-TRIHYDROXYOXOLAN-2-YL]METHOXY]PHOSPHORYL] HYDROGEN PHOSPHATE'
4 non-polymer 'PHOSPHOTHIOPHOSPHORIC ACID-ADENYLATE ESTER'
5 non-polymer 'MAGNESIUM ION'
#
loop_
_entity_poly.entity_id
_entity_poly.type
_entity_poly.pdbx_seq_one_letter_code
_entity_poly.pdbx_strand_id
1 'polypeptide(L)'
;MSIYQGGNKLNEDDFRSHVYSLCQLDNVGVLLGAGASVGCGGKTMKDVWKSFKQNYPELLGALIDKYLLVSQIDSDNNLV
NVELLIDEATKFLSVAKTRRCEDEEEEFRKILSSLYKEVTKAALLTGEQFREKNQGKKDAFKYHKELISKLISNRQPGQS
APAIFTTNYDLALEWAAEDLGIQLFNGFSGLHTRQFYPQNFDLAFRNVNAKGEARFGHYHAYLYKLHGSLTWYQNDSLTV
NEVSASQAYDEYINDIINKDDFYRGQHLIYPGANKYSHTIGFVYGEMFRRFGEFISKPQTALFINGFGFGDYHINRIILG
ALLNPSFHVVIYYPELKEAITKVSKGGGSEAEKAIVTLKNMAFNQVTVVGGGSKAYFNSFVEHLPYPVLFPRDNIVDELV
EAIANLSKGEGNVPF
;
A,B,C,D,E,F,G,H,I,J,K,L
2 'polypeptide(L)'
;MSLFKLTEISAIGYVVGLEGERIRINLHEGLQGRLASHRKGVSSVTQPGDLIGFDAGNILVVARVTDMAFVEADKAHKAN
VGTSDLADIPLRQIIAYAIGFVKRELNGYVFISEDWRLPALGSSAVPLTSDFLNIIYSIDKEELPKAVELGVDSRTKTVK
IFASVDKLLSRHLAVLGSTGYGKSNFNALLTRKVSEKYPNSRIVIFDINGEYAQAFTGIPNVKHTILGESPNVDSLEKKQ
QKGELYSEEYYCYKKIPYQALGFAGLIKLLRPSDKTQLPALRNALSAINRTHFKSRNIYLEKDDGETFLLYDDCRDTNQS
KLAEWLDLLRRRRLKRTNVWPPFKSLATLVAEFGCVAADRSNGSKRDAFGFSNVLPLVKIIQQLAEDIRFKSIVNLNGGG
ELADGGTHWDKAMSDEVDYFFGKEKGQENDWNVHIVNMKNLAQDHAPMLLSALLEMFAEILFRRGQERSYPTVLLLEEAH
HYLRDPYAEIDSQIKAYERLAKEGRKFKCSLIVSTQRPSELSPTVLAMCSNWFSLRLTNERDLQALRYAMESGNEQILKQ
ISGLPRGDAVAFGSAFNLPVRISINQARPGPKSSDAVFSEEWANCTELRC
;
M,N,O,P,Q,R
#
loop_
_chem_comp.id
_chem_comp.type
_chem_comp.name
_chem_comp.formula
AGS non-polymer 'PHOSPHOTHIOPHOSPHORIC ACID-ADENYLATE ESTER' 'C10 H16 N5 O12 P3 S'
AR6 non-polymer '[(2R,3S,4R,5R)-5-(6-AMINOPURIN-9-YL)-3,4-DIHYDROXY-OXOLAN-2-YL]METHYL[HYDROXY-[[(2R,3S,4R,5S)-3,4,5-TRIHYDROXYOXOLAN-2-YL]METHOXY]PHOSPHORYL] HYDROGEN PHOSPHATE' 'C15 H23 N5 O14 P2'
MG non-polymer 'MAGNESIUM ION' 'Mg 2'
#
# COMPACT_ATOMS: atom_id res chain seq x y z
N SER A 2 46.93 45.52 -5.20
CA SER A 2 46.55 46.26 -6.40
C SER A 2 45.23 45.75 -6.97
N ILE A 3 44.37 45.26 -6.09
CA ILE A 3 43.04 44.78 -6.46
C ILE A 3 42.08 45.26 -5.37
N TYR A 4 41.25 46.24 -5.69
CA TYR A 4 40.43 46.94 -4.71
C TYR A 4 38.96 46.65 -4.98
N GLN A 5 38.32 45.95 -4.03
CA GLN A 5 36.87 45.77 -4.01
C GLN A 5 36.30 46.44 -2.77
N GLY A 6 35.15 47.10 -2.94
CA GLY A 6 34.50 47.72 -1.81
C GLY A 6 35.33 48.77 -1.10
N GLY A 7 36.33 49.32 -1.77
CA GLY A 7 37.23 50.27 -1.17
C GLY A 7 38.49 49.67 -0.57
N ASN A 8 38.43 48.41 -0.16
CA ASN A 8 39.56 47.71 0.43
C ASN A 8 40.06 46.61 -0.52
N LYS A 9 41.08 45.88 -0.06
CA LYS A 9 41.87 45.04 -0.94
C LYS A 9 41.36 43.61 -1.00
N LEU A 10 41.96 42.83 -1.90
CA LEU A 10 41.63 41.44 -2.13
C LEU A 10 42.91 40.67 -2.40
N ASN A 11 42.78 39.37 -2.62
CA ASN A 11 43.88 38.53 -3.06
C ASN A 11 43.46 37.75 -4.30
N GLU A 12 44.42 37.07 -4.91
CA GLU A 12 44.20 36.49 -6.23
C GLU A 12 43.10 35.44 -6.22
N ASP A 13 43.10 34.56 -5.22
CA ASP A 13 42.19 33.42 -5.24
C ASP A 13 40.75 33.84 -4.95
N ASP A 14 40.56 34.70 -3.95
CA ASP A 14 39.21 35.15 -3.60
C ASP A 14 38.58 35.99 -4.71
N PHE A 15 39.36 36.46 -5.68
CA PHE A 15 38.90 37.20 -6.84
C PHE A 15 38.70 36.32 -8.07
N ARG A 16 39.60 35.35 -8.25
CA ARG A 16 39.42 34.33 -9.28
C ARG A 16 38.23 33.42 -8.99
N SER A 17 37.77 33.38 -7.74
CA SER A 17 36.54 32.69 -7.39
C SER A 17 35.31 33.58 -7.50
N HIS A 18 35.49 34.89 -7.58
CA HIS A 18 34.40 35.82 -7.85
C HIS A 18 34.10 35.86 -9.34
N VAL A 19 35.16 35.87 -10.16
CA VAL A 19 34.98 35.85 -11.61
C VAL A 19 34.11 34.68 -12.03
N TYR A 20 34.41 33.49 -11.54
CA TYR A 20 33.68 32.30 -11.97
C TYR A 20 32.20 32.41 -11.64
N SER A 21 31.88 32.94 -10.47
CA SER A 21 30.49 33.12 -10.09
C SER A 21 29.81 34.23 -10.90
N LEU A 22 30.59 35.18 -11.43
CA LEU A 22 29.98 36.24 -12.23
C LEU A 22 29.57 35.75 -13.62
N CYS A 23 30.40 34.92 -14.24
CA CYS A 23 30.14 34.44 -15.60
C CYS A 23 28.94 33.51 -15.69
N GLN A 24 28.32 33.17 -14.55
CA GLN A 24 27.19 32.26 -14.52
C GLN A 24 25.86 32.95 -14.35
N LEU A 25 25.82 34.27 -14.52
CA LEU A 25 24.59 35.03 -14.38
C LEU A 25 23.80 35.01 -15.68
N ASP A 26 22.58 35.55 -15.61
CA ASP A 26 21.67 35.50 -16.75
C ASP A 26 22.26 36.23 -17.96
N ASN A 27 22.60 37.50 -17.79
CA ASN A 27 23.12 38.34 -18.86
C ASN A 27 24.59 38.65 -18.60
N VAL A 28 25.41 38.44 -19.62
CA VAL A 28 26.85 38.68 -19.54
C VAL A 28 27.28 39.48 -20.76
N GLY A 29 28.21 40.41 -20.55
CA GLY A 29 28.67 41.26 -21.63
C GLY A 29 30.12 41.66 -21.45
N VAL A 30 30.64 42.38 -22.44
CA VAL A 30 32.04 42.75 -22.53
C VAL A 30 32.15 44.05 -23.31
N LEU A 31 32.98 44.97 -22.83
CA LEU A 31 33.28 46.22 -23.51
C LEU A 31 34.79 46.35 -23.70
N LEU A 32 35.21 46.55 -24.93
CA LEU A 32 36.62 46.61 -25.30
C LEU A 32 36.97 47.98 -25.85
N GLY A 33 38.27 48.22 -26.00
CA GLY A 33 38.76 49.50 -26.47
C GLY A 33 39.89 49.36 -27.47
N ALA A 34 40.64 50.45 -27.66
CA ALA A 34 41.72 50.46 -28.65
C ALA A 34 43.02 49.87 -28.13
N GLY A 35 43.19 49.79 -26.82
CA GLY A 35 44.36 49.17 -26.26
C GLY A 35 44.38 47.66 -26.31
N ALA A 36 43.28 47.05 -26.75
CA ALA A 36 43.18 45.60 -26.88
C ALA A 36 43.78 45.09 -28.18
N SER A 37 44.06 45.96 -29.15
CA SER A 37 44.56 45.55 -30.45
C SER A 37 45.99 46.03 -30.71
N VAL A 38 46.76 46.30 -29.65
CA VAL A 38 48.17 46.63 -29.82
C VAL A 38 49.06 45.39 -29.80
N GLY A 39 48.54 44.26 -29.34
CA GLY A 39 49.21 42.99 -29.47
C GLY A 39 48.98 42.28 -30.78
N CYS A 40 48.45 42.99 -31.77
CA CYS A 40 48.17 42.40 -33.08
C CYS A 40 48.63 43.27 -34.23
N GLY A 41 49.14 44.47 -33.98
CA GLY A 41 49.60 45.36 -35.03
C GLY A 41 48.96 46.73 -34.97
N GLY A 42 48.33 47.06 -33.85
CA GLY A 42 47.61 48.30 -33.71
C GLY A 42 48.39 49.38 -32.97
N LYS A 43 47.72 50.51 -32.77
CA LYS A 43 48.34 51.67 -32.15
C LYS A 43 47.30 52.42 -31.32
N THR A 44 47.73 52.91 -30.17
CA THR A 44 46.86 53.71 -29.32
C THR A 44 46.62 55.08 -29.95
N MET A 45 45.91 55.94 -29.23
CA MET A 45 45.48 57.22 -29.75
C MET A 45 46.48 58.35 -29.48
N LYS A 46 47.43 58.15 -28.57
CA LYS A 46 48.56 59.06 -28.46
C LYS A 46 49.46 58.97 -29.69
N ASP A 47 49.94 57.75 -29.97
CA ASP A 47 50.90 57.54 -31.05
C ASP A 47 50.41 58.07 -32.39
N VAL A 48 49.11 58.26 -32.56
CA VAL A 48 48.58 58.79 -33.82
C VAL A 48 48.83 60.28 -33.92
N TRP A 49 48.53 61.03 -32.85
CA TRP A 49 48.79 62.47 -32.86
C TRP A 49 50.28 62.74 -32.78
N LYS A 50 51.02 61.90 -32.04
CA LYS A 50 52.46 62.03 -31.89
C LYS A 50 53.19 61.78 -33.22
N SER A 51 52.44 61.43 -34.25
CA SER A 51 52.97 61.25 -35.60
C SER A 51 52.39 62.23 -36.60
N PHE A 52 51.09 62.54 -36.48
CA PHE A 52 50.54 63.65 -37.25
C PHE A 52 51.32 64.93 -37.00
N LYS A 53 51.57 65.23 -35.72
CA LYS A 53 52.39 66.37 -35.36
C LYS A 53 53.72 66.38 -36.12
N GLN A 54 54.37 65.21 -36.18
CA GLN A 54 55.71 65.14 -36.75
C GLN A 54 55.68 65.29 -38.27
N ASN A 55 54.70 64.69 -38.94
CA ASN A 55 54.71 64.64 -40.39
C ASN A 55 54.07 65.86 -41.06
N TYR A 56 53.20 66.59 -40.37
CA TYR A 56 52.48 67.72 -40.96
C TYR A 56 52.46 68.89 -40.00
N PRO A 57 53.55 69.66 -39.92
CA PRO A 57 53.57 70.83 -39.04
C PRO A 57 52.95 72.07 -39.66
N GLU A 58 52.99 72.19 -40.98
CA GLU A 58 52.46 73.37 -41.65
C GLU A 58 50.95 73.49 -41.55
N LEU A 59 50.26 72.43 -41.13
CA LEU A 59 48.83 72.48 -40.89
C LEU A 59 48.49 72.66 -39.42
N LEU A 60 49.44 72.43 -38.53
CA LEU A 60 49.23 72.54 -37.09
C LEU A 60 49.11 73.97 -36.62
N GLY A 61 49.35 74.95 -37.48
CA GLY A 61 49.25 76.35 -37.09
C GLY A 61 47.90 76.93 -37.41
N ALA A 62 47.34 76.54 -38.56
CA ALA A 62 46.00 77.00 -38.92
C ALA A 62 44.97 76.56 -37.89
N LEU A 63 45.07 75.32 -37.42
CA LEU A 63 44.09 74.78 -36.49
C LEU A 63 44.08 75.52 -35.16
N ILE A 64 45.15 76.22 -34.82
CA ILE A 64 45.28 76.87 -33.52
C ILE A 64 45.17 78.39 -33.64
N ASP A 65 45.84 78.98 -34.63
CA ASP A 65 45.93 80.43 -34.74
C ASP A 65 44.83 81.05 -35.58
N LYS A 66 44.12 80.25 -36.38
CA LYS A 66 43.17 80.77 -37.35
C LYS A 66 41.75 80.29 -37.12
N TYR A 67 41.55 78.98 -36.93
CA TYR A 67 40.22 78.40 -36.82
C TYR A 67 39.85 77.95 -35.43
N LEU A 68 40.83 77.79 -34.53
CA LEU A 68 40.56 77.50 -33.13
C LEU A 68 39.82 76.17 -32.96
N LEU A 69 40.46 75.10 -33.43
CA LEU A 69 39.93 73.75 -33.32
C LEU A 69 40.69 72.88 -32.32
N VAL A 70 41.84 73.33 -31.84
CA VAL A 70 42.63 72.58 -30.86
C VAL A 70 43.49 73.57 -30.09
N SER A 71 43.87 73.19 -28.88
CA SER A 71 44.58 74.06 -27.94
C SER A 71 46.04 73.64 -27.82
N GLN A 72 46.85 74.58 -27.34
CA GLN A 72 48.30 74.41 -27.37
C GLN A 72 48.78 73.43 -26.31
N ILE A 73 48.32 73.59 -25.06
CA ILE A 73 48.82 72.73 -23.99
C ILE A 73 48.40 71.28 -24.24
N ASP A 74 47.18 71.06 -24.73
CA ASP A 74 46.74 69.71 -25.05
C ASP A 74 47.59 69.11 -26.16
N SER A 75 47.83 69.89 -27.22
CA SER A 75 48.66 69.39 -28.32
C SER A 75 50.09 69.09 -27.88
N ASP A 76 50.58 69.83 -26.90
CA ASP A 76 51.95 69.60 -26.41
C ASP A 76 52.03 68.42 -25.47
N ASN A 77 50.99 68.20 -24.67
CA ASN A 77 50.91 67.05 -23.78
C ASN A 77 50.29 65.83 -24.46
N ASN A 78 49.84 65.96 -25.71
CA ASN A 78 49.30 64.84 -26.48
C ASN A 78 48.05 64.27 -25.82
N LEU A 79 47.04 65.12 -25.67
CA LEU A 79 45.80 64.76 -24.98
C LEU A 79 44.59 65.27 -25.76
N VAL A 80 44.59 65.06 -27.08
CA VAL A 80 43.50 65.51 -27.93
C VAL A 80 42.61 64.33 -28.31
N ASN A 81 41.33 64.61 -28.47
CA ASN A 81 40.35 63.66 -28.98
C ASN A 81 40.31 63.77 -30.50
N VAL A 82 40.51 62.65 -31.20
CA VAL A 82 40.67 62.68 -32.65
C VAL A 82 39.36 62.48 -33.40
N GLU A 83 38.29 62.03 -32.74
CA GLU A 83 37.01 61.88 -33.42
C GLU A 83 36.26 63.19 -33.53
N LEU A 84 36.25 63.98 -32.45
CA LEU A 84 35.53 65.24 -32.47
C LEU A 84 36.21 66.26 -33.37
N LEU A 85 37.54 66.20 -33.47
CA LEU A 85 38.24 67.05 -34.41
C LEU A 85 37.80 66.78 -35.84
N ILE A 86 37.71 65.51 -36.22
CA ILE A 86 37.28 65.15 -37.56
C ILE A 86 35.83 65.56 -37.80
N ASP A 87 34.97 65.35 -36.81
CA ASP A 87 33.58 65.79 -36.95
C ASP A 87 33.49 67.29 -37.19
N GLU A 88 34.19 68.09 -36.38
CA GLU A 88 34.12 69.53 -36.54
C GLU A 88 34.72 69.97 -37.88
N ALA A 89 35.81 69.35 -38.30
CA ALA A 89 36.41 69.72 -39.59
C ALA A 89 35.53 69.28 -40.75
N THR A 90 34.72 68.25 -40.56
CA THR A 90 33.76 67.85 -41.58
C THR A 90 32.58 68.81 -41.64
N LYS A 91 32.20 69.38 -40.50
CA LYS A 91 31.11 70.34 -40.46
C LYS A 91 31.53 71.75 -40.88
N PHE A 92 32.82 72.07 -40.81
CA PHE A 92 33.29 73.37 -41.30
C PHE A 92 33.27 73.43 -42.83
N LEU A 93 33.38 72.28 -43.49
CA LEU A 93 33.48 72.25 -44.94
C LEU A 93 32.12 72.39 -45.62
N SER A 94 31.06 71.88 -44.99
CA SER A 94 29.73 71.94 -45.58
C SER A 94 29.24 73.38 -45.71
N VAL A 95 29.48 74.20 -44.68
CA VAL A 95 29.06 75.60 -44.75
C VAL A 95 29.72 76.29 -45.93
N ALA A 96 31.03 76.11 -46.09
CA ALA A 96 31.76 76.74 -47.18
C ALA A 96 31.26 76.24 -48.52
N LYS A 97 31.08 74.92 -48.66
CA LYS A 97 30.54 74.38 -49.89
C LYS A 97 29.17 74.96 -50.20
N THR A 98 28.40 75.31 -49.16
CA THR A 98 27.06 75.83 -49.37
C THR A 98 27.11 77.28 -49.84
N ARG A 99 27.79 78.15 -49.09
CA ARG A 99 27.80 79.57 -49.38
C ARG A 99 28.98 79.99 -50.27
N ARG A 100 29.60 79.05 -50.97
CA ARG A 100 30.50 79.34 -52.09
C ARG A 100 31.68 80.23 -51.65
N CYS A 101 32.51 79.65 -50.79
CA CYS A 101 33.81 80.21 -50.45
C CYS A 101 34.87 79.25 -50.96
N GLU A 102 35.70 79.72 -51.90
CA GLU A 102 36.59 78.84 -52.65
C GLU A 102 37.96 78.66 -52.00
N ASP A 103 38.29 79.45 -50.97
CA ASP A 103 39.53 79.27 -50.24
C ASP A 103 39.37 78.30 -49.08
N GLU A 104 38.39 78.57 -48.21
CA GLU A 104 38.08 77.71 -47.08
C GLU A 104 37.55 76.35 -47.50
N GLU A 105 37.35 76.11 -48.80
CA GLU A 105 36.90 74.82 -49.29
C GLU A 105 38.07 73.93 -49.67
N GLU A 106 39.13 74.50 -50.24
CA GLU A 106 40.34 73.76 -50.56
C GLU A 106 41.35 73.77 -49.42
N GLU A 107 41.13 74.59 -48.39
CA GLU A 107 42.01 74.54 -47.23
C GLU A 107 41.68 73.37 -46.31
N PHE A 108 40.45 72.85 -46.36
CA PHE A 108 40.03 71.78 -45.47
C PHE A 108 40.16 70.40 -46.11
N ARG A 109 40.12 70.31 -47.43
CA ARG A 109 40.34 69.04 -48.09
C ARG A 109 41.70 68.46 -47.72
N LYS A 110 42.73 69.31 -47.67
CA LYS A 110 44.07 68.83 -47.29
C LYS A 110 44.08 68.32 -45.86
N ILE A 111 43.49 69.09 -44.94
CA ILE A 111 43.44 68.67 -43.54
C ILE A 111 42.76 67.32 -43.41
N LEU A 112 41.63 67.15 -44.08
CA LEU A 112 40.87 65.90 -43.93
C LEU A 112 41.58 64.74 -44.61
N SER A 113 42.21 64.98 -45.76
CA SER A 113 42.98 63.94 -46.41
C SER A 113 44.16 63.49 -45.57
N SER A 114 44.78 64.42 -44.85
CA SER A 114 45.91 64.07 -44.00
C SER A 114 45.47 63.44 -42.68
N LEU A 115 44.24 63.70 -42.24
CA LEU A 115 43.75 63.05 -41.02
C LEU A 115 43.22 61.65 -41.29
N TYR A 116 42.55 61.45 -42.43
CA TYR A 116 42.03 60.14 -42.80
C TYR A 116 43.11 59.20 -43.30
N LYS A 117 44.38 59.57 -43.17
CA LYS A 117 45.50 58.80 -43.69
C LYS A 117 46.38 58.22 -42.60
N GLU A 118 46.25 58.70 -41.36
CA GLU A 118 46.99 58.16 -40.23
C GLU A 118 46.19 57.16 -39.42
N VAL A 119 44.87 57.26 -39.41
CA VAL A 119 44.03 56.30 -38.70
C VAL A 119 43.75 55.07 -39.55
N THR A 120 43.67 55.22 -40.87
CA THR A 120 43.49 54.07 -41.75
C THR A 120 44.72 53.18 -41.72
N LYS A 121 45.89 53.76 -41.96
CA LYS A 121 47.14 53.01 -42.00
C LYS A 121 47.38 52.23 -40.71
N ALA A 122 46.77 52.65 -39.60
CA ALA A 122 46.95 51.99 -38.32
C ALA A 122 45.85 50.97 -38.02
N ALA A 123 44.70 51.08 -38.67
CA ALA A 123 43.64 50.11 -38.51
C ALA A 123 43.83 48.88 -39.39
N LEU A 124 44.70 48.97 -40.39
CA LEU A 124 45.16 47.78 -41.09
C LEU A 124 46.12 47.04 -40.18
N LEU A 125 45.68 45.91 -39.62
CA LEU A 125 46.52 45.22 -38.65
C LEU A 125 47.66 44.47 -39.34
N THR A 126 47.38 43.91 -40.50
CA THR A 126 48.42 43.52 -41.45
C THR A 126 48.62 44.69 -42.42
N GLY A 127 49.36 44.47 -43.50
CA GLY A 127 49.50 45.50 -44.52
C GLY A 127 48.86 45.12 -45.83
N GLU A 128 49.68 44.85 -46.84
CA GLU A 128 49.17 44.47 -48.14
C GLU A 128 48.53 43.09 -48.14
N GLN A 129 48.55 42.38 -47.00
CA GLN A 129 47.80 41.15 -46.83
C GLN A 129 46.41 41.41 -46.26
N PHE A 130 45.94 42.66 -46.32
CA PHE A 130 44.59 42.98 -45.88
C PHE A 130 43.54 42.52 -46.89
N ARG A 131 43.92 42.46 -48.17
CA ARG A 131 43.02 42.03 -49.24
C ARG A 131 42.95 40.52 -49.40
N GLU A 132 43.82 39.76 -48.74
CA GLU A 132 43.90 38.33 -48.96
C GLU A 132 42.91 37.60 -48.05
N LYS A 133 42.96 36.27 -48.11
CA LYS A 133 42.01 35.40 -47.44
C LYS A 133 42.69 34.67 -46.29
N ASN A 134 41.86 34.21 -45.34
CA ASN A 134 42.30 33.37 -44.23
C ASN A 134 43.40 34.06 -43.41
N GLN A 135 43.01 35.16 -42.77
CA GLN A 135 43.91 35.96 -41.96
C GLN A 135 43.77 35.70 -40.47
N GLY A 136 42.70 35.04 -40.03
CA GLY A 136 42.54 34.65 -38.64
C GLY A 136 43.21 33.35 -38.29
N LYS A 137 43.96 32.77 -39.21
CA LYS A 137 44.69 31.53 -38.98
C LYS A 137 46.06 31.76 -38.36
N LYS A 138 46.46 33.01 -38.17
CA LYS A 138 47.81 33.35 -37.78
C LYS A 138 47.93 33.37 -36.26
N ASP A 139 49.06 33.89 -35.76
CA ASP A 139 49.42 33.80 -34.36
C ASP A 139 48.94 35.00 -33.54
N ALA A 140 48.81 36.17 -34.17
CA ALA A 140 48.42 37.36 -33.43
C ALA A 140 46.98 37.27 -32.92
N PHE A 141 46.14 36.50 -33.59
CA PHE A 141 44.71 36.41 -33.27
C PHE A 141 44.41 35.20 -32.40
N LYS A 142 45.30 34.86 -31.47
CA LYS A 142 45.20 33.62 -30.72
C LYS A 142 44.40 33.74 -29.43
N TYR A 143 44.39 34.92 -28.79
CA TYR A 143 43.63 35.11 -27.57
C TYR A 143 42.22 35.62 -27.84
N HIS A 144 42.03 36.30 -28.96
CA HIS A 144 40.69 36.67 -29.40
C HIS A 144 39.82 35.43 -29.55
N LYS A 145 40.40 34.32 -30.03
CA LYS A 145 39.66 33.08 -30.15
C LYS A 145 39.26 32.53 -28.79
N GLU A 146 40.23 32.44 -27.86
CA GLU A 146 39.94 31.93 -26.54
C GLU A 146 38.85 32.72 -25.84
N LEU A 147 38.86 34.05 -26.00
CA LEU A 147 37.81 34.86 -25.40
C LEU A 147 36.43 34.35 -25.78
N ILE A 148 36.20 34.18 -27.09
CA ILE A 148 34.89 33.76 -27.56
C ILE A 148 34.59 32.33 -27.13
N SER A 149 35.57 31.44 -27.25
CA SER A 149 35.38 30.06 -26.85
C SER A 149 34.91 29.97 -25.40
N LYS A 150 35.60 30.68 -24.49
CA LYS A 150 35.22 30.63 -23.09
C LYS A 150 33.89 31.31 -22.83
N LEU A 151 33.59 32.40 -23.55
CA LEU A 151 32.31 33.07 -23.33
C LEU A 151 31.14 32.20 -23.79
N ILE A 152 31.37 31.35 -24.79
CA ILE A 152 30.27 30.52 -25.29
C ILE A 152 30.14 29.23 -24.49
N SER A 153 31.26 28.57 -24.20
CA SER A 153 31.21 27.25 -23.58
C SER A 153 30.84 27.28 -22.10
N ASN A 154 30.73 28.46 -21.49
CA ASN A 154 30.40 28.57 -20.08
C ASN A 154 28.93 28.85 -19.84
N ARG A 155 28.08 28.69 -20.86
CA ARG A 155 26.65 28.88 -20.72
C ARG A 155 25.94 27.53 -20.63
N GLN A 156 24.67 27.58 -20.24
CA GLN A 156 23.84 26.40 -20.11
C GLN A 156 22.71 26.43 -21.13
N PRO A 157 22.04 25.31 -21.39
CA PRO A 157 20.87 25.34 -22.27
C PRO A 157 19.73 26.12 -21.65
N GLY A 158 19.18 27.05 -22.43
CA GLY A 158 18.16 27.96 -21.98
C GLY A 158 18.69 29.36 -21.67
N GLN A 159 19.97 29.46 -21.34
CA GLN A 159 20.57 30.75 -21.04
C GLN A 159 20.91 31.48 -22.33
N SER A 160 20.82 32.81 -22.28
CA SER A 160 21.02 33.62 -23.47
C SER A 160 22.48 33.59 -23.90
N ALA A 161 22.77 34.31 -24.98
CA ALA A 161 24.07 34.33 -25.62
C ALA A 161 24.83 35.62 -25.29
N PRO A 162 26.14 35.61 -25.39
CA PRO A 162 26.93 36.77 -24.97
C PRO A 162 26.79 37.95 -25.92
N ALA A 163 27.13 39.13 -25.39
CA ALA A 163 27.14 40.37 -26.14
C ALA A 163 28.53 40.98 -26.10
N ILE A 164 28.86 41.75 -27.14
CA ILE A 164 30.19 42.34 -27.30
C ILE A 164 30.04 43.75 -27.85
N PHE A 165 30.61 44.71 -27.15
CA PHE A 165 30.68 46.10 -27.59
C PHE A 165 32.13 46.51 -27.71
N THR A 166 32.43 47.38 -28.67
CA THR A 166 33.79 47.83 -28.91
C THR A 166 33.77 49.22 -29.51
N THR A 167 34.93 49.87 -29.46
CA THR A 167 35.12 51.19 -30.04
C THR A 167 36.08 51.18 -31.22
N ASN A 168 36.73 50.06 -31.50
CA ASN A 168 37.61 49.96 -32.65
C ASN A 168 36.80 49.92 -33.95
N TYR A 169 37.50 50.20 -35.05
CA TYR A 169 36.95 50.13 -36.40
C TYR A 169 37.82 49.24 -37.27
N ASP A 170 38.14 48.06 -36.73
CA ASP A 170 39.03 47.11 -37.37
C ASP A 170 38.39 45.74 -37.39
N LEU A 171 39.06 44.80 -38.04
CA LEU A 171 38.44 43.53 -38.42
C LEU A 171 39.08 42.35 -37.70
N ALA A 172 39.32 42.48 -36.39
CA ALA A 172 40.06 41.48 -35.65
C ALA A 172 39.19 40.41 -35.01
N LEU A 173 37.90 40.67 -34.80
CA LEU A 173 37.00 39.69 -34.21
C LEU A 173 36.17 38.94 -35.24
N GLU A 174 36.13 39.42 -36.48
CA GLU A 174 35.44 38.71 -37.55
C GLU A 174 36.36 37.67 -38.19
N TRP A 175 37.59 38.07 -38.50
CA TRP A 175 38.60 37.14 -38.94
C TRP A 175 38.75 35.97 -37.98
N ALA A 176 38.70 36.26 -36.68
CA ALA A 176 38.94 35.28 -35.64
C ALA A 176 37.72 34.43 -35.31
N ALA A 177 36.57 34.74 -35.88
CA ALA A 177 35.37 33.94 -35.72
C ALA A 177 35.03 33.14 -36.98
N GLU A 178 35.34 33.67 -38.15
CA GLU A 178 35.20 32.89 -39.38
C GLU A 178 36.02 31.61 -39.34
N ASP A 179 37.06 31.55 -38.50
CA ASP A 179 37.93 30.38 -38.41
C ASP A 179 37.38 29.33 -37.44
N LEU A 180 37.00 29.76 -36.24
CA LEU A 180 36.39 28.83 -35.29
C LEU A 180 35.17 28.13 -35.89
N GLY A 181 34.38 28.86 -36.67
CA GLY A 181 33.14 28.33 -37.20
C GLY A 181 31.94 28.91 -36.50
N ILE A 182 32.06 30.17 -36.08
CA ILE A 182 31.04 30.86 -35.30
C ILE A 182 30.44 31.96 -36.16
N GLN A 183 29.17 32.27 -35.90
CA GLN A 183 28.42 33.26 -36.66
C GLN A 183 28.10 34.44 -35.75
N LEU A 184 28.37 35.65 -36.24
CA LEU A 184 28.12 36.88 -35.52
C LEU A 184 27.03 37.68 -36.22
N PHE A 185 26.02 38.09 -35.46
CA PHE A 185 25.04 39.04 -35.97
C PHE A 185 25.57 40.46 -35.79
N ASN A 186 25.36 41.29 -36.82
CA ASN A 186 25.81 42.67 -36.76
C ASN A 186 24.84 43.68 -37.37
N GLY A 187 23.65 43.25 -37.79
CA GLY A 187 22.62 44.14 -38.31
C GLY A 187 22.42 44.07 -39.81
N PHE A 188 23.44 43.64 -40.55
CA PHE A 188 23.39 43.65 -42.00
C PHE A 188 22.94 42.30 -42.54
N SER A 189 22.37 42.32 -43.76
CA SER A 189 21.89 41.12 -44.43
C SER A 189 22.05 41.24 -45.93
N GLY A 190 22.40 40.14 -46.57
CA GLY A 190 22.55 40.05 -48.01
C GLY A 190 24.00 39.94 -48.43
N LEU A 191 24.19 39.65 -49.72
CA LEU A 191 25.54 39.54 -50.28
C LEU A 191 25.79 40.45 -51.47
N HIS A 192 24.84 40.51 -52.40
CA HIS A 192 25.05 41.35 -53.58
C HIS A 192 24.61 42.79 -53.34
N THR A 193 23.66 42.99 -52.43
CA THR A 193 23.30 44.32 -51.95
C THR A 193 23.03 44.15 -50.45
N ARG A 194 24.02 44.50 -49.63
CA ARG A 194 23.98 44.27 -48.20
C ARG A 194 23.55 45.56 -47.51
N GLN A 195 22.56 45.44 -46.61
CA GLN A 195 21.87 46.61 -46.09
C GLN A 195 21.59 46.44 -44.61
N PHE A 196 21.36 47.57 -43.95
CA PHE A 196 21.21 47.65 -42.49
C PHE A 196 19.74 47.52 -42.11
N TYR A 197 19.40 46.45 -41.41
CA TYR A 197 18.06 46.25 -40.86
C TYR A 197 18.16 46.17 -39.34
N PRO A 198 17.58 47.12 -38.60
CA PRO A 198 17.88 47.20 -37.16
C PRO A 198 17.08 46.25 -36.28
N GLN A 199 16.45 45.24 -36.86
CA GLN A 199 15.69 44.25 -36.10
C GLN A 199 16.36 42.89 -36.09
N ASN A 200 17.42 42.70 -36.87
CA ASN A 200 18.12 41.43 -36.90
C ASN A 200 18.86 41.14 -35.60
N PHE A 201 18.90 42.09 -34.68
CA PHE A 201 19.41 41.86 -33.34
C PHE A 201 18.42 41.10 -32.47
N ASP A 202 17.21 40.85 -32.95
CA ASP A 202 16.19 40.15 -32.19
C ASP A 202 15.96 38.72 -32.67
N LEU A 203 16.90 38.15 -33.41
CA LEU A 203 16.76 36.84 -34.02
C LEU A 203 17.75 35.86 -33.40
N ALA A 204 17.56 34.59 -33.75
CA ALA A 204 18.38 33.51 -33.21
C ALA A 204 18.13 32.26 -34.04
N PHE A 205 19.05 31.30 -33.92
CA PHE A 205 19.00 30.08 -34.70
C PHE A 205 18.31 28.96 -33.92
N ARG A 206 18.13 27.83 -34.59
CA ARG A 206 17.65 26.59 -34.00
C ARG A 206 17.74 25.50 -35.06
N ASN A 207 17.88 24.26 -34.60
CA ASN A 207 17.97 23.12 -35.49
C ASN A 207 16.62 22.41 -35.59
N VAL A 208 16.46 21.67 -36.69
CA VAL A 208 15.25 20.92 -36.96
C VAL A 208 15.51 19.44 -37.17
N ASN A 209 16.76 19.00 -37.09
CA ASN A 209 17.11 17.60 -37.26
C ASN A 209 16.79 16.81 -35.99
N HIS A 218 24.66 26.56 -29.49
CA HIS A 218 25.98 27.16 -29.41
C HIS A 218 26.53 27.48 -30.79
N TYR A 219 25.85 28.37 -31.49
CA TYR A 219 26.15 28.67 -32.88
C TYR A 219 26.43 30.13 -33.17
N HIS A 220 26.08 31.05 -32.27
CA HIS A 220 26.03 32.46 -32.63
C HIS A 220 26.34 33.35 -31.44
N ALA A 221 26.54 34.63 -31.72
CA ALA A 221 26.72 35.67 -30.73
C ALA A 221 26.34 37.01 -31.37
N TYR A 222 26.56 38.10 -30.65
CA TYR A 222 26.16 39.44 -31.08
C TYR A 222 27.33 40.39 -30.94
N LEU A 223 27.44 41.31 -31.91
CA LEU A 223 28.52 42.28 -31.96
C LEU A 223 27.97 43.66 -32.26
N TYR A 224 28.38 44.65 -31.47
CA TYR A 224 27.97 46.04 -31.64
C TYR A 224 29.21 46.90 -31.82
N LYS A 225 29.29 47.62 -32.93
CA LYS A 225 30.39 48.52 -33.23
C LYS A 225 29.88 49.96 -33.12
N LEU A 226 30.37 50.69 -32.13
CA LEU A 226 29.82 51.99 -31.77
C LEU A 226 30.37 53.14 -32.60
N HIS A 227 31.45 52.92 -33.36
CA HIS A 227 32.06 53.99 -34.15
C HIS A 227 32.20 53.65 -35.62
N GLY A 228 31.69 52.52 -36.08
CA GLY A 228 31.69 52.19 -37.49
C GLY A 228 32.68 51.12 -37.85
N SER A 229 33.09 51.13 -39.12
CA SER A 229 34.05 50.17 -39.64
C SER A 229 34.58 50.69 -40.98
N LEU A 230 35.63 50.03 -41.46
CA LEU A 230 36.25 50.42 -42.72
C LEU A 230 35.45 49.97 -43.93
N THR A 231 34.53 49.02 -43.77
CA THR A 231 33.80 48.42 -44.87
C THR A 231 32.39 48.99 -45.02
N TRP A 232 32.09 50.10 -44.37
CA TRP A 232 30.78 50.72 -44.43
C TRP A 232 30.88 52.04 -45.19
N TYR A 233 29.92 52.29 -46.08
CA TYR A 233 29.97 53.49 -46.89
C TYR A 233 28.58 53.78 -47.45
N GLN A 234 28.44 54.99 -47.99
CA GLN A 234 27.19 55.47 -48.58
C GLN A 234 27.45 55.82 -50.04
N ASN A 235 26.53 55.39 -50.90
CA ASN A 235 26.67 55.56 -52.34
C ASN A 235 25.88 56.79 -52.80
N ASP A 236 25.86 56.99 -54.12
CA ASP A 236 25.03 58.04 -54.72
C ASP A 236 23.56 57.86 -54.39
N SER A 237 23.17 56.70 -53.85
CA SER A 237 21.84 56.49 -53.31
C SER A 237 21.84 57.02 -51.87
N LEU A 238 20.79 56.71 -51.12
CA LEU A 238 20.74 57.03 -49.69
C LEU A 238 20.47 55.73 -48.94
N THR A 239 21.53 54.96 -48.72
CA THR A 239 21.50 53.70 -48.00
C THR A 239 22.94 53.32 -47.70
N VAL A 240 23.12 52.61 -46.60
CA VAL A 240 24.45 52.15 -46.19
C VAL A 240 24.66 50.74 -46.70
N ASN A 241 25.88 50.45 -47.14
CA ASN A 241 26.22 49.18 -47.74
C ASN A 241 27.51 48.63 -47.13
N GLU A 242 27.50 47.33 -46.83
CA GLU A 242 28.69 46.61 -46.39
C GLU A 242 29.26 45.79 -47.55
N VAL A 243 30.59 45.68 -47.57
CA VAL A 243 31.31 44.89 -48.55
C VAL A 243 32.48 44.19 -47.85
N SER A 244 33.23 43.41 -48.61
CA SER A 244 34.35 42.67 -48.08
C SER A 244 35.64 43.46 -48.22
N ALA A 245 36.70 42.96 -47.59
CA ALA A 245 37.96 43.67 -47.55
C ALA A 245 38.61 43.77 -48.93
N SER A 246 38.58 42.68 -49.69
CA SER A 246 39.17 42.71 -51.03
C SER A 246 38.51 43.77 -51.90
N GLN A 247 37.17 43.91 -51.79
CA GLN A 247 36.45 44.87 -52.60
C GLN A 247 36.71 46.30 -52.15
N ALA A 248 36.83 46.51 -50.83
CA ALA A 248 37.11 47.84 -50.31
C ALA A 248 38.51 48.31 -50.67
N TYR A 249 39.51 47.43 -50.53
CA TYR A 249 40.86 47.77 -50.96
C TYR A 249 40.88 48.28 -52.39
N ASP A 250 40.05 47.69 -53.25
CA ASP A 250 40.05 48.07 -54.65
C ASP A 250 39.25 49.34 -54.90
N GLU A 251 38.19 49.60 -54.13
CA GLU A 251 37.41 50.81 -54.37
C GLU A 251 38.04 52.05 -53.72
N TYR A 252 38.16 52.07 -52.39
CA TYR A 252 38.38 53.34 -51.70
C TYR A 252 39.42 53.26 -50.58
N ILE A 253 40.38 52.33 -50.67
CA ILE A 253 41.43 52.25 -49.65
C ILE A 253 42.83 52.27 -50.25
N ASN A 254 43.05 51.90 -51.50
CA ASN A 254 44.36 51.98 -52.09
C ASN A 254 44.67 53.36 -52.64
N ASP A 255 43.68 54.24 -52.69
CA ASP A 255 43.86 55.62 -53.12
C ASP A 255 44.12 56.56 -51.95
N ILE A 256 43.47 56.31 -50.82
CA ILE A 256 43.65 57.16 -49.64
C ILE A 256 45.14 57.28 -49.30
N ILE A 257 45.82 56.14 -49.16
CA ILE A 257 47.22 56.16 -48.77
C ILE A 257 48.10 56.67 -49.91
N ASN A 258 48.05 55.98 -51.06
CA ASN A 258 49.02 56.18 -52.12
C ASN A 258 48.62 57.29 -53.10
N LYS A 259 47.78 58.23 -52.69
CA LYS A 259 47.43 59.38 -53.51
C LYS A 259 47.06 60.52 -52.58
N ASP A 260 46.52 61.60 -53.17
CA ASP A 260 45.99 62.74 -52.43
C ASP A 260 44.59 63.00 -52.98
N ASP A 261 43.60 62.28 -52.45
CA ASP A 261 42.23 62.37 -52.92
C ASP A 261 41.27 62.41 -51.73
N PHE A 262 40.52 63.49 -51.63
CA PHE A 262 39.36 63.53 -50.73
C PHE A 262 38.38 64.51 -51.36
N TYR A 263 37.43 63.98 -52.12
CA TYR A 263 36.33 64.76 -52.67
C TYR A 263 34.98 64.14 -52.36
N ARG A 264 34.95 62.95 -51.79
CA ARG A 264 33.72 62.29 -51.35
C ARG A 264 33.59 62.56 -49.85
N GLY A 265 33.07 63.72 -49.51
CA GLY A 265 33.03 64.20 -48.14
C GLY A 265 31.82 63.76 -47.35
N GLN A 266 30.92 63.00 -47.95
CA GLN A 266 29.72 62.51 -47.28
C GLN A 266 29.58 61.02 -47.55
N HIS A 267 30.68 60.29 -47.45
CA HIS A 267 30.83 58.95 -48.02
C HIS A 267 31.27 57.90 -47.03
N LEU A 268 32.15 58.23 -46.09
CA LEU A 268 32.70 57.26 -45.15
C LEU A 268 31.99 57.34 -43.80
N ILE A 269 32.00 56.21 -43.10
CA ILE A 269 31.24 56.05 -41.86
C ILE A 269 32.17 55.67 -40.71
N TYR A 270 33.40 56.18 -40.74
CA TYR A 270 34.31 56.04 -39.62
C TYR A 270 35.18 57.29 -39.55
N PRO A 271 35.62 57.71 -38.35
CA PRO A 271 35.35 57.13 -37.03
C PRO A 271 34.28 57.87 -36.21
N GLY A 272 33.15 58.16 -36.82
CA GLY A 272 32.11 58.91 -36.14
C GLY A 272 31.97 60.33 -36.66
N ALA A 273 32.07 60.50 -37.98
CA ALA A 273 32.28 61.82 -38.56
C ALA A 273 31.01 62.54 -38.98
N ASN A 274 30.25 61.95 -39.90
CA ASN A 274 29.17 62.66 -40.58
C ASN A 274 27.84 62.52 -39.85
N LYS A 275 27.77 62.96 -38.60
CA LYS A 275 26.57 62.78 -37.79
C LYS A 275 25.54 63.89 -37.99
N TYR A 276 25.71 64.76 -38.97
CA TYR A 276 24.71 65.78 -39.28
C TYR A 276 23.74 65.36 -40.37
N SER A 277 23.96 64.20 -40.98
CA SER A 277 23.04 63.65 -41.96
C SER A 277 22.05 62.73 -41.26
N HIS A 278 20.76 62.89 -41.56
CA HIS A 278 19.72 62.12 -40.88
C HIS A 278 19.76 60.65 -41.24
N THR A 279 20.60 60.25 -42.20
CA THR A 279 20.68 58.85 -42.62
C THR A 279 21.88 58.13 -42.02
N ILE A 280 22.90 58.84 -41.58
CA ILE A 280 24.11 58.23 -41.06
C ILE A 280 24.10 58.23 -39.54
N GLY A 281 23.39 59.19 -38.94
CA GLY A 281 23.24 59.19 -37.49
C GLY A 281 22.28 58.13 -36.98
N PHE A 282 21.33 57.73 -37.83
CA PHE A 282 20.38 56.69 -37.48
C PHE A 282 21.06 55.37 -37.17
N VAL A 283 22.25 55.13 -37.71
CA VAL A 283 22.97 53.89 -37.44
C VAL A 283 23.85 54.00 -36.21
N TYR A 284 24.33 55.20 -35.89
CA TYR A 284 25.08 55.39 -34.66
C TYR A 284 24.17 55.34 -33.44
N GLY A 285 22.99 55.95 -33.53
CA GLY A 285 22.10 56.01 -32.37
C GLY A 285 21.64 54.65 -31.89
N GLU A 286 21.34 53.74 -32.82
CA GLU A 286 20.77 52.44 -32.51
C GLU A 286 21.73 51.51 -31.78
N MET A 287 22.99 51.91 -31.61
CA MET A 287 23.96 51.14 -30.85
C MET A 287 24.04 51.58 -29.40
N PHE A 288 24.09 52.90 -29.17
CA PHE A 288 24.00 53.40 -27.81
C PHE A 288 22.63 53.11 -27.20
N ARG A 289 21.58 53.14 -28.03
CA ARG A 289 20.24 52.83 -27.55
C ARG A 289 20.11 51.37 -27.12
N ARG A 290 21.01 50.50 -27.56
CA ARG A 290 21.05 49.11 -27.15
C ARG A 290 22.00 48.86 -26.00
N PHE A 291 23.13 49.57 -25.97
CA PHE A 291 24.00 49.55 -24.81
C PHE A 291 23.23 49.97 -23.55
N GLY A 292 22.59 51.14 -23.60
CA GLY A 292 21.82 51.62 -22.48
C GLY A 292 20.56 50.86 -22.16
N GLU A 293 20.28 49.78 -22.90
CA GLU A 293 19.16 48.91 -22.64
C GLU A 293 19.58 47.53 -22.18
N PHE A 294 20.78 47.07 -22.57
CA PHE A 294 21.36 45.88 -22.00
C PHE A 294 21.89 46.14 -20.60
N ILE A 295 22.39 47.36 -20.36
CA ILE A 295 23.05 47.68 -19.11
C ILE A 295 22.03 48.03 -18.03
N SER A 296 20.74 47.80 -18.31
CA SER A 296 19.67 48.17 -17.39
C SER A 296 18.78 46.98 -17.05
N LYS A 297 19.29 45.77 -17.13
CA LYS A 297 18.55 44.56 -16.86
C LYS A 297 18.92 43.98 -15.50
N PRO A 298 18.06 43.16 -14.91
CA PRO A 298 18.42 42.44 -13.69
C PRO A 298 19.40 41.31 -13.97
N GLN A 299 20.25 41.06 -12.98
CA GLN A 299 21.27 40.00 -13.03
C GLN A 299 22.16 40.16 -14.27
N THR A 300 22.91 41.26 -14.27
CA THR A 300 23.82 41.61 -15.35
C THR A 300 25.24 41.74 -14.83
N ALA A 301 26.20 41.35 -15.67
CA ALA A 301 27.62 41.49 -15.39
C ALA A 301 28.33 42.09 -16.60
N LEU A 302 29.30 42.97 -16.36
CA LEU A 302 30.01 43.66 -17.43
C LEU A 302 31.49 43.72 -17.10
N PHE A 303 32.31 43.24 -18.02
CA PHE A 303 33.76 43.34 -17.92
C PHE A 303 34.27 44.40 -18.87
N ILE A 304 35.13 45.29 -18.38
CA ILE A 304 35.71 46.36 -19.16
C ILE A 304 37.21 46.15 -19.28
N ASN A 305 37.77 46.57 -20.42
CA ASN A 305 39.18 46.37 -20.68
C ASN A 305 39.58 47.19 -21.90
N GLY A 306 40.72 47.88 -21.81
CA GLY A 306 41.26 48.61 -22.93
C GLY A 306 40.76 50.03 -23.05
N PHE A 307 39.88 50.48 -22.17
CA PHE A 307 39.11 51.70 -22.35
C PHE A 307 39.59 52.75 -21.36
N GLY A 308 39.99 53.90 -21.89
CA GLY A 308 40.32 55.06 -21.07
C GLY A 308 39.09 55.94 -20.92
N PHE A 309 38.76 56.26 -19.67
CA PHE A 309 37.46 56.85 -19.34
C PHE A 309 37.43 58.33 -19.69
N GLY A 310 37.68 58.61 -20.98
CA GLY A 310 37.69 59.96 -21.48
C GLY A 310 36.45 60.31 -22.28
N ASP A 311 35.34 59.64 -21.99
CA ASP A 311 34.05 59.90 -22.62
C ASP A 311 33.03 60.24 -21.55
N TYR A 312 32.27 61.31 -21.77
CA TYR A 312 31.35 61.81 -20.76
C TYR A 312 30.06 60.99 -20.71
N HIS A 313 29.57 60.55 -21.87
CA HIS A 313 28.27 59.92 -21.94
C HIS A 313 28.30 58.47 -21.45
N ILE A 314 29.36 57.73 -21.76
CA ILE A 314 29.44 56.35 -21.27
C ILE A 314 29.58 56.34 -19.76
N ASN A 315 30.29 57.32 -19.20
CA ASN A 315 30.40 57.40 -17.74
C ASN A 315 29.06 57.82 -17.13
N ARG A 316 28.40 58.82 -17.71
CA ARG A 316 27.08 59.21 -17.22
C ARG A 316 26.05 58.11 -17.40
N ILE A 317 26.35 57.09 -18.19
CA ILE A 317 25.45 55.96 -18.40
C ILE A 317 25.77 54.81 -17.45
N ILE A 318 27.04 54.58 -17.16
CA ILE A 318 27.41 53.54 -16.20
C ILE A 318 27.06 53.98 -14.78
N LEU A 319 27.47 55.19 -14.39
CA LEU A 319 27.24 55.64 -13.03
C LEU A 319 25.78 55.53 -12.63
N GLY A 320 24.87 55.71 -13.57
CA GLY A 320 23.45 55.66 -13.31
C GLY A 320 22.84 54.28 -13.29
N ALA A 321 23.66 53.23 -13.40
CA ALA A 321 23.17 51.86 -13.38
C ALA A 321 23.51 51.14 -12.08
N LEU A 322 24.33 51.72 -11.22
CA LEU A 322 24.57 51.14 -9.91
C LEU A 322 23.37 51.31 -8.98
N LEU A 323 22.38 52.10 -9.38
CA LEU A 323 21.18 52.30 -8.56
C LEU A 323 20.28 51.08 -8.53
N ASN A 324 20.55 50.06 -9.36
CA ASN A 324 19.87 48.78 -9.23
C ASN A 324 20.80 47.76 -8.58
N PRO A 325 20.32 46.99 -7.61
CA PRO A 325 21.24 46.18 -6.79
C PRO A 325 21.67 44.87 -7.42
N SER A 326 21.46 44.72 -8.73
CA SER A 326 21.77 43.47 -9.42
C SER A 326 22.74 43.65 -10.58
N PHE A 327 23.40 44.79 -10.69
CA PHE A 327 24.38 45.07 -11.73
C PHE A 327 25.77 45.11 -11.12
N HIS A 328 26.73 44.41 -11.72
CA HIS A 328 28.08 44.32 -11.22
C HIS A 328 29.08 44.65 -12.33
N VAL A 329 30.19 45.28 -11.94
CA VAL A 329 31.18 45.79 -12.88
C VAL A 329 32.56 45.27 -12.48
N VAL A 330 33.44 45.13 -13.48
CA VAL A 330 34.84 44.79 -13.27
C VAL A 330 35.67 45.60 -14.26
N ILE A 331 36.75 46.20 -13.78
CA ILE A 331 37.50 47.20 -14.54
C ILE A 331 38.99 46.89 -14.46
N TYR A 332 39.69 47.14 -15.57
CA TYR A 332 41.13 46.97 -15.66
C TYR A 332 41.76 48.30 -16.04
N TYR A 333 42.64 48.82 -15.17
CA TYR A 333 43.28 50.11 -15.39
C TYR A 333 44.74 50.03 -14.95
N PRO A 334 45.70 49.95 -15.87
CA PRO A 334 47.08 49.65 -15.48
C PRO A 334 47.94 50.86 -15.09
N GLU A 335 47.33 52.02 -14.86
CA GLU A 335 48.05 53.21 -14.42
C GLU A 335 47.32 53.86 -13.26
N LEU A 336 46.96 53.04 -12.26
CA LEU A 336 46.15 53.51 -11.15
C LEU A 336 46.98 54.21 -10.08
N LYS A 337 48.22 53.79 -9.89
CA LYS A 337 49.08 54.41 -8.87
C LYS A 337 49.30 55.88 -9.18
N GLU A 338 49.75 56.19 -10.40
CA GLU A 338 50.02 57.57 -10.78
C GLU A 338 48.80 58.45 -10.58
N ALA A 339 47.60 57.94 -10.89
CA ALA A 339 46.40 58.75 -10.76
C ALA A 339 46.10 59.09 -9.31
N ILE A 340 46.20 58.09 -8.42
CA ILE A 340 46.02 58.35 -6.99
C ILE A 340 47.01 59.40 -6.52
N THR A 341 48.28 59.22 -6.89
CA THR A 341 49.30 60.22 -6.58
C THR A 341 48.85 61.61 -7.02
N LYS A 342 48.54 61.76 -8.31
CA LYS A 342 48.31 63.09 -8.87
C LYS A 342 47.09 63.77 -8.25
N VAL A 343 46.02 63.01 -7.99
CA VAL A 343 44.81 63.60 -7.41
C VAL A 343 44.88 63.66 -5.89
N SER A 344 45.94 63.13 -5.28
CA SER A 344 46.14 63.34 -3.85
C SER A 344 46.41 64.81 -3.57
N LYS A 345 47.15 65.47 -4.46
CA LYS A 345 47.54 66.87 -4.28
C LYS A 345 47.13 67.70 -5.51
N GLY A 346 45.88 68.16 -5.50
CA GLY A 346 45.39 69.13 -6.46
C GLY A 346 45.87 68.97 -7.88
N GLY A 347 45.50 67.87 -8.54
CA GLY A 347 45.88 67.70 -9.93
C GLY A 347 45.10 66.59 -10.58
N GLY A 348 45.49 66.28 -11.82
CA GLY A 348 44.90 65.19 -12.57
C GLY A 348 43.87 65.67 -13.59
N SER A 349 43.61 64.82 -14.56
CA SER A 349 42.62 65.08 -15.60
C SER A 349 41.30 64.41 -15.25
N GLU A 350 40.31 64.59 -16.13
CA GLU A 350 38.96 64.13 -15.81
C GLU A 350 38.87 62.61 -15.74
N ALA A 351 39.62 61.90 -16.60
CA ALA A 351 39.58 60.44 -16.56
C ALA A 351 40.08 59.91 -15.23
N GLU A 352 41.22 60.41 -14.77
CA GLU A 352 41.80 59.95 -13.51
C GLU A 352 40.89 60.28 -12.33
N LYS A 353 40.38 61.50 -12.29
CA LYS A 353 39.42 61.87 -11.26
C LYS A 353 38.21 60.95 -11.29
N ALA A 354 37.72 60.64 -12.48
CA ALA A 354 36.53 59.80 -12.63
C ALA A 354 36.78 58.41 -12.05
N ILE A 355 37.90 57.80 -12.39
CA ILE A 355 38.15 56.43 -11.93
C ILE A 355 38.42 56.42 -10.43
N VAL A 356 39.19 57.40 -9.93
CA VAL A 356 39.47 57.48 -8.50
C VAL A 356 38.20 57.74 -7.71
N THR A 357 37.24 58.45 -8.31
CA THR A 357 35.99 58.75 -7.63
C THR A 357 35.30 57.48 -7.14
N LEU A 358 35.21 56.48 -8.01
CA LEU A 358 34.54 55.24 -7.65
C LEU A 358 35.48 54.19 -7.08
N LYS A 359 36.80 54.35 -7.23
CA LYS A 359 37.72 53.48 -6.51
C LYS A 359 37.50 53.56 -5.00
N ASN A 360 36.98 54.68 -4.50
CA ASN A 360 36.69 54.86 -3.08
C ASN A 360 35.18 54.90 -2.92
N MET A 361 34.60 53.77 -2.51
CA MET A 361 33.15 53.67 -2.41
C MET A 361 32.80 52.51 -1.48
N ALA A 362 31.62 52.61 -0.87
CA ALA A 362 31.06 51.51 -0.08
C ALA A 362 30.12 50.69 -0.95
N PHE A 363 30.67 50.19 -2.05
CA PHE A 363 29.91 49.45 -3.06
C PHE A 363 30.67 48.17 -3.37
N ASN A 364 30.07 47.03 -3.00
CA ASN A 364 30.63 45.74 -3.34
C ASN A 364 30.37 45.35 -4.79
N GLN A 365 29.63 46.17 -5.53
CA GLN A 365 29.38 45.93 -6.95
C GLN A 365 30.58 46.28 -7.82
N VAL A 366 31.55 47.03 -7.30
CA VAL A 366 32.66 47.54 -8.09
C VAL A 366 33.94 46.84 -7.67
N THR A 367 34.85 46.71 -8.64
CA THR A 367 36.12 46.02 -8.43
C THR A 367 37.11 46.57 -9.42
N VAL A 368 38.26 47.04 -8.93
CA VAL A 368 39.28 47.66 -9.77
C VAL A 368 40.56 46.86 -9.67
N VAL A 369 41.30 46.83 -10.78
CA VAL A 369 42.49 46.01 -10.95
C VAL A 369 43.58 46.86 -11.57
N GLY A 370 44.80 46.79 -11.01
CA GLY A 370 45.93 47.47 -11.57
C GLY A 370 47.19 46.62 -11.57
N GLY A 371 48.32 47.22 -11.93
CA GLY A 371 49.58 46.50 -11.88
C GLY A 371 50.33 46.44 -13.20
N GLY A 372 50.07 47.40 -14.08
CA GLY A 372 50.74 47.43 -15.37
C GLY A 372 50.43 46.18 -16.17
N SER A 373 51.46 45.38 -16.42
CA SER A 373 51.32 44.19 -17.25
C SER A 373 50.38 43.14 -16.65
N LYS A 374 49.91 43.39 -15.43
CA LYS A 374 48.95 42.49 -14.78
C LYS A 374 47.51 42.86 -15.07
N ALA A 375 47.28 43.96 -15.80
CA ALA A 375 45.93 44.38 -16.17
C ALA A 375 45.75 44.43 -17.68
N TYR A 376 46.61 43.75 -18.43
CA TYR A 376 46.56 43.76 -19.87
C TYR A 376 45.62 42.68 -20.40
N PHE A 377 45.35 42.75 -21.71
CA PHE A 377 44.36 41.88 -22.32
C PHE A 377 44.73 40.41 -22.16
N ASN A 378 45.97 40.06 -22.44
CA ASN A 378 46.43 38.68 -22.41
C ASN A 378 46.47 38.09 -21.01
N SER A 379 46.24 38.90 -19.98
CA SER A 379 46.02 38.41 -18.63
C SER A 379 44.55 38.39 -18.24
N PHE A 380 43.78 39.39 -18.68
CA PHE A 380 42.33 39.32 -18.60
C PHE A 380 41.84 37.97 -19.09
N VAL A 381 42.35 37.51 -20.22
CA VAL A 381 41.86 36.25 -20.80
C VAL A 381 42.15 35.08 -19.87
N GLU A 382 43.40 34.94 -19.43
CA GLU A 382 43.78 33.77 -18.64
C GLU A 382 43.06 33.71 -17.30
N HIS A 383 42.45 34.80 -16.86
CA HIS A 383 41.65 34.77 -15.63
C HIS A 383 40.30 34.09 -15.83
N LEU A 384 39.94 33.76 -17.06
CA LEU A 384 38.66 33.13 -17.38
C LEU A 384 38.81 31.62 -17.47
N PRO A 385 37.81 30.86 -17.01
CA PRO A 385 37.97 29.41 -16.90
C PRO A 385 37.54 28.62 -18.13
N TYR A 386 38.29 27.51 -18.41
CA TYR A 386 37.81 26.47 -19.31
C TYR A 386 36.98 25.46 -18.52
N PRO A 387 35.95 24.86 -19.13
CA PRO A 387 35.29 23.72 -18.50
C PRO A 387 36.21 22.50 -18.46
N VAL A 388 35.78 21.50 -17.70
CA VAL A 388 36.60 20.33 -17.45
C VAL A 388 36.41 19.25 -18.51
N LEU A 389 35.42 19.38 -19.39
CA LEU A 389 35.09 18.36 -20.36
C LEU A 389 35.22 18.91 -21.78
N PHE A 390 36.13 19.87 -21.97
CA PHE A 390 36.33 20.62 -23.21
C PHE A 390 37.49 20.04 -23.99
N PRO A 391 37.37 19.84 -25.30
CA PRO A 391 38.49 19.30 -26.08
C PRO A 391 39.57 20.36 -26.29
N ARG A 392 40.81 20.00 -25.97
CA ARG A 392 41.95 20.90 -26.11
C ARG A 392 43.09 20.30 -26.91
N ASP A 393 43.39 19.02 -26.72
CA ASP A 393 44.49 18.39 -27.43
C ASP A 393 44.23 18.35 -28.92
N ASN A 394 45.19 18.86 -29.70
CA ASN A 394 45.10 18.82 -31.15
C ASN A 394 45.24 17.37 -31.60
N ILE A 395 44.12 16.76 -31.98
CA ILE A 395 44.09 15.34 -32.31
C ILE A 395 43.44 15.14 -33.67
N VAL A 396 43.39 16.21 -34.47
CA VAL A 396 42.78 16.15 -35.80
C VAL A 396 43.70 16.79 -36.83
N ASP A 397 44.80 17.38 -36.39
CA ASP A 397 45.70 18.09 -37.29
C ASP A 397 46.76 17.19 -37.90
N GLU A 398 47.22 16.19 -37.16
CA GLU A 398 48.10 15.17 -37.72
C GLU A 398 47.47 14.45 -38.90
N LEU A 399 46.16 14.57 -39.09
CA LEU A 399 45.43 13.78 -40.07
C LEU A 399 45.01 14.58 -41.30
N VAL A 400 45.12 15.91 -41.27
CA VAL A 400 44.77 16.71 -42.44
C VAL A 400 45.95 16.87 -43.41
N GLU A 401 47.17 16.61 -42.96
CA GLU A 401 48.32 16.61 -43.86
C GLU A 401 48.54 15.26 -44.52
N ALA A 402 48.16 14.18 -43.85
CA ALA A 402 48.18 12.87 -44.50
C ALA A 402 47.26 12.81 -45.70
N ILE A 403 46.22 13.65 -45.73
CA ILE A 403 45.35 13.72 -46.89
C ILE A 403 45.94 14.59 -47.98
N ALA A 404 46.90 15.46 -47.64
CA ALA A 404 47.60 16.27 -48.62
C ALA A 404 48.76 15.52 -49.25
N ASN A 405 49.44 14.68 -48.48
CA ASN A 405 50.51 13.83 -49.00
C ASN A 405 49.99 12.95 -50.13
N LEU A 406 48.67 12.82 -50.25
CA LEU A 406 48.05 12.07 -51.34
C LEU A 406 47.85 12.97 -52.56
N SER A 407 48.94 13.61 -52.98
CA SER A 407 48.90 14.52 -54.11
C SER A 407 48.55 13.80 -55.40
N SER B 2 -11.22 55.09 -54.45
CA SER B 2 -10.16 54.19 -54.85
C SER B 2 -9.52 53.53 -53.63
N ILE B 3 -9.59 52.21 -53.59
CA ILE B 3 -9.08 51.41 -52.47
C ILE B 3 -8.33 50.22 -53.05
N TYR B 4 -7.08 50.05 -52.63
CA TYR B 4 -6.21 48.99 -53.15
C TYR B 4 -5.73 48.11 -52.00
N GLN B 5 -6.10 46.84 -52.05
CA GLN B 5 -5.61 45.82 -51.12
C GLN B 5 -4.74 44.84 -51.90
N GLY B 6 -3.47 44.75 -51.52
CA GLY B 6 -2.55 43.85 -52.20
C GLY B 6 -2.17 44.28 -53.60
N GLY B 7 -2.25 45.57 -53.90
CA GLY B 7 -2.05 46.06 -55.24
C GLY B 7 -3.23 45.90 -56.17
N ASN B 8 -4.25 45.16 -55.76
CA ASN B 8 -5.45 44.94 -56.54
C ASN B 8 -6.49 46.00 -56.19
N LYS B 9 -7.74 45.81 -56.60
CA LYS B 9 -8.82 46.76 -56.39
C LYS B 9 -9.87 46.14 -55.49
N LEU B 10 -10.41 46.95 -54.58
CA LEU B 10 -11.35 46.48 -53.57
C LEU B 10 -12.49 47.49 -53.45
N ASN B 11 -13.65 47.00 -53.01
CA ASN B 11 -14.85 47.82 -52.93
C ASN B 11 -15.27 48.07 -51.48
N GLU B 12 -16.32 48.88 -51.34
CA GLU B 12 -16.67 49.48 -50.06
C GLU B 12 -17.38 48.52 -49.13
N ASP B 13 -18.29 47.70 -49.65
CA ASP B 13 -19.02 46.75 -48.81
C ASP B 13 -18.20 45.53 -48.46
N ASP B 14 -16.95 45.46 -48.91
CA ASP B 14 -15.97 44.51 -48.42
C ASP B 14 -14.97 45.17 -47.49
N PHE B 15 -14.58 46.40 -47.79
CA PHE B 15 -13.78 47.19 -46.85
C PHE B 15 -14.46 47.29 -45.49
N ARG B 16 -15.78 47.54 -45.50
CA ARG B 16 -16.51 47.74 -44.25
C ARG B 16 -16.64 46.46 -43.45
N SER B 17 -16.64 45.29 -44.11
CA SER B 17 -16.64 44.04 -43.39
C SER B 17 -15.25 43.63 -42.94
N HIS B 18 -14.22 44.12 -43.62
CA HIS B 18 -12.85 43.91 -43.16
C HIS B 18 -12.59 44.67 -41.87
N VAL B 19 -13.01 45.94 -41.81
CA VAL B 19 -12.78 46.76 -40.63
C VAL B 19 -13.41 46.12 -39.40
N TYR B 20 -14.64 45.63 -39.53
CA TYR B 20 -15.33 45.02 -38.40
C TYR B 20 -14.48 43.93 -37.77
N SER B 21 -13.92 43.04 -38.59
CA SER B 21 -13.13 41.93 -38.08
C SER B 21 -11.74 42.36 -37.65
N LEU B 22 -11.22 43.47 -38.19
CA LEU B 22 -9.98 44.01 -37.66
C LEU B 22 -10.16 44.56 -36.26
N CYS B 23 -11.32 45.13 -35.97
CA CYS B 23 -11.58 45.71 -34.66
C CYS B 23 -11.98 44.69 -33.61
N GLN B 24 -11.74 43.39 -33.84
CA GLN B 24 -12.01 42.35 -32.86
C GLN B 24 -10.75 41.59 -32.48
N LEU B 25 -9.58 42.14 -32.77
CA LEU B 25 -8.31 41.51 -32.47
C LEU B 25 -7.80 41.94 -31.11
N ASP B 26 -6.79 41.23 -30.62
CA ASP B 26 -6.23 41.52 -29.31
C ASP B 26 -5.72 42.97 -29.23
N ASN B 27 -4.76 43.33 -30.08
CA ASN B 27 -4.10 44.62 -29.99
C ASN B 27 -4.53 45.52 -31.15
N VAL B 28 -5.00 46.72 -30.80
CA VAL B 28 -5.46 47.71 -31.78
C VAL B 28 -4.81 49.05 -31.45
N GLY B 29 -4.55 49.85 -32.49
CA GLY B 29 -3.90 51.13 -32.26
C GLY B 29 -4.16 52.14 -33.35
N VAL B 30 -3.85 53.40 -33.02
CA VAL B 30 -4.13 54.55 -33.86
C VAL B 30 -2.95 55.51 -33.79
N LEU B 31 -2.36 55.83 -34.93
CA LEU B 31 -1.31 56.83 -35.07
C LEU B 31 -1.85 58.02 -35.86
N LEU B 32 -1.69 59.21 -35.30
CA LEU B 32 -2.28 60.42 -35.89
C LEU B 32 -1.19 61.42 -36.23
N GLY B 33 -1.62 62.50 -36.89
CA GLY B 33 -0.73 63.55 -37.34
C GLY B 33 -1.34 64.93 -37.19
N ALA B 34 -0.93 65.86 -38.06
CA ALA B 34 -1.35 67.25 -37.95
C ALA B 34 -2.59 67.57 -38.78
N GLY B 35 -3.03 66.65 -39.63
CA GLY B 35 -4.22 66.89 -40.42
C GLY B 35 -5.47 66.51 -39.66
N ALA B 36 -5.31 65.71 -38.61
CA ALA B 36 -6.40 65.36 -37.73
C ALA B 36 -6.82 66.52 -36.83
N SER B 37 -6.10 67.64 -36.85
CA SER B 37 -6.40 68.80 -36.03
C SER B 37 -6.64 70.04 -36.88
N VAL B 38 -7.18 69.85 -38.07
CA VAL B 38 -7.55 70.99 -38.91
C VAL B 38 -9.00 71.40 -38.70
N GLY B 39 -9.87 70.46 -38.33
CA GLY B 39 -11.23 70.75 -37.98
C GLY B 39 -11.43 71.36 -36.62
N CYS B 40 -10.35 71.78 -35.96
CA CYS B 40 -10.42 72.37 -34.64
C CYS B 40 -9.71 73.71 -34.53
N GLY B 41 -8.96 74.13 -35.55
CA GLY B 41 -8.30 75.42 -35.53
C GLY B 41 -6.80 75.33 -35.79
N GLY B 42 -6.34 74.19 -36.29
CA GLY B 42 -4.93 73.98 -36.49
C GLY B 42 -4.47 74.31 -37.90
N LYS B 43 -3.16 74.56 -38.02
CA LYS B 43 -2.52 74.91 -39.27
C LYS B 43 -1.61 73.76 -39.72
N THR B 44 -0.95 73.96 -40.86
CA THR B 44 0.00 73.01 -41.39
C THR B 44 1.33 73.70 -41.69
N MET B 45 2.32 72.90 -42.08
CA MET B 45 3.66 73.42 -42.33
C MET B 45 3.72 74.25 -43.60
N LYS B 46 2.78 74.05 -44.52
CA LYS B 46 2.69 74.92 -45.70
C LYS B 46 2.14 76.29 -45.35
N ASP B 47 1.39 76.41 -44.25
CA ASP B 47 0.85 77.69 -43.81
C ASP B 47 1.81 78.42 -42.87
N VAL B 48 2.54 77.68 -42.04
CA VAL B 48 3.60 78.29 -41.25
C VAL B 48 4.55 79.06 -42.15
N TRP B 49 4.86 78.49 -43.32
CA TRP B 49 5.78 79.15 -44.22
C TRP B 49 5.19 80.43 -44.78
N LYS B 50 3.91 80.43 -45.15
CA LYS B 50 3.29 81.65 -45.66
C LYS B 50 3.27 82.73 -44.59
N SER B 51 3.03 82.35 -43.33
CA SER B 51 3.04 83.33 -42.26
C SER B 51 4.43 83.92 -42.05
N PHE B 52 5.46 83.07 -42.04
CA PHE B 52 6.83 83.55 -41.89
C PHE B 52 7.27 84.35 -43.10
N LYS B 53 6.66 84.11 -44.26
CA LYS B 53 6.95 84.91 -45.44
C LYS B 53 6.32 86.30 -45.32
N GLN B 54 5.04 86.35 -44.95
CA GLN B 54 4.36 87.62 -44.78
C GLN B 54 5.09 88.49 -43.75
N ASN B 55 5.18 88.00 -42.50
CA ASN B 55 5.98 88.71 -41.53
C ASN B 55 7.46 88.43 -41.75
N TYR B 56 8.30 89.24 -41.12
CA TYR B 56 9.75 89.04 -41.19
C TYR B 56 10.21 88.93 -42.65
N PRO B 57 10.10 90.01 -43.44
CA PRO B 57 10.47 89.91 -44.87
C PRO B 57 11.92 90.28 -45.13
N GLU B 58 12.61 90.82 -44.12
CA GLU B 58 14.00 91.24 -44.29
C GLU B 58 14.98 90.10 -44.03
N LEU B 59 14.64 89.15 -43.17
CA LEU B 59 15.51 88.00 -42.96
C LEU B 59 15.48 87.07 -44.16
N LEU B 60 14.31 86.94 -44.80
CA LEU B 60 14.19 86.10 -45.98
C LEU B 60 15.17 86.52 -47.08
N GLY B 61 15.41 87.82 -47.21
CA GLY B 61 16.39 88.31 -48.16
C GLY B 61 17.73 87.67 -47.93
N ALA B 62 18.37 87.98 -46.80
CA ALA B 62 19.64 87.37 -46.42
C ALA B 62 19.60 85.85 -46.59
N LEU B 63 18.45 85.24 -46.26
CA LEU B 63 18.36 83.79 -46.31
C LEU B 63 18.48 83.27 -47.73
N ILE B 64 17.97 84.00 -48.71
CA ILE B 64 18.05 83.58 -50.11
C ILE B 64 19.35 84.03 -50.76
N ASP B 65 19.67 85.32 -50.67
CA ASP B 65 20.78 85.88 -51.42
C ASP B 65 22.13 85.62 -50.74
N LYS B 66 22.29 86.11 -49.51
CA LYS B 66 23.59 86.14 -48.88
C LYS B 66 24.05 84.77 -48.37
N TYR B 67 23.13 83.83 -48.14
CA TYR B 67 23.48 82.55 -47.52
C TYR B 67 23.14 81.34 -48.37
N LEU B 68 22.42 81.49 -49.48
CA LEU B 68 22.18 80.39 -50.41
C LEU B 68 21.48 79.23 -49.71
N LEU B 69 20.49 79.54 -48.88
CA LEU B 69 19.88 78.56 -48.00
C LEU B 69 18.47 78.17 -48.42
N VAL B 70 17.82 78.95 -49.27
CA VAL B 70 16.53 78.58 -49.86
C VAL B 70 16.46 79.18 -51.25
N SER B 71 15.68 78.55 -52.11
CA SER B 71 15.58 78.96 -53.51
C SER B 71 14.31 79.77 -53.77
N GLN B 72 14.41 80.65 -54.76
CA GLN B 72 13.30 81.57 -55.06
C GLN B 72 12.07 80.80 -55.50
N ILE B 73 12.23 79.83 -56.40
CA ILE B 73 11.10 79.05 -56.86
C ILE B 73 10.44 78.35 -55.68
N ASP B 74 11.17 77.45 -55.03
CA ASP B 74 10.65 76.72 -53.87
C ASP B 74 9.92 77.66 -52.92
N SER B 75 10.47 78.85 -52.69
CA SER B 75 9.79 79.83 -51.84
C SER B 75 8.42 80.19 -52.43
N ASP B 76 8.42 80.72 -53.65
CA ASP B 76 7.18 81.14 -54.30
C ASP B 76 6.13 80.02 -54.26
N ASN B 77 6.48 78.85 -54.80
CA ASN B 77 5.55 77.74 -54.88
C ASN B 77 5.24 77.12 -53.51
N ASN B 78 5.94 77.53 -52.45
CA ASN B 78 5.61 77.11 -51.09
C ASN B 78 5.76 75.60 -50.93
N LEU B 79 6.83 75.05 -51.51
CA LEU B 79 7.16 73.64 -51.36
C LEU B 79 8.31 73.41 -50.38
N VAL B 80 8.74 74.46 -49.68
CA VAL B 80 9.93 74.38 -48.85
C VAL B 80 9.65 73.56 -47.60
N ASN B 81 10.68 72.85 -47.13
CA ASN B 81 10.62 72.15 -45.86
C ASN B 81 11.17 73.04 -44.76
N VAL B 82 10.63 72.85 -43.55
CA VAL B 82 10.96 73.70 -42.41
C VAL B 82 11.93 72.97 -41.48
N GLU B 83 11.79 71.64 -41.41
CA GLU B 83 12.61 70.86 -40.51
C GLU B 83 14.04 70.68 -41.02
N LEU B 84 14.27 70.85 -42.33
CA LEU B 84 15.61 70.80 -42.89
C LEU B 84 16.24 72.17 -42.98
N LEU B 85 15.51 73.22 -42.63
CA LEU B 85 16.03 74.57 -42.48
C LEU B 85 16.36 74.89 -41.02
N ILE B 86 15.49 74.46 -40.10
CA ILE B 86 15.78 74.52 -38.68
C ILE B 86 16.99 73.68 -38.32
N ASP B 87 17.40 72.77 -39.20
CA ASP B 87 18.53 71.88 -38.95
C ASP B 87 19.81 72.34 -39.63
N GLU B 88 19.76 73.43 -40.38
CA GLU B 88 20.95 74.07 -40.94
C GLU B 88 21.24 75.42 -40.29
N ALA B 89 20.20 76.11 -39.81
CA ALA B 89 20.39 77.36 -39.11
C ALA B 89 21.04 77.16 -37.75
N THR B 90 21.22 75.92 -37.30
CA THR B 90 21.99 75.62 -36.10
C THR B 90 23.43 75.23 -36.40
N LYS B 91 23.67 74.56 -37.53
CA LYS B 91 25.02 74.31 -37.99
C LYS B 91 25.75 75.62 -38.27
N PHE B 92 25.10 76.50 -39.04
CA PHE B 92 25.71 77.80 -39.34
C PHE B 92 26.02 78.57 -38.07
N LEU B 93 25.29 78.30 -36.99
CA LEU B 93 25.56 78.95 -35.71
C LEU B 93 26.74 78.28 -35.01
N SER B 94 26.64 76.98 -34.76
CA SER B 94 27.69 76.21 -34.10
C SER B 94 29.06 76.50 -34.69
N VAL B 95 29.13 76.79 -35.98
CA VAL B 95 30.43 77.12 -36.58
C VAL B 95 30.88 78.51 -36.13
N ALA B 96 29.96 79.45 -36.01
CA ALA B 96 30.32 80.80 -35.63
C ALA B 96 30.63 80.92 -34.14
N LYS B 97 29.93 80.16 -33.32
CA LYS B 97 30.25 80.12 -31.89
C LYS B 97 31.69 79.69 -31.63
N THR B 98 32.31 79.00 -32.60
CA THR B 98 33.68 78.53 -32.49
C THR B 98 34.66 79.46 -33.18
N ARG B 99 34.30 80.02 -34.34
CA ARG B 99 35.15 81.01 -34.99
C ARG B 99 35.14 82.36 -34.28
N ARG B 100 34.19 82.59 -33.38
CA ARG B 100 33.99 83.88 -32.73
C ARG B 100 33.73 84.99 -33.75
N CYS B 101 32.61 84.85 -34.45
CA CYS B 101 32.07 85.88 -35.33
C CYS B 101 30.79 86.40 -34.69
N GLU B 102 30.95 87.43 -33.84
CA GLU B 102 29.87 87.87 -32.96
C GLU B 102 28.69 88.45 -33.71
N ASP B 103 28.88 88.96 -34.92
CA ASP B 103 27.76 89.51 -35.68
C ASP B 103 27.00 88.39 -36.39
N GLU B 104 27.73 87.46 -37.02
CA GLU B 104 27.09 86.28 -37.57
C GLU B 104 26.36 85.48 -36.50
N GLU B 105 26.78 85.61 -35.25
CA GLU B 105 26.18 84.90 -34.13
C GLU B 105 24.89 85.55 -33.62
N GLU B 106 24.30 86.48 -34.37
CA GLU B 106 23.07 87.16 -33.97
C GLU B 106 21.93 86.98 -34.95
N GLU B 107 22.21 87.05 -36.26
CA GLU B 107 21.17 86.85 -37.26
C GLU B 107 20.48 85.51 -37.07
N PHE B 108 21.26 84.47 -36.76
CA PHE B 108 20.68 83.13 -36.68
C PHE B 108 19.84 82.96 -35.43
N ARG B 109 20.21 83.61 -34.32
CA ARG B 109 19.33 83.65 -33.18
C ARG B 109 18.02 84.36 -33.53
N LYS B 110 18.12 85.52 -34.18
CA LYS B 110 16.92 86.25 -34.59
C LYS B 110 16.04 85.40 -35.50
N ILE B 111 16.65 84.52 -36.29
CA ILE B 111 15.89 83.72 -37.24
C ILE B 111 15.25 82.51 -36.55
N LEU B 112 16.00 81.83 -35.69
CA LEU B 112 15.46 80.66 -35.01
C LEU B 112 14.36 81.05 -34.03
N SER B 113 14.49 82.20 -33.37
CA SER B 113 13.42 82.66 -32.48
C SER B 113 12.12 82.83 -33.25
N SER B 114 12.18 83.50 -34.40
CA SER B 114 10.97 83.73 -35.19
C SER B 114 10.46 82.47 -35.87
N LEU B 115 11.32 81.48 -36.08
CA LEU B 115 10.84 80.20 -36.61
C LEU B 115 10.19 79.35 -35.52
N TYR B 116 10.62 79.49 -34.28
CA TYR B 116 10.02 78.75 -33.18
C TYR B 116 8.77 79.45 -32.64
N LYS B 117 8.63 80.75 -32.89
CA LYS B 117 7.45 81.47 -32.42
C LYS B 117 6.21 81.21 -33.25
N GLU B 118 6.36 80.70 -34.47
CA GLU B 118 5.23 80.53 -35.38
C GLU B 118 4.63 79.13 -35.32
N VAL B 119 5.42 78.11 -34.98
CA VAL B 119 4.87 76.78 -34.71
C VAL B 119 4.32 76.66 -33.30
N THR B 120 4.48 77.69 -32.48
CA THR B 120 3.93 77.71 -31.13
C THR B 120 2.51 78.27 -31.11
N LYS B 121 2.26 79.34 -31.87
CA LYS B 121 0.93 79.89 -31.99
C LYS B 121 0.11 79.24 -33.08
N ALA B 122 0.49 78.03 -33.50
CA ALA B 122 -0.31 77.21 -34.39
C ALA B 122 -0.82 75.95 -33.70
N ALA B 123 -0.46 75.76 -32.43
CA ALA B 123 -1.01 74.68 -31.61
C ALA B 123 -1.97 75.20 -30.56
N LEU B 124 -2.16 76.52 -30.49
CA LEU B 124 -3.22 77.12 -29.69
C LEU B 124 -4.47 77.10 -30.54
N LEU B 125 -5.24 76.01 -30.44
CA LEU B 125 -6.39 75.85 -31.32
C LEU B 125 -7.40 76.96 -31.08
N THR B 126 -7.73 77.22 -29.82
CA THR B 126 -8.45 78.42 -29.43
C THR B 126 -7.42 79.47 -29.01
N GLY B 127 -7.41 80.60 -29.70
CA GLY B 127 -6.31 81.53 -29.59
C GLY B 127 -6.08 82.09 -28.20
N GLU B 128 -6.99 82.93 -27.72
CA GLU B 128 -6.83 83.58 -26.44
C GLU B 128 -7.63 82.93 -25.31
N GLN B 129 -8.54 82.01 -25.65
CA GLN B 129 -9.27 81.22 -24.67
C GLN B 129 -8.55 79.92 -24.34
N PHE B 130 -7.22 79.90 -24.51
CA PHE B 130 -6.41 78.74 -24.17
C PHE B 130 -6.37 78.50 -22.67
N ARG B 131 -6.44 79.56 -21.88
CA ARG B 131 -6.30 79.46 -20.44
C ARG B 131 -7.61 79.19 -19.71
N GLU B 132 -8.74 79.40 -20.37
CA GLU B 132 -10.03 79.19 -19.72
C GLU B 132 -10.28 77.70 -19.53
N LYS B 133 -11.45 77.38 -18.97
CA LYS B 133 -11.81 76.02 -18.61
C LYS B 133 -12.93 75.52 -19.51
N ASN B 134 -13.08 74.19 -19.52
CA ASN B 134 -14.17 73.52 -20.25
C ASN B 134 -14.16 73.90 -21.73
N GLN B 135 -13.06 73.52 -22.39
CA GLN B 135 -12.91 73.74 -23.82
C GLN B 135 -13.29 72.51 -24.64
N GLY B 136 -13.57 71.39 -24.00
CA GLY B 136 -14.01 70.18 -24.65
C GLY B 136 -15.51 70.05 -24.79
N LYS B 137 -16.27 71.07 -24.40
CA LYS B 137 -17.72 71.07 -24.51
C LYS B 137 -18.20 71.67 -25.82
N LYS B 138 -17.31 72.30 -26.58
CA LYS B 138 -17.67 72.96 -27.81
C LYS B 138 -17.94 71.93 -28.91
N ASP B 139 -18.30 72.42 -30.09
CA ASP B 139 -18.72 71.57 -31.19
C ASP B 139 -17.56 71.03 -32.01
N ALA B 140 -16.40 71.67 -31.96
CA ALA B 140 -15.23 71.25 -32.71
C ALA B 140 -14.53 70.03 -32.12
N PHE B 141 -15.09 69.33 -31.12
CA PHE B 141 -14.38 68.25 -30.45
C PHE B 141 -15.24 66.99 -30.32
N LYS B 142 -16.23 66.81 -31.19
CA LYS B 142 -17.13 65.65 -31.09
C LYS B 142 -16.61 64.42 -31.82
N TYR B 143 -15.94 64.61 -32.96
CA TYR B 143 -15.30 63.50 -33.65
C TYR B 143 -14.06 63.01 -32.93
N HIS B 144 -13.57 63.77 -31.94
CA HIS B 144 -12.55 63.29 -31.04
C HIS B 144 -13.12 62.47 -29.88
N LYS B 145 -14.39 62.69 -29.54
CA LYS B 145 -15.04 61.89 -28.50
C LYS B 145 -15.55 60.56 -29.06
N GLU B 146 -16.12 60.59 -30.27
CA GLU B 146 -16.60 59.36 -30.90
C GLU B 146 -15.50 58.31 -30.98
N LEU B 147 -14.31 58.72 -31.43
CA LEU B 147 -13.18 57.81 -31.54
C LEU B 147 -12.96 57.05 -30.23
N ILE B 148 -12.79 57.78 -29.13
CA ILE B 148 -12.48 57.15 -27.86
C ILE B 148 -13.64 56.29 -27.40
N SER B 149 -14.88 56.80 -27.52
CA SER B 149 -16.04 56.02 -27.12
C SER B 149 -16.07 54.67 -27.80
N LYS B 150 -15.91 54.66 -29.12
CA LYS B 150 -15.97 53.41 -29.88
C LYS B 150 -14.81 52.49 -29.51
N LEU B 151 -13.59 53.04 -29.47
CA LEU B 151 -12.43 52.21 -29.19
C LEU B 151 -12.54 51.52 -27.85
N ILE B 152 -13.08 52.21 -26.85
CA ILE B 152 -13.25 51.59 -25.54
C ILE B 152 -14.43 50.64 -25.52
N SER B 153 -15.55 51.03 -26.13
CA SER B 153 -16.73 50.18 -26.18
C SER B 153 -16.39 48.80 -26.73
N ASN B 154 -15.87 48.74 -27.95
CA ASN B 154 -15.63 47.44 -28.59
C ASN B 154 -14.36 46.80 -28.02
N ARG B 155 -14.47 46.43 -26.74
CA ARG B 155 -13.48 45.61 -26.05
C ARG B 155 -14.21 44.61 -25.17
N GLN B 156 -13.65 43.42 -25.03
CA GLN B 156 -14.24 42.35 -24.24
C GLN B 156 -13.54 42.24 -22.89
N PRO B 157 -14.16 41.56 -21.92
CA PRO B 157 -13.52 41.35 -20.62
C PRO B 157 -12.41 40.33 -20.71
N GLY B 158 -11.17 40.80 -20.65
CA GLY B 158 -10.02 39.94 -20.76
C GLY B 158 -9.00 40.48 -21.76
N GLN B 159 -9.46 41.35 -22.64
CA GLN B 159 -8.63 41.90 -23.71
C GLN B 159 -8.09 43.26 -23.32
N SER B 160 -6.84 43.52 -23.69
CA SER B 160 -6.12 44.69 -23.22
C SER B 160 -6.78 45.98 -23.73
N ALA B 161 -6.23 47.10 -23.31
CA ALA B 161 -6.80 48.43 -23.53
C ALA B 161 -6.13 49.12 -24.70
N PRO B 162 -6.69 50.23 -25.17
CA PRO B 162 -6.16 50.90 -26.36
C PRO B 162 -5.01 51.88 -26.07
N ALA B 163 -4.19 52.04 -27.10
CA ALA B 163 -3.07 52.98 -27.14
C ALA B 163 -3.27 53.97 -28.27
N ILE B 164 -2.77 55.20 -28.08
CA ILE B 164 -2.93 56.27 -29.05
C ILE B 164 -1.59 56.97 -29.20
N PHE B 165 -1.03 56.98 -30.41
CA PHE B 165 0.23 57.63 -30.70
C PHE B 165 0.01 58.89 -31.53
N THR B 166 0.72 59.96 -31.16
CA THR B 166 0.59 61.21 -31.89
C THR B 166 1.93 61.95 -31.91
N THR B 167 2.05 62.86 -32.87
CA THR B 167 3.22 63.70 -33.03
C THR B 167 2.94 65.18 -32.77
N ASN B 168 1.69 65.54 -32.52
CA ASN B 168 1.34 66.94 -32.36
C ASN B 168 1.72 67.45 -30.97
N TYR B 169 1.55 68.75 -30.77
CA TYR B 169 1.79 69.40 -29.50
C TYR B 169 0.51 69.80 -28.77
N ASP B 170 -0.63 69.69 -29.42
CA ASP B 170 -1.88 70.25 -28.91
C ASP B 170 -2.55 69.31 -27.90
N LEU B 171 -3.64 69.82 -27.30
CA LEU B 171 -4.26 69.21 -26.13
C LEU B 171 -5.68 68.72 -26.40
N ALA B 172 -6.00 68.46 -27.66
CA ALA B 172 -7.36 68.10 -28.05
C ALA B 172 -7.81 66.80 -27.37
N LEU B 173 -7.00 65.75 -27.45
CA LEU B 173 -7.39 64.45 -26.92
C LEU B 173 -7.45 64.42 -25.40
N GLU B 174 -7.05 65.50 -24.73
CA GLU B 174 -7.21 65.63 -23.28
C GLU B 174 -8.42 66.48 -22.93
N TRP B 175 -8.60 67.59 -23.63
CA TRP B 175 -9.83 68.35 -23.50
C TRP B 175 -11.06 67.51 -23.82
N ALA B 176 -10.92 66.53 -24.71
CA ALA B 176 -12.03 65.71 -25.15
C ALA B 176 -12.16 64.41 -24.36
N ALA B 177 -11.47 64.29 -23.23
CA ALA B 177 -11.60 63.13 -22.36
C ALA B 177 -11.94 63.60 -20.95
N GLU B 178 -11.41 64.77 -20.58
CA GLU B 178 -11.81 65.38 -19.31
C GLU B 178 -13.30 65.71 -19.28
N ASP B 179 -13.98 65.63 -20.42
CA ASP B 179 -15.42 65.85 -20.48
C ASP B 179 -16.18 64.55 -20.24
N LEU B 180 -15.90 63.53 -21.05
CA LEU B 180 -16.50 62.22 -20.81
C LEU B 180 -16.26 61.73 -19.39
N GLY B 181 -15.12 62.08 -18.81
CA GLY B 181 -14.73 61.52 -17.53
C GLY B 181 -13.83 60.31 -17.63
N ILE B 182 -13.14 60.14 -18.73
CA ILE B 182 -12.21 59.04 -18.94
C ILE B 182 -10.83 59.50 -18.54
N GLN B 183 -10.03 58.58 -18.02
CA GLN B 183 -8.71 58.89 -17.49
C GLN B 183 -7.66 58.26 -18.39
N LEU B 184 -6.83 59.10 -18.99
CA LEU B 184 -5.74 58.67 -19.87
C LEU B 184 -4.44 58.63 -19.08
N PHE B 185 -3.59 57.66 -19.41
CA PHE B 185 -2.27 57.57 -18.80
C PHE B 185 -1.21 58.08 -19.76
N ASN B 186 -0.35 58.97 -19.25
CA ASN B 186 0.66 59.66 -20.04
C ASN B 186 2.05 59.62 -19.40
N GLY B 187 2.20 58.98 -18.25
CA GLY B 187 3.51 58.76 -17.65
C GLY B 187 3.88 59.71 -16.52
N PHE B 188 3.04 60.68 -16.19
CA PHE B 188 3.32 61.63 -15.12
C PHE B 188 2.48 61.32 -13.89
N SER B 189 2.82 61.99 -12.79
CA SER B 189 2.15 61.78 -11.52
C SER B 189 2.34 62.98 -10.62
N GLY B 190 1.32 63.32 -9.87
CA GLY B 190 1.36 64.41 -8.90
C GLY B 190 0.59 65.63 -9.38
N LEU B 191 0.35 66.54 -8.44
CA LEU B 191 -0.32 67.79 -8.73
C LEU B 191 0.53 69.01 -8.43
N HIS B 192 1.06 69.13 -7.22
CA HIS B 192 1.84 70.31 -6.87
C HIS B 192 3.26 70.23 -7.41
N THR B 193 3.78 69.01 -7.57
CA THR B 193 5.06 68.79 -8.25
C THR B 193 4.90 67.53 -9.07
N ARG B 194 4.80 67.68 -10.39
CA ARG B 194 4.51 66.58 -11.29
C ARG B 194 5.79 66.12 -11.96
N GLN B 195 6.00 64.80 -12.00
CA GLN B 195 7.26 64.22 -12.40
C GLN B 195 7.04 63.01 -13.29
N PHE B 196 7.95 62.81 -14.24
CA PHE B 196 7.88 61.70 -15.19
C PHE B 196 8.64 60.50 -14.65
N TYR B 197 7.90 59.41 -14.40
CA TYR B 197 8.47 58.11 -14.13
C TYR B 197 8.02 57.13 -15.20
N PRO B 198 8.93 56.32 -15.76
CA PRO B 198 8.55 55.46 -16.89
C PRO B 198 7.95 54.12 -16.49
N GLN B 199 7.57 53.95 -15.23
CA GLN B 199 6.93 52.72 -14.77
C GLN B 199 5.42 52.88 -14.58
N ASN B 200 4.88 54.08 -14.77
CA ASN B 200 3.45 54.28 -14.74
C ASN B 200 2.76 53.83 -16.01
N PHE B 201 3.51 53.30 -16.98
CA PHE B 201 2.96 52.71 -18.18
C PHE B 201 2.63 51.24 -17.99
N ASP B 202 2.76 50.72 -16.78
CA ASP B 202 2.52 49.32 -16.47
C ASP B 202 1.41 49.15 -15.43
N LEU B 203 0.57 50.17 -15.26
CA LEU B 203 -0.49 50.17 -14.26
C LEU B 203 -1.85 50.03 -14.93
N ALA B 204 -2.83 49.63 -14.12
CA ALA B 204 -4.20 49.48 -14.59
C ALA B 204 -5.13 49.88 -13.44
N PHE B 205 -6.42 49.58 -13.60
CA PHE B 205 -7.42 49.85 -12.58
C PHE B 205 -8.00 48.55 -12.05
N ARG B 206 -8.75 48.68 -10.96
CA ARG B 206 -9.43 47.55 -10.36
C ARG B 206 -10.42 48.04 -9.31
N ASN B 207 -11.66 47.56 -9.35
CA ASN B 207 -12.60 47.83 -8.28
C ASN B 207 -12.23 47.01 -7.07
N VAL B 208 -12.46 47.57 -5.88
CA VAL B 208 -11.89 47.03 -4.66
C VAL B 208 -12.85 46.02 -4.03
N ASN B 209 -13.84 45.57 -4.79
CA ASN B 209 -14.76 44.53 -4.39
C ASN B 209 -14.45 43.24 -5.14
N ALA B 210 -15.28 42.22 -4.92
CA ALA B 210 -15.10 40.94 -5.58
C ALA B 210 -15.24 41.08 -7.09
N GLY B 217 -15.54 52.60 -12.48
CA GLY B 217 -14.80 53.55 -13.28
C GLY B 217 -13.59 52.93 -13.96
N HIS B 218 -13.70 51.64 -14.27
CA HIS B 218 -12.61 50.91 -14.91
C HIS B 218 -12.67 51.05 -16.44
N TYR B 219 -12.61 52.31 -16.88
CA TYR B 219 -12.27 52.69 -18.24
C TYR B 219 -10.94 53.42 -18.21
N HIS B 220 -10.10 53.19 -19.21
CA HIS B 220 -8.81 53.85 -19.28
C HIS B 220 -8.21 53.62 -20.67
N ALA B 221 -7.08 54.27 -20.92
CA ALA B 221 -6.39 54.20 -22.21
C ALA B 221 -5.01 54.82 -22.03
N TYR B 222 -4.14 54.56 -23.00
CA TYR B 222 -2.76 55.01 -22.94
C TYR B 222 -2.47 55.98 -24.08
N LEU B 223 -1.73 57.04 -23.78
CA LEU B 223 -1.41 58.09 -24.75
C LEU B 223 0.09 58.30 -24.82
N TYR B 224 0.64 58.25 -26.03
CA TYR B 224 2.06 58.48 -26.27
C TYR B 224 2.23 59.63 -27.25
N LYS B 225 2.79 60.73 -26.75
CA LYS B 225 3.25 61.84 -27.57
C LYS B 225 4.72 61.62 -27.90
N LEU B 226 5.05 61.64 -29.18
CA LEU B 226 6.40 61.29 -29.61
C LEU B 226 7.31 62.50 -29.78
N HIS B 227 6.77 63.72 -29.80
CA HIS B 227 7.57 64.91 -30.04
C HIS B 227 7.46 65.97 -28.95
N GLY B 228 6.74 65.70 -27.87
CA GLY B 228 6.67 66.61 -26.75
C GLY B 228 5.30 67.24 -26.59
N SER B 229 5.29 68.40 -25.92
CA SER B 229 4.07 69.10 -25.58
C SER B 229 4.43 70.52 -25.16
N LEU B 230 3.40 71.37 -25.10
CA LEU B 230 3.56 72.74 -24.66
C LEU B 230 3.56 72.87 -23.14
N THR B 231 3.04 71.86 -22.44
CA THR B 231 2.90 71.89 -20.99
C THR B 231 4.04 71.18 -20.27
N TRP B 232 5.11 70.83 -20.98
CA TRP B 232 6.26 70.15 -20.43
C TRP B 232 7.44 71.11 -20.40
N TYR B 233 8.28 71.00 -19.38
CA TYR B 233 9.49 71.79 -19.34
C TYR B 233 10.55 71.08 -18.52
N GLN B 234 11.77 71.58 -18.63
CA GLN B 234 12.95 70.98 -18.02
C GLN B 234 13.78 72.06 -17.36
N ASN B 235 14.27 71.78 -16.15
CA ASN B 235 15.17 72.67 -15.45
C ASN B 235 16.63 72.25 -15.62
N ASP B 236 16.89 71.24 -16.43
CA ASP B 236 18.21 70.69 -16.75
C ASP B 236 18.81 69.93 -15.57
N SER B 237 18.10 69.81 -14.46
CA SER B 237 18.47 68.90 -13.39
C SER B 237 18.17 67.45 -13.72
N LEU B 238 17.85 67.17 -14.99
CA LEU B 238 17.46 65.85 -15.45
C LEU B 238 16.12 65.42 -14.84
N THR B 239 15.17 66.35 -14.83
CA THR B 239 13.81 66.11 -14.40
C THR B 239 12.87 66.90 -15.30
N VAL B 240 11.78 66.26 -15.72
CA VAL B 240 10.80 66.84 -16.62
C VAL B 240 9.54 67.11 -15.82
N ASN B 241 9.06 68.35 -15.87
CA ASN B 241 7.91 68.79 -15.09
C ASN B 241 6.75 69.12 -16.02
N GLU B 242 5.56 68.65 -15.67
CA GLU B 242 4.32 68.96 -16.37
C GLU B 242 3.53 70.00 -15.61
N VAL B 243 2.75 70.79 -16.36
CA VAL B 243 1.98 71.88 -15.79
C VAL B 243 0.69 72.04 -16.58
N SER B 244 -0.28 72.70 -15.97
CA SER B 244 -1.57 72.92 -16.61
C SER B 244 -1.43 74.00 -17.68
N ALA B 245 -2.56 74.41 -18.26
CA ALA B 245 -2.56 75.29 -19.42
C ALA B 245 -2.76 76.76 -19.06
N SER B 246 -2.86 77.09 -17.78
CA SER B 246 -2.93 78.48 -17.32
C SER B 246 -1.62 78.96 -16.71
N GLN B 247 -0.99 78.14 -15.87
CA GLN B 247 0.35 78.44 -15.40
C GLN B 247 1.29 78.74 -16.57
N ALA B 248 1.23 77.91 -17.60
CA ALA B 248 2.10 78.09 -18.77
C ALA B 248 1.87 79.44 -19.42
N TYR B 249 0.63 79.69 -19.85
CA TYR B 249 0.30 80.97 -20.46
C TYR B 249 0.75 82.13 -19.59
N ASP B 250 0.65 81.98 -18.26
CA ASP B 250 1.00 83.07 -17.36
C ASP B 250 2.50 83.26 -17.25
N GLU B 251 3.28 82.20 -17.41
CA GLU B 251 4.70 82.26 -17.08
C GLU B 251 5.65 82.21 -18.27
N TYR B 252 5.46 81.34 -19.28
CA TYR B 252 6.52 81.21 -20.29
C TYR B 252 6.00 81.08 -21.71
N ILE B 253 4.81 81.58 -22.03
CA ILE B 253 4.27 81.54 -23.37
C ILE B 253 3.93 82.94 -23.89
N ASN B 254 3.23 83.73 -23.07
CA ASN B 254 2.96 85.11 -23.44
C ASN B 254 4.25 85.82 -23.81
N ASP B 255 5.32 85.54 -23.07
CA ASP B 255 6.63 86.11 -23.40
C ASP B 255 7.06 85.70 -24.81
N ILE B 256 7.18 84.39 -25.03
CA ILE B 256 7.59 83.83 -26.32
C ILE B 256 6.84 84.53 -27.45
N ILE B 257 5.55 84.76 -27.27
CA ILE B 257 4.74 85.28 -28.36
C ILE B 257 4.95 86.79 -28.54
N ASN B 258 4.78 87.56 -27.46
CA ASN B 258 4.66 89.01 -27.58
C ASN B 258 5.92 89.78 -27.17
N LYS B 259 6.62 89.33 -26.13
CA LYS B 259 7.70 90.14 -25.57
C LYS B 259 8.87 90.33 -26.52
N ASP B 260 8.93 89.59 -27.62
CA ASP B 260 9.96 89.81 -28.64
C ASP B 260 11.36 89.57 -28.07
N ASP B 261 11.51 88.50 -27.30
CA ASP B 261 12.79 88.15 -26.71
C ASP B 261 13.52 87.12 -27.57
N PHE B 262 14.67 86.67 -27.09
CA PHE B 262 15.38 85.55 -27.70
C PHE B 262 14.77 84.24 -27.22
N TYR B 263 15.34 83.13 -27.67
CA TYR B 263 14.85 81.81 -27.31
C TYR B 263 15.84 81.09 -26.40
N ARG B 264 15.28 80.37 -25.43
CA ARG B 264 15.98 79.35 -24.67
C ARG B 264 15.07 78.15 -24.52
N GLY B 265 15.62 77.07 -23.96
CA GLY B 265 14.84 75.86 -23.83
C GLY B 265 13.75 75.97 -22.79
N GLN B 266 12.75 76.82 -23.06
CA GLN B 266 11.63 76.97 -22.14
C GLN B 266 10.82 75.68 -22.06
N HIS B 267 10.48 75.10 -23.21
CA HIS B 267 9.75 73.84 -23.25
C HIS B 267 10.37 72.94 -24.31
N LEU B 268 10.25 71.63 -24.09
CA LEU B 268 10.92 70.63 -24.92
C LEU B 268 10.08 70.11 -26.08
N ILE B 269 10.46 70.47 -27.30
CA ILE B 269 9.83 69.98 -28.52
C ILE B 269 10.93 69.59 -29.51
N TYR B 270 10.65 68.58 -30.32
CA TYR B 270 11.60 68.06 -31.31
C TYR B 270 11.02 68.26 -32.71
N PRO B 271 11.17 69.45 -33.29
CA PRO B 271 10.60 69.68 -34.62
C PRO B 271 11.58 69.46 -35.75
N GLY B 272 12.84 69.20 -35.43
CA GLY B 272 13.87 69.03 -36.43
C GLY B 272 13.76 67.70 -37.15
N ALA B 273 14.80 67.40 -37.94
CA ALA B 273 14.81 66.22 -38.79
C ALA B 273 15.60 65.06 -38.21
N ASN B 274 16.61 65.32 -37.38
CA ASN B 274 17.39 64.28 -36.72
C ASN B 274 17.21 64.46 -35.21
N LYS B 275 16.38 63.61 -34.61
CA LYS B 275 16.06 63.73 -33.20
C LYS B 275 17.12 63.14 -32.29
N TYR B 276 18.18 62.54 -32.84
CA TYR B 276 19.25 61.98 -32.04
C TYR B 276 20.33 62.99 -31.72
N SER B 277 20.46 64.04 -32.55
CA SER B 277 21.40 65.12 -32.24
C SER B 277 21.22 65.63 -30.82
N HIS B 278 19.99 65.57 -30.30
CA HIS B 278 19.69 65.97 -28.92
C HIS B 278 20.17 64.87 -27.99
N THR B 279 21.45 64.93 -27.63
CA THR B 279 22.07 63.92 -26.78
C THR B 279 21.65 64.00 -25.33
N ILE B 280 20.68 64.85 -24.99
CA ILE B 280 20.16 64.94 -23.64
C ILE B 280 18.75 64.39 -23.50
N GLY B 281 18.04 64.17 -24.61
CA GLY B 281 16.68 63.66 -24.56
C GLY B 281 16.61 62.18 -24.24
N PHE B 282 16.07 61.86 -23.06
CA PHE B 282 15.87 60.48 -22.65
C PHE B 282 14.41 60.09 -22.54
N VAL B 283 13.49 61.06 -22.57
CA VAL B 283 12.07 60.73 -22.65
C VAL B 283 11.68 60.44 -24.10
N TYR B 284 12.37 61.05 -25.07
CA TYR B 284 12.20 60.72 -26.47
C TYR B 284 12.46 59.24 -26.75
N GLY B 285 13.23 58.57 -25.89
CA GLY B 285 13.67 57.21 -26.16
C GLY B 285 12.86 56.14 -25.47
N GLU B 286 11.97 56.53 -24.57
CA GLU B 286 11.08 55.59 -23.90
C GLU B 286 9.73 55.47 -24.61
N MET B 287 9.49 56.28 -25.63
CA MET B 287 8.29 56.21 -26.43
C MET B 287 8.49 55.32 -27.67
N PHE B 288 9.61 55.51 -28.35
CA PHE B 288 9.96 54.67 -29.48
C PHE B 288 10.41 53.28 -29.04
N ARG B 289 10.70 53.09 -27.76
CA ARG B 289 10.93 51.76 -27.21
C ARG B 289 9.63 51.03 -26.93
N ARG B 290 8.50 51.74 -26.95
CA ARG B 290 7.17 51.16 -26.77
C ARG B 290 6.43 51.00 -28.08
N PHE B 291 6.60 51.94 -29.01
CA PHE B 291 6.05 51.77 -30.35
C PHE B 291 6.42 50.42 -30.96
N GLY B 292 7.72 50.10 -30.93
CA GLY B 292 8.17 48.83 -31.48
C GLY B 292 7.68 47.63 -30.68
N GLU B 293 7.81 47.71 -29.36
CA GLU B 293 7.29 46.65 -28.48
C GLU B 293 5.81 46.40 -28.71
N PHE B 294 5.07 47.40 -29.19
CA PHE B 294 3.66 47.24 -29.50
C PHE B 294 3.47 46.54 -30.84
N ILE B 295 4.07 47.09 -31.89
CA ILE B 295 3.87 46.52 -33.23
C ILE B 295 4.53 45.17 -33.41
N SER B 296 5.37 44.74 -32.47
CA SER B 296 6.03 43.45 -32.59
C SER B 296 5.21 42.30 -32.00
N LYS B 297 4.04 42.58 -31.44
CA LYS B 297 3.19 41.54 -30.88
C LYS B 297 2.39 40.86 -31.98
N PRO B 298 1.81 39.70 -31.67
CA PRO B 298 0.87 39.07 -32.61
C PRO B 298 -0.56 39.53 -32.41
N GLN B 299 -1.34 39.39 -33.47
CA GLN B 299 -2.73 39.83 -33.48
C GLN B 299 -2.80 41.34 -33.25
N THR B 300 -2.19 42.11 -34.16
CA THR B 300 -2.05 43.55 -33.98
C THR B 300 -2.56 44.26 -35.22
N ALA B 301 -3.30 45.35 -34.99
CA ALA B 301 -3.85 46.17 -36.05
C ALA B 301 -3.57 47.64 -35.77
N LEU B 302 -3.22 48.38 -36.83
CA LEU B 302 -2.89 49.79 -36.73
C LEU B 302 -3.65 50.60 -37.78
N PHE B 303 -4.16 51.75 -37.37
CA PHE B 303 -4.77 52.72 -38.27
C PHE B 303 -3.96 53.99 -38.25
N ILE B 304 -3.64 54.51 -39.44
CA ILE B 304 -2.80 55.70 -39.58
C ILE B 304 -3.62 56.79 -40.25
N ASN B 305 -3.58 58.01 -39.69
CA ASN B 305 -4.31 59.12 -40.30
C ASN B 305 -3.63 60.44 -39.99
N GLY B 306 -3.50 61.28 -41.02
CA GLY B 306 -2.96 62.61 -40.86
C GLY B 306 -1.48 62.74 -41.12
N PHE B 307 -0.82 61.66 -41.49
CA PHE B 307 0.64 61.58 -41.53
C PHE B 307 1.11 61.63 -42.98
N GLY B 308 2.02 62.56 -43.27
CA GLY B 308 2.53 62.78 -44.61
C GLY B 308 3.72 61.93 -45.01
N PHE B 309 4.19 61.05 -44.13
CA PHE B 309 5.23 60.08 -44.46
C PHE B 309 6.56 60.78 -44.77
N GLY B 310 6.87 61.82 -44.02
CA GLY B 310 8.13 62.52 -44.17
C GLY B 310 9.08 62.34 -43.00
N ASP B 311 8.98 61.21 -42.30
CA ASP B 311 9.82 60.93 -41.14
C ASP B 311 10.61 59.65 -41.39
N TYR B 312 11.94 59.79 -41.46
CA TYR B 312 12.79 58.68 -41.84
C TYR B 312 12.85 57.63 -40.75
N HIS B 313 12.82 58.06 -39.48
CA HIS B 313 12.91 57.12 -38.37
C HIS B 313 11.60 56.42 -38.09
N ILE B 314 10.48 56.96 -38.59
CA ILE B 314 9.19 56.29 -38.42
C ILE B 314 8.90 55.36 -39.59
N ASN B 315 9.20 55.76 -40.83
CA ASN B 315 8.88 54.92 -41.97
C ASN B 315 9.94 53.84 -42.23
N ARG B 316 10.77 53.53 -41.23
CA ARG B 316 11.62 52.35 -41.27
C ARG B 316 11.13 51.24 -40.36
N ILE B 317 10.34 51.58 -39.34
CA ILE B 317 9.81 50.59 -38.41
C ILE B 317 8.60 49.88 -39.00
N ILE B 318 7.78 50.59 -39.77
CA ILE B 318 6.60 50.00 -40.36
C ILE B 318 7.00 48.98 -41.43
N LEU B 319 8.05 49.28 -42.19
CA LEU B 319 8.55 48.33 -43.18
C LEU B 319 9.07 47.06 -42.51
N GLY B 320 9.77 47.21 -41.39
CA GLY B 320 10.34 46.06 -40.71
C GLY B 320 9.36 45.27 -39.89
N ALA B 321 8.18 45.82 -39.62
CA ALA B 321 7.13 45.07 -38.94
C ALA B 321 6.27 44.26 -39.90
N LEU B 322 6.41 44.47 -41.21
CA LEU B 322 5.61 43.78 -42.20
C LEU B 322 6.19 42.43 -42.61
N LEU B 323 7.18 41.92 -41.89
CA LEU B 323 7.68 40.56 -42.09
C LEU B 323 7.12 39.59 -41.05
N ASN B 324 6.03 39.98 -40.39
CA ASN B 324 5.33 39.17 -39.40
C ASN B 324 3.89 38.94 -39.88
N PRO B 325 3.40 37.71 -39.86
CA PRO B 325 2.11 37.41 -40.49
C PRO B 325 0.88 37.78 -39.69
N SER B 326 1.00 38.47 -38.56
CA SER B 326 -0.15 38.79 -37.71
C SER B 326 -0.28 40.29 -37.44
N PHE B 327 0.35 41.11 -38.27
CA PHE B 327 0.30 42.56 -38.18
C PHE B 327 -0.44 43.11 -39.40
N HIS B 328 -1.47 43.91 -39.15
CA HIS B 328 -2.24 44.55 -40.21
C HIS B 328 -2.24 46.06 -40.03
N VAL B 329 -2.25 46.78 -41.14
CA VAL B 329 -2.14 48.23 -41.15
C VAL B 329 -3.09 48.81 -42.18
N VAL B 330 -3.73 49.93 -41.84
CA VAL B 330 -4.61 50.67 -42.74
C VAL B 330 -4.13 52.10 -42.79
N ILE B 331 -4.11 52.66 -44.01
CA ILE B 331 -3.49 53.95 -44.30
C ILE B 331 -4.46 54.80 -45.09
N TYR B 332 -4.48 56.09 -44.82
CA TYR B 332 -5.31 57.06 -45.52
C TYR B 332 -4.42 58.12 -46.14
N TYR B 333 -4.51 58.28 -47.47
CA TYR B 333 -3.70 59.26 -48.19
C TYR B 333 -4.55 59.89 -49.28
N PRO B 334 -4.97 61.15 -49.14
CA PRO B 334 -5.90 61.74 -50.11
C PRO B 334 -5.36 61.87 -51.52
N GLU B 335 -4.18 62.48 -51.66
CA GLU B 335 -3.63 62.83 -52.98
C GLU B 335 -2.66 61.75 -53.46
N LEU B 336 -3.23 60.66 -53.96
CA LEU B 336 -2.49 59.48 -54.38
C LEU B 336 -2.28 59.40 -55.88
N LYS B 337 -3.24 59.86 -56.68
CA LYS B 337 -3.11 59.81 -58.14
C LYS B 337 -1.91 60.62 -58.61
N GLU B 338 -1.75 61.82 -58.07
CA GLU B 338 -0.64 62.67 -58.47
C GLU B 338 0.70 61.97 -58.23
N ALA B 339 0.84 61.32 -57.08
CA ALA B 339 2.07 60.57 -56.81
C ALA B 339 2.24 59.43 -57.81
N ILE B 340 1.16 58.69 -58.09
CA ILE B 340 1.24 57.58 -59.03
C ILE B 340 1.74 58.06 -60.38
N THR B 341 1.36 59.27 -60.79
CA THR B 341 1.83 59.80 -62.07
C THR B 341 3.24 60.35 -61.98
N LYS B 342 3.56 61.03 -60.88
CA LYS B 342 4.86 61.69 -60.75
C LYS B 342 5.99 60.68 -60.64
N VAL B 343 5.71 59.49 -60.11
CA VAL B 343 6.75 58.47 -60.07
C VAL B 343 6.81 57.69 -61.38
N SER B 344 5.69 57.57 -62.10
CA SER B 344 5.73 56.98 -63.43
C SER B 344 6.54 57.86 -64.38
N LYS B 345 6.54 59.17 -64.17
CA LYS B 345 7.38 60.07 -64.94
C LYS B 345 8.81 60.17 -64.41
N GLY B 346 9.27 59.19 -63.64
CA GLY B 346 10.63 59.18 -63.13
C GLY B 346 10.93 60.23 -62.09
N GLY B 347 9.97 61.09 -61.72
CA GLY B 347 10.16 62.06 -60.68
C GLY B 347 9.51 61.64 -59.38
N GLY B 348 9.19 62.63 -58.56
CA GLY B 348 8.49 62.38 -57.32
C GLY B 348 9.41 62.50 -56.11
N SER B 349 8.81 62.86 -54.97
CA SER B 349 9.57 63.07 -53.75
C SER B 349 9.70 61.77 -52.97
N GLU B 350 10.44 61.84 -51.86
CA GLU B 350 10.78 60.66 -51.08
C GLU B 350 9.59 60.11 -50.30
N ALA B 351 8.54 60.89 -50.13
CA ALA B 351 7.32 60.39 -49.49
C ALA B 351 6.37 59.74 -50.48
N GLU B 352 6.31 60.28 -51.70
CA GLU B 352 5.53 59.62 -52.75
C GLU B 352 6.18 58.29 -53.15
N LYS B 353 7.50 58.26 -53.23
CA LYS B 353 8.21 57.02 -53.53
C LYS B 353 7.98 55.96 -52.47
N ALA B 354 7.64 56.36 -51.25
CA ALA B 354 7.36 55.42 -50.18
C ALA B 354 5.91 54.97 -50.17
N ILE B 355 4.98 55.88 -50.39
CA ILE B 355 3.57 55.49 -50.33
C ILE B 355 3.21 54.63 -51.54
N VAL B 356 3.74 54.93 -52.72
CA VAL B 356 3.43 54.05 -53.86
C VAL B 356 4.15 52.73 -53.77
N THR B 357 5.31 52.69 -53.09
CA THR B 357 5.98 51.42 -52.85
C THR B 357 5.25 50.57 -51.83
N LEU B 358 4.54 51.20 -50.89
CA LEU B 358 3.65 50.46 -50.01
C LEU B 358 2.39 50.02 -50.74
N LYS B 359 1.97 50.78 -51.75
CA LYS B 359 0.76 50.44 -52.50
C LYS B 359 0.99 49.32 -53.51
N ASN B 360 2.23 49.17 -54.01
CA ASN B 360 2.54 48.20 -55.06
C ASN B 360 3.10 46.90 -54.50
N MET B 361 2.55 46.39 -53.41
CA MET B 361 3.02 45.15 -52.80
C MET B 361 2.24 43.96 -53.36
N ALA B 362 2.46 42.78 -52.75
CA ALA B 362 1.73 41.57 -53.12
C ALA B 362 1.26 40.81 -51.88
N PHE B 363 1.18 41.47 -50.74
CA PHE B 363 0.65 40.90 -49.51
C PHE B 363 -0.71 41.51 -49.20
N ASN B 364 -1.60 40.70 -48.62
CA ASN B 364 -2.95 41.16 -48.29
C ASN B 364 -3.06 41.67 -46.85
N GLN B 365 -1.97 42.21 -46.32
CA GLN B 365 -1.97 42.85 -45.00
C GLN B 365 -1.75 44.36 -45.10
N VAL B 366 -1.77 44.92 -46.31
CA VAL B 366 -1.61 46.34 -46.54
C VAL B 366 -2.84 46.85 -47.28
N THR B 367 -3.36 47.99 -46.85
CA THR B 367 -4.53 48.60 -47.45
C THR B 367 -4.37 50.11 -47.45
N VAL B 368 -4.51 50.72 -48.62
CA VAL B 368 -4.39 52.16 -48.78
C VAL B 368 -5.73 52.71 -49.25
N VAL B 369 -6.03 53.93 -48.81
CA VAL B 369 -7.35 54.53 -49.03
C VAL B 369 -7.20 55.96 -49.51
N GLY B 370 -7.39 56.18 -50.81
CA GLY B 370 -7.44 57.51 -51.38
C GLY B 370 -8.86 57.97 -51.64
N GLY B 371 -8.97 59.13 -52.28
CA GLY B 371 -10.27 59.64 -52.68
C GLY B 371 -10.53 61.08 -52.31
N GLY B 372 -9.48 61.79 -51.90
CA GLY B 372 -9.66 63.19 -51.52
C GLY B 372 -10.42 63.30 -50.20
N SER B 373 -11.48 64.11 -50.22
CA SER B 373 -12.28 64.32 -49.01
C SER B 373 -12.87 63.03 -48.45
N LYS B 374 -12.82 61.93 -49.18
CA LYS B 374 -13.32 60.65 -48.69
C LYS B 374 -12.31 59.95 -47.78
N ALA B 375 -11.13 60.53 -47.58
CA ALA B 375 -10.09 59.95 -46.75
C ALA B 375 -9.80 60.80 -45.52
N TYR B 376 -10.70 61.70 -45.15
CA TYR B 376 -10.45 62.64 -44.07
C TYR B 376 -10.86 62.05 -42.72
N PHE B 377 -10.59 62.83 -41.67
CA PHE B 377 -10.72 62.35 -40.31
C PHE B 377 -12.16 62.15 -39.91
N ASN B 378 -13.09 62.90 -40.52
CA ASN B 378 -14.50 62.76 -40.20
C ASN B 378 -15.14 61.55 -40.84
N SER B 379 -14.57 61.05 -41.94
CA SER B 379 -15.02 59.80 -42.56
C SER B 379 -14.35 58.59 -41.93
N PHE B 380 -13.07 58.72 -41.55
CA PHE B 380 -12.38 57.63 -40.88
C PHE B 380 -13.13 57.18 -39.64
N VAL B 381 -13.87 58.08 -38.99
CA VAL B 381 -14.56 57.73 -37.75
C VAL B 381 -15.91 57.08 -38.03
N GLU B 382 -16.64 57.56 -39.04
CA GLU B 382 -17.87 56.90 -39.41
C GLU B 382 -17.62 55.52 -39.98
N HIS B 383 -16.42 55.26 -40.52
CA HIS B 383 -16.11 53.93 -40.99
C HIS B 383 -16.05 52.92 -39.84
N LEU B 384 -15.78 53.38 -38.61
CA LEU B 384 -15.67 52.45 -37.49
C LEU B 384 -17.07 52.01 -37.03
N PRO B 385 -17.18 50.79 -36.49
CA PRO B 385 -18.50 50.28 -36.12
C PRO B 385 -18.88 50.50 -34.66
N TYR B 386 -20.20 50.57 -34.38
CA TYR B 386 -20.71 50.36 -33.04
C TYR B 386 -20.88 48.86 -32.79
N PRO B 387 -20.79 48.41 -31.54
CA PRO B 387 -20.92 46.97 -31.27
C PRO B 387 -22.37 46.55 -31.10
N VAL B 388 -22.56 45.23 -31.13
CA VAL B 388 -23.85 44.61 -30.81
C VAL B 388 -23.66 43.81 -29.53
N LEU B 389 -24.51 44.09 -28.54
CA LEU B 389 -24.30 43.60 -27.19
C LEU B 389 -24.95 42.24 -26.96
N PHE B 390 -26.20 42.09 -27.39
CA PHE B 390 -26.89 40.81 -27.35
C PHE B 390 -26.83 40.21 -28.74
N PRO B 391 -25.87 39.34 -29.04
CA PRO B 391 -25.70 38.92 -30.44
C PRO B 391 -26.88 38.10 -30.91
N ARG B 392 -27.73 38.71 -31.74
CA ARG B 392 -28.86 38.00 -32.31
C ARG B 392 -28.35 37.08 -33.42
N ASP B 393 -28.37 35.78 -33.18
CA ASP B 393 -28.00 34.84 -34.21
C ASP B 393 -29.03 34.84 -35.34
N ASN B 394 -30.26 35.20 -35.01
CA ASN B 394 -31.40 35.24 -35.94
C ASN B 394 -31.43 34.03 -36.86
N ILE B 395 -30.82 32.93 -36.43
CA ILE B 395 -30.95 31.68 -37.15
C ILE B 395 -32.38 31.17 -37.05
N VAL B 396 -33.04 31.45 -35.93
CA VAL B 396 -34.47 31.16 -35.81
C VAL B 396 -35.27 32.08 -36.73
N ASP B 397 -34.82 33.33 -36.88
CA ASP B 397 -35.56 34.28 -37.71
C ASP B 397 -35.44 33.94 -39.19
N GLU B 398 -34.31 33.36 -39.61
CA GLU B 398 -34.14 33.02 -41.02
C GLU B 398 -35.33 32.20 -41.52
N LEU B 399 -35.79 31.25 -40.71
CA LEU B 399 -36.85 30.33 -41.14
C LEU B 399 -38.09 31.09 -41.57
N VAL B 400 -38.48 32.14 -40.84
CA VAL B 400 -39.74 32.81 -41.09
C VAL B 400 -39.59 34.07 -41.94
N GLU B 401 -38.41 34.70 -41.95
CA GLU B 401 -38.21 35.82 -42.85
C GLU B 401 -37.83 35.36 -44.26
N ALA B 402 -37.46 34.08 -44.42
CA ALA B 402 -37.20 33.56 -45.75
C ALA B 402 -38.45 33.55 -46.61
N ILE B 403 -39.61 33.30 -46.01
CA ILE B 403 -40.84 33.12 -46.79
C ILE B 403 -41.41 34.43 -47.30
N ALA B 404 -40.92 35.58 -46.83
CA ALA B 404 -41.47 36.85 -47.27
C ALA B 404 -41.33 37.03 -48.78
N ASN B 405 -40.16 36.67 -49.32
CA ASN B 405 -39.92 36.83 -50.76
C ASN B 405 -40.87 35.99 -51.59
N LEU B 406 -41.38 34.89 -51.02
CA LEU B 406 -42.21 33.97 -51.78
C LEU B 406 -43.53 34.64 -52.21
N SER B 407 -44.11 35.45 -51.33
CA SER B 407 -45.43 36.01 -51.60
C SER B 407 -45.42 36.86 -52.87
N LYS B 408 -44.36 37.64 -53.07
CA LYS B 408 -44.29 38.52 -54.23
C LYS B 408 -44.20 37.71 -55.53
N SER C 2 52.03 -8.96 -36.90
CA SER C 2 51.06 -9.36 -35.88
C SER C 2 49.94 -8.32 -35.76
N ILE C 3 49.54 -7.99 -34.53
CA ILE C 3 48.39 -7.12 -34.29
C ILE C 3 48.89 -5.85 -33.61
N TYR C 4 48.63 -4.71 -34.24
CA TYR C 4 49.00 -3.40 -33.73
C TYR C 4 47.76 -2.53 -33.61
N GLN C 5 47.57 -1.93 -32.44
CA GLN C 5 46.48 -0.98 -32.21
C GLN C 5 47.05 0.25 -31.51
N GLY C 6 46.91 1.41 -32.15
CA GLY C 6 47.44 2.63 -31.61
C GLY C 6 48.94 2.78 -31.71
N GLY C 7 49.60 2.00 -32.57
CA GLY C 7 51.03 1.93 -32.59
C GLY C 7 51.63 1.02 -31.53
N ASN C 8 50.79 0.35 -30.75
CA ASN C 8 51.24 -0.54 -29.68
C ASN C 8 50.69 -1.93 -29.94
N LYS C 9 51.48 -2.94 -29.59
CA LYS C 9 51.08 -4.32 -29.85
C LYS C 9 49.86 -4.70 -29.00
N LEU C 10 49.19 -5.77 -29.43
CA LEU C 10 47.95 -6.22 -28.83
C LEU C 10 47.92 -7.73 -28.86
N ASN C 11 47.14 -8.32 -27.97
CA ASN C 11 47.07 -9.77 -27.84
C ASN C 11 45.69 -10.31 -28.24
N GLU C 12 45.64 -11.64 -28.35
CA GLU C 12 44.55 -12.30 -29.05
C GLU C 12 43.24 -12.25 -28.27
N ASP C 13 43.28 -12.40 -26.95
CA ASP C 13 42.04 -12.47 -26.19
C ASP C 13 41.43 -11.10 -25.95
N ASP C 14 42.22 -10.03 -26.05
CA ASP C 14 41.65 -8.69 -26.06
C ASP C 14 41.18 -8.28 -27.44
N PHE C 15 41.83 -8.79 -28.49
CA PHE C 15 41.34 -8.56 -29.85
C PHE C 15 39.97 -9.23 -30.04
N ARG C 16 39.82 -10.46 -29.54
CA ARG C 16 38.58 -11.20 -29.68
C ARG C 16 37.45 -10.61 -28.86
N SER C 17 37.73 -9.67 -27.96
CA SER C 17 36.69 -8.98 -27.23
C SER C 17 36.43 -7.58 -27.76
N HIS C 18 37.42 -6.99 -28.42
CA HIS C 18 37.18 -5.76 -29.18
C HIS C 18 36.27 -6.04 -30.37
N VAL C 19 36.49 -7.17 -31.06
CA VAL C 19 35.65 -7.55 -32.19
C VAL C 19 34.19 -7.70 -31.76
N TYR C 20 33.95 -8.34 -30.62
CA TYR C 20 32.59 -8.61 -30.18
C TYR C 20 31.90 -7.35 -29.70
N SER C 21 32.64 -6.31 -29.33
CA SER C 21 32.05 -5.04 -28.96
C SER C 21 31.80 -4.17 -30.19
N LEU C 22 32.60 -4.34 -31.23
CA LEU C 22 32.35 -3.62 -32.48
C LEU C 22 31.19 -4.21 -33.26
N CYS C 23 30.96 -5.52 -33.15
CA CYS C 23 29.85 -6.15 -33.89
C CYS C 23 28.48 -5.85 -33.28
N GLN C 24 28.37 -4.90 -32.36
CA GLN C 24 27.09 -4.60 -31.69
C GLN C 24 26.68 -3.15 -31.83
N LEU C 25 27.21 -2.44 -32.81
CA LEU C 25 26.92 -1.03 -32.99
C LEU C 25 25.75 -0.84 -33.94
N ASP C 26 25.36 0.42 -34.14
CA ASP C 26 24.24 0.73 -35.03
C ASP C 26 24.52 0.26 -36.45
N ASN C 27 25.64 0.69 -37.03
CA ASN C 27 25.97 0.37 -38.40
C ASN C 27 27.22 -0.50 -38.49
N VAL C 28 27.12 -1.59 -39.24
CA VAL C 28 28.18 -2.56 -39.42
C VAL C 28 28.29 -2.91 -40.89
N GLY C 29 29.52 -3.01 -41.39
CA GLY C 29 29.70 -3.36 -42.79
C GLY C 29 31.01 -4.04 -43.08
N VAL C 30 31.05 -4.70 -44.25
CA VAL C 30 32.27 -5.38 -44.69
C VAL C 30 32.56 -5.04 -46.13
N LEU C 31 33.85 -4.85 -46.44
CA LEU C 31 34.34 -4.60 -47.79
C LEU C 31 35.33 -5.69 -48.16
N LEU C 32 35.00 -6.43 -49.23
CA LEU C 32 35.79 -7.57 -49.67
C LEU C 32 36.46 -7.27 -51.00
N GLY C 33 37.43 -8.13 -51.35
CA GLY C 33 38.20 -7.96 -52.56
C GLY C 33 38.35 -9.26 -53.34
N ALA C 34 39.48 -9.41 -54.02
CA ALA C 34 39.68 -10.57 -54.89
C ALA C 34 40.31 -11.75 -54.17
N GLY C 35 41.19 -11.50 -53.20
CA GLY C 35 41.78 -12.59 -52.45
C GLY C 35 40.74 -13.46 -51.76
N ALA C 36 39.61 -12.87 -51.39
CA ALA C 36 38.58 -13.61 -50.66
C ALA C 36 37.97 -14.74 -51.47
N SER C 37 38.18 -14.78 -52.78
CA SER C 37 37.64 -15.82 -53.64
C SER C 37 38.73 -16.69 -54.24
N VAL C 38 39.80 -16.91 -53.49
CA VAL C 38 40.89 -17.77 -53.94
C VAL C 38 40.70 -19.21 -53.48
N GLY C 39 40.10 -19.41 -52.31
CA GLY C 39 39.77 -20.75 -51.87
C GLY C 39 38.64 -21.39 -52.62
N CYS C 40 37.82 -20.59 -53.30
CA CYS C 40 36.69 -21.11 -54.05
C CYS C 40 37.02 -21.44 -55.50
N GLY C 41 38.14 -20.95 -56.02
CA GLY C 41 38.54 -21.26 -57.39
C GLY C 41 38.98 -20.08 -58.22
N GLY C 42 39.21 -18.93 -57.58
CA GLY C 42 39.59 -17.73 -58.28
C GLY C 42 41.08 -17.44 -58.20
N LYS C 43 41.46 -16.26 -58.70
CA LYS C 43 42.85 -15.83 -58.71
C LYS C 43 42.92 -14.32 -58.66
N THR C 44 44.13 -13.82 -58.46
CA THR C 44 44.39 -12.39 -58.32
C THR C 44 44.65 -11.77 -59.70
N MET C 45 45.14 -10.53 -59.71
CA MET C 45 45.42 -9.80 -60.94
C MET C 45 46.81 -10.07 -61.50
N LYS C 46 47.77 -10.39 -60.64
CA LYS C 46 49.10 -10.77 -61.12
C LYS C 46 49.02 -12.03 -61.97
N ASP C 47 48.28 -13.03 -61.50
CA ASP C 47 48.12 -14.28 -62.24
C ASP C 47 47.39 -14.08 -63.56
N VAL C 48 46.57 -13.04 -63.67
CA VAL C 48 45.92 -12.72 -64.93
C VAL C 48 46.90 -12.08 -65.90
N TRP C 49 47.68 -11.12 -65.41
CA TRP C 49 48.64 -10.44 -66.29
C TRP C 49 49.73 -11.41 -66.75
N LYS C 50 50.17 -12.32 -65.88
CA LYS C 50 51.14 -13.32 -66.28
C LYS C 50 50.62 -14.16 -67.44
N SER C 51 49.39 -14.68 -67.30
CA SER C 51 48.84 -15.50 -68.37
C SER C 51 48.68 -14.71 -69.67
N PHE C 52 48.24 -13.46 -69.57
CA PHE C 52 48.14 -12.64 -70.77
C PHE C 52 49.49 -12.51 -71.47
N LYS C 53 50.52 -12.09 -70.73
CA LYS C 53 51.82 -11.89 -71.35
C LYS C 53 52.53 -13.19 -71.72
N GLN C 54 52.03 -14.32 -71.23
CA GLN C 54 52.60 -15.61 -71.61
C GLN C 54 51.91 -16.23 -72.81
N ASN C 55 50.65 -15.88 -73.08
CA ASN C 55 49.93 -16.43 -74.22
C ASN C 55 49.81 -15.49 -75.41
N TYR C 56 49.86 -14.18 -75.22
CA TYR C 56 49.76 -13.21 -76.30
C TYR C 56 50.95 -12.25 -76.27
N PRO C 57 52.16 -12.75 -76.59
CA PRO C 57 53.35 -11.88 -76.53
C PRO C 57 53.51 -10.96 -77.72
N GLU C 58 52.72 -11.11 -78.78
CA GLU C 58 52.88 -10.31 -79.98
C GLU C 58 52.04 -9.04 -79.96
N LEU C 59 51.05 -8.93 -79.07
CA LEU C 59 50.33 -7.70 -78.85
C LEU C 59 50.93 -6.87 -77.72
N LEU C 60 51.85 -7.45 -76.96
CA LEU C 60 52.54 -6.76 -75.87
C LEU C 60 53.54 -5.73 -76.36
N GLY C 61 53.66 -5.53 -77.67
CA GLY C 61 54.57 -4.55 -78.23
C GLY C 61 53.85 -3.29 -78.67
N ALA C 62 52.68 -3.47 -79.28
CA ALA C 62 51.88 -2.32 -79.70
C ALA C 62 51.47 -1.48 -78.50
N LEU C 63 50.94 -2.12 -77.46
CA LEU C 63 50.45 -1.40 -76.29
C LEU C 63 51.53 -0.53 -75.67
N ILE C 64 52.79 -0.93 -75.82
CA ILE C 64 53.91 -0.25 -75.15
C ILE C 64 54.56 0.77 -76.07
N ASP C 65 54.96 0.36 -77.27
CA ASP C 65 55.82 1.17 -78.13
C ASP C 65 55.05 1.95 -79.18
N LYS C 66 53.75 1.73 -79.33
CA LYS C 66 53.01 2.36 -80.42
C LYS C 66 51.83 3.21 -79.94
N TYR C 67 51.10 2.76 -78.92
CA TYR C 67 50.00 3.53 -78.38
C TYR C 67 50.24 4.03 -76.96
N LEU C 68 51.21 3.46 -76.25
CA LEU C 68 51.67 3.99 -74.97
C LEU C 68 50.65 3.79 -73.85
N LEU C 69 49.88 2.71 -73.91
CA LEU C 69 48.92 2.40 -72.85
C LEU C 69 49.56 1.72 -71.65
N VAL C 70 50.69 1.02 -71.84
CA VAL C 70 51.35 0.30 -70.77
C VAL C 70 52.82 0.72 -70.71
N SER C 71 53.42 0.52 -69.55
CA SER C 71 54.83 0.82 -69.33
C SER C 71 55.63 -0.46 -69.10
N GLN C 72 56.90 -0.40 -69.48
CA GLN C 72 57.76 -1.58 -69.47
C GLN C 72 58.12 -2.01 -68.05
N ILE C 73 58.39 -1.04 -67.16
CA ILE C 73 58.76 -1.40 -65.80
C ILE C 73 57.60 -2.07 -65.09
N ASP C 74 56.38 -1.55 -65.27
CA ASP C 74 55.22 -2.14 -64.63
C ASP C 74 54.86 -3.49 -65.27
N SER C 75 55.03 -3.62 -66.58
CA SER C 75 54.81 -4.92 -67.21
C SER C 75 55.79 -5.96 -66.66
N ASP C 76 57.05 -5.56 -66.48
CA ASP C 76 58.06 -6.51 -66.00
C ASP C 76 57.83 -6.91 -64.55
N ASN C 77 57.45 -5.95 -63.70
CA ASN C 77 57.22 -6.24 -62.29
C ASN C 77 55.79 -6.70 -61.98
N ASN C 78 54.92 -6.77 -62.99
CA ASN C 78 53.55 -7.26 -62.81
C ASN C 78 52.78 -6.42 -61.80
N LEU C 79 52.62 -5.14 -62.12
CA LEU C 79 51.92 -4.18 -61.28
C LEU C 79 50.86 -3.42 -62.07
N VAL C 80 50.25 -4.06 -63.05
CA VAL C 80 49.35 -3.40 -64.00
C VAL C 80 47.92 -3.44 -63.48
N ASN C 81 47.17 -2.39 -63.81
CA ASN C 81 45.74 -2.32 -63.56
C ASN C 81 44.98 -2.61 -64.86
N VAL C 82 44.06 -3.57 -64.81
CA VAL C 82 43.45 -4.12 -66.02
C VAL C 82 42.07 -3.50 -66.26
N GLU C 83 41.33 -3.28 -65.19
CA GLU C 83 40.04 -2.60 -65.28
C GLU C 83 40.19 -1.12 -65.59
N LEU C 84 41.43 -0.62 -65.64
CA LEU C 84 41.72 0.73 -66.04
C LEU C 84 42.36 0.80 -67.42
N LEU C 85 42.91 -0.31 -67.90
CA LEU C 85 43.40 -0.42 -69.26
C LEU C 85 42.31 -0.80 -70.25
N ILE C 86 41.22 -1.40 -69.79
CA ILE C 86 40.14 -1.75 -70.71
C ILE C 86 39.27 -0.58 -71.14
N ASP C 87 39.11 0.44 -70.29
CA ASP C 87 38.28 1.58 -70.64
C ASP C 87 38.93 2.45 -71.72
N GLU C 88 40.24 2.65 -71.62
CA GLU C 88 40.95 3.39 -72.67
C GLU C 88 40.84 2.69 -74.02
N ALA C 89 40.90 1.36 -74.02
CA ALA C 89 40.80 0.61 -75.26
C ALA C 89 39.38 0.60 -75.80
N THR C 90 38.38 0.79 -74.94
CA THR C 90 37.03 1.02 -75.44
C THR C 90 36.89 2.41 -76.08
N LYS C 91 37.54 3.41 -75.48
CA LYS C 91 37.50 4.77 -76.01
C LYS C 91 38.15 4.87 -77.39
N PHE C 92 39.34 4.27 -77.53
CA PHE C 92 40.03 4.26 -78.81
C PHE C 92 39.14 3.73 -79.93
N LEU C 93 38.51 2.58 -79.68
CA LEU C 93 37.63 1.97 -80.68
C LEU C 93 36.42 2.83 -80.96
N SER C 94 35.86 3.48 -79.94
CA SER C 94 34.71 4.36 -80.18
C SER C 94 35.10 5.54 -81.06
N VAL C 95 36.31 6.07 -80.89
CA VAL C 95 36.75 7.19 -81.70
C VAL C 95 37.04 6.74 -83.13
N ALA C 96 37.62 5.55 -83.29
CA ALA C 96 37.97 5.07 -84.61
C ALA C 96 36.73 4.76 -85.43
N LYS C 97 35.74 4.11 -84.83
CA LYS C 97 34.47 3.91 -85.53
C LYS C 97 33.90 5.24 -86.03
N THR C 98 33.94 6.27 -85.20
CA THR C 98 33.30 7.52 -85.56
C THR C 98 34.03 8.20 -86.71
N ARG C 99 35.36 8.23 -86.67
CA ARG C 99 36.09 8.93 -87.72
C ARG C 99 36.51 8.03 -88.88
N ARG C 100 36.04 6.78 -88.92
CA ARG C 100 36.13 5.96 -90.12
C ARG C 100 37.58 5.64 -90.50
N CYS C 101 38.33 5.09 -89.54
CA CYS C 101 39.67 4.58 -89.79
C CYS C 101 39.57 3.06 -89.81
N GLU C 102 39.48 2.49 -91.01
CA GLU C 102 39.13 1.09 -91.19
C GLU C 102 40.24 0.12 -90.77
N ASP C 103 41.48 0.60 -90.64
CA ASP C 103 42.58 -0.28 -90.30
C ASP C 103 42.81 -0.38 -88.80
N GLU C 104 42.68 0.75 -88.09
CA GLU C 104 42.87 0.76 -86.64
C GLU C 104 41.67 0.23 -85.88
N GLU C 105 40.52 0.07 -86.55
CA GLU C 105 39.34 -0.46 -85.87
C GLU C 105 39.45 -1.96 -85.63
N GLU C 106 40.30 -2.65 -86.41
CA GLU C 106 40.40 -4.10 -86.31
C GLU C 106 41.36 -4.54 -85.21
N GLU C 107 42.39 -3.74 -84.93
CA GLU C 107 43.39 -4.13 -83.94
C GLU C 107 42.86 -4.00 -82.51
N PHE C 108 42.11 -2.92 -82.26
CA PHE C 108 41.45 -2.74 -80.98
C PHE C 108 40.21 -3.61 -80.84
N ARG C 109 39.92 -4.43 -81.84
CA ARG C 109 38.83 -5.40 -81.78
C ARG C 109 39.33 -6.80 -81.46
N LYS C 110 40.62 -7.06 -81.64
CA LYS C 110 41.21 -8.33 -81.23
C LYS C 110 42.17 -8.18 -80.05
N ILE C 111 42.42 -6.95 -79.60
CA ILE C 111 43.04 -6.79 -78.29
C ILE C 111 42.02 -7.04 -77.17
N LEU C 112 40.80 -6.54 -77.34
CA LEU C 112 39.80 -6.65 -76.30
C LEU C 112 39.27 -8.07 -76.16
N SER C 113 39.15 -8.82 -77.26
CA SER C 113 38.77 -10.22 -77.16
C SER C 113 39.78 -11.00 -76.31
N SER C 114 41.07 -10.83 -76.59
CA SER C 114 42.10 -11.50 -75.83
C SER C 114 42.05 -11.11 -74.35
N LEU C 115 41.81 -9.83 -74.07
CA LEU C 115 41.74 -9.41 -72.67
C LEU C 115 40.52 -10.02 -71.96
N TYR C 116 39.37 -10.01 -72.64
CA TYR C 116 38.13 -10.48 -72.03
C TYR C 116 38.14 -11.98 -71.80
N LYS C 117 38.70 -12.76 -72.72
CA LYS C 117 38.80 -14.20 -72.52
C LYS C 117 39.54 -14.50 -71.21
N GLU C 118 40.69 -13.87 -71.02
CA GLU C 118 41.52 -14.16 -69.86
C GLU C 118 40.87 -13.68 -68.58
N VAL C 119 40.24 -12.50 -68.60
CA VAL C 119 39.63 -12.01 -67.37
C VAL C 119 38.30 -12.68 -67.07
N THR C 120 37.69 -13.36 -68.04
CA THR C 120 36.42 -14.04 -67.81
C THR C 120 36.60 -15.50 -67.39
N LYS C 121 37.60 -16.20 -67.93
CA LYS C 121 37.79 -17.60 -67.52
C LYS C 121 38.01 -17.72 -66.02
N ALA C 122 38.61 -16.72 -65.39
CA ALA C 122 38.99 -16.83 -63.99
C ALA C 122 37.81 -16.67 -63.04
N ALA C 123 36.67 -16.18 -63.50
CA ALA C 123 35.57 -15.80 -62.62
C ALA C 123 34.38 -16.75 -62.68
N LEU C 124 34.54 -17.92 -63.30
CA LEU C 124 33.46 -18.91 -63.29
C LEU C 124 33.49 -19.74 -62.02
N LEU C 125 34.68 -20.14 -61.58
CA LEU C 125 34.92 -20.85 -60.33
C LEU C 125 34.48 -22.31 -60.37
N THR C 126 33.77 -22.73 -61.42
CA THR C 126 33.36 -24.12 -61.54
C THR C 126 33.47 -24.71 -62.93
N GLY C 127 33.77 -23.92 -63.96
CA GLY C 127 33.90 -24.45 -65.30
C GLY C 127 32.58 -24.60 -66.03
N GLU C 128 32.39 -25.74 -66.70
CA GLU C 128 31.16 -25.97 -67.46
C GLU C 128 29.97 -26.23 -66.57
N GLN C 129 30.17 -26.43 -65.26
CA GLN C 129 29.07 -26.52 -64.31
C GLN C 129 28.59 -25.16 -63.85
N PHE C 130 28.95 -24.11 -64.59
CA PHE C 130 28.44 -22.77 -64.32
C PHE C 130 26.95 -22.67 -64.65
N ARG C 131 26.50 -23.40 -65.66
CA ARG C 131 25.11 -23.39 -66.09
C ARG C 131 24.28 -24.49 -65.43
N GLU C 132 24.32 -24.56 -64.10
CA GLU C 132 23.64 -25.63 -63.39
C GLU C 132 23.07 -25.09 -62.09
N LYS C 133 22.45 -25.97 -61.32
CA LYS C 133 21.62 -25.60 -60.18
C LYS C 133 22.21 -26.17 -58.91
N ASN C 134 21.99 -25.46 -57.81
CA ASN C 134 22.47 -25.85 -56.48
C ASN C 134 23.99 -26.03 -56.49
N GLN C 135 24.67 -24.91 -56.74
CA GLN C 135 26.12 -24.86 -56.71
C GLN C 135 26.66 -24.31 -55.40
N GLY C 136 25.79 -23.98 -54.45
CA GLY C 136 26.19 -23.58 -53.12
C GLY C 136 26.07 -24.68 -52.09
N LYS C 137 25.72 -25.90 -52.51
CA LYS C 137 25.74 -27.05 -51.63
C LYS C 137 27.14 -27.62 -51.45
N LYS C 138 28.07 -27.24 -52.32
CA LYS C 138 29.39 -27.82 -52.34
C LYS C 138 30.21 -27.30 -51.16
N ASP C 139 31.48 -27.70 -51.14
CA ASP C 139 32.35 -27.49 -49.98
C ASP C 139 33.18 -26.22 -50.07
N ALA C 140 33.44 -25.72 -51.27
CA ALA C 140 34.20 -24.49 -51.41
C ALA C 140 33.46 -23.28 -50.88
N PHE C 141 32.14 -23.34 -50.78
CA PHE C 141 31.32 -22.23 -50.33
C PHE C 141 30.85 -22.41 -48.90
N LYS C 142 31.70 -22.98 -48.05
CA LYS C 142 31.34 -23.27 -46.67
C LYS C 142 31.69 -22.16 -45.70
N TYR C 143 32.68 -21.33 -46.02
CA TYR C 143 33.03 -20.20 -45.17
C TYR C 143 32.31 -18.92 -45.58
N HIS C 144 31.72 -18.88 -46.78
CA HIS C 144 30.89 -17.75 -47.17
C HIS C 144 29.53 -17.77 -46.48
N LYS C 145 29.08 -18.93 -46.02
CA LYS C 145 27.81 -19.04 -45.31
C LYS C 145 27.94 -18.58 -43.86
N GLU C 146 29.04 -18.93 -43.20
CA GLU C 146 29.25 -18.54 -41.82
C GLU C 146 29.29 -17.03 -41.66
N LEU C 147 29.97 -16.34 -42.57
CA LEU C 147 29.99 -14.88 -42.55
C LEU C 147 28.58 -14.31 -42.43
N ILE C 148 27.69 -14.73 -43.33
CA ILE C 148 26.34 -14.19 -43.36
C ILE C 148 25.58 -14.61 -42.10
N SER C 149 25.68 -15.87 -41.73
CA SER C 149 24.97 -16.34 -40.54
C SER C 149 25.36 -15.56 -39.31
N LYS C 150 26.66 -15.31 -39.12
CA LYS C 150 27.14 -14.62 -37.94
C LYS C 150 26.87 -13.13 -37.99
N LEU C 151 26.79 -12.54 -39.18
CA LEU C 151 26.42 -11.13 -39.26
C LEU C 151 24.94 -10.92 -38.98
N ILE C 152 24.10 -11.89 -39.32
CA ILE C 152 22.67 -11.75 -39.03
C ILE C 152 22.36 -12.10 -37.57
N SER C 153 22.93 -13.18 -37.05
CA SER C 153 22.54 -13.66 -35.73
C SER C 153 22.87 -12.67 -34.63
N ASN C 154 23.91 -11.87 -34.80
CA ASN C 154 24.40 -11.01 -33.73
C ASN C 154 23.71 -9.65 -33.70
N ARG C 155 22.61 -9.48 -34.42
CA ARG C 155 21.80 -8.27 -34.31
C ARG C 155 20.70 -8.48 -33.27
N GLN C 156 19.91 -7.43 -33.05
CA GLN C 156 18.77 -7.45 -32.15
C GLN C 156 17.55 -6.92 -32.88
N PRO C 157 16.37 -7.08 -32.29
CA PRO C 157 15.17 -6.54 -32.93
C PRO C 157 15.13 -5.01 -32.85
N GLY C 158 14.88 -4.38 -34.00
CA GLY C 158 14.88 -2.94 -34.11
C GLY C 158 16.11 -2.38 -34.80
N GLN C 159 17.16 -3.16 -34.95
CA GLN C 159 18.41 -2.70 -35.52
C GLN C 159 18.40 -2.85 -37.04
N SER C 160 19.26 -2.08 -37.69
CA SER C 160 19.41 -2.14 -39.13
C SER C 160 20.00 -3.49 -39.55
N ALA C 161 20.10 -3.68 -40.87
CA ALA C 161 20.59 -4.92 -41.45
C ALA C 161 21.95 -4.72 -42.12
N PRO C 162 22.71 -5.79 -42.30
CA PRO C 162 24.11 -5.65 -42.74
C PRO C 162 24.28 -5.36 -44.23
N ALA C 163 25.44 -4.78 -44.52
CA ALA C 163 25.85 -4.33 -45.84
C ALA C 163 27.20 -4.91 -46.23
N ILE C 164 27.27 -5.37 -47.49
CA ILE C 164 28.43 -6.06 -48.01
C ILE C 164 28.81 -5.38 -49.32
N PHE C 165 29.95 -4.69 -49.32
CA PHE C 165 30.48 -4.10 -50.54
C PHE C 165 31.61 -4.98 -51.08
N THR C 166 31.69 -5.04 -52.41
CA THR C 166 32.70 -5.87 -53.03
C THR C 166 33.03 -5.36 -54.43
N THR C 167 34.24 -5.70 -54.86
CA THR C 167 34.76 -5.35 -56.17
C THR C 167 34.81 -6.52 -57.13
N ASN C 168 34.56 -7.74 -56.64
CA ASN C 168 34.48 -8.88 -57.54
C ASN C 168 33.25 -8.78 -58.43
N TYR C 169 33.24 -9.63 -59.46
CA TYR C 169 32.09 -9.76 -60.35
C TYR C 169 31.70 -11.22 -60.54
N ASP C 170 32.06 -12.07 -59.59
CA ASP C 170 31.66 -13.47 -59.59
C ASP C 170 30.35 -13.63 -58.82
N LEU C 171 29.94 -14.87 -58.59
CA LEU C 171 28.59 -15.21 -58.13
C LEU C 171 28.63 -16.08 -56.88
N ALA C 172 29.53 -15.76 -55.95
CA ALA C 172 29.78 -16.64 -54.81
C ALA C 172 28.99 -16.28 -53.56
N LEU C 173 28.45 -15.07 -53.46
CA LEU C 173 27.67 -14.66 -52.30
C LEU C 173 26.18 -14.83 -52.51
N GLU C 174 25.73 -15.12 -53.73
CA GLU C 174 24.33 -15.36 -54.03
C GLU C 174 23.99 -16.84 -54.01
N TRP C 175 24.86 -17.66 -54.60
CA TRP C 175 24.74 -19.10 -54.50
C TRP C 175 24.64 -19.55 -53.06
N ALA C 176 25.40 -18.92 -52.17
CA ALA C 176 25.46 -19.32 -50.77
C ALA C 176 24.27 -18.86 -49.96
N ALA C 177 23.60 -17.79 -50.37
CA ALA C 177 22.40 -17.33 -49.69
C ALA C 177 21.14 -18.04 -50.21
N GLU C 178 21.14 -18.46 -51.47
CA GLU C 178 20.04 -19.27 -51.96
C GLU C 178 19.97 -20.62 -51.26
N ASP C 179 21.11 -21.18 -50.86
CA ASP C 179 21.16 -22.43 -50.13
C ASP C 179 21.03 -22.23 -48.63
N LEU C 180 20.64 -21.03 -48.20
CA LEU C 180 20.53 -20.72 -46.78
C LEU C 180 19.24 -20.01 -46.43
N GLY C 181 18.50 -19.48 -47.39
CA GLY C 181 17.18 -18.94 -47.14
C GLY C 181 17.17 -17.50 -46.69
N ILE C 182 17.91 -16.64 -47.40
CA ILE C 182 18.10 -15.25 -47.03
C ILE C 182 17.96 -14.40 -48.28
N GLN C 183 17.28 -13.27 -48.16
CA GLN C 183 17.03 -12.39 -49.30
C GLN C 183 18.06 -11.26 -49.34
N LEU C 184 18.72 -11.12 -50.48
CA LEU C 184 19.66 -10.03 -50.72
C LEU C 184 19.00 -8.99 -51.59
N PHE C 185 19.19 -7.72 -51.22
CA PHE C 185 18.77 -6.60 -52.06
C PHE C 185 19.97 -6.10 -52.85
N ASN C 186 19.78 -5.98 -54.17
CA ASN C 186 20.83 -5.60 -55.10
C ASN C 186 20.40 -4.55 -56.11
N GLY C 187 19.17 -4.06 -56.05
CA GLY C 187 18.71 -3.01 -56.93
C GLY C 187 18.04 -3.45 -58.22
N PHE C 188 17.46 -4.65 -58.27
CA PHE C 188 16.83 -5.17 -59.47
C PHE C 188 15.48 -5.77 -59.09
N SER C 189 14.56 -5.81 -60.05
CA SER C 189 13.19 -6.26 -59.80
C SER C 189 12.59 -6.85 -61.07
N GLY C 190 11.85 -7.94 -60.91
CA GLY C 190 11.18 -8.61 -62.01
C GLY C 190 11.71 -10.02 -62.20
N LEU C 191 11.04 -10.76 -63.09
CA LEU C 191 11.58 -12.02 -63.58
C LEU C 191 11.72 -12.06 -65.09
N HIS C 192 10.65 -11.72 -65.80
CA HIS C 192 10.66 -11.79 -67.26
C HIS C 192 11.30 -10.56 -67.89
N THR C 193 11.46 -9.47 -67.14
CA THR C 193 12.22 -8.32 -67.60
C THR C 193 12.72 -7.60 -66.35
N ARG C 194 13.99 -7.82 -66.01
CA ARG C 194 14.61 -7.09 -64.92
C ARG C 194 15.10 -5.73 -65.40
N GLN C 195 15.17 -4.77 -64.48
CA GLN C 195 15.88 -3.54 -64.77
C GLN C 195 16.08 -2.76 -63.49
N PHE C 196 17.05 -1.84 -63.55
CA PHE C 196 17.61 -1.19 -62.38
C PHE C 196 16.68 -0.10 -61.86
N TYR C 197 16.20 -0.26 -60.63
CA TYR C 197 15.47 0.78 -59.92
C TYR C 197 16.32 1.22 -58.73
N PRO C 198 16.86 2.43 -58.71
CA PRO C 198 17.84 2.78 -57.68
C PRO C 198 17.24 3.21 -56.35
N GLN C 199 15.95 2.91 -56.13
CA GLN C 199 15.26 3.38 -54.93
C GLN C 199 14.63 2.23 -54.15
N ASN C 200 15.07 1.00 -54.39
CA ASN C 200 14.65 -0.13 -53.57
C ASN C 200 15.79 -0.64 -52.70
N PHE C 201 16.85 0.14 -52.58
CA PHE C 201 17.79 0.01 -51.48
C PHE C 201 17.24 0.58 -50.19
N ASP C 202 16.02 1.12 -50.22
CA ASP C 202 15.38 1.75 -49.07
C ASP C 202 14.16 0.97 -48.61
N LEU C 203 14.06 -0.30 -48.97
CA LEU C 203 12.94 -1.15 -48.64
C LEU C 203 13.36 -2.21 -47.63
N ALA C 204 12.36 -2.92 -47.10
CA ALA C 204 12.59 -3.96 -46.12
C ALA C 204 11.35 -4.84 -46.06
N PHE C 205 11.43 -5.90 -45.26
CA PHE C 205 10.34 -6.85 -45.09
C PHE C 205 9.76 -6.76 -43.69
N ARG C 206 8.53 -7.25 -43.57
CA ARG C 206 7.87 -7.40 -42.28
C ARG C 206 6.90 -8.55 -42.39
N ASN C 207 6.64 -9.20 -41.26
CA ASN C 207 5.76 -10.36 -41.22
C ASN C 207 4.38 -9.97 -40.71
N VAL C 208 3.42 -10.86 -40.92
CA VAL C 208 2.02 -10.61 -40.61
C VAL C 208 1.49 -11.61 -39.60
N ASN C 209 1.72 -12.90 -39.83
CA ASN C 209 1.32 -13.93 -38.88
C ASN C 209 1.88 -15.28 -39.30
N HIS C 218 12.07 -14.20 -43.34
CA HIS C 218 12.03 -12.76 -43.52
C HIS C 218 13.34 -12.11 -43.08
N TYR C 219 14.46 -12.73 -43.46
CA TYR C 219 15.78 -12.26 -43.11
C TYR C 219 16.51 -11.82 -44.38
N HIS C 220 17.15 -10.65 -44.31
CA HIS C 220 17.64 -9.99 -45.51
C HIS C 220 18.94 -9.27 -45.23
N ALA C 221 19.56 -8.81 -46.33
CA ALA C 221 20.84 -8.10 -46.28
C ALA C 221 20.97 -7.31 -47.57
N TYR C 222 21.98 -6.43 -47.64
CA TYR C 222 22.20 -5.61 -48.81
C TYR C 222 23.58 -5.86 -49.40
N LEU C 223 23.64 -5.88 -50.75
CA LEU C 223 24.86 -6.22 -51.47
C LEU C 223 25.13 -5.16 -52.52
N TYR C 224 26.35 -4.57 -52.48
CA TYR C 224 26.77 -3.55 -53.43
C TYR C 224 28.02 -4.02 -54.17
N LYS C 225 27.86 -4.24 -55.47
CA LYS C 225 28.97 -4.52 -56.37
C LYS C 225 29.43 -3.23 -57.02
N LEU C 226 30.73 -2.94 -56.93
CA LEU C 226 31.24 -1.65 -57.37
C LEU C 226 31.81 -1.67 -58.78
N HIS C 227 32.14 -2.85 -59.32
CA HIS C 227 32.72 -2.95 -60.66
C HIS C 227 31.82 -3.69 -61.65
N GLY C 228 30.68 -4.20 -61.21
CA GLY C 228 29.71 -4.78 -62.12
C GLY C 228 29.33 -6.20 -61.79
N SER C 229 28.92 -6.96 -62.80
CA SER C 229 28.62 -8.37 -62.61
C SER C 229 28.65 -9.07 -63.96
N LEU C 230 28.78 -10.39 -63.88
CA LEU C 230 28.92 -11.27 -65.02
C LEU C 230 27.59 -11.58 -65.69
N THR C 231 26.49 -11.01 -65.21
CA THR C 231 25.16 -11.31 -65.69
C THR C 231 24.37 -10.08 -66.12
N TRP C 232 25.01 -8.91 -66.22
CA TRP C 232 24.36 -7.67 -66.57
C TRP C 232 24.72 -7.28 -67.99
N TYR C 233 23.75 -6.72 -68.71
CA TYR C 233 24.02 -6.36 -70.10
C TYR C 233 23.00 -5.35 -70.61
N GLN C 234 23.39 -4.63 -71.66
CA GLN C 234 22.58 -3.61 -72.29
C GLN C 234 22.24 -4.02 -73.71
N ASN C 235 20.97 -3.89 -74.08
CA ASN C 235 20.54 -4.23 -75.43
C ASN C 235 19.82 -3.10 -76.13
N ASP C 236 18.92 -2.40 -75.46
CA ASP C 236 18.21 -1.27 -76.04
C ASP C 236 18.98 0.02 -75.74
N SER C 237 18.35 1.17 -75.94
CA SER C 237 19.01 2.45 -75.80
C SER C 237 19.01 2.98 -74.37
N LEU C 238 18.18 2.42 -73.48
CA LEU C 238 17.92 3.07 -72.20
C LEU C 238 17.87 2.16 -70.98
N THR C 239 18.13 0.86 -71.11
CA THR C 239 17.93 -0.04 -69.98
C THR C 239 18.97 -1.14 -69.94
N VAL C 240 19.49 -1.39 -68.74
CA VAL C 240 20.34 -2.54 -68.46
C VAL C 240 19.46 -3.64 -67.89
N ASN C 241 19.82 -4.89 -68.17
CA ASN C 241 19.05 -6.05 -67.79
C ASN C 241 19.93 -7.05 -67.06
N GLU C 242 19.30 -7.78 -66.13
CA GLU C 242 19.92 -8.86 -65.39
C GLU C 242 19.32 -10.19 -65.85
N VAL C 243 20.07 -11.25 -65.63
CA VAL C 243 19.79 -12.55 -66.25
C VAL C 243 20.50 -13.63 -65.46
N SER C 244 20.00 -14.86 -65.54
CA SER C 244 20.58 -15.97 -64.80
C SER C 244 21.76 -16.59 -65.55
N ALA C 245 22.45 -17.49 -64.88
CA ALA C 245 23.70 -18.03 -65.40
C ALA C 245 23.48 -19.01 -66.53
N SER C 246 22.45 -19.85 -66.44
CA SER C 246 22.15 -20.76 -67.53
C SER C 246 21.70 -20.01 -68.78
N GLN C 247 21.05 -18.86 -68.60
CA GLN C 247 20.61 -18.05 -69.73
C GLN C 247 21.72 -17.19 -70.30
N ALA C 248 22.76 -16.87 -69.51
CA ALA C 248 23.90 -16.10 -70.01
C ALA C 248 24.95 -16.97 -70.70
N TYR C 249 25.22 -18.15 -70.14
CA TYR C 249 26.18 -19.07 -70.74
C TYR C 249 25.88 -19.28 -72.21
N ASP C 250 24.64 -19.58 -72.54
CA ASP C 250 24.23 -19.80 -73.92
C ASP C 250 24.46 -18.54 -74.75
N GLU C 251 23.81 -17.44 -74.37
CA GLU C 251 23.85 -16.23 -75.17
C GLU C 251 25.28 -15.78 -75.47
N TYR C 252 26.06 -15.42 -74.44
CA TYR C 252 27.33 -14.73 -74.72
C TYR C 252 28.55 -15.25 -73.98
N ILE C 253 28.42 -16.00 -72.89
CA ILE C 253 29.60 -16.41 -72.14
C ILE C 253 30.30 -17.61 -72.73
N ASN C 254 29.68 -18.32 -73.67
CA ASN C 254 30.31 -19.50 -74.26
C ASN C 254 31.16 -19.14 -75.48
N ASP C 255 30.62 -18.30 -76.37
CA ASP C 255 31.38 -17.87 -77.53
C ASP C 255 32.63 -17.11 -77.14
N ILE C 256 32.59 -16.38 -76.03
CA ILE C 256 33.75 -15.64 -75.58
C ILE C 256 34.90 -16.60 -75.28
N ILE C 257 34.62 -17.67 -74.55
CA ILE C 257 35.64 -18.65 -74.23
C ILE C 257 36.12 -19.35 -75.49
N ASN C 258 35.18 -19.89 -76.27
CA ASN C 258 35.55 -20.87 -77.29
C ASN C 258 35.96 -20.22 -78.61
N LYS C 259 35.11 -19.37 -79.18
CA LYS C 259 35.43 -18.77 -80.47
C LYS C 259 36.71 -17.92 -80.35
N ASP C 260 37.20 -17.48 -81.50
CA ASP C 260 38.51 -16.82 -81.59
C ASP C 260 38.41 -15.31 -81.62
N ASP C 261 37.53 -14.74 -82.44
CA ASP C 261 37.30 -13.30 -82.48
C ASP C 261 35.81 -13.05 -82.40
N PHE C 262 35.37 -12.47 -81.28
CA PHE C 262 33.95 -12.25 -81.02
C PHE C 262 33.84 -11.10 -80.02
N TYR C 263 33.36 -9.94 -80.49
CA TYR C 263 33.26 -8.78 -79.62
C TYR C 263 32.09 -7.92 -80.05
N ARG C 264 31.21 -7.62 -79.10
CA ARG C 264 30.12 -6.67 -79.27
C ARG C 264 30.38 -5.44 -78.40
N GLY C 265 30.34 -4.26 -79.01
CA GLY C 265 30.65 -3.02 -78.31
C GLY C 265 29.44 -2.42 -77.62
N GLN C 266 29.69 -1.83 -76.45
CA GLN C 266 28.66 -1.17 -75.66
C GLN C 266 27.58 -2.16 -75.22
N HIS C 267 28.00 -3.35 -74.81
CA HIS C 267 27.09 -4.42 -74.45
C HIS C 267 27.30 -4.95 -73.04
N LEU C 268 28.54 -5.11 -72.61
CA LEU C 268 28.85 -5.72 -71.32
C LEU C 268 29.16 -4.66 -70.27
N ILE C 269 28.88 -5.00 -69.01
CA ILE C 269 28.92 -4.07 -67.89
C ILE C 269 29.90 -4.60 -66.86
N TYR C 270 31.01 -5.18 -67.33
CA TYR C 270 32.08 -5.58 -66.42
C TYR C 270 33.40 -5.57 -67.18
N PRO C 271 34.51 -5.14 -66.55
CA PRO C 271 34.68 -4.38 -65.31
C PRO C 271 34.97 -2.90 -65.55
N GLY C 272 34.07 -2.00 -65.13
CA GLY C 272 34.26 -0.59 -65.34
C GLY C 272 34.75 -0.23 -66.72
N ALA C 273 33.94 -0.50 -67.75
CA ALA C 273 34.41 -0.50 -69.12
C ALA C 273 33.86 0.65 -69.98
N ASN C 274 32.53 0.80 -70.04
CA ASN C 274 31.88 1.67 -71.02
C ASN C 274 31.30 2.93 -70.38
N LYS C 275 32.03 3.52 -69.44
CA LYS C 275 31.51 4.65 -68.67
C LYS C 275 31.31 5.92 -69.48
N TYR C 276 31.63 5.93 -70.77
CA TYR C 276 31.44 7.14 -71.56
C TYR C 276 30.00 7.31 -72.02
N SER C 277 29.12 6.32 -71.80
CA SER C 277 27.70 6.50 -72.02
C SER C 277 27.08 7.17 -70.80
N HIS C 278 25.77 7.42 -70.88
CA HIS C 278 25.03 8.05 -69.79
C HIS C 278 24.01 7.13 -69.15
N THR C 279 23.93 5.87 -69.59
CA THR C 279 23.09 4.87 -68.94
C THR C 279 23.88 3.87 -68.11
N ILE C 280 25.16 3.67 -68.44
CA ILE C 280 26.00 2.72 -67.73
C ILE C 280 26.69 3.36 -66.53
N GLY C 281 27.20 4.58 -66.68
CA GLY C 281 27.80 5.28 -65.55
C GLY C 281 26.83 5.54 -64.43
N PHE C 282 25.54 5.68 -64.76
CA PHE C 282 24.50 5.83 -63.75
C PHE C 282 24.46 4.64 -62.81
N VAL C 283 24.92 3.46 -63.25
CA VAL C 283 24.92 2.28 -62.40
C VAL C 283 26.16 2.26 -61.51
N TYR C 284 27.29 2.74 -62.03
CA TYR C 284 28.53 2.75 -61.26
C TYR C 284 28.56 3.86 -60.22
N GLY C 285 27.85 4.96 -60.45
CA GLY C 285 27.89 6.09 -59.54
C GLY C 285 27.06 5.95 -58.28
N GLU C 286 25.88 5.33 -58.42
CA GLU C 286 24.95 5.11 -57.32
C GLU C 286 25.43 4.07 -56.33
N MET C 287 26.59 3.46 -56.55
CA MET C 287 27.19 2.57 -55.57
C MET C 287 28.24 3.28 -54.73
N PHE C 288 29.08 4.10 -55.36
CA PHE C 288 30.03 4.91 -54.62
C PHE C 288 29.32 5.97 -53.79
N ARG C 289 28.22 6.53 -54.30
CA ARG C 289 27.44 7.47 -53.49
C ARG C 289 26.96 6.80 -52.21
N ARG C 290 26.46 5.57 -52.32
CA ARG C 290 25.93 4.87 -51.15
C ARG C 290 27.04 4.47 -50.20
N PHE C 291 28.19 4.03 -50.73
CA PHE C 291 29.36 3.76 -49.89
C PHE C 291 29.73 4.99 -49.07
N GLY C 292 29.91 6.13 -49.73
CA GLY C 292 30.15 7.37 -49.03
C GLY C 292 29.14 7.66 -47.95
N GLU C 293 27.85 7.59 -48.29
CA GLU C 293 26.80 7.85 -47.29
C GLU C 293 26.94 6.92 -46.09
N PHE C 294 27.15 5.63 -46.34
CA PHE C 294 27.22 4.67 -45.23
C PHE C 294 28.42 4.94 -44.33
N ILE C 295 29.53 5.38 -44.92
CA ILE C 295 30.77 5.47 -44.17
C ILE C 295 30.86 6.81 -43.45
N SER C 296 29.74 7.53 -43.37
CA SER C 296 29.72 8.86 -42.77
C SER C 296 28.66 9.00 -41.67
N LYS C 297 28.06 7.89 -41.24
CA LYS C 297 27.06 7.91 -40.19
C LYS C 297 27.70 7.73 -38.81
N PRO C 298 27.03 8.17 -37.75
CA PRO C 298 27.54 7.88 -36.40
C PRO C 298 27.38 6.41 -36.03
N GLN C 299 28.27 5.96 -35.15
CA GLN C 299 28.26 4.60 -34.64
C GLN C 299 28.40 3.58 -35.79
N THR C 300 29.56 3.66 -36.45
CA THR C 300 29.82 2.89 -37.66
C THR C 300 31.08 2.06 -37.47
N ALA C 301 31.01 0.81 -37.96
CA ALA C 301 32.14 -0.10 -37.90
C ALA C 301 32.32 -0.77 -39.26
N LEU C 302 33.58 -0.89 -39.67
CA LEU C 302 33.92 -1.43 -40.96
C LEU C 302 35.03 -2.47 -40.83
N PHE C 303 34.86 -3.58 -41.53
CA PHE C 303 35.91 -4.58 -41.69
C PHE C 303 36.33 -4.62 -43.14
N ILE C 304 37.63 -4.82 -43.38
CA ILE C 304 38.17 -4.88 -44.73
C ILE C 304 38.97 -6.17 -44.88
N ASN C 305 38.79 -6.86 -46.00
CA ASN C 305 39.55 -8.09 -46.21
C ASN C 305 39.63 -8.41 -47.71
N GLY C 306 40.86 -8.62 -48.19
CA GLY C 306 41.10 -8.95 -49.57
C GLY C 306 41.54 -7.78 -50.43
N PHE C 307 41.48 -6.57 -49.90
CA PHE C 307 41.71 -5.35 -50.67
C PHE C 307 43.15 -4.91 -50.50
N GLY C 308 43.81 -4.61 -51.60
CA GLY C 308 45.23 -4.28 -51.62
C GLY C 308 45.57 -2.83 -51.51
N PHE C 309 44.59 -1.94 -51.40
CA PHE C 309 44.82 -0.52 -51.14
C PHE C 309 45.54 0.17 -52.30
N GLY C 310 45.07 -0.08 -53.52
CA GLY C 310 45.58 0.61 -54.68
C GLY C 310 44.54 1.44 -55.39
N ASP C 311 43.66 2.11 -54.63
CA ASP C 311 42.61 2.94 -55.20
C ASP C 311 42.61 4.29 -54.49
N TYR C 312 43.01 5.34 -55.22
CA TYR C 312 43.12 6.67 -54.66
C TYR C 312 41.76 7.21 -54.22
N HIS C 313 40.69 6.80 -54.89
CA HIS C 313 39.36 7.33 -54.58
C HIS C 313 38.72 6.66 -53.38
N ILE C 314 39.26 5.55 -52.92
CA ILE C 314 38.80 4.92 -51.68
C ILE C 314 39.70 5.31 -50.51
N ASN C 315 41.00 5.44 -50.78
CA ASN C 315 41.93 5.89 -49.77
C ASN C 315 41.42 7.11 -49.02
N ARG C 316 41.03 8.16 -49.76
CA ARG C 316 40.68 9.41 -49.09
C ARG C 316 39.30 9.38 -48.46
N ILE C 317 38.34 8.64 -49.02
CA ILE C 317 37.09 8.41 -48.31
C ILE C 317 37.38 7.84 -46.92
N ILE C 318 38.21 6.79 -46.87
CA ILE C 318 38.52 6.18 -45.58
C ILE C 318 39.25 7.16 -44.67
N LEU C 319 40.22 7.90 -45.23
CA LEU C 319 40.98 8.86 -44.42
C LEU C 319 40.08 9.94 -43.83
N GLY C 320 39.13 10.45 -44.62
CA GLY C 320 38.30 11.55 -44.19
C GLY C 320 37.05 11.19 -43.44
N ALA C 321 36.65 9.92 -43.44
CA ALA C 321 35.63 9.43 -42.53
C ALA C 321 36.18 9.19 -41.14
N LEU C 322 37.46 9.46 -40.93
CA LEU C 322 38.16 9.21 -39.68
C LEU C 322 38.32 10.48 -38.86
N LEU C 323 37.68 11.58 -39.29
CA LEU C 323 37.57 12.79 -38.50
C LEU C 323 36.43 12.74 -37.50
N ASN C 324 35.51 11.79 -37.67
CA ASN C 324 34.34 11.62 -36.79
C ASN C 324 34.67 10.62 -35.70
N PRO C 325 34.42 10.93 -34.42
CA PRO C 325 34.88 10.04 -33.35
C PRO C 325 34.21 8.68 -33.30
N SER C 326 33.11 8.47 -34.02
CA SER C 326 32.32 7.25 -33.90
C SER C 326 32.41 6.35 -35.13
N PHE C 327 33.59 6.29 -35.74
CA PHE C 327 33.87 5.41 -36.87
C PHE C 327 35.11 4.58 -36.58
N HIS C 328 34.95 3.26 -36.57
CA HIS C 328 36.05 2.34 -36.31
C HIS C 328 36.28 1.42 -37.50
N VAL C 329 37.55 1.09 -37.77
CA VAL C 329 37.91 0.29 -38.93
C VAL C 329 38.92 -0.78 -38.54
N VAL C 330 38.84 -1.92 -39.23
CA VAL C 330 39.75 -3.05 -39.01
C VAL C 330 40.26 -3.54 -40.36
N ILE C 331 41.58 -3.79 -40.45
CA ILE C 331 42.25 -4.10 -41.70
C ILE C 331 43.09 -5.37 -41.55
N TYR C 332 43.16 -6.13 -42.64
CA TYR C 332 43.95 -7.35 -42.72
C TYR C 332 44.91 -7.22 -43.90
N TYR C 333 46.21 -7.37 -43.63
CA TYR C 333 47.23 -7.20 -44.66
C TYR C 333 48.36 -8.22 -44.46
N PRO C 334 48.43 -9.27 -45.29
CA PRO C 334 49.40 -10.34 -45.03
C PRO C 334 50.86 -9.96 -45.17
N GLU C 335 51.18 -8.87 -45.88
CA GLU C 335 52.58 -8.59 -46.24
C GLU C 335 53.09 -7.31 -45.60
N LEU C 336 52.84 -7.14 -44.30
CA LEU C 336 53.18 -5.91 -43.61
C LEU C 336 54.67 -5.82 -43.32
N LYS C 337 55.27 -6.93 -42.88
CA LYS C 337 56.69 -6.93 -42.55
C LYS C 337 57.54 -6.68 -43.78
N GLU C 338 57.25 -7.37 -44.87
CA GLU C 338 58.01 -7.25 -46.11
C GLU C 338 57.87 -5.87 -46.74
N ALA C 339 57.05 -5.01 -46.15
CA ALA C 339 56.84 -3.67 -46.67
C ALA C 339 57.29 -2.57 -45.72
N ILE C 340 57.37 -2.84 -44.42
CA ILE C 340 57.90 -1.85 -43.50
C ILE C 340 59.36 -1.50 -43.82
N THR C 341 60.08 -2.39 -44.51
CA THR C 341 61.50 -2.17 -44.79
C THR C 341 61.70 -1.30 -46.02
N LYS C 342 60.97 -1.60 -47.10
CA LYS C 342 61.09 -0.88 -48.36
C LYS C 342 60.95 0.62 -48.17
N VAL C 343 60.14 1.04 -47.20
CA VAL C 343 59.89 2.47 -46.99
C VAL C 343 60.77 3.07 -45.91
N SER C 344 61.39 2.23 -45.06
CA SER C 344 62.50 2.73 -44.25
C SER C 344 63.71 3.02 -45.12
N LYS C 345 63.87 2.25 -46.20
CA LYS C 345 64.92 2.49 -47.18
C LYS C 345 64.47 3.40 -48.32
N GLY C 346 63.54 4.31 -48.07
CA GLY C 346 63.09 5.26 -49.07
C GLY C 346 62.68 4.63 -50.38
N GLY C 347 61.94 3.52 -50.30
CA GLY C 347 61.40 2.88 -51.48
C GLY C 347 59.95 2.50 -51.29
N GLY C 348 59.46 1.57 -52.10
CA GLY C 348 58.11 1.07 -51.94
C GLY C 348 57.12 1.78 -52.85
N SER C 349 55.94 1.19 -52.97
CA SER C 349 54.87 1.72 -53.78
C SER C 349 53.85 2.48 -52.92
N GLU C 350 52.92 3.14 -53.61
CA GLU C 350 51.97 4.01 -52.93
C GLU C 350 51.10 3.23 -51.96
N ALA C 351 50.75 1.99 -52.28
CA ALA C 351 49.94 1.19 -51.37
C ALA C 351 50.69 0.90 -50.08
N GLU C 352 51.95 0.49 -50.20
CA GLU C 352 52.78 0.26 -49.01
C GLU C 352 52.88 1.51 -48.17
N LYS C 353 53.15 2.66 -48.80
CA LYS C 353 53.24 3.90 -48.06
C LYS C 353 51.94 4.22 -47.34
N ALA C 354 50.81 4.06 -48.05
CA ALA C 354 49.50 4.34 -47.47
C ALA C 354 49.23 3.47 -46.25
N ILE C 355 49.58 2.18 -46.32
CA ILE C 355 49.26 1.29 -45.22
C ILE C 355 50.21 1.53 -44.04
N VAL C 356 51.47 1.88 -44.31
CA VAL C 356 52.38 2.15 -43.20
C VAL C 356 52.03 3.48 -42.52
N THR C 357 51.57 4.47 -43.30
CA THR C 357 51.07 5.70 -42.71
C THR C 357 49.99 5.41 -41.67
N LEU C 358 49.16 4.40 -41.92
CA LEU C 358 48.12 4.04 -40.97
C LEU C 358 48.69 3.26 -39.80
N LYS C 359 49.55 2.30 -40.08
CA LYS C 359 50.17 1.50 -39.02
C LYS C 359 50.95 2.37 -38.04
N ASN C 360 51.44 3.53 -38.46
CA ASN C 360 52.31 4.33 -37.61
C ASN C 360 51.65 5.65 -37.20
N MET C 361 50.39 5.59 -36.77
CA MET C 361 49.68 6.74 -36.25
C MET C 361 49.07 6.39 -34.89
N ALA C 362 48.86 7.42 -34.07
CA ALA C 362 48.41 7.22 -32.69
C ALA C 362 46.90 7.37 -32.59
N PHE C 363 46.19 6.52 -33.32
CA PHE C 363 44.74 6.48 -33.31
C PHE C 363 44.27 5.10 -32.85
N ASN C 364 43.31 5.09 -31.92
CA ASN C 364 42.73 3.85 -31.42
C ASN C 364 41.50 3.40 -32.21
N GLN C 365 41.19 4.09 -33.31
CA GLN C 365 40.10 3.72 -34.20
C GLN C 365 40.56 2.84 -35.34
N VAL C 366 41.82 2.42 -35.32
CA VAL C 366 42.49 1.71 -36.41
C VAL C 366 43.13 0.47 -35.83
N THR C 367 43.12 -0.61 -36.62
CA THR C 367 43.67 -1.89 -36.21
C THR C 367 44.12 -2.64 -37.46
N VAL C 368 45.33 -3.20 -37.39
CA VAL C 368 45.96 -3.87 -38.52
C VAL C 368 46.39 -5.26 -38.09
N VAL C 369 46.13 -6.25 -38.93
CA VAL C 369 46.49 -7.64 -38.66
C VAL C 369 47.30 -8.15 -39.84
N GLY C 370 48.56 -8.53 -39.58
CA GLY C 370 49.49 -8.81 -40.66
C GLY C 370 50.37 -10.04 -40.53
N GLY C 371 49.84 -11.13 -39.97
CA GLY C 371 50.66 -12.30 -39.72
C GLY C 371 50.62 -13.40 -40.76
N GLY C 372 50.60 -13.03 -42.03
CA GLY C 372 50.66 -14.03 -43.08
C GLY C 372 49.35 -14.78 -43.23
N SER C 373 49.42 -16.11 -43.21
CA SER C 373 48.24 -16.96 -43.34
C SER C 373 47.27 -16.78 -42.17
N LYS C 374 47.65 -15.96 -41.19
CA LYS C 374 46.74 -15.58 -40.11
C LYS C 374 45.92 -14.35 -40.46
N ALA C 375 46.19 -13.72 -41.60
CA ALA C 375 45.46 -12.56 -42.08
C ALA C 375 44.67 -12.91 -43.34
N TYR C 376 44.15 -14.12 -43.39
CA TYR C 376 43.44 -14.64 -44.54
C TYR C 376 41.94 -14.70 -44.25
N PHE C 377 41.18 -15.12 -45.24
CA PHE C 377 39.73 -15.06 -45.16
C PHE C 377 39.18 -16.06 -44.14
N ASN C 378 39.77 -17.24 -44.07
CA ASN C 378 39.25 -18.27 -43.18
C ASN C 378 39.41 -17.88 -41.72
N SER C 379 40.53 -17.24 -41.37
CA SER C 379 40.77 -16.84 -39.99
C SER C 379 39.87 -15.67 -39.58
N PHE C 380 39.67 -14.71 -40.49
CA PHE C 380 38.69 -13.65 -40.26
C PHE C 380 37.35 -14.22 -39.82
N VAL C 381 36.84 -15.21 -40.55
CA VAL C 381 35.54 -15.78 -40.26
C VAL C 381 35.50 -16.57 -38.97
N GLU C 382 36.64 -16.99 -38.45
CA GLU C 382 36.71 -17.70 -37.17
C GLU C 382 36.94 -16.75 -36.00
N HIS C 383 37.40 -15.54 -36.28
CA HIS C 383 37.49 -14.52 -35.23
C HIS C 383 36.12 -13.99 -34.82
N LEU C 384 35.04 -14.27 -35.63
CA LEU C 384 33.71 -13.79 -35.30
C LEU C 384 32.96 -14.80 -34.43
N PRO C 385 32.03 -14.35 -33.57
CA PRO C 385 31.38 -15.27 -32.64
C PRO C 385 30.02 -15.82 -33.08
N TYR C 386 29.71 -17.11 -32.66
CA TYR C 386 28.36 -17.66 -32.62
C TYR C 386 27.73 -17.41 -31.26
N PRO C 387 26.40 -17.28 -31.18
CA PRO C 387 25.75 -17.26 -29.87
C PRO C 387 25.58 -18.66 -29.29
N VAL C 388 25.14 -18.70 -28.03
CA VAL C 388 25.03 -19.97 -27.31
C VAL C 388 23.81 -20.75 -27.78
N LEU C 389 22.71 -20.06 -28.06
CA LEU C 389 21.45 -20.73 -28.38
C LEU C 389 21.30 -21.03 -29.87
N PHE C 390 22.24 -20.61 -30.71
CA PHE C 390 22.15 -20.89 -32.13
C PHE C 390 22.16 -22.39 -32.36
N PRO C 391 21.25 -22.94 -33.18
CA PRO C 391 21.32 -24.36 -33.52
C PRO C 391 22.44 -24.64 -34.50
N ARG C 392 23.49 -25.33 -34.05
CA ARG C 392 24.70 -25.52 -34.84
C ARG C 392 24.97 -27.02 -34.96
N ASP C 393 24.22 -27.66 -35.85
CA ASP C 393 24.49 -29.00 -36.36
C ASP C 393 23.40 -29.36 -37.34
N ASN C 394 23.70 -30.31 -38.22
CA ASN C 394 22.79 -30.69 -39.31
C ASN C 394 22.05 -31.97 -38.93
N ILE C 395 20.99 -31.79 -38.14
CA ILE C 395 20.18 -32.89 -37.66
C ILE C 395 19.23 -33.42 -38.73
N VAL C 396 19.05 -32.69 -39.83
CA VAL C 396 17.93 -32.91 -40.73
C VAL C 396 18.32 -33.73 -41.96
N ASP C 397 19.58 -33.61 -42.42
CA ASP C 397 19.98 -34.38 -43.59
C ASP C 397 19.91 -35.88 -43.35
N GLU C 398 20.13 -36.33 -42.11
CA GLU C 398 19.95 -37.74 -41.79
C GLU C 398 18.50 -38.18 -41.96
N LEU C 399 17.55 -37.24 -41.91
CA LEU C 399 16.14 -37.53 -42.04
C LEU C 399 15.63 -37.33 -43.46
N VAL C 400 16.38 -36.56 -44.27
CA VAL C 400 15.97 -36.32 -45.65
C VAL C 400 16.33 -37.48 -46.59
N GLU C 401 17.10 -38.46 -46.12
CA GLU C 401 17.46 -39.59 -46.97
C GLU C 401 16.37 -40.65 -46.99
N ALA C 402 15.67 -40.85 -45.86
CA ALA C 402 14.61 -41.86 -45.82
C ALA C 402 13.46 -41.49 -46.74
N ILE C 403 13.14 -40.20 -46.82
CA ILE C 403 12.04 -39.77 -47.69
C ILE C 403 12.37 -40.07 -49.14
N ALA C 404 13.65 -39.98 -49.51
CA ALA C 404 14.07 -40.39 -50.84
C ALA C 404 13.99 -41.90 -50.99
N ASN C 405 14.65 -42.64 -50.09
CA ASN C 405 14.61 -44.10 -50.12
C ASN C 405 13.20 -44.63 -50.36
N LEU C 406 12.21 -44.06 -49.67
CA LEU C 406 10.83 -44.37 -49.96
C LEU C 406 10.57 -44.23 -51.46
N SER C 407 10.25 -45.34 -52.11
CA SER C 407 10.02 -45.34 -53.55
C SER C 407 9.43 -46.67 -54.01
N SER D 2 -7.24 20.26 -73.28
CA SER D 2 -5.85 20.71 -73.16
C SER D 2 -5.32 20.56 -71.74
N ILE D 3 -6.14 19.98 -70.86
CA ILE D 3 -5.73 19.65 -69.51
C ILE D 3 -6.23 18.25 -69.20
N TYR D 4 -5.30 17.33 -68.95
CA TYR D 4 -5.62 15.94 -68.66
C TYR D 4 -5.32 15.62 -67.21
N GLN D 5 -6.12 14.70 -66.64
CA GLN D 5 -5.93 14.22 -65.28
C GLN D 5 -6.28 12.73 -65.26
N GLY D 6 -5.25 11.89 -65.40
CA GLY D 6 -5.45 10.46 -65.42
C GLY D 6 -5.70 9.87 -66.78
N GLY D 7 -5.26 10.53 -67.85
CA GLY D 7 -5.58 10.16 -69.20
C GLY D 7 -6.87 10.76 -69.71
N ASN D 8 -7.75 11.18 -68.81
CA ASN D 8 -9.04 11.77 -69.18
C ASN D 8 -8.86 13.29 -69.30
N LYS D 9 -9.96 14.03 -69.36
CA LYS D 9 -9.94 15.45 -69.64
C LYS D 9 -10.60 16.21 -68.50
N LEU D 10 -10.07 17.40 -68.20
CA LEU D 10 -10.47 18.19 -67.06
C LEU D 10 -10.74 19.62 -67.51
N ASN D 11 -11.45 20.38 -66.67
CA ASN D 11 -11.88 21.72 -67.01
C ASN D 11 -11.23 22.78 -66.12
N GLU D 12 -11.35 24.02 -66.58
CA GLU D 12 -10.59 25.15 -66.06
C GLU D 12 -11.10 25.68 -64.74
N ASP D 13 -12.29 25.26 -64.29
CA ASP D 13 -12.81 25.68 -63.00
C ASP D 13 -12.65 24.62 -61.91
N ASP D 14 -12.36 23.38 -62.29
CA ASP D 14 -11.94 22.37 -61.32
C ASP D 14 -10.43 22.32 -61.17
N PHE D 15 -9.70 22.64 -62.23
CA PHE D 15 -8.25 22.82 -62.13
C PHE D 15 -7.91 23.76 -60.98
N ARG D 16 -8.65 24.86 -60.86
CA ARG D 16 -8.34 25.87 -59.84
C ARG D 16 -8.67 25.36 -58.44
N SER D 17 -9.82 24.71 -58.27
CA SER D 17 -10.14 24.11 -56.97
C SER D 17 -9.14 23.03 -56.60
N HIS D 18 -8.50 22.40 -57.58
CA HIS D 18 -7.46 21.41 -57.30
C HIS D 18 -6.17 22.08 -56.83
N VAL D 19 -5.72 23.10 -57.55
CA VAL D 19 -4.48 23.78 -57.16
C VAL D 19 -4.66 24.64 -55.92
N TYR D 20 -5.90 24.89 -55.49
CA TYR D 20 -6.10 25.52 -54.19
C TYR D 20 -5.94 24.52 -53.04
N SER D 21 -6.40 23.28 -53.24
CA SER D 21 -6.25 22.26 -52.22
C SER D 21 -4.85 21.67 -52.17
N LEU D 22 -4.11 21.77 -53.27
CA LEU D 22 -2.74 21.27 -53.28
C LEU D 22 -1.77 22.15 -52.51
N CYS D 23 -2.09 23.42 -52.30
CA CYS D 23 -1.21 24.33 -51.56
C CYS D 23 -1.54 24.41 -50.08
N GLN D 24 -2.48 23.61 -49.60
CA GLN D 24 -2.79 23.51 -48.17
C GLN D 24 -2.30 22.19 -47.60
N LEU D 25 -1.14 21.73 -48.07
CA LEU D 25 -0.53 20.49 -47.65
C LEU D 25 0.75 20.77 -46.89
N ASP D 26 1.35 19.69 -46.36
CA ASP D 26 2.52 19.85 -45.50
C ASP D 26 3.77 20.21 -46.28
N ASN D 27 4.05 19.50 -47.38
CA ASN D 27 5.27 19.74 -48.16
C ASN D 27 4.90 20.22 -49.56
N VAL D 28 5.45 21.37 -49.94
CA VAL D 28 5.16 22.02 -51.22
C VAL D 28 6.48 22.50 -51.82
N GLY D 29 6.69 22.23 -53.11
CA GLY D 29 7.95 22.58 -53.74
C GLY D 29 7.83 22.93 -55.20
N VAL D 30 8.88 23.61 -55.69
CA VAL D 30 8.89 24.11 -57.06
C VAL D 30 10.21 23.75 -57.72
N LEU D 31 10.14 23.16 -58.92
CA LEU D 31 11.31 22.88 -59.74
C LEU D 31 11.21 23.68 -61.03
N LEU D 32 12.26 24.43 -61.36
CA LEU D 32 12.24 25.32 -62.51
C LEU D 32 13.29 24.92 -63.54
N GLY D 33 13.31 25.67 -64.62
CA GLY D 33 14.15 25.38 -65.77
C GLY D 33 14.61 26.64 -66.49
N ALA D 34 15.01 26.52 -67.74
CA ALA D 34 15.62 27.62 -68.48
C ALA D 34 14.61 28.51 -69.19
N GLY D 35 13.37 28.07 -69.33
CA GLY D 35 12.38 28.87 -70.02
C GLY D 35 11.74 29.89 -69.11
N ALA D 36 11.90 29.71 -67.80
CA ALA D 36 11.39 30.68 -66.84
C ALA D 36 12.19 31.97 -66.84
N SER D 37 13.39 31.97 -67.41
CA SER D 37 14.25 33.15 -67.46
C SER D 37 14.30 33.75 -68.86
N VAL D 38 13.23 33.60 -69.63
CA VAL D 38 13.18 34.14 -70.98
C VAL D 38 12.55 35.53 -71.00
N GLY D 39 11.60 35.80 -70.09
CA GLY D 39 11.02 37.13 -69.98
C GLY D 39 11.88 38.10 -69.21
N CYS D 40 13.17 37.78 -69.08
CA CYS D 40 14.11 38.61 -68.35
C CYS D 40 15.40 38.88 -69.13
N GLY D 41 15.73 38.07 -70.13
CA GLY D 41 16.93 38.29 -70.93
C GLY D 41 17.71 37.03 -71.21
N GLY D 42 17.19 35.88 -70.78
CA GLY D 42 17.86 34.62 -70.94
C GLY D 42 17.62 34.01 -72.31
N LYS D 43 18.16 32.80 -72.48
CA LYS D 43 18.13 32.11 -73.76
C LYS D 43 18.01 30.61 -73.55
N THR D 44 17.54 29.93 -74.60
CA THR D 44 17.55 28.48 -74.68
C THR D 44 18.85 28.03 -75.35
N MET D 45 18.94 26.77 -75.73
CA MET D 45 20.12 26.21 -76.36
C MET D 45 20.05 26.24 -77.89
N LYS D 46 18.84 26.17 -78.44
CA LYS D 46 18.66 26.44 -79.86
C LYS D 46 19.27 27.79 -80.23
N ASP D 47 19.05 28.80 -79.38
CA ASP D 47 19.62 30.12 -79.62
C ASP D 47 21.12 30.17 -79.36
N VAL D 48 21.66 29.24 -78.57
CA VAL D 48 23.10 29.21 -78.33
C VAL D 48 23.83 28.57 -79.50
N TRP D 49 23.17 27.66 -80.20
CA TRP D 49 23.81 27.01 -81.35
C TRP D 49 24.00 27.99 -82.50
N LYS D 50 23.03 28.87 -82.73
CA LYS D 50 23.12 29.86 -83.80
C LYS D 50 24.33 30.77 -83.64
N SER D 51 24.62 31.18 -82.40
CA SER D 51 25.75 32.07 -82.17
C SER D 51 27.07 31.36 -82.46
N PHE D 52 27.21 30.12 -82.02
CA PHE D 52 28.39 29.37 -82.41
C PHE D 52 28.52 29.31 -83.93
N LYS D 53 27.41 28.97 -84.60
CA LYS D 53 27.42 28.87 -86.05
C LYS D 53 27.93 30.14 -86.70
N GLN D 54 27.20 31.23 -86.56
CA GLN D 54 27.60 32.49 -87.19
C GLN D 54 28.38 33.40 -86.27
N ASN D 55 29.30 32.84 -85.49
CA ASN D 55 30.47 33.58 -85.04
C ASN D 55 31.76 32.82 -85.30
N TYR D 56 31.76 31.49 -85.20
CA TYR D 56 32.93 30.66 -85.46
C TYR D 56 32.62 29.75 -86.65
N PRO D 57 32.80 30.23 -87.88
CA PRO D 57 32.44 29.43 -89.05
C PRO D 57 33.55 28.52 -89.56
N GLU D 58 34.79 28.69 -89.09
CA GLU D 58 35.86 27.81 -89.52
C GLU D 58 35.77 26.46 -88.82
N LEU D 59 35.66 26.47 -87.49
CA LEU D 59 35.67 25.23 -86.73
C LEU D 59 34.48 24.34 -87.08
N LEU D 60 33.37 24.92 -87.50
CA LEU D 60 32.23 24.12 -87.90
C LEU D 60 32.56 23.24 -89.11
N GLY D 61 33.39 23.74 -90.03
CA GLY D 61 33.81 22.91 -91.15
C GLY D 61 34.64 21.73 -90.71
N ALA D 62 35.59 21.96 -89.80
CA ALA D 62 36.38 20.86 -89.25
C ALA D 62 35.48 19.87 -88.52
N LEU D 63 34.44 20.36 -87.86
CA LEU D 63 33.54 19.46 -87.14
C LEU D 63 32.75 18.58 -88.09
N ILE D 64 32.26 19.16 -89.19
CA ILE D 64 31.38 18.41 -90.08
C ILE D 64 32.18 17.50 -90.99
N ASP D 65 33.18 18.05 -91.68
CA ASP D 65 33.90 17.30 -92.72
C ASP D 65 34.99 16.41 -92.14
N LYS D 66 35.96 17.01 -91.45
CA LYS D 66 37.18 16.28 -91.09
C LYS D 66 36.92 15.22 -90.03
N TYR D 67 36.11 15.55 -89.02
CA TYR D 67 35.92 14.66 -87.88
C TYR D 67 34.57 13.96 -87.85
N LEU D 68 33.58 14.47 -88.58
CA LEU D 68 32.28 13.82 -88.67
C LEU D 68 31.60 13.71 -87.32
N LEU D 69 31.59 14.82 -86.57
CA LEU D 69 30.88 14.87 -85.29
C LEU D 69 29.49 15.49 -85.42
N VAL D 70 29.16 16.09 -86.57
CA VAL D 70 27.88 16.76 -86.77
C VAL D 70 27.37 16.42 -88.17
N SER D 71 26.05 16.44 -88.31
CA SER D 71 25.38 16.18 -89.57
C SER D 71 24.81 17.48 -90.12
N GLN D 72 24.96 17.68 -91.43
CA GLN D 72 24.59 18.98 -92.02
C GLN D 72 23.09 19.21 -91.98
N ILE D 73 22.29 18.15 -92.07
CA ILE D 73 20.84 18.32 -91.99
C ILE D 73 20.44 18.81 -90.60
N ASP D 74 20.95 18.15 -89.57
CA ASP D 74 20.70 18.60 -88.20
C ASP D 74 21.19 20.02 -87.99
N SER D 75 22.37 20.34 -88.52
CA SER D 75 22.88 21.71 -88.42
C SER D 75 21.90 22.71 -89.03
N ASP D 76 21.57 22.51 -90.31
CA ASP D 76 20.73 23.47 -91.02
C ASP D 76 19.37 23.63 -90.35
N ASN D 77 18.76 22.54 -89.90
CA ASN D 77 17.48 22.64 -89.22
C ASN D 77 17.61 22.93 -87.74
N ASN D 78 18.84 23.13 -87.24
CA ASN D 78 19.09 23.51 -85.85
C ASN D 78 18.41 22.55 -84.88
N LEU D 79 18.87 21.29 -84.95
CA LEU D 79 18.41 20.23 -84.07
C LEU D 79 19.53 19.69 -83.18
N VAL D 80 20.73 20.26 -83.24
CA VAL D 80 21.88 19.67 -82.56
C VAL D 80 21.72 19.77 -81.05
N ASN D 81 22.21 18.76 -80.35
CA ASN D 81 22.35 18.78 -78.90
C ASN D 81 23.80 19.10 -78.55
N VAL D 82 23.99 19.90 -77.51
CA VAL D 82 25.29 20.48 -77.20
C VAL D 82 26.02 19.67 -76.12
N GLU D 83 25.27 19.12 -75.17
CA GLU D 83 25.86 18.34 -74.09
C GLU D 83 26.65 17.15 -74.64
N LEU D 84 26.03 16.42 -75.57
CA LEU D 84 26.68 15.23 -76.13
C LEU D 84 27.90 15.63 -76.97
N LEU D 85 27.80 16.76 -77.69
CA LEU D 85 28.94 17.26 -78.44
C LEU D 85 30.11 17.59 -77.52
N ILE D 86 29.82 18.22 -76.38
CA ILE D 86 30.86 18.54 -75.42
C ILE D 86 31.53 17.27 -74.92
N ASP D 87 30.71 16.27 -74.56
CA ASP D 87 31.26 15.00 -74.11
C ASP D 87 32.16 14.34 -75.15
N GLU D 88 31.72 14.36 -76.41
CA GLU D 88 32.49 13.73 -77.47
C GLU D 88 33.82 14.44 -77.69
N ALA D 89 33.81 15.78 -77.65
CA ALA D 89 35.05 16.52 -77.77
C ALA D 89 35.99 16.23 -76.61
N THR D 90 35.44 16.12 -75.40
CA THR D 90 36.26 15.79 -74.24
C THR D 90 36.88 14.41 -74.36
N LYS D 91 36.22 13.48 -75.04
CA LYS D 91 36.76 12.15 -75.26
C LYS D 91 37.88 12.16 -76.30
N PHE D 92 37.65 12.86 -77.41
CA PHE D 92 38.68 12.98 -78.44
C PHE D 92 39.95 13.62 -77.88
N LEU D 93 39.78 14.65 -77.05
CA LEU D 93 40.94 15.33 -76.47
C LEU D 93 41.79 14.35 -75.65
N SER D 94 41.15 13.56 -74.80
CA SER D 94 41.90 12.64 -73.95
C SER D 94 42.62 11.59 -74.77
N VAL D 95 41.97 11.07 -75.82
CA VAL D 95 42.66 10.11 -76.67
C VAL D 95 43.90 10.72 -77.30
N ALA D 96 43.76 11.92 -77.88
CA ALA D 96 44.90 12.56 -78.52
C ALA D 96 46.02 12.84 -77.52
N LYS D 97 45.65 13.27 -76.32
CA LYS D 97 46.65 13.52 -75.29
C LYS D 97 47.39 12.23 -74.95
N THR D 98 46.66 11.18 -74.61
CA THR D 98 47.31 9.93 -74.21
C THR D 98 48.27 9.45 -75.28
N ARG D 99 47.97 9.66 -76.56
CA ARG D 99 48.88 9.19 -77.62
C ARG D 99 49.78 10.29 -78.17
N ARG D 100 49.82 11.47 -77.54
CA ARG D 100 50.83 12.49 -77.80
C ARG D 100 50.81 12.92 -79.27
N CYS D 101 49.69 13.51 -79.66
CA CYS D 101 49.56 14.19 -80.94
C CYS D 101 49.18 15.64 -80.67
N GLU D 102 50.09 16.56 -80.98
CA GLU D 102 49.93 17.96 -80.59
C GLU D 102 49.21 18.80 -81.64
N ASP D 103 48.68 18.19 -82.69
CA ASP D 103 47.92 18.94 -83.69
C ASP D 103 46.44 18.96 -83.35
N GLU D 104 45.86 17.81 -83.00
CA GLU D 104 44.45 17.75 -82.66
C GLU D 104 44.17 18.35 -81.30
N GLU D 105 45.18 18.39 -80.41
CA GLU D 105 44.94 18.83 -79.05
C GLU D 105 44.52 20.29 -78.99
N GLU D 106 45.25 21.16 -79.70
CA GLU D 106 44.92 22.58 -79.70
C GLU D 106 43.59 22.82 -80.42
N GLU D 107 43.34 22.09 -81.50
CA GLU D 107 42.11 22.26 -82.26
C GLU D 107 40.90 21.83 -81.45
N PHE D 108 41.06 20.87 -80.54
CA PHE D 108 39.96 20.47 -79.67
C PHE D 108 39.87 21.29 -78.40
N ARG D 109 40.96 21.97 -78.01
CA ARG D 109 40.86 22.91 -76.91
C ARG D 109 40.14 24.19 -77.31
N LYS D 110 40.38 24.67 -78.53
CA LYS D 110 39.73 25.88 -78.99
C LYS D 110 38.22 25.71 -79.08
N ILE D 111 37.78 24.55 -79.59
CA ILE D 111 36.34 24.29 -79.71
C ILE D 111 35.69 24.32 -78.33
N LEU D 112 36.31 23.67 -77.35
CA LEU D 112 35.73 23.62 -76.02
C LEU D 112 35.74 25.00 -75.35
N SER D 113 36.82 25.77 -75.54
CA SER D 113 36.88 27.09 -74.94
C SER D 113 35.93 28.07 -75.60
N SER D 114 35.52 27.81 -76.85
CA SER D 114 34.52 28.63 -77.49
C SER D 114 33.10 28.19 -77.16
N LEU D 115 32.91 26.91 -76.84
CA LEU D 115 31.59 26.44 -76.41
C LEU D 115 31.30 26.82 -74.97
N TYR D 116 32.33 26.91 -74.12
CA TYR D 116 32.14 27.30 -72.73
C TYR D 116 31.92 28.79 -72.55
N LYS D 117 31.77 29.56 -73.63
CA LYS D 117 31.66 31.01 -73.55
C LYS D 117 30.30 31.53 -73.99
N GLU D 118 29.68 30.90 -74.99
CA GLU D 118 28.32 31.26 -75.37
C GLU D 118 27.30 30.78 -74.34
N VAL D 119 27.69 29.82 -73.49
CA VAL D 119 26.84 29.44 -72.36
C VAL D 119 26.99 30.40 -71.20
N THR D 120 28.11 31.11 -71.11
CA THR D 120 28.34 32.09 -70.06
C THR D 120 27.76 33.45 -70.41
N LYS D 121 27.88 33.87 -71.67
CA LYS D 121 27.29 35.13 -72.11
C LYS D 121 25.77 35.11 -72.07
N ALA D 122 25.14 33.95 -71.92
CA ALA D 122 23.69 33.81 -71.96
C ALA D 122 23.10 33.58 -70.58
N ALA D 123 23.79 34.01 -69.53
CA ALA D 123 23.28 33.87 -68.17
C ALA D 123 23.49 35.11 -67.33
N LEU D 124 23.95 36.21 -67.92
CA LEU D 124 24.10 37.46 -67.18
C LEU D 124 22.79 38.22 -67.09
N LEU D 125 21.95 38.12 -68.12
CA LEU D 125 20.58 38.65 -68.12
C LEU D 125 20.53 40.17 -68.22
N THR D 126 21.67 40.85 -68.10
CA THR D 126 21.68 42.31 -68.16
C THR D 126 22.85 42.91 -68.90
N GLY D 127 23.80 42.10 -69.37
CA GLY D 127 24.94 42.63 -70.10
C GLY D 127 26.02 43.20 -69.22
N GLU D 128 26.19 44.52 -69.25
CA GLU D 128 27.25 45.20 -68.52
C GLU D 128 26.82 45.70 -67.15
N GLN D 129 25.53 45.69 -66.84
CA GLN D 129 25.05 46.04 -65.52
C GLN D 129 25.11 44.88 -64.55
N PHE D 130 25.61 43.73 -65.00
CA PHE D 130 25.75 42.57 -64.13
C PHE D 130 26.58 42.90 -62.90
N ARG D 131 27.48 43.89 -63.02
CA ARG D 131 28.35 44.30 -61.94
C ARG D 131 27.83 45.50 -61.17
N GLU D 132 26.52 45.72 -61.14
CA GLU D 132 25.93 46.86 -60.44
C GLU D 132 24.95 46.37 -59.38
N LYS D 133 24.35 47.32 -58.69
CA LYS D 133 23.54 47.07 -57.50
C LYS D 133 22.07 47.35 -57.77
N ASN D 134 21.21 46.60 -57.08
CA ASN D 134 19.77 46.80 -57.12
C ASN D 134 19.22 46.56 -58.54
N GLN D 135 19.48 45.36 -59.04
CA GLN D 135 18.97 44.93 -60.33
C GLN D 135 17.66 44.20 -60.23
N GLY D 136 17.13 44.01 -59.03
CA GLY D 136 15.82 43.43 -58.80
C GLY D 136 14.72 44.44 -58.62
N LYS D 137 15.05 45.74 -58.67
CA LYS D 137 14.05 46.79 -58.59
C LYS D 137 13.34 47.02 -59.91
N LYS D 138 13.88 46.47 -61.00
CA LYS D 138 13.32 46.67 -62.32
C LYS D 138 12.02 45.89 -62.48
N ASP D 139 11.42 45.98 -63.67
CA ASP D 139 10.10 45.45 -63.93
C ASP D 139 10.11 44.08 -64.59
N ALA D 140 11.29 43.58 -64.96
CA ALA D 140 11.38 42.21 -65.48
C ALA D 140 11.33 41.17 -64.39
N PHE D 141 11.49 41.57 -63.13
CA PHE D 141 11.58 40.64 -62.00
C PHE D 141 10.37 40.75 -61.08
N LYS D 142 9.18 40.87 -61.66
CA LYS D 142 7.95 41.07 -60.89
C LYS D 142 7.25 39.76 -60.54
N TYR D 143 7.19 38.83 -61.49
CA TYR D 143 6.47 37.59 -61.25
C TYR D 143 7.26 36.63 -60.36
N HIS D 144 8.59 36.74 -60.35
CA HIS D 144 9.40 36.03 -59.36
C HIS D 144 9.02 36.45 -57.94
N LYS D 145 8.98 37.76 -57.71
CA LYS D 145 8.54 38.28 -56.42
C LYS D 145 7.14 37.79 -56.07
N GLU D 146 6.23 37.84 -57.03
CA GLU D 146 4.86 37.36 -56.80
C GLU D 146 4.86 35.89 -56.37
N LEU D 147 5.61 35.06 -57.09
CA LEU D 147 5.74 33.64 -56.75
C LEU D 147 6.20 33.46 -55.31
N ILE D 148 7.31 34.10 -54.95
CA ILE D 148 7.85 33.95 -53.61
C ILE D 148 6.84 34.39 -52.56
N SER D 149 6.24 35.56 -52.76
CA SER D 149 5.28 36.09 -51.81
C SER D 149 4.12 35.12 -51.60
N LYS D 150 3.53 34.62 -52.69
CA LYS D 150 2.41 33.70 -52.58
C LYS D 150 2.82 32.41 -51.86
N LEU D 151 3.94 31.82 -52.27
CA LEU D 151 4.38 30.58 -51.66
C LEU D 151 4.58 30.73 -50.17
N ILE D 152 5.15 31.85 -49.73
CA ILE D 152 5.34 32.06 -48.30
C ILE D 152 4.00 32.29 -47.61
N SER D 153 3.18 33.21 -48.14
CA SER D 153 1.92 33.53 -47.51
C SER D 153 1.06 32.29 -47.28
N ASN D 154 1.11 31.34 -48.21
CA ASN D 154 0.29 30.14 -48.10
C ASN D 154 0.92 29.11 -47.15
N ARG D 155 1.04 29.52 -45.89
CA ARG D 155 1.58 28.66 -44.84
C ARG D 155 0.90 28.96 -43.52
N GLN D 156 0.73 27.93 -42.70
CA GLN D 156 0.21 28.04 -41.34
C GLN D 156 1.31 27.75 -40.34
N PRO D 157 1.17 28.21 -39.09
CA PRO D 157 2.15 27.85 -38.06
C PRO D 157 2.18 26.36 -37.83
N GLY D 158 3.36 25.86 -37.48
CA GLY D 158 3.58 24.45 -37.31
C GLY D 158 4.03 23.71 -38.56
N GLN D 159 4.06 24.39 -39.70
CA GLN D 159 4.46 23.78 -40.96
C GLN D 159 5.89 24.16 -41.28
N SER D 160 6.37 23.71 -42.44
CA SER D 160 7.75 23.94 -42.87
C SER D 160 7.77 24.92 -44.04
N ALA D 161 8.96 25.42 -44.32
CA ALA D 161 9.16 26.49 -45.29
C ALA D 161 9.33 25.92 -46.70
N PRO D 162 9.18 26.75 -47.72
CA PRO D 162 9.22 26.27 -49.10
C PRO D 162 10.62 26.03 -49.63
N ALA D 163 10.66 25.21 -50.69
CA ALA D 163 11.87 24.73 -51.33
C ALA D 163 11.81 24.95 -52.83
N ILE D 164 12.89 25.51 -53.37
CA ILE D 164 12.97 25.88 -54.78
C ILE D 164 14.22 25.22 -55.37
N PHE D 165 14.01 24.29 -56.30
CA PHE D 165 15.09 23.64 -57.02
C PHE D 165 15.19 24.23 -58.43
N THR D 166 16.42 24.44 -58.88
CA THR D 166 16.64 24.96 -60.22
C THR D 166 17.91 24.37 -60.82
N THR D 167 18.01 24.48 -62.13
CA THR D 167 19.18 24.08 -62.91
C THR D 167 19.99 25.25 -63.44
N ASN D 168 19.36 26.40 -63.65
CA ASN D 168 20.00 27.56 -64.24
C ASN D 168 21.23 28.00 -63.43
N TYR D 169 22.03 28.85 -64.07
CA TYR D 169 23.23 29.42 -63.46
C TYR D 169 23.06 30.86 -63.01
N ASP D 170 21.88 31.45 -63.21
CA ASP D 170 21.69 32.89 -63.06
C ASP D 170 21.20 33.25 -61.65
N LEU D 171 21.08 34.55 -61.40
CA LEU D 171 20.86 35.08 -60.06
C LEU D 171 19.51 35.80 -59.92
N ALA D 172 18.56 35.50 -60.79
CA ALA D 172 17.24 36.13 -60.75
C ALA D 172 16.60 36.03 -59.36
N LEU D 173 16.53 34.81 -58.83
CA LEU D 173 15.81 34.57 -57.58
C LEU D 173 16.49 35.20 -56.38
N GLU D 174 17.80 35.46 -56.45
CA GLU D 174 18.49 36.16 -55.39
C GLU D 174 18.27 37.67 -55.49
N TRP D 175 18.42 38.21 -56.71
CA TRP D 175 18.11 39.60 -56.95
C TRP D 175 16.70 39.96 -56.51
N ALA D 176 15.74 39.06 -56.75
CA ALA D 176 14.34 39.35 -56.48
C ALA D 176 13.96 39.22 -55.01
N ALA D 177 14.78 38.57 -54.20
CA ALA D 177 14.54 38.47 -52.76
C ALA D 177 15.32 39.50 -51.97
N GLU D 178 16.46 39.95 -52.50
CA GLU D 178 17.18 41.05 -51.89
C GLU D 178 16.44 42.38 -52.01
N ASP D 179 15.34 42.42 -52.77
CA ASP D 179 14.48 43.59 -52.85
C ASP D 179 13.27 43.49 -51.96
N LEU D 180 13.00 42.33 -51.38
CA LEU D 180 11.95 42.14 -50.40
C LEU D 180 12.48 42.05 -48.98
N GLY D 181 13.73 41.66 -48.80
CA GLY D 181 14.27 41.46 -47.49
C GLY D 181 14.10 40.06 -46.96
N ILE D 182 13.91 39.09 -47.85
CA ILE D 182 13.71 37.70 -47.46
C ILE D 182 15.08 37.02 -47.44
N GLN D 183 15.14 35.89 -46.74
CA GLN D 183 16.40 35.17 -46.54
C GLN D 183 16.28 33.78 -47.15
N LEU D 184 17.20 33.48 -48.06
CA LEU D 184 17.29 32.18 -48.70
C LEU D 184 18.48 31.43 -48.12
N PHE D 185 18.24 30.20 -47.67
CA PHE D 185 19.32 29.34 -47.22
C PHE D 185 19.85 28.54 -48.39
N ASN D 186 21.18 28.57 -48.56
CA ASN D 186 21.83 28.02 -49.73
C ASN D 186 23.11 27.25 -49.45
N GLY D 187 23.52 27.09 -48.19
CA GLY D 187 24.63 26.22 -47.84
C GLY D 187 25.91 26.91 -47.43
N PHE D 188 26.04 28.22 -47.67
CA PHE D 188 27.29 28.93 -47.44
C PHE D 188 27.18 29.82 -46.20
N SER D 189 28.35 30.23 -45.70
CA SER D 189 28.43 31.04 -44.48
C SER D 189 29.70 31.88 -44.49
N GLY D 190 29.57 33.15 -44.15
CA GLY D 190 30.68 34.08 -44.06
C GLY D 190 30.56 35.22 -45.06
N LEU D 191 31.47 36.18 -44.92
CA LEU D 191 31.55 37.27 -45.89
C LEU D 191 32.96 37.50 -46.44
N HIS D 192 33.99 37.41 -45.60
CA HIS D 192 35.36 37.55 -46.07
C HIS D 192 35.98 36.22 -46.43
N THR D 193 35.39 35.11 -45.99
CA THR D 193 35.80 33.78 -46.43
C THR D 193 34.56 32.92 -46.32
N ARG D 194 33.88 32.73 -47.45
CA ARG D 194 32.58 32.09 -47.52
C ARG D 194 32.72 30.74 -48.21
N GLN D 195 32.20 29.69 -47.58
CA GLN D 195 32.40 28.35 -48.12
C GLN D 195 31.34 27.39 -47.60
N PHE D 196 31.34 26.19 -48.19
CA PHE D 196 30.21 25.26 -48.13
C PHE D 196 30.30 24.32 -46.95
N TYR D 197 29.21 24.21 -46.21
CA TYR D 197 29.01 23.17 -45.20
C TYR D 197 27.63 22.54 -45.40
N PRO D 198 27.52 21.21 -45.33
CA PRO D 198 26.20 20.58 -45.47
C PRO D 198 25.29 20.73 -44.27
N GLN D 199 25.81 21.04 -43.10
CA GLN D 199 24.97 21.16 -41.90
C GLN D 199 24.21 22.48 -41.86
N ASN D 200 24.34 23.31 -42.89
CA ASN D 200 23.68 24.61 -42.93
C ASN D 200 22.35 24.56 -43.69
N PHE D 201 21.85 23.36 -43.97
CA PHE D 201 20.51 23.17 -44.50
C PHE D 201 19.54 22.72 -43.42
N ASP D 202 20.03 22.47 -42.21
CA ASP D 202 19.22 22.02 -41.09
C ASP D 202 18.92 23.15 -40.11
N LEU D 203 19.02 24.39 -40.55
CA LEU D 203 18.89 25.56 -39.68
C LEU D 203 17.58 26.29 -39.95
N ALA D 204 17.15 27.05 -38.96
CA ALA D 204 15.94 27.85 -39.05
C ALA D 204 16.13 29.11 -38.20
N PHE D 205 15.07 29.88 -38.06
CA PHE D 205 15.05 31.09 -37.26
C PHE D 205 14.25 30.88 -35.98
N ARG D 206 14.21 31.93 -35.17
CA ARG D 206 13.51 31.94 -33.91
C ARG D 206 13.56 33.38 -33.39
N ASN D 207 12.57 33.73 -32.58
CA ASN D 207 12.51 35.05 -31.98
C ASN D 207 12.76 34.94 -30.48
N VAL D 208 13.29 36.02 -29.92
CA VAL D 208 13.75 36.01 -28.54
C VAL D 208 13.36 37.30 -27.84
N HIS D 218 8.14 33.87 -39.06
CA HIS D 218 9.07 34.72 -39.76
C HIS D 218 9.39 34.12 -41.13
N TYR D 219 9.78 34.97 -42.08
CA TYR D 219 9.86 34.59 -43.48
C TYR D 219 11.27 34.16 -43.86
N HIS D 220 11.37 33.01 -44.54
CA HIS D 220 12.63 32.48 -45.06
C HIS D 220 12.32 31.26 -45.90
N ALA D 221 13.25 30.91 -46.80
CA ALA D 221 13.03 29.81 -47.73
C ALA D 221 14.35 29.09 -48.02
N TYR D 222 14.27 27.98 -48.77
CA TYR D 222 15.43 27.17 -49.09
C TYR D 222 15.61 27.09 -50.61
N LEU D 223 16.86 27.26 -51.07
CA LEU D 223 17.17 27.27 -52.49
C LEU D 223 18.22 26.21 -52.79
N TYR D 224 17.97 25.41 -53.83
CA TYR D 224 18.89 24.38 -54.28
C TYR D 224 19.19 24.59 -55.76
N LYS D 225 20.48 24.67 -56.09
CA LYS D 225 20.96 24.76 -57.47
C LYS D 225 21.67 23.47 -57.80
N LEU D 226 21.15 22.74 -58.79
CA LEU D 226 21.62 21.39 -59.03
C LEU D 226 22.82 21.33 -59.97
N HIS D 227 23.10 22.40 -60.72
CA HIS D 227 24.19 22.41 -61.68
C HIS D 227 25.20 23.53 -61.44
N GLY D 228 25.16 24.18 -60.29
CA GLY D 228 26.15 25.19 -59.93
C GLY D 228 25.70 26.60 -60.24
N SER D 229 26.68 27.50 -60.25
CA SER D 229 26.44 28.92 -60.45
C SER D 229 27.70 29.56 -60.99
N LEU D 230 27.59 30.86 -61.30
CA LEU D 230 28.71 31.64 -61.82
C LEU D 230 29.58 32.22 -60.74
N THR D 231 29.09 32.28 -59.50
CA THR D 231 29.78 32.91 -58.39
C THR D 231 30.50 31.92 -57.49
N TRP D 232 30.68 30.68 -57.96
CA TRP D 232 31.29 29.61 -57.18
C TRP D 232 32.61 29.22 -57.82
N TYR D 233 33.61 28.90 -56.99
CA TYR D 233 34.88 28.47 -57.55
C TYR D 233 35.62 27.58 -56.55
N GLN D 234 36.41 26.67 -57.09
CA GLN D 234 37.13 25.66 -56.32
C GLN D 234 38.62 25.92 -56.43
N ASN D 235 39.25 26.24 -55.29
CA ASN D 235 40.66 26.65 -55.27
C ASN D 235 41.57 25.46 -54.94
N ASP D 236 41.47 24.42 -55.77
CA ASP D 236 42.45 23.33 -55.80
C ASP D 236 42.76 22.78 -54.41
N SER D 237 41.79 22.82 -53.50
CA SER D 237 41.98 22.23 -52.19
C SER D 237 40.72 21.51 -51.69
N LEU D 238 39.80 21.17 -52.60
CA LEU D 238 38.51 20.59 -52.22
C LEU D 238 37.79 21.51 -51.24
N THR D 239 37.77 22.80 -51.57
CA THR D 239 37.00 23.80 -50.85
C THR D 239 36.34 24.71 -51.87
N VAL D 240 35.06 24.97 -51.68
CA VAL D 240 34.25 25.71 -52.63
C VAL D 240 33.94 27.07 -52.02
N ASN D 241 34.27 28.14 -52.74
CA ASN D 241 34.12 29.49 -52.26
C ASN D 241 33.10 30.24 -53.11
N GLU D 242 32.27 31.03 -52.43
CA GLU D 242 31.27 31.87 -53.07
C GLU D 242 31.71 33.33 -53.02
N VAL D 243 31.32 34.08 -54.05
CA VAL D 243 31.74 35.46 -54.23
C VAL D 243 30.58 36.23 -54.85
N SER D 244 30.68 37.55 -54.86
CA SER D 244 29.66 38.42 -55.42
C SER D 244 29.97 38.73 -56.88
N ALA D 245 29.02 39.41 -57.53
CA ALA D 245 29.09 39.63 -58.97
C ALA D 245 30.10 40.71 -59.33
N SER D 246 30.09 41.82 -58.61
CA SER D 246 31.06 42.89 -58.87
C SER D 246 32.49 42.41 -58.70
N GLN D 247 32.70 41.36 -57.91
CA GLN D 247 34.02 40.80 -57.67
C GLN D 247 34.37 39.72 -58.69
N ALA D 248 33.39 38.89 -59.07
CA ALA D 248 33.60 37.88 -60.10
C ALA D 248 33.92 38.53 -61.45
N TYR D 249 33.09 39.50 -61.86
CA TYR D 249 33.33 40.20 -63.12
C TYR D 249 34.75 40.74 -63.20
N ASP D 250 35.28 41.21 -62.07
CA ASP D 250 36.64 41.72 -62.07
C ASP D 250 37.66 40.59 -62.13
N GLU D 251 37.50 39.59 -61.26
CA GLU D 251 38.45 38.48 -61.18
C GLU D 251 38.56 37.71 -62.48
N TYR D 252 37.49 37.04 -62.92
CA TYR D 252 37.67 36.09 -64.02
C TYR D 252 36.68 36.21 -65.16
N ILE D 253 35.42 36.57 -64.90
CA ILE D 253 34.41 36.49 -65.95
C ILE D 253 34.76 37.36 -67.14
N ASN D 254 35.50 38.46 -66.94
CA ASN D 254 35.75 39.38 -68.05
C ASN D 254 36.71 38.76 -69.07
N ASP D 255 37.69 38.01 -68.61
CA ASP D 255 38.65 37.38 -69.53
C ASP D 255 37.95 36.37 -70.43
N ILE D 256 37.18 35.47 -69.83
CA ILE D 256 36.46 34.42 -70.56
C ILE D 256 35.72 35.02 -71.75
N ILE D 257 35.22 36.25 -71.59
CA ILE D 257 34.34 36.84 -72.58
C ILE D 257 35.09 37.70 -73.58
N ASN D 258 36.07 38.49 -73.13
CA ASN D 258 36.73 39.45 -73.99
C ASN D 258 38.21 39.17 -74.23
N LYS D 259 38.78 38.13 -73.62
CA LYS D 259 40.20 37.83 -73.78
C LYS D 259 40.48 36.68 -74.73
N ASP D 260 39.48 35.83 -75.01
CA ASP D 260 39.60 34.74 -75.96
C ASP D 260 40.81 33.85 -75.67
N ASP D 261 40.96 33.48 -74.41
CA ASP D 261 42.02 32.58 -73.97
C ASP D 261 41.40 31.31 -73.39
N PHE D 262 42.20 30.24 -73.40
CA PHE D 262 41.70 28.92 -73.05
C PHE D 262 41.09 28.92 -71.65
N TYR D 263 40.33 27.86 -71.38
CA TYR D 263 39.50 27.75 -70.18
C TYR D 263 40.11 26.73 -69.22
N ARG D 264 40.67 27.22 -68.12
CA ARG D 264 40.88 26.37 -66.96
C ARG D 264 39.59 26.28 -66.15
N GLY D 265 39.63 25.49 -65.08
CA GLY D 265 38.44 25.30 -64.28
C GLY D 265 38.14 26.55 -63.47
N GLN D 266 37.74 27.61 -64.18
CA GLN D 266 37.59 28.92 -63.55
C GLN D 266 36.35 28.98 -62.68
N HIS D 267 35.23 28.45 -63.16
CA HIS D 267 34.01 28.40 -62.37
C HIS D 267 33.32 27.05 -62.49
N LEU D 268 32.50 26.76 -61.47
CA LEU D 268 31.91 25.44 -61.22
C LEU D 268 30.52 25.20 -61.82
N ILE D 269 30.52 24.84 -63.11
CA ILE D 269 29.29 24.53 -63.83
C ILE D 269 29.39 23.14 -64.44
N TYR D 270 28.26 22.42 -64.47
CA TYR D 270 28.16 21.09 -65.06
C TYR D 270 27.26 21.10 -66.28
N PRO D 271 27.76 21.43 -67.48
CA PRO D 271 26.89 21.46 -68.65
C PRO D 271 26.70 20.11 -69.32
N GLY D 272 27.67 19.20 -69.17
CA GLY D 272 27.67 17.97 -69.92
C GLY D 272 26.49 17.05 -69.65
N ALA D 273 26.46 15.91 -70.33
CA ALA D 273 25.37 14.96 -70.21
C ALA D 273 25.60 13.94 -69.11
N ASN D 274 26.85 13.50 -68.93
CA ASN D 274 27.22 12.56 -67.87
C ASN D 274 27.96 13.35 -66.81
N LYS D 275 27.29 13.58 -65.68
CA LYS D 275 27.81 14.46 -64.64
C LYS D 275 28.46 13.71 -63.49
N TYR D 276 28.76 12.43 -63.68
CA TYR D 276 29.58 11.66 -62.75
C TYR D 276 31.02 11.56 -63.23
N SER D 277 31.44 12.48 -64.10
CA SER D 277 32.81 12.51 -64.60
C SER D 277 33.72 13.37 -63.72
N HIS D 278 33.15 14.38 -63.06
CA HIS D 278 33.91 15.14 -62.07
C HIS D 278 34.34 14.21 -60.94
N THR D 279 35.65 14.10 -60.74
CA THR D 279 36.20 13.13 -59.80
C THR D 279 36.26 13.65 -58.36
N ILE D 280 36.06 14.95 -58.15
CA ILE D 280 36.17 15.53 -56.81
C ILE D 280 34.95 16.38 -56.49
N GLY D 281 33.83 16.10 -57.16
CA GLY D 281 32.60 16.84 -56.94
C GLY D 281 31.73 16.27 -55.83
N PHE D 282 31.50 17.04 -54.77
CA PHE D 282 30.75 16.58 -53.61
C PHE D 282 29.58 17.50 -53.24
N VAL D 283 29.22 18.46 -54.08
CA VAL D 283 28.01 19.25 -53.88
C VAL D 283 26.84 18.68 -54.67
N TYR D 284 27.13 18.14 -55.86
CA TYR D 284 26.12 17.52 -56.69
C TYR D 284 25.42 16.38 -55.95
N GLY D 285 26.19 15.54 -55.28
CA GLY D 285 25.60 14.46 -54.51
C GLY D 285 24.76 14.95 -53.35
N GLU D 286 25.22 16.00 -52.67
CA GLU D 286 24.47 16.54 -51.54
C GLU D 286 23.20 17.24 -51.97
N MET D 287 23.15 17.73 -53.21
CA MET D 287 21.91 18.31 -53.72
C MET D 287 20.92 17.24 -54.13
N PHE D 288 21.40 16.17 -54.76
CA PHE D 288 20.46 15.14 -55.20
C PHE D 288 20.00 14.25 -54.04
N ARG D 289 20.84 14.04 -53.04
CA ARG D 289 20.43 13.35 -51.82
C ARG D 289 19.31 14.10 -51.09
N ARG D 290 19.17 15.39 -51.33
CA ARG D 290 18.11 16.19 -50.75
C ARG D 290 16.88 16.25 -51.63
N PHE D 291 17.06 16.31 -52.95
CA PHE D 291 15.92 16.18 -53.86
C PHE D 291 15.17 14.87 -53.64
N GLY D 292 15.92 13.76 -53.67
CA GLY D 292 15.32 12.44 -53.46
C GLY D 292 14.79 12.20 -52.07
N GLU D 293 15.22 12.99 -51.10
CA GLU D 293 14.71 12.91 -49.74
C GLU D 293 13.52 13.83 -49.51
N PHE D 294 13.38 14.86 -50.33
CA PHE D 294 12.17 15.69 -50.29
C PHE D 294 11.00 14.97 -50.93
N ILE D 295 11.20 14.38 -52.12
CA ILE D 295 10.08 13.76 -52.80
C ILE D 295 9.61 12.48 -52.13
N SER D 296 10.38 11.92 -51.21
CA SER D 296 10.01 10.69 -50.50
C SER D 296 9.43 11.02 -49.14
N LYS D 297 8.23 11.61 -49.16
CA LYS D 297 7.58 12.07 -47.95
C LYS D 297 6.07 11.98 -48.13
N PRO D 298 5.32 11.88 -47.04
CA PRO D 298 3.87 11.99 -47.14
C PRO D 298 3.41 13.43 -47.29
N GLN D 299 2.28 13.59 -47.98
CA GLN D 299 1.65 14.88 -48.19
C GLN D 299 2.62 15.84 -48.90
N THR D 300 2.96 15.47 -50.13
CA THR D 300 3.96 16.18 -50.90
C THR D 300 3.35 16.65 -52.22
N ALA D 301 3.68 17.88 -52.61
CA ALA D 301 3.24 18.44 -53.87
C ALA D 301 4.40 19.13 -54.56
N LEU D 302 4.50 18.94 -55.88
CA LEU D 302 5.58 19.50 -56.68
C LEU D 302 5.00 20.13 -57.94
N PHE D 303 5.45 21.35 -58.25
CA PHE D 303 5.12 22.02 -59.51
C PHE D 303 6.37 22.14 -60.37
N ILE D 304 6.25 21.77 -61.65
CA ILE D 304 7.36 21.76 -62.60
C ILE D 304 7.05 22.76 -63.71
N ASN D 305 8.08 23.46 -64.16
CA ASN D 305 7.93 24.44 -65.23
C ASN D 305 9.28 24.74 -65.85
N GLY D 306 9.27 25.05 -67.15
CA GLY D 306 10.47 25.34 -67.89
C GLY D 306 11.29 24.14 -68.30
N PHE D 307 11.08 22.99 -67.69
CA PHE D 307 11.90 21.82 -67.92
C PHE D 307 11.45 21.10 -69.18
N GLY D 308 12.42 20.68 -70.00
CA GLY D 308 12.16 20.04 -71.27
C GLY D 308 12.31 18.53 -71.28
N PHE D 309 12.60 17.91 -70.15
CA PHE D 309 12.61 16.45 -70.02
C PHE D 309 13.71 15.82 -70.87
N GLY D 310 14.89 16.42 -70.84
CA GLY D 310 16.05 15.86 -71.51
C GLY D 310 17.16 15.38 -70.58
N ASP D 311 16.83 15.11 -69.33
CA ASP D 311 17.81 14.67 -68.33
C ASP D 311 17.41 13.30 -67.81
N TYR D 312 18.29 12.32 -68.02
CA TYR D 312 18.03 10.94 -67.59
C TYR D 312 17.94 10.84 -66.08
N HIS D 313 18.86 11.51 -65.38
CA HIS D 313 18.93 11.40 -63.93
C HIS D 313 17.68 11.98 -63.27
N ILE D 314 17.17 13.09 -63.82
CA ILE D 314 15.97 13.69 -63.25
C ILE D 314 14.71 12.96 -63.73
N ASN D 315 14.76 12.35 -64.91
CA ASN D 315 13.61 11.59 -65.38
C ASN D 315 13.39 10.34 -64.55
N ARG D 316 14.47 9.73 -64.06
CA ARG D 316 14.31 8.49 -63.29
C ARG D 316 13.85 8.75 -61.86
N ILE D 317 14.25 9.87 -61.25
CA ILE D 317 13.86 10.14 -59.88
C ILE D 317 12.35 10.39 -59.80
N ILE D 318 11.78 11.03 -60.82
CA ILE D 318 10.36 11.37 -60.79
C ILE D 318 9.50 10.12 -60.96
N LEU D 319 9.94 9.17 -61.78
CA LEU D 319 9.12 8.01 -62.09
C LEU D 319 8.97 7.08 -60.87
N GLY D 320 10.04 6.89 -60.10
CA GLY D 320 9.99 6.00 -58.96
C GLY D 320 9.24 6.55 -57.77
N ALA D 321 8.97 7.86 -57.75
CA ALA D 321 8.22 8.47 -56.66
C ALA D 321 6.73 8.34 -56.82
N LEU D 322 6.24 7.95 -57.99
CA LEU D 322 4.82 7.78 -58.24
C LEU D 322 4.30 6.42 -57.77
N LEU D 323 5.09 5.69 -57.00
CA LEU D 323 4.65 4.47 -56.32
C LEU D 323 4.33 4.73 -54.86
N ASN D 324 3.99 5.97 -54.52
CA ASN D 324 3.63 6.40 -53.19
C ASN D 324 2.29 7.13 -53.26
N PRO D 325 1.33 6.80 -52.39
CA PRO D 325 -0.02 7.34 -52.56
C PRO D 325 -0.24 8.78 -52.11
N SER D 326 0.78 9.49 -51.64
CA SER D 326 0.58 10.84 -51.11
C SER D 326 1.60 11.81 -51.70
N PHE D 327 1.90 11.65 -52.98
CA PHE D 327 2.78 12.53 -53.73
C PHE D 327 2.03 12.98 -54.99
N HIS D 328 1.92 14.29 -55.18
CA HIS D 328 1.25 14.87 -56.33
C HIS D 328 2.19 15.76 -57.12
N VAL D 329 2.06 15.73 -58.44
CA VAL D 329 2.92 16.46 -59.35
C VAL D 329 2.07 17.17 -60.39
N VAL D 330 2.46 18.40 -60.73
CA VAL D 330 1.80 19.16 -61.80
C VAL D 330 2.88 19.61 -62.78
N ILE D 331 2.58 19.47 -64.07
CA ILE D 331 3.54 19.66 -65.14
C ILE D 331 2.97 20.62 -66.18
N TYR D 332 3.82 21.49 -66.71
CA TYR D 332 3.46 22.43 -67.75
C TYR D 332 4.32 22.14 -68.98
N TYR D 333 3.67 21.86 -70.12
CA TYR D 333 4.36 21.52 -71.35
C TYR D 333 3.60 22.07 -72.55
N PRO D 334 4.11 23.08 -73.25
CA PRO D 334 3.34 23.69 -74.34
C PRO D 334 3.11 22.79 -75.55
N GLU D 335 4.17 22.22 -76.11
CA GLU D 335 4.08 21.49 -77.38
C GLU D 335 3.78 20.01 -77.15
N LEU D 336 2.55 19.76 -76.71
CA LEU D 336 2.09 18.41 -76.38
C LEU D 336 1.44 17.72 -77.57
N LYS D 337 0.69 18.47 -78.38
CA LYS D 337 -0.01 17.89 -79.53
C LYS D 337 0.97 17.44 -80.61
N GLU D 338 1.94 18.28 -80.94
CA GLU D 338 2.95 17.92 -81.93
C GLU D 338 3.74 16.68 -81.52
N ALA D 339 3.78 16.37 -80.22
CA ALA D 339 4.45 15.19 -79.73
C ALA D 339 3.55 13.96 -79.76
N ILE D 340 2.29 14.14 -79.37
CA ILE D 340 1.32 13.06 -79.49
C ILE D 340 1.25 12.57 -80.93
N THR D 341 1.32 13.50 -81.89
CA THR D 341 1.29 13.13 -83.30
C THR D 341 2.49 12.26 -83.67
N LYS D 342 3.70 12.78 -83.44
CA LYS D 342 4.91 12.07 -83.78
C LYS D 342 5.02 10.74 -83.08
N VAL D 343 4.35 10.55 -81.95
CA VAL D 343 4.40 9.30 -81.22
C VAL D 343 3.33 8.32 -81.70
N SER D 344 2.15 8.82 -82.04
CA SER D 344 1.13 7.97 -82.64
C SER D 344 1.61 7.43 -83.98
N LYS D 345 2.44 8.18 -84.69
CA LYS D 345 2.95 7.68 -85.96
C LYS D 345 4.00 6.60 -85.77
N GLY D 346 4.97 6.84 -84.88
CA GLY D 346 6.01 5.86 -84.61
C GLY D 346 7.40 6.48 -84.59
N GLY D 347 7.47 7.79 -84.66
CA GLY D 347 8.70 8.52 -84.46
C GLY D 347 8.85 8.98 -83.03
N GLY D 348 9.49 10.12 -82.86
CA GLY D 348 9.58 10.75 -81.55
C GLY D 348 10.98 10.65 -80.97
N SER D 349 11.40 11.72 -80.30
CA SER D 349 12.69 11.74 -79.62
C SER D 349 12.54 11.09 -78.25
N GLU D 350 13.60 11.13 -77.45
CA GLU D 350 13.58 10.54 -76.12
C GLU D 350 12.92 11.44 -75.09
N ALA D 351 12.53 12.65 -75.46
CA ALA D 351 11.91 13.60 -74.54
C ALA D 351 10.40 13.66 -74.70
N GLU D 352 9.88 13.32 -75.87
CA GLU D 352 8.45 13.32 -76.10
C GLU D 352 7.81 12.01 -75.60
N LYS D 353 8.51 10.89 -75.80
CA LYS D 353 8.05 9.62 -75.29
C LYS D 353 7.73 9.69 -73.80
N ALA D 354 8.60 10.35 -73.02
CA ALA D 354 8.43 10.40 -71.58
C ALA D 354 7.16 11.16 -71.20
N ILE D 355 6.96 12.35 -71.77
CA ILE D 355 5.79 13.13 -71.40
C ILE D 355 4.52 12.45 -71.90
N VAL D 356 4.58 11.72 -73.01
CA VAL D 356 3.39 11.00 -73.45
C VAL D 356 3.09 9.82 -72.53
N THR D 357 4.13 9.10 -72.12
CA THR D 357 3.96 8.03 -71.13
C THR D 357 3.35 8.56 -69.85
N LEU D 358 3.72 9.78 -69.47
CA LEU D 358 3.15 10.38 -68.25
C LEU D 358 1.69 10.78 -68.47
N LYS D 359 1.38 11.38 -69.62
CA LYS D 359 0.00 11.72 -69.94
C LYS D 359 -0.90 10.47 -69.91
N ASN D 360 -0.39 9.36 -70.43
CA ASN D 360 -1.18 8.12 -70.52
C ASN D 360 -0.95 7.29 -69.28
N MET D 361 -1.85 7.44 -68.31
CA MET D 361 -1.78 6.70 -67.05
C MET D 361 -3.19 6.44 -66.56
N ALA D 362 -3.31 5.89 -65.35
CA ALA D 362 -4.60 5.66 -64.72
C ALA D 362 -4.56 6.02 -63.24
N PHE D 363 -3.67 6.92 -62.87
CA PHE D 363 -3.54 7.42 -61.50
C PHE D 363 -3.91 8.90 -61.50
N ASN D 364 -4.81 9.28 -60.59
CA ASN D 364 -5.26 10.66 -60.48
C ASN D 364 -4.28 11.54 -59.73
N GLN D 365 -3.06 11.06 -59.50
CA GLN D 365 -1.99 11.86 -58.90
C GLN D 365 -1.11 12.53 -59.93
N VAL D 366 -1.52 12.57 -61.20
CA VAL D 366 -0.75 13.16 -62.28
C VAL D 366 -1.64 14.13 -63.05
N THR D 367 -1.03 15.19 -63.54
CA THR D 367 -1.75 16.27 -64.20
C THR D 367 -0.81 16.98 -65.16
N VAL D 368 -1.28 17.23 -66.38
CA VAL D 368 -0.49 17.86 -67.42
C VAL D 368 -1.29 19.02 -68.01
N VAL D 369 -0.56 19.96 -68.60
CA VAL D 369 -1.14 21.22 -69.08
C VAL D 369 -0.48 21.64 -70.37
N GLY D 370 -1.27 21.79 -71.42
CA GLY D 370 -0.83 22.35 -72.68
C GLY D 370 -1.55 23.65 -73.02
N GLY D 371 -1.33 24.09 -74.25
CA GLY D 371 -2.04 25.25 -74.77
C GLY D 371 -1.15 26.38 -75.24
N GLY D 372 0.07 26.05 -75.62
CA GLY D 372 0.98 27.07 -76.12
C GLY D 372 1.28 28.11 -75.06
N SER D 373 0.96 29.36 -75.36
CA SER D 373 1.26 30.49 -74.49
C SER D 373 0.42 30.52 -73.22
N LYS D 374 -0.43 29.51 -73.00
CA LYS D 374 -1.18 29.40 -71.75
C LYS D 374 -0.48 28.51 -70.74
N ALA D 375 0.62 27.88 -71.12
CA ALA D 375 1.41 27.00 -70.26
C ALA D 375 2.75 27.63 -69.93
N TYR D 376 2.76 28.93 -69.66
CA TYR D 376 3.97 29.70 -69.44
C TYR D 376 4.07 30.10 -67.98
N PHE D 377 5.14 30.85 -67.68
CA PHE D 377 5.44 31.22 -66.30
C PHE D 377 4.49 32.29 -65.79
N ASN D 378 4.17 33.27 -66.64
CA ASN D 378 3.29 34.35 -66.25
C ASN D 378 1.87 33.86 -65.97
N SER D 379 1.43 32.81 -66.67
CA SER D 379 0.15 32.20 -66.40
C SER D 379 0.21 31.26 -65.20
N PHE D 380 1.31 30.53 -65.08
CA PHE D 380 1.52 29.68 -63.91
C PHE D 380 1.38 30.48 -62.62
N VAL D 381 1.95 31.69 -62.57
CA VAL D 381 1.92 32.45 -61.32
C VAL D 381 0.63 33.22 -61.10
N GLU D 382 -0.21 33.38 -62.12
CA GLU D 382 -1.56 33.90 -61.90
C GLU D 382 -2.54 32.79 -61.58
N HIS D 383 -2.16 31.53 -61.81
CA HIS D 383 -2.99 30.41 -61.39
C HIS D 383 -2.95 30.16 -59.89
N LEU D 384 -1.92 30.62 -59.19
CA LEU D 384 -1.81 30.39 -57.76
C LEU D 384 -2.70 31.36 -56.98
N PRO D 385 -3.22 30.92 -55.83
CA PRO D 385 -4.18 31.73 -55.08
C PRO D 385 -3.54 32.69 -54.09
N TYR D 386 -4.37 33.62 -53.60
CA TYR D 386 -4.10 34.44 -52.43
C TYR D 386 -4.89 33.88 -51.24
N PRO D 387 -4.32 33.88 -50.04
CA PRO D 387 -5.04 33.30 -48.90
C PRO D 387 -6.23 34.13 -48.45
N VAL D 388 -7.16 33.47 -47.78
CA VAL D 388 -8.34 34.09 -47.21
C VAL D 388 -8.10 34.21 -45.71
N LEU D 389 -7.90 35.45 -45.24
CA LEU D 389 -7.42 35.66 -43.87
C LEU D 389 -8.54 35.44 -42.86
N PHE D 390 -9.71 36.01 -43.10
CA PHE D 390 -10.83 35.90 -42.18
C PHE D 390 -11.93 35.06 -42.80
N PRO D 391 -11.98 33.75 -42.52
CA PRO D 391 -13.01 32.89 -43.11
C PRO D 391 -14.28 32.84 -42.27
N ARG D 392 -15.37 32.47 -42.93
CA ARG D 392 -16.66 32.31 -42.29
C ARG D 392 -17.38 31.10 -42.87
N ASP D 393 -18.35 30.59 -42.12
CA ASP D 393 -19.28 29.61 -42.67
C ASP D 393 -20.09 30.21 -43.81
N ASN D 394 -20.47 31.47 -43.67
CA ASN D 394 -21.24 32.24 -44.63
C ASN D 394 -22.71 31.82 -44.62
N ILE D 395 -23.09 30.82 -43.81
CA ILE D 395 -24.47 30.36 -43.78
C ILE D 395 -25.40 31.51 -43.43
N VAL D 396 -24.95 32.40 -42.54
CA VAL D 396 -25.79 33.52 -42.13
C VAL D 396 -26.10 34.40 -43.33
N ASP D 397 -25.11 34.65 -44.18
CA ASP D 397 -25.30 35.43 -45.39
C ASP D 397 -25.48 34.56 -46.62
N GLU D 398 -25.14 33.27 -46.56
CA GLU D 398 -25.33 32.38 -47.70
C GLU D 398 -26.78 31.92 -47.79
N LEU D 399 -27.43 31.69 -46.64
CA LEU D 399 -28.86 31.41 -46.66
C LEU D 399 -29.65 32.63 -47.12
N VAL D 400 -29.25 33.82 -46.67
CA VAL D 400 -29.91 35.03 -47.14
C VAL D 400 -29.60 35.27 -48.61
N GLU D 401 -28.40 34.88 -49.07
CA GLU D 401 -28.11 34.84 -50.50
C GLU D 401 -29.13 33.97 -51.23
N ALA D 402 -29.33 32.76 -50.74
CA ALA D 402 -30.32 31.85 -51.31
C ALA D 402 -31.70 32.48 -51.37
N ILE D 403 -32.10 33.15 -50.29
CA ILE D 403 -33.44 33.73 -50.24
C ILE D 403 -33.52 34.94 -51.17
N ALA D 404 -32.44 35.72 -51.26
CA ALA D 404 -32.42 36.87 -52.16
C ALA D 404 -32.58 36.43 -53.61
N ASN D 405 -31.98 35.29 -53.97
CA ASN D 405 -32.17 34.76 -55.31
C ASN D 405 -33.65 34.49 -55.59
N LEU D 406 -34.43 34.18 -54.55
CA LEU D 406 -35.83 33.83 -54.76
C LEU D 406 -36.63 35.01 -55.28
N SER D 407 -36.33 36.23 -54.82
CA SER D 407 -37.07 37.40 -55.31
C SER D 407 -36.95 37.52 -56.82
N LYS D 408 -35.78 37.20 -57.37
CA LYS D 408 -35.54 37.28 -58.80
C LYS D 408 -36.07 36.02 -59.50
N SER E 2 10.46 -53.08 -23.04
CA SER E 2 10.38 -53.17 -24.49
C SER E 2 9.87 -51.87 -25.08
N ILE E 3 10.36 -50.76 -24.55
CA ILE E 3 9.97 -49.42 -24.98
C ILE E 3 11.23 -48.66 -25.34
N TYR E 4 11.31 -48.17 -26.57
CA TYR E 4 12.51 -47.55 -27.12
C TYR E 4 12.23 -46.08 -27.42
N GLN E 5 12.86 -45.19 -26.67
CA GLN E 5 12.84 -43.76 -26.93
C GLN E 5 14.24 -43.31 -27.33
N GLY E 6 14.41 -42.97 -28.61
CA GLY E 6 15.71 -42.56 -29.09
C GLY E 6 16.72 -43.68 -29.22
N GLY E 7 16.25 -44.90 -29.49
CA GLY E 7 17.12 -46.06 -29.56
C GLY E 7 17.55 -46.61 -28.23
N ASN E 8 17.14 -45.99 -27.12
CA ASN E 8 17.58 -46.38 -25.79
C ASN E 8 16.39 -46.82 -24.96
N LYS E 9 16.53 -47.96 -24.28
CA LYS E 9 15.43 -48.54 -23.53
C LYS E 9 14.88 -47.54 -22.51
N LEU E 10 13.62 -47.75 -22.15
CA LEU E 10 12.88 -46.85 -21.27
C LEU E 10 11.99 -47.69 -20.36
N ASN E 11 11.62 -47.11 -19.22
CA ASN E 11 10.88 -47.85 -18.21
C ASN E 11 9.50 -47.25 -17.99
N GLU E 12 8.73 -47.91 -17.13
CA GLU E 12 7.28 -47.77 -17.14
C GLU E 12 6.82 -46.44 -16.53
N ASP E 13 7.43 -46.01 -15.43
CA ASP E 13 7.01 -44.76 -14.82
C ASP E 13 7.43 -43.57 -15.66
N ASP E 14 8.63 -43.64 -16.24
CA ASP E 14 9.05 -42.62 -17.20
C ASP E 14 8.05 -42.51 -18.35
N PHE E 15 7.68 -43.65 -18.94
CA PHE E 15 6.67 -43.65 -19.99
C PHE E 15 5.37 -43.01 -19.53
N ARG E 16 4.85 -43.47 -18.40
CA ARG E 16 3.57 -42.99 -17.88
C ARG E 16 3.60 -41.52 -17.53
N SER E 17 4.76 -40.96 -17.24
CA SER E 17 4.88 -39.53 -16.98
C SER E 17 5.06 -38.73 -18.26
N HIS E 18 5.64 -39.34 -19.29
CA HIS E 18 5.74 -38.68 -20.59
C HIS E 18 4.37 -38.54 -21.24
N VAL E 19 3.55 -39.60 -21.16
CA VAL E 19 2.23 -39.56 -21.78
C VAL E 19 1.37 -38.44 -21.20
N TYR E 20 1.46 -38.21 -19.89
CA TYR E 20 0.59 -37.22 -19.27
C TYR E 20 0.96 -35.80 -19.65
N SER E 21 2.25 -35.56 -19.92
CA SER E 21 2.66 -34.23 -20.37
C SER E 21 2.41 -34.06 -21.87
N LEU E 22 2.38 -35.16 -22.62
CA LEU E 22 1.99 -35.06 -24.03
C LEU E 22 0.49 -34.80 -24.17
N CYS E 23 -0.32 -35.29 -23.25
CA CYS E 23 -1.77 -35.07 -23.32
C CYS E 23 -2.21 -33.70 -22.82
N GLN E 24 -1.29 -32.73 -22.73
CA GLN E 24 -1.61 -31.38 -22.25
C GLN E 24 -1.31 -30.30 -23.28
N LEU E 25 -1.01 -30.68 -24.51
CA LEU E 25 -0.61 -29.72 -25.53
C LEU E 25 -1.84 -29.19 -26.27
N ASP E 26 -1.59 -28.20 -27.13
CA ASP E 26 -2.68 -27.50 -27.79
C ASP E 26 -3.51 -28.44 -28.66
N ASN E 27 -2.86 -29.33 -29.39
CA ASN E 27 -3.52 -30.21 -30.35
C ASN E 27 -3.18 -31.66 -30.04
N VAL E 28 -4.22 -32.50 -29.95
CA VAL E 28 -4.07 -33.92 -29.61
C VAL E 28 -4.99 -34.74 -30.51
N GLY E 29 -4.50 -35.89 -30.95
CA GLY E 29 -5.27 -36.75 -31.84
C GLY E 29 -4.82 -38.19 -31.77
N VAL E 30 -5.63 -39.06 -32.38
CA VAL E 30 -5.33 -40.49 -32.47
C VAL E 30 -5.69 -40.97 -33.87
N LEU E 31 -4.94 -41.97 -34.34
CA LEU E 31 -5.22 -42.67 -35.59
C LEU E 31 -5.35 -44.15 -35.28
N LEU E 32 -6.46 -44.74 -35.69
CA LEU E 32 -6.76 -46.14 -35.43
C LEU E 32 -6.89 -46.92 -36.74
N GLY E 33 -6.79 -48.23 -36.61
CA GLY E 33 -6.80 -49.14 -37.75
C GLY E 33 -7.86 -50.20 -37.60
N ALA E 34 -7.54 -51.40 -38.08
CA ALA E 34 -8.49 -52.50 -38.13
C ALA E 34 -8.35 -53.49 -36.98
N GLY E 35 -7.22 -53.47 -36.27
CA GLY E 35 -7.09 -54.32 -35.10
C GLY E 35 -7.83 -53.82 -33.89
N ALA E 36 -7.98 -52.50 -33.78
CA ALA E 36 -8.73 -51.90 -32.69
C ALA E 36 -10.13 -52.48 -32.55
N SER E 37 -10.70 -53.02 -33.62
CA SER E 37 -12.06 -53.55 -33.62
C SER E 37 -12.09 -55.08 -33.60
N VAL E 38 -11.03 -55.70 -33.08
CA VAL E 38 -11.00 -57.15 -32.99
C VAL E 38 -11.61 -57.65 -31.68
N GLY E 39 -11.50 -56.88 -30.62
CA GLY E 39 -12.09 -57.25 -29.35
C GLY E 39 -13.55 -56.87 -29.26
N CYS E 40 -14.19 -56.67 -30.41
CA CYS E 40 -15.59 -56.32 -30.47
C CYS E 40 -16.37 -57.08 -31.53
N GLY E 41 -15.72 -57.95 -32.30
CA GLY E 41 -16.40 -58.80 -33.26
C GLY E 41 -15.90 -58.67 -34.67
N GLY E 42 -14.76 -58.02 -34.88
CA GLY E 42 -14.23 -57.75 -36.19
C GLY E 42 -13.14 -58.71 -36.61
N LYS E 43 -12.55 -58.42 -37.77
CA LYS E 43 -11.50 -59.24 -38.36
C LYS E 43 -10.45 -58.36 -39.00
N THR E 44 -9.25 -58.93 -39.17
CA THR E 44 -8.18 -58.26 -39.89
C THR E 44 -8.28 -58.54 -41.38
N MET E 45 -7.36 -57.97 -42.15
CA MET E 45 -7.33 -58.13 -43.60
CA MET E 45 -7.32 -58.13 -43.59
C MET E 45 -6.76 -59.47 -44.05
N LYS E 46 -6.18 -60.26 -43.14
CA LYS E 46 -5.62 -61.55 -43.51
C LYS E 46 -6.71 -62.62 -43.55
N ASP E 47 -7.54 -62.65 -42.51
CA ASP E 47 -8.61 -63.64 -42.43
C ASP E 47 -9.61 -63.47 -43.57
N VAL E 48 -9.85 -62.22 -43.99
CA VAL E 48 -10.76 -61.98 -45.10
C VAL E 48 -10.29 -62.70 -46.35
N TRP E 49 -9.00 -62.58 -46.67
CA TRP E 49 -8.49 -63.26 -47.86
C TRP E 49 -8.46 -64.77 -47.67
N LYS E 50 -8.09 -65.22 -46.48
CA LYS E 50 -8.23 -66.66 -46.17
C LYS E 50 -9.61 -67.16 -46.56
N SER E 51 -10.65 -66.56 -45.99
CA SER E 51 -12.02 -66.98 -46.26
C SER E 51 -12.36 -66.90 -47.74
N PHE E 52 -12.01 -65.78 -48.38
CA PHE E 52 -12.31 -65.63 -49.80
C PHE E 52 -11.75 -66.79 -50.61
N LYS E 53 -10.45 -67.06 -50.47
CA LYS E 53 -9.84 -68.11 -51.28
C LYS E 53 -10.19 -69.51 -50.79
N GLN E 54 -10.78 -69.64 -49.61
CA GLN E 54 -11.28 -70.92 -49.15
C GLN E 54 -12.69 -71.20 -49.66
N ASN E 55 -13.47 -70.17 -49.96
CA ASN E 55 -14.86 -70.34 -50.40
C ASN E 55 -15.02 -70.26 -51.91
N TYR E 56 -14.37 -69.29 -52.56
CA TYR E 56 -14.46 -69.17 -54.01
C TYR E 56 -13.11 -69.47 -54.66
N PRO E 57 -12.76 -70.74 -54.87
CA PRO E 57 -11.47 -71.08 -55.47
C PRO E 57 -11.47 -71.21 -56.99
N GLU E 58 -12.58 -70.90 -57.67
CA GLU E 58 -12.60 -70.95 -59.13
C GLU E 58 -12.34 -69.60 -59.76
N LEU E 59 -12.70 -68.51 -59.08
CA LEU E 59 -12.39 -67.17 -59.56
C LEU E 59 -10.91 -66.84 -59.37
N LEU E 60 -10.23 -67.55 -58.48
CA LEU E 60 -8.84 -67.31 -58.13
C LEU E 60 -7.89 -67.62 -59.28
N GLY E 61 -8.42 -68.18 -60.36
CA GLY E 61 -7.61 -68.49 -61.52
C GLY E 61 -7.76 -67.44 -62.60
N ALA E 62 -8.98 -67.00 -62.83
CA ALA E 62 -9.21 -65.89 -63.75
C ALA E 62 -8.68 -64.59 -63.18
N LEU E 63 -8.59 -64.49 -61.86
CA LEU E 63 -8.06 -63.31 -61.20
C LEU E 63 -6.54 -63.28 -61.19
N ILE E 64 -5.88 -64.30 -61.72
CA ILE E 64 -4.43 -64.40 -61.66
C ILE E 64 -3.85 -64.57 -63.06
N ASP E 65 -4.29 -65.61 -63.77
CA ASP E 65 -3.64 -66.03 -65.00
C ASP E 65 -4.23 -65.39 -66.25
N LYS E 66 -5.28 -64.59 -66.12
CA LYS E 66 -5.99 -64.09 -67.29
C LYS E 66 -6.09 -62.58 -67.32
N TYR E 67 -6.24 -61.93 -66.17
CA TYR E 67 -6.38 -60.48 -66.10
C TYR E 67 -5.26 -59.79 -65.33
N LEU E 68 -4.41 -60.53 -64.63
CA LEU E 68 -3.22 -59.99 -63.98
C LEU E 68 -3.60 -58.90 -62.98
N LEU E 69 -4.34 -59.29 -61.95
CA LEU E 69 -4.74 -58.39 -60.87
C LEU E 69 -4.10 -58.70 -59.54
N VAL E 70 -3.83 -59.98 -59.25
CA VAL E 70 -3.18 -60.38 -58.00
C VAL E 70 -2.10 -61.41 -58.33
N SER E 71 -1.07 -61.45 -57.51
CA SER E 71 0.09 -62.29 -57.74
C SER E 71 0.07 -63.55 -56.87
N GLN E 72 0.70 -64.60 -57.39
CA GLN E 72 0.71 -65.88 -56.69
C GLN E 72 1.53 -65.82 -55.41
N ILE E 73 2.68 -65.14 -55.44
CA ILE E 73 3.55 -65.09 -54.28
C ILE E 73 2.86 -64.36 -53.14
N ASP E 74 1.97 -63.42 -53.45
CA ASP E 74 1.22 -62.72 -52.42
C ASP E 74 -0.01 -63.51 -51.99
N SER E 75 -0.69 -64.15 -52.94
CA SER E 75 -1.86 -64.95 -52.59
C SER E 75 -1.48 -66.10 -51.67
N ASP E 76 -0.29 -66.69 -51.85
CA ASP E 76 0.10 -67.85 -51.07
C ASP E 76 0.60 -67.48 -49.68
N ASN E 77 1.03 -66.24 -49.46
CA ASN E 77 1.48 -65.78 -48.17
C ASN E 77 0.50 -64.85 -47.48
N ASN E 78 -0.64 -64.55 -48.12
CA ASN E 78 -1.72 -63.76 -47.52
C ASN E 78 -1.27 -62.32 -47.24
N LEU E 79 -0.74 -61.67 -48.28
CA LEU E 79 -0.33 -60.26 -48.20
C LEU E 79 -1.00 -59.44 -49.28
N VAL E 80 -2.21 -59.81 -49.68
CA VAL E 80 -2.95 -59.08 -50.70
C VAL E 80 -3.63 -57.88 -50.07
N ASN E 81 -3.58 -56.75 -50.77
CA ASN E 81 -4.31 -55.54 -50.36
C ASN E 81 -5.68 -55.54 -51.01
N VAL E 82 -6.72 -55.35 -50.18
CA VAL E 82 -8.09 -55.51 -50.63
C VAL E 82 -8.75 -54.19 -51.02
N GLU E 83 -8.19 -53.05 -50.60
CA GLU E 83 -8.76 -51.77 -51.01
C GLU E 83 -8.32 -51.36 -52.41
N LEU E 84 -7.15 -51.81 -52.86
CA LEU E 84 -6.65 -51.46 -54.19
C LEU E 84 -7.16 -52.37 -55.28
N LEU E 85 -7.71 -53.53 -54.94
CA LEU E 85 -8.18 -54.50 -55.93
C LEU E 85 -9.61 -54.20 -56.36
N ILE E 86 -10.48 -53.83 -55.41
CA ILE E 86 -11.86 -53.53 -55.74
C ILE E 86 -11.96 -52.33 -56.69
N ASP E 87 -11.12 -51.33 -56.47
CA ASP E 87 -11.12 -50.16 -57.36
C ASP E 87 -10.72 -50.56 -58.78
N GLU E 88 -9.64 -51.32 -58.91
CA GLU E 88 -9.24 -51.80 -60.23
C GLU E 88 -10.36 -52.57 -60.92
N ALA E 89 -11.05 -53.43 -60.17
CA ALA E 89 -12.16 -54.17 -60.74
C ALA E 89 -13.28 -53.24 -61.21
N THR E 90 -13.65 -52.26 -60.38
CA THR E 90 -14.62 -51.26 -60.78
C THR E 90 -14.18 -50.50 -62.01
N LYS E 91 -12.86 -50.40 -62.23
CA LYS E 91 -12.33 -49.70 -63.39
C LYS E 91 -12.44 -50.55 -64.65
N PHE E 92 -12.21 -51.85 -64.51
CA PHE E 92 -12.40 -52.77 -65.64
C PHE E 92 -13.86 -52.81 -66.08
N LEU E 93 -14.77 -52.94 -65.10
CA LEU E 93 -16.18 -53.10 -65.42
C LEU E 93 -16.70 -51.91 -66.22
N SER E 94 -16.20 -50.71 -65.95
CA SER E 94 -16.71 -49.53 -66.62
C SER E 94 -16.32 -49.51 -68.10
N VAL E 95 -15.06 -49.80 -68.42
CA VAL E 95 -14.68 -49.80 -69.83
C VAL E 95 -15.36 -50.93 -70.56
N ALA E 96 -15.58 -52.08 -69.90
CA ALA E 96 -16.33 -53.15 -70.54
C ALA E 96 -17.75 -52.69 -70.87
N LYS E 97 -18.46 -52.17 -69.87
CA LYS E 97 -19.83 -51.70 -70.04
C LYS E 97 -19.94 -50.50 -70.96
N THR E 98 -18.83 -49.82 -71.26
CA THR E 98 -18.86 -48.70 -72.20
C THR E 98 -18.58 -49.11 -73.63
N ARG E 99 -17.63 -50.02 -73.86
CA ARG E 99 -17.36 -50.49 -75.21
C ARG E 99 -18.19 -51.70 -75.60
N ARG E 100 -19.13 -52.12 -74.75
CA ARG E 100 -20.14 -53.12 -75.09
C ARG E 100 -19.51 -54.47 -75.43
N CYS E 101 -18.80 -55.03 -74.45
CA CYS E 101 -18.41 -56.43 -74.44
C CYS E 101 -19.26 -57.13 -73.39
N GLU E 102 -20.12 -58.05 -73.85
CA GLU E 102 -21.15 -58.61 -72.99
C GLU E 102 -20.74 -59.91 -72.32
N ASP E 103 -19.58 -60.46 -72.66
CA ASP E 103 -19.06 -61.64 -71.98
C ASP E 103 -18.07 -61.29 -70.88
N GLU E 104 -17.46 -60.11 -70.94
CA GLU E 104 -16.57 -59.63 -69.89
C GLU E 104 -17.30 -58.79 -68.85
N GLU E 105 -18.48 -58.28 -69.18
CA GLU E 105 -19.28 -57.50 -68.24
C GLU E 105 -20.02 -58.37 -67.24
N GLU E 106 -20.15 -59.67 -67.51
CA GLU E 106 -20.81 -60.60 -66.60
C GLU E 106 -19.83 -61.35 -65.71
N GLU E 107 -18.54 -61.24 -65.96
CA GLU E 107 -17.52 -61.95 -65.20
C GLU E 107 -16.90 -61.09 -64.10
N PHE E 108 -17.21 -59.80 -64.05
CA PHE E 108 -16.81 -58.92 -62.96
C PHE E 108 -17.96 -58.62 -62.01
N ARG E 109 -19.17 -58.52 -62.57
CA ARG E 109 -20.38 -58.48 -61.76
C ARG E 109 -20.47 -59.67 -60.80
N LYS E 110 -19.75 -60.75 -61.10
CA LYS E 110 -19.74 -61.96 -60.29
C LYS E 110 -18.63 -61.97 -59.25
N ILE E 111 -17.53 -61.28 -59.51
CA ILE E 111 -16.44 -61.20 -58.55
C ILE E 111 -16.73 -60.14 -57.50
N LEU E 112 -17.27 -59.00 -57.93
CA LEU E 112 -17.52 -57.91 -57.00
C LEU E 112 -18.58 -58.29 -55.97
N SER E 113 -19.60 -59.05 -56.40
CA SER E 113 -20.60 -59.56 -55.47
C SER E 113 -19.95 -60.31 -54.31
N SER E 114 -19.10 -61.28 -54.63
CA SER E 114 -18.45 -62.09 -53.61
C SER E 114 -17.52 -61.25 -52.73
N LEU E 115 -16.73 -60.38 -53.36
CA LEU E 115 -15.84 -59.53 -52.57
C LEU E 115 -16.62 -58.69 -51.56
N TYR E 116 -17.69 -58.05 -52.01
CA TYR E 116 -18.49 -57.21 -51.13
C TYR E 116 -19.17 -58.03 -50.04
N LYS E 117 -19.66 -59.21 -50.39
CA LYS E 117 -20.20 -60.14 -49.39
C LYS E 117 -19.20 -60.37 -48.26
N GLU E 118 -18.01 -60.86 -48.63
CA GLU E 118 -17.03 -61.26 -47.63
C GLU E 118 -16.54 -60.08 -46.80
N VAL E 119 -16.39 -58.90 -47.41
CA VAL E 119 -15.88 -57.76 -46.66
C VAL E 119 -16.98 -57.03 -45.91
N THR E 120 -18.24 -57.21 -46.30
CA THR E 120 -19.36 -56.64 -45.55
C THR E 120 -19.62 -57.42 -44.27
N LYS E 121 -19.80 -58.74 -44.39
CA LYS E 121 -20.19 -59.48 -43.20
C LYS E 121 -19.00 -59.79 -42.30
N ALA E 122 -18.20 -58.77 -41.99
CA ALA E 122 -17.08 -58.54 -41.09
C ALA E 122 -17.08 -57.15 -40.47
N ALA E 123 -18.12 -56.35 -40.70
CA ALA E 123 -18.17 -54.98 -40.22
C ALA E 123 -19.45 -54.67 -39.47
N LEU E 124 -20.28 -55.67 -39.20
CA LEU E 124 -21.52 -55.48 -38.44
C LEU E 124 -21.30 -55.62 -36.94
N LEU E 125 -20.47 -56.58 -36.54
CA LEU E 125 -20.03 -56.76 -35.16
C LEU E 125 -21.12 -57.31 -34.26
N THR E 126 -22.34 -57.43 -34.77
CA THR E 126 -23.45 -57.95 -33.98
C THR E 126 -24.37 -58.88 -34.74
N GLY E 127 -24.10 -59.14 -36.02
CA GLY E 127 -24.93 -60.03 -36.80
C GLY E 127 -26.23 -59.42 -37.26
N GLU E 128 -27.33 -59.92 -36.70
CA GLU E 128 -28.68 -59.51 -37.12
C GLU E 128 -29.30 -58.45 -36.21
N GLN E 129 -28.70 -58.20 -35.04
CA GLN E 129 -29.11 -57.08 -34.21
C GLN E 129 -28.60 -55.73 -34.73
N PHE E 130 -27.95 -55.74 -35.89
CA PHE E 130 -27.40 -54.52 -36.46
C PHE E 130 -28.50 -53.47 -36.71
N ARG E 131 -29.73 -53.92 -36.92
CA ARG E 131 -30.85 -53.02 -37.17
C ARG E 131 -31.58 -52.61 -35.89
N GLU E 132 -31.07 -52.96 -34.73
CA GLU E 132 -31.73 -52.66 -33.47
C GLU E 132 -31.15 -51.39 -32.84
N LYS E 133 -31.66 -51.04 -31.66
CA LYS E 133 -31.31 -49.81 -30.97
C LYS E 133 -30.53 -50.11 -29.71
N ASN E 134 -29.76 -49.12 -29.26
CA ASN E 134 -29.00 -49.19 -28.00
C ASN E 134 -28.04 -50.37 -27.99
N GLN E 135 -27.06 -50.29 -28.89
CA GLN E 135 -26.01 -51.28 -28.99
C GLN E 135 -24.71 -50.86 -28.31
N GLY E 136 -24.67 -49.66 -27.72
CA GLY E 136 -23.54 -49.22 -26.95
C GLY E 136 -23.63 -49.50 -25.47
N LYS E 137 -24.74 -50.07 -25.02
CA LYS E 137 -24.89 -50.47 -23.62
C LYS E 137 -24.18 -51.78 -23.32
N LYS E 138 -23.83 -52.55 -24.34
CA LYS E 138 -23.21 -53.84 -24.16
C LYS E 138 -21.78 -53.68 -23.65
N ASP E 139 -21.15 -54.82 -23.37
CA ASP E 139 -19.82 -54.84 -22.79
C ASP E 139 -18.70 -54.78 -23.82
N ALA E 140 -18.96 -55.25 -25.04
CA ALA E 140 -17.93 -55.21 -26.08
C ALA E 140 -17.41 -53.80 -26.31
N PHE E 141 -18.24 -52.78 -26.08
CA PHE E 141 -17.87 -51.39 -26.28
C PHE E 141 -17.54 -50.69 -24.97
N LYS E 142 -16.89 -51.40 -24.05
CA LYS E 142 -16.57 -50.88 -22.74
C LYS E 142 -15.33 -49.99 -22.73
N TYR E 143 -14.45 -50.13 -23.72
CA TYR E 143 -13.18 -49.40 -23.74
C TYR E 143 -13.20 -48.19 -24.65
N HIS E 144 -14.06 -48.17 -25.67
CA HIS E 144 -14.17 -47.01 -26.53
C HIS E 144 -14.72 -45.81 -25.76
N LYS E 145 -15.79 -46.03 -24.98
CA LYS E 145 -16.30 -45.00 -24.09
C LYS E 145 -15.20 -44.46 -23.19
N GLU E 146 -14.37 -45.35 -22.67
CA GLU E 146 -13.28 -44.95 -21.78
C GLU E 146 -12.29 -44.05 -22.49
N LEU E 147 -11.86 -44.44 -23.68
CA LEU E 147 -10.99 -43.61 -24.50
C LEU E 147 -11.57 -42.21 -24.66
N ILE E 148 -12.82 -42.13 -25.12
CA ILE E 148 -13.44 -40.83 -25.39
C ILE E 148 -13.49 -40.00 -24.11
N SER E 149 -13.95 -40.60 -23.02
CA SER E 149 -14.09 -39.88 -21.76
C SER E 149 -12.76 -39.31 -21.30
N LYS E 150 -11.69 -40.11 -21.37
CA LYS E 150 -10.38 -39.61 -20.95
C LYS E 150 -9.91 -38.48 -21.86
N LEU E 151 -9.93 -38.70 -23.17
CA LEU E 151 -9.50 -37.67 -24.10
C LEU E 151 -10.20 -36.34 -23.83
N ILE E 152 -11.49 -36.39 -23.52
CA ILE E 152 -12.22 -35.15 -23.26
C ILE E 152 -11.84 -34.57 -21.91
N SER E 153 -11.94 -35.36 -20.84
CA SER E 153 -11.73 -34.86 -19.49
C SER E 153 -10.30 -34.40 -19.22
N ASN E 154 -9.36 -34.68 -20.11
CA ASN E 154 -7.99 -34.23 -19.89
C ASN E 154 -7.72 -32.80 -20.38
N ARG E 155 -8.72 -32.09 -20.88
CA ARG E 155 -8.53 -30.73 -21.36
C ARG E 155 -8.99 -29.71 -20.33
N GLN E 156 -8.45 -28.50 -20.45
CA GLN E 156 -8.82 -27.34 -19.65
C GLN E 156 -9.72 -26.42 -20.45
N PRO E 157 -10.47 -25.53 -19.79
CA PRO E 157 -11.32 -24.60 -20.53
C PRO E 157 -10.50 -23.59 -21.32
N GLY E 158 -10.90 -23.37 -22.56
CA GLY E 158 -10.20 -22.50 -23.47
C GLY E 158 -9.49 -23.23 -24.60
N GLN E 159 -9.32 -24.54 -24.47
CA GLN E 159 -8.58 -25.32 -25.44
C GLN E 159 -9.52 -25.88 -26.52
N SER E 160 -8.90 -26.41 -27.58
CA SER E 160 -9.63 -27.02 -28.66
C SER E 160 -10.07 -28.44 -28.28
N ALA E 161 -10.85 -29.05 -29.15
CA ALA E 161 -11.41 -30.37 -28.94
C ALA E 161 -10.61 -31.42 -29.69
N PRO E 162 -10.79 -32.70 -29.35
CA PRO E 162 -10.01 -33.75 -30.01
C PRO E 162 -10.57 -34.25 -31.33
N ALA E 163 -9.64 -34.72 -32.15
CA ALA E 163 -9.89 -35.27 -33.47
C ALA E 163 -9.55 -36.75 -33.49
N ILE E 164 -10.32 -37.52 -34.26
CA ILE E 164 -10.15 -38.97 -34.34
C ILE E 164 -10.23 -39.38 -35.80
N PHE E 165 -9.12 -39.83 -36.37
CA PHE E 165 -9.06 -40.35 -37.72
C PHE E 165 -9.08 -41.87 -37.68
N THR E 166 -9.79 -42.48 -38.63
CA THR E 166 -9.81 -43.94 -38.69
C THR E 166 -9.91 -44.42 -40.14
N THR E 167 -9.53 -45.68 -40.33
CA THR E 167 -9.62 -46.36 -41.61
C THR E 167 -10.77 -47.36 -41.67
N ASN E 168 -11.37 -47.70 -40.53
CA ASN E 168 -12.50 -48.61 -40.51
C ASN E 168 -13.74 -47.96 -41.10
N TYR E 169 -14.69 -48.80 -41.51
CA TYR E 169 -15.98 -48.36 -42.02
C TYR E 169 -17.12 -48.93 -41.20
N ASP E 170 -16.88 -49.28 -39.94
CA ASP E 170 -17.89 -49.81 -39.05
C ASP E 170 -18.48 -48.68 -38.18
N LEU E 171 -19.27 -49.05 -37.18
CA LEU E 171 -20.13 -48.13 -36.44
C LEU E 171 -19.95 -48.30 -34.93
N ALA E 172 -18.71 -48.32 -34.46
CA ALA E 172 -18.46 -48.54 -33.04
C ALA E 172 -18.33 -47.24 -32.26
N LEU E 173 -17.53 -46.30 -32.75
CA LEU E 173 -17.35 -45.02 -32.08
C LEU E 173 -18.58 -44.13 -32.17
N GLU E 174 -19.51 -44.45 -33.07
CA GLU E 174 -20.77 -43.72 -33.19
C GLU E 174 -21.83 -44.29 -32.26
N TRP E 175 -21.76 -45.60 -31.99
CA TRP E 175 -22.64 -46.21 -31.00
C TRP E 175 -22.20 -45.85 -29.59
N ALA E 176 -20.89 -45.84 -29.34
CA ALA E 176 -20.36 -45.67 -28.00
C ALA E 176 -20.56 -44.26 -27.45
N ALA E 177 -20.81 -43.26 -28.30
CA ALA E 177 -20.94 -41.88 -27.85
C ALA E 177 -22.39 -41.49 -27.56
N GLU E 178 -23.34 -42.07 -28.29
CA GLU E 178 -24.76 -41.84 -27.99
C GLU E 178 -25.14 -42.39 -26.62
N ASP E 179 -24.33 -43.27 -26.04
CA ASP E 179 -24.57 -43.80 -24.72
C ASP E 179 -23.87 -43.00 -23.62
N LEU E 180 -23.00 -42.08 -24.00
CA LEU E 180 -22.39 -41.15 -23.06
C LEU E 180 -23.05 -39.79 -23.06
N GLY E 181 -23.57 -39.35 -24.21
CA GLY E 181 -24.13 -38.02 -24.33
C GLY E 181 -23.14 -37.05 -24.93
N ILE E 182 -22.48 -37.49 -26.00
CA ILE E 182 -21.42 -36.72 -26.64
C ILE E 182 -21.75 -36.61 -28.11
N GLN E 183 -21.48 -35.45 -28.69
CA GLN E 183 -21.72 -35.22 -30.11
C GLN E 183 -20.42 -35.25 -30.90
N LEU E 184 -20.49 -35.84 -32.09
CA LEU E 184 -19.36 -35.96 -33.00
C LEU E 184 -19.71 -35.20 -34.28
N PHE E 185 -18.81 -34.33 -34.71
CA PHE E 185 -18.95 -33.73 -36.01
C PHE E 185 -18.31 -34.62 -37.07
N ASN E 186 -19.05 -34.83 -38.17
CA ASN E 186 -18.63 -35.76 -39.20
C ASN E 186 -18.88 -35.24 -40.61
N GLY E 187 -19.35 -34.00 -40.77
CA GLY E 187 -19.51 -33.40 -42.08
C GLY E 187 -20.87 -33.48 -42.70
N PHE E 188 -21.88 -33.97 -41.97
CA PHE E 188 -23.23 -34.12 -42.50
C PHE E 188 -24.21 -33.36 -41.61
N SER E 189 -25.34 -32.96 -42.20
CA SER E 189 -26.38 -32.26 -41.47
C SER E 189 -27.73 -32.54 -42.10
N GLY E 190 -28.76 -32.60 -41.27
CA GLY E 190 -30.11 -32.90 -41.69
C GLY E 190 -30.57 -34.26 -41.17
N LEU E 191 -31.87 -34.50 -41.32
CA LEU E 191 -32.43 -35.80 -40.98
C LEU E 191 -33.26 -36.44 -42.09
N HIS E 192 -34.06 -35.65 -42.81
CA HIS E 192 -34.83 -36.19 -43.91
C HIS E 192 -34.05 -36.21 -45.22
N THR E 193 -33.06 -35.33 -45.36
CA THR E 193 -32.04 -35.45 -46.40
C THR E 193 -30.73 -34.95 -45.81
N ARG E 194 -29.82 -35.88 -45.52
CA ARG E 194 -28.49 -35.52 -45.05
C ARG E 194 -27.55 -35.34 -46.23
N GLN E 195 -26.66 -34.37 -46.12
CA GLN E 195 -25.81 -33.99 -47.23
C GLN E 195 -24.45 -33.58 -46.69
N PHE E 196 -23.43 -33.79 -47.52
CA PHE E 196 -22.05 -33.50 -47.14
C PHE E 196 -21.75 -32.03 -47.39
N TYR E 197 -21.43 -31.31 -46.34
CA TYR E 197 -20.97 -29.92 -46.42
C TYR E 197 -19.55 -29.86 -45.88
N PRO E 198 -18.55 -29.53 -46.69
CA PRO E 198 -17.15 -29.71 -46.25
C PRO E 198 -16.62 -28.60 -45.36
N GLN E 199 -17.50 -27.78 -44.80
CA GLN E 199 -17.09 -26.68 -43.94
C GLN E 199 -17.85 -26.68 -42.62
N ASN E 200 -18.40 -27.84 -42.25
CA ASN E 200 -18.96 -28.03 -40.92
C ASN E 200 -17.91 -28.46 -39.91
N PHE E 201 -16.67 -28.69 -40.35
CA PHE E 201 -15.56 -29.00 -39.48
C PHE E 201 -14.98 -27.76 -38.80
N ASP E 202 -15.51 -26.58 -39.11
CA ASP E 202 -15.04 -25.32 -38.54
C ASP E 202 -16.06 -24.71 -37.59
N LEU E 203 -17.04 -25.47 -37.16
CA LEU E 203 -18.07 -25.02 -36.24
C LEU E 203 -17.80 -25.58 -34.85
N ALA E 204 -18.59 -25.11 -33.89
CA ALA E 204 -18.44 -25.52 -32.49
C ALA E 204 -19.70 -25.13 -31.74
N PHE E 205 -19.70 -25.37 -30.44
CA PHE E 205 -20.82 -25.09 -29.57
C PHE E 205 -20.42 -24.12 -28.46
N ARG E 206 -21.41 -23.39 -27.97
CA ARG E 206 -21.29 -22.56 -26.79
C ARG E 206 -22.61 -22.65 -26.03
N ASN E 207 -22.72 -21.88 -24.95
CA ASN E 207 -23.91 -21.87 -24.11
C ASN E 207 -24.31 -20.43 -23.85
N VAL E 208 -25.57 -20.10 -24.16
CA VAL E 208 -26.06 -18.74 -24.06
C VAL E 208 -26.78 -18.46 -22.75
N ASN E 209 -26.96 -19.47 -21.89
CA ASN E 209 -27.66 -19.27 -20.63
C ASN E 209 -27.48 -20.51 -19.77
N ALA E 210 -27.31 -20.29 -18.47
CA ALA E 210 -27.16 -21.38 -17.52
C ALA E 210 -25.88 -22.16 -17.79
N HIS E 218 -22.36 -28.87 -26.52
CA HIS E 218 -21.62 -28.52 -25.31
C HIS E 218 -20.28 -29.24 -25.30
N TYR E 219 -20.30 -30.55 -25.01
CA TYR E 219 -19.14 -31.40 -25.13
C TYR E 219 -19.18 -32.12 -26.47
N HIS E 220 -18.11 -32.04 -27.24
CA HIS E 220 -18.12 -32.50 -28.62
C HIS E 220 -16.73 -32.94 -29.04
N ALA E 221 -16.68 -33.60 -30.20
CA ALA E 221 -15.41 -34.06 -30.76
C ALA E 221 -15.55 -34.11 -32.28
N TYR E 222 -14.44 -34.43 -32.96
CA TYR E 222 -14.41 -34.47 -34.42
C TYR E 222 -13.97 -35.85 -34.89
N LEU E 223 -14.65 -36.35 -35.95
CA LEU E 223 -14.40 -37.69 -36.46
C LEU E 223 -14.16 -37.64 -37.97
N TYR E 224 -13.09 -38.29 -38.41
CA TYR E 224 -12.77 -38.41 -39.83
C TYR E 224 -12.64 -39.89 -40.20
N LYS E 225 -13.39 -40.29 -41.22
CA LYS E 225 -13.36 -41.64 -41.78
C LYS E 225 -12.69 -41.56 -43.14
N LEU E 226 -11.52 -42.18 -43.28
CA LEU E 226 -10.72 -41.99 -44.48
C LEU E 226 -11.08 -42.93 -45.62
N HIS E 227 -11.81 -44.01 -45.35
CA HIS E 227 -12.20 -44.95 -46.39
C HIS E 227 -13.70 -45.08 -46.57
N GLY E 228 -14.50 -44.29 -45.89
CA GLY E 228 -15.93 -44.28 -46.10
C GLY E 228 -16.72 -44.80 -44.92
N SER E 229 -17.94 -45.27 -45.17
CA SER E 229 -18.76 -45.85 -44.13
C SER E 229 -19.85 -46.71 -44.76
N LEU E 230 -20.47 -47.51 -43.90
CA LEU E 230 -21.47 -48.50 -44.28
C LEU E 230 -22.86 -47.90 -44.48
N THR E 231 -23.03 -46.60 -44.27
CA THR E 231 -24.32 -45.94 -44.31
C THR E 231 -24.36 -44.76 -45.28
N TRP E 232 -23.40 -44.69 -46.19
CA TRP E 232 -23.26 -43.62 -47.18
C TRP E 232 -23.55 -44.18 -48.56
N TYR E 233 -24.30 -43.45 -49.37
CA TYR E 233 -24.62 -43.94 -50.70
C TYR E 233 -25.01 -42.79 -51.62
N GLN E 234 -24.92 -43.06 -52.91
CA GLN E 234 -25.28 -42.12 -53.98
C GLN E 234 -26.46 -42.68 -54.76
N ASN E 235 -27.45 -41.84 -55.05
CA ASN E 235 -28.65 -42.29 -55.74
C ASN E 235 -29.20 -41.18 -56.64
N ASP E 236 -29.00 -41.34 -57.95
CA ASP E 236 -29.80 -40.68 -58.99
C ASP E 236 -29.99 -39.18 -58.74
N SER E 237 -29.10 -38.56 -57.97
CA SER E 237 -29.12 -37.11 -57.83
C SER E 237 -27.73 -36.49 -57.87
N LEU E 238 -26.67 -37.30 -57.81
CA LEU E 238 -25.29 -36.80 -57.77
C LEU E 238 -25.05 -35.98 -56.50
N THR E 239 -25.48 -36.55 -55.38
CA THR E 239 -25.14 -36.06 -54.05
C THR E 239 -25.05 -37.25 -53.12
N VAL E 240 -24.16 -37.17 -52.14
CA VAL E 240 -23.89 -38.26 -51.22
C VAL E 240 -24.85 -38.13 -50.05
N ASN E 241 -25.48 -39.23 -49.66
CA ASN E 241 -26.51 -39.26 -48.63
C ASN E 241 -26.11 -40.23 -47.52
N GLU E 242 -26.40 -39.84 -46.29
CA GLU E 242 -26.23 -40.68 -45.11
C GLU E 242 -27.59 -41.12 -44.60
N VAL E 243 -27.67 -42.38 -44.16
CA VAL E 243 -28.86 -42.88 -43.49
C VAL E 243 -28.44 -43.68 -42.26
N SER E 244 -29.44 -44.24 -41.58
CA SER E 244 -29.22 -44.99 -40.35
C SER E 244 -29.14 -46.48 -40.65
N ALA E 245 -28.94 -47.25 -39.58
CA ALA E 245 -28.63 -48.67 -39.72
C ALA E 245 -29.86 -49.48 -40.09
N SER E 246 -31.00 -49.22 -39.45
CA SER E 246 -32.23 -49.93 -39.81
C SER E 246 -32.63 -49.64 -41.25
N GLN E 247 -32.62 -48.37 -41.62
CA GLN E 247 -33.00 -48.00 -42.98
C GLN E 247 -32.05 -48.62 -44.00
N ALA E 248 -30.75 -48.60 -43.73
CA ALA E 248 -29.78 -49.24 -44.63
C ALA E 248 -30.04 -50.74 -44.74
N TYR E 249 -30.16 -51.42 -43.60
CA TYR E 249 -30.47 -52.85 -43.60
C TYR E 249 -31.70 -53.15 -44.46
N ASP E 250 -32.73 -52.35 -44.33
CA ASP E 250 -33.95 -52.57 -45.10
C ASP E 250 -33.72 -52.33 -46.58
N GLU E 251 -32.89 -51.33 -46.93
CA GLU E 251 -32.74 -50.96 -48.33
C GLU E 251 -31.79 -51.90 -49.09
N TYR E 252 -30.52 -51.99 -48.67
CA TYR E 252 -29.53 -52.67 -49.51
C TYR E 252 -28.61 -53.66 -48.81
N ILE E 253 -28.48 -53.65 -47.47
CA ILE E 253 -27.50 -54.53 -46.86
C ILE E 253 -27.98 -55.96 -46.71
N ASN E 254 -29.29 -56.20 -46.73
CA ASN E 254 -29.80 -57.57 -46.61
C ASN E 254 -29.65 -58.32 -47.93
N ASP E 255 -29.98 -57.68 -49.04
CA ASP E 255 -29.95 -58.28 -50.36
C ASP E 255 -28.53 -58.53 -50.84
N ILE E 256 -27.54 -58.13 -50.03
CA ILE E 256 -26.14 -58.44 -50.33
C ILE E 256 -25.80 -59.73 -49.63
N ILE E 257 -25.97 -59.75 -48.32
CA ILE E 257 -25.58 -60.90 -47.51
C ILE E 257 -26.36 -62.14 -47.91
N ASN E 258 -27.64 -61.99 -48.28
CA ASN E 258 -28.55 -63.14 -48.30
C ASN E 258 -29.06 -63.52 -49.69
N LYS E 259 -28.59 -62.90 -50.76
CA LYS E 259 -29.10 -63.20 -52.09
C LYS E 259 -28.03 -63.86 -52.95
N ASP E 260 -28.41 -64.16 -54.19
CA ASP E 260 -27.64 -65.03 -55.08
C ASP E 260 -26.53 -64.26 -55.80
N ASP E 261 -26.91 -63.31 -56.64
CA ASP E 261 -25.93 -62.46 -57.31
C ASP E 261 -26.61 -61.13 -57.59
N PHE E 262 -26.44 -60.17 -56.67
CA PHE E 262 -27.01 -58.84 -56.79
C PHE E 262 -25.91 -57.82 -56.67
N TYR E 263 -25.82 -56.93 -57.67
CA TYR E 263 -24.81 -55.87 -57.64
C TYR E 263 -25.32 -54.70 -58.46
N ARG E 264 -25.42 -53.54 -57.82
CA ARG E 264 -25.70 -52.28 -58.49
C ARG E 264 -24.46 -51.39 -58.39
N GLY E 265 -24.01 -50.88 -59.53
CA GLY E 265 -22.77 -50.13 -59.60
C GLY E 265 -22.95 -48.63 -59.47
N GLN E 266 -21.86 -47.97 -59.10
CA GLN E 266 -21.81 -46.53 -58.90
C GLN E 266 -22.66 -46.07 -57.73
N HIS E 267 -22.91 -46.96 -56.76
CA HIS E 267 -23.90 -46.72 -55.72
C HIS E 267 -23.29 -46.61 -54.33
N LEU E 268 -22.43 -47.55 -53.94
CA LEU E 268 -21.94 -47.62 -52.58
C LEU E 268 -20.62 -46.87 -52.44
N ILE E 269 -20.36 -46.40 -51.22
CA ILE E 269 -19.11 -45.73 -50.92
C ILE E 269 -18.39 -46.49 -49.81
N TYR E 270 -17.70 -47.58 -50.18
CA TYR E 270 -16.75 -48.29 -49.34
C TYR E 270 -16.22 -49.50 -50.09
N PRO E 271 -14.99 -49.97 -49.82
CA PRO E 271 -13.90 -49.20 -49.20
C PRO E 271 -13.07 -48.46 -50.26
N GLY E 272 -13.20 -47.14 -50.32
CA GLY E 272 -12.39 -46.37 -51.26
C GLY E 272 -12.47 -46.83 -52.70
N ALA E 273 -13.67 -47.13 -53.19
CA ALA E 273 -13.80 -47.86 -54.44
C ALA E 273 -14.02 -46.99 -55.67
N ASN E 274 -15.10 -46.22 -55.70
CA ASN E 274 -15.52 -45.53 -56.91
C ASN E 274 -14.87 -44.17 -57.07
N LYS E 275 -13.54 -44.13 -57.14
CA LYS E 275 -12.80 -42.87 -57.10
C LYS E 275 -12.59 -42.24 -58.46
N TYR E 276 -13.13 -42.82 -59.53
CA TYR E 276 -13.03 -42.24 -60.86
C TYR E 276 -14.22 -41.35 -61.21
N SER E 277 -14.94 -40.87 -60.20
CA SER E 277 -16.08 -39.98 -60.39
C SER E 277 -15.88 -38.75 -59.51
N HIS E 278 -16.02 -37.57 -60.12
CA HIS E 278 -15.66 -36.33 -59.43
C HIS E 278 -16.59 -35.99 -58.27
N THR E 279 -17.66 -36.74 -58.06
CA THR E 279 -18.54 -36.51 -56.92
C THR E 279 -18.18 -37.35 -55.72
N ILE E 280 -17.54 -38.49 -55.92
CA ILE E 280 -17.17 -39.38 -54.83
C ILE E 280 -15.74 -39.12 -54.35
N GLY E 281 -14.82 -38.86 -55.27
CA GLY E 281 -13.46 -38.54 -54.87
C GLY E 281 -13.36 -37.25 -54.08
N PHE E 282 -14.30 -36.33 -54.30
CA PHE E 282 -14.38 -35.13 -53.49
C PHE E 282 -14.56 -35.43 -52.00
N VAL E 283 -15.12 -36.59 -51.68
CA VAL E 283 -15.33 -36.97 -50.29
C VAL E 283 -14.10 -37.63 -49.68
N TYR E 284 -13.32 -38.36 -50.49
CA TYR E 284 -12.12 -38.98 -49.98
C TYR E 284 -10.95 -38.01 -49.88
N GLY E 285 -10.91 -37.00 -50.75
CA GLY E 285 -9.80 -36.06 -50.74
C GLY E 285 -9.86 -35.02 -49.64
N GLU E 286 -11.06 -34.65 -49.19
CA GLU E 286 -11.21 -33.64 -48.15
C GLU E 286 -10.80 -34.13 -46.77
N MET E 287 -10.75 -35.44 -46.56
CA MET E 287 -10.26 -35.98 -45.30
C MET E 287 -8.73 -36.03 -45.28
N PHE E 288 -8.15 -36.49 -46.39
CA PHE E 288 -6.70 -36.56 -46.50
C PHE E 288 -6.07 -35.18 -46.53
N ARG E 289 -6.79 -34.19 -47.05
CA ARG E 289 -6.31 -32.82 -47.05
C ARG E 289 -6.44 -32.14 -45.70
N ARG E 290 -7.23 -32.69 -44.78
CA ARG E 290 -7.35 -32.18 -43.43
C ARG E 290 -6.53 -32.98 -42.42
N PHE E 291 -6.02 -34.14 -42.81
CA PHE E 291 -5.11 -34.89 -41.95
C PHE E 291 -3.74 -34.22 -41.89
N GLY E 292 -3.17 -33.90 -43.06
CA GLY E 292 -1.90 -33.19 -43.08
C GLY E 292 -1.98 -31.79 -42.48
N GLU E 293 -3.07 -31.08 -42.77
CA GLU E 293 -3.26 -29.76 -42.20
C GLU E 293 -3.26 -29.81 -40.68
N PHE E 294 -3.76 -30.89 -40.09
CA PHE E 294 -3.69 -31.06 -38.65
C PHE E 294 -2.28 -31.43 -38.20
N ILE E 295 -1.61 -32.31 -38.95
CA ILE E 295 -0.36 -32.89 -38.51
C ILE E 295 0.80 -31.94 -38.78
N SER E 296 0.50 -30.77 -39.35
CA SER E 296 1.52 -29.78 -39.68
C SER E 296 1.35 -28.49 -38.89
N LYS E 297 0.98 -28.58 -37.62
CA LYS E 297 0.79 -27.43 -36.77
C LYS E 297 1.71 -27.49 -35.55
N PRO E 298 1.94 -26.35 -34.88
CA PRO E 298 2.84 -26.35 -33.72
C PRO E 298 2.23 -27.03 -32.50
N GLN E 299 3.11 -27.61 -31.69
CA GLN E 299 2.73 -28.22 -30.40
C GLN E 299 1.68 -29.31 -30.62
N THR E 300 2.10 -30.36 -31.33
CA THR E 300 1.19 -31.40 -31.79
C THR E 300 1.67 -32.76 -31.31
N ALA E 301 0.73 -33.60 -30.87
CA ALA E 301 1.00 -34.96 -30.45
C ALA E 301 0.05 -35.92 -31.15
N LEU E 302 0.56 -37.09 -31.51
CA LEU E 302 -0.22 -38.10 -32.21
C LEU E 302 0.06 -39.49 -31.64
N PHE E 303 -1.00 -40.25 -31.40
CA PHE E 303 -0.92 -41.65 -30.99
C PHE E 303 -1.42 -42.53 -32.12
N ILE E 304 -0.75 -43.67 -32.33
CA ILE E 304 -1.11 -44.61 -33.38
C ILE E 304 -1.33 -45.98 -32.74
N ASN E 305 -2.33 -46.70 -33.25
CA ASN E 305 -2.65 -48.03 -32.74
C ASN E 305 -3.55 -48.79 -33.71
N GLY E 306 -3.14 -49.98 -34.10
CA GLY E 306 -3.91 -50.81 -35.00
C GLY E 306 -3.49 -50.73 -36.45
N PHE E 307 -2.52 -49.88 -36.78
CA PHE E 307 -2.14 -49.61 -38.15
C PHE E 307 -0.91 -50.44 -38.51
N GLY E 308 -0.91 -50.95 -39.74
CA GLY E 308 0.10 -51.89 -40.17
C GLY E 308 1.21 -51.31 -41.02
N PHE E 309 1.06 -50.05 -41.42
CA PHE E 309 2.11 -49.29 -42.10
C PHE E 309 2.37 -49.81 -43.50
N GLY E 310 1.32 -50.22 -44.19
CA GLY E 310 1.44 -50.65 -45.58
C GLY E 310 0.89 -49.66 -46.58
N ASP E 311 0.89 -48.37 -46.23
CA ASP E 311 0.43 -47.30 -47.10
C ASP E 311 1.59 -46.36 -47.37
N TYR E 312 1.88 -46.12 -48.66
CA TYR E 312 3.01 -45.26 -49.02
C TYR E 312 2.71 -43.80 -48.76
N HIS E 313 1.44 -43.41 -48.79
CA HIS E 313 1.07 -41.99 -48.77
C HIS E 313 0.93 -41.42 -47.36
N ILE E 314 0.79 -42.27 -46.35
CA ILE E 314 0.69 -41.80 -44.97
C ILE E 314 2.06 -41.69 -44.32
N ASN E 315 2.94 -42.65 -44.61
CA ASN E 315 4.28 -42.61 -44.04
C ASN E 315 5.06 -41.40 -44.53
N ARG E 316 4.90 -41.04 -45.80
CA ARG E 316 5.50 -39.81 -46.32
C ARG E 316 5.11 -38.61 -45.47
N ILE E 317 3.82 -38.46 -45.18
CA ILE E 317 3.35 -37.37 -44.32
C ILE E 317 4.01 -37.45 -42.95
N ILE E 318 3.91 -38.62 -42.31
CA ILE E 318 4.39 -38.77 -40.95
C ILE E 318 5.86 -38.43 -40.84
N LEU E 319 6.64 -38.74 -41.88
CA LEU E 319 8.06 -38.40 -41.87
C LEU E 319 8.27 -36.91 -42.13
N GLY E 320 7.73 -36.41 -43.24
CA GLY E 320 7.82 -35.00 -43.55
C GLY E 320 7.45 -34.08 -42.41
N ALA E 321 6.60 -34.57 -41.50
CA ALA E 321 6.15 -33.75 -40.39
C ALA E 321 7.13 -33.70 -39.23
N LEU E 322 8.16 -34.54 -39.23
CA LEU E 322 9.17 -34.54 -38.17
C LEU E 322 10.26 -33.51 -38.39
N LEU E 323 10.15 -32.69 -39.43
CA LEU E 323 11.08 -31.59 -39.65
C LEU E 323 10.72 -30.35 -38.84
N ASN E 324 9.72 -30.45 -37.97
CA ASN E 324 9.32 -29.37 -37.09
C ASN E 324 9.61 -29.78 -35.65
N PRO E 325 10.22 -28.93 -34.83
CA PRO E 325 10.67 -29.38 -33.52
C PRO E 325 9.59 -29.44 -32.45
N SER E 326 8.32 -29.41 -32.84
CA SER E 326 7.22 -29.39 -31.89
C SER E 326 6.13 -30.37 -32.30
N PHE E 327 6.53 -31.53 -32.82
CA PHE E 327 5.59 -32.59 -33.20
C PHE E 327 6.11 -33.91 -32.65
N HIS E 328 5.28 -34.57 -31.85
CA HIS E 328 5.64 -35.84 -31.22
C HIS E 328 4.65 -36.93 -31.62
N VAL E 329 5.16 -38.16 -31.73
CA VAL E 329 4.38 -39.29 -32.20
C VAL E 329 4.71 -40.52 -31.35
N VAL E 330 3.70 -41.36 -31.12
CA VAL E 330 3.83 -42.61 -30.37
C VAL E 330 3.21 -43.74 -31.20
N ILE E 331 3.92 -44.86 -31.29
CA ILE E 331 3.55 -45.96 -32.18
C ILE E 331 3.52 -47.26 -31.38
N TYR E 332 2.55 -48.12 -31.72
CA TYR E 332 2.35 -49.42 -31.07
C TYR E 332 2.47 -50.52 -32.12
N TYR E 333 3.45 -51.42 -31.94
CA TYR E 333 3.70 -52.49 -32.89
C TYR E 333 4.11 -53.77 -32.17
N PRO E 334 3.35 -54.88 -32.30
CA PRO E 334 3.67 -56.08 -31.51
C PRO E 334 4.71 -57.03 -32.07
N GLU E 335 4.98 -57.02 -33.38
CA GLU E 335 5.87 -58.01 -33.99
C GLU E 335 7.25 -57.44 -34.26
N LEU E 336 7.72 -56.59 -33.35
CA LEU E 336 8.99 -55.91 -33.52
C LEU E 336 10.17 -56.89 -33.48
N LYS E 337 10.09 -57.91 -32.64
CA LYS E 337 11.15 -58.91 -32.56
C LYS E 337 11.33 -59.62 -33.90
N GLU E 338 10.24 -60.15 -34.44
CA GLU E 338 10.28 -60.82 -35.73
C GLU E 338 10.69 -59.87 -36.85
N ALA E 339 10.40 -58.58 -36.71
CA ALA E 339 10.84 -57.63 -37.73
C ALA E 339 12.34 -57.39 -37.67
N ILE E 340 12.89 -57.28 -36.45
CA ILE E 340 14.31 -57.01 -36.30
C ILE E 340 15.13 -58.22 -36.74
N THR E 341 14.77 -59.41 -36.26
CA THR E 341 15.57 -60.58 -36.54
C THR E 341 15.19 -61.17 -37.89
N LYS E 342 14.58 -60.35 -38.73
CA LYS E 342 14.34 -60.66 -40.13
C LYS E 342 14.84 -59.59 -41.08
N VAL E 343 14.99 -58.36 -40.62
CA VAL E 343 15.66 -57.32 -41.41
C VAL E 343 17.16 -57.28 -41.14
N SER E 344 17.63 -57.88 -40.05
CA SER E 344 19.06 -57.93 -39.81
C SER E 344 19.79 -58.89 -40.74
N LYS E 345 19.07 -59.65 -41.58
CA LYS E 345 19.67 -60.63 -42.47
C LYS E 345 19.09 -60.52 -43.87
N GLY E 346 19.02 -59.29 -44.38
CA GLY E 346 18.60 -59.05 -45.76
C GLY E 346 17.26 -59.65 -46.13
N GLY E 347 16.20 -59.13 -45.54
CA GLY E 347 14.87 -59.58 -45.86
C GLY E 347 13.82 -58.60 -45.38
N GLY E 348 12.58 -59.06 -45.33
CA GLY E 348 11.50 -58.28 -44.79
C GLY E 348 10.78 -57.44 -45.85
N SER E 349 9.57 -57.04 -45.51
CA SER E 349 8.74 -56.22 -46.38
C SER E 349 8.99 -54.74 -46.12
N GLU E 350 8.36 -53.91 -46.96
CA GLU E 350 8.54 -52.47 -46.85
C GLU E 350 8.02 -51.92 -45.53
N ALA E 351 6.97 -52.52 -44.97
CA ALA E 351 6.47 -52.08 -43.68
C ALA E 351 7.48 -52.32 -42.57
N GLU E 352 8.07 -53.53 -42.56
CA GLU E 352 9.09 -53.84 -41.56
C GLU E 352 10.31 -52.93 -41.73
N LYS E 353 10.74 -52.71 -42.97
CA LYS E 353 11.83 -51.77 -43.21
C LYS E 353 11.49 -50.39 -42.65
N ALA E 354 10.26 -49.93 -42.89
CA ALA E 354 9.85 -48.60 -42.48
C ALA E 354 9.85 -48.47 -40.96
N ILE E 355 9.40 -49.51 -40.25
CA ILE E 355 9.32 -49.39 -38.80
C ILE E 355 10.68 -49.58 -38.15
N VAL E 356 11.56 -50.39 -38.74
CA VAL E 356 12.90 -50.55 -38.18
C VAL E 356 13.73 -49.30 -38.41
N THR E 357 13.62 -48.69 -39.59
CA THR E 357 14.24 -47.40 -39.83
C THR E 357 13.88 -46.42 -38.73
N LEU E 358 12.61 -46.39 -38.32
CA LEU E 358 12.18 -45.47 -37.28
C LEU E 358 12.77 -45.86 -35.93
N LYS E 359 12.66 -47.13 -35.55
CA LYS E 359 13.23 -47.58 -34.28
C LYS E 359 14.69 -47.15 -34.17
N ASN E 360 15.49 -47.44 -35.20
CA ASN E 360 16.91 -47.08 -35.21
C ASN E 360 17.03 -45.63 -35.67
N MET E 361 17.12 -44.72 -34.73
CA MET E 361 17.23 -43.29 -35.02
C MET E 361 17.53 -42.55 -33.72
N ALA E 362 18.17 -41.39 -33.86
CA ALA E 362 18.65 -40.62 -32.72
C ALA E 362 17.68 -39.52 -32.30
N PHE E 363 16.41 -39.66 -32.61
CA PHE E 363 15.41 -38.62 -32.35
C PHE E 363 14.66 -38.93 -31.06
N ASN E 364 14.65 -37.97 -30.14
CA ASN E 364 13.87 -38.05 -28.91
C ASN E 364 12.39 -37.78 -29.13
N GLN E 365 11.94 -37.63 -30.38
CA GLN E 365 10.56 -37.34 -30.70
C GLN E 365 9.74 -38.59 -31.00
N VAL E 366 10.39 -39.72 -31.25
CA VAL E 366 9.73 -40.95 -31.63
C VAL E 366 9.77 -41.92 -30.45
N THR E 367 8.73 -42.75 -30.36
CA THR E 367 8.59 -43.71 -29.28
C THR E 367 7.88 -44.93 -29.82
N VAL E 368 8.46 -46.11 -29.60
CA VAL E 368 7.92 -47.37 -30.10
C VAL E 368 7.64 -48.28 -28.92
N VAL E 369 6.62 -49.13 -29.08
CA VAL E 369 6.13 -50.00 -28.02
C VAL E 369 5.79 -51.34 -28.64
N GLY E 370 6.63 -52.35 -28.40
CA GLY E 370 6.31 -53.69 -28.85
C GLY E 370 6.56 -54.77 -27.82
N GLY E 371 5.49 -55.45 -27.39
CA GLY E 371 5.61 -56.54 -26.46
C GLY E 371 4.59 -57.64 -26.65
N GLY E 372 3.99 -57.70 -27.83
CA GLY E 372 2.88 -58.62 -28.05
C GLY E 372 1.61 -58.06 -27.46
N SER E 373 0.95 -58.86 -26.63
CA SER E 373 -0.31 -58.44 -26.00
C SER E 373 -0.16 -57.15 -25.21
N LYS E 374 1.07 -56.75 -24.87
CA LYS E 374 1.30 -55.50 -24.15
C LYS E 374 1.17 -54.28 -25.05
N ALA E 375 0.88 -54.47 -26.34
CA ALA E 375 0.73 -53.41 -27.31
C ALA E 375 -0.60 -53.52 -28.01
N TYR E 376 -1.65 -53.68 -27.22
CA TYR E 376 -3.01 -53.84 -27.69
C TYR E 376 -3.87 -52.66 -27.24
N PHE E 377 -5.10 -52.64 -27.74
CA PHE E 377 -6.00 -51.52 -27.48
C PHE E 377 -6.36 -51.43 -26.00
N ASN E 378 -6.60 -52.58 -25.37
CA ASN E 378 -7.02 -52.61 -23.97
C ASN E 378 -5.91 -52.15 -23.03
N SER E 379 -4.65 -52.21 -23.46
CA SER E 379 -3.53 -51.69 -22.69
C SER E 379 -3.23 -50.23 -23.02
N PHE E 380 -3.29 -49.88 -24.30
CA PHE E 380 -3.26 -48.48 -24.70
C PHE E 380 -4.21 -47.65 -23.85
N VAL E 381 -5.45 -48.12 -23.68
CA VAL E 381 -6.44 -47.32 -22.98
C VAL E 381 -6.11 -47.23 -21.49
N GLU E 382 -5.55 -48.28 -20.90
CA GLU E 382 -5.15 -48.22 -19.50
C GLU E 382 -3.92 -47.35 -19.28
N HIS E 383 -3.13 -47.11 -20.32
CA HIS E 383 -1.98 -46.22 -20.18
C HIS E 383 -2.38 -44.76 -20.04
N LEU E 384 -3.63 -44.38 -20.40
CA LEU E 384 -4.05 -43.00 -20.27
C LEU E 384 -4.63 -42.72 -18.89
N PRO E 385 -4.54 -41.48 -18.40
CA PRO E 385 -4.97 -41.20 -17.02
C PRO E 385 -6.41 -40.72 -16.87
N TYR E 386 -7.09 -41.20 -15.82
CA TYR E 386 -8.29 -40.53 -15.32
C TYR E 386 -7.91 -39.40 -14.37
N PRO E 387 -8.64 -38.29 -14.37
CA PRO E 387 -8.43 -37.31 -13.31
C PRO E 387 -8.77 -37.86 -11.94
N VAL E 388 -8.58 -37.07 -10.90
CA VAL E 388 -8.73 -37.54 -9.53
C VAL E 388 -10.10 -37.22 -8.93
N LEU E 389 -10.85 -36.30 -9.53
CA LEU E 389 -12.19 -35.96 -9.07
C LEU E 389 -13.23 -36.28 -10.13
N PHE E 390 -13.13 -37.46 -10.73
CA PHE E 390 -14.04 -37.88 -11.78
C PHE E 390 -15.03 -38.89 -11.24
N PRO E 391 -16.34 -38.70 -11.45
CA PRO E 391 -17.31 -39.60 -10.83
C PRO E 391 -17.22 -41.01 -11.37
N ARG E 392 -17.23 -41.98 -10.45
CA ARG E 392 -17.30 -43.39 -10.80
C ARG E 392 -18.10 -44.16 -9.74
N ASN E 394 -21.44 -46.39 -9.55
CA ASN E 394 -22.59 -46.16 -10.40
C ASN E 394 -23.87 -46.14 -9.56
N ILE E 395 -24.69 -45.11 -9.75
CA ILE E 395 -25.84 -44.87 -8.89
C ILE E 395 -27.15 -44.71 -9.65
N VAL E 396 -27.13 -44.36 -10.94
CA VAL E 396 -28.38 -44.12 -11.66
C VAL E 396 -29.11 -45.42 -11.98
N ASP E 397 -28.37 -46.52 -12.09
CA ASP E 397 -28.98 -47.80 -12.43
C ASP E 397 -29.93 -48.28 -11.35
N GLU E 398 -29.47 -48.26 -10.10
CA GLU E 398 -30.30 -48.68 -8.98
C GLU E 398 -31.56 -47.84 -8.84
N LEU E 399 -31.55 -46.61 -9.36
CA LEU E 399 -32.73 -45.75 -9.31
C LEU E 399 -33.69 -46.03 -10.46
N VAL E 400 -33.17 -46.12 -11.68
CA VAL E 400 -34.03 -46.48 -12.81
C VAL E 400 -34.69 -47.83 -12.56
N GLU E 401 -33.99 -48.72 -11.86
CA GLU E 401 -34.58 -50.00 -11.48
C GLU E 401 -35.90 -49.80 -10.74
N ALA E 402 -35.86 -49.04 -9.64
CA ALA E 402 -37.05 -48.82 -8.84
C ALA E 402 -38.12 -48.06 -9.62
N ILE E 403 -37.72 -47.06 -10.39
CA ILE E 403 -38.70 -46.29 -11.16
C ILE E 403 -39.44 -47.21 -12.13
N ALA E 404 -38.69 -48.06 -12.83
CA ALA E 404 -39.32 -49.02 -13.74
C ALA E 404 -40.23 -49.97 -12.98
N ASN E 405 -39.77 -50.46 -11.82
CA ASN E 405 -40.57 -51.39 -11.04
C ASN E 405 -41.92 -50.79 -10.68
N LEU E 406 -41.92 -49.71 -9.92
CA LEU E 406 -43.21 -49.10 -9.57
C LEU E 406 -43.90 -48.65 -10.85
N SER E 407 -45.06 -49.22 -11.14
CA SER E 407 -45.75 -48.98 -12.39
C SER E 407 -46.98 -48.11 -12.19
N SER F 2 -29.97 -6.58 -68.38
CA SER F 2 -30.71 -7.24 -67.32
C SER F 2 -29.86 -7.39 -66.06
N ILE F 3 -30.34 -6.83 -64.96
CA ILE F 3 -29.66 -6.89 -63.68
C ILE F 3 -30.67 -7.31 -62.62
N TYR F 4 -30.38 -8.40 -61.92
CA TYR F 4 -31.23 -8.93 -60.86
C TYR F 4 -30.50 -8.85 -59.53
N GLN F 5 -31.25 -8.54 -58.48
CA GLN F 5 -30.71 -8.54 -57.12
C GLN F 5 -31.80 -9.02 -56.17
N GLY F 6 -31.49 -10.06 -55.41
CA GLY F 6 -32.48 -10.65 -54.54
C GLY F 6 -33.61 -11.35 -55.26
N GLY F 7 -33.41 -11.69 -56.53
CA GLY F 7 -34.45 -12.29 -57.32
C GLY F 7 -35.37 -11.32 -58.02
N ASN F 8 -35.13 -10.01 -57.90
CA ASN F 8 -35.98 -9.01 -58.52
C ASN F 8 -35.10 -7.94 -59.16
N LYS F 9 -35.68 -7.25 -60.14
CA LYS F 9 -34.91 -6.42 -61.06
C LYS F 9 -34.31 -5.20 -60.34
N LEU F 10 -33.29 -4.62 -60.97
CA LEU F 10 -32.54 -3.48 -60.44
C LEU F 10 -32.06 -2.63 -61.61
N ASN F 11 -31.86 -1.34 -61.33
CA ASN F 11 -31.52 -0.38 -62.38
C ASN F 11 -30.05 0.03 -62.34
N GLU F 12 -29.60 0.55 -63.49
CA GLU F 12 -28.20 0.82 -63.77
C GLU F 12 -27.65 2.02 -63.02
N ASP F 13 -28.50 2.82 -62.37
CA ASP F 13 -28.04 3.97 -61.60
C ASP F 13 -27.97 3.71 -60.12
N ASP F 14 -28.57 2.63 -59.63
CA ASP F 14 -28.33 2.14 -58.28
C ASP F 14 -27.27 1.06 -58.25
N PHE F 15 -27.13 0.31 -59.34
CA PHE F 15 -26.01 -0.62 -59.50
C PHE F 15 -24.68 0.09 -59.30
N ARG F 16 -24.52 1.26 -59.93
CA ARG F 16 -23.24 1.96 -59.92
C ARG F 16 -22.90 2.55 -58.57
N SER F 17 -23.89 2.71 -57.69
CA SER F 17 -23.63 3.14 -56.31
C SER F 17 -23.38 1.94 -55.40
N HIS F 18 -24.10 0.85 -55.64
CA HIS F 18 -23.78 -0.41 -54.97
C HIS F 18 -22.32 -0.77 -55.15
N VAL F 19 -21.81 -0.66 -56.39
CA VAL F 19 -20.41 -0.98 -56.65
C VAL F 19 -19.49 -0.04 -55.87
N TYR F 20 -19.79 1.25 -55.85
CA TYR F 20 -18.97 2.20 -55.10
C TYR F 20 -18.92 1.83 -53.64
N SER F 21 -20.05 1.44 -53.06
CA SER F 21 -20.10 1.08 -51.65
C SER F 21 -19.44 -0.27 -51.36
N LEU F 22 -19.40 -1.16 -52.35
CA LEU F 22 -18.70 -2.43 -52.18
C LEU F 22 -17.18 -2.26 -52.28
N CYS F 23 -16.71 -1.31 -53.06
CA CYS F 23 -15.27 -1.10 -53.19
C CYS F 23 -14.66 -0.28 -52.05
N GLN F 24 -15.34 -0.17 -50.91
CA GLN F 24 -14.82 0.51 -49.74
C GLN F 24 -14.67 -0.40 -48.53
N LEU F 25 -14.85 -1.70 -48.71
CA LEU F 25 -14.76 -2.65 -47.61
C LEU F 25 -13.32 -3.07 -47.37
N ASP F 26 -13.12 -3.90 -46.35
CA ASP F 26 -11.79 -4.26 -45.92
C ASP F 26 -11.13 -5.25 -46.88
N ASN F 27 -11.86 -6.30 -47.26
CA ASN F 27 -11.35 -7.34 -48.12
C ASN F 27 -12.07 -7.31 -49.45
N VAL F 28 -11.30 -7.24 -50.55
CA VAL F 28 -11.83 -7.15 -51.90
C VAL F 28 -11.01 -8.06 -52.81
N GLY F 29 -11.69 -8.72 -53.74
CA GLY F 29 -11.02 -9.68 -54.62
C GLY F 29 -11.77 -9.91 -55.90
N VAL F 30 -11.10 -10.58 -56.84
CA VAL F 30 -11.66 -10.93 -58.13
C VAL F 30 -11.25 -12.37 -58.48
N LEU F 31 -12.15 -13.08 -59.16
CA LEU F 31 -11.86 -14.39 -59.72
C LEU F 31 -12.14 -14.35 -61.22
N LEU F 32 -11.14 -14.72 -62.00
CA LEU F 32 -11.20 -14.61 -63.46
C LEU F 32 -11.19 -15.98 -64.11
N GLY F 33 -11.42 -15.97 -65.43
CA GLY F 33 -11.49 -17.18 -66.21
C GLY F 33 -10.83 -17.05 -67.56
N ALA F 34 -11.39 -17.72 -68.58
CA ALA F 34 -10.75 -17.80 -69.88
C ALA F 34 -11.24 -16.75 -70.86
N GLY F 35 -12.48 -16.27 -70.73
CA GLY F 35 -12.96 -15.22 -71.59
C GLY F 35 -12.25 -13.91 -71.37
N ALA F 36 -11.74 -13.68 -70.16
CA ALA F 36 -11.00 -12.46 -69.86
C ALA F 36 -9.77 -12.30 -70.73
N SER F 37 -9.28 -13.38 -71.34
CA SER F 37 -8.07 -13.35 -72.15
C SER F 37 -8.36 -13.53 -73.64
N VAL F 38 -9.56 -13.16 -74.08
CA VAL F 38 -9.91 -13.22 -75.49
C VAL F 38 -9.46 -11.97 -76.23
N GLY F 39 -9.60 -10.80 -75.61
CA GLY F 39 -9.16 -9.56 -76.20
C GLY F 39 -7.66 -9.43 -76.37
N CYS F 40 -6.89 -10.43 -75.92
CA CYS F 40 -5.44 -10.39 -76.02
C CYS F 40 -4.88 -11.41 -76.99
N GLY F 41 -5.67 -12.40 -77.40
CA GLY F 41 -5.20 -13.41 -78.34
C GLY F 41 -5.48 -14.83 -77.88
N GLY F 42 -6.26 -14.97 -76.81
CA GLY F 42 -6.57 -16.27 -76.26
C GLY F 42 -7.76 -16.93 -76.93
N LYS F 43 -7.98 -18.19 -76.56
CA LYS F 43 -9.01 -19.01 -77.18
C LYS F 43 -9.70 -19.86 -76.13
N THR F 44 -10.91 -20.32 -76.46
CA THR F 44 -11.73 -21.06 -75.52
C THR F 44 -11.68 -22.57 -75.78
N MET F 45 -12.25 -23.33 -74.86
CA MET F 45 -12.25 -24.78 -74.93
C MET F 45 -13.15 -25.31 -76.03
N LYS F 46 -14.07 -24.48 -76.55
CA LYS F 46 -14.84 -24.85 -77.72
C LYS F 46 -14.03 -24.66 -78.99
N ASP F 47 -13.18 -23.62 -79.01
CA ASP F 47 -12.28 -23.43 -80.15
C ASP F 47 -11.16 -24.46 -80.18
N VAL F 48 -10.82 -25.06 -79.03
CA VAL F 48 -9.82 -26.13 -79.02
C VAL F 48 -10.35 -27.35 -79.79
N TRP F 49 -11.62 -27.67 -79.61
CA TRP F 49 -12.18 -28.87 -80.23
C TRP F 49 -12.17 -28.75 -81.75
N LYS F 50 -12.52 -27.57 -82.28
CA LYS F 50 -12.43 -27.35 -83.72
C LYS F 50 -11.05 -27.70 -84.25
N SER F 51 -10.01 -27.17 -83.61
CA SER F 51 -8.65 -27.43 -84.07
C SER F 51 -8.32 -28.91 -84.03
N PHE F 52 -8.68 -29.59 -82.95
CA PHE F 52 -8.40 -31.02 -82.87
C PHE F 52 -9.11 -31.77 -84.00
N LYS F 53 -10.41 -31.53 -84.16
CA LYS F 53 -11.20 -32.20 -85.18
C LYS F 53 -10.74 -31.87 -86.60
N GLN F 54 -10.08 -30.73 -86.78
CA GLN F 54 -9.67 -30.29 -88.10
C GLN F 54 -8.25 -30.70 -88.46
N ASN F 55 -7.41 -31.00 -87.47
CA ASN F 55 -6.04 -31.41 -87.73
C ASN F 55 -5.79 -32.90 -87.50
N TYR F 56 -6.66 -33.59 -86.77
CA TYR F 56 -6.49 -35.02 -86.52
C TYR F 56 -7.81 -35.76 -86.78
N PRO F 57 -8.12 -36.03 -88.05
CA PRO F 57 -9.36 -36.79 -88.34
C PRO F 57 -9.20 -38.30 -88.13
N GLU F 58 -8.03 -38.85 -88.42
CA GLU F 58 -7.84 -40.29 -88.32
C GLU F 58 -8.12 -40.79 -86.91
N LEU F 59 -7.67 -40.03 -85.90
CA LEU F 59 -7.91 -40.40 -84.52
C LEU F 59 -9.36 -40.18 -84.12
N LEU F 60 -9.99 -39.15 -84.69
CA LEU F 60 -11.40 -38.90 -84.41
C LEU F 60 -12.29 -40.02 -84.91
N GLY F 61 -11.92 -40.63 -86.03
CA GLY F 61 -12.68 -41.77 -86.52
C GLY F 61 -12.65 -42.93 -85.54
N ALA F 62 -11.46 -43.27 -85.05
CA ALA F 62 -11.35 -44.32 -84.03
C ALA F 62 -12.07 -43.94 -82.74
N LEU F 63 -12.09 -42.65 -82.39
CA LEU F 63 -12.82 -42.24 -81.20
C LEU F 63 -14.30 -42.48 -81.36
N ILE F 64 -14.87 -42.10 -82.51
CA ILE F 64 -16.32 -42.18 -82.66
C ILE F 64 -16.78 -43.60 -82.93
N ASP F 65 -15.98 -44.38 -83.68
CA ASP F 65 -16.45 -45.68 -84.16
C ASP F 65 -16.07 -46.83 -83.21
N LYS F 66 -14.78 -47.03 -82.98
CA LYS F 66 -14.34 -48.25 -82.33
C LYS F 66 -14.63 -48.25 -80.83
N TYR F 67 -14.37 -47.14 -80.15
CA TYR F 67 -14.42 -47.09 -78.69
C TYR F 67 -15.63 -46.36 -78.15
N LEU F 68 -16.48 -45.83 -79.02
CA LEU F 68 -17.78 -45.27 -78.62
C LEU F 68 -17.65 -44.25 -77.50
N LEU F 69 -16.57 -43.46 -77.53
CA LEU F 69 -16.37 -42.44 -76.53
C LEU F 69 -17.09 -41.14 -76.86
N VAL F 70 -17.20 -40.80 -78.15
CA VAL F 70 -17.81 -39.56 -78.59
C VAL F 70 -18.97 -39.89 -79.52
N SER F 71 -19.91 -38.94 -79.63
CA SER F 71 -21.09 -39.10 -80.45
C SER F 71 -20.96 -38.29 -81.74
N GLN F 72 -21.54 -38.83 -82.80
CA GLN F 72 -21.43 -38.24 -84.12
C GLN F 72 -22.25 -36.96 -84.26
N ILE F 73 -23.33 -36.82 -83.49
CA ILE F 73 -24.16 -35.62 -83.56
C ILE F 73 -23.74 -34.58 -82.52
N ASP F 74 -22.65 -34.84 -81.80
CA ASP F 74 -21.97 -33.83 -81.00
C ASP F 74 -20.66 -33.39 -81.61
N SER F 75 -19.92 -34.31 -82.23
CA SER F 75 -18.72 -33.94 -82.96
C SER F 75 -19.01 -32.95 -84.08
N ASP F 76 -20.28 -32.80 -84.48
CA ASP F 76 -20.65 -31.90 -85.57
C ASP F 76 -21.01 -30.50 -85.07
N ASN F 77 -21.85 -30.42 -84.03
CA ASN F 77 -22.32 -29.14 -83.52
C ASN F 77 -21.58 -28.71 -82.25
N ASN F 78 -20.44 -29.33 -81.95
CA ASN F 78 -19.49 -28.81 -80.98
C ASN F 78 -20.14 -28.60 -79.61
N LEU F 79 -20.56 -29.72 -79.02
CA LEU F 79 -21.11 -29.75 -77.67
C LEU F 79 -20.30 -30.64 -76.74
N VAL F 80 -19.03 -30.88 -77.07
CA VAL F 80 -18.20 -31.84 -76.36
C VAL F 80 -17.44 -31.16 -75.24
N ASN F 81 -17.38 -31.83 -74.09
CA ASN F 81 -16.51 -31.41 -72.98
C ASN F 81 -15.19 -32.16 -73.07
N VAL F 82 -14.09 -31.41 -72.98
CA VAL F 82 -12.76 -31.99 -73.13
C VAL F 82 -12.20 -32.43 -71.79
N GLU F 83 -12.51 -31.69 -70.72
CA GLU F 83 -12.08 -32.03 -69.38
C GLU F 83 -12.60 -33.38 -68.92
N LEU F 84 -13.63 -33.90 -69.60
CA LEU F 84 -14.26 -35.14 -69.20
C LEU F 84 -13.92 -36.30 -70.13
N LEU F 85 -13.27 -36.02 -71.25
CA LEU F 85 -12.71 -37.01 -72.16
C LEU F 85 -11.23 -37.28 -71.87
N ILE F 86 -10.49 -36.22 -71.50
CA ILE F 86 -9.14 -36.39 -71.00
C ILE F 86 -9.11 -37.29 -69.78
N ASP F 87 -10.25 -37.49 -69.12
CA ASP F 87 -10.32 -38.33 -67.92
C ASP F 87 -10.76 -39.75 -68.21
N GLU F 88 -11.39 -40.01 -69.34
CA GLU F 88 -11.72 -41.37 -69.75
C GLU F 88 -10.59 -42.02 -70.53
N ALA F 89 -9.82 -41.23 -71.28
CA ALA F 89 -8.70 -41.80 -72.00
C ALA F 89 -7.68 -42.42 -71.06
N THR F 90 -7.45 -41.79 -69.91
CA THR F 90 -6.47 -42.32 -68.96
C THR F 90 -6.95 -43.60 -68.31
N LYS F 91 -8.25 -43.69 -68.02
CA LYS F 91 -8.82 -44.96 -67.56
C LYS F 91 -8.61 -46.06 -68.58
N PHE F 92 -8.96 -45.79 -69.85
CA PHE F 92 -8.79 -46.80 -70.89
C PHE F 92 -7.34 -47.22 -71.03
N LEU F 93 -6.40 -46.32 -70.79
CA LEU F 93 -4.98 -46.66 -70.95
C LEU F 93 -4.43 -47.41 -69.74
N SER F 94 -4.87 -47.03 -68.53
CA SER F 94 -4.47 -47.75 -67.33
C SER F 94 -5.03 -49.17 -67.32
N VAL F 95 -6.18 -49.39 -67.95
CA VAL F 95 -6.71 -50.75 -68.01
C VAL F 95 -5.90 -51.61 -68.97
N ALA F 96 -5.25 -51.00 -69.96
CA ALA F 96 -4.50 -51.75 -70.95
C ALA F 96 -3.05 -51.98 -70.55
N LYS F 97 -2.44 -51.07 -69.80
CA LYS F 97 -1.09 -51.29 -69.31
C LYS F 97 -1.07 -52.13 -68.05
N THR F 98 -2.13 -52.87 -67.79
CA THR F 98 -2.22 -53.86 -66.71
C THR F 98 -2.40 -55.27 -67.24
N ARG F 99 -3.12 -55.41 -68.35
CA ARG F 99 -3.25 -56.69 -69.04
C ARG F 99 -2.34 -56.78 -70.27
N ARG F 100 -1.52 -55.77 -70.52
CA ARG F 100 -0.44 -55.87 -71.49
C ARG F 100 -0.96 -56.07 -72.92
N CYS F 101 -1.72 -55.09 -73.39
CA CYS F 101 -2.13 -55.00 -74.79
C CYS F 101 -1.36 -53.85 -75.43
N GLU F 102 -0.45 -54.18 -76.34
CA GLU F 102 0.56 -53.24 -76.80
C GLU F 102 0.07 -52.32 -77.91
N ASP F 103 -1.07 -52.62 -78.52
CA ASP F 103 -1.63 -51.75 -79.56
C ASP F 103 -2.58 -50.72 -78.96
N GLU F 104 -3.50 -51.18 -78.11
CA GLU F 104 -4.37 -50.27 -77.38
C GLU F 104 -3.57 -49.40 -76.42
N GLU F 105 -2.51 -49.96 -75.82
CA GLU F 105 -1.64 -49.17 -74.96
C GLU F 105 -0.92 -48.06 -75.71
N GLU F 106 -0.88 -48.11 -77.03
CA GLU F 106 -0.17 -47.12 -77.83
C GLU F 106 -1.07 -46.17 -78.58
N GLU F 107 -2.29 -46.60 -78.92
CA GLU F 107 -3.20 -45.71 -79.63
C GLU F 107 -3.73 -44.58 -78.75
N PHE F 108 -3.57 -44.67 -77.43
CA PHE F 108 -4.08 -43.63 -76.53
C PHE F 108 -3.01 -42.60 -76.17
N ARG F 109 -1.75 -43.02 -76.12
CA ARG F 109 -0.65 -42.07 -75.95
C ARG F 109 -0.74 -40.95 -76.98
N LYS F 110 -0.99 -41.31 -78.24
CA LYS F 110 -1.14 -40.30 -79.28
C LYS F 110 -2.33 -39.40 -79.00
N ILE F 111 -3.48 -39.99 -78.67
CA ILE F 111 -4.70 -39.20 -78.43
C ILE F 111 -4.48 -38.19 -77.33
N LEU F 112 -3.63 -38.52 -76.34
CA LEU F 112 -3.40 -37.62 -75.23
C LEU F 112 -2.30 -36.60 -75.52
N SER F 113 -1.23 -37.01 -76.21
CA SER F 113 -0.20 -36.06 -76.60
C SER F 113 -0.73 -35.04 -77.60
N SER F 114 -1.78 -35.39 -78.35
CA SER F 114 -2.36 -34.47 -79.31
C SER F 114 -3.37 -33.52 -78.68
N LEU F 115 -3.88 -33.86 -77.50
CA LEU F 115 -4.78 -32.97 -76.78
C LEU F 115 -4.05 -32.06 -75.81
N TYR F 116 -2.96 -32.54 -75.21
CA TYR F 116 -2.12 -31.69 -74.38
C TYR F 116 -1.35 -30.65 -75.19
N LYS F 117 -1.39 -30.73 -76.51
CA LYS F 117 -0.65 -29.83 -77.38
C LYS F 117 -1.49 -28.64 -77.85
N GLU F 118 -2.78 -28.86 -78.14
CA GLU F 118 -3.66 -27.76 -78.51
C GLU F 118 -4.04 -26.91 -77.31
N VAL F 119 -3.87 -27.42 -76.09
CA VAL F 119 -4.09 -26.61 -74.90
C VAL F 119 -2.87 -25.75 -74.61
N THR F 120 -1.69 -26.21 -75.00
CA THR F 120 -0.47 -25.42 -74.84
C THR F 120 -0.33 -24.38 -75.95
N LYS F 121 -0.70 -24.73 -77.18
CA LYS F 121 -0.60 -23.85 -78.32
C LYS F 121 -1.57 -22.68 -78.28
N ALA F 122 -2.41 -22.58 -77.25
CA ALA F 122 -3.46 -21.58 -77.18
C ALA F 122 -3.34 -20.68 -75.96
N ALA F 123 -2.24 -20.78 -75.20
CA ALA F 123 -2.03 -19.94 -74.03
C ALA F 123 -0.81 -19.04 -74.17
N LEU F 124 -0.25 -18.94 -75.37
CA LEU F 124 0.90 -18.08 -75.58
C LEU F 124 0.49 -16.63 -75.81
N LEU F 125 -0.59 -16.42 -76.56
CA LEU F 125 -1.19 -15.11 -76.80
C LEU F 125 -0.38 -14.26 -77.77
N THR F 126 0.84 -14.69 -78.12
CA THR F 126 1.65 -13.95 -79.07
C THR F 126 2.40 -14.81 -80.06
N GLY F 127 2.45 -16.13 -79.90
CA GLY F 127 3.09 -16.98 -80.88
C GLY F 127 4.59 -16.90 -80.83
N GLU F 128 5.21 -16.71 -81.99
CA GLU F 128 6.66 -16.78 -82.13
C GLU F 128 7.37 -15.96 -81.06
N GLN F 129 6.88 -14.76 -80.78
CA GLN F 129 7.56 -13.82 -79.89
C GLN F 129 7.03 -13.91 -78.47
N PHE F 130 6.62 -15.12 -78.07
CA PHE F 130 6.43 -15.42 -76.65
C PHE F 130 7.76 -15.37 -75.90
N ARG F 131 8.86 -15.60 -76.60
CA ARG F 131 10.21 -15.59 -76.03
C ARG F 131 10.89 -14.24 -76.18
N GLU F 132 10.25 -13.16 -75.75
CA GLU F 132 10.82 -11.83 -75.93
C GLU F 132 10.43 -10.94 -74.75
N LYS F 133 10.92 -9.71 -74.78
CA LYS F 133 10.84 -8.80 -73.65
C LYS F 133 9.98 -7.59 -74.00
N ASN F 134 9.60 -6.86 -72.95
CA ASN F 134 8.77 -5.67 -73.07
C ASN F 134 7.53 -5.97 -73.93
N GLN F 135 6.74 -6.89 -73.38
CA GLN F 135 5.59 -7.45 -74.07
C GLN F 135 4.27 -6.92 -73.49
N GLY F 136 4.33 -6.11 -72.44
CA GLY F 136 3.15 -5.51 -71.86
C GLY F 136 3.05 -4.02 -72.16
N LYS F 137 3.81 -3.56 -73.14
CA LYS F 137 3.71 -2.18 -73.61
C LYS F 137 2.62 -2.01 -74.66
N LYS F 138 2.20 -3.09 -75.29
CA LYS F 138 1.22 -3.06 -76.36
C LYS F 138 -0.16 -2.63 -75.85
N ASP F 139 -1.11 -2.49 -76.77
CA ASP F 139 -2.45 -2.01 -76.43
C ASP F 139 -3.43 -3.14 -76.14
N ALA F 140 -3.06 -4.38 -76.44
CA ALA F 140 -3.91 -5.51 -76.08
C ALA F 140 -4.02 -5.65 -74.56
N PHE F 141 -3.01 -5.19 -73.82
CA PHE F 141 -2.97 -5.29 -72.37
C PHE F 141 -3.28 -3.97 -71.70
N LYS F 142 -4.24 -3.22 -72.25
CA LYS F 142 -4.57 -1.89 -71.77
C LYS F 142 -5.54 -1.88 -70.61
N TYR F 143 -6.46 -2.84 -70.55
CA TYR F 143 -7.46 -2.88 -69.49
C TYR F 143 -7.00 -3.69 -68.29
N HIS F 144 -6.12 -4.67 -68.51
CA HIS F 144 -5.51 -5.38 -67.40
C HIS F 144 -4.75 -4.43 -66.48
N LYS F 145 -4.17 -3.37 -67.03
CA LYS F 145 -3.49 -2.37 -66.21
C LYS F 145 -4.48 -1.51 -65.43
N GLU F 146 -5.54 -1.06 -66.10
CA GLU F 146 -6.56 -0.26 -65.45
C GLU F 146 -7.16 -1.00 -64.25
N LEU F 147 -7.42 -2.29 -64.41
CA LEU F 147 -7.92 -3.10 -63.30
C LEU F 147 -7.04 -2.94 -62.07
N ILE F 148 -5.74 -3.21 -62.23
CA ILE F 148 -4.82 -3.19 -61.10
C ILE F 148 -4.72 -1.79 -60.52
N SER F 149 -4.54 -0.79 -61.38
CA SER F 149 -4.47 0.58 -60.91
C SER F 149 -5.64 0.95 -60.03
N LYS F 150 -6.87 0.73 -60.52
CA LYS F 150 -8.06 1.06 -59.76
C LYS F 150 -8.10 0.30 -58.43
N LEU F 151 -7.95 -1.03 -58.50
CA LEU F 151 -8.01 -1.84 -57.29
C LEU F 151 -7.06 -1.33 -56.23
N ILE F 152 -5.78 -1.17 -56.59
CA ILE F 152 -4.78 -0.68 -55.64
C ILE F 152 -5.18 0.69 -55.11
N SER F 153 -5.41 1.66 -56.00
CA SER F 153 -5.61 3.04 -55.59
C SER F 153 -6.87 3.26 -54.78
N ASN F 154 -7.79 2.29 -54.72
CA ASN F 154 -8.99 2.44 -53.91
C ASN F 154 -8.79 2.05 -52.45
N ARG F 155 -7.55 1.78 -52.01
CA ARG F 155 -7.29 1.38 -50.64
C ARG F 155 -6.88 2.56 -49.77
N GLN F 156 -7.29 2.52 -48.50
CA GLN F 156 -6.89 3.48 -47.49
C GLN F 156 -5.75 2.93 -46.65
N PRO F 157 -5.05 3.79 -45.91
CA PRO F 157 -4.03 3.30 -44.98
C PRO F 157 -4.66 2.43 -43.89
N GLY F 158 -3.92 1.43 -43.45
CA GLY F 158 -4.38 0.47 -42.47
C GLY F 158 -4.99 -0.77 -43.08
N GLN F 159 -5.69 -0.61 -44.20
CA GLN F 159 -6.32 -1.74 -44.86
C GLN F 159 -5.27 -2.68 -45.42
N SER F 160 -5.74 -3.78 -46.02
CA SER F 160 -4.87 -4.81 -46.57
C SER F 160 -4.83 -4.73 -48.09
N ALA F 161 -3.86 -5.43 -48.67
CA ALA F 161 -3.63 -5.39 -50.10
C ALA F 161 -4.59 -6.32 -50.83
N PRO F 162 -4.74 -6.15 -52.14
CA PRO F 162 -5.69 -6.96 -52.90
C PRO F 162 -5.13 -8.29 -53.40
N ALA F 163 -6.07 -9.16 -53.77
CA ALA F 163 -5.83 -10.54 -54.15
C ALA F 163 -6.49 -10.83 -55.49
N ILE F 164 -5.81 -11.63 -56.31
CA ILE F 164 -6.33 -12.07 -57.60
C ILE F 164 -6.20 -13.58 -57.66
N PHE F 165 -7.29 -14.26 -57.97
CA PHE F 165 -7.29 -15.71 -58.21
C PHE F 165 -7.59 -15.96 -59.67
N THR F 166 -6.96 -16.99 -60.25
CA THR F 166 -7.20 -17.28 -61.65
C THR F 166 -6.92 -18.74 -61.97
N THR F 167 -7.61 -19.24 -63.00
CA THR F 167 -7.48 -20.60 -63.49
C THR F 167 -6.67 -20.72 -64.77
N ASN F 168 -6.35 -19.62 -65.43
CA ASN F 168 -5.64 -19.67 -66.70
C ASN F 168 -4.19 -20.07 -66.51
N TYR F 169 -3.59 -20.56 -67.60
CA TYR F 169 -2.18 -20.92 -67.64
C TYR F 169 -1.32 -19.82 -68.25
N ASP F 170 -1.91 -18.68 -68.60
CA ASP F 170 -1.26 -17.67 -69.42
C ASP F 170 -0.59 -16.59 -68.58
N LEU F 171 0.22 -15.79 -69.24
CA LEU F 171 1.01 -14.72 -68.62
C LEU F 171 0.48 -13.39 -69.14
N ALA F 172 -0.48 -12.83 -68.43
CA ALA F 172 -1.10 -11.56 -68.83
C ALA F 172 -1.24 -10.56 -67.69
N LEU F 173 -1.26 -10.98 -66.44
CA LEU F 173 -1.25 -10.07 -65.31
C LEU F 173 0.14 -9.80 -64.78
N GLU F 174 1.15 -10.49 -65.32
CA GLU F 174 2.55 -10.30 -64.99
C GLU F 174 3.24 -9.38 -66.00
N TRP F 175 3.10 -9.69 -67.29
CA TRP F 175 3.57 -8.83 -68.36
C TRP F 175 3.11 -7.39 -68.15
N ALA F 176 1.93 -7.20 -67.56
CA ALA F 176 1.33 -5.89 -67.39
C ALA F 176 1.84 -5.17 -66.15
N ALA F 177 1.99 -5.88 -65.04
CA ALA F 177 2.50 -5.26 -63.82
C ALA F 177 3.99 -4.96 -63.94
N GLU F 178 4.75 -5.80 -64.64
CA GLU F 178 6.16 -5.52 -64.87
C GLU F 178 6.37 -4.20 -65.59
N ASP F 179 5.37 -3.72 -66.33
CA ASP F 179 5.48 -2.44 -67.01
C ASP F 179 5.21 -1.27 -66.08
N LEU F 180 4.17 -1.38 -65.24
CA LEU F 180 3.89 -0.34 -64.27
C LEU F 180 4.99 -0.23 -63.23
N GLY F 181 5.61 -1.34 -62.87
CA GLY F 181 6.57 -1.38 -61.79
C GLY F 181 6.02 -1.93 -60.49
N ILE F 182 4.94 -2.70 -60.54
CA ILE F 182 4.25 -3.19 -59.35
C ILE F 182 4.73 -4.59 -59.05
N GLN F 183 4.72 -4.95 -57.76
CA GLN F 183 5.20 -6.25 -57.30
C GLN F 183 4.03 -7.13 -56.90
N LEU F 184 3.96 -8.30 -57.52
CA LEU F 184 3.00 -9.34 -57.17
C LEU F 184 3.71 -10.45 -56.40
N PHE F 185 3.08 -10.91 -55.33
CA PHE F 185 3.58 -12.06 -54.59
C PHE F 185 2.89 -13.33 -55.09
N ASN F 186 3.72 -14.37 -55.34
CA ASN F 186 3.23 -15.59 -55.96
C ASN F 186 3.79 -16.87 -55.32
N GLY F 187 4.58 -16.78 -54.27
CA GLY F 187 5.01 -17.94 -53.52
C GLY F 187 6.40 -18.45 -53.83
N PHE F 188 7.11 -17.85 -54.78
CA PHE F 188 8.45 -18.27 -55.16
C PHE F 188 9.48 -17.23 -54.75
N SER F 189 10.75 -17.65 -54.72
CA SER F 189 11.83 -16.79 -54.29
C SER F 189 13.16 -17.28 -54.88
N GLY F 190 13.98 -16.36 -55.34
CA GLY F 190 15.27 -16.65 -55.92
C GLY F 190 15.31 -16.32 -57.41
N LEU F 191 16.51 -16.39 -57.96
CA LEU F 191 16.65 -16.23 -59.41
C LEU F 191 17.46 -17.34 -60.08
N HIS F 192 18.54 -17.79 -59.46
CA HIS F 192 19.33 -18.88 -60.04
C HIS F 192 18.81 -20.24 -59.64
N THR F 193 18.08 -20.33 -58.53
CA THR F 193 17.34 -21.52 -58.17
C THR F 193 16.11 -21.05 -57.42
N ARG F 194 14.96 -21.11 -58.09
CA ARG F 194 13.71 -20.55 -57.60
C ARG F 194 12.81 -21.67 -57.10
N GLN F 195 12.28 -21.51 -55.89
CA GLN F 195 11.61 -22.60 -55.19
C GLN F 195 10.35 -22.09 -54.48
N PHE F 196 9.39 -23.00 -54.35
CA PHE F 196 8.12 -22.71 -53.69
C PHE F 196 8.23 -22.93 -52.19
N TYR F 197 7.89 -21.91 -51.41
CA TYR F 197 7.72 -22.02 -49.97
C TYR F 197 6.38 -21.40 -49.61
N PRO F 198 5.51 -22.11 -48.88
CA PRO F 198 4.22 -21.51 -48.52
C PRO F 198 4.30 -20.43 -47.47
N GLN F 199 5.49 -20.14 -46.93
CA GLN F 199 5.65 -19.08 -45.95
C GLN F 199 5.82 -17.71 -46.59
N ASN F 200 5.85 -17.64 -47.92
CA ASN F 200 6.08 -16.40 -48.64
C ASN F 200 4.78 -15.75 -49.10
N PHE F 201 3.66 -16.11 -48.47
CA PHE F 201 2.39 -15.43 -48.66
C PHE F 201 2.04 -14.57 -47.46
N ASP F 202 2.90 -14.52 -46.44
CA ASP F 202 2.68 -13.75 -45.23
C ASP F 202 3.65 -12.57 -45.12
N LEU F 203 4.14 -12.07 -46.25
CA LEU F 203 5.15 -11.03 -46.29
C LEU F 203 4.56 -9.72 -46.77
N ALA F 204 5.28 -8.64 -46.49
CA ALA F 204 4.86 -7.30 -46.89
C ALA F 204 6.07 -6.39 -46.86
N PHE F 205 5.88 -5.16 -47.35
CA PHE F 205 6.95 -4.18 -47.47
C PHE F 205 6.87 -3.14 -46.35
N ARG F 206 7.90 -2.31 -46.29
CA ARG F 206 7.95 -1.16 -45.39
C ARG F 206 9.19 -0.35 -45.75
N ASN F 207 9.21 0.90 -45.30
CA ASN F 207 10.35 1.77 -45.48
C ASN F 207 11.19 1.82 -44.22
N VAL F 208 12.49 2.00 -44.40
CA VAL F 208 13.44 1.98 -43.30
C VAL F 208 13.85 3.38 -42.86
N ASN F 209 13.31 4.41 -43.49
CA ASN F 209 13.62 5.80 -43.17
C ASN F 209 12.38 6.54 -42.70
N ALA F 210 11.59 5.90 -41.84
CA ALA F 210 10.36 6.49 -41.33
C ALA F 210 10.62 7.22 -40.02
N HIS F 218 3.11 1.53 -49.73
CA HIS F 218 3.75 1.09 -50.97
C HIS F 218 2.85 0.11 -51.71
N TYR F 219 3.03 0.04 -53.04
CA TYR F 219 2.15 -0.72 -53.90
C TYR F 219 2.63 -2.16 -54.06
N HIS F 220 1.72 -3.11 -53.85
CA HIS F 220 1.99 -4.53 -54.03
C HIS F 220 0.65 -5.26 -54.01
N ALA F 221 0.66 -6.51 -54.48
CA ALA F 221 -0.57 -7.29 -54.54
C ALA F 221 -0.23 -8.77 -54.44
N TYR F 222 -1.28 -9.61 -54.42
CA TYR F 222 -1.13 -11.06 -54.32
C TYR F 222 -1.80 -11.76 -55.50
N LEU F 223 -1.18 -12.85 -55.95
CA LEU F 223 -1.66 -13.59 -57.11
C LEU F 223 -1.66 -15.08 -56.79
N TYR F 224 -2.81 -15.72 -57.00
CA TYR F 224 -3.02 -17.14 -56.76
C TYR F 224 -3.47 -17.80 -58.06
N LYS F 225 -2.64 -18.68 -58.59
CA LYS F 225 -2.99 -19.52 -59.73
C LYS F 225 -3.45 -20.88 -59.20
N LEU F 226 -4.68 -21.27 -59.55
CA LEU F 226 -5.24 -22.49 -58.99
C LEU F 226 -4.94 -23.73 -59.80
N HIS F 227 -4.60 -23.58 -61.09
CA HIS F 227 -4.45 -24.73 -61.98
C HIS F 227 -3.07 -24.78 -62.65
N GLY F 228 -2.07 -24.11 -62.09
CA GLY F 228 -0.72 -24.21 -62.60
C GLY F 228 -0.33 -23.09 -63.53
N SER F 229 0.74 -23.34 -64.28
CA SER F 229 1.28 -22.37 -65.23
C SER F 229 2.28 -23.08 -66.13
N LEU F 230 2.71 -22.37 -67.18
CA LEU F 230 3.64 -22.91 -68.15
C LEU F 230 5.09 -22.81 -67.70
N THR F 231 5.41 -21.89 -66.79
CA THR F 231 6.78 -21.63 -66.38
C THR F 231 7.19 -22.44 -65.16
N TRP F 232 6.39 -23.44 -64.78
CA TRP F 232 6.63 -24.27 -63.61
C TRP F 232 6.98 -25.68 -64.04
N TYR F 233 7.81 -26.35 -63.23
CA TYR F 233 8.10 -27.76 -63.47
C TYR F 233 8.60 -28.41 -62.19
N GLN F 234 8.83 -29.72 -62.29
CA GLN F 234 9.10 -30.58 -61.14
C GLN F 234 10.21 -31.54 -61.49
N ASN F 235 11.33 -31.47 -60.77
CA ASN F 235 12.49 -32.32 -61.05
C ASN F 235 12.52 -33.53 -60.12
N ASP F 236 11.44 -34.31 -60.19
CA ASP F 236 11.32 -35.60 -59.50
C ASP F 236 12.00 -35.58 -58.13
N SER F 237 11.76 -34.52 -57.35
CA SER F 237 12.39 -34.41 -56.04
C SER F 237 11.44 -33.84 -54.99
N LEU F 238 10.14 -33.77 -55.28
CA LEU F 238 9.19 -33.06 -54.43
C LEU F 238 9.64 -31.62 -54.22
N THR F 239 10.08 -31.00 -55.30
CA THR F 239 10.36 -29.57 -55.34
C THR F 239 9.86 -29.04 -56.68
N VAL F 240 9.37 -27.80 -56.66
CA VAL F 240 8.80 -27.16 -57.82
C VAL F 240 9.65 -25.94 -58.15
N ASN F 241 9.92 -25.74 -59.43
CA ASN F 241 10.82 -24.69 -59.89
C ASN F 241 10.14 -23.84 -60.95
N GLU F 242 10.55 -22.57 -61.01
CA GLU F 242 10.01 -21.57 -61.91
C GLU F 242 11.12 -20.99 -62.77
N VAL F 243 10.82 -20.72 -64.03
CA VAL F 243 11.77 -20.10 -64.94
C VAL F 243 11.04 -19.04 -65.77
N SER F 244 11.81 -18.40 -66.65
CA SER F 244 11.29 -17.37 -67.54
C SER F 244 10.86 -17.97 -68.87
N ALA F 245 10.32 -17.11 -69.72
CA ALA F 245 9.70 -17.57 -70.96
C ALA F 245 10.73 -17.93 -72.02
N SER F 246 11.81 -17.15 -72.12
CA SER F 246 12.89 -17.50 -73.04
C SER F 246 13.60 -18.77 -72.61
N GLN F 247 13.66 -19.03 -71.30
CA GLN F 247 14.31 -20.23 -70.79
C GLN F 247 13.41 -21.45 -70.83
N ALA F 248 12.10 -21.26 -70.96
CA ALA F 248 11.17 -22.36 -71.13
C ALA F 248 10.94 -22.73 -72.59
N TYR F 249 10.89 -21.73 -73.47
CA TYR F 249 10.61 -21.98 -74.88
C TYR F 249 11.66 -22.88 -75.51
N ASP F 250 12.93 -22.64 -75.20
CA ASP F 250 14.02 -23.44 -75.72
C ASP F 250 14.47 -24.51 -74.73
N GLU F 251 13.57 -24.91 -73.84
CA GLU F 251 13.87 -26.00 -72.91
C GLU F 251 12.85 -27.13 -72.99
N TYR F 252 11.55 -26.82 -73.04
CA TYR F 252 10.62 -27.92 -73.35
C TYR F 252 9.57 -27.56 -74.40
N ILE F 253 9.09 -26.31 -74.42
CA ILE F 253 7.86 -26.02 -75.15
C ILE F 253 8.01 -26.27 -76.65
N ASN F 254 9.15 -25.86 -77.22
CA ASN F 254 9.32 -25.99 -78.67
C ASN F 254 9.15 -27.42 -79.14
N ASP F 255 9.60 -28.39 -78.35
CA ASP F 255 9.41 -29.79 -78.71
C ASP F 255 7.94 -30.15 -78.71
N ILE F 256 7.24 -29.85 -77.60
CA ILE F 256 5.82 -30.13 -77.52
C ILE F 256 5.08 -29.55 -78.72
N ILE F 257 5.52 -28.39 -79.21
CA ILE F 257 4.80 -27.72 -80.29
C ILE F 257 5.13 -28.36 -81.63
N ASN F 258 6.40 -28.62 -81.90
CA ASN F 258 6.85 -28.93 -83.26
C ASN F 258 7.35 -30.34 -83.45
N LYS F 259 8.01 -30.95 -82.47
CA LYS F 259 8.70 -32.22 -82.67
C LYS F 259 7.82 -33.44 -82.39
N ASP F 260 6.60 -33.24 -81.90
CA ASP F 260 5.63 -34.33 -81.74
C ASP F 260 6.22 -35.48 -80.92
N ASP F 261 6.60 -35.15 -79.69
CA ASP F 261 7.10 -36.14 -78.74
C ASP F 261 6.03 -36.50 -77.72
N PHE F 262 5.98 -37.78 -77.36
CA PHE F 262 5.02 -38.23 -76.38
C PHE F 262 5.16 -37.44 -75.08
N TYR F 263 4.04 -37.27 -74.39
CA TYR F 263 4.00 -36.40 -73.22
C TYR F 263 4.76 -36.98 -72.03
N ARG F 264 5.31 -36.08 -71.23
CA ARG F 264 5.83 -36.35 -69.90
C ARG F 264 5.58 -35.11 -69.07
N GLY F 265 5.74 -35.23 -67.76
CA GLY F 265 5.39 -34.11 -66.90
C GLY F 265 6.40 -32.99 -67.03
N GLN F 266 6.41 -32.36 -68.21
CA GLN F 266 7.33 -31.25 -68.46
C GLN F 266 6.92 -30.02 -67.66
N HIS F 267 5.65 -29.61 -67.79
CA HIS F 267 5.11 -28.49 -67.04
C HIS F 267 3.87 -28.91 -66.27
N LEU F 268 3.58 -28.14 -65.22
CA LEU F 268 2.63 -28.54 -64.18
C LEU F 268 1.24 -27.89 -64.31
N ILE F 269 0.36 -28.57 -65.06
CA ILE F 269 -0.97 -28.08 -65.35
C ILE F 269 -2.01 -29.12 -64.94
N TYR F 270 -3.19 -28.64 -64.57
CA TYR F 270 -4.30 -29.48 -64.12
C TYR F 270 -5.52 -29.23 -65.01
N PRO F 271 -5.52 -29.77 -66.24
CA PRO F 271 -6.64 -29.53 -67.14
C PRO F 271 -7.80 -30.51 -67.05
N GLY F 272 -7.69 -31.56 -66.22
CA GLY F 272 -8.73 -32.56 -66.14
C GLY F 272 -9.89 -32.14 -65.25
N ALA F 273 -10.85 -33.06 -65.11
CA ALA F 273 -12.05 -32.78 -64.32
C ALA F 273 -11.82 -33.04 -62.84
N ASN F 274 -11.19 -34.18 -62.50
CA ASN F 274 -10.90 -34.52 -61.12
C ASN F 274 -9.44 -34.15 -60.83
N LYS F 275 -9.24 -33.18 -59.95
CA LYS F 275 -7.92 -32.72 -59.57
C LYS F 275 -7.39 -33.43 -58.33
N TYR F 276 -7.96 -34.57 -57.97
CA TYR F 276 -7.51 -35.34 -56.81
C TYR F 276 -6.93 -36.70 -57.20
N SER F 277 -7.01 -37.08 -58.48
CA SER F 277 -6.31 -38.29 -58.92
C SER F 277 -4.81 -38.12 -58.79
N HIS F 278 -4.30 -36.91 -58.97
CA HIS F 278 -2.89 -36.61 -58.76
C HIS F 278 -2.63 -36.57 -57.25
N THR F 279 -2.15 -37.69 -56.71
CA THR F 279 -1.91 -37.81 -55.27
C THR F 279 -0.52 -37.34 -54.87
N ILE F 280 0.09 -36.46 -55.66
CA ILE F 280 1.42 -35.92 -55.37
C ILE F 280 1.44 -34.40 -55.28
N GLY F 281 0.33 -33.72 -55.59
CA GLY F 281 0.29 -32.27 -55.59
C GLY F 281 0.12 -31.66 -54.22
N PHE F 282 1.17 -31.04 -53.70
CA PHE F 282 1.13 -30.29 -52.45
C PHE F 282 1.08 -28.79 -52.70
N VAL F 283 0.88 -28.37 -53.94
CA VAL F 283 0.73 -26.96 -54.27
C VAL F 283 -0.66 -26.63 -54.79
N TYR F 284 -1.42 -27.61 -55.27
CA TYR F 284 -2.84 -27.39 -55.56
C TYR F 284 -3.64 -27.22 -54.28
N GLY F 285 -3.28 -27.95 -53.23
CA GLY F 285 -3.96 -27.87 -51.95
C GLY F 285 -3.57 -26.72 -51.07
N GLU F 286 -2.55 -25.97 -51.45
CA GLU F 286 -2.15 -24.77 -50.73
C GLU F 286 -2.87 -23.52 -51.24
N MET F 287 -3.49 -23.61 -52.41
CA MET F 287 -4.25 -22.51 -52.99
C MET F 287 -5.70 -22.53 -52.52
N PHE F 288 -6.33 -23.70 -52.55
CA PHE F 288 -7.73 -23.83 -52.17
C PHE F 288 -7.94 -23.76 -50.67
N ARG F 289 -6.86 -23.74 -49.89
CA ARG F 289 -6.96 -23.45 -48.46
C ARG F 289 -6.99 -21.95 -48.21
N ARG F 290 -6.14 -21.20 -48.91
CA ARG F 290 -6.18 -19.75 -48.82
C ARG F 290 -7.48 -19.20 -49.42
N PHE F 291 -7.95 -19.80 -50.50
CA PHE F 291 -9.22 -19.35 -51.09
C PHE F 291 -10.37 -19.50 -50.10
N GLY F 292 -10.41 -20.61 -49.36
CA GLY F 292 -11.44 -20.79 -48.36
C GLY F 292 -11.25 -19.90 -47.14
N GLU F 293 -10.00 -19.67 -46.75
CA GLU F 293 -9.70 -18.77 -45.65
C GLU F 293 -9.98 -17.31 -45.98
N PHE F 294 -10.11 -16.98 -47.26
CA PHE F 294 -10.40 -15.62 -47.68
C PHE F 294 -11.89 -15.29 -47.57
N ILE F 295 -12.75 -16.15 -48.13
CA ILE F 295 -14.19 -15.90 -48.14
C ILE F 295 -14.84 -16.20 -46.81
N SER F 296 -14.07 -16.53 -45.78
CA SER F 296 -14.59 -16.68 -44.42
C SER F 296 -13.93 -15.59 -43.58
N LYS F 297 -14.51 -14.41 -43.67
CA LYS F 297 -14.02 -13.20 -43.03
C LYS F 297 -15.14 -12.17 -43.10
N PRO F 298 -15.40 -11.41 -42.05
CA PRO F 298 -16.41 -10.37 -42.14
C PRO F 298 -16.00 -9.27 -43.12
N GLN F 299 -17.01 -8.63 -43.70
CA GLN F 299 -16.83 -7.50 -44.60
C GLN F 299 -16.00 -7.89 -45.82
N THR F 300 -16.58 -8.80 -46.61
CA THR F 300 -15.87 -9.37 -47.75
C THR F 300 -16.70 -9.19 -49.03
N ALA F 301 -16.03 -8.87 -50.13
CA ALA F 301 -16.66 -8.72 -51.44
C ALA F 301 -15.88 -9.48 -52.50
N LEU F 302 -16.59 -10.03 -53.48
CA LEU F 302 -15.98 -10.78 -54.57
C LEU F 302 -16.67 -10.45 -55.89
N PHE F 303 -15.86 -10.32 -56.95
CA PHE F 303 -16.33 -10.13 -58.32
C PHE F 303 -15.88 -11.31 -59.17
N ILE F 304 -16.79 -11.83 -59.99
CA ILE F 304 -16.51 -12.98 -60.83
C ILE F 304 -16.76 -12.59 -62.28
N ASN F 305 -15.87 -13.02 -63.17
CA ASN F 305 -15.98 -12.71 -64.58
C ASN F 305 -15.18 -13.71 -65.40
N GLY F 306 -15.79 -14.19 -66.48
CA GLY F 306 -15.13 -15.10 -67.40
C GLY F 306 -15.22 -16.56 -67.04
N PHE F 307 -16.04 -16.92 -66.06
CA PHE F 307 -16.12 -18.28 -65.54
C PHE F 307 -17.44 -18.90 -65.99
N GLY F 308 -17.36 -20.14 -66.46
CA GLY F 308 -18.51 -20.84 -67.02
C GLY F 308 -19.25 -21.75 -66.08
N PHE F 309 -18.77 -21.92 -64.85
CA PHE F 309 -19.51 -22.63 -63.80
C PHE F 309 -19.59 -24.12 -64.08
N GLY F 310 -18.57 -24.67 -64.73
CA GLY F 310 -18.49 -26.10 -64.95
C GLY F 310 -17.41 -26.78 -64.13
N ASP F 311 -17.23 -26.34 -62.88
CA ASP F 311 -16.25 -26.92 -61.96
C ASP F 311 -16.96 -27.23 -60.65
N TYR F 312 -16.85 -28.48 -60.21
CA TYR F 312 -17.63 -28.94 -59.08
C TYR F 312 -17.12 -28.38 -57.76
N HIS F 313 -15.82 -28.18 -57.63
CA HIS F 313 -15.20 -27.89 -56.34
C HIS F 313 -15.16 -26.42 -55.98
N ILE F 314 -15.58 -25.53 -56.88
CA ILE F 314 -15.62 -24.10 -56.59
C ILE F 314 -17.04 -23.66 -56.24
N ASN F 315 -18.02 -24.19 -56.96
CA ASN F 315 -19.42 -23.88 -56.68
C ASN F 315 -19.79 -24.24 -55.24
N ARG F 316 -19.26 -25.36 -54.74
CA ARG F 316 -19.50 -25.73 -53.35
C ARG F 316 -18.96 -24.69 -52.40
N ILE F 317 -17.73 -24.23 -52.62
CA ILE F 317 -17.15 -23.19 -51.77
C ILE F 317 -18.05 -21.97 -51.76
N ILE F 318 -18.51 -21.54 -52.93
CA ILE F 318 -19.34 -20.34 -53.00
C ILE F 318 -20.65 -20.54 -52.23
N LEU F 319 -21.35 -21.63 -52.53
CA LEU F 319 -22.62 -21.90 -51.86
C LEU F 319 -22.46 -21.92 -50.35
N GLY F 320 -21.46 -22.64 -49.85
CA GLY F 320 -21.24 -22.72 -48.42
C GLY F 320 -20.70 -21.45 -47.81
N ALA F 321 -20.17 -20.54 -48.62
CA ALA F 321 -19.78 -19.22 -48.14
C ALA F 321 -20.94 -18.24 -48.10
N LEU F 322 -22.05 -18.56 -48.77
CA LEU F 322 -23.23 -17.71 -48.75
C LEU F 322 -24.11 -17.95 -47.53
N LEU F 323 -23.53 -18.41 -46.42
CA LEU F 323 -24.22 -18.47 -45.14
C LEU F 323 -23.65 -17.50 -44.12
N ASN F 324 -22.83 -16.54 -44.55
CA ASN F 324 -22.25 -15.53 -43.69
C ASN F 324 -22.86 -14.18 -44.02
N PRO F 325 -23.39 -13.44 -43.04
CA PRO F 325 -24.15 -12.22 -43.35
C PRO F 325 -23.33 -11.05 -43.83
N SER F 326 -22.02 -11.19 -44.04
CA SER F 326 -21.19 -10.07 -44.45
C SER F 326 -20.24 -10.47 -45.57
N PHE F 327 -20.75 -11.27 -46.51
CA PHE F 327 -20.01 -11.66 -47.71
C PHE F 327 -20.90 -11.37 -48.91
N HIS F 328 -20.42 -10.53 -49.83
CA HIS F 328 -21.17 -10.12 -51.00
C HIS F 328 -20.44 -10.55 -52.26
N VAL F 329 -21.21 -10.85 -53.31
CA VAL F 329 -20.67 -11.37 -54.55
C VAL F 329 -21.40 -10.75 -55.74
N VAL F 330 -20.66 -10.53 -56.82
CA VAL F 330 -21.20 -10.02 -58.08
C VAL F 330 -20.74 -10.94 -59.20
N ILE F 331 -21.66 -11.27 -60.10
CA ILE F 331 -21.43 -12.26 -61.14
C ILE F 331 -21.81 -11.67 -62.49
N TYR F 332 -21.05 -12.03 -63.52
CA TYR F 332 -21.24 -11.55 -64.88
C TYR F 332 -21.48 -12.75 -65.78
N TYR F 333 -22.68 -12.87 -66.33
CA TYR F 333 -23.04 -13.99 -67.19
C TYR F 333 -23.85 -13.51 -68.38
N PRO F 334 -23.31 -13.57 -69.61
CA PRO F 334 -24.04 -13.02 -70.76
C PRO F 334 -25.33 -13.76 -71.10
N GLU F 335 -25.25 -15.08 -71.25
CA GLU F 335 -26.37 -15.88 -71.74
C GLU F 335 -27.27 -16.32 -70.58
N LEU F 336 -27.97 -15.33 -70.02
CA LEU F 336 -28.85 -15.55 -68.89
C LEU F 336 -30.31 -15.73 -69.28
N LYS F 337 -30.60 -15.84 -70.57
CA LYS F 337 -31.96 -16.04 -71.06
C LYS F 337 -32.18 -17.45 -71.59
N GLU F 338 -31.24 -17.95 -72.40
CA GLU F 338 -31.34 -19.32 -72.87
C GLU F 338 -31.38 -20.30 -71.71
N ALA F 339 -30.63 -20.00 -70.65
CA ALA F 339 -30.61 -20.86 -69.47
C ALA F 339 -31.98 -20.87 -68.79
N ILE F 340 -32.52 -19.68 -68.51
CA ILE F 340 -33.84 -19.59 -67.90
C ILE F 340 -34.86 -20.36 -68.72
N THR F 341 -34.83 -20.21 -70.03
CA THR F 341 -35.76 -20.92 -70.90
C THR F 341 -35.59 -22.44 -70.82
N LYS F 342 -34.39 -22.94 -71.13
CA LYS F 342 -34.13 -24.37 -71.09
C LYS F 342 -34.45 -24.99 -69.74
N VAL F 343 -34.34 -24.21 -68.66
CA VAL F 343 -34.55 -24.76 -67.33
C VAL F 343 -36.01 -24.66 -66.91
N SER F 344 -36.77 -23.73 -67.50
CA SER F 344 -38.21 -23.73 -67.30
C SER F 344 -38.87 -24.87 -68.10
N LYS F 345 -38.28 -25.23 -69.24
CA LYS F 345 -38.76 -26.37 -70.01
C LYS F 345 -38.23 -27.71 -69.52
N GLY F 346 -37.70 -27.78 -68.31
CA GLY F 346 -37.26 -29.04 -67.74
C GLY F 346 -35.96 -29.58 -68.27
N GLY F 347 -35.39 -28.96 -69.29
CA GLY F 347 -34.08 -29.35 -69.82
C GLY F 347 -32.96 -28.62 -69.10
N GLY F 348 -31.86 -28.44 -69.80
CA GLY F 348 -30.74 -27.66 -69.32
C GLY F 348 -29.56 -28.53 -68.94
N SER F 349 -28.43 -27.86 -68.74
CA SER F 349 -27.20 -28.48 -68.26
C SER F 349 -26.92 -28.02 -66.83
N GLU F 350 -25.87 -28.60 -66.24
CA GLU F 350 -25.58 -28.32 -64.83
C GLU F 350 -25.08 -26.90 -64.62
N ALA F 351 -24.26 -26.41 -65.55
CA ALA F 351 -23.88 -25.00 -65.53
C ALA F 351 -25.11 -24.11 -65.55
N GLU F 352 -26.05 -24.39 -66.46
CA GLU F 352 -27.27 -23.61 -66.54
C GLU F 352 -28.14 -23.74 -65.30
N LYS F 353 -28.05 -24.85 -64.57
CA LYS F 353 -28.85 -25.00 -63.37
C LYS F 353 -28.27 -24.22 -62.20
N ALA F 354 -26.94 -24.22 -62.06
CA ALA F 354 -26.32 -23.59 -60.91
C ALA F 354 -26.56 -22.08 -60.89
N ILE F 355 -26.37 -21.42 -62.03
CA ILE F 355 -26.52 -19.98 -62.07
C ILE F 355 -27.97 -19.57 -61.88
N VAL F 356 -28.92 -20.38 -62.38
CA VAL F 356 -30.33 -20.08 -62.15
C VAL F 356 -30.69 -20.27 -60.68
N THR F 357 -30.19 -21.34 -60.07
CA THR F 357 -30.39 -21.52 -58.64
C THR F 357 -29.87 -20.33 -57.85
N LEU F 358 -28.74 -19.76 -58.28
CA LEU F 358 -28.23 -18.56 -57.61
C LEU F 358 -29.13 -17.35 -57.86
N LYS F 359 -29.59 -17.19 -59.10
CA LYS F 359 -30.42 -16.04 -59.47
C LYS F 359 -31.79 -16.06 -58.78
N ASN F 360 -32.29 -17.23 -58.41
CA ASN F 360 -33.65 -17.36 -57.88
C ASN F 360 -33.66 -17.43 -56.35
N MET F 361 -32.83 -16.63 -55.70
CA MET F 361 -32.72 -16.62 -54.24
C MET F 361 -33.65 -15.56 -53.65
N ALA F 362 -33.50 -15.31 -52.34
CA ALA F 362 -34.23 -14.25 -51.67
C ALA F 362 -33.34 -13.46 -50.72
N PHE F 363 -32.02 -13.58 -50.86
CA PHE F 363 -31.06 -12.79 -50.09
C PHE F 363 -30.53 -11.66 -50.96
N ASN F 364 -30.31 -10.51 -50.32
CA ASN F 364 -29.84 -9.31 -51.00
C ASN F 364 -28.31 -9.28 -51.14
N GLN F 365 -27.66 -10.43 -51.02
CA GLN F 365 -26.21 -10.54 -51.12
C GLN F 365 -25.76 -11.18 -52.42
N VAL F 366 -26.64 -11.31 -53.41
CA VAL F 366 -26.33 -11.95 -54.68
C VAL F 366 -26.82 -11.03 -55.79
N THR F 367 -25.95 -10.77 -56.77
CA THR F 367 -26.25 -9.88 -57.87
C THR F 367 -25.72 -10.50 -59.15
N VAL F 368 -26.60 -10.70 -60.12
CA VAL F 368 -26.25 -11.28 -61.41
C VAL F 368 -26.43 -10.22 -62.49
N VAL F 369 -25.57 -10.27 -63.50
CA VAL F 369 -25.56 -9.30 -64.58
C VAL F 369 -25.59 -10.05 -65.90
N GLY F 370 -26.59 -9.76 -66.73
CA GLY F 370 -26.66 -10.25 -68.09
C GLY F 370 -26.70 -9.11 -69.09
N GLY F 371 -26.84 -9.48 -70.36
CA GLY F 371 -26.97 -8.49 -71.40
C GLY F 371 -26.08 -8.73 -72.60
N GLY F 372 -25.52 -9.93 -72.71
CA GLY F 372 -24.61 -10.25 -73.78
C GLY F 372 -23.27 -9.55 -73.63
N SER F 373 -22.92 -8.72 -74.60
CA SER F 373 -21.67 -7.98 -74.57
C SER F 373 -21.66 -6.88 -73.52
N LYS F 374 -22.79 -6.63 -72.84
CA LYS F 374 -22.79 -5.71 -71.72
C LYS F 374 -22.06 -6.27 -70.51
N ALA F 375 -21.87 -7.59 -70.46
CA ALA F 375 -21.27 -8.28 -69.33
C ALA F 375 -19.84 -8.73 -69.61
N TYR F 376 -19.15 -8.02 -70.51
CA TYR F 376 -17.81 -8.38 -70.91
C TYR F 376 -16.77 -7.69 -70.02
N PHE F 377 -15.50 -8.01 -70.28
CA PHE F 377 -14.41 -7.58 -69.42
C PHE F 377 -14.19 -6.07 -69.52
N ASN F 378 -14.19 -5.53 -70.73
CA ASN F 378 -14.00 -4.09 -70.91
C ASN F 378 -15.10 -3.28 -70.24
N SER F 379 -16.30 -3.86 -70.10
CA SER F 379 -17.38 -3.18 -69.42
C SER F 379 -17.27 -3.32 -67.90
N PHE F 380 -16.93 -4.53 -67.44
CA PHE F 380 -16.56 -4.73 -66.04
C PHE F 380 -15.59 -3.66 -65.57
N VAL F 381 -14.53 -3.43 -66.34
CA VAL F 381 -13.51 -2.46 -65.91
C VAL F 381 -14.07 -1.05 -65.91
N GLU F 382 -14.96 -0.72 -66.86
CA GLU F 382 -15.55 0.62 -66.88
C GLU F 382 -16.45 0.84 -65.68
N HIS F 383 -17.14 -0.20 -65.21
CA HIS F 383 -18.04 -0.05 -64.07
C HIS F 383 -17.32 0.34 -62.78
N LEU F 384 -15.99 0.19 -62.72
CA LEU F 384 -15.29 0.44 -61.46
C LEU F 384 -14.93 1.91 -61.32
N PRO F 385 -14.93 2.44 -60.09
CA PRO F 385 -14.73 3.87 -59.88
C PRO F 385 -13.28 4.29 -59.66
N TYR F 386 -13.01 5.55 -60.00
CA TYR F 386 -11.79 6.21 -59.55
C TYR F 386 -12.02 6.82 -58.17
N PRO F 387 -10.96 7.01 -57.40
CA PRO F 387 -11.12 7.59 -56.06
C PRO F 387 -11.22 9.10 -56.07
N VAL F 388 -11.76 9.63 -54.97
CA VAL F 388 -11.92 11.06 -54.77
C VAL F 388 -10.93 11.48 -53.69
N LEU F 389 -9.96 12.33 -54.06
CA LEU F 389 -8.80 12.56 -53.21
C LEU F 389 -9.08 13.60 -52.13
N PHE F 390 -9.58 14.78 -52.51
CA PHE F 390 -9.88 15.83 -51.56
C PHE F 390 -11.40 15.99 -51.47
N PRO F 391 -12.08 15.15 -50.69
CA PRO F 391 -13.55 15.17 -50.71
C PRO F 391 -14.09 16.34 -49.90
N ARG F 392 -14.62 17.34 -50.60
CA ARG F 392 -15.43 18.34 -49.91
C ARG F 392 -16.69 17.66 -49.39
N ASP F 393 -16.94 17.81 -48.09
CA ASP F 393 -18.01 17.05 -47.45
C ASP F 393 -19.33 17.21 -48.19
N ASN F 394 -19.53 18.33 -48.88
CA ASN F 394 -20.64 18.63 -49.78
C ASN F 394 -21.92 19.02 -49.04
N ILE F 395 -21.93 19.04 -47.71
CA ILE F 395 -23.09 19.60 -47.01
C ILE F 395 -23.21 21.08 -47.35
N VAL F 396 -22.08 21.76 -47.50
CA VAL F 396 -22.09 23.17 -47.90
C VAL F 396 -22.37 23.30 -49.40
N ASP F 397 -21.88 22.35 -50.20
CA ASP F 397 -21.97 22.50 -51.66
C ASP F 397 -23.42 22.63 -52.13
N GLU F 398 -24.34 21.94 -51.48
CA GLU F 398 -25.74 22.16 -51.81
C GLU F 398 -26.14 23.60 -51.52
N LEU F 399 -25.66 24.17 -50.42
CA LEU F 399 -25.85 25.61 -50.21
C LEU F 399 -25.24 26.39 -51.36
N VAL F 400 -24.20 25.83 -52.01
CA VAL F 400 -23.54 26.53 -53.11
C VAL F 400 -24.43 26.58 -54.34
N GLU F 401 -25.05 25.45 -54.72
CA GLU F 401 -25.68 25.39 -56.03
C GLU F 401 -27.13 24.90 -56.09
N ALA F 402 -27.79 24.61 -54.96
CA ALA F 402 -29.19 24.24 -55.02
C ALA F 402 -30.06 25.40 -55.50
N ILE F 403 -29.56 26.63 -55.32
CA ILE F 403 -30.35 27.82 -55.61
C ILE F 403 -30.67 27.91 -57.10
N ALA F 404 -29.72 27.53 -57.96
CA ALA F 404 -29.96 27.58 -59.39
C ALA F 404 -31.20 26.79 -59.77
N ASN F 405 -31.45 25.67 -59.08
CA ASN F 405 -32.54 24.78 -59.46
C ASN F 405 -33.91 25.39 -59.19
N LEU F 406 -34.15 25.86 -57.97
CA LEU F 406 -35.53 26.14 -57.58
C LEU F 406 -36.02 27.49 -58.09
N SER F 407 -35.11 28.47 -58.25
CA SER F 407 -35.56 29.82 -58.59
C SER F 407 -36.45 29.82 -59.84
N LYS F 408 -36.13 28.99 -60.84
CA LYS F 408 -36.93 28.95 -62.06
C LYS F 408 -38.27 28.22 -61.83
N SER G 2 -34.30 -45.20 15.48
CA SER G 2 -35.54 -44.67 14.92
C SER G 2 -35.28 -43.50 13.98
N ILE G 3 -34.02 -43.31 13.60
CA ILE G 3 -33.62 -42.28 12.65
C ILE G 3 -32.55 -42.90 11.76
N TYR G 4 -32.90 -43.20 10.52
CA TYR G 4 -32.01 -43.88 9.58
C TYR G 4 -31.62 -42.92 8.47
N GLN G 5 -30.34 -42.53 8.45
CA GLN G 5 -29.74 -41.82 7.33
C GLN G 5 -28.65 -42.69 6.73
N GLY G 6 -28.85 -43.12 5.48
CA GLY G 6 -27.90 -43.98 4.82
C GLY G 6 -28.08 -45.46 5.09
N GLY G 7 -29.17 -45.85 5.76
CA GLY G 7 -29.31 -47.19 6.25
C GLY G 7 -28.61 -47.44 7.57
N ASN G 8 -28.08 -46.40 8.21
CA ASN G 8 -27.27 -46.52 9.41
C ASN G 8 -27.78 -45.53 10.44
N LYS G 9 -28.06 -46.00 11.64
CA LYS G 9 -28.72 -45.20 12.66
C LYS G 9 -28.02 -43.86 12.89
N LEU G 10 -28.78 -42.88 13.37
CA LEU G 10 -28.31 -41.54 13.63
C LEU G 10 -28.95 -41.05 14.92
N ASN G 11 -28.29 -40.11 15.58
CA ASN G 11 -28.73 -39.65 16.89
C ASN G 11 -29.29 -38.22 16.81
N GLU G 12 -30.11 -37.90 17.81
CA GLU G 12 -30.95 -36.72 17.77
C GLU G 12 -30.15 -35.43 17.73
N ASP G 13 -28.98 -35.39 18.36
CA ASP G 13 -28.22 -34.16 18.45
C ASP G 13 -27.43 -33.87 17.18
N ASP G 14 -27.12 -34.92 16.40
CA ASP G 14 -26.56 -34.69 15.07
C ASP G 14 -27.65 -34.37 14.07
N PHE G 15 -28.79 -35.05 14.18
CA PHE G 15 -29.98 -34.71 13.38
C PHE G 15 -30.33 -33.23 13.49
N ARG G 16 -30.43 -32.74 14.72
CA ARG G 16 -30.86 -31.37 14.99
C ARG G 16 -29.85 -30.34 14.51
N SER G 17 -28.69 -30.80 14.04
CA SER G 17 -27.71 -29.92 13.41
C SER G 17 -27.61 -30.12 11.92
N HIS G 18 -28.03 -31.29 11.41
CA HIS G 18 -28.24 -31.45 9.98
C HIS G 18 -29.39 -30.57 9.50
N VAL G 19 -30.43 -30.46 10.32
CA VAL G 19 -31.58 -29.63 9.97
C VAL G 19 -31.16 -28.16 9.83
N TYR G 20 -30.38 -27.66 10.79
CA TYR G 20 -29.98 -26.27 10.76
C TYR G 20 -29.16 -25.95 9.51
N SER G 21 -28.43 -26.92 8.98
CA SER G 21 -27.67 -26.68 7.75
C SER G 21 -28.57 -26.78 6.53
N LEU G 22 -29.50 -27.74 6.52
CA LEU G 22 -30.44 -27.85 5.41
C LEU G 22 -31.26 -26.58 5.25
N CYS G 23 -31.60 -25.92 6.36
CA CYS G 23 -32.44 -24.73 6.29
C CYS G 23 -31.66 -23.47 5.88
N GLN G 24 -30.46 -23.61 5.35
CA GLN G 24 -29.67 -22.47 4.88
C GLN G 24 -29.50 -22.43 3.37
N LEU G 25 -30.09 -23.37 2.64
CA LEU G 25 -29.86 -23.49 1.22
C LEU G 25 -30.71 -22.48 0.45
N ASP G 26 -30.56 -22.50 -0.88
CA ASP G 26 -31.22 -21.49 -1.71
C ASP G 26 -32.73 -21.73 -1.82
N ASN G 27 -33.16 -22.99 -1.91
CA ASN G 27 -34.57 -23.31 -2.04
C ASN G 27 -35.00 -24.26 -0.93
N VAL G 28 -36.06 -23.87 -0.22
CA VAL G 28 -36.58 -24.64 0.92
C VAL G 28 -38.10 -24.73 0.76
N GLY G 29 -38.66 -25.91 1.03
CA GLY G 29 -40.10 -26.07 0.91
C GLY G 29 -40.66 -27.15 1.81
N VAL G 30 -41.98 -27.09 2.02
CA VAL G 30 -42.66 -28.09 2.82
C VAL G 30 -43.87 -28.63 2.08
N LEU G 31 -44.15 -29.92 2.33
CA LEU G 31 -45.34 -30.59 1.81
C LEU G 31 -46.10 -31.21 2.97
N LEU G 32 -47.35 -30.79 3.13
CA LEU G 32 -48.20 -31.22 4.24
C LEU G 32 -49.28 -32.17 3.74
N GLY G 33 -50.08 -32.66 4.68
CA GLY G 33 -51.09 -33.66 4.39
C GLY G 33 -52.28 -33.59 5.34
N ALA G 34 -53.07 -34.65 5.39
CA ALA G 34 -54.30 -34.65 6.19
C ALA G 34 -54.02 -34.81 7.68
N GLY G 35 -52.95 -35.49 8.05
CA GLY G 35 -52.67 -35.70 9.46
C GLY G 35 -52.26 -34.43 10.19
N ALA G 36 -51.69 -33.48 9.47
CA ALA G 36 -51.26 -32.22 10.07
C ALA G 36 -52.42 -31.39 10.60
N SER G 37 -53.67 -31.77 10.29
CA SER G 37 -54.85 -31.03 10.73
C SER G 37 -55.64 -31.78 11.79
N VAL G 38 -55.00 -32.72 12.48
CA VAL G 38 -55.70 -33.53 13.48
C VAL G 38 -55.68 -32.86 14.86
N GLY G 39 -54.68 -32.02 15.13
CA GLY G 39 -54.64 -31.29 16.38
C GLY G 39 -55.39 -29.97 16.31
N CYS G 40 -56.36 -29.89 15.39
CA CYS G 40 -57.16 -28.69 15.25
C CYS G 40 -58.64 -28.99 15.05
N GLY G 41 -59.04 -30.26 14.97
CA GLY G 41 -60.42 -30.60 14.77
C GLY G 41 -60.69 -31.41 13.52
N GLY G 42 -59.63 -31.86 12.85
CA GLY G 42 -59.74 -32.59 11.61
C GLY G 42 -59.76 -34.11 11.80
N LYS G 43 -59.95 -34.80 10.68
CA LYS G 43 -60.03 -36.26 10.66
C LYS G 43 -59.09 -36.85 9.61
N THR G 44 -59.23 -38.15 9.36
CA THR G 44 -58.42 -38.86 8.39
C THR G 44 -59.31 -39.63 7.43
N MET G 45 -58.69 -40.14 6.38
CA MET G 45 -59.37 -40.67 5.20
C MET G 45 -59.82 -42.12 5.38
N LYS G 46 -59.85 -42.62 6.61
CA LYS G 46 -60.44 -43.92 6.90
C LYS G 46 -61.53 -43.75 7.95
N ASP G 47 -61.33 -42.80 8.86
CA ASP G 47 -62.43 -42.32 9.69
C ASP G 47 -63.57 -41.81 8.80
N VAL G 48 -63.24 -41.03 7.77
CA VAL G 48 -64.26 -40.52 6.88
C VAL G 48 -65.04 -41.63 6.20
N TRP G 49 -64.47 -42.83 6.07
CA TRP G 49 -65.14 -43.93 5.40
C TRP G 49 -65.93 -44.82 6.37
N LYS G 50 -65.40 -45.03 7.56
CA LYS G 50 -66.13 -45.79 8.57
C LYS G 50 -67.22 -44.97 9.24
N SER G 51 -67.25 -43.66 9.05
CA SER G 51 -68.40 -42.85 9.41
C SER G 51 -69.43 -42.77 8.30
N PHE G 52 -69.12 -43.29 7.11
CA PHE G 52 -70.05 -43.36 5.98
C PHE G 52 -70.74 -44.72 5.91
N LYS G 53 -69.96 -45.80 5.96
CA LYS G 53 -70.56 -47.13 5.92
C LYS G 53 -71.35 -47.46 7.17
N GLN G 54 -71.41 -46.55 8.14
CA GLN G 54 -72.26 -46.71 9.31
C GLN G 54 -73.64 -46.10 9.09
N ASN G 55 -73.68 -44.81 8.74
CA ASN G 55 -74.96 -44.14 8.55
C ASN G 55 -75.66 -44.59 7.28
N TYR G 56 -74.91 -44.82 6.20
CA TYR G 56 -75.49 -45.16 4.90
C TYR G 56 -75.05 -46.57 4.51
N PRO G 57 -75.71 -47.60 5.05
CA PRO G 57 -75.39 -48.98 4.68
C PRO G 57 -76.20 -49.54 3.52
N GLU G 58 -77.20 -48.82 3.01
CA GLU G 58 -77.99 -49.30 1.88
C GLU G 58 -77.50 -48.78 0.54
N LEU G 59 -76.61 -47.79 0.54
CA LEU G 59 -75.92 -47.38 -0.68
C LEU G 59 -74.62 -48.16 -0.90
N LEU G 60 -74.23 -48.99 0.07
CA LEU G 60 -72.98 -49.73 0.00
C LEU G 60 -73.13 -51.09 -0.68
N GLY G 61 -74.30 -51.37 -1.23
CA GLY G 61 -74.51 -52.62 -1.93
C GLY G 61 -74.50 -52.41 -3.43
N ALA G 62 -75.02 -51.27 -3.88
CA ALA G 62 -74.98 -50.95 -5.29
C ALA G 62 -73.56 -50.71 -5.76
N LEU G 63 -72.78 -49.96 -4.96
CA LEU G 63 -71.41 -49.60 -5.30
C LEU G 63 -70.51 -50.83 -5.45
N ILE G 64 -71.02 -52.01 -5.12
CA ILE G 64 -70.25 -53.24 -5.15
C ILE G 64 -70.84 -54.26 -6.12
N ASP G 65 -72.15 -54.50 -6.03
CA ASP G 65 -72.78 -55.53 -6.83
C ASP G 65 -73.35 -55.01 -8.15
N LYS G 66 -73.68 -53.73 -8.24
CA LYS G 66 -74.40 -53.18 -9.38
C LYS G 66 -73.54 -52.35 -10.32
N TYR G 67 -72.63 -51.53 -9.78
CA TYR G 67 -71.87 -50.59 -10.58
C TYR G 67 -70.37 -50.79 -10.49
N LEU G 68 -69.87 -51.54 -9.51
CA LEU G 68 -68.49 -52.01 -9.49
C LEU G 68 -67.50 -50.85 -9.33
N LEU G 69 -67.78 -49.97 -8.37
CA LEU G 69 -66.88 -48.87 -8.05
C LEU G 69 -66.01 -49.12 -6.83
N VAL G 70 -66.37 -50.10 -5.99
CA VAL G 70 -65.69 -50.34 -4.73
C VAL G 70 -65.45 -51.84 -4.59
N SER G 71 -64.45 -52.19 -3.79
CA SER G 71 -64.05 -53.56 -3.57
C SER G 71 -64.34 -53.98 -2.14
N GLN G 72 -64.74 -55.24 -1.96
CA GLN G 72 -65.11 -55.73 -0.64
C GLN G 72 -63.90 -55.79 0.30
N ILE G 73 -62.76 -56.25 -0.21
CA ILE G 73 -61.58 -56.43 0.63
C ILE G 73 -61.20 -55.10 1.28
N ASP G 74 -60.98 -54.07 0.46
CA ASP G 74 -60.56 -52.78 0.98
C ASP G 74 -61.70 -52.03 1.66
N SER G 75 -62.96 -52.29 1.30
CA SER G 75 -64.07 -51.73 2.06
C SER G 75 -64.11 -52.29 3.47
N ASP G 76 -63.69 -53.54 3.65
CA ASP G 76 -63.66 -54.14 4.98
C ASP G 76 -62.43 -53.71 5.76
N ASN G 77 -61.27 -53.64 5.11
CA ASN G 77 -60.04 -53.21 5.77
C ASN G 77 -59.92 -51.70 5.88
N ASN G 78 -60.88 -50.93 5.35
CA ASN G 78 -60.85 -49.47 5.43
C ASN G 78 -59.63 -48.90 4.71
N LEU G 79 -59.52 -49.25 3.44
CA LEU G 79 -58.41 -48.82 2.57
C LEU G 79 -58.95 -48.29 1.25
N VAL G 80 -59.95 -47.43 1.31
CA VAL G 80 -60.59 -46.87 0.13
C VAL G 80 -60.09 -45.45 -0.09
N ASN G 81 -60.01 -45.06 -1.37
CA ASN G 81 -59.64 -43.71 -1.76
C ASN G 81 -60.91 -42.97 -2.22
N VAL G 82 -61.18 -41.83 -1.58
CA VAL G 82 -62.47 -41.16 -1.74
C VAL G 82 -62.47 -40.24 -2.96
N GLU G 83 -61.34 -39.58 -3.21
CA GLU G 83 -61.21 -38.69 -4.37
C GLU G 83 -61.62 -39.37 -5.67
N LEU G 84 -61.03 -40.53 -5.95
CA LEU G 84 -61.31 -41.23 -7.20
C LEU G 84 -62.77 -41.68 -7.27
N LEU G 85 -63.30 -42.19 -6.16
CA LEU G 85 -64.70 -42.59 -6.12
C LEU G 85 -65.61 -41.44 -6.50
N ILE G 86 -65.37 -40.27 -5.90
CA ILE G 86 -66.18 -39.09 -6.23
C ILE G 86 -66.00 -38.73 -7.70
N ASP G 87 -64.76 -38.68 -8.18
CA ASP G 87 -64.51 -38.28 -9.55
C ASP G 87 -65.11 -39.22 -10.58
N GLU G 88 -65.36 -40.48 -10.21
CA GLU G 88 -65.99 -41.43 -11.12
C GLU G 88 -67.51 -41.34 -11.07
N ALA G 89 -68.07 -41.29 -9.85
CA ALA G 89 -69.49 -41.04 -9.71
C ALA G 89 -69.90 -39.71 -10.35
N THR G 90 -68.94 -38.80 -10.53
CA THR G 90 -69.21 -37.50 -11.13
C THR G 90 -69.41 -37.57 -12.63
N LYS G 91 -68.84 -38.56 -13.30
CA LYS G 91 -69.02 -38.70 -14.74
C LYS G 91 -70.06 -39.74 -15.12
N PHE G 92 -70.30 -40.75 -14.26
CA PHE G 92 -71.46 -41.60 -14.47
C PHE G 92 -72.72 -40.77 -14.64
N LEU G 93 -72.89 -39.78 -13.75
CA LEU G 93 -74.06 -38.93 -13.77
C LEU G 93 -74.14 -38.12 -15.05
N SER G 94 -73.00 -37.58 -15.50
CA SER G 94 -72.99 -36.80 -16.74
C SER G 94 -73.41 -37.66 -17.93
N VAL G 95 -72.87 -38.87 -18.03
CA VAL G 95 -73.23 -39.74 -19.14
C VAL G 95 -74.73 -40.04 -19.12
N ALA G 96 -75.27 -40.36 -17.94
CA ALA G 96 -76.69 -40.63 -17.84
C ALA G 96 -77.53 -39.42 -18.23
N LYS G 97 -77.16 -38.25 -17.71
CA LYS G 97 -77.85 -37.01 -18.07
C LYS G 97 -77.84 -36.80 -19.57
N THR G 98 -76.74 -37.13 -20.24
CA THR G 98 -76.64 -36.89 -21.67
C THR G 98 -77.53 -37.85 -22.45
N ARG G 99 -77.49 -39.14 -22.12
CA ARG G 99 -78.28 -40.10 -22.87
C ARG G 99 -79.69 -40.30 -22.33
N ARG G 100 -80.14 -39.48 -21.38
CA ARG G 100 -81.52 -39.49 -20.89
C ARG G 100 -81.89 -40.84 -20.29
N CYS G 101 -81.18 -41.21 -19.24
CA CYS G 101 -81.51 -42.35 -18.39
C CYS G 101 -81.80 -41.80 -17.00
N GLU G 102 -83.09 -41.70 -16.66
CA GLU G 102 -83.51 -40.90 -15.51
C GLU G 102 -83.40 -41.67 -14.20
N ASP G 103 -83.72 -42.96 -14.21
CA ASP G 103 -83.78 -43.72 -12.97
C ASP G 103 -82.43 -43.81 -12.27
N GLU G 104 -81.34 -43.79 -13.04
CA GLU G 104 -79.98 -43.87 -12.51
C GLU G 104 -79.43 -42.48 -12.18
N GLU G 105 -79.78 -41.50 -13.01
CA GLU G 105 -79.51 -40.11 -12.70
C GLU G 105 -80.12 -39.70 -11.36
N GLU G 106 -81.26 -40.29 -11.00
CA GLU G 106 -81.89 -39.98 -9.73
C GLU G 106 -81.17 -40.61 -8.54
N GLU G 107 -80.39 -41.67 -8.77
CA GLU G 107 -79.70 -42.38 -7.71
C GLU G 107 -78.30 -41.84 -7.44
N PHE G 108 -77.61 -41.43 -8.50
CA PHE G 108 -76.25 -40.92 -8.29
C PHE G 108 -76.26 -39.59 -7.54
N ARG G 109 -77.34 -38.82 -7.66
CA ARG G 109 -77.49 -37.62 -6.85
C ARG G 109 -77.60 -37.97 -5.37
N LYS G 110 -78.39 -39.00 -5.05
CA LYS G 110 -78.47 -39.47 -3.67
C LYS G 110 -77.11 -39.90 -3.15
N ILE G 111 -76.29 -40.51 -4.00
CA ILE G 111 -74.97 -40.97 -3.55
C ILE G 111 -74.04 -39.79 -3.29
N LEU G 112 -74.05 -38.80 -4.18
CA LEU G 112 -73.12 -37.69 -4.05
C LEU G 112 -73.51 -36.69 -2.96
N SER G 113 -74.81 -36.48 -2.75
CA SER G 113 -75.25 -35.62 -1.65
C SER G 113 -74.90 -36.22 -0.29
N SER G 114 -74.62 -37.52 -0.24
CA SER G 114 -74.19 -38.18 0.98
C SER G 114 -72.67 -38.20 1.15
N LEU G 115 -71.93 -38.37 0.05
CA LEU G 115 -70.47 -38.29 0.16
C LEU G 115 -70.00 -36.88 0.53
N TYR G 116 -70.57 -35.86 -0.12
CA TYR G 116 -70.14 -34.49 0.14
C TYR G 116 -70.43 -34.04 1.56
N LYS G 117 -71.49 -34.58 2.18
CA LYS G 117 -71.80 -34.25 3.55
C LYS G 117 -70.66 -34.64 4.49
N GLU G 118 -70.19 -35.88 4.37
CA GLU G 118 -69.13 -36.36 5.24
C GLU G 118 -67.80 -35.66 4.96
N VAL G 119 -67.46 -35.46 3.68
CA VAL G 119 -66.19 -34.80 3.42
C VAL G 119 -66.24 -33.31 3.79
N THR G 120 -67.43 -32.72 3.90
CA THR G 120 -67.51 -31.30 4.26
C THR G 120 -67.49 -31.11 5.77
N LYS G 121 -68.32 -31.84 6.51
CA LYS G 121 -68.35 -31.67 7.97
C LYS G 121 -66.95 -31.64 8.56
N ALA G 122 -66.13 -32.62 8.23
CA ALA G 122 -64.83 -32.81 8.85
C ALA G 122 -63.85 -31.66 8.59
N ALA G 123 -64.19 -30.70 7.73
CA ALA G 123 -63.22 -29.72 7.26
C ALA G 123 -63.52 -28.29 7.68
N LEU G 124 -64.43 -28.08 8.62
CA LEU G 124 -64.70 -26.74 9.12
C LEU G 124 -63.85 -26.37 10.32
N LEU G 125 -63.54 -27.34 11.18
CA LEU G 125 -62.62 -27.19 12.30
C LEU G 125 -63.19 -26.36 13.44
N THR G 126 -64.36 -25.74 13.24
CA THR G 126 -64.95 -24.90 14.27
C THR G 126 -66.47 -24.95 14.33
N GLY G 127 -67.12 -25.78 13.53
CA GLY G 127 -68.56 -25.89 13.56
C GLY G 127 -69.30 -24.67 13.05
N GLU G 128 -70.03 -24.00 13.94
CA GLU G 128 -70.84 -22.86 13.55
C GLU G 128 -70.08 -21.54 13.61
N GLN G 129 -68.95 -21.50 14.33
CA GLN G 129 -68.09 -20.32 14.35
C GLN G 129 -67.21 -20.24 13.12
N PHE G 130 -67.47 -21.08 12.12
CA PHE G 130 -66.74 -21.01 10.85
C PHE G 130 -66.96 -19.68 10.16
N ARG G 131 -68.13 -19.07 10.36
CA ARG G 131 -68.51 -17.85 9.65
C ARG G 131 -68.20 -16.57 10.43
N GLU G 132 -67.23 -16.60 11.33
CA GLU G 132 -66.94 -15.44 12.16
C GLU G 132 -65.49 -15.03 11.98
N LYS G 133 -65.10 -13.97 12.67
CA LYS G 133 -63.83 -13.29 12.47
C LYS G 133 -62.82 -13.68 13.52
N ASN G 134 -61.55 -13.48 13.17
CA ASN G 134 -60.43 -13.68 14.08
C ASN G 134 -60.46 -15.06 14.72
N GLN G 135 -60.45 -16.08 13.85
CA GLN G 135 -60.42 -17.47 14.27
C GLN G 135 -59.00 -17.99 14.43
N GLY G 136 -57.99 -17.16 14.16
CA GLY G 136 -56.61 -17.52 14.37
C GLY G 136 -56.01 -16.98 15.64
N LYS G 137 -56.79 -16.28 16.45
CA LYS G 137 -56.37 -15.91 17.79
C LYS G 137 -56.43 -17.07 18.76
N LYS G 138 -57.23 -18.09 18.44
CA LYS G 138 -57.46 -19.23 19.32
C LYS G 138 -56.19 -20.05 19.51
N ASP G 139 -56.28 -21.08 20.34
CA ASP G 139 -55.11 -21.82 20.80
C ASP G 139 -54.87 -23.11 20.03
N ALA G 140 -55.82 -23.54 19.18
CA ALA G 140 -55.60 -24.71 18.35
C ALA G 140 -54.69 -24.42 17.15
N PHE G 141 -54.54 -23.15 16.79
CA PHE G 141 -53.69 -22.73 15.68
C PHE G 141 -52.37 -22.15 16.17
N LYS G 142 -51.84 -22.71 17.27
CA LYS G 142 -50.62 -22.19 17.86
C LYS G 142 -49.38 -22.76 17.19
N TYR G 143 -49.41 -24.03 16.81
CA TYR G 143 -48.28 -24.68 16.16
C TYR G 143 -48.29 -24.49 14.64
N HIS G 144 -49.19 -23.65 14.12
CA HIS G 144 -49.18 -23.27 12.73
C HIS G 144 -48.53 -21.92 12.49
N LYS G 145 -48.36 -21.11 13.54
CA LYS G 145 -47.69 -19.83 13.42
C LYS G 145 -46.19 -19.91 13.63
N GLU G 146 -45.74 -20.86 14.47
CA GLU G 146 -44.31 -21.06 14.66
C GLU G 146 -43.64 -21.48 13.36
N LEU G 147 -44.24 -22.43 12.65
CA LEU G 147 -43.77 -22.83 11.33
C LEU G 147 -43.48 -21.62 10.45
N ILE G 148 -44.49 -20.77 10.27
CA ILE G 148 -44.39 -19.66 9.33
C ILE G 148 -43.42 -18.61 9.83
N SER G 149 -43.31 -18.41 11.14
CA SER G 149 -42.39 -17.42 11.66
C SER G 149 -40.94 -17.88 11.55
N LYS G 150 -40.67 -19.15 11.89
CA LYS G 150 -39.33 -19.70 11.77
C LYS G 150 -38.85 -19.71 10.32
N LEU G 151 -39.67 -20.28 9.42
CA LEU G 151 -39.28 -20.37 8.02
C LEU G 151 -38.88 -19.02 7.46
N ILE G 152 -39.48 -17.94 7.98
CA ILE G 152 -39.18 -16.61 7.48
C ILE G 152 -37.95 -16.04 8.17
N SER G 153 -37.91 -16.08 9.50
CA SER G 153 -36.78 -15.52 10.23
C SER G 153 -35.47 -16.22 9.92
N ASN G 154 -35.51 -17.41 9.31
CA ASN G 154 -34.30 -18.11 8.91
C ASN G 154 -33.87 -17.77 7.49
N ARG G 155 -34.19 -16.58 7.00
CA ARG G 155 -33.81 -16.15 5.67
C ARG G 155 -32.97 -14.88 5.75
N GLN G 156 -32.09 -14.71 4.78
CA GLN G 156 -31.26 -13.53 4.63
C GLN G 156 -31.82 -12.62 3.55
N PRO G 157 -31.37 -11.37 3.51
CA PRO G 157 -31.83 -10.47 2.44
C PRO G 157 -31.29 -10.90 1.08
N GLY G 158 -32.07 -10.61 0.05
CA GLY G 158 -31.74 -11.09 -1.28
C GLY G 158 -31.73 -12.60 -1.33
N GLN G 159 -32.88 -13.21 -1.07
CA GLN G 159 -32.98 -14.66 -0.98
C GLN G 159 -34.43 -15.06 -1.17
N SER G 160 -34.64 -16.21 -1.79
CA SER G 160 -35.97 -16.65 -2.16
C SER G 160 -36.85 -16.84 -0.93
N ALA G 161 -38.15 -16.76 -1.15
CA ALA G 161 -39.14 -16.87 -0.08
C ALA G 161 -39.67 -18.30 0.02
N PRO G 162 -40.35 -18.64 1.11
CA PRO G 162 -40.76 -20.03 1.32
C PRO G 162 -42.01 -20.44 0.55
N ALA G 163 -42.08 -21.76 0.33
CA ALA G 163 -43.10 -22.41 -0.46
C ALA G 163 -43.74 -23.55 0.32
N ILE G 164 -45.07 -23.56 0.35
CA ILE G 164 -45.83 -24.54 1.11
C ILE G 164 -46.82 -25.21 0.16
N PHE G 165 -46.64 -26.51 -0.04
CA PHE G 165 -47.56 -27.32 -0.83
C PHE G 165 -48.43 -28.14 0.12
N THR G 166 -49.73 -28.17 -0.16
CA THR G 166 -50.64 -28.86 0.71
C THR G 166 -51.67 -29.61 -0.12
N THR G 167 -52.19 -30.67 0.51
CA THR G 167 -53.17 -31.56 -0.07
C THR G 167 -54.54 -31.44 0.58
N ASN G 168 -54.64 -30.73 1.70
CA ASN G 168 -55.90 -30.45 2.34
C ASN G 168 -56.69 -29.40 1.56
N TYR G 169 -57.93 -29.21 1.98
CA TYR G 169 -58.83 -28.19 1.40
C TYR G 169 -59.52 -27.42 2.51
N ASP G 170 -58.74 -26.94 3.47
CA ASP G 170 -59.26 -26.18 4.60
C ASP G 170 -58.45 -24.89 4.73
N LEU G 171 -58.73 -24.13 5.81
CA LEU G 171 -58.24 -22.77 5.95
C LEU G 171 -57.35 -22.58 7.18
N ALA G 172 -56.97 -23.67 7.85
CA ALA G 172 -56.12 -23.57 9.03
C ALA G 172 -54.85 -22.76 8.76
N LEU G 173 -54.36 -22.77 7.53
CA LEU G 173 -53.09 -22.15 7.18
C LEU G 173 -53.25 -20.73 6.65
N GLU G 174 -54.48 -20.31 6.37
CA GLU G 174 -54.78 -18.93 6.00
C GLU G 174 -55.27 -18.12 7.18
N TRP G 175 -56.02 -18.75 8.09
CA TRP G 175 -56.47 -18.07 9.29
C TRP G 175 -55.31 -17.63 10.17
N ALA G 176 -54.16 -18.31 10.07
CA ALA G 176 -53.06 -18.15 10.99
C ALA G 176 -51.97 -17.23 10.46
N ALA G 177 -52.22 -16.55 9.35
CA ALA G 177 -51.29 -15.56 8.83
C ALA G 177 -51.84 -14.14 8.83
N GLU G 178 -53.16 -13.98 8.82
CA GLU G 178 -53.75 -12.67 9.01
C GLU G 178 -53.53 -12.15 10.42
N ASP G 179 -53.31 -13.04 11.39
CA ASP G 179 -52.93 -12.61 12.73
C ASP G 179 -51.51 -12.08 12.75
N LEU G 180 -50.55 -12.91 12.34
CA LEU G 180 -49.17 -12.46 12.19
C LEU G 180 -49.07 -11.14 11.45
N GLY G 181 -49.68 -11.06 10.27
CA GLY G 181 -49.62 -9.86 9.47
C GLY G 181 -48.71 -9.99 8.28
N ILE G 182 -48.74 -11.14 7.61
CA ILE G 182 -47.95 -11.37 6.41
C ILE G 182 -48.89 -11.70 5.25
N GLN G 183 -48.32 -11.75 4.05
CA GLN G 183 -49.09 -11.90 2.82
C GLN G 183 -48.79 -13.26 2.19
N LEU G 184 -49.85 -13.97 1.83
CA LEU G 184 -49.76 -15.26 1.15
C LEU G 184 -50.21 -15.10 -0.28
N PHE G 185 -49.39 -15.60 -1.21
CA PHE G 185 -49.76 -15.60 -2.62
C PHE G 185 -50.38 -16.95 -2.98
N ASN G 186 -51.54 -16.89 -3.63
CA ASN G 186 -52.31 -18.07 -4.00
C ASN G 186 -52.86 -18.00 -5.42
N GLY G 187 -52.52 -16.98 -6.21
CA GLY G 187 -52.93 -16.93 -7.59
C GLY G 187 -54.27 -16.28 -7.87
N PHE G 188 -54.78 -15.46 -6.95
CA PHE G 188 -56.07 -14.80 -7.10
C PHE G 188 -55.91 -13.31 -6.87
N SER G 189 -56.88 -12.54 -7.35
CA SER G 189 -56.83 -11.08 -7.24
C SER G 189 -58.22 -10.50 -7.42
N GLY G 190 -58.49 -9.41 -6.71
CA GLY G 190 -59.77 -8.74 -6.72
C GLY G 190 -60.53 -8.93 -5.42
N LEU G 191 -61.58 -8.12 -5.25
CA LEU G 191 -62.47 -8.28 -4.10
C LEU G 191 -63.94 -8.42 -4.46
N HIS G 192 -64.43 -7.63 -5.42
CA HIS G 192 -65.82 -7.76 -5.85
C HIS G 192 -66.00 -8.77 -6.96
N THR G 193 -64.92 -9.08 -7.68
CA THR G 193 -64.90 -10.20 -8.61
C THR G 193 -63.47 -10.74 -8.59
N ARG G 194 -63.28 -11.87 -7.92
CA ARG G 194 -61.96 -12.45 -7.72
C ARG G 194 -61.75 -13.58 -8.70
N GLN G 195 -60.58 -13.62 -9.32
CA GLN G 195 -60.32 -14.49 -10.45
C GLN G 195 -58.92 -15.09 -10.37
N PHE G 196 -58.73 -16.18 -11.11
CA PHE G 196 -57.47 -16.90 -11.16
C PHE G 196 -56.60 -16.35 -12.30
N TYR G 197 -55.41 -15.88 -11.95
CA TYR G 197 -54.41 -15.44 -12.92
C TYR G 197 -53.12 -16.17 -12.62
N PRO G 198 -52.65 -17.08 -13.47
CA PRO G 198 -51.47 -17.86 -13.12
C PRO G 198 -50.19 -17.05 -13.02
N GLN G 199 -50.05 -15.98 -13.80
CA GLN G 199 -48.83 -15.18 -13.82
C GLN G 199 -48.51 -14.58 -12.45
N ASN G 200 -49.47 -14.62 -11.52
CA ASN G 200 -49.28 -14.00 -10.22
C ASN G 200 -48.23 -14.71 -9.37
N PHE G 201 -47.87 -15.94 -9.70
CA PHE G 201 -46.85 -16.67 -8.95
C PHE G 201 -45.44 -16.22 -9.31
N ASP G 202 -45.30 -15.11 -10.04
CA ASP G 202 -44.01 -14.60 -10.48
C ASP G 202 -43.77 -13.17 -9.98
N LEU G 203 -44.59 -12.68 -9.06
CA LEU G 203 -44.52 -11.31 -8.57
C LEU G 203 -43.99 -11.27 -7.15
N ALA G 204 -43.79 -10.06 -6.65
CA ALA G 204 -43.32 -9.84 -5.29
C ALA G 204 -43.60 -8.40 -4.91
N PHE G 205 -43.35 -8.08 -3.65
CA PHE G 205 -43.49 -6.73 -3.12
C PHE G 205 -42.12 -6.13 -2.85
N ARG G 206 -42.12 -4.82 -2.61
CA ARG G 206 -40.91 -4.09 -2.28
C ARG G 206 -41.33 -2.83 -1.52
N ASN G 207 -40.37 -1.93 -1.31
CA ASN G 207 -40.64 -0.65 -0.68
C ASN G 207 -39.95 0.45 -1.49
N VAL G 208 -40.57 1.62 -1.50
CA VAL G 208 -40.03 2.78 -2.21
C VAL G 208 -39.57 3.88 -1.26
N ASN G 209 -39.93 3.80 0.03
CA ASN G 209 -39.49 4.77 1.04
C ASN G 209 -39.19 3.99 2.31
N ALA G 210 -37.90 3.69 2.51
CA ALA G 210 -37.44 2.90 3.66
C ALA G 210 -37.83 1.44 3.48
N HIS G 218 -44.42 -6.35 4.11
CA HIS G 218 -43.16 -6.49 3.40
C HIS G 218 -42.71 -7.95 3.35
N TYR G 219 -43.40 -8.82 4.09
CA TYR G 219 -43.06 -10.23 4.20
C TYR G 219 -44.16 -11.06 3.56
N HIS G 220 -43.76 -12.07 2.80
CA HIS G 220 -44.71 -12.83 2.00
C HIS G 220 -44.24 -14.27 1.87
N ALA G 221 -45.14 -15.12 1.38
CA ALA G 221 -44.82 -16.52 1.14
C ALA G 221 -45.79 -17.05 0.09
N TYR G 222 -45.53 -18.27 -0.40
CA TYR G 222 -46.32 -18.85 -1.48
C TYR G 222 -47.01 -20.13 -1.04
N LEU G 223 -48.30 -20.24 -1.36
CA LEU G 223 -49.12 -21.38 -0.98
C LEU G 223 -49.69 -22.04 -2.23
N TYR G 224 -49.52 -23.36 -2.33
CA TYR G 224 -50.07 -24.14 -3.43
C TYR G 224 -50.95 -25.25 -2.87
N LYS G 225 -52.22 -25.23 -3.26
CA LYS G 225 -53.19 -26.26 -2.91
C LYS G 225 -53.38 -27.20 -4.09
N LEU G 226 -53.16 -28.50 -3.87
CA LEU G 226 -53.23 -29.45 -4.97
C LEU G 226 -54.59 -30.10 -5.14
N HIS G 227 -55.52 -29.92 -4.20
CA HIS G 227 -56.82 -30.56 -4.28
C HIS G 227 -58.01 -29.60 -4.19
N GLY G 228 -57.78 -28.30 -4.04
CA GLY G 228 -58.85 -27.34 -4.05
C GLY G 228 -59.11 -26.65 -2.73
N SER G 229 -60.31 -26.09 -2.57
CA SER G 229 -60.68 -25.41 -1.34
C SER G 229 -62.21 -25.30 -1.28
N LEU G 230 -62.72 -25.13 -0.05
CA LEU G 230 -64.14 -24.93 0.18
C LEU G 230 -64.64 -23.59 -0.32
N THR G 231 -63.74 -22.72 -0.77
CA THR G 231 -64.03 -21.31 -0.97
C THR G 231 -64.02 -20.91 -2.43
N TRP G 232 -63.87 -21.88 -3.34
CA TRP G 232 -63.82 -21.68 -4.78
C TRP G 232 -65.08 -22.29 -5.40
N TYR G 233 -65.56 -21.68 -6.48
CA TYR G 233 -66.71 -22.24 -7.18
C TYR G 233 -66.78 -21.67 -8.59
N GLN G 234 -67.75 -22.18 -9.34
CA GLN G 234 -67.96 -21.82 -10.74
C GLN G 234 -69.43 -21.48 -10.94
N ASN G 235 -69.70 -20.34 -11.56
CA ASN G 235 -71.06 -19.94 -11.89
C ASN G 235 -71.24 -19.65 -13.37
N ASP G 236 -70.25 -19.01 -14.01
CA ASP G 236 -70.21 -18.89 -15.45
C ASP G 236 -69.66 -20.19 -16.03
N SER G 237 -69.31 -20.19 -17.31
CA SER G 237 -68.73 -21.35 -17.96
C SER G 237 -67.22 -21.22 -18.18
N LEU G 238 -66.63 -20.06 -17.90
CA LEU G 238 -65.21 -19.87 -18.16
C LEU G 238 -64.52 -19.04 -17.08
N THR G 239 -65.06 -19.02 -15.86
CA THR G 239 -64.45 -18.23 -14.79
C THR G 239 -64.64 -18.93 -13.46
N VAL G 240 -63.57 -19.03 -12.69
CA VAL G 240 -63.56 -19.60 -11.36
C VAL G 240 -63.45 -18.47 -10.35
N ASN G 241 -64.28 -18.50 -9.31
CA ASN G 241 -64.35 -17.42 -8.34
C ASN G 241 -63.97 -17.92 -6.95
N GLU G 242 -63.51 -16.97 -6.14
CA GLU G 242 -63.15 -17.19 -4.74
C GLU G 242 -63.91 -16.21 -3.86
N VAL G 243 -64.35 -16.70 -2.69
CA VAL G 243 -65.09 -15.84 -1.77
C VAL G 243 -64.56 -15.99 -0.35
N SER G 244 -65.26 -15.41 0.61
CA SER G 244 -64.93 -15.54 2.02
C SER G 244 -65.82 -16.59 2.68
N ALA G 245 -65.41 -16.98 3.89
CA ALA G 245 -66.11 -18.04 4.60
C ALA G 245 -67.54 -17.63 4.95
N SER G 246 -67.71 -16.42 5.46
CA SER G 246 -69.05 -15.94 5.77
C SER G 246 -69.93 -15.89 4.54
N GLN G 247 -69.36 -15.51 3.40
CA GLN G 247 -70.10 -15.40 2.15
C GLN G 247 -70.34 -16.74 1.48
N ALA G 248 -69.64 -17.80 1.89
CA ALA G 248 -69.86 -19.13 1.38
C ALA G 248 -70.85 -19.93 2.23
N TYR G 249 -70.78 -19.75 3.56
CA TYR G 249 -71.71 -20.41 4.46
C TYR G 249 -73.15 -20.14 4.08
N ASP G 250 -73.46 -18.89 3.73
CA ASP G 250 -74.81 -18.54 3.31
C ASP G 250 -75.16 -19.25 2.00
N GLU G 251 -74.37 -19.02 0.95
CA GLU G 251 -74.65 -19.58 -0.36
C GLU G 251 -74.85 -21.09 -0.34
N TYR G 252 -73.81 -21.87 -0.01
CA TYR G 252 -73.94 -23.31 -0.22
C TYR G 252 -73.53 -24.19 0.96
N ILE G 253 -72.52 -23.80 1.74
CA ILE G 253 -71.99 -24.70 2.74
C ILE G 253 -72.99 -25.05 3.83
N ASN G 254 -74.14 -24.39 3.88
CA ASN G 254 -75.16 -24.68 4.88
C ASN G 254 -76.23 -25.65 4.38
N ASP G 255 -76.68 -25.49 3.14
CA ASP G 255 -77.62 -26.44 2.56
C ASP G 255 -77.01 -27.84 2.50
N ILE G 256 -75.73 -27.92 2.14
CA ILE G 256 -75.04 -29.20 2.06
C ILE G 256 -75.22 -29.99 3.35
N ILE G 257 -75.14 -29.30 4.49
CA ILE G 257 -75.13 -29.99 5.77
C ILE G 257 -76.54 -30.17 6.33
N ASN G 258 -77.39 -29.16 6.20
CA ASN G 258 -78.71 -29.17 6.83
C ASN G 258 -79.83 -29.28 5.80
N LYS G 259 -79.57 -29.99 4.71
CA LYS G 259 -80.61 -30.43 3.79
C LYS G 259 -80.22 -31.80 3.26
N ASP G 260 -81.23 -32.56 2.84
CA ASP G 260 -81.04 -33.98 2.56
C ASP G 260 -80.54 -34.24 1.13
N ASP G 261 -81.25 -33.71 0.15
CA ASP G 261 -80.99 -34.04 -1.25
C ASP G 261 -80.79 -32.76 -2.08
N PHE G 262 -79.98 -31.85 -1.56
CA PHE G 262 -79.55 -30.68 -2.33
C PHE G 262 -78.22 -31.00 -3.00
N TYR G 263 -78.20 -30.97 -4.33
CA TYR G 263 -76.96 -31.16 -5.07
C TYR G 263 -77.05 -30.41 -6.40
N ARG G 264 -76.02 -29.62 -6.69
CA ARG G 264 -75.93 -28.86 -7.92
C ARG G 264 -74.60 -29.18 -8.60
N GLY G 265 -74.67 -29.66 -9.84
CA GLY G 265 -73.50 -30.21 -10.50
C GLY G 265 -72.61 -29.18 -11.16
N GLN G 266 -71.36 -29.60 -11.40
CA GLN G 266 -70.34 -28.76 -12.03
C GLN G 266 -70.28 -27.38 -11.38
N HIS G 267 -70.21 -27.37 -10.07
CA HIS G 267 -70.22 -26.14 -9.28
C HIS G 267 -69.09 -26.08 -8.28
N LEU G 268 -68.67 -27.20 -7.72
CA LEU G 268 -67.70 -27.24 -6.65
C LEU G 268 -66.35 -27.76 -7.14
N ILE G 269 -65.29 -27.26 -6.51
CA ILE G 269 -63.92 -27.52 -6.94
C ILE G 269 -63.15 -28.27 -5.85
N TYR G 270 -63.82 -29.18 -5.15
CA TYR G 270 -63.16 -30.00 -4.15
C TYR G 270 -63.92 -31.29 -3.96
N PRO G 271 -63.24 -32.42 -3.69
CA PRO G 271 -61.81 -32.69 -3.85
C PRO G 271 -61.47 -33.31 -5.21
N GLY G 272 -60.81 -32.56 -6.09
CA GLY G 272 -60.46 -33.06 -7.41
C GLY G 272 -61.59 -33.74 -8.14
N ALA G 273 -62.75 -33.10 -8.21
CA ALA G 273 -63.97 -33.78 -8.61
C ALA G 273 -64.28 -33.67 -10.11
N ASN G 274 -64.47 -32.45 -10.60
CA ASN G 274 -64.92 -32.24 -11.98
C ASN G 274 -63.71 -31.91 -12.87
N LYS G 275 -63.00 -32.96 -13.27
CA LYS G 275 -61.75 -32.81 -13.99
C LYS G 275 -61.88 -32.97 -15.49
N TYR G 276 -63.04 -33.38 -16.00
CA TYR G 276 -63.21 -33.52 -17.44
C TYR G 276 -63.47 -32.17 -18.10
N SER G 277 -64.10 -31.24 -17.38
CA SER G 277 -64.23 -29.88 -17.88
C SER G 277 -62.86 -29.27 -18.14
N HIS G 278 -62.77 -28.43 -19.15
CA HIS G 278 -61.51 -27.86 -19.58
C HIS G 278 -61.22 -26.50 -18.95
N THR G 279 -62.09 -26.03 -18.05
CA THR G 279 -61.81 -24.83 -17.28
C THR G 279 -61.45 -25.11 -15.83
N ILE G 280 -61.82 -26.29 -15.30
CA ILE G 280 -61.51 -26.64 -13.92
C ILE G 280 -60.20 -27.42 -13.82
N GLY G 281 -59.90 -28.28 -14.80
CA GLY G 281 -58.63 -28.98 -14.81
C GLY G 281 -57.44 -28.07 -15.04
N PHE G 282 -57.67 -26.94 -15.72
CA PHE G 282 -56.65 -25.91 -15.86
C PHE G 282 -56.10 -25.48 -14.51
N VAL G 283 -56.93 -25.51 -13.47
CA VAL G 283 -56.51 -25.06 -12.15
C VAL G 283 -55.70 -26.14 -11.44
N TYR G 284 -56.11 -27.40 -11.57
CA TYR G 284 -55.37 -28.49 -10.95
C TYR G 284 -54.02 -28.73 -11.63
N GLY G 285 -53.92 -28.43 -12.93
CA GLY G 285 -52.69 -28.76 -13.65
C GLY G 285 -51.53 -27.85 -13.32
N GLU G 286 -51.80 -26.55 -13.18
CA GLU G 286 -50.73 -25.59 -12.93
C GLU G 286 -50.01 -25.88 -11.62
N MET G 287 -50.74 -26.33 -10.60
CA MET G 287 -50.13 -26.62 -9.31
C MET G 287 -49.13 -27.76 -9.42
N PHE G 288 -49.56 -28.88 -10.00
CA PHE G 288 -48.66 -30.01 -10.22
C PHE G 288 -47.45 -29.59 -11.04
N ARG G 289 -47.69 -28.82 -12.10
CA ARG G 289 -46.62 -28.26 -12.91
C ARG G 289 -45.59 -27.53 -12.04
N ARG G 290 -46.04 -26.54 -11.29
CA ARG G 290 -45.13 -25.74 -10.46
C ARG G 290 -44.43 -26.59 -9.41
N PHE G 291 -45.10 -27.60 -8.87
CA PHE G 291 -44.45 -28.50 -7.91
C PHE G 291 -43.29 -29.24 -8.55
N GLY G 292 -43.55 -29.89 -9.69
CA GLY G 292 -42.48 -30.59 -10.40
C GLY G 292 -41.42 -29.69 -10.97
N GLU G 293 -41.68 -28.40 -11.09
CA GLU G 293 -40.67 -27.44 -11.53
C GLU G 293 -39.88 -26.86 -10.36
N PHE G 294 -40.43 -26.89 -9.16
CA PHE G 294 -39.66 -26.51 -7.97
C PHE G 294 -38.77 -27.64 -7.51
N ILE G 295 -39.27 -28.87 -7.56
CA ILE G 295 -38.55 -30.03 -7.04
C ILE G 295 -37.36 -30.36 -7.93
N SER G 296 -37.17 -29.60 -9.01
CA SER G 296 -36.10 -29.84 -9.99
C SER G 296 -35.31 -28.54 -10.12
N LYS G 297 -34.32 -28.39 -9.26
CA LYS G 297 -33.53 -27.17 -9.16
C LYS G 297 -32.29 -27.46 -8.32
N PRO G 298 -31.21 -26.71 -8.51
CA PRO G 298 -30.05 -26.88 -7.64
C PRO G 298 -30.28 -26.30 -6.25
N GLN G 299 -29.68 -26.93 -5.25
CA GLN G 299 -29.69 -26.46 -3.87
C GLN G 299 -31.11 -26.36 -3.34
N THR G 300 -31.75 -27.54 -3.25
CA THR G 300 -33.16 -27.63 -2.88
C THR G 300 -33.34 -28.60 -1.72
N ALA G 301 -34.19 -28.20 -0.77
CA ALA G 301 -34.55 -29.02 0.37
C ALA G 301 -36.06 -29.09 0.53
N LEU G 302 -36.56 -30.30 0.81
CA LEU G 302 -37.98 -30.53 1.00
C LEU G 302 -38.23 -31.31 2.28
N PHE G 303 -39.14 -30.79 3.11
CA PHE G 303 -39.63 -31.51 4.29
C PHE G 303 -41.05 -32.00 4.01
N ILE G 304 -41.33 -33.25 4.42
CA ILE G 304 -42.63 -33.86 4.22
C ILE G 304 -43.23 -34.21 5.57
N ASN G 305 -44.53 -33.97 5.73
CA ASN G 305 -45.20 -34.39 6.96
C ASN G 305 -46.69 -34.53 6.73
N GLY G 306 -47.26 -35.64 7.21
CA GLY G 306 -48.68 -35.89 7.14
C GLY G 306 -49.13 -36.69 5.95
N PHE G 307 -48.21 -37.05 5.06
CA PHE G 307 -48.54 -37.68 3.78
C PHE G 307 -48.32 -39.18 3.88
N GLY G 308 -49.17 -39.93 3.20
CA GLY G 308 -49.23 -41.37 3.37
C GLY G 308 -48.63 -42.18 2.25
N PHE G 309 -48.26 -41.53 1.15
CA PHE G 309 -47.57 -42.16 0.04
C PHE G 309 -48.47 -43.17 -0.69
N GLY G 310 -49.72 -42.77 -0.92
CA GLY G 310 -50.65 -43.56 -1.70
C GLY G 310 -50.95 -43.02 -3.08
N ASP G 311 -50.21 -42.02 -3.56
CA ASP G 311 -50.37 -41.48 -4.89
C ASP G 311 -49.21 -41.93 -5.77
N TYR G 312 -49.54 -42.45 -6.95
CA TYR G 312 -48.51 -42.96 -7.85
C TYR G 312 -47.76 -41.86 -8.59
N HIS G 313 -48.33 -40.65 -8.66
CA HIS G 313 -47.75 -39.59 -9.46
C HIS G 313 -46.77 -38.73 -8.68
N ILE G 314 -46.91 -38.67 -7.35
CA ILE G 314 -45.99 -37.88 -6.54
C ILE G 314 -44.71 -38.67 -6.25
N ASN G 315 -44.84 -39.99 -6.08
CA ASN G 315 -43.67 -40.81 -5.79
C ASN G 315 -42.71 -40.82 -6.96
N ARG G 316 -43.23 -41.07 -8.17
CA ARG G 316 -42.41 -41.00 -9.37
C ARG G 316 -41.67 -39.67 -9.46
N ILE G 317 -42.35 -38.57 -9.14
CA ILE G 317 -41.76 -37.25 -9.28
C ILE G 317 -40.67 -37.04 -8.24
N ILE G 318 -40.89 -37.54 -7.02
CA ILE G 318 -39.89 -37.40 -5.97
C ILE G 318 -38.66 -38.24 -6.29
N LEU G 319 -38.86 -39.44 -6.84
CA LEU G 319 -37.73 -40.30 -7.17
C LEU G 319 -36.91 -39.72 -8.31
N GLY G 320 -37.57 -39.36 -9.40
CA GLY G 320 -36.86 -38.81 -10.54
C GLY G 320 -35.96 -37.63 -10.21
N ALA G 321 -36.25 -36.95 -9.10
CA ALA G 321 -35.50 -35.78 -8.69
C ALA G 321 -34.25 -36.10 -7.88
N LEU G 322 -34.01 -37.37 -7.56
CA LEU G 322 -32.83 -37.76 -6.83
C LEU G 322 -31.65 -38.11 -7.74
N LEU G 323 -31.79 -37.87 -9.04
CA LEU G 323 -30.68 -37.99 -9.97
C LEU G 323 -29.84 -36.72 -10.03
N ASN G 324 -30.23 -35.68 -9.29
CA ASN G 324 -29.50 -34.44 -9.18
C ASN G 324 -28.81 -34.38 -7.82
N PRO G 325 -27.51 -34.12 -7.74
CA PRO G 325 -26.79 -34.25 -6.47
C PRO G 325 -27.04 -33.15 -5.46
N SER G 326 -27.96 -32.21 -5.70
CA SER G 326 -28.17 -31.09 -4.79
C SER G 326 -29.64 -30.96 -4.39
N PHE G 327 -30.32 -32.10 -4.26
CA PHE G 327 -31.69 -32.17 -3.77
C PHE G 327 -31.72 -33.07 -2.54
N HIS G 328 -32.19 -32.52 -1.41
CA HIS G 328 -32.28 -33.27 -0.16
C HIS G 328 -33.71 -33.27 0.35
N VAL G 329 -34.13 -34.42 0.89
CA VAL G 329 -35.49 -34.63 1.36
C VAL G 329 -35.46 -35.20 2.76
N VAL G 330 -36.48 -34.86 3.55
CA VAL G 330 -36.65 -35.37 4.91
C VAL G 330 -38.11 -35.81 5.06
N ILE G 331 -38.29 -37.05 5.54
CA ILE G 331 -39.58 -37.71 5.60
C ILE G 331 -39.91 -38.07 7.05
N TYR G 332 -41.19 -38.22 7.33
CA TYR G 332 -41.70 -38.59 8.64
C TYR G 332 -42.74 -39.69 8.46
N TYR G 333 -42.58 -40.80 9.19
CA TYR G 333 -43.49 -41.93 9.05
C TYR G 333 -43.55 -42.73 10.34
N PRO G 334 -44.70 -42.76 11.05
CA PRO G 334 -44.74 -43.41 12.36
C PRO G 334 -44.76 -44.93 12.36
N GLU G 335 -45.42 -45.56 11.40
CA GLU G 335 -45.64 -47.01 11.42
C GLU G 335 -44.53 -47.79 10.73
N LEU G 336 -43.30 -47.26 10.77
CA LEU G 336 -42.17 -47.88 10.09
C LEU G 336 -41.96 -49.31 10.56
N LYS G 337 -42.04 -49.54 11.87
CA LYS G 337 -41.82 -50.88 12.43
C LYS G 337 -42.80 -51.88 11.85
N GLU G 338 -44.10 -51.63 12.06
CA GLU G 338 -45.14 -52.51 11.55
C GLU G 338 -45.08 -52.66 10.04
N ALA G 339 -44.48 -51.70 9.33
CA ALA G 339 -44.35 -51.83 7.88
C ALA G 339 -43.21 -52.78 7.52
N ILE G 340 -42.05 -52.61 8.17
CA ILE G 340 -40.92 -53.48 7.90
C ILE G 340 -41.28 -54.92 8.21
N THR G 341 -41.97 -55.16 9.33
CA THR G 341 -42.32 -56.52 9.69
C THR G 341 -43.13 -57.19 8.58
N LYS G 342 -44.16 -56.49 8.08
CA LYS G 342 -45.01 -57.07 7.05
C LYS G 342 -44.28 -57.24 5.73
N VAL G 343 -43.39 -56.31 5.39
CA VAL G 343 -42.73 -56.40 4.09
C VAL G 343 -41.67 -57.49 4.10
N SER G 344 -41.06 -57.77 5.25
CA SER G 344 -40.07 -58.84 5.32
C SER G 344 -40.66 -60.16 4.80
N LYS G 345 -41.82 -60.55 5.32
CA LYS G 345 -42.44 -61.84 4.98
C LYS G 345 -43.43 -61.71 3.83
N GLY G 346 -42.98 -61.14 2.72
CA GLY G 346 -43.77 -61.06 1.50
C GLY G 346 -45.18 -60.53 1.71
N GLY G 347 -45.29 -59.28 2.13
CA GLY G 347 -46.59 -58.66 2.34
C GLY G 347 -46.52 -57.15 2.18
N GLY G 348 -47.51 -56.46 2.72
CA GLY G 348 -47.52 -55.01 2.71
C GLY G 348 -48.12 -54.44 1.44
N SER G 349 -48.55 -53.19 1.54
CA SER G 349 -49.18 -52.48 0.43
C SER G 349 -48.16 -51.63 -0.33
N GLU G 350 -48.59 -51.16 -1.50
CA GLU G 350 -47.76 -50.36 -2.37
C GLU G 350 -47.34 -49.03 -1.74
N ALA G 351 -47.90 -48.68 -0.59
CA ALA G 351 -47.48 -47.52 0.16
C ALA G 351 -46.36 -47.84 1.13
N GLU G 352 -46.31 -49.07 1.64
CA GLU G 352 -45.25 -49.50 2.53
C GLU G 352 -44.02 -49.98 1.78
N LYS G 353 -44.22 -50.65 0.64
CA LYS G 353 -43.06 -51.11 -0.14
C LYS G 353 -42.17 -49.95 -0.55
N ALA G 354 -42.78 -48.84 -0.99
CA ALA G 354 -41.99 -47.70 -1.44
C ALA G 354 -41.15 -47.12 -0.31
N ILE G 355 -41.75 -46.92 0.86
CA ILE G 355 -41.03 -46.30 1.96
C ILE G 355 -39.96 -47.25 2.49
N VAL G 356 -40.23 -48.57 2.49
CA VAL G 356 -39.21 -49.51 2.93
C VAL G 356 -38.04 -49.52 1.95
N THR G 357 -38.32 -49.49 0.66
CA THR G 357 -37.27 -49.39 -0.34
C THR G 357 -36.42 -48.14 -0.13
N LEU G 358 -37.07 -47.00 0.12
CA LEU G 358 -36.33 -45.76 0.36
C LEU G 358 -35.46 -45.88 1.60
N LYS G 359 -35.99 -46.48 2.66
CA LYS G 359 -35.21 -46.73 3.86
C LYS G 359 -33.99 -47.59 3.56
N ASN G 360 -34.16 -48.62 2.74
CA ASN G 360 -33.07 -49.55 2.46
C ASN G 360 -32.00 -48.90 1.58
N MET G 361 -32.39 -48.00 0.68
CA MET G 361 -31.43 -47.42 -0.26
C MET G 361 -30.21 -46.87 0.47
N ALA G 362 -29.06 -46.97 -0.20
CA ALA G 362 -27.79 -46.57 0.39
C ALA G 362 -27.40 -45.16 -0.04
N PHE G 363 -28.27 -44.20 0.27
CA PHE G 363 -28.03 -42.79 -0.04
C PHE G 363 -27.91 -41.99 1.25
N ASN G 364 -27.09 -40.94 1.19
CA ASN G 364 -27.02 -39.93 2.23
C ASN G 364 -27.87 -38.71 1.90
N GLN G 365 -28.79 -38.86 0.93
CA GLN G 365 -29.72 -37.79 0.55
C GLN G 365 -31.13 -38.07 1.03
N VAL G 366 -31.31 -39.05 1.91
CA VAL G 366 -32.62 -39.46 2.39
C VAL G 366 -32.53 -39.71 3.89
N THR G 367 -33.52 -39.21 4.63
CA THR G 367 -33.62 -39.39 6.06
C THR G 367 -35.06 -39.73 6.41
N VAL G 368 -35.23 -40.69 7.31
CA VAL G 368 -36.54 -41.17 7.72
C VAL G 368 -36.62 -41.10 9.24
N VAL G 369 -37.79 -40.76 9.75
CA VAL G 369 -38.02 -40.53 11.17
C VAL G 369 -39.30 -41.26 11.54
N GLY G 370 -39.17 -42.43 12.16
CA GLY G 370 -40.33 -43.13 12.66
C GLY G 370 -40.22 -43.49 14.13
N GLY G 371 -41.03 -42.85 14.96
CA GLY G 371 -41.05 -43.11 16.37
C GLY G 371 -42.43 -43.06 16.99
N GLY G 372 -43.45 -43.38 16.20
CA GLY G 372 -44.81 -43.20 16.67
C GLY G 372 -45.09 -41.74 16.94
N SER G 373 -45.53 -41.44 18.16
CA SER G 373 -45.86 -40.08 18.58
C SER G 373 -44.70 -39.11 18.38
N LYS G 374 -43.49 -39.63 18.19
CA LYS G 374 -42.32 -38.79 18.00
C LYS G 374 -42.21 -38.23 16.59
N ALA G 375 -43.02 -38.72 15.65
CA ALA G 375 -42.99 -38.28 14.27
C ALA G 375 -44.20 -37.42 13.92
N TYR G 376 -44.75 -36.73 14.92
CA TYR G 376 -45.95 -35.94 14.73
C TYR G 376 -45.61 -34.49 14.42
N PHE G 377 -46.66 -33.71 14.11
CA PHE G 377 -46.50 -32.34 13.64
C PHE G 377 -45.91 -31.45 14.73
N ASN G 378 -46.31 -31.67 15.98
CA ASN G 378 -45.83 -30.83 17.07
C ASN G 378 -44.35 -31.05 17.35
N SER G 379 -43.88 -32.28 17.20
CA SER G 379 -42.45 -32.56 17.33
C SER G 379 -41.67 -32.02 16.14
N PHE G 380 -42.20 -32.24 14.93
CA PHE G 380 -41.63 -31.66 13.73
C PHE G 380 -41.38 -30.17 13.88
N VAL G 381 -42.36 -29.44 14.44
CA VAL G 381 -42.24 -28.00 14.54
C VAL G 381 -41.26 -27.55 15.60
N GLU G 382 -40.95 -28.39 16.58
CA GLU G 382 -39.94 -28.06 17.58
C GLU G 382 -38.54 -28.47 17.16
N HIS G 383 -38.42 -29.43 16.25
CA HIS G 383 -37.11 -29.78 15.71
C HIS G 383 -36.48 -28.65 14.88
N LEU G 384 -37.22 -27.58 14.58
CA LEU G 384 -36.67 -26.49 13.78
C LEU G 384 -35.94 -25.49 14.66
N PRO G 385 -35.02 -24.71 14.08
CA PRO G 385 -34.17 -23.83 14.90
C PRO G 385 -34.73 -22.44 15.15
N TYR G 386 -34.70 -22.00 16.40
CA TYR G 386 -34.92 -20.60 16.73
C TYR G 386 -33.70 -20.06 17.47
N PRO G 387 -33.24 -18.85 17.14
CA PRO G 387 -32.00 -18.34 17.73
C PRO G 387 -32.19 -17.88 19.18
N VAL G 388 -31.07 -17.54 19.80
CA VAL G 388 -31.04 -16.98 21.15
C VAL G 388 -29.86 -16.04 21.29
N ASN G 394 -42.38 -9.81 24.77
CA ASN G 394 -43.61 -9.13 24.38
C ASN G 394 -44.15 -8.27 25.53
N ILE G 395 -43.35 -7.29 25.93
CA ILE G 395 -43.73 -6.35 26.98
C ILE G 395 -44.46 -5.17 26.35
N VAL G 396 -44.81 -5.30 25.08
CA VAL G 396 -45.35 -4.21 24.28
C VAL G 396 -46.86 -4.35 24.06
N ASP G 397 -47.52 -5.17 24.88
CA ASP G 397 -48.91 -5.57 24.64
C ASP G 397 -49.91 -4.79 25.51
N GLU G 398 -49.65 -4.68 26.81
CA GLU G 398 -50.62 -4.11 27.73
C GLU G 398 -51.19 -2.77 27.27
N LEU G 399 -50.44 -2.04 26.44
CA LEU G 399 -50.85 -0.68 26.10
C LEU G 399 -52.17 -0.66 25.33
N VAL G 400 -52.37 -1.61 24.43
CA VAL G 400 -53.57 -1.58 23.59
C VAL G 400 -54.82 -1.77 24.44
N GLU G 401 -54.78 -2.68 25.41
CA GLU G 401 -55.93 -2.87 26.27
C GLU G 401 -56.05 -1.75 27.29
N ALA G 402 -54.95 -1.12 27.68
CA ALA G 402 -55.06 0.11 28.47
C ALA G 402 -55.88 1.16 27.72
N ILE G 403 -55.52 1.40 26.46
CA ILE G 403 -56.25 2.39 25.65
C ILE G 403 -57.70 1.97 25.51
N ALA G 404 -57.95 0.67 25.29
CA ALA G 404 -59.33 0.20 25.19
C ALA G 404 -60.09 0.41 26.51
N ASN G 405 -59.40 0.30 27.64
CA ASN G 405 -60.02 0.58 28.92
C ASN G 405 -60.35 2.06 29.04
N LEU G 406 -59.54 2.92 28.42
CA LEU G 406 -59.84 4.35 28.42
C LEU G 406 -61.01 4.65 27.50
N SER G 407 -62.22 4.22 27.89
CA SER G 407 -63.40 4.45 27.07
C SER G 407 -63.99 5.83 27.33
N LYS G 408 -64.02 6.27 28.58
CA LYS G 408 -64.59 7.56 28.94
C LYS G 408 -63.91 8.12 30.18
N SER H 2 -60.52 -1.81 -41.90
CA SER H 2 -60.00 -3.16 -42.07
C SER H 2 -58.73 -3.37 -41.25
N ILE H 3 -58.17 -2.29 -40.72
CA ILE H 3 -57.01 -2.36 -39.83
C ILE H 3 -57.30 -1.45 -38.65
N TYR H 4 -57.34 -2.03 -37.45
CA TYR H 4 -57.57 -1.29 -36.22
C TYR H 4 -56.34 -1.34 -35.33
N GLN H 5 -56.11 -0.23 -34.63
CA GLN H 5 -55.00 -0.10 -33.69
C GLN H 5 -55.47 0.79 -32.55
N GLY H 6 -55.83 0.17 -31.42
CA GLY H 6 -56.30 0.90 -30.28
C GLY H 6 -57.81 1.06 -30.21
N GLY H 7 -58.55 0.35 -31.05
CA GLY H 7 -59.98 0.57 -31.20
C GLY H 7 -60.33 1.54 -32.32
N ASN H 8 -59.39 2.36 -32.74
CA ASN H 8 -59.59 3.32 -33.82
C ASN H 8 -59.22 2.66 -35.14
N LYS H 9 -59.09 3.45 -36.20
CA LYS H 9 -58.82 2.95 -37.54
C LYS H 9 -57.45 3.42 -38.01
N LEU H 10 -56.90 2.66 -38.95
CA LEU H 10 -55.54 2.89 -39.45
C LEU H 10 -55.55 2.72 -40.96
N ASN H 11 -54.46 3.15 -41.60
CA ASN H 11 -54.33 3.10 -43.05
C ASN H 11 -53.02 2.42 -43.42
N GLU H 12 -52.92 2.05 -44.70
CA GLU H 12 -51.89 1.10 -45.13
C GLU H 12 -50.49 1.66 -44.97
N ASP H 13 -50.26 2.91 -45.36
CA ASP H 13 -48.91 3.44 -45.41
C ASP H 13 -48.33 3.71 -44.03
N ASP H 14 -49.16 3.77 -43.00
CA ASP H 14 -48.67 3.84 -41.62
C ASP H 14 -48.47 2.46 -41.02
N PHE H 15 -49.34 1.51 -41.40
CA PHE H 15 -49.16 0.13 -41.01
C PHE H 15 -47.82 -0.42 -41.50
N ARG H 16 -47.49 -0.15 -42.76
CA ARG H 16 -46.25 -0.67 -43.34
C ARG H 16 -45.01 -0.08 -42.72
N SER H 17 -45.11 1.08 -42.08
CA SER H 17 -43.99 1.66 -41.35
C SER H 17 -43.96 1.28 -39.89
N HIS H 18 -45.12 0.92 -39.32
CA HIS H 18 -45.15 0.32 -38.00
C HIS H 18 -44.49 -1.05 -38.01
N VAL H 19 -44.83 -1.86 -39.02
CA VAL H 19 -44.23 -3.19 -39.15
C VAL H 19 -42.72 -3.11 -39.25
N TYR H 20 -42.20 -2.11 -39.98
CA TYR H 20 -40.76 -1.99 -40.15
C TYR H 20 -40.09 -1.69 -38.82
N SER H 21 -40.70 -0.86 -37.99
CA SER H 21 -40.14 -0.54 -36.69
C SER H 21 -40.23 -1.73 -35.74
N LEU H 22 -41.27 -2.54 -35.86
CA LEU H 22 -41.38 -3.72 -35.00
C LEU H 22 -40.28 -4.73 -35.26
N CYS H 23 -39.84 -4.87 -36.51
CA CYS H 23 -38.90 -5.93 -36.86
C CYS H 23 -37.46 -5.61 -36.49
N GLN H 24 -37.20 -4.45 -35.89
CA GLN H 24 -35.87 -4.08 -35.42
C GLN H 24 -35.72 -4.24 -33.92
N LEU H 25 -36.69 -4.87 -33.27
CA LEU H 25 -36.68 -5.02 -31.82
C LEU H 25 -35.81 -6.21 -31.43
N ASP H 26 -35.57 -6.33 -30.12
CA ASP H 26 -34.67 -7.36 -29.62
C ASP H 26 -35.23 -8.76 -29.84
N ASN H 27 -36.52 -8.96 -29.60
CA ASN H 27 -37.15 -10.27 -29.67
C ASN H 27 -38.34 -10.23 -30.63
N VAL H 28 -38.34 -11.16 -31.60
CA VAL H 28 -39.37 -11.23 -32.63
C VAL H 28 -39.82 -12.68 -32.75
N GLY H 29 -41.13 -12.90 -32.91
CA GLY H 29 -41.66 -14.24 -33.00
C GLY H 29 -42.91 -14.33 -33.84
N VAL H 30 -43.29 -15.56 -34.14
CA VAL H 30 -44.40 -15.86 -35.04
C VAL H 30 -45.07 -17.15 -34.59
N LEU H 31 -46.40 -17.11 -34.47
CA LEU H 31 -47.21 -18.26 -34.09
C LEU H 31 -48.17 -18.58 -35.23
N LEU H 32 -48.11 -19.81 -35.73
CA LEU H 32 -48.84 -20.23 -36.91
C LEU H 32 -49.86 -21.30 -36.54
N GLY H 33 -50.80 -21.52 -37.46
CA GLY H 33 -51.90 -22.44 -37.26
C GLY H 33 -52.16 -23.32 -38.48
N ALA H 34 -53.40 -23.78 -38.61
CA ALA H 34 -53.74 -24.76 -39.64
C ALA H 34 -54.09 -24.15 -40.98
N GLY H 35 -54.40 -22.86 -41.04
CA GLY H 35 -54.69 -22.22 -42.31
C GLY H 35 -53.46 -21.88 -43.11
N ALA H 36 -52.35 -21.64 -42.43
CA ALA H 36 -51.09 -21.36 -43.12
C ALA H 36 -50.72 -22.47 -44.10
N SER H 37 -51.09 -23.72 -43.79
CA SER H 37 -50.72 -24.87 -44.60
C SER H 37 -51.82 -25.29 -45.56
N VAL H 38 -52.62 -24.34 -46.03
CA VAL H 38 -53.68 -24.66 -46.98
C VAL H 38 -53.19 -24.55 -48.42
N GLY H 39 -52.25 -23.66 -48.70
CA GLY H 39 -51.70 -23.52 -50.03
C GLY H 39 -50.60 -24.52 -50.34
N CYS H 40 -50.58 -25.63 -49.61
CA CYS H 40 -49.57 -26.67 -49.81
C CYS H 40 -50.17 -28.07 -49.88
N GLY H 41 -51.45 -28.24 -49.59
CA GLY H 41 -52.10 -29.54 -49.61
C GLY H 41 -52.79 -29.87 -48.31
N GLY H 42 -52.69 -28.97 -47.35
CA GLY H 42 -53.28 -29.19 -46.04
C GLY H 42 -54.80 -29.06 -46.06
N LYS H 43 -55.38 -29.32 -44.90
CA LYS H 43 -56.83 -29.30 -44.74
C LYS H 43 -57.25 -28.51 -43.51
N THR H 44 -58.52 -28.58 -43.15
CA THR H 44 -59.05 -27.89 -41.99
C THR H 44 -60.16 -28.76 -41.41
N MET H 45 -60.58 -28.43 -40.19
CA MET H 45 -61.41 -29.34 -39.41
C MET H 45 -62.79 -29.52 -40.04
N LYS H 46 -63.35 -28.45 -40.62
CA LYS H 46 -64.61 -28.59 -41.35
C LYS H 46 -64.51 -29.69 -42.40
N ASP H 47 -63.45 -29.67 -43.19
CA ASP H 47 -63.29 -30.68 -44.22
C ASP H 47 -63.07 -32.06 -43.63
N VAL H 48 -62.44 -32.14 -42.46
CA VAL H 48 -62.34 -33.43 -41.77
C VAL H 48 -63.73 -33.96 -41.45
N TRP H 49 -64.60 -33.09 -40.95
CA TRP H 49 -65.96 -33.52 -40.63
C TRP H 49 -66.72 -33.95 -41.88
N LYS H 50 -66.59 -33.19 -42.95
CA LYS H 50 -67.20 -33.58 -44.23
C LYS H 50 -66.72 -34.96 -44.65
N SER H 51 -65.41 -35.17 -44.66
CA SER H 51 -64.86 -36.48 -45.00
C SER H 51 -65.43 -37.58 -44.11
N PHE H 52 -65.57 -37.30 -42.81
CA PHE H 52 -66.08 -38.31 -41.90
C PHE H 52 -67.51 -38.69 -42.24
N LYS H 53 -68.40 -37.70 -42.34
CA LYS H 53 -69.80 -38.01 -42.58
C LYS H 53 -70.07 -38.49 -44.00
N GLN H 54 -69.07 -38.47 -44.87
CA GLN H 54 -69.23 -38.92 -46.25
C GLN H 54 -68.74 -40.34 -46.49
N ASN H 55 -67.90 -40.87 -45.60
CA ASN H 55 -67.38 -42.23 -45.72
C ASN H 55 -67.95 -43.20 -44.70
N TYR H 56 -68.37 -42.72 -43.54
CA TYR H 56 -68.94 -43.55 -42.48
C TYR H 56 -70.36 -43.08 -42.19
N PRO H 57 -71.39 -43.67 -42.81
CA PRO H 57 -72.75 -43.14 -42.64
C PRO H 57 -73.55 -43.83 -41.53
N GLU H 58 -73.03 -44.92 -40.99
CA GLU H 58 -73.75 -45.68 -39.96
C GLU H 58 -73.39 -45.19 -38.56
N LEU H 59 -72.09 -45.07 -38.27
CA LEU H 59 -71.66 -44.51 -36.99
C LEU H 59 -72.23 -43.11 -36.81
N LEU H 60 -72.35 -42.35 -37.89
CA LEU H 60 -73.00 -41.05 -37.83
C LEU H 60 -74.47 -41.17 -37.48
N GLY H 61 -75.08 -42.32 -37.68
CA GLY H 61 -76.47 -42.51 -37.36
C GLY H 61 -76.63 -42.89 -35.91
N ALA H 62 -75.80 -43.83 -35.46
CA ALA H 62 -75.74 -44.14 -34.03
C ALA H 62 -75.49 -42.90 -33.19
N LEU H 63 -74.67 -41.98 -33.72
CA LEU H 63 -74.17 -40.85 -32.94
C LEU H 63 -75.23 -39.77 -32.73
N ILE H 64 -76.38 -39.85 -33.39
CA ILE H 64 -77.45 -38.88 -33.23
C ILE H 64 -78.68 -39.51 -32.58
N ASP H 65 -78.95 -40.78 -32.87
CA ASP H 65 -80.17 -41.42 -32.37
C ASP H 65 -80.01 -41.92 -30.95
N LYS H 66 -79.04 -42.82 -30.73
CA LYS H 66 -78.94 -43.51 -29.45
C LYS H 66 -78.27 -42.64 -28.38
N TYR H 67 -77.03 -42.24 -28.62
CA TYR H 67 -76.21 -41.62 -27.58
C TYR H 67 -76.36 -40.11 -27.51
N LEU H 68 -76.89 -39.48 -28.56
CA LEU H 68 -77.20 -38.05 -28.55
C LEU H 68 -75.95 -37.22 -28.22
N LEU H 69 -74.94 -37.34 -29.07
CA LEU H 69 -73.69 -36.60 -28.92
C LEU H 69 -73.53 -35.47 -29.91
N VAL H 70 -74.28 -35.47 -31.00
CA VAL H 70 -74.18 -34.45 -32.03
C VAL H 70 -75.56 -34.22 -32.63
N SER H 71 -75.86 -32.97 -32.95
CA SER H 71 -77.18 -32.57 -33.39
C SER H 71 -77.28 -32.57 -34.91
N GLN H 72 -78.52 -32.49 -35.40
CA GLN H 72 -78.76 -32.56 -36.84
C GLN H 72 -78.49 -31.23 -37.53
N ILE H 73 -78.95 -30.12 -36.92
CA ILE H 73 -78.68 -28.81 -37.50
C ILE H 73 -77.19 -28.65 -37.77
N ASP H 74 -76.36 -28.88 -36.75
CA ASP H 74 -74.93 -28.66 -36.90
C ASP H 74 -74.32 -29.63 -37.90
N SER H 75 -74.75 -30.89 -37.89
CA SER H 75 -74.26 -31.86 -38.85
C SER H 75 -74.54 -31.39 -40.28
N ASP H 76 -75.81 -31.08 -40.57
CA ASP H 76 -76.18 -30.67 -41.91
C ASP H 76 -75.51 -29.36 -42.31
N ASN H 77 -75.21 -28.49 -41.35
CA ASN H 77 -74.64 -27.19 -41.63
C ASN H 77 -73.18 -27.07 -41.19
N ASN H 78 -72.54 -28.20 -40.89
CA ASN H 78 -71.09 -28.26 -40.66
C ASN H 78 -70.65 -27.23 -39.61
N LEU H 79 -71.13 -27.42 -38.39
CA LEU H 79 -70.73 -26.60 -37.25
C LEU H 79 -70.10 -27.40 -36.12
N VAL H 80 -70.07 -28.72 -36.22
CA VAL H 80 -69.54 -29.55 -35.14
C VAL H 80 -68.09 -29.21 -34.85
N ASN H 81 -67.72 -29.34 -33.57
CA ASN H 81 -66.33 -29.26 -33.14
C ASN H 81 -65.79 -30.68 -32.99
N VAL H 82 -64.69 -30.97 -33.68
CA VAL H 82 -64.11 -32.30 -33.69
C VAL H 82 -63.18 -32.46 -32.49
N GLU H 83 -63.17 -31.47 -31.61
CA GLU H 83 -62.30 -31.46 -30.44
C GLU H 83 -63.01 -31.74 -29.13
N LEU H 84 -64.29 -31.39 -29.02
CA LEU H 84 -65.09 -31.71 -27.84
C LEU H 84 -65.86 -33.01 -27.99
N LEU H 85 -65.70 -33.70 -29.12
CA LEU H 85 -66.34 -34.98 -29.38
C LEU H 85 -65.41 -36.15 -29.05
N ILE H 86 -64.12 -36.01 -29.38
CA ILE H 86 -63.13 -37.01 -29.03
C ILE H 86 -63.00 -37.15 -27.52
N ASP H 87 -63.51 -36.18 -26.76
CA ASP H 87 -63.49 -36.22 -25.30
C ASP H 87 -64.72 -36.93 -24.74
N GLU H 88 -65.90 -36.61 -25.26
CA GLU H 88 -67.11 -37.29 -24.83
C GLU H 88 -67.07 -38.77 -25.18
N ALA H 89 -66.61 -39.10 -26.39
CA ALA H 89 -66.49 -40.49 -26.78
C ALA H 89 -65.47 -41.24 -25.92
N THR H 90 -64.47 -40.52 -25.41
CA THR H 90 -63.51 -41.11 -24.49
C THR H 90 -64.09 -41.26 -23.10
N LYS H 91 -65.03 -40.39 -22.73
CA LYS H 91 -65.66 -40.46 -21.42
C LYS H 91 -66.64 -41.64 -21.34
N PHE H 92 -67.38 -41.88 -22.42
CA PHE H 92 -68.31 -43.01 -22.43
C PHE H 92 -67.58 -44.35 -22.28
N LEU H 93 -66.44 -44.48 -22.96
CA LEU H 93 -65.71 -45.74 -22.97
C LEU H 93 -65.24 -46.13 -21.57
N SER H 94 -64.73 -45.15 -20.81
CA SER H 94 -64.27 -45.44 -19.45
C SER H 94 -65.39 -46.05 -18.61
N VAL H 95 -66.59 -45.48 -18.67
CA VAL H 95 -67.70 -46.01 -17.90
C VAL H 95 -68.05 -47.43 -18.36
N ALA H 96 -68.19 -47.61 -19.69
CA ALA H 96 -68.56 -48.92 -20.20
C ALA H 96 -67.53 -49.97 -19.81
N LYS H 97 -66.27 -49.59 -19.76
CA LYS H 97 -65.20 -50.51 -19.40
C LYS H 97 -65.14 -50.76 -17.89
N THR H 98 -65.54 -49.78 -17.10
CA THR H 98 -65.55 -49.95 -15.65
C THR H 98 -66.66 -50.90 -15.21
N ARG H 99 -67.84 -50.78 -15.82
CA ARG H 99 -68.98 -51.62 -15.43
C ARG H 99 -69.15 -52.85 -16.31
N ARG H 100 -68.14 -53.19 -17.11
CA ARG H 100 -68.08 -54.48 -17.81
C ARG H 100 -69.27 -54.69 -18.74
N CYS H 101 -69.37 -53.82 -19.74
CA CYS H 101 -70.21 -54.04 -20.90
C CYS H 101 -69.29 -54.26 -22.10
N GLU H 102 -69.66 -55.21 -22.97
CA GLU H 102 -68.76 -55.69 -24.00
C GLU H 102 -69.23 -55.36 -25.42
N ASP H 103 -70.28 -54.57 -25.56
CA ASP H 103 -70.72 -54.08 -26.87
C ASP H 103 -70.52 -52.59 -27.05
N GLU H 104 -70.81 -51.80 -26.01
CA GLU H 104 -70.46 -50.39 -26.03
C GLU H 104 -68.96 -50.18 -25.87
N GLU H 105 -68.25 -51.18 -25.36
CA GLU H 105 -66.79 -51.16 -25.32
C GLU H 105 -66.17 -51.60 -26.63
N GLU H 106 -66.99 -51.83 -27.66
CA GLU H 106 -66.52 -52.20 -28.98
C GLU H 106 -67.12 -51.34 -30.09
N GLU H 107 -68.24 -50.66 -29.85
CA GLU H 107 -68.81 -49.73 -30.81
C GLU H 107 -68.28 -48.31 -30.64
N PHE H 108 -67.43 -48.07 -29.64
CA PHE H 108 -66.78 -46.78 -29.47
C PHE H 108 -65.35 -46.77 -29.96
N ARG H 109 -64.65 -47.90 -29.86
CA ARG H 109 -63.30 -47.99 -30.42
C ARG H 109 -63.30 -47.68 -31.91
N LYS H 110 -64.33 -48.09 -32.63
CA LYS H 110 -64.43 -47.76 -34.05
C LYS H 110 -64.62 -46.26 -34.25
N ILE H 111 -65.57 -45.67 -33.53
CA ILE H 111 -65.83 -44.25 -33.64
C ILE H 111 -64.58 -43.45 -33.31
N LEU H 112 -63.73 -44.00 -32.43
CA LEU H 112 -62.56 -43.28 -31.96
C LEU H 112 -61.32 -43.54 -32.79
N SER H 113 -61.26 -44.64 -33.52
CA SER H 113 -60.15 -44.95 -34.40
C SER H 113 -60.41 -44.53 -35.84
N SER H 114 -61.65 -44.19 -36.18
CA SER H 114 -61.97 -43.62 -37.48
C SER H 114 -61.83 -42.12 -37.51
N LEU H 115 -61.68 -41.48 -36.35
CA LEU H 115 -61.42 -40.05 -36.26
C LEU H 115 -59.93 -39.73 -36.15
N TYR H 116 -59.16 -40.62 -35.53
CA TYR H 116 -57.70 -40.51 -35.53
C TYR H 116 -57.08 -40.84 -36.87
N LYS H 117 -57.89 -41.26 -37.86
CA LYS H 117 -57.40 -41.65 -39.17
C LYS H 117 -57.67 -40.61 -40.24
N GLU H 118 -58.66 -39.75 -40.07
CA GLU H 118 -58.90 -38.62 -40.96
C GLU H 118 -58.10 -37.39 -40.54
N VAL H 119 -57.38 -37.47 -39.43
CA VAL H 119 -56.57 -36.36 -38.94
C VAL H 119 -55.10 -36.53 -39.31
N THR H 120 -54.68 -37.72 -39.73
CA THR H 120 -53.32 -37.95 -40.21
C THR H 120 -53.20 -37.75 -41.72
N LYS H 121 -54.20 -38.20 -42.48
CA LYS H 121 -54.19 -37.98 -43.93
C LYS H 121 -54.23 -36.49 -44.25
N ALA H 122 -54.86 -35.69 -43.39
CA ALA H 122 -54.88 -34.25 -43.56
C ALA H 122 -53.57 -33.58 -43.17
N ALA H 123 -52.65 -34.32 -42.55
CA ALA H 123 -51.34 -33.79 -42.22
C ALA H 123 -50.26 -34.26 -43.19
N LEU H 124 -50.55 -35.31 -43.97
CA LEU H 124 -49.77 -35.57 -45.17
C LEU H 124 -50.13 -34.55 -46.22
N LEU H 125 -49.11 -33.92 -46.81
CA LEU H 125 -49.34 -32.84 -47.76
C LEU H 125 -49.10 -33.23 -49.21
N THR H 126 -48.44 -34.37 -49.46
CA THR H 126 -48.11 -34.80 -50.81
C THR H 126 -48.60 -36.20 -51.14
N GLY H 127 -49.12 -36.93 -50.17
CA GLY H 127 -49.67 -38.25 -50.41
C GLY H 127 -48.64 -39.36 -50.37
N GLU H 128 -48.70 -40.25 -51.38
CA GLU H 128 -47.75 -41.34 -51.45
C GLU H 128 -46.31 -40.85 -51.48
N GLN H 129 -46.10 -39.60 -51.93
CA GLN H 129 -44.77 -39.01 -51.99
C GLN H 129 -44.34 -38.38 -50.68
N PHE H 130 -44.98 -38.76 -49.58
CA PHE H 130 -44.55 -38.30 -48.26
C PHE H 130 -43.27 -39.00 -47.82
N ARG H 131 -42.96 -40.15 -48.42
CA ARG H 131 -41.80 -40.94 -48.05
C ARG H 131 -40.57 -40.67 -48.91
N GLU H 132 -40.69 -39.83 -49.95
CA GLU H 132 -39.60 -39.60 -50.86
C GLU H 132 -38.72 -38.46 -50.34
N LYS H 133 -37.76 -38.03 -51.16
CA LYS H 133 -36.76 -37.06 -50.76
C LYS H 133 -36.90 -35.77 -51.56
N ASN H 134 -36.34 -34.70 -51.00
CA ASN H 134 -36.26 -33.40 -51.66
C ASN H 134 -37.66 -32.90 -52.06
N GLN H 135 -38.49 -32.68 -51.05
CA GLN H 135 -39.84 -32.17 -51.23
C GLN H 135 -39.96 -30.69 -50.93
N GLY H 136 -38.86 -30.04 -50.59
CA GLY H 136 -38.81 -28.60 -50.44
C GLY H 136 -38.33 -27.86 -51.67
N LYS H 137 -38.07 -28.58 -52.76
CA LYS H 137 -37.72 -27.98 -54.04
C LYS H 137 -38.95 -27.66 -54.89
N LYS H 138 -40.10 -28.21 -54.52
CA LYS H 138 -41.35 -27.91 -55.19
C LYS H 138 -41.78 -26.47 -54.89
N ASP H 139 -42.69 -25.96 -55.72
CA ASP H 139 -43.04 -24.55 -55.71
C ASP H 139 -44.16 -24.22 -54.74
N ALA H 140 -44.83 -25.22 -54.15
CA ALA H 140 -45.81 -24.95 -53.12
C ALA H 140 -45.16 -24.40 -51.86
N PHE H 141 -43.88 -24.70 -51.65
CA PHE H 141 -43.14 -24.29 -50.46
C PHE H 141 -42.31 -23.03 -50.70
N LYS H 142 -42.82 -22.11 -51.50
CA LYS H 142 -42.07 -20.95 -51.95
C LYS H 142 -42.10 -19.79 -50.96
N TYR H 143 -43.17 -19.65 -50.19
CA TYR H 143 -43.28 -18.57 -49.21
C TYR H 143 -42.77 -18.94 -47.84
N HIS H 144 -42.78 -20.23 -47.49
CA HIS H 144 -42.19 -20.68 -46.25
C HIS H 144 -40.69 -20.39 -46.21
N LYS H 145 -40.03 -20.39 -47.37
CA LYS H 145 -38.61 -20.03 -47.43
C LYS H 145 -38.42 -18.53 -47.28
N GLU H 146 -39.27 -17.74 -47.95
CA GLU H 146 -39.15 -16.28 -47.87
C GLU H 146 -39.36 -15.79 -46.45
N LEU H 147 -40.30 -16.39 -45.72
CA LEU H 147 -40.50 -16.04 -44.32
C LEU H 147 -39.21 -16.19 -43.53
N ILE H 148 -38.59 -17.36 -43.60
CA ILE H 148 -37.37 -17.62 -42.83
C ILE H 148 -36.25 -16.68 -43.26
N SER H 149 -36.06 -16.54 -44.56
CA SER H 149 -35.02 -15.64 -45.06
C SER H 149 -35.18 -14.23 -44.50
N LYS H 150 -36.39 -13.68 -44.59
CA LYS H 150 -36.62 -12.33 -44.09
C LYS H 150 -36.39 -12.25 -42.58
N LEU H 151 -36.97 -13.19 -41.83
CA LEU H 151 -36.79 -13.20 -40.38
C LEU H 151 -35.31 -13.14 -40.01
N ILE H 152 -34.52 -14.10 -40.50
CA ILE H 152 -33.10 -14.15 -40.17
C ILE H 152 -32.39 -12.88 -40.62
N SER H 153 -32.45 -12.59 -41.92
CA SER H 153 -31.64 -11.52 -42.49
C SER H 153 -31.80 -10.19 -41.74
N ASN H 154 -32.92 -9.97 -41.07
CA ASN H 154 -33.17 -8.71 -40.37
C ASN H 154 -32.57 -8.68 -38.95
N ARG H 155 -31.63 -9.56 -38.63
CA ARG H 155 -30.96 -9.54 -37.34
C ARG H 155 -29.55 -9.00 -37.50
N GLN H 156 -29.10 -8.22 -36.52
CA GLN H 156 -27.75 -7.66 -36.53
C GLN H 156 -26.94 -8.29 -35.41
N PRO H 157 -25.64 -8.04 -35.32
CA PRO H 157 -24.82 -8.73 -34.33
C PRO H 157 -25.16 -8.29 -32.91
N GLY H 158 -25.12 -9.24 -31.99
CA GLY H 158 -25.46 -8.98 -30.61
C GLY H 158 -26.85 -9.45 -30.23
N GLN H 159 -27.77 -9.37 -31.18
CA GLN H 159 -29.16 -9.72 -30.93
C GLN H 159 -29.37 -11.23 -31.06
N SER H 160 -30.51 -11.69 -30.57
CA SER H 160 -30.80 -13.11 -30.47
C SER H 160 -31.48 -13.64 -31.73
N ALA H 161 -31.53 -14.97 -31.83
CA ALA H 161 -32.10 -15.63 -32.99
C ALA H 161 -33.62 -15.73 -32.87
N PRO H 162 -34.32 -15.91 -33.99
CA PRO H 162 -35.78 -15.93 -33.97
C PRO H 162 -36.37 -17.26 -33.52
N ALA H 163 -37.61 -17.19 -33.07
CA ALA H 163 -38.37 -18.33 -32.59
C ALA H 163 -39.66 -18.48 -33.38
N ILE H 164 -40.13 -19.72 -33.50
CA ILE H 164 -41.29 -20.06 -34.33
C ILE H 164 -42.14 -21.07 -33.57
N PHE H 165 -43.38 -20.69 -33.24
CA PHE H 165 -44.33 -21.59 -32.60
C PHE H 165 -45.44 -22.00 -33.56
N THR H 166 -45.93 -23.23 -33.39
CA THR H 166 -46.91 -23.79 -34.30
C THR H 166 -47.63 -24.95 -33.62
N THR H 167 -48.86 -25.21 -34.07
CA THR H 167 -49.66 -26.33 -33.58
C THR H 167 -49.72 -27.49 -34.54
N ASN H 168 -49.53 -27.23 -35.84
CA ASN H 168 -49.66 -28.26 -36.86
C ASN H 168 -48.75 -29.45 -36.57
N TYR H 169 -49.16 -30.61 -37.08
CA TYR H 169 -48.32 -31.81 -37.05
C TYR H 169 -47.51 -31.99 -38.33
N ASP H 170 -47.86 -31.29 -39.40
CA ASP H 170 -47.23 -31.48 -40.69
C ASP H 170 -45.76 -31.12 -40.66
N LEU H 171 -45.05 -31.56 -41.69
CA LEU H 171 -43.64 -31.23 -41.90
C LEU H 171 -43.57 -30.31 -43.11
N ALA H 172 -43.49 -29.01 -42.84
CA ALA H 172 -43.41 -28.02 -43.91
C ALA H 172 -42.32 -26.98 -43.72
N LEU H 173 -41.85 -26.75 -42.49
CA LEU H 173 -40.72 -25.86 -42.25
C LEU H 173 -39.39 -26.61 -42.25
N GLU H 174 -39.40 -27.87 -41.80
CA GLU H 174 -38.22 -28.72 -41.92
C GLU H 174 -37.86 -28.93 -43.39
N TRP H 175 -38.84 -29.37 -44.19
CA TRP H 175 -38.61 -29.59 -45.61
C TRP H 175 -38.05 -28.35 -46.30
N ALA H 176 -38.41 -27.17 -45.82
CA ALA H 176 -38.04 -25.93 -46.47
C ALA H 176 -36.74 -25.33 -45.94
N ALA H 177 -36.34 -25.66 -44.72
CA ALA H 177 -35.05 -25.26 -44.21
C ALA H 177 -33.94 -26.20 -44.62
N GLU H 178 -34.25 -27.48 -44.86
CA GLU H 178 -33.27 -28.39 -45.42
C GLU H 178 -32.80 -27.93 -46.80
N ASP H 179 -33.66 -27.25 -47.54
CA ASP H 179 -33.34 -26.82 -48.91
C ASP H 179 -32.54 -25.53 -48.95
N LEU H 180 -32.22 -24.94 -47.81
CA LEU H 180 -31.36 -23.76 -47.75
C LEU H 180 -30.05 -24.01 -47.04
N GLY H 181 -30.01 -24.91 -46.07
CA GLY H 181 -28.79 -25.21 -45.35
C GLY H 181 -28.79 -24.58 -43.97
N ILE H 182 -29.96 -24.47 -43.36
CA ILE H 182 -30.15 -23.77 -42.10
C ILE H 182 -30.61 -24.78 -41.06
N GLN H 183 -29.94 -24.77 -39.91
CA GLN H 183 -30.23 -25.72 -38.83
C GLN H 183 -31.31 -25.17 -37.92
N LEU H 184 -32.31 -26.01 -37.62
CA LEU H 184 -33.34 -25.72 -36.65
C LEU H 184 -33.13 -26.60 -35.42
N PHE H 185 -33.00 -25.98 -34.25
CA PHE H 185 -32.93 -26.75 -33.02
C PHE H 185 -34.33 -27.11 -32.56
N ASN H 186 -34.52 -28.36 -32.16
CA ASN H 186 -35.83 -28.87 -31.81
C ASN H 186 -35.85 -29.68 -30.53
N GLY H 187 -34.72 -29.86 -29.86
CA GLY H 187 -34.66 -30.58 -28.61
C GLY H 187 -34.14 -32.00 -28.69
N PHE H 188 -33.91 -32.52 -29.89
CA PHE H 188 -33.47 -33.89 -30.09
C PHE H 188 -32.00 -33.93 -30.52
N SER H 189 -31.37 -35.08 -30.30
CA SER H 189 -29.97 -35.27 -30.63
C SER H 189 -29.70 -36.73 -30.93
N GLY H 190 -28.95 -36.98 -31.99
CA GLY H 190 -28.55 -38.32 -32.40
C GLY H 190 -29.16 -38.70 -33.74
N LEU H 191 -28.67 -39.81 -34.27
CA LEU H 191 -29.19 -40.34 -35.52
C LEU H 191 -29.60 -41.80 -35.45
N HIS H 192 -28.83 -42.63 -34.74
CA HIS H 192 -29.15 -44.06 -34.66
C HIS H 192 -30.09 -44.38 -33.50
N THR H 193 -30.07 -43.58 -32.44
CA THR H 193 -31.16 -43.55 -31.48
C THR H 193 -31.24 -42.11 -30.96
N ARG H 194 -32.33 -41.44 -31.32
CA ARG H 194 -32.47 -40.00 -31.17
C ARG H 194 -33.49 -39.71 -30.06
N GLN H 195 -33.12 -38.83 -29.13
CA GLN H 195 -33.86 -38.65 -27.88
C GLN H 195 -34.01 -37.18 -27.53
N PHE H 196 -34.98 -36.91 -26.66
CA PHE H 196 -35.34 -35.57 -26.23
C PHE H 196 -34.59 -35.20 -24.96
N TYR H 197 -33.88 -34.07 -24.99
CA TYR H 197 -33.19 -33.54 -23.83
C TYR H 197 -33.60 -32.08 -23.66
N PRO H 198 -34.20 -31.69 -22.53
CA PRO H 198 -34.65 -30.31 -22.39
C PRO H 198 -33.56 -29.26 -22.52
N GLN H 199 -32.32 -29.60 -22.21
CA GLN H 199 -31.23 -28.63 -22.20
C GLN H 199 -30.55 -28.48 -23.55
N ASN H 200 -31.24 -28.84 -24.63
CA ASN H 200 -30.75 -28.62 -25.98
C ASN H 200 -31.42 -27.43 -26.65
N PHE H 201 -32.14 -26.63 -25.88
CA PHE H 201 -32.69 -25.36 -26.33
C PHE H 201 -31.82 -24.19 -25.89
N ASP H 202 -30.75 -24.46 -25.15
CA ASP H 202 -29.84 -23.45 -24.64
C ASP H 202 -28.55 -23.36 -25.43
N LEU H 203 -28.43 -24.10 -26.52
CA LEU H 203 -27.20 -24.19 -27.29
C LEU H 203 -27.20 -23.18 -28.43
N ALA H 204 -26.02 -22.99 -29.02
CA ALA H 204 -25.85 -22.09 -30.14
C ALA H 204 -24.56 -22.45 -30.84
N PHE H 205 -24.33 -21.81 -31.99
CA PHE H 205 -23.15 -22.08 -32.80
C PHE H 205 -22.07 -21.04 -32.51
N ARG H 206 -20.91 -21.25 -33.13
CA ARG H 206 -19.74 -20.41 -32.98
C ARG H 206 -18.72 -20.89 -33.99
N ASN H 207 -17.82 -20.00 -34.38
CA ASN H 207 -16.76 -20.31 -35.32
C ASN H 207 -15.44 -20.41 -34.56
N VAL H 208 -14.67 -21.44 -34.87
CA VAL H 208 -13.51 -21.79 -34.05
C VAL H 208 -12.26 -21.03 -34.46
N ASN H 209 -12.26 -20.38 -35.63
CA ASN H 209 -11.21 -19.45 -36.04
C ASN H 209 -11.86 -18.08 -36.12
N ALA H 210 -11.80 -17.34 -35.02
CA ALA H 210 -12.48 -16.04 -34.87
C ALA H 210 -12.64 -15.29 -36.19
N HIS H 218 -23.52 -16.88 -37.79
CA HIS H 218 -24.01 -18.00 -38.58
C HIS H 218 -25.53 -18.12 -38.43
N TYR H 219 -26.18 -18.71 -39.44
CA TYR H 219 -27.63 -18.77 -39.50
C TYR H 219 -28.16 -20.00 -38.76
N HIS H 220 -29.11 -19.77 -37.86
CA HIS H 220 -29.77 -20.85 -37.14
C HIS H 220 -31.04 -20.29 -36.50
N ALA H 221 -31.88 -21.19 -36.00
CA ALA H 221 -33.16 -20.81 -35.42
C ALA H 221 -33.68 -21.92 -34.52
N TYR H 222 -34.81 -21.65 -33.88
CA TYR H 222 -35.46 -22.57 -32.96
C TYR H 222 -36.89 -22.83 -33.39
N LEU H 223 -37.37 -24.05 -33.17
CA LEU H 223 -38.72 -24.46 -33.54
C LEU H 223 -39.36 -25.19 -32.36
N TYR H 224 -40.55 -24.74 -31.97
CA TYR H 224 -41.30 -25.32 -30.85
C TYR H 224 -42.62 -25.86 -31.37
N LYS H 225 -42.77 -27.18 -31.33
CA LYS H 225 -44.02 -27.84 -31.69
C LYS H 225 -44.80 -28.13 -30.41
N LEU H 226 -45.97 -27.50 -30.28
CA LEU H 226 -46.68 -27.50 -29.01
C LEU H 226 -47.62 -28.68 -28.84
N HIS H 227 -48.14 -29.23 -29.93
CA HIS H 227 -49.16 -30.27 -29.86
C HIS H 227 -48.69 -31.61 -30.40
N GLY H 228 -47.39 -31.77 -30.62
CA GLY H 228 -46.82 -33.03 -31.04
C GLY H 228 -46.40 -32.99 -32.50
N SER H 229 -46.15 -34.18 -33.02
CA SER H 229 -45.73 -34.32 -34.41
C SER H 229 -46.17 -35.68 -34.91
N LEU H 230 -45.76 -35.99 -36.14
CA LEU H 230 -46.11 -37.22 -36.82
C LEU H 230 -44.95 -38.20 -36.87
N THR H 231 -43.78 -37.80 -36.38
CA THR H 231 -42.57 -38.62 -36.42
C THR H 231 -42.03 -38.94 -35.02
N TRP H 232 -42.82 -38.72 -33.98
CA TRP H 232 -42.41 -38.95 -32.61
C TRP H 232 -43.14 -40.18 -32.07
N TYR H 233 -42.51 -40.89 -31.13
CA TYR H 233 -43.19 -42.01 -30.51
C TYR H 233 -42.54 -42.37 -29.18
N GLN H 234 -43.34 -42.97 -28.31
CA GLN H 234 -42.96 -43.30 -26.94
C GLN H 234 -43.07 -44.80 -26.72
N ASN H 235 -42.03 -45.39 -26.14
CA ASN H 235 -42.04 -46.81 -25.77
C ASN H 235 -41.99 -47.00 -24.27
N ASP H 236 -40.98 -46.45 -23.60
CA ASP H 236 -40.92 -46.48 -22.14
C ASP H 236 -41.62 -45.28 -21.51
N SER H 237 -41.40 -45.07 -20.21
CA SER H 237 -42.04 -43.98 -19.49
C SER H 237 -41.27 -42.68 -19.54
N LEU H 238 -39.97 -42.73 -19.84
CA LEU H 238 -39.13 -41.54 -19.85
C LEU H 238 -38.19 -41.58 -21.05
N THR H 239 -38.72 -41.94 -22.21
CA THR H 239 -37.91 -42.00 -23.44
C THR H 239 -38.81 -41.78 -24.64
N VAL H 240 -38.67 -40.62 -25.29
CA VAL H 240 -39.35 -40.31 -26.54
C VAL H 240 -38.31 -40.38 -27.65
N ASN H 241 -38.73 -40.90 -28.82
CA ASN H 241 -37.83 -41.13 -29.94
C ASN H 241 -38.38 -40.48 -31.20
N GLU H 242 -37.48 -39.88 -31.98
CA GLU H 242 -37.76 -39.30 -33.28
C GLU H 242 -37.27 -40.22 -34.39
N VAL H 243 -37.82 -40.00 -35.59
CA VAL H 243 -37.57 -40.85 -36.74
C VAL H 243 -37.88 -40.06 -37.99
N SER H 244 -37.32 -40.49 -39.12
CA SER H 244 -37.54 -39.84 -40.40
C SER H 244 -38.86 -40.27 -41.01
N ALA H 245 -39.22 -39.61 -42.10
CA ALA H 245 -40.51 -39.85 -42.74
C ALA H 245 -40.57 -41.22 -43.39
N SER H 246 -39.52 -41.61 -44.10
CA SER H 246 -39.51 -42.90 -44.78
C SER H 246 -39.51 -44.06 -43.80
N GLN H 247 -38.85 -43.92 -42.65
CA GLN H 247 -38.79 -44.96 -41.65
C GLN H 247 -40.02 -44.98 -40.74
N ALA H 248 -40.88 -43.97 -40.84
CA ALA H 248 -42.16 -43.93 -40.16
C ALA H 248 -43.29 -44.48 -41.05
N TYR H 249 -43.35 -44.04 -42.30
CA TYR H 249 -44.36 -44.52 -43.23
C TYR H 249 -44.41 -46.03 -43.33
N ASP H 250 -43.32 -46.71 -43.01
CA ASP H 250 -43.28 -48.16 -43.11
C ASP H 250 -43.79 -48.84 -41.84
N GLU H 251 -43.27 -48.42 -40.68
CA GLU H 251 -43.64 -49.05 -39.41
C GLU H 251 -45.11 -48.88 -39.07
N TYR H 252 -45.56 -47.63 -38.83
CA TYR H 252 -46.81 -47.42 -38.11
C TYR H 252 -47.73 -46.38 -38.74
N ILE H 253 -47.58 -46.08 -40.03
CA ILE H 253 -48.45 -45.13 -40.70
C ILE H 253 -49.24 -45.77 -41.83
N ASN H 254 -48.60 -46.65 -42.62
CA ASN H 254 -49.32 -47.38 -43.64
C ASN H 254 -50.14 -48.53 -43.06
N ASP H 255 -50.11 -48.73 -41.75
CA ASP H 255 -50.89 -49.75 -41.08
C ASP H 255 -52.11 -49.19 -40.36
N ILE H 256 -52.33 -47.88 -40.43
CA ILE H 256 -53.49 -47.26 -39.80
C ILE H 256 -54.21 -46.39 -40.81
N ILE H 257 -53.93 -46.59 -42.10
CA ILE H 257 -54.60 -45.89 -43.17
C ILE H 257 -55.21 -46.91 -44.13
N ASN H 258 -54.42 -47.94 -44.47
CA ASN H 258 -54.77 -48.87 -45.53
C ASN H 258 -55.10 -50.26 -45.01
N LYS H 259 -55.31 -50.43 -43.70
CA LYS H 259 -55.60 -51.75 -43.14
C LYS H 259 -56.78 -51.77 -42.17
N ASP H 260 -57.23 -50.63 -41.65
CA ASP H 260 -58.44 -50.58 -40.82
C ASP H 260 -58.27 -51.41 -39.54
N ASP H 261 -57.25 -51.06 -38.77
CA ASP H 261 -56.99 -51.69 -37.49
C ASP H 261 -57.51 -50.82 -36.35
N PHE H 262 -57.56 -51.40 -35.15
CA PHE H 262 -57.88 -50.62 -33.97
C PHE H 262 -56.67 -49.76 -33.58
N TYR H 263 -56.92 -48.76 -32.75
CA TYR H 263 -55.92 -47.74 -32.45
C TYR H 263 -55.30 -47.96 -31.09
N ARG H 264 -53.97 -47.95 -31.05
CA ARG H 264 -53.20 -47.76 -29.83
C ARG H 264 -52.12 -46.73 -30.10
N GLY H 265 -51.45 -46.29 -29.04
CA GLY H 265 -50.65 -45.08 -29.12
C GLY H 265 -49.36 -45.25 -29.89
N GLN H 266 -49.48 -45.39 -31.22
CA GLN H 266 -48.29 -45.50 -32.06
C GLN H 266 -47.50 -44.21 -32.06
N HIS H 267 -48.16 -43.07 -32.19
CA HIS H 267 -47.51 -41.78 -32.17
C HIS H 267 -48.29 -40.82 -31.26
N LEU H 268 -47.59 -39.80 -30.77
CA LEU H 268 -48.14 -38.87 -29.78
C LEU H 268 -48.59 -37.53 -30.36
N ILE H 269 -49.91 -37.39 -30.52
CA ILE H 269 -50.53 -36.14 -30.94
C ILE H 269 -51.59 -35.76 -29.92
N TYR H 270 -51.75 -34.46 -29.70
CA TYR H 270 -52.72 -33.94 -28.73
C TYR H 270 -53.86 -33.24 -29.45
N PRO H 271 -54.86 -33.97 -29.95
CA PRO H 271 -55.93 -33.32 -30.72
C PRO H 271 -57.15 -32.94 -29.89
N GLY H 272 -57.20 -33.38 -28.64
CA GLY H 272 -58.37 -33.17 -27.80
C GLY H 272 -58.48 -31.75 -27.27
N ALA H 273 -59.37 -31.58 -26.31
CA ALA H 273 -59.65 -30.28 -25.72
C ALA H 273 -59.10 -30.12 -24.31
N ASN H 274 -58.98 -31.20 -23.55
CA ASN H 274 -58.39 -31.18 -22.21
C ASN H 274 -57.07 -31.95 -22.30
N LYS H 275 -55.97 -31.20 -22.43
CA LYS H 275 -54.67 -31.79 -22.70
C LYS H 275 -53.85 -32.01 -21.43
N TYR H 276 -54.42 -31.76 -20.26
CA TYR H 276 -53.76 -32.10 -19.00
C TYR H 276 -54.15 -33.48 -18.48
N SER H 277 -55.30 -34.00 -18.91
CA SER H 277 -55.71 -35.34 -18.47
C SER H 277 -54.65 -36.37 -18.79
N HIS H 278 -53.95 -36.20 -19.92
CA HIS H 278 -52.84 -37.06 -20.28
C HIS H 278 -51.64 -36.75 -19.41
N THR H 279 -51.49 -37.48 -18.29
CA THR H 279 -50.54 -37.15 -17.25
C THR H 279 -49.23 -37.93 -17.37
N ILE H 280 -48.82 -38.26 -18.59
CA ILE H 280 -47.61 -39.05 -18.80
C ILE H 280 -46.72 -38.41 -19.87
N GLY H 281 -47.16 -37.29 -20.44
CA GLY H 281 -46.45 -36.73 -21.57
C GLY H 281 -45.11 -36.11 -21.20
N PHE H 282 -45.11 -35.22 -20.21
CA PHE H 282 -43.94 -34.53 -19.67
C PHE H 282 -43.14 -33.79 -20.73
N VAL H 283 -43.63 -33.71 -21.96
CA VAL H 283 -43.02 -32.87 -22.98
C VAL H 283 -43.95 -31.75 -23.44
N TYR H 284 -45.27 -31.93 -23.32
CA TYR H 284 -46.21 -30.82 -23.43
C TYR H 284 -45.83 -29.67 -22.51
N GLY H 285 -45.36 -29.98 -21.31
CA GLY H 285 -45.09 -28.98 -20.31
C GLY H 285 -43.77 -28.25 -20.42
N GLU H 286 -42.87 -28.70 -21.29
CA GLU H 286 -41.61 -28.01 -21.51
C GLU H 286 -41.71 -26.94 -22.59
N MET H 287 -42.74 -27.00 -23.43
CA MET H 287 -42.92 -26.00 -24.48
C MET H 287 -43.61 -24.75 -23.97
N PHE H 288 -44.61 -24.91 -23.11
CA PHE H 288 -45.34 -23.76 -22.59
C PHE H 288 -44.51 -22.98 -21.58
N ARG H 289 -43.65 -23.67 -20.83
CA ARG H 289 -42.70 -22.99 -19.97
C ARG H 289 -41.74 -22.10 -20.76
N ARG H 290 -41.59 -22.37 -22.05
CA ARG H 290 -40.76 -21.55 -22.92
C ARG H 290 -41.56 -20.47 -23.63
N PHE H 291 -42.79 -20.78 -24.05
CA PHE H 291 -43.68 -19.76 -24.59
C PHE H 291 -43.90 -18.62 -23.59
N GLY H 292 -44.38 -18.97 -22.40
CA GLY H 292 -44.67 -17.96 -21.40
C GLY H 292 -43.45 -17.19 -20.95
N GLU H 293 -42.28 -17.81 -21.01
CA GLU H 293 -41.03 -17.14 -20.69
C GLU H 293 -40.51 -16.28 -21.84
N PHE H 294 -40.91 -16.59 -23.08
CA PHE H 294 -40.59 -15.73 -24.21
C PHE H 294 -41.41 -14.45 -24.17
N ILE H 295 -42.70 -14.56 -23.83
CA ILE H 295 -43.55 -13.38 -23.84
C ILE H 295 -43.27 -12.41 -22.70
N SER H 296 -42.51 -12.81 -21.69
CA SER H 296 -42.27 -11.98 -20.53
C SER H 296 -41.02 -11.13 -20.63
N LYS H 297 -40.28 -11.25 -21.72
CA LYS H 297 -39.08 -10.45 -21.92
C LYS H 297 -39.43 -9.04 -22.35
N PRO H 298 -38.61 -8.06 -21.97
CA PRO H 298 -38.83 -6.69 -22.48
C PRO H 298 -38.51 -6.56 -23.96
N GLN H 299 -39.24 -5.68 -24.62
CA GLN H 299 -39.03 -5.41 -26.04
C GLN H 299 -39.31 -6.64 -26.89
N THR H 300 -40.55 -7.12 -26.88
CA THR H 300 -40.94 -8.36 -27.53
C THR H 300 -42.06 -8.09 -28.53
N ALA H 301 -41.98 -8.73 -29.69
CA ALA H 301 -43.00 -8.61 -30.72
C ALA H 301 -43.43 -10.00 -31.20
N LEU H 302 -44.74 -10.16 -31.40
CA LEU H 302 -45.30 -11.44 -31.84
C LEU H 302 -46.32 -11.23 -32.95
N PHE H 303 -46.14 -11.95 -34.04
CA PHE H 303 -47.12 -12.02 -35.11
C PHE H 303 -47.88 -13.34 -35.02
N ILE H 304 -49.17 -13.30 -35.34
CA ILE H 304 -50.03 -14.48 -35.27
C ILE H 304 -50.72 -14.67 -36.61
N ASN H 305 -50.87 -15.92 -37.04
CA ASN H 305 -51.55 -16.19 -38.31
C ASN H 305 -52.00 -17.63 -38.44
N GLY H 306 -53.25 -17.82 -38.85
CA GLY H 306 -53.81 -19.14 -39.06
C GLY H 306 -54.60 -19.69 -37.90
N PHE H 307 -54.64 -18.99 -36.78
CA PHE H 307 -55.20 -19.50 -35.54
C PHE H 307 -56.63 -19.02 -35.38
N GLY H 308 -57.52 -19.92 -35.01
CA GLY H 308 -58.93 -19.63 -34.88
C GLY H 308 -59.40 -19.23 -33.50
N PHE H 309 -58.52 -19.20 -32.51
CA PHE H 309 -58.81 -18.68 -31.18
C PHE H 309 -59.81 -19.56 -30.43
N GLY H 310 -59.72 -20.87 -30.62
CA GLY H 310 -60.56 -21.80 -29.92
C GLY H 310 -59.79 -22.71 -28.96
N ASP H 311 -58.77 -22.17 -28.31
CA ASP H 311 -57.97 -22.92 -27.34
C ASP H 311 -57.91 -22.11 -26.05
N TYR H 312 -58.43 -22.68 -24.97
CA TYR H 312 -58.59 -21.95 -23.71
C TYR H 312 -57.25 -21.63 -23.04
N HIS H 313 -56.18 -22.33 -23.38
CA HIS H 313 -54.91 -22.14 -22.68
C HIS H 313 -54.08 -21.01 -23.30
N ILE H 314 -54.08 -20.89 -24.63
CA ILE H 314 -53.25 -19.89 -25.28
C ILE H 314 -53.85 -18.49 -25.11
N ASN H 315 -55.18 -18.41 -25.12
CA ASN H 315 -55.85 -17.13 -24.98
C ASN H 315 -55.52 -16.48 -23.65
N ARG H 316 -55.42 -17.28 -22.59
CA ARG H 316 -55.12 -16.72 -21.27
C ARG H 316 -53.72 -16.15 -21.22
N ILE H 317 -52.75 -16.85 -21.81
CA ILE H 317 -51.39 -16.32 -21.89
C ILE H 317 -51.38 -14.99 -22.64
N ILE H 318 -51.96 -14.97 -23.83
CA ILE H 318 -51.95 -13.76 -24.64
C ILE H 318 -52.64 -12.62 -23.90
N LEU H 319 -53.72 -12.92 -23.17
CA LEU H 319 -54.52 -11.90 -22.54
C LEU H 319 -53.87 -11.36 -21.26
N GLY H 320 -53.12 -12.20 -20.55
CA GLY H 320 -52.42 -11.77 -19.37
C GLY H 320 -51.05 -11.23 -19.61
N ALA H 321 -50.53 -11.36 -20.83
CA ALA H 321 -49.24 -10.76 -21.16
C ALA H 321 -49.34 -9.30 -21.56
N LEU H 322 -50.55 -8.74 -21.66
CA LEU H 322 -50.74 -7.36 -22.07
C LEU H 322 -50.70 -6.39 -20.91
N LEU H 323 -50.18 -6.82 -19.76
CA LEU H 323 -49.93 -5.94 -18.62
C LEU H 323 -48.47 -5.55 -18.52
N ASN H 324 -47.75 -5.62 -19.64
CA ASN H 324 -46.36 -5.24 -19.73
C ASN H 324 -46.22 -4.16 -20.80
N PRO H 325 -45.59 -3.03 -20.50
CA PRO H 325 -45.58 -1.91 -21.45
C PRO H 325 -44.63 -2.08 -22.64
N SER H 326 -44.04 -3.24 -22.83
CA SER H 326 -43.07 -3.45 -23.91
C SER H 326 -43.31 -4.77 -24.61
N PHE H 327 -44.58 -5.09 -24.85
CA PHE H 327 -44.98 -6.27 -25.60
C PHE H 327 -45.97 -5.87 -26.68
N HIS H 328 -45.68 -6.24 -27.92
CA HIS H 328 -46.53 -5.91 -29.06
C HIS H 328 -46.97 -7.17 -29.77
N VAL H 329 -48.21 -7.15 -30.28
CA VAL H 329 -48.82 -8.31 -30.92
C VAL H 329 -49.59 -7.84 -32.15
N VAL H 330 -49.55 -8.66 -33.21
CA VAL H 330 -50.27 -8.40 -34.45
C VAL H 330 -51.03 -9.65 -34.83
N ILE H 331 -52.29 -9.47 -35.24
CA ILE H 331 -53.25 -10.56 -35.40
C ILE H 331 -53.95 -10.40 -36.74
N TYR H 332 -54.08 -11.51 -37.47
CA TYR H 332 -54.83 -11.57 -38.73
C TYR H 332 -56.07 -12.42 -38.53
N TYR H 333 -57.23 -11.88 -38.89
CA TYR H 333 -58.51 -12.58 -38.80
C TYR H 333 -59.39 -12.17 -39.97
N PRO H 334 -59.65 -13.07 -40.92
CA PRO H 334 -60.43 -12.66 -42.10
C PRO H 334 -61.90 -12.37 -41.81
N GLU H 335 -62.55 -13.18 -40.98
CA GLU H 335 -64.00 -13.07 -40.76
C GLU H 335 -64.31 -12.22 -39.53
N LEU H 336 -63.93 -10.94 -39.62
CA LEU H 336 -64.15 -10.00 -38.53
C LEU H 336 -65.47 -9.26 -38.66
N LYS H 337 -65.85 -8.89 -39.88
CA LYS H 337 -67.10 -8.18 -40.11
C LYS H 337 -68.30 -9.05 -39.76
N GLU H 338 -68.22 -10.34 -40.07
CA GLU H 338 -69.28 -11.28 -39.75
C GLU H 338 -69.32 -11.66 -38.28
N ALA H 339 -68.37 -11.17 -37.48
CA ALA H 339 -68.33 -11.41 -36.04
C ALA H 339 -68.78 -10.21 -35.23
N ILE H 340 -68.35 -9.01 -35.62
CA ILE H 340 -68.85 -7.81 -34.94
C ILE H 340 -70.37 -7.77 -34.98
N THR H 341 -70.94 -8.11 -36.15
CA THR H 341 -72.39 -8.15 -36.28
C THR H 341 -73.02 -9.14 -35.30
N LYS H 342 -72.62 -10.41 -35.38
CA LYS H 342 -73.20 -11.43 -34.53
C LYS H 342 -73.04 -11.13 -33.05
N VAL H 343 -72.02 -10.37 -32.67
CA VAL H 343 -71.83 -10.04 -31.26
C VAL H 343 -72.63 -8.81 -30.86
N SER H 344 -72.91 -7.90 -31.80
CA SER H 344 -73.76 -6.76 -31.49
C SER H 344 -75.22 -7.17 -31.32
N LYS H 345 -75.61 -8.32 -31.85
CA LYS H 345 -76.98 -8.82 -31.72
C LYS H 345 -77.15 -9.74 -30.52
N GLY H 346 -76.20 -9.75 -29.58
CA GLY H 346 -76.34 -10.51 -28.36
C GLY H 346 -76.03 -11.99 -28.47
N GLY H 347 -75.32 -12.41 -29.52
CA GLY H 347 -74.98 -13.81 -29.68
C GLY H 347 -73.47 -14.05 -29.74
N GLY H 348 -73.06 -14.97 -30.59
CA GLY H 348 -71.65 -15.23 -30.82
C GLY H 348 -71.13 -16.40 -30.01
N SER H 349 -70.08 -17.02 -30.53
CA SER H 349 -69.41 -18.11 -29.83
C SER H 349 -68.25 -17.58 -29.00
N GLU H 350 -67.53 -18.49 -28.36
CA GLU H 350 -66.42 -18.09 -27.49
C GLU H 350 -65.21 -17.62 -28.29
N ALA H 351 -65.12 -17.97 -29.57
CA ALA H 351 -64.01 -17.52 -30.40
C ALA H 351 -64.19 -16.09 -30.86
N GLU H 352 -65.39 -15.76 -31.36
CA GLU H 352 -65.65 -14.42 -31.85
C GLU H 352 -65.61 -13.39 -30.71
N LYS H 353 -66.10 -13.76 -29.54
CA LYS H 353 -66.08 -12.86 -28.41
C LYS H 353 -64.65 -12.54 -27.98
N ALA H 354 -63.75 -13.53 -28.08
CA ALA H 354 -62.38 -13.31 -27.64
C ALA H 354 -61.65 -12.34 -28.55
N ILE H 355 -61.92 -12.38 -29.85
CA ILE H 355 -61.26 -11.47 -30.77
C ILE H 355 -61.94 -10.10 -30.76
N VAL H 356 -63.23 -10.04 -30.44
CA VAL H 356 -63.89 -8.74 -30.32
C VAL H 356 -63.42 -8.00 -29.08
N THR H 357 -63.24 -8.72 -27.97
CA THR H 357 -62.67 -8.09 -26.78
C THR H 357 -61.27 -7.56 -27.03
N LEU H 358 -60.54 -8.12 -27.99
CA LEU H 358 -59.22 -7.61 -28.34
C LEU H 358 -59.32 -6.40 -29.26
N LYS H 359 -60.21 -6.46 -30.26
CA LYS H 359 -60.42 -5.32 -31.13
C LYS H 359 -60.86 -4.09 -30.35
N ASN H 360 -61.77 -4.26 -29.39
CA ASN H 360 -62.33 -3.14 -28.63
C ASN H 360 -61.52 -2.97 -27.35
N MET H 361 -60.47 -2.16 -27.43
CA MET H 361 -59.62 -1.86 -26.29
C MET H 361 -59.13 -0.43 -26.42
N ALA H 362 -58.22 -0.04 -25.53
CA ALA H 362 -57.69 1.32 -25.52
C ALA H 362 -56.17 1.36 -25.38
N PHE H 363 -55.50 0.24 -25.63
CA PHE H 363 -54.05 0.16 -25.59
C PHE H 363 -53.52 0.09 -27.01
N ASN H 364 -52.52 0.93 -27.30
CA ASN H 364 -51.94 1.00 -28.63
C ASN H 364 -50.94 -0.11 -28.91
N GLN H 365 -50.87 -1.13 -28.05
CA GLN H 365 -50.01 -2.28 -28.26
C GLN H 365 -50.74 -3.42 -28.96
N VAL H 366 -51.93 -3.19 -29.49
CA VAL H 366 -52.72 -4.21 -30.14
C VAL H 366 -53.09 -3.71 -31.54
N THR H 367 -53.15 -4.64 -32.49
CA THR H 367 -53.43 -4.33 -33.88
C THR H 367 -54.12 -5.51 -34.52
N VAL H 368 -55.22 -5.26 -35.24
CA VAL H 368 -56.01 -6.30 -35.87
C VAL H 368 -56.22 -5.98 -37.33
N VAL H 369 -56.18 -7.00 -38.18
CA VAL H 369 -56.19 -6.88 -39.63
C VAL H 369 -57.23 -7.85 -40.18
N GLY H 370 -58.29 -7.32 -40.77
CA GLY H 370 -59.24 -8.11 -41.53
C GLY H 370 -59.14 -7.85 -43.01
N GLY H 371 -60.15 -8.33 -43.75
CA GLY H 371 -60.25 -8.02 -45.17
C GLY H 371 -60.29 -9.23 -46.08
N GLY H 372 -60.57 -10.41 -45.53
CA GLY H 372 -60.63 -11.61 -46.32
C GLY H 372 -59.27 -12.05 -46.86
N SER H 373 -59.17 -12.17 -48.19
CA SER H 373 -57.95 -12.64 -48.82
C SER H 373 -56.75 -11.74 -48.55
N LYS H 374 -56.95 -10.54 -47.99
CA LYS H 374 -55.83 -9.69 -47.64
C LYS H 374 -55.16 -10.13 -46.34
N ALA H 375 -55.84 -10.94 -45.54
CA ALA H 375 -55.30 -11.43 -44.28
C ALA H 375 -54.77 -12.85 -44.40
N TYR H 376 -54.40 -13.27 -45.59
CA TYR H 376 -53.91 -14.62 -45.83
C TYR H 376 -52.40 -14.68 -45.64
N PHE H 377 -51.88 -15.91 -45.66
CA PHE H 377 -50.45 -16.14 -45.41
C PHE H 377 -49.59 -15.52 -46.49
N ASN H 378 -50.00 -15.68 -47.76
CA ASN H 378 -49.23 -15.14 -48.87
C ASN H 378 -49.13 -13.63 -48.81
N SER H 379 -50.12 -12.96 -48.22
CA SER H 379 -50.09 -11.52 -48.03
C SER H 379 -49.34 -11.13 -46.77
N PHE H 380 -49.48 -11.90 -45.69
CA PHE H 380 -48.66 -11.68 -44.50
C PHE H 380 -47.19 -11.67 -44.83
N VAL H 381 -46.75 -12.56 -45.73
CA VAL H 381 -45.32 -12.65 -46.01
C VAL H 381 -44.81 -11.49 -46.86
N GLU H 382 -45.69 -10.77 -47.56
CA GLU H 382 -45.26 -9.66 -48.39
C GLU H 382 -45.29 -8.33 -47.67
N HIS H 383 -45.93 -8.25 -46.50
CA HIS H 383 -45.88 -7.04 -45.69
C HIS H 383 -44.56 -6.89 -44.95
N LEU H 384 -43.71 -7.93 -44.93
CA LEU H 384 -42.45 -7.87 -44.22
C LEU H 384 -41.36 -7.24 -45.11
N PRO H 385 -40.40 -6.54 -44.51
CA PRO H 385 -39.42 -5.82 -45.31
C PRO H 385 -38.13 -6.60 -45.58
N TYR H 386 -37.43 -6.21 -46.64
CA TYR H 386 -36.03 -6.54 -46.80
C TYR H 386 -35.17 -5.49 -46.12
N PRO H 387 -33.93 -5.81 -45.78
CA PRO H 387 -33.05 -4.84 -45.14
C PRO H 387 -32.27 -3.99 -46.13
N VAL H 388 -31.89 -2.80 -45.68
CA VAL H 388 -31.05 -1.89 -46.43
C VAL H 388 -29.62 -2.11 -45.95
N LEU H 389 -28.77 -2.63 -46.83
CA LEU H 389 -27.45 -3.07 -46.41
C LEU H 389 -26.54 -1.90 -46.06
N PHE H 390 -26.49 -0.89 -46.93
CA PHE H 390 -25.78 0.36 -46.63
C PHE H 390 -26.79 1.50 -46.71
N PRO H 391 -27.16 2.11 -45.59
CA PRO H 391 -28.22 3.14 -45.62
C PRO H 391 -27.67 4.48 -46.03
N ARG H 392 -28.15 5.01 -47.15
CA ARG H 392 -27.82 6.37 -47.53
C ARG H 392 -28.38 7.32 -46.49
N ASP H 393 -27.54 8.21 -45.96
CA ASP H 393 -28.05 9.23 -45.06
C ASP H 393 -28.95 10.20 -45.82
N ASN H 394 -28.69 10.39 -47.11
CA ASN H 394 -29.62 10.88 -48.13
C ASN H 394 -29.80 12.40 -48.17
N ILE H 395 -29.13 13.21 -47.34
CA ILE H 395 -29.45 14.63 -47.33
C ILE H 395 -29.09 15.25 -48.68
N VAL H 396 -28.02 14.76 -49.31
CA VAL H 396 -27.77 15.09 -50.70
C VAL H 396 -28.87 14.51 -51.59
N ASP H 397 -29.36 13.32 -51.24
CA ASP H 397 -30.41 12.64 -51.97
C ASP H 397 -31.81 12.99 -51.47
N GLU H 398 -31.92 13.71 -50.35
CA GLU H 398 -33.20 14.12 -49.80
C GLU H 398 -33.53 15.58 -50.09
N LEU H 399 -32.55 16.47 -49.96
CA LEU H 399 -32.79 17.85 -50.36
C LEU H 399 -33.08 17.92 -51.86
N VAL H 400 -32.56 16.98 -52.64
CA VAL H 400 -32.89 16.94 -54.07
C VAL H 400 -34.34 16.49 -54.26
N GLU H 401 -34.80 15.51 -53.48
CA GLU H 401 -36.20 15.14 -53.54
C GLU H 401 -37.08 16.32 -53.19
N ALA H 402 -36.61 17.16 -52.26
CA ALA H 402 -37.33 18.40 -51.98
C ALA H 402 -37.27 19.36 -53.17
N ILE H 403 -36.09 19.48 -53.79
CA ILE H 403 -35.91 20.36 -54.94
C ILE H 403 -36.87 19.99 -56.05
N ALA H 404 -37.23 18.71 -56.15
CA ALA H 404 -38.10 18.27 -57.23
C ALA H 404 -39.44 19.00 -57.19
N ASN H 405 -40.09 19.01 -56.02
CA ASN H 405 -41.35 19.74 -55.89
C ASN H 405 -41.11 21.21 -55.55
N LEU H 406 -39.99 21.51 -54.88
CA LEU H 406 -39.64 22.90 -54.59
C LEU H 406 -39.52 23.72 -55.87
N SER H 407 -38.92 23.15 -56.92
CA SER H 407 -38.45 23.96 -58.03
C SER H 407 -39.59 24.67 -58.74
N LYS H 408 -40.69 23.97 -58.99
CA LYS H 408 -41.81 24.58 -59.69
C LYS H 408 -43.04 24.62 -58.79
N SER I 2 -37.72 12.60 44.85
CA SER I 2 -38.03 11.22 44.45
C SER I 2 -37.95 11.06 42.94
N ILE I 3 -36.75 10.76 42.45
CA ILE I 3 -36.53 10.61 40.99
C ILE I 3 -36.79 9.14 40.67
N TYR I 4 -38.07 8.82 40.47
CA TYR I 4 -38.46 7.50 40.03
C TYR I 4 -38.32 7.38 38.53
N GLN I 5 -37.84 6.23 38.07
CA GLN I 5 -37.45 6.03 36.67
C GLN I 5 -37.95 4.69 36.15
N GLY I 6 -39.21 4.37 36.44
CA GLY I 6 -39.84 3.21 35.85
C GLY I 6 -39.70 1.95 36.68
N GLY I 7 -39.91 2.07 37.99
CA GLY I 7 -39.67 0.98 38.90
C GLY I 7 -38.29 0.96 39.50
N ASN I 8 -37.62 2.10 39.55
CA ASN I 8 -36.27 2.20 40.08
C ASN I 8 -36.13 3.58 40.71
N LYS I 9 -34.89 4.00 40.97
CA LYS I 9 -34.65 5.32 41.54
C LYS I 9 -33.29 5.82 41.08
N LEU I 10 -33.16 7.15 40.97
CA LEU I 10 -31.93 7.77 40.52
C LEU I 10 -31.49 8.86 41.48
N ASN I 11 -30.46 9.62 41.09
CA ASN I 11 -30.00 10.78 41.85
C ASN I 11 -29.80 11.95 40.90
N GLU I 12 -29.46 13.09 41.51
CA GLU I 12 -29.36 14.36 40.78
C GLU I 12 -28.51 14.23 39.53
N ASP I 13 -27.27 13.73 39.65
CA ASP I 13 -26.40 13.66 38.50
C ASP I 13 -26.84 12.57 37.53
N ASP I 14 -27.33 11.44 38.06
CA ASP I 14 -27.91 10.42 37.19
C ASP I 14 -28.97 11.01 36.28
N PHE I 15 -29.66 12.04 36.74
CA PHE I 15 -30.65 12.74 35.92
C PHE I 15 -29.99 13.78 35.02
N ARG I 16 -29.07 14.56 35.58
CA ARG I 16 -28.43 15.69 34.92
C ARG I 16 -27.47 15.26 33.82
N SER I 17 -27.20 13.97 33.69
CA SER I 17 -26.47 13.45 32.54
C SER I 17 -27.40 12.85 31.49
N HIS I 18 -28.50 12.23 31.92
CA HIS I 18 -29.52 11.78 30.99
C HIS I 18 -30.07 12.96 30.19
N VAL I 19 -30.21 14.12 30.84
CA VAL I 19 -30.71 15.30 30.11
C VAL I 19 -29.72 15.71 29.02
N TYR I 20 -28.43 15.77 29.36
CA TYR I 20 -27.43 16.11 28.36
C TYR I 20 -27.43 15.09 27.23
N SER I 21 -27.70 13.83 27.54
CA SER I 21 -27.80 12.82 26.49
C SER I 21 -28.98 13.11 25.56
N LEU I 22 -30.17 13.32 26.14
CA LEU I 22 -31.35 13.57 25.33
C LEU I 22 -31.30 14.90 24.59
N CYS I 23 -30.41 15.80 24.97
CA CYS I 23 -30.32 17.09 24.27
C CYS I 23 -29.49 17.02 22.99
N GLN I 24 -28.81 15.91 22.73
CA GLN I 24 -28.05 15.74 21.50
C GLN I 24 -28.88 15.14 20.37
N LEU I 25 -30.12 14.73 20.64
CA LEU I 25 -30.97 14.14 19.61
C LEU I 25 -31.25 15.14 18.50
N ASP I 26 -31.84 14.63 17.42
CA ASP I 26 -32.24 15.49 16.30
C ASP I 26 -33.52 16.25 16.62
N ASN I 27 -34.59 15.55 17.00
CA ASN I 27 -35.88 16.19 17.22
C ASN I 27 -36.08 16.46 18.71
N VAL I 28 -36.06 17.74 19.08
CA VAL I 28 -36.27 18.18 20.46
C VAL I 28 -37.62 18.89 20.54
N GLY I 29 -38.35 18.65 21.63
CA GLY I 29 -39.66 19.26 21.79
C GLY I 29 -39.97 19.56 23.24
N VAL I 30 -40.66 20.68 23.45
CA VAL I 30 -41.03 21.13 24.79
C VAL I 30 -42.52 21.38 24.85
N LEU I 31 -43.12 21.10 26.02
CA LEU I 31 -44.54 21.26 26.24
C LEU I 31 -44.77 21.97 27.58
N LEU I 32 -45.63 23.00 27.53
CA LEU I 32 -45.87 23.88 28.66
C LEU I 32 -47.37 24.15 28.80
N GLY I 33 -47.78 24.32 30.05
CA GLY I 33 -49.17 24.58 30.38
C GLY I 33 -49.32 25.76 31.32
N ALA I 34 -50.45 25.83 32.03
CA ALA I 34 -50.76 26.98 32.88
C ALA I 34 -49.93 27.05 34.15
N GLY I 35 -48.94 26.17 34.31
CA GLY I 35 -48.14 26.14 35.52
C GLY I 35 -46.96 27.10 35.47
N ALA I 36 -46.19 27.04 34.38
CA ALA I 36 -44.98 27.84 34.26
C ALA I 36 -45.26 29.33 34.18
N SER I 37 -46.54 29.72 34.18
CA SER I 37 -46.93 31.12 34.08
C SER I 37 -47.24 31.75 35.43
N VAL I 38 -46.93 31.07 36.53
CA VAL I 38 -47.25 31.61 37.84
C VAL I 38 -46.20 32.62 38.29
N GLY I 39 -44.93 32.29 38.14
CA GLY I 39 -43.87 33.21 38.52
C GLY I 39 -44.01 34.58 37.89
N CYS I 40 -44.69 34.66 36.75
CA CYS I 40 -44.90 35.92 36.06
C CYS I 40 -46.23 36.58 36.39
N GLY I 41 -47.11 35.91 37.12
CA GLY I 41 -48.36 36.52 37.52
C GLY I 41 -49.61 35.81 37.02
N GLY I 42 -49.55 34.49 36.86
CA GLY I 42 -50.65 33.71 36.35
C GLY I 42 -51.42 32.99 37.45
N LYS I 43 -52.59 32.49 37.06
CA LYS I 43 -53.50 31.80 37.97
C LYS I 43 -53.89 30.45 37.38
N THR I 44 -54.00 29.44 38.23
CA THR I 44 -54.42 28.12 37.81
C THR I 44 -55.92 28.08 37.56
N MET I 45 -56.41 26.90 37.17
CA MET I 45 -57.83 26.72 36.88
C MET I 45 -58.70 26.74 38.13
N LYS I 46 -58.09 26.59 39.32
CA LYS I 46 -58.88 26.48 40.54
C LYS I 46 -59.24 27.86 41.10
N ASP I 47 -58.27 28.77 41.09
CA ASP I 47 -58.51 30.11 41.64
C ASP I 47 -59.61 30.83 40.88
N VAL I 48 -59.67 30.63 39.56
CA VAL I 48 -60.69 31.30 38.77
C VAL I 48 -62.08 30.77 39.12
N TRP I 49 -62.18 29.48 39.43
CA TRP I 49 -63.46 28.92 39.83
C TRP I 49 -63.86 29.41 41.22
N LYS I 50 -62.90 29.45 42.14
CA LYS I 50 -63.14 30.07 43.44
C LYS I 50 -63.72 31.47 43.27
N SER I 51 -63.03 32.31 42.49
CA SER I 51 -63.44 33.68 42.29
C SER I 51 -64.84 33.75 41.68
N PHE I 52 -65.10 32.95 40.65
CA PHE I 52 -66.44 32.97 40.05
C PHE I 52 -67.49 32.60 41.09
N LYS I 53 -67.22 31.57 41.90
CA LYS I 53 -68.16 31.18 42.94
C LYS I 53 -68.49 32.36 43.85
N GLN I 54 -67.45 32.94 44.46
CA GLN I 54 -67.67 33.96 45.48
C GLN I 54 -67.80 35.36 44.92
N ASN I 55 -67.94 35.51 43.60
CA ASN I 55 -68.28 36.79 42.99
C ASN I 55 -69.65 36.81 42.32
N TYR I 56 -70.08 35.72 41.68
CA TYR I 56 -71.37 35.66 40.99
C TYR I 56 -72.18 34.49 41.51
N PRO I 57 -72.58 34.53 42.79
CA PRO I 57 -73.29 33.36 43.35
C PRO I 57 -74.69 33.17 42.82
N GLU I 58 -75.43 34.25 42.58
CA GLU I 58 -76.86 34.13 42.31
C GLU I 58 -77.13 33.26 41.09
N LEU I 59 -76.36 33.45 40.02
CA LEU I 59 -76.60 32.73 38.77
C LEU I 59 -75.98 31.33 38.76
N LEU I 60 -75.20 30.98 39.79
CA LEU I 60 -74.54 29.68 39.82
C LEU I 60 -75.54 28.53 39.94
N GLY I 61 -76.79 28.82 40.32
CA GLY I 61 -77.75 27.75 40.56
C GLY I 61 -78.29 27.14 39.28
N ALA I 62 -78.67 27.98 38.32
CA ALA I 62 -79.25 27.47 37.08
C ALA I 62 -78.33 26.47 36.42
N LEU I 63 -77.02 26.71 36.50
CA LEU I 63 -76.04 25.76 35.97
C LEU I 63 -76.20 24.38 36.57
N ILE I 64 -76.81 24.28 37.75
CA ILE I 64 -76.98 23.00 38.43
C ILE I 64 -78.43 22.57 38.52
N ASP I 65 -79.38 23.49 38.39
CA ASP I 65 -80.80 23.19 38.60
C ASP I 65 -81.61 23.20 37.32
N LYS I 66 -81.42 24.20 36.46
CA LYS I 66 -82.24 24.38 35.27
C LYS I 66 -81.60 23.77 34.03
N TYR I 67 -80.34 24.10 33.75
CA TYR I 67 -79.71 23.68 32.50
C TYR I 67 -78.74 22.51 32.66
N LEU I 68 -78.27 22.24 33.88
CA LEU I 68 -77.54 21.01 34.18
C LEU I 68 -76.18 20.97 33.48
N LEU I 69 -75.46 22.10 33.48
CA LEU I 69 -74.14 22.13 32.87
C LEU I 69 -73.06 21.65 33.82
N VAL I 70 -73.24 21.79 35.13
CA VAL I 70 -72.20 21.50 36.11
C VAL I 70 -72.74 20.53 37.14
N SER I 71 -71.82 19.87 37.83
CA SER I 71 -72.14 18.94 38.91
C SER I 71 -71.82 19.58 40.26
N GLN I 72 -72.78 19.50 41.19
CA GLN I 72 -72.60 20.11 42.50
C GLN I 72 -71.39 19.53 43.24
N ILE I 73 -71.12 18.23 43.05
CA ILE I 73 -70.04 17.60 43.78
C ILE I 73 -68.70 18.22 43.41
N ASP I 74 -68.34 18.15 42.12
CA ASP I 74 -67.08 18.73 41.69
C ASP I 74 -67.08 20.24 41.81
N SER I 75 -68.24 20.88 41.69
CA SER I 75 -68.33 22.31 41.97
C SER I 75 -67.80 22.61 43.37
N ASP I 76 -68.29 21.89 44.37
CA ASP I 76 -67.79 22.07 45.73
C ASP I 76 -66.31 21.70 45.83
N ASN I 77 -65.93 20.56 45.25
CA ASN I 77 -64.54 20.11 45.31
C ASN I 77 -63.57 21.04 44.60
N ASN I 78 -64.07 22.00 43.81
CA ASN I 78 -63.22 22.96 43.10
C ASN I 78 -62.39 22.31 42.00
N LEU I 79 -62.91 21.25 41.38
CA LEU I 79 -62.28 20.61 40.24
C LEU I 79 -63.32 20.52 39.13
N VAL I 80 -63.36 21.51 38.24
CA VAL I 80 -64.36 21.59 37.20
C VAL I 80 -63.74 22.27 35.99
N ASN I 81 -63.90 21.65 34.82
CA ASN I 81 -63.35 22.20 33.59
C ASN I 81 -64.23 23.34 33.09
N VAL I 82 -63.59 24.43 32.65
CA VAL I 82 -64.28 25.70 32.43
C VAL I 82 -64.42 26.03 30.94
N GLU I 83 -63.41 25.69 30.14
CA GLU I 83 -63.49 26.02 28.72
C GLU I 83 -64.51 25.14 27.99
N LEU I 84 -64.68 23.89 28.41
CA LEU I 84 -65.76 23.07 27.87
C LEU I 84 -67.11 23.70 28.20
N LEU I 85 -67.25 24.22 29.40
CA LEU I 85 -68.48 24.90 29.80
C LEU I 85 -68.74 26.11 28.91
N ILE I 86 -67.71 26.92 28.67
CA ILE I 86 -67.86 28.07 27.77
C ILE I 86 -68.31 27.60 26.38
N ASP I 87 -67.62 26.59 25.85
CA ASP I 87 -67.97 26.06 24.54
C ASP I 87 -69.44 25.64 24.47
N GLU I 88 -69.91 24.94 25.49
CA GLU I 88 -71.29 24.47 25.48
C GLU I 88 -72.29 25.62 25.61
N ALA I 89 -71.95 26.63 26.42
CA ALA I 89 -72.85 27.77 26.58
C ALA I 89 -72.99 28.55 25.27
N THR I 90 -71.90 28.66 24.51
CA THR I 90 -71.99 29.28 23.19
C THR I 90 -73.00 28.55 22.32
N LYS I 91 -73.01 27.21 22.38
CA LYS I 91 -73.96 26.41 21.61
C LYS I 91 -75.40 26.70 22.04
N PHE I 92 -75.63 26.70 23.36
CA PHE I 92 -76.97 27.01 23.85
C PHE I 92 -77.43 28.37 23.34
N LEU I 93 -76.58 29.40 23.47
CA LEU I 93 -76.93 30.72 22.99
C LEU I 93 -77.25 30.71 21.50
N SER I 94 -76.45 30.00 20.71
CA SER I 94 -76.69 29.97 19.26
C SER I 94 -78.04 29.35 18.94
N VAL I 95 -78.40 28.25 19.61
CA VAL I 95 -79.69 27.62 19.35
C VAL I 95 -80.83 28.56 19.73
N ALA I 96 -80.70 29.21 20.91
CA ALA I 96 -81.78 30.07 21.38
C ALA I 96 -81.91 31.34 20.56
N LYS I 97 -80.85 31.75 19.87
CA LYS I 97 -80.96 32.87 18.94
C LYS I 97 -81.44 32.42 17.57
N THR I 98 -81.18 31.17 17.17
CA THR I 98 -81.71 30.67 15.91
C THR I 98 -83.22 30.55 15.96
N ARG I 99 -83.74 29.89 17.00
CA ARG I 99 -85.18 29.90 17.24
C ARG I 99 -85.49 31.08 18.16
N ARG I 100 -86.37 31.96 17.71
CA ARG I 100 -86.48 33.29 18.31
C ARG I 100 -87.13 33.24 19.69
N CYS I 101 -86.30 33.09 20.71
CA CYS I 101 -86.72 33.09 22.10
C CYS I 101 -85.89 34.10 22.88
N GLU I 102 -86.50 34.71 23.90
CA GLU I 102 -85.95 35.88 24.57
C GLU I 102 -85.24 35.53 25.89
N ASP I 103 -85.92 34.85 26.79
CA ASP I 103 -85.44 34.73 28.16
C ASP I 103 -84.17 33.89 28.23
N GLU I 104 -84.15 32.74 27.55
CA GLU I 104 -82.96 31.89 27.57
C GLU I 104 -81.81 32.55 26.82
N GLU I 105 -82.10 33.43 25.87
CA GLU I 105 -81.05 34.20 25.21
C GLU I 105 -80.38 35.15 26.20
N GLU I 106 -81.18 35.96 26.88
CA GLU I 106 -80.63 36.91 27.85
C GLU I 106 -79.90 36.18 28.98
N GLU I 107 -80.46 35.07 29.45
CA GLU I 107 -79.89 34.38 30.61
C GLU I 107 -78.49 33.83 30.32
N PHE I 108 -78.13 33.63 29.06
CA PHE I 108 -76.80 33.17 28.69
C PHE I 108 -75.89 34.31 28.28
N ARG I 109 -76.46 35.34 27.64
CA ARG I 109 -75.70 36.56 27.41
C ARG I 109 -75.22 37.17 28.72
N LYS I 110 -75.92 36.89 29.82
CA LYS I 110 -75.50 37.39 31.13
C LYS I 110 -74.38 36.56 31.76
N ILE I 111 -74.19 35.31 31.34
CA ILE I 111 -73.20 34.43 31.94
C ILE I 111 -71.89 34.48 31.19
N LEU I 112 -71.97 34.53 29.86
CA LEU I 112 -70.75 34.58 29.06
C LEU I 112 -69.86 35.74 29.48
N SER I 113 -70.48 36.90 29.77
CA SER I 113 -69.72 38.09 30.14
C SER I 113 -68.88 37.84 31.38
N SER I 114 -69.52 37.38 32.47
CA SER I 114 -68.80 37.14 33.71
C SER I 114 -67.67 36.14 33.50
N LEU I 115 -67.94 35.06 32.76
CA LEU I 115 -66.90 34.05 32.57
C LEU I 115 -65.70 34.63 31.83
N TYR I 116 -65.96 35.32 30.70
CA TYR I 116 -64.84 35.90 29.95
C TYR I 116 -64.10 36.95 30.75
N LYS I 117 -64.81 37.69 31.60
CA LYS I 117 -64.18 38.69 32.46
C LYS I 117 -63.16 38.04 33.39
N GLU I 118 -63.63 37.06 34.17
CA GLU I 118 -62.74 36.40 35.12
C GLU I 118 -61.61 35.66 34.43
N VAL I 119 -61.83 35.21 33.19
CA VAL I 119 -60.77 34.48 32.50
C VAL I 119 -59.76 35.40 31.82
N THR I 120 -60.16 36.63 31.46
CA THR I 120 -59.23 37.57 30.87
C THR I 120 -58.34 38.23 31.92
N LYS I 121 -58.95 38.68 33.03
CA LYS I 121 -58.17 39.35 34.06
C LYS I 121 -56.94 38.54 34.44
N ALA I 122 -57.08 37.22 34.59
CA ALA I 122 -55.96 36.40 35.02
C ALA I 122 -54.82 36.43 34.02
N ALA I 123 -55.12 36.61 32.74
CA ALA I 123 -54.12 36.46 31.69
C ALA I 123 -53.54 37.79 31.21
N LEU I 124 -54.16 38.92 31.56
CA LEU I 124 -53.52 40.21 31.24
C LEU I 124 -52.04 40.20 31.59
N LEU I 125 -51.70 39.75 32.80
CA LEU I 125 -50.36 39.41 33.27
C LEU I 125 -49.52 40.63 33.68
N THR I 126 -49.98 41.86 33.46
CA THR I 126 -49.27 43.02 34.00
C THR I 126 -50.18 44.14 34.47
N GLY I 127 -51.50 43.98 34.41
CA GLY I 127 -52.41 45.03 34.83
C GLY I 127 -52.81 45.97 33.72
N GLU I 128 -52.35 47.21 33.79
CA GLU I 128 -52.61 48.20 32.76
C GLU I 128 -51.36 48.59 31.97
N GLN I 129 -50.24 47.92 32.22
CA GLN I 129 -49.07 48.02 31.37
C GLN I 129 -49.13 47.05 30.20
N PHE I 130 -50.34 46.59 29.85
CA PHE I 130 -50.52 45.69 28.73
C PHE I 130 -50.42 46.42 27.39
N ARG I 131 -50.87 47.67 27.35
CA ARG I 131 -50.80 48.49 26.13
C ARG I 131 -49.54 49.34 26.10
N GLU I 132 -48.38 48.72 26.30
CA GLU I 132 -47.13 49.44 26.35
C GLU I 132 -46.02 48.55 25.81
N LYS I 133 -44.82 49.10 25.72
CA LYS I 133 -43.71 48.50 25.01
C LYS I 133 -42.70 47.90 25.97
N ASN I 134 -41.85 47.03 25.41
CA ASN I 134 -40.68 46.49 26.11
C ASN I 134 -41.05 45.89 27.45
N GLN I 135 -42.22 45.24 27.53
CA GLN I 135 -42.60 44.54 28.74
C GLN I 135 -41.74 43.31 29.01
N GLY I 136 -40.85 42.96 28.09
CA GLY I 136 -39.95 41.84 28.26
C GLY I 136 -38.63 42.17 28.89
N LYS I 137 -38.35 43.46 29.12
CA LYS I 137 -37.15 43.86 29.83
C LYS I 137 -37.29 43.69 31.34
N LYS I 138 -38.51 43.53 31.83
CA LYS I 138 -38.77 43.43 33.25
C LYS I 138 -38.14 42.17 33.84
N ASP I 139 -38.29 42.00 35.16
CA ASP I 139 -37.60 40.95 35.88
C ASP I 139 -38.37 39.63 35.92
N ALA I 140 -39.69 39.67 35.80
CA ALA I 140 -40.48 38.43 35.82
C ALA I 140 -40.15 37.55 34.63
N PHE I 141 -39.84 38.14 33.49
CA PHE I 141 -39.54 37.39 32.27
C PHE I 141 -38.04 37.21 32.11
N LYS I 142 -37.43 36.53 33.09
CA LYS I 142 -35.99 36.30 33.08
C LYS I 142 -35.60 34.87 32.81
N TYR I 143 -36.47 33.90 33.11
CA TYR I 143 -36.14 32.50 32.89
C TYR I 143 -36.57 31.99 31.53
N HIS I 144 -37.64 32.56 30.96
CA HIS I 144 -38.02 32.22 29.59
C HIS I 144 -36.90 32.57 28.62
N LYS I 145 -36.29 33.74 28.82
CA LYS I 145 -35.17 34.16 27.98
C LYS I 145 -34.02 33.15 28.05
N GLU I 146 -33.70 32.68 29.25
CA GLU I 146 -32.63 31.70 29.41
C GLU I 146 -33.01 30.39 28.72
N LEU I 147 -34.24 29.94 28.93
CA LEU I 147 -34.74 28.75 28.26
C LEU I 147 -34.51 28.83 26.76
N ILE I 148 -35.01 29.89 26.13
CA ILE I 148 -34.88 30.04 24.68
C ILE I 148 -33.40 30.07 24.30
N SER I 149 -32.61 30.90 24.99
CA SER I 149 -31.21 31.06 24.62
C SER I 149 -30.47 29.73 24.61
N LYS I 150 -30.63 28.93 25.66
CA LYS I 150 -29.87 27.70 25.74
C LYS I 150 -30.45 26.60 24.87
N LEU I 151 -31.78 26.50 24.78
CA LEU I 151 -32.39 25.51 23.91
C LEU I 151 -32.04 25.75 22.45
N ILE I 152 -31.77 27.00 22.08
CA ILE I 152 -31.28 27.28 20.73
C ILE I 152 -29.79 27.01 20.62
N SER I 153 -29.01 27.51 21.58
CA SER I 153 -27.55 27.38 21.49
C SER I 153 -27.11 25.93 21.44
N ASN I 154 -27.88 25.03 22.06
CA ASN I 154 -27.52 23.60 22.06
C ASN I 154 -28.05 22.93 20.78
N ARG I 155 -27.48 23.35 19.65
CA ARG I 155 -27.86 22.82 18.35
C ARG I 155 -26.63 22.76 17.45
N GLN I 156 -26.60 21.78 16.56
CA GLN I 156 -25.52 21.61 15.61
C GLN I 156 -25.82 22.30 14.29
N PRO I 157 -24.80 22.60 13.49
CA PRO I 157 -25.06 23.13 12.15
C PRO I 157 -25.62 22.04 11.24
N GLY I 158 -26.63 22.41 10.45
CA GLY I 158 -27.32 21.45 9.61
C GLY I 158 -28.39 20.66 10.32
N GLN I 159 -28.74 21.03 11.54
CA GLN I 159 -29.72 20.31 12.34
C GLN I 159 -31.07 21.02 12.28
N SER I 160 -32.09 20.36 12.79
CA SER I 160 -33.45 20.90 12.76
C SER I 160 -33.55 22.04 13.77
N ALA I 161 -34.76 22.56 13.95
CA ALA I 161 -35.02 23.68 14.85
C ALA I 161 -35.94 23.24 15.99
N PRO I 162 -35.86 23.91 17.13
CA PRO I 162 -36.64 23.46 18.30
C PRO I 162 -38.13 23.72 18.13
N ALA I 163 -38.91 22.86 18.77
CA ALA I 163 -40.36 22.94 18.74
C ALA I 163 -40.91 23.17 20.14
N ILE I 164 -41.82 24.14 20.25
CA ILE I 164 -42.39 24.57 21.52
C ILE I 164 -43.90 24.56 21.35
N PHE I 165 -44.56 23.62 22.01
CA PHE I 165 -46.01 23.60 22.06
C PHE I 165 -46.47 24.21 23.39
N THR I 166 -47.70 24.69 23.40
CA THR I 166 -48.14 25.49 24.53
C THR I 166 -49.65 25.38 24.66
N THR I 167 -50.11 25.42 25.92
CA THR I 167 -51.53 25.38 26.23
C THR I 167 -52.04 26.70 26.78
N ASN I 168 -51.17 27.68 27.02
CA ASN I 168 -51.58 28.99 27.48
C ASN I 168 -52.08 29.83 26.31
N TYR I 169 -52.62 31.01 26.64
CA TYR I 169 -53.12 31.96 25.66
C TYR I 169 -52.68 33.38 26.02
N ASP I 170 -51.38 33.54 26.30
CA ASP I 170 -50.82 34.85 26.65
C ASP I 170 -49.49 35.04 25.93
N LEU I 171 -48.82 36.16 26.24
CA LEU I 171 -47.84 36.78 25.34
C LEU I 171 -46.41 36.74 25.88
N ALA I 172 -46.11 35.85 26.81
CA ALA I 172 -44.82 35.92 27.50
C ALA I 172 -43.66 35.48 26.59
N LEU I 173 -43.79 34.31 25.96
CA LEU I 173 -42.74 33.82 25.10
C LEU I 173 -42.52 34.71 23.89
N GLU I 174 -43.50 35.53 23.54
CA GLU I 174 -43.32 36.51 22.47
C GLU I 174 -42.59 37.73 22.99
N TRP I 175 -43.07 38.30 24.10
CA TRP I 175 -42.40 39.43 24.72
C TRP I 175 -40.92 39.15 24.98
N ALA I 176 -40.56 37.89 25.25
CA ALA I 176 -39.18 37.58 25.60
C ALA I 176 -38.30 37.44 24.36
N ALA I 177 -38.78 36.70 23.35
CA ALA I 177 -38.03 36.61 22.10
C ALA I 177 -37.88 37.96 21.44
N GLU I 178 -38.87 38.85 21.58
CA GLU I 178 -38.73 40.20 21.05
C GLU I 178 -37.64 40.98 21.77
N ASP I 179 -37.32 40.60 23.00
CA ASP I 179 -36.22 41.24 23.72
C ASP I 179 -34.88 40.67 23.28
N LEU I 180 -34.81 39.34 23.12
CA LEU I 180 -33.55 38.74 22.65
C LEU I 180 -33.20 39.20 21.25
N GLY I 181 -34.12 39.03 20.30
CA GLY I 181 -33.86 39.43 18.93
C GLY I 181 -33.86 38.26 17.96
N ILE I 182 -34.64 37.23 18.26
CA ILE I 182 -34.78 36.07 17.39
C ILE I 182 -36.21 36.08 16.83
N GLN I 183 -36.40 35.30 15.77
CA GLN I 183 -37.65 35.29 15.02
C GLN I 183 -38.45 34.03 15.32
N LEU I 184 -39.71 34.23 15.72
CA LEU I 184 -40.64 33.15 15.96
C LEU I 184 -41.59 33.00 14.77
N PHE I 185 -41.99 31.77 14.51
CA PHE I 185 -42.95 31.46 13.46
C PHE I 185 -44.19 30.83 14.08
N ASN I 186 -45.34 31.42 13.80
CA ASN I 186 -46.62 30.97 14.33
C ASN I 186 -47.67 30.73 13.26
N GLY I 187 -47.36 30.95 11.99
CA GLY I 187 -48.32 30.76 10.93
C GLY I 187 -49.12 31.99 10.54
N PHE I 188 -48.52 33.17 10.64
CA PHE I 188 -49.19 34.42 10.30
C PHE I 188 -48.23 35.29 9.51
N SER I 189 -48.78 36.20 8.71
CA SER I 189 -47.96 37.03 7.83
C SER I 189 -48.71 38.31 7.50
N GLY I 190 -47.99 39.43 7.49
CA GLY I 190 -48.54 40.72 7.18
C GLY I 190 -48.50 41.66 8.39
N LEU I 191 -48.67 42.94 8.10
CA LEU I 191 -48.75 43.94 9.16
C LEU I 191 -50.03 44.77 9.11
N HIS I 192 -50.44 45.23 7.94
CA HIS I 192 -51.65 46.03 7.83
C HIS I 192 -52.90 45.16 7.66
N THR I 193 -52.72 43.90 7.28
CA THR I 193 -53.81 42.93 7.28
C THR I 193 -53.15 41.57 7.43
N ARG I 194 -53.20 41.02 8.63
CA ARG I 194 -52.45 39.83 9.01
C ARG I 194 -53.37 38.62 8.95
N GLN I 195 -52.92 37.56 8.29
CA GLN I 195 -53.78 36.43 7.98
C GLN I 195 -53.07 35.11 8.25
N PHE I 196 -53.86 34.05 8.30
CA PHE I 196 -53.41 32.72 8.66
C PHE I 196 -53.03 31.93 7.41
N TYR I 197 -51.81 31.37 7.42
CA TYR I 197 -51.32 30.54 6.31
C TYR I 197 -50.67 29.29 6.90
N PRO I 198 -51.37 28.15 6.90
CA PRO I 198 -50.81 26.96 7.55
C PRO I 198 -49.48 26.51 6.96
N GLN I 199 -49.30 26.64 5.66
CA GLN I 199 -48.09 26.16 5.00
C GLN I 199 -46.87 27.00 5.30
N ASN I 200 -46.95 27.98 6.21
CA ASN I 200 -45.78 28.77 6.57
C ASN I 200 -44.90 28.08 7.60
N PHE I 201 -45.39 27.01 8.22
CA PHE I 201 -44.58 26.26 9.17
C PHE I 201 -43.43 25.52 8.50
N ASP I 202 -43.37 25.51 7.17
CA ASP I 202 -42.34 24.80 6.43
C ASP I 202 -41.23 25.72 5.93
N LEU I 203 -41.23 26.99 6.34
CA LEU I 203 -40.21 27.93 5.91
C LEU I 203 -39.03 27.95 6.88
N ALA I 204 -37.99 28.66 6.50
CA ALA I 204 -36.79 28.80 7.31
C ALA I 204 -35.88 29.84 6.68
N PHE I 205 -35.19 30.60 7.52
CA PHE I 205 -34.31 31.65 7.05
C PHE I 205 -33.00 31.06 6.54
N ARG I 206 -32.15 31.93 6.00
CA ARG I 206 -30.88 31.55 5.40
C ARG I 206 -30.13 32.83 5.07
N ASN I 207 -28.81 32.76 5.14
CA ASN I 207 -27.94 33.91 4.89
C ASN I 207 -27.28 33.77 3.52
N VAL I 208 -26.83 34.91 3.00
CA VAL I 208 -26.17 34.97 1.70
C VAL I 208 -24.70 35.35 1.84
N ASN I 209 -24.38 36.25 2.77
CA ASN I 209 -23.01 36.68 2.99
C ASN I 209 -22.25 35.64 3.82
N HIS I 218 -31.18 36.11 12.55
CA HIS I 218 -30.89 34.91 11.78
C HIS I 218 -31.57 33.70 12.41
N TYR I 219 -31.03 33.24 13.54
CA TYR I 219 -31.59 32.08 14.20
C TYR I 219 -33.04 32.35 14.59
N HIS I 220 -33.82 31.27 14.71
CA HIS I 220 -35.27 31.40 14.78
C HIS I 220 -35.83 30.15 15.45
N ALA I 221 -37.16 30.10 15.53
CA ALA I 221 -37.84 28.97 16.14
C ALA I 221 -39.32 29.04 15.80
N TYR I 222 -40.04 27.98 16.17
CA TYR I 222 -41.47 27.84 15.92
C TYR I 222 -42.24 27.87 17.23
N LEU I 223 -43.55 28.09 17.13
CA LEU I 223 -44.40 28.18 18.31
C LEU I 223 -45.79 27.67 17.96
N TYR I 224 -46.22 26.59 18.61
CA TYR I 224 -47.54 26.00 18.38
C TYR I 224 -48.40 26.22 19.62
N LYS I 225 -49.38 27.11 19.52
CA LYS I 225 -50.40 27.24 20.55
C LYS I 225 -51.52 26.24 20.26
N LEU I 226 -52.15 25.75 21.34
CA LEU I 226 -53.20 24.75 21.19
C LEU I 226 -54.59 25.26 21.55
N HIS I 227 -54.71 26.40 22.21
CA HIS I 227 -56.00 26.92 22.64
C HIS I 227 -56.30 28.33 22.14
N GLY I 228 -55.39 28.95 21.40
CA GLY I 228 -55.65 30.26 20.85
C GLY I 228 -54.80 31.37 21.45
N SER I 229 -55.34 32.58 21.51
CA SER I 229 -54.64 33.71 22.10
C SER I 229 -55.62 34.87 22.22
N LEU I 230 -55.15 35.95 22.84
CA LEU I 230 -55.97 37.14 23.08
C LEU I 230 -56.01 38.08 21.90
N THR I 231 -55.12 37.92 20.93
CA THR I 231 -54.95 38.86 19.83
C THR I 231 -55.43 38.33 18.50
N TRP I 232 -56.10 37.18 18.50
CA TRP I 232 -56.71 36.61 17.31
C TRP I 232 -58.22 36.82 17.37
N TYR I 233 -58.82 37.15 16.24
CA TYR I 233 -60.26 37.34 16.21
C TYR I 233 -60.76 37.23 14.77
N GLN I 234 -62.03 37.56 14.58
CA GLN I 234 -62.74 37.30 13.33
C GLN I 234 -63.72 38.44 13.09
N ASN I 235 -63.62 39.07 11.92
CA ASN I 235 -64.45 40.21 11.58
C ASN I 235 -65.68 39.75 10.81
N ASP I 236 -66.51 40.71 10.41
CA ASP I 236 -67.76 40.39 9.73
C ASP I 236 -67.55 39.52 8.49
N SER I 237 -66.33 39.46 7.97
CA SER I 237 -65.99 38.61 6.84
C SER I 237 -65.17 37.42 7.33
N LEU I 238 -65.33 36.30 6.63
CA LEU I 238 -64.85 35.01 7.12
C LEU I 238 -63.33 34.86 6.90
N THR I 239 -62.58 35.71 7.60
CA THR I 239 -61.14 35.57 7.69
C THR I 239 -60.70 35.88 9.11
N VAL I 240 -59.62 35.23 9.54
CA VAL I 240 -59.15 35.28 10.91
C VAL I 240 -57.92 36.18 10.95
N ASN I 241 -57.92 37.16 11.85
CA ASN I 241 -56.91 38.19 11.88
C ASN I 241 -56.19 38.24 13.22
N GLU I 242 -54.91 38.60 13.17
CA GLU I 242 -54.08 38.83 14.34
C GLU I 242 -53.82 40.33 14.51
N VAL I 243 -53.55 40.73 15.75
CA VAL I 243 -53.42 42.15 16.09
C VAL I 243 -52.46 42.29 17.26
N SER I 244 -51.98 43.51 17.47
CA SER I 244 -51.09 43.84 18.57
C SER I 244 -51.88 44.20 19.82
N ALA I 245 -51.20 44.18 20.96
CA ALA I 245 -51.85 44.42 22.24
C ALA I 245 -52.36 45.85 22.36
N SER I 246 -51.52 46.82 22.03
CA SER I 246 -51.92 48.23 22.10
C SER I 246 -53.21 48.49 21.33
N GLN I 247 -53.48 47.68 20.31
CA GLN I 247 -54.64 47.84 19.45
C GLN I 247 -55.84 47.05 19.97
N ALA I 248 -55.63 45.80 20.35
CA ALA I 248 -56.70 44.98 20.91
C ALA I 248 -57.28 45.63 22.16
N TYR I 249 -56.41 46.07 23.07
CA TYR I 249 -56.86 46.74 24.29
C TYR I 249 -57.86 47.85 23.97
N ASP I 250 -57.53 48.71 23.01
CA ASP I 250 -58.45 49.80 22.68
C ASP I 250 -59.67 49.29 21.92
N GLU I 251 -59.56 48.14 21.24
CA GLU I 251 -60.67 47.66 20.44
C GLU I 251 -61.75 47.01 21.30
N TYR I 252 -61.42 45.91 21.98
CA TYR I 252 -62.45 45.18 22.72
C TYR I 252 -62.12 44.93 24.19
N ILE I 253 -60.88 44.58 24.54
CA ILE I 253 -60.59 44.07 25.88
C ILE I 253 -61.07 45.03 26.96
N ASN I 254 -60.78 46.33 26.80
CA ASN I 254 -61.09 47.30 27.85
C ASN I 254 -62.56 47.20 28.25
N ASP I 255 -63.46 47.12 27.27
CA ASP I 255 -64.87 46.98 27.59
C ASP I 255 -65.16 45.66 28.29
N ILE I 256 -64.53 44.57 27.84
CA ILE I 256 -64.70 43.28 28.51
C ILE I 256 -64.42 43.43 30.00
N ILE I 257 -63.40 44.21 30.35
CA ILE I 257 -62.98 44.30 31.75
C ILE I 257 -63.65 45.42 32.53
N ASN I 258 -64.26 46.39 31.84
CA ASN I 258 -64.85 47.53 32.54
C ASN I 258 -66.26 47.84 32.04
N LYS I 259 -67.02 46.80 31.68
CA LYS I 259 -68.43 46.96 31.37
C LYS I 259 -69.17 45.71 31.85
N ASP I 260 -70.37 45.91 32.38
CA ASP I 260 -71.05 44.84 33.10
C ASP I 260 -71.75 43.87 32.17
N ASP I 261 -72.34 44.36 31.08
CA ASP I 261 -73.09 43.48 30.18
C ASP I 261 -72.92 43.97 28.75
N PHE I 262 -72.10 43.27 27.98
CA PHE I 262 -72.04 43.42 26.53
C PHE I 262 -71.34 42.18 25.97
N TYR I 263 -71.84 41.67 24.85
CA TYR I 263 -71.29 40.46 24.28
C TYR I 263 -71.30 40.54 22.76
N ARG I 264 -70.28 39.94 22.15
CA ARG I 264 -70.14 39.86 20.70
C ARG I 264 -69.88 38.39 20.34
N GLY I 265 -70.85 37.76 19.69
CA GLY I 265 -70.77 36.34 19.41
C GLY I 265 -70.07 36.05 18.09
N GLN I 266 -69.35 34.92 18.07
CA GLN I 266 -68.61 34.47 16.89
C GLN I 266 -67.58 35.52 16.47
N HIS I 267 -66.87 36.07 17.46
CA HIS I 267 -65.82 37.06 17.22
C HIS I 267 -64.47 36.61 17.75
N LEU I 268 -64.42 36.12 18.98
CA LEU I 268 -63.16 35.86 19.67
C LEU I 268 -62.69 34.44 19.42
N ILE I 269 -61.37 34.24 19.50
CA ILE I 269 -60.81 32.91 19.40
C ILE I 269 -59.92 32.68 20.62
N TYR I 270 -60.54 32.34 21.74
CA TYR I 270 -59.92 31.75 22.92
C TYR I 270 -61.02 31.51 23.95
N PRO I 271 -60.98 30.41 24.72
CA PRO I 271 -60.23 29.17 24.61
C PRO I 271 -61.12 28.03 24.12
N GLY I 272 -60.87 27.51 22.92
CA GLY I 272 -61.72 26.47 22.34
C GLY I 272 -63.20 26.77 22.49
N ALA I 273 -63.60 28.00 22.17
CA ALA I 273 -64.94 28.48 22.48
C ALA I 273 -65.96 28.20 21.38
N ASN I 274 -65.65 28.59 20.14
CA ASN I 274 -66.63 28.63 19.06
C ASN I 274 -66.33 27.58 17.99
N LYS I 275 -65.97 26.37 18.41
CA LYS I 275 -65.54 25.33 17.49
C LYS I 275 -66.64 24.86 16.53
N TYR I 276 -67.86 25.36 16.66
CA TYR I 276 -68.95 24.92 15.79
C TYR I 276 -69.04 25.73 14.51
N SER I 277 -68.01 26.49 14.17
CA SER I 277 -67.92 27.24 12.93
C SER I 277 -66.81 26.66 12.08
N HIS I 278 -67.14 26.33 10.83
CA HIS I 278 -66.17 25.66 9.96
C HIS I 278 -64.98 26.55 9.63
N THR I 279 -65.04 27.84 9.96
CA THR I 279 -63.92 28.75 9.75
C THR I 279 -62.96 28.80 10.92
N ILE I 280 -63.36 28.34 12.10
CA ILE I 280 -62.57 28.50 13.32
C ILE I 280 -61.93 27.18 13.75
N GLY I 281 -62.63 26.06 13.51
CA GLY I 281 -62.08 24.76 13.86
C GLY I 281 -60.88 24.38 13.02
N PHE I 282 -60.78 24.94 11.81
CA PHE I 282 -59.61 24.77 10.97
C PHE I 282 -58.32 25.04 11.74
N VAL I 283 -58.26 26.21 12.39
CA VAL I 283 -57.03 26.67 13.02
C VAL I 283 -56.72 25.90 14.30
N TYR I 284 -57.72 25.26 14.91
CA TYR I 284 -57.46 24.38 16.03
C TYR I 284 -56.93 23.03 15.58
N GLY I 285 -57.63 22.38 14.64
CA GLY I 285 -57.19 21.07 14.18
C GLY I 285 -55.80 21.07 13.56
N GLU I 286 -55.48 22.16 12.84
CA GLU I 286 -54.19 22.23 12.15
C GLU I 286 -53.01 22.23 13.11
N MET I 287 -53.25 22.35 14.41
CA MET I 287 -52.18 22.31 15.41
C MET I 287 -52.03 20.90 15.99
N PHE I 288 -53.15 20.28 16.35
CA PHE I 288 -53.07 18.92 16.89
C PHE I 288 -52.52 17.95 15.86
N ARG I 289 -52.86 18.12 14.59
CA ARG I 289 -52.31 17.19 13.61
C ARG I 289 -50.80 17.37 13.44
N ARG I 290 -50.31 18.61 13.56
CA ARG I 290 -48.87 18.83 13.58
C ARG I 290 -48.23 18.20 14.80
N PHE I 291 -48.88 18.29 15.96
CA PHE I 291 -48.41 17.61 17.16
C PHE I 291 -48.22 16.12 16.89
N GLY I 292 -49.26 15.48 16.36
CA GLY I 292 -49.15 14.07 16.01
C GLY I 292 -47.98 13.78 15.08
N GLU I 293 -47.85 14.54 13.99
CA GLU I 293 -46.78 14.30 13.03
C GLU I 293 -45.40 14.59 13.60
N PHE I 294 -45.31 15.41 14.65
CA PHE I 294 -44.03 15.62 15.31
C PHE I 294 -43.70 14.45 16.21
N ILE I 295 -44.70 13.94 16.93
CA ILE I 295 -44.50 12.76 17.77
C ILE I 295 -43.99 11.60 16.93
N SER I 296 -44.69 11.29 15.84
CA SER I 296 -44.45 10.05 15.12
C SER I 296 -43.05 9.94 14.50
N LYS I 297 -42.22 10.95 14.65
CA LYS I 297 -40.88 10.91 14.10
C LYS I 297 -39.93 10.09 14.97
N PRO I 298 -38.86 9.56 14.39
CA PRO I 298 -37.83 8.89 15.19
C PRO I 298 -36.82 9.89 15.75
N GLN I 299 -36.05 9.40 16.73
CA GLN I 299 -35.02 10.20 17.41
C GLN I 299 -35.58 11.54 17.87
N THR I 300 -36.55 11.44 18.79
CA THR I 300 -37.22 12.61 19.32
C THR I 300 -37.31 12.53 20.84
N ALA I 301 -37.24 13.71 21.47
CA ALA I 301 -37.37 13.87 22.90
C ALA I 301 -38.43 14.92 23.19
N LEU I 302 -39.14 14.73 24.31
CA LEU I 302 -40.26 15.59 24.66
C LEU I 302 -40.22 15.85 26.17
N PHE I 303 -40.09 17.12 26.55
CA PHE I 303 -40.03 17.53 27.95
C PHE I 303 -41.36 18.19 28.32
N ILE I 304 -42.05 17.61 29.30
CA ILE I 304 -43.38 18.06 29.72
C ILE I 304 -43.24 18.75 31.07
N ASN I 305 -43.67 20.02 31.15
CA ASN I 305 -43.58 20.75 32.42
C ASN I 305 -44.78 21.68 32.54
N GLY I 306 -45.80 21.23 33.27
CA GLY I 306 -46.87 22.12 33.68
C GLY I 306 -48.26 21.57 33.42
N PHE I 307 -48.35 20.39 32.82
CA PHE I 307 -49.62 19.85 32.34
C PHE I 307 -50.21 18.89 33.37
N GLY I 308 -51.54 18.87 33.45
CA GLY I 308 -52.25 18.11 34.45
C GLY I 308 -52.87 16.81 34.00
N PHE I 309 -52.66 16.40 32.74
CA PHE I 309 -53.06 15.07 32.27
C PHE I 309 -54.54 14.79 32.49
N GLY I 310 -55.37 15.81 32.34
CA GLY I 310 -56.81 15.62 32.42
C GLY I 310 -57.47 15.64 31.06
N ASP I 311 -56.82 15.07 30.04
CA ASP I 311 -57.33 15.14 28.68
C ASP I 311 -57.25 13.79 27.99
N TYR I 312 -58.42 13.31 27.56
CA TYR I 312 -58.55 12.05 26.85
C TYR I 312 -57.62 11.99 25.65
N HIS I 313 -57.66 13.02 24.79
CA HIS I 313 -56.98 12.94 23.51
C HIS I 313 -55.47 13.04 23.66
N ILE I 314 -54.99 14.01 24.44
CA ILE I 314 -53.55 14.13 24.64
C ILE I 314 -53.01 12.89 25.33
N ASN I 315 -53.75 12.35 26.29
CA ASN I 315 -53.33 11.10 26.92
C ASN I 315 -53.20 9.99 25.89
N ARG I 316 -54.24 9.80 25.07
CA ARG I 316 -54.20 8.75 24.05
C ARG I 316 -53.01 8.91 23.12
N ILE I 317 -52.73 10.13 22.68
CA ILE I 317 -51.66 10.33 21.70
C ILE I 317 -50.31 10.05 22.34
N ILE I 318 -50.03 10.66 23.50
CA ILE I 318 -48.76 10.42 24.17
C ILE I 318 -48.62 8.96 24.57
N LEU I 319 -49.74 8.25 24.69
CA LEU I 319 -49.69 6.83 25.04
C LEU I 319 -49.32 5.99 23.83
N GLY I 320 -50.08 6.11 22.74
CA GLY I 320 -49.78 5.42 21.51
C GLY I 320 -48.41 5.74 20.93
N ALA I 321 -47.82 6.89 21.31
CA ALA I 321 -46.57 7.31 20.71
C ALA I 321 -45.39 6.40 21.04
N LEU I 322 -45.47 5.60 22.10
CA LEU I 322 -44.29 5.00 22.70
C LEU I 322 -43.87 3.67 22.09
N LEU I 323 -44.65 3.12 21.15
CA LEU I 323 -44.33 1.79 20.64
C LEU I 323 -42.93 1.74 20.04
N ASN I 324 -42.61 2.65 19.14
CA ASN I 324 -41.26 2.68 18.58
C ASN I 324 -40.30 3.32 19.59
N PRO I 325 -39.09 2.79 19.75
CA PRO I 325 -38.31 3.04 20.97
C PRO I 325 -37.56 4.37 21.02
N SER I 326 -37.38 5.07 19.91
CA SER I 326 -36.53 6.27 19.89
C SER I 326 -37.33 7.55 20.13
N PHE I 327 -38.39 7.45 20.94
CA PHE I 327 -39.16 8.59 21.41
C PHE I 327 -39.08 8.61 22.93
N HIS I 328 -38.45 9.66 23.47
CA HIS I 328 -38.21 9.78 24.90
C HIS I 328 -39.12 10.83 25.52
N VAL I 329 -39.63 10.53 26.70
CA VAL I 329 -40.53 11.42 27.43
C VAL I 329 -39.90 11.76 28.77
N VAL I 330 -40.06 13.01 29.21
CA VAL I 330 -39.63 13.41 30.53
C VAL I 330 -40.70 14.29 31.18
N ILE I 331 -41.48 13.70 32.07
CA ILE I 331 -42.57 14.41 32.73
C ILE I 331 -42.06 15.11 33.98
N TYR I 332 -42.72 16.21 34.35
CA TYR I 332 -42.56 16.80 35.67
C TYR I 332 -43.91 16.83 36.38
N TYR I 333 -43.92 16.44 37.65
CA TYR I 333 -45.14 16.39 38.44
C TYR I 333 -44.82 16.60 39.91
N PRO I 334 -45.27 17.69 40.54
CA PRO I 334 -44.82 18.00 41.90
C PRO I 334 -45.39 17.09 42.99
N GLU I 335 -46.70 16.85 42.97
CA GLU I 335 -47.38 16.13 44.05
C GLU I 335 -47.64 14.70 43.59
N LEU I 336 -46.62 13.86 43.78
CA LEU I 336 -46.61 12.49 43.29
C LEU I 336 -46.92 11.47 44.37
N LYS I 337 -46.22 11.53 45.50
CA LYS I 337 -46.48 10.58 46.58
C LYS I 337 -47.87 10.75 47.16
N GLU I 338 -48.39 11.99 47.18
CA GLU I 338 -49.74 12.23 47.65
C GLU I 338 -50.78 11.50 46.80
N ALA I 339 -50.38 10.96 45.66
CA ALA I 339 -51.23 10.13 44.82
C ALA I 339 -50.83 8.66 44.85
N ILE I 340 -49.53 8.38 44.98
CA ILE I 340 -49.09 7.01 45.19
C ILE I 340 -49.78 6.42 46.42
N THR I 341 -49.93 7.24 47.47
CA THR I 341 -50.51 6.78 48.73
C THR I 341 -52.03 6.84 48.73
N LYS I 342 -52.66 7.34 47.66
CA LYS I 342 -54.10 7.29 47.52
C LYS I 342 -54.57 6.26 46.50
N VAL I 343 -53.70 5.82 45.60
CA VAL I 343 -54.08 4.80 44.63
C VAL I 343 -54.19 3.42 45.28
N SER I 344 -53.52 3.20 46.42
CA SER I 344 -53.66 1.94 47.13
C SER I 344 -55.12 1.63 47.45
N LYS I 345 -55.93 2.67 47.68
CA LYS I 345 -57.31 2.53 48.05
C LYS I 345 -58.20 2.68 46.82
N GLY I 346 -59.52 2.73 47.03
CA GLY I 346 -60.45 2.89 45.93
C GLY I 346 -60.51 4.28 45.35
N GLY I 347 -60.16 5.30 46.13
CA GLY I 347 -60.21 6.66 45.63
C GLY I 347 -59.07 6.96 44.69
N GLY I 348 -59.37 7.78 43.68
CA GLY I 348 -58.37 8.19 42.71
C GLY I 348 -58.98 8.74 41.44
N SER I 349 -58.33 9.72 40.83
CA SER I 349 -58.79 10.33 39.60
C SER I 349 -57.85 9.97 38.46
N GLU I 350 -58.39 9.99 37.23
CA GLU I 350 -57.61 9.58 36.07
C GLU I 350 -56.27 10.29 36.02
N ALA I 351 -56.22 11.56 36.42
CA ALA I 351 -54.96 12.29 36.44
C ALA I 351 -53.86 11.50 37.14
N GLU I 352 -54.17 10.94 38.31
CA GLU I 352 -53.18 10.21 39.09
C GLU I 352 -53.09 8.74 38.70
N LYS I 353 -54.21 8.14 38.32
CA LYS I 353 -54.19 6.77 37.83
C LYS I 353 -53.21 6.64 36.66
N ALA I 354 -53.28 7.58 35.72
CA ALA I 354 -52.42 7.51 34.54
C ALA I 354 -50.95 7.67 34.90
N ILE I 355 -50.64 8.62 35.79
CA ILE I 355 -49.23 8.87 36.09
C ILE I 355 -48.64 7.73 36.90
N VAL I 356 -49.44 7.09 37.77
CA VAL I 356 -48.90 5.94 38.49
C VAL I 356 -48.77 4.73 37.57
N THR I 357 -49.72 4.54 36.66
CA THR I 357 -49.56 3.51 35.63
C THR I 357 -48.29 3.75 34.84
N LEU I 358 -47.95 5.02 34.60
CA LEU I 358 -46.74 5.35 33.86
C LEU I 358 -45.50 5.01 34.67
N LYS I 359 -45.47 5.41 35.94
CA LYS I 359 -44.32 5.11 36.78
C LYS I 359 -44.19 3.62 37.08
N ASN I 360 -45.25 2.85 36.86
CA ASN I 360 -45.23 1.41 37.08
C ASN I 360 -44.84 0.63 35.82
N MET I 361 -44.08 1.24 34.92
CA MET I 361 -43.66 0.59 33.68
C MET I 361 -42.29 -0.04 33.88
N ALA I 362 -41.82 -0.74 32.84
CA ALA I 362 -40.60 -1.53 32.93
C ALA I 362 -39.66 -1.28 31.75
N PHE I 363 -39.63 -0.05 31.24
CA PHE I 363 -38.62 0.35 30.28
C PHE I 363 -38.13 1.75 30.64
N ASN I 364 -36.96 2.09 30.11
CA ASN I 364 -36.23 3.28 30.55
C ASN I 364 -36.57 4.51 29.71
N GLN I 365 -37.87 4.80 29.57
CA GLN I 365 -38.33 6.00 28.88
C GLN I 365 -39.15 6.90 29.79
N VAL I 366 -40.19 6.37 30.44
CA VAL I 366 -40.97 7.15 31.39
C VAL I 366 -40.10 7.50 32.58
N THR I 367 -39.99 8.79 32.88
CA THR I 367 -39.01 9.30 33.84
C THR I 367 -39.66 10.32 34.78
N VAL I 368 -40.77 9.93 35.40
CA VAL I 368 -41.51 10.82 36.29
C VAL I 368 -40.56 11.43 37.31
N VAL I 369 -40.86 12.66 37.74
CA VAL I 369 -40.03 13.41 38.68
C VAL I 369 -40.93 14.07 39.70
N GLY I 370 -40.41 14.21 40.92
CA GLY I 370 -41.16 14.84 41.99
C GLY I 370 -40.29 15.33 43.12
N GLY I 371 -40.50 16.57 43.54
CA GLY I 371 -39.80 17.12 44.70
C GLY I 371 -40.67 18.05 45.52
N GLY I 372 -41.95 18.11 45.21
CA GLY I 372 -42.85 19.02 45.88
C GLY I 372 -42.65 20.45 45.44
N SER I 373 -41.42 20.95 45.59
CA SER I 373 -41.04 22.27 45.09
C SER I 373 -39.76 22.23 44.29
N LYS I 374 -39.09 21.08 44.20
CA LYS I 374 -37.92 20.91 43.35
C LYS I 374 -38.26 20.37 41.98
N ALA I 375 -39.55 20.20 41.69
CA ALA I 375 -40.04 19.89 40.34
C ALA I 375 -40.90 21.08 39.93
N TYR I 376 -40.25 22.13 39.44
CA TYR I 376 -40.89 23.36 39.05
C TYR I 376 -40.21 23.90 37.80
N PHE I 377 -40.83 24.90 37.19
CA PHE I 377 -40.26 25.54 36.00
C PHE I 377 -38.85 26.05 36.28
N ASN I 378 -38.66 26.72 37.42
CA ASN I 378 -37.39 27.38 37.68
C ASN I 378 -36.24 26.40 37.81
N SER I 379 -36.49 25.21 38.37
CA SER I 379 -35.44 24.21 38.47
C SER I 379 -35.31 23.43 37.18
N PHE I 380 -36.43 23.19 36.48
CA PHE I 380 -36.38 22.64 35.13
C PHE I 380 -35.39 23.41 34.28
N VAL I 381 -35.41 24.74 34.38
CA VAL I 381 -34.48 25.55 33.60
C VAL I 381 -33.04 25.26 33.99
N GLU I 382 -32.74 25.27 35.29
CA GLU I 382 -31.36 25.10 35.73
C GLU I 382 -30.82 23.71 35.40
N HIS I 383 -31.71 22.71 35.30
CA HIS I 383 -31.26 21.35 34.97
C HIS I 383 -30.54 21.24 33.64
N LEU I 384 -30.52 22.31 32.83
CA LEU I 384 -30.03 22.24 31.47
C LEU I 384 -28.58 22.71 31.38
N PRO I 385 -27.86 22.30 30.33
CA PRO I 385 -26.47 22.74 30.16
C PRO I 385 -26.34 24.19 29.74
N TYR I 386 -25.11 24.62 29.49
CA TYR I 386 -24.80 25.94 28.95
C TYR I 386 -23.88 25.80 27.75
N PRO I 387 -23.93 26.76 26.81
CA PRO I 387 -23.02 26.71 25.66
C PRO I 387 -21.55 26.73 26.06
N ILE I 395 -22.50 45.50 29.42
CA ILE I 395 -21.87 46.82 29.38
C ILE I 395 -22.71 47.75 28.51
N VAL I 396 -23.56 47.16 27.67
CA VAL I 396 -24.41 47.91 26.76
C VAL I 396 -25.13 49.03 27.51
N ASP I 397 -25.62 48.73 28.71
CA ASP I 397 -26.41 49.71 29.45
C ASP I 397 -25.59 50.95 29.77
N GLU I 398 -24.34 50.77 30.20
CA GLU I 398 -23.48 51.92 30.52
C GLU I 398 -23.29 52.80 29.29
N LEU I 399 -22.93 52.20 28.16
CA LEU I 399 -22.67 52.96 26.95
C LEU I 399 -23.93 53.69 26.48
N VAL I 400 -25.08 53.01 26.53
CA VAL I 400 -26.29 53.64 26.01
C VAL I 400 -26.75 54.76 26.94
N GLU I 401 -26.54 54.62 28.25
CA GLU I 401 -26.86 55.73 29.15
C GLU I 401 -25.91 56.91 28.91
N ALA I 402 -24.63 56.62 28.66
CA ALA I 402 -23.68 57.68 28.34
C ALA I 402 -24.12 58.43 27.09
N ILE I 403 -24.45 57.70 26.03
CA ILE I 403 -24.93 58.33 24.81
C ILE I 403 -26.18 59.14 25.09
N ALA I 404 -27.11 58.56 25.84
CA ALA I 404 -28.34 59.26 26.21
C ALA I 404 -28.04 60.64 26.78
N ASN I 405 -27.26 60.70 27.87
CA ASN I 405 -27.04 61.99 28.51
C ASN I 405 -26.23 62.92 27.62
N LEU I 406 -25.09 62.44 27.11
CA LEU I 406 -24.14 63.24 26.32
C LEU I 406 -24.72 64.53 25.74
N SER J 2 -63.74 29.90 -25.00
CA SER J 2 -63.93 30.15 -23.57
C SER J 2 -62.93 29.38 -22.74
N ILE J 3 -61.64 29.70 -22.91
CA ILE J 3 -60.57 29.11 -22.14
C ILE J 3 -59.64 30.24 -21.74
N TYR J 4 -59.55 30.53 -20.44
CA TYR J 4 -58.77 31.64 -19.93
C TYR J 4 -57.50 31.12 -19.27
N GLN J 5 -56.35 31.51 -19.82
CA GLN J 5 -55.05 31.23 -19.22
C GLN J 5 -54.41 32.53 -18.78
N GLY J 6 -54.00 32.59 -17.52
CA GLY J 6 -53.36 33.76 -16.97
C GLY J 6 -54.15 35.05 -17.18
N GLY J 7 -55.48 34.92 -17.24
CA GLY J 7 -56.35 36.06 -17.47
C GLY J 7 -56.63 36.35 -18.93
N ASN J 8 -55.79 35.89 -19.84
CA ASN J 8 -55.94 36.15 -21.27
C ASN J 8 -56.85 35.08 -21.87
N LYS J 9 -56.91 35.02 -23.21
CA LYS J 9 -57.65 33.99 -23.92
C LYS J 9 -56.71 33.19 -24.81
N LEU J 10 -56.96 31.89 -24.90
CA LEU J 10 -56.27 31.03 -25.85
C LEU J 10 -57.28 30.08 -26.46
N ASN J 11 -56.84 29.36 -27.49
CA ASN J 11 -57.74 28.58 -28.32
C ASN J 11 -57.45 27.08 -28.22
N GLU J 12 -58.20 26.31 -29.00
CA GLU J 12 -58.25 24.86 -28.92
C GLU J 12 -57.24 24.22 -29.86
N ASP J 13 -56.12 24.90 -30.12
CA ASP J 13 -55.02 24.34 -30.87
C ASP J 13 -53.75 24.46 -30.04
N ASP J 14 -53.71 25.46 -29.16
CA ASP J 14 -52.65 25.58 -28.16
C ASP J 14 -53.03 24.90 -26.84
N PHE J 15 -54.32 24.90 -26.49
CA PHE J 15 -54.74 24.15 -25.31
C PHE J 15 -54.27 22.70 -25.37
N ARG J 16 -54.35 22.10 -26.57
CA ARG J 16 -54.04 20.68 -26.68
C ARG J 16 -52.55 20.42 -26.58
N SER J 17 -51.72 21.27 -27.21
CA SER J 17 -50.28 21.14 -27.05
C SER J 17 -49.82 21.49 -25.65
N HIS J 18 -50.63 22.24 -24.90
CA HIS J 18 -50.34 22.46 -23.49
C HIS J 18 -50.61 21.20 -22.67
N VAL J 19 -51.75 20.57 -22.92
CA VAL J 19 -52.08 19.32 -22.21
C VAL J 19 -51.05 18.24 -22.53
N TYR J 20 -50.63 18.13 -23.79
CA TYR J 20 -49.66 17.12 -24.16
C TYR J 20 -48.30 17.32 -23.49
N SER J 21 -48.01 18.53 -23.01
CA SER J 21 -46.77 18.78 -22.29
C SER J 21 -46.96 18.73 -20.78
N LEU J 22 -48.19 18.95 -20.30
CA LEU J 22 -48.48 18.75 -18.89
C LEU J 22 -48.56 17.28 -18.51
N CYS J 23 -48.90 16.41 -19.46
CA CYS J 23 -48.98 14.99 -19.17
C CYS J 23 -47.63 14.28 -19.24
N GLN J 24 -46.55 14.98 -19.58
CA GLN J 24 -45.22 14.41 -19.66
C GLN J 24 -44.33 14.80 -18.48
N LEU J 25 -44.92 14.99 -17.30
CA LEU J 25 -44.19 15.44 -16.12
C LEU J 25 -44.04 14.30 -15.12
N ASP J 26 -43.29 14.58 -14.05
CA ASP J 26 -43.00 13.56 -13.06
C ASP J 26 -44.27 13.10 -12.33
N ASN J 27 -45.03 14.05 -11.79
CA ASN J 27 -46.21 13.75 -10.99
C ASN J 27 -47.45 14.23 -11.73
N VAL J 28 -48.47 13.37 -11.78
CA VAL J 28 -49.74 13.67 -12.44
C VAL J 28 -50.87 13.09 -11.59
N GLY J 29 -51.96 13.84 -11.47
CA GLY J 29 -53.07 13.43 -10.64
C GLY J 29 -54.38 14.01 -11.15
N VAL J 30 -55.47 13.57 -10.51
CA VAL J 30 -56.81 13.98 -10.90
C VAL J 30 -57.71 13.93 -9.67
N LEU J 31 -58.45 15.02 -9.45
CA LEU J 31 -59.45 15.10 -8.41
C LEU J 31 -60.83 15.17 -9.05
N LEU J 32 -61.74 14.30 -8.61
CA LEU J 32 -63.06 14.18 -9.19
C LEU J 32 -64.12 14.59 -8.16
N GLY J 33 -65.38 14.50 -8.58
CA GLY J 33 -66.49 14.94 -7.76
C GLY J 33 -67.72 14.12 -8.06
N ALA J 34 -68.89 14.69 -7.81
CA ALA J 34 -70.15 13.99 -7.94
C ALA J 34 -70.80 14.15 -9.31
N GLY J 35 -70.29 15.04 -10.16
CA GLY J 35 -70.79 15.14 -11.51
C GLY J 35 -70.24 14.08 -12.44
N ALA J 36 -69.00 13.66 -12.21
CA ALA J 36 -68.39 12.63 -13.03
C ALA J 36 -69.16 11.31 -13.01
N SER J 37 -70.07 11.12 -12.06
CA SER J 37 -70.84 9.89 -11.92
C SER J 37 -72.29 10.10 -12.34
N VAL J 38 -72.53 11.00 -13.30
CA VAL J 38 -73.89 11.29 -13.76
C VAL J 38 -74.18 10.49 -15.02
N GLY J 39 -73.14 10.18 -15.79
CA GLY J 39 -73.29 9.37 -16.98
C GLY J 39 -73.32 7.89 -16.67
N CYS J 40 -73.58 7.54 -15.41
CA CYS J 40 -73.64 6.16 -14.97
C CYS J 40 -74.83 5.83 -14.09
N GLY J 41 -75.60 6.82 -13.64
CA GLY J 41 -76.76 6.56 -12.82
C GLY J 41 -76.79 7.34 -11.51
N GLY J 42 -75.82 8.23 -11.30
CA GLY J 42 -75.73 8.98 -10.08
C GLY J 42 -76.63 10.20 -10.06
N LYS J 43 -76.58 10.92 -8.94
CA LYS J 43 -77.43 12.09 -8.74
C LYS J 43 -76.71 13.11 -7.87
N THR J 44 -77.23 14.34 -7.89
CA THR J 44 -76.64 15.46 -7.18
C THR J 44 -77.49 15.86 -5.97
N MET J 45 -77.05 16.92 -5.27
CA MET J 45 -77.70 17.34 -4.04
C MET J 45 -79.03 18.02 -4.30
N LYS J 46 -79.13 18.77 -5.41
CA LYS J 46 -80.42 19.30 -5.82
C LYS J 46 -81.44 18.19 -6.00
N ASP J 47 -81.02 17.07 -6.62
CA ASP J 47 -81.91 15.93 -6.78
C ASP J 47 -82.24 15.29 -5.42
N VAL J 48 -81.26 15.22 -4.52
CA VAL J 48 -81.55 14.73 -3.18
C VAL J 48 -82.66 15.56 -2.54
N TRP J 49 -82.56 16.89 -2.65
CA TRP J 49 -83.58 17.76 -2.05
C TRP J 49 -84.94 17.58 -2.72
N LYS J 50 -84.96 17.54 -4.05
CA LYS J 50 -86.21 17.38 -4.77
C LYS J 50 -86.86 16.03 -4.51
N SER J 51 -86.08 15.02 -4.12
CA SER J 51 -86.64 13.72 -3.76
C SER J 51 -86.98 13.62 -2.28
N PHE J 52 -86.39 14.46 -1.44
CA PHE J 52 -86.80 14.54 -0.05
C PHE J 52 -88.11 15.29 0.11
N LYS J 53 -88.32 16.32 -0.71
CA LYS J 53 -89.51 17.14 -0.58
C LYS J 53 -90.78 16.32 -0.80
N GLN J 54 -90.92 15.74 -1.98
CA GLN J 54 -92.15 15.02 -2.35
C GLN J 54 -92.22 13.63 -1.76
N ASN J 55 -91.37 13.31 -0.77
CA ASN J 55 -91.46 12.06 -0.04
C ASN J 55 -91.63 12.25 1.46
N TYR J 56 -91.26 13.40 2.01
CA TYR J 56 -91.44 13.69 3.43
C TYR J 56 -91.92 15.13 3.57
N PRO J 57 -93.18 15.40 3.22
CA PRO J 57 -93.69 16.79 3.29
C PRO J 57 -94.18 17.21 4.67
N GLU J 58 -94.33 16.28 5.60
CA GLU J 58 -94.81 16.64 6.94
C GLU J 58 -93.70 17.30 7.75
N LEU J 59 -92.48 16.76 7.66
CA LEU J 59 -91.37 17.31 8.42
C LEU J 59 -90.80 18.57 7.80
N LEU J 60 -90.99 18.77 6.50
CA LEU J 60 -90.53 19.99 5.85
C LEU J 60 -91.31 21.20 6.37
N GLY J 61 -92.62 21.05 6.51
CA GLY J 61 -93.43 22.04 7.19
C GLY J 61 -92.81 22.41 8.52
N ALA J 62 -92.67 21.44 9.43
CA ALA J 62 -92.12 21.69 10.75
C ALA J 62 -90.77 22.39 10.70
N LEU J 63 -89.91 22.01 9.74
CA LEU J 63 -88.61 22.67 9.65
C LEU J 63 -88.76 24.13 9.27
N ILE J 64 -89.68 24.44 8.36
CA ILE J 64 -89.84 25.83 7.95
C ILE J 64 -90.49 26.65 9.07
N ASP J 65 -91.44 26.04 9.79
CA ASP J 65 -92.32 26.78 10.68
C ASP J 65 -91.79 26.83 12.11
N LYS J 66 -91.60 25.66 12.73
CA LYS J 66 -91.42 25.60 14.18
C LYS J 66 -89.99 25.87 14.61
N TYR J 67 -89.01 25.39 13.83
CA TYR J 67 -87.61 25.54 14.19
C TYR J 67 -86.87 26.60 13.37
N LEU J 68 -87.44 27.06 12.26
CA LEU J 68 -86.86 28.16 11.50
C LEU J 68 -85.47 27.82 10.99
N LEU J 69 -85.34 26.63 10.39
CA LEU J 69 -84.04 26.16 9.90
C LEU J 69 -83.80 26.49 8.44
N VAL J 70 -84.85 26.54 7.62
CA VAL J 70 -84.74 26.86 6.21
C VAL J 70 -85.76 27.93 5.86
N SER J 71 -85.36 28.86 5.00
CA SER J 71 -86.28 29.87 4.51
C SER J 71 -87.26 29.24 3.52
N GLN J 72 -88.51 29.69 3.58
CA GLN J 72 -89.54 29.17 2.68
C GLN J 72 -89.27 29.52 1.22
N ILE J 73 -88.33 30.43 0.96
CA ILE J 73 -88.08 30.86 -0.41
C ILE J 73 -87.15 29.87 -1.13
N ASP J 74 -85.95 29.67 -0.59
CA ASP J 74 -84.98 28.80 -1.25
C ASP J 74 -85.56 27.42 -1.51
N SER J 75 -86.46 26.96 -0.64
CA SER J 75 -87.11 25.66 -0.85
C SER J 75 -87.75 25.59 -2.23
N ASP J 76 -88.60 26.56 -2.55
CA ASP J 76 -89.38 26.50 -3.79
C ASP J 76 -88.50 26.32 -5.02
N ASN J 77 -87.31 26.90 -5.01
CA ASN J 77 -86.40 26.83 -6.16
C ASN J 77 -85.22 25.89 -5.92
N ASN J 78 -85.28 25.08 -4.85
CA ASN J 78 -84.31 24.01 -4.65
C ASN J 78 -82.89 24.57 -4.55
N LEU J 79 -82.73 25.66 -3.81
CA LEU J 79 -81.45 26.31 -3.61
C LEU J 79 -80.83 25.97 -2.26
N VAL J 80 -81.35 24.96 -1.57
CA VAL J 80 -80.93 24.66 -0.21
C VAL J 80 -79.63 23.86 -0.22
N ASN J 81 -78.84 24.03 0.83
CA ASN J 81 -77.69 23.20 1.10
C ASN J 81 -78.05 22.13 2.13
N VAL J 82 -77.46 20.95 1.97
CA VAL J 82 -77.80 19.80 2.80
C VAL J 82 -76.76 19.61 3.88
N GLU J 83 -75.53 20.05 3.60
CA GLU J 83 -74.41 19.81 4.50
C GLU J 83 -74.39 20.76 5.70
N LEU J 84 -75.16 21.83 5.67
CA LEU J 84 -75.39 22.65 6.85
C LEU J 84 -76.63 22.22 7.60
N LEU J 85 -77.64 21.73 6.87
CA LEU J 85 -78.83 21.19 7.51
C LEU J 85 -78.52 19.93 8.30
N ILE J 86 -77.58 19.11 7.83
CA ILE J 86 -77.16 17.93 8.56
C ILE J 86 -76.27 18.28 9.76
N ASP J 87 -75.75 19.50 9.80
CA ASP J 87 -74.90 19.95 10.89
C ASP J 87 -75.67 20.66 11.99
N GLU J 88 -76.73 21.37 11.63
CA GLU J 88 -77.53 22.08 12.62
C GLU J 88 -78.37 21.12 13.47
N ALA J 89 -78.87 20.06 12.86
CA ALA J 89 -79.67 19.09 13.60
C ALA J 89 -78.87 18.44 14.72
N THR J 90 -77.58 18.17 14.49
CA THR J 90 -76.75 17.59 15.54
C THR J 90 -76.54 18.58 16.67
N LYS J 91 -76.37 19.86 16.36
CA LYS J 91 -76.27 20.88 17.39
C LYS J 91 -77.54 20.92 18.24
N PHE J 92 -78.70 20.78 17.59
CA PHE J 92 -79.96 20.78 18.33
C PHE J 92 -80.08 19.55 19.21
N LEU J 93 -79.72 18.37 18.67
CA LEU J 93 -79.83 17.13 19.40
C LEU J 93 -78.83 17.02 20.54
N SER J 94 -77.72 17.76 20.46
CA SER J 94 -76.73 17.72 21.53
C SER J 94 -77.11 18.60 22.72
N VAL J 95 -78.01 19.55 22.54
CA VAL J 95 -78.51 20.36 23.65
C VAL J 95 -79.80 19.79 24.22
N ALA J 96 -80.69 19.28 23.37
CA ALA J 96 -81.89 18.63 23.89
C ALA J 96 -81.54 17.47 24.80
N LYS J 97 -80.41 16.82 24.58
CA LYS J 97 -80.00 15.69 25.39
C LYS J 97 -79.49 16.15 26.74
N THR J 98 -78.46 17.00 26.73
CA THR J 98 -77.94 17.55 27.99
C THR J 98 -79.02 18.28 28.78
N ARG J 99 -80.11 18.69 28.13
CA ARG J 99 -81.24 19.28 28.85
C ARG J 99 -82.24 18.24 29.32
N ARG J 100 -82.27 17.06 28.71
CA ARG J 100 -83.08 15.92 29.10
C ARG J 100 -84.53 16.04 28.64
N CYS J 101 -84.84 16.94 27.72
CA CYS J 101 -86.13 16.89 27.06
C CYS J 101 -86.24 15.58 26.28
N GLU J 102 -87.49 15.12 26.10
CA GLU J 102 -87.68 13.75 25.63
C GLU J 102 -88.70 13.63 24.50
N ASP J 103 -89.03 14.73 23.82
CA ASP J 103 -89.88 14.66 22.64
C ASP J 103 -89.29 15.41 21.46
N GLU J 104 -88.06 15.91 21.57
CA GLU J 104 -87.31 16.46 20.45
C GLU J 104 -86.26 15.52 19.92
N GLU J 105 -85.71 14.65 20.77
CA GLU J 105 -84.83 13.60 20.30
C GLU J 105 -85.53 12.75 19.25
N GLU J 106 -86.76 12.32 19.53
CA GLU J 106 -87.52 11.48 18.63
C GLU J 106 -88.02 12.22 17.40
N GLU J 107 -88.05 13.55 17.44
CA GLU J 107 -88.45 14.33 16.28
C GLU J 107 -87.27 14.69 15.40
N PHE J 108 -86.05 14.72 15.96
CA PHE J 108 -84.85 14.96 15.17
C PHE J 108 -84.21 13.68 14.65
N ARG J 109 -84.44 12.55 15.31
CA ARG J 109 -83.92 11.30 14.77
C ARG J 109 -84.60 10.94 13.45
N LYS J 110 -85.90 11.22 13.32
CA LYS J 110 -86.57 11.04 12.05
C LYS J 110 -85.90 11.88 10.97
N ILE J 111 -85.61 13.14 11.28
CA ILE J 111 -85.06 14.06 10.29
C ILE J 111 -83.61 13.75 9.98
N LEU J 112 -82.91 13.08 10.88
CA LEU J 112 -81.52 12.71 10.67
C LEU J 112 -81.38 11.29 10.13
N SER J 113 -82.48 10.55 10.03
CA SER J 113 -82.50 9.24 9.37
C SER J 113 -83.04 9.31 7.95
N SER J 114 -84.18 9.97 7.76
CA SER J 114 -84.72 10.16 6.41
C SER J 114 -83.79 10.96 5.52
N LEU J 115 -82.79 11.63 6.10
CA LEU J 115 -81.83 12.42 5.35
C LEU J 115 -80.57 11.63 5.00
N TYR J 116 -80.21 10.65 5.84
CA TYR J 116 -79.15 9.71 5.48
C TYR J 116 -79.64 8.62 4.54
N LYS J 117 -80.95 8.38 4.49
CA LYS J 117 -81.47 7.32 3.62
C LYS J 117 -81.38 7.71 2.15
N GLU J 118 -81.39 9.00 1.83
CA GLU J 118 -81.53 9.44 0.45
C GLU J 118 -80.20 9.55 -0.29
N VAL J 119 -79.07 9.45 0.41
CA VAL J 119 -77.77 9.49 -0.25
C VAL J 119 -77.39 8.12 -0.80
N THR J 120 -77.68 7.06 -0.03
CA THR J 120 -77.34 5.70 -0.44
C THR J 120 -78.05 5.33 -1.75
N LYS J 121 -79.36 5.56 -1.80
CA LYS J 121 -80.11 5.26 -3.01
C LYS J 121 -79.50 5.94 -4.23
N ALA J 122 -78.90 7.11 -4.03
CA ALA J 122 -78.25 7.80 -5.14
C ALA J 122 -76.90 7.19 -5.46
N ALA J 123 -76.15 6.79 -4.44
CA ALA J 123 -74.79 6.30 -4.60
C ALA J 123 -74.72 4.82 -4.97
N LEU J 124 -75.86 4.16 -5.12
CA LEU J 124 -75.84 2.76 -5.57
C LEU J 124 -75.57 2.62 -7.07
N LEU J 125 -76.20 3.44 -7.90
CA LEU J 125 -76.03 3.56 -9.34
C LEU J 125 -76.67 2.43 -10.15
N THR J 126 -77.14 1.34 -9.52
CA THR J 126 -77.76 0.27 -10.29
C THR J 126 -78.98 -0.35 -9.61
N GLY J 127 -79.33 0.05 -8.40
CA GLY J 127 -80.54 -0.45 -7.78
C GLY J 127 -80.42 -1.82 -7.17
N GLU J 128 -81.03 -2.81 -7.81
CA GLU J 128 -81.05 -4.18 -7.30
C GLU J 128 -79.91 -5.02 -7.85
N GLN J 129 -79.31 -4.62 -8.97
CA GLN J 129 -78.14 -5.30 -9.50
C GLN J 129 -76.85 -4.80 -8.87
N PHE J 130 -76.95 -4.17 -7.70
CA PHE J 130 -75.78 -3.76 -6.94
C PHE J 130 -75.10 -4.95 -6.28
N ARG J 131 -75.87 -5.97 -5.92
CA ARG J 131 -75.36 -7.20 -5.30
C ARG J 131 -75.11 -8.29 -6.35
N GLU J 132 -74.35 -7.96 -7.38
CA GLU J 132 -74.08 -8.90 -8.45
C GLU J 132 -72.64 -8.69 -8.94
N LYS J 133 -72.26 -9.51 -9.92
CA LYS J 133 -70.87 -9.60 -10.37
C LYS J 133 -70.74 -9.17 -11.82
N ASN J 134 -69.50 -8.91 -12.21
CA ASN J 134 -69.16 -8.51 -13.58
C ASN J 134 -70.02 -7.31 -14.00
N GLN J 135 -69.84 -6.22 -13.26
CA GLN J 135 -70.67 -5.04 -13.39
C GLN J 135 -69.98 -3.92 -14.15
N GLY J 136 -68.72 -4.12 -14.54
CA GLY J 136 -68.01 -3.13 -15.31
C GLY J 136 -67.80 -3.54 -16.76
N LYS J 137 -68.54 -4.55 -17.22
CA LYS J 137 -68.55 -4.94 -18.62
C LYS J 137 -69.60 -4.19 -19.42
N LYS J 138 -70.40 -3.35 -18.77
CA LYS J 138 -71.43 -2.58 -19.44
C LYS J 138 -70.81 -1.35 -20.10
N ASP J 139 -71.65 -0.57 -20.77
CA ASP J 139 -71.17 0.57 -21.55
C ASP J 139 -70.98 1.82 -20.71
N ALA J 140 -71.76 1.98 -19.63
CA ALA J 140 -71.69 3.14 -18.76
C ALA J 140 -70.28 3.49 -18.31
N PHE J 141 -69.41 2.48 -18.16
CA PHE J 141 -68.08 2.66 -17.61
C PHE J 141 -67.01 2.71 -18.70
N LYS J 142 -67.44 2.92 -19.95
CA LYS J 142 -66.51 2.96 -21.08
C LYS J 142 -65.56 4.13 -20.97
N TYR J 143 -65.99 5.25 -20.39
CA TYR J 143 -65.15 6.43 -20.27
C TYR J 143 -64.40 6.48 -18.96
N HIS J 144 -64.75 5.63 -17.99
CA HIS J 144 -63.91 5.44 -16.81
C HIS J 144 -62.73 4.52 -17.13
N LYS J 145 -62.94 3.52 -17.98
CA LYS J 145 -61.82 2.65 -18.36
C LYS J 145 -60.76 3.41 -19.15
N GLU J 146 -61.18 4.26 -20.08
CA GLU J 146 -60.25 4.98 -20.94
C GLU J 146 -59.33 5.91 -20.15
N LEU J 147 -59.87 6.55 -19.12
CA LEU J 147 -59.06 7.46 -18.31
C LEU J 147 -57.87 6.74 -17.70
N ILE J 148 -58.13 5.59 -17.07
CA ILE J 148 -57.06 4.83 -16.45
C ILE J 148 -56.07 4.35 -17.50
N SER J 149 -56.59 3.81 -18.60
CA SER J 149 -55.72 3.36 -19.68
C SER J 149 -54.73 4.46 -20.08
N LYS J 150 -55.25 5.65 -20.37
CA LYS J 150 -54.40 6.75 -20.83
C LYS J 150 -53.42 7.17 -19.76
N LEU J 151 -53.90 7.37 -18.53
CA LEU J 151 -53.04 7.88 -17.46
C LEU J 151 -51.88 6.93 -17.21
N ILE J 152 -52.12 5.63 -17.33
CA ILE J 152 -51.03 4.66 -17.14
C ILE J 152 -50.10 4.67 -18.35
N SER J 153 -50.66 4.44 -19.55
CA SER J 153 -49.84 4.34 -20.75
C SER J 153 -48.89 5.53 -20.92
N ASN J 154 -49.30 6.72 -20.47
CA ASN J 154 -48.49 7.90 -20.73
C ASN J 154 -47.28 8.04 -19.79
N ARG J 155 -46.87 7.00 -19.09
CA ARG J 155 -45.70 7.08 -18.23
C ARG J 155 -44.44 6.64 -18.98
N GLN J 156 -43.34 6.50 -18.26
CA GLN J 156 -42.05 6.06 -18.79
C GLN J 156 -41.33 5.27 -17.71
N PRO J 157 -40.17 4.66 -18.02
CA PRO J 157 -39.40 3.98 -16.98
C PRO J 157 -38.78 4.97 -16.02
N GLY J 158 -38.91 4.67 -14.72
CA GLY J 158 -38.37 5.54 -13.69
C GLY J 158 -39.41 6.42 -13.04
N GLN J 159 -40.38 6.88 -13.83
CA GLN J 159 -41.39 7.79 -13.32
C GLN J 159 -42.29 7.10 -12.30
N SER J 160 -42.98 7.91 -11.52
CA SER J 160 -43.84 7.43 -10.46
C SER J 160 -45.24 7.11 -10.98
N ALA J 161 -45.92 6.21 -10.28
CA ALA J 161 -47.24 5.77 -10.70
C ALA J 161 -48.29 6.82 -10.36
N PRO J 162 -49.48 6.73 -10.95
CA PRO J 162 -50.48 7.79 -10.76
C PRO J 162 -51.42 7.58 -9.57
N ALA J 163 -52.02 8.70 -9.18
CA ALA J 163 -52.88 8.79 -8.02
C ALA J 163 -54.23 9.35 -8.43
N ILE J 164 -55.26 8.99 -7.66
CA ILE J 164 -56.63 9.41 -7.95
C ILE J 164 -57.33 9.70 -6.65
N PHE J 165 -57.67 10.98 -6.42
CA PHE J 165 -58.43 11.39 -5.25
C PHE J 165 -59.88 11.59 -5.64
N THR J 166 -60.78 11.22 -4.73
CA THR J 166 -62.21 11.39 -4.98
C THR J 166 -62.95 11.60 -3.68
N THR J 167 -64.16 12.14 -3.81
CA THR J 167 -65.06 12.40 -2.69
C THR J 167 -66.31 11.54 -2.70
N ASN J 168 -66.63 10.89 -3.81
CA ASN J 168 -67.85 10.11 -3.92
C ASN J 168 -67.77 8.84 -3.08
N TYR J 169 -68.93 8.19 -2.92
CA TYR J 169 -69.05 6.94 -2.19
C TYR J 169 -69.16 5.71 -3.10
N ASP J 170 -69.45 5.90 -4.38
CA ASP J 170 -69.75 4.80 -5.28
C ASP J 170 -68.48 4.03 -5.66
N LEU J 171 -68.69 2.92 -6.38
CA LEU J 171 -67.63 1.97 -6.76
C LEU J 171 -67.40 1.95 -8.26
N ALA J 172 -67.70 3.06 -8.93
CA ALA J 172 -67.59 3.17 -10.38
C ALA J 172 -66.15 3.29 -10.84
N LEU J 173 -65.19 3.15 -9.94
CA LEU J 173 -63.78 3.19 -10.28
C LEU J 173 -63.04 1.94 -9.84
N GLU J 174 -63.63 1.12 -8.98
CA GLU J 174 -63.14 -0.23 -8.71
C GLU J 174 -63.75 -1.22 -9.70
N TRP J 175 -65.05 -1.09 -9.96
CA TRP J 175 -65.71 -1.95 -10.94
C TRP J 175 -64.97 -1.93 -12.27
N ALA J 176 -64.46 -0.76 -12.67
CA ALA J 176 -63.87 -0.61 -13.99
C ALA J 176 -62.47 -1.20 -14.08
N ALA J 177 -61.71 -1.16 -12.99
CA ALA J 177 -60.38 -1.76 -12.99
C ALA J 177 -60.42 -3.27 -12.74
N GLU J 178 -61.46 -3.78 -12.07
CA GLU J 178 -61.60 -5.21 -11.91
C GLU J 178 -62.06 -5.90 -13.18
N ASP J 179 -62.08 -5.19 -14.30
CA ASP J 179 -62.33 -5.76 -15.62
C ASP J 179 -61.08 -5.77 -16.48
N LEU J 180 -60.33 -4.67 -16.48
CA LEU J 180 -59.02 -4.67 -17.14
C LEU J 180 -58.07 -5.65 -16.48
N GLY J 181 -58.02 -5.65 -15.15
CA GLY J 181 -57.06 -6.47 -14.44
C GLY J 181 -55.98 -5.65 -13.77
N ILE J 182 -56.33 -4.40 -13.45
CA ILE J 182 -55.42 -3.47 -12.78
C ILE J 182 -55.67 -3.55 -11.28
N GLN J 183 -54.60 -3.40 -10.51
CA GLN J 183 -54.65 -3.49 -9.06
C GLN J 183 -54.44 -2.09 -8.49
N LEU J 184 -55.44 -1.59 -7.80
CA LEU J 184 -55.40 -0.26 -7.17
C LEU J 184 -55.09 -0.41 -5.69
N PHE J 185 -54.12 0.35 -5.21
CA PHE J 185 -53.78 0.33 -3.80
C PHE J 185 -54.63 1.33 -3.03
N ASN J 186 -55.21 0.86 -1.91
CA ASN J 186 -56.17 1.65 -1.15
C ASN J 186 -55.98 1.56 0.36
N GLY J 187 -54.94 0.91 0.86
CA GLY J 187 -54.69 0.86 2.29
C GLY J 187 -55.00 -0.44 2.98
N PHE J 188 -56.07 -1.12 2.55
CA PHE J 188 -56.53 -2.32 3.23
C PHE J 188 -55.75 -3.54 2.76
N SER J 189 -55.87 -4.62 3.52
CA SER J 189 -55.20 -5.88 3.21
C SER J 189 -55.92 -7.03 3.91
N GLY J 190 -56.03 -8.15 3.21
CA GLY J 190 -56.70 -9.34 3.70
C GLY J 190 -57.98 -9.64 2.93
N LEU J 191 -58.51 -10.84 3.17
CA LEU J 191 -59.81 -11.22 2.62
C LEU J 191 -60.81 -11.56 3.71
N HIS J 192 -60.49 -12.49 4.62
CA HIS J 192 -61.43 -12.87 5.65
C HIS J 192 -61.49 -11.86 6.79
N THR J 193 -60.42 -11.10 7.00
CA THR J 193 -60.41 -10.03 7.99
C THR J 193 -59.54 -8.90 7.42
N ARG J 194 -60.19 -7.90 6.83
CA ARG J 194 -59.51 -6.77 6.23
C ARG J 194 -59.44 -5.62 7.22
N GLN J 195 -58.32 -4.89 7.18
CA GLN J 195 -58.05 -3.85 8.16
C GLN J 195 -57.23 -2.75 7.51
N PHE J 196 -57.43 -1.52 8.01
CA PHE J 196 -56.70 -0.37 7.52
C PHE J 196 -55.32 -0.28 8.17
N TYR J 197 -54.28 -0.20 7.35
CA TYR J 197 -52.91 -0.01 7.81
C TYR J 197 -52.34 1.21 7.12
N PRO J 198 -51.87 2.24 7.84
CA PRO J 198 -51.34 3.44 7.17
C PRO J 198 -50.01 3.23 6.48
N GLN J 199 -49.44 2.02 6.50
CA GLN J 199 -48.10 1.79 5.99
C GLN J 199 -48.08 1.09 4.64
N ASN J 200 -49.20 0.59 4.15
CA ASN J 200 -49.25 -0.07 2.85
C ASN J 200 -49.70 0.89 1.75
N PHE J 201 -49.45 2.18 1.94
CA PHE J 201 -49.44 3.15 0.85
C PHE J 201 -48.05 3.33 0.27
N ASP J 202 -47.05 2.68 0.86
CA ASP J 202 -45.67 2.73 0.38
C ASP J 202 -45.23 1.42 -0.26
N LEU J 203 -46.18 0.65 -0.78
CA LEU J 203 -45.92 -0.64 -1.39
C LEU J 203 -45.91 -0.52 -2.91
N ALA J 204 -45.11 -1.37 -3.55
CA ALA J 204 -45.04 -1.42 -5.01
C ALA J 204 -44.82 -2.87 -5.42
N PHE J 205 -44.71 -3.07 -6.74
CA PHE J 205 -44.51 -4.40 -7.32
C PHE J 205 -43.04 -4.64 -7.60
N ARG J 206 -42.75 -5.83 -8.11
CA ARG J 206 -41.42 -6.27 -8.49
C ARG J 206 -41.58 -7.64 -9.11
N ASN J 207 -40.53 -8.11 -9.76
CA ASN J 207 -40.49 -9.44 -10.35
C ASN J 207 -39.35 -10.24 -9.73
N VAL J 208 -39.28 -11.51 -10.09
CA VAL J 208 -38.33 -12.43 -9.48
C VAL J 208 -37.25 -12.89 -10.45
N ASN J 209 -37.46 -12.78 -11.76
CA ASN J 209 -36.51 -13.23 -12.77
C ASN J 209 -35.67 -12.09 -13.31
N ALA J 210 -35.33 -11.11 -12.48
CA ALA J 210 -34.54 -9.96 -12.91
C ALA J 210 -33.21 -10.41 -13.49
N GLY J 217 -47.26 -7.75 -14.53
CA GLY J 217 -47.83 -6.95 -13.45
C GLY J 217 -47.01 -5.71 -13.16
N HIS J 218 -46.83 -4.87 -14.17
CA HIS J 218 -46.14 -3.59 -14.04
C HIS J 218 -47.12 -2.43 -14.18
N TYR J 219 -48.41 -2.69 -14.11
CA TYR J 219 -49.46 -1.67 -14.13
C TYR J 219 -50.13 -1.63 -12.77
N HIS J 220 -50.27 -0.42 -12.23
CA HIS J 220 -50.91 -0.23 -10.93
C HIS J 220 -51.10 1.27 -10.72
N ALA J 221 -51.78 1.61 -9.63
CA ALA J 221 -52.07 3.00 -9.30
C ALA J 221 -52.58 3.06 -7.87
N TYR J 222 -52.84 4.27 -7.39
CA TYR J 222 -53.29 4.48 -6.01
C TYR J 222 -54.64 5.18 -6.01
N LEU J 223 -55.41 4.96 -4.95
CA LEU J 223 -56.75 5.52 -4.83
C LEU J 223 -56.96 6.08 -3.43
N TYR J 224 -57.33 7.37 -3.35
CA TYR J 224 -57.61 8.02 -2.08
C TYR J 224 -59.06 8.53 -2.06
N LYS J 225 -59.89 7.89 -1.24
CA LYS J 225 -61.23 8.37 -0.97
C LYS J 225 -61.20 9.27 0.25
N LEU J 226 -61.77 10.47 0.12
CA LEU J 226 -61.62 11.49 1.15
C LEU J 226 -62.78 11.53 2.13
N HIS J 227 -63.99 11.20 1.71
CA HIS J 227 -65.17 11.27 2.55
C HIS J 227 -65.69 9.90 2.99
N GLY J 228 -64.98 8.82 2.69
CA GLY J 228 -65.41 7.49 3.05
C GLY J 228 -66.00 6.74 1.87
N SER J 229 -66.62 5.61 2.19
CA SER J 229 -67.18 4.73 1.18
C SER J 229 -68.46 4.09 1.69
N LEU J 230 -69.17 3.45 0.77
CA LEU J 230 -70.40 2.72 1.05
C LEU J 230 -70.13 1.30 1.48
N THR J 231 -68.89 0.98 1.84
CA THR J 231 -68.45 -0.39 2.06
C THR J 231 -67.59 -0.55 3.30
N TRP J 232 -67.25 0.52 3.99
CA TRP J 232 -66.41 0.49 5.19
C TRP J 232 -67.28 0.59 6.42
N TYR J 233 -66.94 -0.17 7.47
CA TYR J 233 -67.68 -0.08 8.72
C TYR J 233 -66.74 -0.18 9.91
N GLN J 234 -67.08 0.55 10.96
CA GLN J 234 -66.32 0.53 12.20
C GLN J 234 -67.06 -0.33 13.22
N ASN J 235 -66.31 -1.22 13.88
CA ASN J 235 -66.84 -2.12 14.87
C ASN J 235 -66.45 -1.65 16.28
N ASP J 236 -67.25 -2.04 17.26
CA ASP J 236 -66.94 -1.73 18.64
C ASP J 236 -65.52 -2.15 19.02
N SER J 237 -64.93 -3.07 18.25
CA SER J 237 -63.52 -3.41 18.41
C SER J 237 -62.60 -2.23 18.10
N LEU J 238 -63.14 -1.12 17.62
CA LEU J 238 -62.35 0.07 17.27
C LEU J 238 -61.38 -0.24 16.13
N THR J 239 -61.93 -0.78 15.05
CA THR J 239 -61.19 -1.02 13.82
C THR J 239 -62.12 -0.79 12.64
N VAL J 240 -61.53 -0.46 11.51
CA VAL J 240 -62.26 -0.24 10.26
C VAL J 240 -62.12 -1.49 9.41
N ASN J 241 -63.25 -2.03 8.96
CA ASN J 241 -63.29 -3.27 8.21
C ASN J 241 -63.99 -3.06 6.88
N GLU J 242 -63.46 -3.72 5.85
CA GLU J 242 -63.97 -3.66 4.49
C GLU J 242 -64.58 -5.00 4.11
N VAL J 243 -65.72 -4.95 3.41
CA VAL J 243 -66.39 -6.14 2.91
C VAL J 243 -66.74 -5.91 1.45
N SER J 244 -67.48 -6.85 0.86
CA SER J 244 -67.85 -6.75 -0.55
C SER J 244 -69.27 -6.20 -0.70
N ALA J 245 -69.61 -5.90 -1.94
CA ALA J 245 -70.89 -5.27 -2.28
C ALA J 245 -72.06 -6.23 -2.20
N SER J 246 -71.81 -7.53 -2.12
CA SER J 246 -72.85 -8.52 -1.90
C SER J 246 -72.95 -8.96 -0.46
N GLN J 247 -71.93 -8.67 0.35
CA GLN J 247 -71.94 -8.97 1.77
C GLN J 247 -72.34 -7.77 2.61
N ALA J 248 -72.35 -6.57 2.02
CA ALA J 248 -72.87 -5.38 2.68
C ALA J 248 -74.38 -5.24 2.50
N TYR J 249 -74.85 -5.41 1.26
CA TYR J 249 -76.28 -5.38 0.97
C TYR J 249 -77.06 -6.26 1.92
N ASP J 250 -76.69 -7.54 1.99
CA ASP J 250 -77.42 -8.50 2.80
C ASP J 250 -77.14 -8.37 4.29
N GLU J 251 -76.33 -7.40 4.70
CA GLU J 251 -75.91 -7.30 6.09
C GLU J 251 -76.41 -6.02 6.76
N TYR J 252 -76.15 -4.84 6.19
CA TYR J 252 -76.64 -3.62 6.85
C TYR J 252 -77.29 -2.58 5.95
N ILE J 253 -77.06 -2.55 4.64
CA ILE J 253 -77.67 -1.53 3.79
C ILE J 253 -78.89 -2.08 3.04
N ASN J 254 -79.54 -3.10 3.58
CA ASN J 254 -80.86 -3.51 3.12
C ASN J 254 -81.96 -3.07 4.06
N ASP J 255 -81.61 -2.75 5.31
CA ASP J 255 -82.59 -2.23 6.25
C ASP J 255 -82.75 -0.72 6.11
N ILE J 256 -81.63 -0.01 6.01
CA ILE J 256 -81.63 1.44 5.88
C ILE J 256 -82.66 1.87 4.84
N ILE J 257 -82.65 1.22 3.68
CA ILE J 257 -83.55 1.61 2.60
C ILE J 257 -84.98 1.19 2.92
N ASN J 258 -85.18 -0.08 3.29
CA ASN J 258 -86.52 -0.64 3.37
C ASN J 258 -87.09 -0.68 4.78
N LYS J 259 -86.24 -0.67 5.81
CA LYS J 259 -86.74 -0.90 7.17
C LYS J 259 -87.45 0.33 7.72
N ASP J 260 -86.91 1.52 7.47
CA ASP J 260 -87.43 2.76 8.05
C ASP J 260 -87.06 2.85 9.52
N ASP J 261 -85.92 2.28 9.89
CA ASP J 261 -85.46 2.31 11.27
C ASP J 261 -84.59 3.55 11.51
N PHE J 262 -84.13 3.71 12.74
CA PHE J 262 -83.26 4.82 13.08
C PHE J 262 -81.83 4.54 12.60
N TYR J 263 -81.04 5.61 12.55
CA TYR J 263 -79.67 5.50 12.06
C TYR J 263 -78.69 5.24 13.19
N ARG J 264 -77.55 4.68 12.81
CA ARG J 264 -76.39 4.54 13.67
C ARG J 264 -75.16 4.45 12.76
N GLY J 265 -73.98 4.65 13.35
CA GLY J 265 -72.78 4.70 12.55
C GLY J 265 -72.45 3.36 11.92
N GLN J 266 -73.36 2.88 11.06
CA GLN J 266 -73.19 1.56 10.48
C GLN J 266 -72.16 1.57 9.36
N HIS J 267 -72.16 2.60 8.52
CA HIS J 267 -71.15 2.78 7.50
C HIS J 267 -70.57 4.18 7.59
N LEU J 268 -69.30 4.29 7.22
CA LEU J 268 -68.54 5.54 7.40
C LEU J 268 -68.55 6.58 6.28
N ILE J 269 -69.60 7.38 6.29
CA ILE J 269 -69.74 8.52 5.39
C ILE J 269 -69.98 9.77 6.23
N TYR J 270 -69.38 10.88 5.82
CA TYR J 270 -69.67 12.18 6.42
C TYR J 270 -69.81 13.22 5.32
N PRO J 271 -71.03 13.66 5.01
CA PRO J 271 -71.22 14.74 4.04
C PRO J 271 -71.24 16.13 4.66
N GLY J 272 -71.31 16.24 5.98
CA GLY J 272 -71.35 17.53 6.64
C GLY J 272 -70.20 18.43 6.25
N ALA J 273 -70.20 19.66 6.78
CA ALA J 273 -69.22 20.66 6.34
C ALA J 273 -67.97 20.71 7.21
N ASN J 274 -68.10 20.61 8.53
CA ASN J 274 -66.97 20.59 9.44
C ASN J 274 -67.02 19.29 10.24
N LYS J 275 -66.36 18.27 9.72
CA LYS J 275 -66.26 16.98 10.41
C LYS J 275 -64.88 16.82 11.05
N TYR J 276 -64.39 17.90 11.64
CA TYR J 276 -63.36 17.80 12.68
C TYR J 276 -63.95 17.39 14.01
N SER J 277 -65.26 17.54 14.18
CA SER J 277 -65.94 17.05 15.39
C SER J 277 -65.57 15.61 15.68
N HIS J 278 -65.62 14.75 14.66
CA HIS J 278 -65.18 13.37 14.82
C HIS J 278 -63.70 13.35 15.17
N THR J 279 -63.39 13.01 16.42
CA THR J 279 -62.01 12.93 16.87
C THR J 279 -61.44 11.51 16.78
N ILE J 280 -62.30 10.51 16.53
CA ILE J 280 -61.84 9.15 16.30
C ILE J 280 -61.60 8.97 14.81
N GLY J 281 -61.71 10.06 14.04
CA GLY J 281 -61.48 10.01 12.61
C GLY J 281 -60.01 10.06 12.27
N PHE J 282 -59.30 8.97 12.52
CA PHE J 282 -57.89 8.85 12.18
C PHE J 282 -57.68 8.30 10.78
N VAL J 283 -58.76 7.95 10.08
CA VAL J 283 -58.67 7.50 8.70
C VAL J 283 -58.93 8.70 7.80
N TYR J 284 -59.69 9.67 8.30
CA TYR J 284 -59.93 10.93 7.61
C TYR J 284 -58.77 11.91 7.75
N GLY J 285 -57.64 11.49 8.32
CA GLY J 285 -56.54 12.39 8.56
C GLY J 285 -55.27 11.97 7.84
N GLU J 286 -55.26 10.74 7.34
CA GLU J 286 -54.18 10.28 6.49
C GLU J 286 -54.39 10.72 5.04
N MET J 287 -55.65 10.73 4.60
CA MET J 287 -55.96 11.13 3.24
C MET J 287 -55.61 12.60 3.01
N PHE J 288 -56.09 13.48 3.88
CA PHE J 288 -55.83 14.91 3.76
C PHE J 288 -54.39 15.27 4.10
N ARG J 289 -53.60 14.33 4.59
CA ARG J 289 -52.17 14.55 4.73
C ARG J 289 -51.42 14.15 3.46
N ARG J 290 -51.80 13.01 2.88
CA ARG J 290 -51.22 12.62 1.59
C ARG J 290 -51.58 13.61 0.49
N PHE J 291 -52.78 14.19 0.54
CA PHE J 291 -53.18 15.17 -0.45
C PHE J 291 -52.26 16.38 -0.44
N GLY J 292 -51.98 16.92 0.75
CA GLY J 292 -51.09 18.06 0.84
C GLY J 292 -49.62 17.73 0.72
N GLU J 293 -49.25 16.47 0.93
CA GLU J 293 -47.89 16.02 0.67
C GLU J 293 -47.65 15.75 -0.82
N PHE J 294 -48.71 15.63 -1.61
CA PHE J 294 -48.59 15.44 -3.04
C PHE J 294 -48.31 16.73 -3.80
N ILE J 295 -49.08 17.79 -3.52
CA ILE J 295 -49.01 19.03 -4.28
C ILE J 295 -47.84 19.90 -3.83
N SER J 296 -47.01 19.39 -2.93
CA SER J 296 -45.88 20.13 -2.39
C SER J 296 -44.57 19.55 -2.90
N LYS J 297 -44.54 19.23 -4.19
CA LYS J 297 -43.41 18.60 -4.84
C LYS J 297 -43.16 19.27 -6.18
N PRO J 298 -41.91 19.30 -6.64
CA PRO J 298 -41.62 19.97 -7.91
C PRO J 298 -42.18 19.21 -9.09
N GLN J 299 -42.49 19.95 -10.16
CA GLN J 299 -42.96 19.40 -11.42
C GLN J 299 -44.25 18.60 -11.21
N THR J 300 -45.30 19.32 -10.81
CA THR J 300 -46.56 18.70 -10.42
C THR J 300 -47.71 19.28 -11.25
N ALA J 301 -48.64 18.42 -11.64
CA ALA J 301 -49.79 18.78 -12.44
C ALA J 301 -51.05 18.15 -11.89
N LEU J 302 -52.16 18.89 -11.94
CA LEU J 302 -53.44 18.41 -11.42
C LEU J 302 -54.56 18.83 -12.36
N PHE J 303 -55.50 17.91 -12.59
CA PHE J 303 -56.73 18.17 -13.31
C PHE J 303 -57.90 18.02 -12.36
N ILE J 304 -58.89 18.91 -12.47
CA ILE J 304 -60.06 18.89 -11.61
C ILE J 304 -61.30 18.84 -12.48
N ASN J 305 -62.27 18.04 -12.07
CA ASN J 305 -63.52 17.89 -12.80
C ASN J 305 -64.60 17.38 -11.87
N GLY J 306 -65.80 17.95 -11.98
CA GLY J 306 -66.93 17.52 -11.20
C GLY J 306 -67.10 18.18 -9.85
N PHE J 307 -66.22 19.10 -9.49
CA PHE J 307 -66.22 19.71 -8.17
C PHE J 307 -66.87 21.10 -8.24
N GLY J 308 -67.77 21.37 -7.30
CA GLY J 308 -68.50 22.62 -7.25
C GLY J 308 -67.89 23.71 -6.38
N PHE J 309 -66.79 23.42 -5.69
CA PHE J 309 -66.01 24.41 -4.98
C PHE J 309 -66.76 24.96 -3.77
N GLY J 310 -67.58 24.11 -3.14
CA GLY J 310 -68.26 24.47 -1.92
C GLY J 310 -67.73 23.76 -0.70
N ASP J 311 -66.41 23.59 -0.62
CA ASP J 311 -65.75 22.95 0.52
C ASP J 311 -64.62 23.86 0.99
N TYR J 312 -64.71 24.31 2.24
CA TYR J 312 -63.75 25.29 2.76
C TYR J 312 -62.35 24.69 2.86
N HIS J 313 -62.26 23.39 3.15
CA HIS J 313 -60.96 22.78 3.45
C HIS J 313 -60.08 22.67 2.22
N ILE J 314 -60.68 22.40 1.06
CA ILE J 314 -59.89 22.09 -0.13
C ILE J 314 -59.44 23.36 -0.84
N ASN J 315 -60.27 24.41 -0.83
CA ASN J 315 -59.93 25.63 -1.55
C ASN J 315 -58.70 26.31 -0.95
N ARG J 316 -58.56 26.25 0.38
CA ARG J 316 -57.39 26.82 1.02
C ARG J 316 -56.12 26.11 0.57
N ILE J 317 -56.17 24.78 0.46
CA ILE J 317 -55.04 24.01 -0.05
C ILE J 317 -54.70 24.46 -1.46
N ILE J 318 -55.70 24.48 -2.34
CA ILE J 318 -55.47 24.92 -3.71
C ILE J 318 -54.77 26.27 -3.73
N LEU J 319 -55.36 27.25 -3.06
CA LEU J 319 -54.79 28.59 -3.02
C LEU J 319 -53.35 28.59 -2.54
N GLY J 320 -53.10 28.07 -1.34
CA GLY J 320 -51.77 28.09 -0.78
C GLY J 320 -50.76 27.24 -1.51
N ALA J 321 -51.18 26.45 -2.49
CA ALA J 321 -50.23 25.73 -3.32
C ALA J 321 -49.75 26.53 -4.52
N LEU J 322 -50.35 27.68 -4.83
CA LEU J 322 -49.98 28.45 -6.01
C LEU J 322 -48.71 29.26 -5.82
N LEU J 323 -48.10 29.26 -4.63
CA LEU J 323 -46.88 30.00 -4.40
C LEU J 323 -45.63 29.16 -4.66
N ASN J 324 -45.78 27.96 -5.21
CA ASN J 324 -44.71 27.12 -5.71
C ASN J 324 -44.64 27.26 -7.23
N PRO J 325 -43.47 27.53 -7.82
CA PRO J 325 -43.43 27.84 -9.25
C PRO J 325 -43.51 26.64 -10.19
N SER J 326 -43.54 25.41 -9.68
CA SER J 326 -43.56 24.22 -10.52
C SER J 326 -44.82 23.39 -10.28
N PHE J 327 -45.96 24.06 -10.14
CA PHE J 327 -47.25 23.42 -9.91
C PHE J 327 -48.27 24.00 -10.88
N HIS J 328 -48.97 23.12 -11.59
CA HIS J 328 -49.96 23.53 -12.59
C HIS J 328 -51.30 22.88 -12.30
N VAL J 329 -52.38 23.64 -12.52
CA VAL J 329 -53.73 23.14 -12.38
C VAL J 329 -54.50 23.35 -13.68
N VAL J 330 -55.53 22.53 -13.86
CA VAL J 330 -56.53 22.71 -14.91
C VAL J 330 -57.89 22.45 -14.29
N ILE J 331 -58.86 23.29 -14.64
CA ILE J 331 -60.15 23.33 -13.95
C ILE J 331 -61.26 23.40 -15.00
N TYR J 332 -62.38 22.76 -14.68
CA TYR J 332 -63.50 22.57 -15.61
C TYR J 332 -64.76 23.04 -14.90
N TYR J 333 -65.27 24.21 -15.29
CA TYR J 333 -66.45 24.82 -14.67
C TYR J 333 -67.42 25.24 -15.76
N PRO J 334 -68.58 24.60 -15.91
CA PRO J 334 -69.46 24.94 -17.03
C PRO J 334 -70.13 26.30 -16.91
N GLU J 335 -70.67 26.63 -15.74
CA GLU J 335 -71.43 27.87 -15.56
C GLU J 335 -70.50 29.01 -15.14
N LEU J 336 -69.64 29.39 -16.06
CA LEU J 336 -68.66 30.46 -15.82
C LEU J 336 -69.17 31.82 -16.26
N LYS J 337 -69.86 31.88 -17.40
CA LYS J 337 -70.42 33.13 -17.88
C LYS J 337 -71.50 33.64 -16.93
N GLU J 338 -72.45 32.78 -16.58
CA GLU J 338 -73.53 33.13 -15.67
C GLU J 338 -73.05 33.54 -14.29
N ALA J 339 -71.80 33.19 -13.93
CA ALA J 339 -71.25 33.54 -12.63
C ALA J 339 -70.32 34.74 -12.68
N ILE J 340 -69.71 35.02 -13.84
CA ILE J 340 -69.07 36.31 -14.02
C ILE J 340 -70.11 37.41 -14.08
N THR J 341 -71.25 37.13 -14.71
CA THR J 341 -72.31 38.12 -14.79
C THR J 341 -72.81 38.54 -13.40
N LYS J 342 -72.88 37.58 -12.48
CA LYS J 342 -73.54 37.80 -11.19
C LYS J 342 -72.63 38.43 -10.14
N VAL J 343 -71.36 38.67 -10.44
CA VAL J 343 -70.46 39.27 -9.48
C VAL J 343 -70.21 40.76 -9.78
N SER J 344 -70.45 41.21 -11.01
CA SER J 344 -70.35 42.63 -11.29
C SER J 344 -71.33 43.44 -10.45
N LYS J 345 -72.44 42.82 -10.04
CA LYS J 345 -73.41 43.45 -9.17
C LYS J 345 -73.02 43.39 -7.69
N GLY J 346 -71.78 43.01 -7.39
CA GLY J 346 -71.37 42.85 -6.01
C GLY J 346 -72.18 41.86 -5.23
N GLY J 347 -72.87 40.94 -5.91
CA GLY J 347 -73.62 39.89 -5.25
C GLY J 347 -72.94 38.54 -5.41
N GLY J 348 -73.74 37.51 -5.70
CA GLY J 348 -73.20 36.20 -5.96
C GLY J 348 -73.05 35.36 -4.70
N SER J 349 -72.99 34.05 -4.90
CA SER J 349 -72.81 33.11 -3.80
C SER J 349 -71.35 33.14 -3.35
N GLU J 350 -70.99 32.23 -2.45
CA GLU J 350 -69.64 32.13 -1.91
C GLU J 350 -68.78 31.15 -2.69
N ALA J 351 -69.35 30.42 -3.64
CA ALA J 351 -68.58 29.55 -4.52
C ALA J 351 -68.33 30.15 -5.89
N GLU J 352 -69.09 31.16 -6.28
CA GLU J 352 -68.86 31.88 -7.51
C GLU J 352 -67.80 32.96 -7.38
N LYS J 353 -67.30 33.19 -6.16
CA LYS J 353 -66.20 34.11 -5.93
C LYS J 353 -64.85 33.39 -5.98
N ALA J 354 -64.81 32.19 -5.43
CA ALA J 354 -63.55 31.43 -5.35
C ALA J 354 -63.03 31.04 -6.72
N ILE J 355 -63.87 31.03 -7.74
CA ILE J 355 -63.46 30.60 -9.08
C ILE J 355 -63.11 31.84 -9.90
N VAL J 356 -63.81 32.94 -9.66
CA VAL J 356 -63.48 34.18 -10.36
C VAL J 356 -62.16 34.74 -9.86
N THR J 357 -61.91 34.63 -8.55
CA THR J 357 -60.59 34.99 -8.01
C THR J 357 -59.49 34.27 -8.77
N LEU J 358 -59.67 32.97 -9.04
CA LEU J 358 -58.67 32.22 -9.77
C LEU J 358 -58.59 32.67 -11.23
N LYS J 359 -59.73 32.84 -11.88
CA LYS J 359 -59.76 33.27 -13.27
C LYS J 359 -59.19 34.67 -13.48
N ASN J 360 -59.06 35.46 -12.41
CA ASN J 360 -58.59 36.83 -12.56
C ASN J 360 -57.22 37.04 -11.92
N MET J 361 -56.29 36.13 -12.19
CA MET J 361 -54.91 36.25 -11.74
C MET J 361 -54.04 36.75 -12.89
N ALA J 362 -52.73 36.78 -12.66
CA ALA J 362 -51.76 37.13 -13.68
C ALA J 362 -50.67 36.08 -13.86
N PHE J 363 -50.77 34.96 -13.16
CA PHE J 363 -49.81 33.88 -13.30
C PHE J 363 -50.25 32.92 -14.40
N ASN J 364 -49.27 32.41 -15.15
CA ASN J 364 -49.53 31.53 -16.27
C ASN J 364 -49.64 30.07 -15.86
N GLN J 365 -49.90 29.79 -14.59
CA GLN J 365 -50.01 28.44 -14.07
C GLN J 365 -51.43 28.09 -13.65
N VAL J 366 -52.43 28.79 -14.18
CA VAL J 366 -53.82 28.54 -13.87
C VAL J 366 -54.60 28.61 -15.17
N THR J 367 -55.38 27.57 -15.45
CA THR J 367 -56.19 27.49 -16.65
C THR J 367 -57.61 27.08 -16.26
N VAL J 368 -58.59 27.74 -16.87
CA VAL J 368 -60.00 27.51 -16.58
C VAL J 368 -60.73 27.28 -17.89
N VAL J 369 -61.66 26.32 -17.87
CA VAL J 369 -62.39 25.90 -19.05
C VAL J 369 -63.88 25.98 -18.76
N GLY J 370 -64.61 26.76 -19.56
CA GLY J 370 -66.05 26.76 -19.56
C GLY J 370 -66.62 26.24 -20.86
N GLY J 371 -67.90 26.52 -21.07
CA GLY J 371 -68.54 26.17 -22.32
C GLY J 371 -69.78 25.31 -22.17
N GLY J 372 -70.27 25.16 -20.95
CA GLY J 372 -71.43 24.33 -20.70
C GLY J 372 -71.14 22.86 -20.91
N SER J 373 -71.74 22.27 -21.94
CA SER J 373 -71.59 20.85 -22.23
C SER J 373 -70.26 20.52 -22.89
N LYS J 374 -69.34 21.48 -22.96
CA LYS J 374 -67.99 21.23 -23.45
C LYS J 374 -66.99 21.03 -22.33
N ALA J 375 -67.44 21.14 -21.07
CA ALA J 375 -66.61 20.92 -19.90
C ALA J 375 -67.04 19.67 -19.14
N TYR J 376 -67.70 18.74 -19.82
CA TYR J 376 -68.19 17.52 -19.21
C TYR J 376 -67.09 16.46 -19.20
N PHE J 377 -67.37 15.38 -18.46
CA PHE J 377 -66.37 14.34 -18.24
C PHE J 377 -65.96 13.68 -19.55
N ASN J 378 -66.92 13.45 -20.44
CA ASN J 378 -66.64 12.73 -21.69
C ASN J 378 -65.81 13.54 -22.67
N SER J 379 -65.84 14.86 -22.57
CA SER J 379 -64.95 15.71 -23.37
C SER J 379 -63.58 15.88 -22.70
N PHE J 380 -63.57 15.91 -21.37
CA PHE J 380 -62.30 15.91 -20.65
C PHE J 380 -61.46 14.70 -21.02
N VAL J 381 -62.08 13.52 -21.08
CA VAL J 381 -61.31 12.32 -21.40
C VAL J 381 -60.82 12.33 -22.84
N GLU J 382 -61.58 12.93 -23.75
CA GLU J 382 -61.17 12.97 -25.15
C GLU J 382 -60.13 14.05 -25.42
N HIS J 383 -60.01 15.05 -24.53
CA HIS J 383 -58.93 16.02 -24.65
C HIS J 383 -57.56 15.42 -24.33
N LEU J 384 -57.52 14.23 -23.71
CA LEU J 384 -56.25 13.62 -23.34
C LEU J 384 -55.63 12.87 -24.53
N PRO J 385 -54.31 12.76 -24.58
CA PRO J 385 -53.64 12.16 -25.73
C PRO J 385 -53.36 10.66 -25.57
N TYR J 386 -53.09 10.04 -26.72
CA TYR J 386 -52.43 8.74 -26.76
C TYR J 386 -50.94 8.93 -26.97
N PRO J 387 -50.13 7.94 -26.58
CA PRO J 387 -48.68 8.08 -26.72
C PRO J 387 -48.16 7.66 -28.10
N VAL J 388 -47.04 8.27 -28.48
CA VAL J 388 -46.35 7.98 -29.73
C VAL J 388 -45.20 7.05 -29.39
N LEU J 389 -45.34 5.77 -29.78
CA LEU J 389 -44.41 4.75 -29.32
C LEU J 389 -43.06 4.85 -30.03
N PHE J 390 -43.07 4.86 -31.36
CA PHE J 390 -41.85 4.96 -32.16
C PHE J 390 -41.82 6.34 -32.81
N PRO J 391 -41.26 7.35 -32.15
CA PRO J 391 -41.30 8.71 -32.71
C PRO J 391 -40.41 8.83 -33.93
N ARG J 392 -40.99 9.20 -35.06
CA ARG J 392 -40.18 9.54 -36.23
C ARG J 392 -39.30 10.73 -35.88
N ASP J 393 -37.99 10.51 -35.86
CA ASP J 393 -37.08 11.60 -35.54
C ASP J 393 -37.27 12.76 -36.51
N ASN J 394 -37.37 12.45 -37.79
CA ASN J 394 -37.82 13.40 -38.83
C ASN J 394 -37.12 14.75 -38.75
N ILE J 395 -35.84 14.75 -38.35
CA ILE J 395 -35.00 15.89 -38.71
C ILE J 395 -34.67 15.83 -40.19
N VAL J 396 -34.40 14.62 -40.70
CA VAL J 396 -34.16 14.43 -42.12
C VAL J 396 -35.38 13.89 -42.83
N ASP J 397 -36.33 13.31 -42.11
CA ASP J 397 -37.66 13.04 -42.62
C ASP J 397 -38.62 14.18 -42.31
N GLU J 398 -38.10 15.32 -41.88
CA GLU J 398 -38.90 16.54 -41.88
C GLU J 398 -39.32 16.90 -43.29
N LEU J 399 -38.43 16.68 -44.26
CA LEU J 399 -38.75 16.94 -45.66
C LEU J 399 -39.87 16.03 -46.14
N VAL J 400 -40.17 14.97 -45.40
CA VAL J 400 -41.32 14.13 -45.73
C VAL J 400 -42.59 14.97 -45.77
N GLU J 401 -42.68 15.98 -44.91
CA GLU J 401 -43.87 16.83 -44.91
C GLU J 401 -43.90 17.75 -46.13
N ALA J 402 -42.73 18.21 -46.56
CA ALA J 402 -42.65 18.98 -47.80
C ALA J 402 -42.99 18.12 -49.01
N ILE J 403 -42.71 16.82 -48.92
CA ILE J 403 -42.87 15.93 -50.08
C ILE J 403 -44.30 15.98 -50.63
N ALA J 404 -45.27 16.28 -49.76
CA ALA J 404 -46.67 16.04 -50.11
C ALA J 404 -47.10 16.85 -51.33
N ASN J 405 -46.96 18.17 -51.27
CA ASN J 405 -47.58 19.03 -52.29
C ASN J 405 -46.80 20.34 -52.39
N LEU J 406 -45.95 20.44 -53.41
CA LEU J 406 -45.38 21.72 -53.82
C LEU J 406 -45.30 21.86 -55.33
N SER J 407 -46.03 21.05 -56.09
CA SER J 407 -45.87 21.03 -57.53
C SER J 407 -46.88 21.96 -58.20
N SER K 2 1.46 58.08 32.24
CA SER K 2 0.25 57.50 32.83
C SER K 2 -0.57 56.77 31.77
N ILE K 3 -0.58 55.44 31.86
CA ILE K 3 -1.28 54.59 30.90
C ILE K 3 -2.35 53.81 31.64
N TYR K 4 -3.55 53.77 31.07
CA TYR K 4 -4.69 53.10 31.68
C TYR K 4 -5.38 52.22 30.65
N GLN K 5 -5.65 50.97 31.02
CA GLN K 5 -6.52 50.08 30.25
C GLN K 5 -7.59 49.54 31.19
N GLY K 6 -8.82 50.02 31.02
CA GLY K 6 -9.90 49.60 31.90
C GLY K 6 -9.81 50.13 33.30
N GLY K 7 -9.10 51.23 33.51
CA GLY K 7 -8.91 51.79 34.84
C GLY K 7 -7.57 51.40 35.43
N ASN K 8 -7.14 50.16 35.18
CA ASN K 8 -5.88 49.68 35.69
C ASN K 8 -4.71 50.20 34.84
N LYS K 9 -3.52 50.15 35.41
CA LYS K 9 -2.34 50.72 34.80
C LYS K 9 -1.54 49.66 34.02
N LEU K 10 -0.64 50.15 33.17
CA LEU K 10 0.19 49.30 32.32
C LEU K 10 1.64 49.77 32.41
N ASN K 11 2.52 49.00 31.79
CA ASN K 11 3.92 49.37 31.62
C ASN K 11 4.28 49.37 30.14
N GLU K 12 5.33 50.13 29.82
CA GLU K 12 5.72 50.36 28.44
C GLU K 12 5.84 49.06 27.65
N ASP K 13 6.31 48.00 28.30
CA ASP K 13 6.55 46.74 27.58
C ASP K 13 5.30 45.91 27.41
N ASP K 14 4.26 46.12 28.24
CA ASP K 14 2.96 45.56 27.93
C ASP K 14 2.21 46.40 26.90
N PHE K 15 2.61 47.66 26.72
CA PHE K 15 1.95 48.54 25.77
C PHE K 15 2.50 48.35 24.36
N ARG K 16 3.83 48.29 24.24
CA ARG K 16 4.47 48.08 22.95
C ARG K 16 4.20 46.69 22.38
N SER K 17 3.92 45.71 23.24
CA SER K 17 3.53 44.38 22.78
C SER K 17 2.04 44.31 22.44
N HIS K 18 1.28 45.34 22.76
CA HIS K 18 -0.13 45.45 22.40
C HIS K 18 -0.31 46.20 21.09
N VAL K 19 0.46 47.26 20.90
CA VAL K 19 0.38 48.02 19.65
C VAL K 19 0.68 47.11 18.47
N TYR K 20 1.67 46.23 18.60
CA TYR K 20 2.04 45.36 17.48
C TYR K 20 0.92 44.38 17.17
N SER K 21 0.34 43.76 18.20
CA SER K 21 -0.80 42.88 17.99
C SER K 21 -1.97 43.62 17.36
N LEU K 22 -2.10 44.92 17.65
CA LEU K 22 -3.22 45.68 17.12
C LEU K 22 -2.99 46.07 15.66
N CYS K 23 -1.74 46.29 15.26
CA CYS K 23 -1.45 46.74 13.91
C CYS K 23 -1.47 45.62 12.88
N GLN K 24 -1.71 44.39 13.28
CA GLN K 24 -1.74 43.25 12.36
C GLN K 24 -3.14 42.88 11.90
N LEU K 25 -4.12 43.73 12.14
CA LEU K 25 -5.52 43.40 11.91
C LEU K 25 -5.94 43.73 10.48
N ASP K 26 -7.16 43.32 10.13
CA ASP K 26 -7.68 43.52 8.79
C ASP K 26 -7.67 44.99 8.40
N ASN K 27 -8.44 45.80 9.12
CA ASN K 27 -8.60 47.22 8.82
C ASN K 27 -7.87 48.07 9.85
N VAL K 28 -7.17 49.10 9.37
CA VAL K 28 -6.42 50.02 10.21
C VAL K 28 -6.73 51.45 9.77
N GLY K 29 -6.65 52.38 10.72
CA GLY K 29 -7.01 53.75 10.45
C GLY K 29 -6.33 54.72 11.39
N VAL K 30 -6.46 56.00 11.03
CA VAL K 30 -5.86 57.09 11.79
C VAL K 30 -6.81 58.29 11.74
N LEU K 31 -6.88 59.02 12.85
CA LEU K 31 -7.66 60.26 12.94
C LEU K 31 -6.80 61.30 13.65
N LEU K 32 -6.40 62.33 12.91
CA LEU K 32 -5.50 63.36 13.41
C LEU K 32 -6.28 64.62 13.76
N GLY K 33 -5.55 65.68 14.08
CA GLY K 33 -6.16 66.92 14.50
C GLY K 33 -5.27 68.11 14.18
N ALA K 34 -5.48 69.19 14.92
CA ALA K 34 -4.78 70.44 14.66
C ALA K 34 -3.47 70.57 15.40
N GLY K 35 -3.27 69.80 16.48
CA GLY K 35 -2.02 69.85 17.19
C GLY K 35 -0.89 69.14 16.48
N ALA K 36 -1.21 68.11 15.71
CA ALA K 36 -0.20 67.40 14.94
C ALA K 36 0.61 68.33 14.04
N SER K 37 0.05 69.47 13.66
CA SER K 37 0.68 70.40 12.73
C SER K 37 1.39 71.55 13.43
N VAL K 38 1.73 71.40 14.71
CA VAL K 38 2.46 72.45 15.42
C VAL K 38 3.97 72.29 15.27
N GLY K 39 4.44 71.07 15.00
CA GLY K 39 5.85 70.86 14.75
C GLY K 39 6.26 71.22 13.33
N CYS K 40 5.42 71.98 12.64
CA CYS K 40 5.68 72.40 11.27
C CYS K 40 5.45 73.88 11.03
N GLY K 41 4.72 74.58 11.89
CA GLY K 41 4.48 76.00 11.72
C GLY K 41 3.04 76.41 11.87
N GLY K 42 2.20 75.52 12.40
CA GLY K 42 0.80 75.80 12.59
C GLY K 42 0.50 76.40 13.94
N LYS K 43 -0.79 76.43 14.28
CA LYS K 43 -1.26 77.06 15.51
C LYS K 43 -2.48 76.30 16.01
N THR K 44 -2.95 76.72 17.19
CA THR K 44 -4.11 76.13 17.83
C THR K 44 -5.27 77.13 17.90
N MET K 45 -6.47 76.58 18.09
CA MET K 45 -7.69 77.37 17.94
C MET K 45 -7.78 78.51 18.95
N LYS K 46 -7.16 78.37 20.12
CA LYS K 46 -7.18 79.46 21.09
C LYS K 46 -6.08 80.49 20.83
N ASP K 47 -4.91 80.05 20.36
CA ASP K 47 -3.91 80.98 19.88
C ASP K 47 -4.42 81.77 18.68
N VAL K 48 -5.46 81.28 18.01
CA VAL K 48 -6.10 82.05 16.94
C VAL K 48 -7.01 83.12 17.54
N TRP K 49 -7.80 82.76 18.55
CA TRP K 49 -8.74 83.70 19.14
C TRP K 49 -8.02 84.84 19.85
N LYS K 50 -6.92 84.52 20.54
CA LYS K 50 -6.11 85.57 21.16
C LYS K 50 -5.69 86.62 20.13
N SER K 51 -5.13 86.17 19.01
CA SER K 51 -4.68 87.11 17.98
C SER K 51 -5.85 87.85 17.35
N PHE K 52 -7.02 87.21 17.28
CA PHE K 52 -8.18 87.92 16.76
C PHE K 52 -8.59 89.07 17.67
N LYS K 53 -8.73 88.80 18.96
CA LYS K 53 -9.24 89.81 19.88
C LYS K 53 -8.19 90.81 20.31
N GLN K 54 -6.91 90.57 20.02
CA GLN K 54 -5.92 91.64 20.14
C GLN K 54 -6.12 92.70 19.07
N ASN K 55 -6.12 92.28 17.80
CA ASN K 55 -6.09 93.24 16.70
C ASN K 55 -7.45 93.82 16.37
N TYR K 56 -8.54 93.07 16.60
CA TYR K 56 -9.89 93.53 16.29
C TYR K 56 -10.75 93.53 17.54
N PRO K 57 -10.56 94.51 18.43
CA PRO K 57 -11.41 94.62 19.63
C PRO K 57 -12.62 95.51 19.48
N GLU K 58 -12.79 96.20 18.34
CA GLU K 58 -13.96 97.03 18.12
C GLU K 58 -15.15 96.23 17.61
N LEU K 59 -14.90 95.28 16.72
CA LEU K 59 -15.96 94.38 16.23
C LEU K 59 -16.38 93.37 17.28
N LEU K 60 -15.71 93.32 18.43
CA LEU K 60 -15.97 92.34 19.47
C LEU K 60 -17.11 92.76 20.39
N GLY K 61 -17.73 93.91 20.16
CA GLY K 61 -18.88 94.32 20.94
C GLY K 61 -20.18 94.09 20.18
N ALA K 62 -20.17 94.42 18.88
CA ALA K 62 -21.30 94.12 18.02
C ALA K 62 -21.55 92.62 17.89
N LEU K 63 -20.66 91.78 18.42
CA LEU K 63 -20.78 90.34 18.31
C LEU K 63 -21.22 89.69 19.60
N ILE K 64 -21.12 90.39 20.73
CA ILE K 64 -21.59 89.88 22.01
C ILE K 64 -22.85 90.59 22.49
N ASP K 65 -23.07 91.84 22.07
CA ASP K 65 -24.21 92.61 22.56
C ASP K 65 -25.41 92.50 21.62
N LYS K 66 -25.24 92.84 20.35
CA LYS K 66 -26.37 92.94 19.44
C LYS K 66 -26.83 91.57 18.97
N TYR K 67 -25.96 90.81 18.31
CA TYR K 67 -26.36 89.62 17.58
C TYR K 67 -26.27 88.32 18.38
N LEU K 68 -25.68 88.36 19.58
CA LEU K 68 -25.71 87.23 20.50
C LEU K 68 -24.93 86.03 19.98
N LEU K 69 -23.86 86.27 19.21
CA LEU K 69 -23.18 85.18 18.53
C LEU K 69 -22.18 84.45 19.41
N VAL K 70 -21.78 85.02 20.55
CA VAL K 70 -20.80 84.40 21.43
C VAL K 70 -21.06 84.85 22.86
N SER K 71 -20.44 84.17 23.81
CA SER K 71 -20.65 84.42 25.23
C SER K 71 -19.36 84.91 25.88
N GLN K 72 -19.52 85.68 26.95
CA GLN K 72 -18.39 86.35 27.59
C GLN K 72 -17.50 85.39 28.36
N ILE K 73 -18.09 84.42 29.06
CA ILE K 73 -17.28 83.44 29.78
C ILE K 73 -16.31 82.75 28.83
N ASP K 74 -16.84 82.29 27.69
CA ASP K 74 -16.01 81.58 26.72
C ASP K 74 -15.02 82.53 26.05
N SER K 75 -15.45 83.75 25.72
CA SER K 75 -14.52 84.71 25.14
C SER K 75 -13.38 85.02 26.09
N ASP K 76 -13.61 84.96 27.40
CA ASP K 76 -12.55 85.26 28.36
C ASP K 76 -11.64 84.06 28.58
N ASN K 77 -12.21 82.85 28.65
CA ASN K 77 -11.41 81.65 28.88
C ASN K 77 -10.85 81.05 27.60
N ASN K 78 -11.09 81.67 26.44
CA ASN K 78 -10.56 81.20 25.16
C ASN K 78 -11.04 79.78 24.86
N LEU K 79 -12.36 79.64 24.74
CA LEU K 79 -13.01 78.36 24.50
C LEU K 79 -14.07 78.50 23.41
N VAL K 80 -13.75 79.23 22.36
CA VAL K 80 -14.67 79.52 21.27
C VAL K 80 -14.41 78.57 20.11
N ASN K 81 -15.49 78.11 19.47
CA ASN K 81 -15.39 77.41 18.20
C ASN K 81 -15.40 78.42 17.07
N VAL K 82 -14.36 78.39 16.23
CA VAL K 82 -14.22 79.35 15.15
C VAL K 82 -14.77 78.81 13.83
N GLU K 83 -14.89 77.51 13.67
CA GLU K 83 -15.50 76.91 12.49
C GLU K 83 -17.03 76.83 12.59
N LEU K 84 -17.60 77.16 13.75
CA LEU K 84 -19.05 77.14 13.94
C LEU K 84 -19.65 78.54 13.91
N LEU K 85 -18.81 79.58 13.89
CA LEU K 85 -19.24 80.96 13.89
C LEU K 85 -19.28 81.56 12.50
N ILE K 86 -18.34 81.18 11.63
CA ILE K 86 -18.33 81.66 10.27
C ILE K 86 -19.57 81.18 9.52
N ASP K 87 -20.00 79.95 9.79
CA ASP K 87 -21.22 79.43 9.16
C ASP K 87 -22.43 80.27 9.54
N GLU K 88 -22.61 80.54 10.84
CA GLU K 88 -23.72 81.36 11.28
C GLU K 88 -23.66 82.75 10.66
N ALA K 89 -22.47 83.34 10.57
CA ALA K 89 -22.33 84.65 9.96
C ALA K 89 -22.70 84.62 8.48
N THR K 90 -22.34 83.55 7.77
CA THR K 90 -22.76 83.39 6.38
C THR K 90 -24.28 83.31 6.28
N LYS K 91 -24.90 82.58 7.20
CA LYS K 91 -26.37 82.52 7.24
C LYS K 91 -26.95 83.92 7.39
N PHE K 92 -26.45 84.68 8.36
CA PHE K 92 -26.92 86.05 8.57
C PHE K 92 -26.80 86.88 7.30
N LEU K 93 -25.64 86.85 6.66
CA LEU K 93 -25.42 87.63 5.45
C LEU K 93 -26.38 87.21 4.34
N SER K 94 -26.55 85.90 4.15
CA SER K 94 -27.45 85.42 3.10
C SER K 94 -28.87 85.89 3.36
N VAL K 95 -29.30 85.88 4.62
CA VAL K 95 -30.64 86.35 4.96
C VAL K 95 -30.78 87.84 4.67
N ALA K 96 -29.75 88.62 5.02
CA ALA K 96 -29.81 90.07 4.85
C ALA K 96 -29.83 90.44 3.37
N LYS K 97 -29.14 89.67 2.53
CA LYS K 97 -29.15 89.99 1.09
C LYS K 97 -30.56 89.99 0.53
N THR K 98 -31.37 88.99 0.89
CA THR K 98 -32.73 88.92 0.37
C THR K 98 -33.64 89.91 1.09
N ARG K 99 -33.56 89.98 2.42
CA ARG K 99 -34.41 90.92 3.14
C ARG K 99 -34.09 92.37 2.80
N ARG K 100 -32.97 92.63 2.12
CA ARG K 100 -32.63 93.96 1.64
C ARG K 100 -32.57 94.98 2.78
N CYS K 101 -31.63 94.73 3.70
CA CYS K 101 -31.32 95.65 4.78
C CYS K 101 -29.86 96.04 4.60
N GLU K 102 -29.62 97.14 3.88
CA GLU K 102 -28.25 97.55 3.56
C GLU K 102 -27.45 97.91 4.78
N ASP K 103 -28.12 98.25 5.89
CA ASP K 103 -27.44 98.61 7.13
C ASP K 103 -26.76 97.43 7.80
N GLU K 104 -26.88 96.22 7.25
CA GLU K 104 -26.40 95.02 7.93
C GLU K 104 -25.48 94.14 7.09
N GLU K 105 -25.31 94.43 5.79
CA GLU K 105 -24.42 93.62 4.98
C GLU K 105 -22.96 94.05 5.13
N GLU K 106 -22.73 95.35 5.25
CA GLU K 106 -21.36 95.85 5.40
C GLU K 106 -20.77 95.39 6.72
N GLU K 107 -21.56 95.45 7.79
CA GLU K 107 -21.09 95.09 9.13
C GLU K 107 -20.84 93.59 9.27
N PHE K 108 -21.17 92.79 8.26
CA PHE K 108 -20.83 91.38 8.23
C PHE K 108 -19.71 91.05 7.25
N ARG K 109 -19.71 91.70 6.08
CA ARG K 109 -18.53 91.62 5.21
C ARG K 109 -17.28 92.00 5.98
N LYS K 110 -17.35 93.09 6.76
CA LYS K 110 -16.17 93.64 7.40
C LYS K 110 -15.66 92.77 8.55
N ILE K 111 -16.49 91.86 9.07
CA ILE K 111 -16.08 90.99 10.16
C ILE K 111 -15.91 89.55 9.70
N LEU K 112 -16.23 89.25 8.45
CA LEU K 112 -15.81 87.99 7.84
C LEU K 112 -14.44 88.13 7.18
N SER K 113 -14.20 89.28 6.54
CA SER K 113 -12.87 89.57 6.01
C SER K 113 -11.81 89.51 7.10
N SER K 114 -12.20 89.73 8.35
CA SER K 114 -11.24 89.73 9.46
C SER K 114 -11.02 88.34 10.03
N LEU K 115 -12.00 87.45 9.91
CA LEU K 115 -11.84 86.09 10.40
C LEU K 115 -11.08 85.22 9.40
N TYR K 116 -11.39 85.38 8.11
CA TYR K 116 -10.70 84.58 7.10
C TYR K 116 -9.23 84.98 7.02
N LYS K 117 -8.96 86.28 7.09
CA LYS K 117 -7.57 86.75 7.10
C LYS K 117 -6.77 86.16 8.25
N GLU K 118 -7.42 85.77 9.34
CA GLU K 118 -6.71 85.28 10.51
C GLU K 118 -6.63 83.76 10.56
N VAL K 119 -7.57 83.06 9.93
CA VAL K 119 -7.46 81.60 9.86
C VAL K 119 -6.59 81.15 8.68
N THR K 120 -6.55 81.92 7.59
CA THR K 120 -5.72 81.55 6.45
C THR K 120 -4.24 81.65 6.81
N LYS K 121 -3.82 82.82 7.31
CA LYS K 121 -2.42 83.09 7.61
C LYS K 121 -1.78 81.97 8.44
N ALA K 122 -2.58 81.22 9.20
CA ALA K 122 -2.06 80.22 10.12
C ALA K 122 -1.97 78.82 9.52
N ALA K 123 -2.21 78.66 8.22
CA ALA K 123 -2.23 77.34 7.60
C ALA K 123 -1.26 77.22 6.44
N LEU K 124 -0.42 78.23 6.19
CA LEU K 124 0.54 78.15 5.10
C LEU K 124 1.73 77.26 5.47
N LEU K 125 2.20 77.37 6.71
CA LEU K 125 3.26 76.52 7.25
C LEU K 125 4.64 76.89 6.72
N THR K 126 4.70 77.74 5.70
CA THR K 126 5.98 78.17 5.15
C THR K 126 5.98 79.64 4.73
N GLY K 127 4.93 80.39 5.02
CA GLY K 127 4.88 81.78 4.61
C GLY K 127 5.02 81.93 3.11
N GLU K 128 5.72 83.01 2.71
CA GLU K 128 5.80 83.35 1.29
C GLU K 128 6.40 82.22 0.46
N GLN K 129 7.11 81.29 1.08
CA GLN K 129 7.55 80.09 0.37
C GLN K 129 6.42 79.06 0.35
N PHE K 130 5.23 79.50 -0.06
CA PHE K 130 4.08 78.63 -0.20
C PHE K 130 3.80 78.28 -1.64
N ARG K 131 4.20 79.13 -2.58
CA ARG K 131 3.96 78.94 -4.00
C ARG K 131 5.12 78.27 -4.73
N GLU K 132 6.17 77.88 -4.01
CA GLU K 132 7.33 77.26 -4.63
C GLU K 132 7.13 75.74 -4.70
N LYS K 133 8.19 75.02 -5.03
CA LYS K 133 8.13 73.58 -5.27
C LYS K 133 9.03 72.84 -4.29
N ASN K 134 8.75 71.56 -4.13
CA ASN K 134 9.55 70.65 -3.31
C ASN K 134 9.67 71.19 -1.88
N GLN K 135 8.52 71.26 -1.21
CA GLN K 135 8.44 71.68 0.18
C GLN K 135 8.36 70.50 1.13
N GLY K 136 8.49 69.27 0.64
CA GLY K 136 8.53 68.10 1.46
C GLY K 136 9.92 67.60 1.76
N LYS K 137 10.95 68.26 1.24
CA LYS K 137 12.32 67.89 1.54
C LYS K 137 12.78 68.53 2.85
N LYS K 138 12.30 69.74 3.13
CA LYS K 138 12.61 70.41 4.38
C LYS K 138 12.35 69.48 5.56
N ASP K 139 13.12 69.65 6.63
CA ASP K 139 13.15 68.70 7.73
C ASP K 139 11.94 68.80 8.64
N ALA K 140 11.16 69.88 8.56
CA ALA K 140 9.97 69.99 9.39
C ALA K 140 8.99 68.87 9.14
N PHE K 141 9.00 68.30 7.94
CA PHE K 141 8.04 67.27 7.51
C PHE K 141 8.64 65.87 7.60
N LYS K 142 9.45 65.60 8.63
CA LYS K 142 10.23 64.37 8.70
C LYS K 142 9.45 63.19 9.27
N TYR K 143 8.47 63.43 10.12
CA TYR K 143 7.71 62.35 10.75
C TYR K 143 6.43 62.02 10.01
N HIS K 144 5.87 62.99 9.27
CA HIS K 144 4.74 62.71 8.40
C HIS K 144 5.09 61.64 7.37
N LYS K 145 6.37 61.57 6.99
CA LYS K 145 6.82 60.53 6.07
C LYS K 145 6.95 59.18 6.78
N GLU K 146 7.50 59.18 7.98
CA GLU K 146 7.62 57.95 8.75
C GLU K 146 6.25 57.32 8.95
N LEU K 147 5.27 58.12 9.33
CA LEU K 147 3.92 57.60 9.54
C LEU K 147 3.43 56.83 8.32
N ILE K 148 3.43 57.49 7.16
CA ILE K 148 2.96 56.88 5.92
C ILE K 148 3.74 55.61 5.62
N SER K 149 5.07 55.71 5.64
CA SER K 149 5.90 54.57 5.27
C SER K 149 5.65 53.37 6.17
N LYS K 150 5.54 53.59 7.49
CA LYS K 150 5.28 52.49 8.40
C LYS K 150 3.89 51.91 8.21
N LEU K 151 2.91 52.77 7.91
CA LEU K 151 1.55 52.26 7.70
C LEU K 151 1.48 51.37 6.48
N ILE K 152 2.17 51.75 5.40
CA ILE K 152 2.15 50.95 4.18
C ILE K 152 3.01 49.70 4.34
N SER K 153 4.29 49.87 4.64
CA SER K 153 5.28 48.81 4.54
C SER K 153 4.92 47.54 5.28
N ASN K 154 3.92 47.58 6.15
CA ASN K 154 3.45 46.39 6.86
C ASN K 154 1.98 46.16 6.51
N ARG K 155 1.77 45.55 5.35
CA ARG K 155 0.51 44.95 4.95
C ARG K 155 0.87 43.75 4.09
N GLN K 156 -0.04 42.80 4.00
CA GLN K 156 0.17 41.58 3.22
C GLN K 156 -0.77 41.54 2.02
N PRO K 157 -0.49 40.67 1.05
CA PRO K 157 -1.45 40.46 -0.04
C PRO K 157 -2.82 40.11 0.50
N GLY K 158 -3.84 40.58 -0.20
CA GLY K 158 -5.21 40.36 0.23
C GLY K 158 -5.54 41.06 1.55
N GLN K 159 -5.19 42.34 1.65
CA GLN K 159 -5.52 43.12 2.83
C GLN K 159 -5.74 44.57 2.39
N SER K 160 -6.81 45.18 2.88
CA SER K 160 -7.21 46.50 2.45
C SER K 160 -6.12 47.53 2.76
N ALA K 161 -6.13 48.61 1.99
CA ALA K 161 -5.14 49.68 2.13
C ALA K 161 -5.54 50.63 3.25
N PRO K 162 -4.63 51.50 3.67
CA PRO K 162 -4.93 52.41 4.79
C PRO K 162 -5.65 53.69 4.40
N ALA K 163 -6.45 54.16 5.36
CA ALA K 163 -7.21 55.39 5.28
C ALA K 163 -6.70 56.37 6.31
N ILE K 164 -6.81 57.67 5.99
CA ILE K 164 -6.32 58.72 6.86
C ILE K 164 -7.38 59.82 6.88
N PHE K 165 -8.08 59.96 7.99
CA PHE K 165 -9.03 61.05 8.19
C PHE K 165 -8.35 62.19 8.94
N THR K 166 -8.76 63.42 8.63
CA THR K 166 -8.16 64.56 9.30
C THR K 166 -9.08 65.77 9.24
N THR K 167 -9.00 66.59 10.29
CA THR K 167 -9.79 67.81 10.41
C THR K 167 -9.05 69.04 9.90
N ASN K 168 -7.73 68.96 9.75
CA ASN K 168 -6.96 70.10 9.25
C ASN K 168 -7.36 70.42 7.81
N TYR K 169 -6.92 71.59 7.36
CA TYR K 169 -7.12 72.03 5.99
C TYR K 169 -5.81 72.58 5.43
N ASP K 170 -4.74 71.81 5.57
CA ASP K 170 -3.42 72.17 5.10
C ASP K 170 -2.85 71.04 4.23
N LEU K 171 -1.65 71.25 3.71
CA LEU K 171 -1.12 70.49 2.57
C LEU K 171 0.09 69.64 2.93
N ALA K 172 0.28 69.32 4.21
CA ALA K 172 1.51 68.67 4.65
C ALA K 172 1.61 67.23 4.15
N LEU K 173 0.56 66.44 4.37
CA LEU K 173 0.60 65.04 3.95
C LEU K 173 0.81 64.91 2.45
N GLU K 174 0.20 65.82 1.68
CA GLU K 174 0.41 65.82 0.23
C GLU K 174 1.84 66.17 -0.12
N TRP K 175 2.37 67.24 0.48
CA TRP K 175 3.76 67.62 0.24
C TRP K 175 4.71 66.50 0.56
N ALA K 176 4.36 65.65 1.53
CA ALA K 176 5.23 64.56 1.94
C ALA K 176 5.12 63.37 0.99
N ALA K 177 3.89 62.97 0.65
CA ALA K 177 3.70 61.84 -0.25
C ALA K 177 4.28 62.15 -1.63
N GLU K 178 4.13 63.39 -2.11
CA GLU K 178 4.71 63.76 -3.39
C GLU K 178 6.22 63.59 -3.42
N ASP K 179 6.88 63.63 -2.26
CA ASP K 179 8.32 63.44 -2.19
C ASP K 179 8.71 62.00 -1.93
N LEU K 180 7.85 61.22 -1.29
CA LEU K 180 8.09 59.78 -1.17
C LEU K 180 7.81 59.03 -2.46
N GLY K 181 6.97 59.59 -3.34
CA GLY K 181 6.54 58.87 -4.52
C GLY K 181 5.32 58.00 -4.31
N ILE K 182 4.42 58.40 -3.42
CA ILE K 182 3.22 57.65 -3.12
C ILE K 182 2.03 58.38 -3.75
N GLN K 183 0.93 57.65 -3.93
CA GLN K 183 -0.31 58.21 -4.44
C GLN K 183 -1.39 58.19 -3.35
N LEU K 184 -2.10 59.30 -3.22
CA LEU K 184 -3.21 59.43 -2.31
C LEU K 184 -4.47 59.75 -3.11
N PHE K 185 -5.54 59.04 -2.81
CA PHE K 185 -6.83 59.32 -3.42
C PHE K 185 -7.67 60.18 -2.51
N ASN K 186 -8.17 61.30 -3.06
CA ASN K 186 -8.92 62.30 -2.33
C ASN K 186 -10.24 62.66 -3.01
N GLY K 187 -10.62 61.95 -4.08
CA GLY K 187 -11.89 62.16 -4.72
C GLY K 187 -11.90 63.03 -5.96
N PHE K 188 -10.74 63.35 -6.52
CA PHE K 188 -10.65 64.26 -7.64
C PHE K 188 -9.92 63.61 -8.81
N SER K 189 -10.12 64.17 -10.00
CA SER K 189 -9.60 63.57 -11.23
C SER K 189 -9.50 64.63 -12.31
N GLY K 190 -8.32 64.75 -12.91
CA GLY K 190 -8.07 65.71 -13.98
C GLY K 190 -6.96 66.68 -13.61
N LEU K 191 -6.53 67.42 -14.63
CA LEU K 191 -5.51 68.45 -14.42
C LEU K 191 -5.89 69.81 -14.97
N HIS K 192 -6.55 69.87 -16.12
CA HIS K 192 -6.98 71.16 -16.66
C HIS K 192 -8.32 71.57 -16.10
N THR K 193 -9.21 70.61 -15.87
CA THR K 193 -10.39 70.80 -15.03
C THR K 193 -10.48 69.60 -14.10
N ARG K 194 -10.33 69.85 -12.81
CA ARG K 194 -10.31 68.81 -11.80
C ARG K 194 -11.63 68.86 -11.03
N GLN K 195 -12.30 67.72 -10.93
CA GLN K 195 -13.68 67.67 -10.46
C GLN K 195 -13.85 66.57 -9.42
N PHE K 196 -14.90 66.71 -8.63
CA PHE K 196 -15.19 65.80 -7.53
C PHE K 196 -16.00 64.61 -8.04
N TYR K 197 -15.45 63.41 -7.88
CA TYR K 197 -16.14 62.16 -8.21
C TYR K 197 -16.15 61.29 -6.97
N PRO K 198 -17.29 61.09 -6.32
CA PRO K 198 -17.31 60.31 -5.07
C PRO K 198 -17.31 58.80 -5.28
N GLN K 199 -17.43 58.34 -6.52
CA GLN K 199 -17.48 56.92 -6.82
C GLN K 199 -16.11 56.27 -6.95
N ASN K 200 -15.04 57.02 -6.71
CA ASN K 200 -13.68 56.51 -6.88
C ASN K 200 -12.92 56.44 -5.56
N PHE K 201 -13.64 56.33 -4.45
CA PHE K 201 -13.08 55.81 -3.22
C PHE K 201 -13.16 54.29 -3.18
N ASP K 202 -13.63 53.68 -4.28
CA ASP K 202 -13.79 52.25 -4.41
C ASP K 202 -12.82 51.66 -5.42
N LEU K 203 -11.85 52.43 -5.89
CA LEU K 203 -10.91 52.00 -6.91
C LEU K 203 -9.59 51.60 -6.29
N ALA K 204 -8.72 51.02 -7.12
CA ALA K 204 -7.40 50.59 -6.69
C ALA K 204 -6.55 50.36 -7.93
N PHE K 205 -5.27 50.13 -7.70
CA PHE K 205 -4.31 49.91 -8.76
C PHE K 205 -4.03 48.41 -8.93
N ARG K 206 -3.30 48.10 -10.00
CA ARG K 206 -2.97 46.73 -10.35
C ARG K 206 -1.92 46.76 -11.44
N ASN K 207 -1.00 45.79 -11.41
CA ASN K 207 0.07 45.69 -12.39
C ASN K 207 -0.24 44.59 -13.39
N VAL K 208 0.24 44.77 -14.61
CA VAL K 208 -0.07 43.84 -15.69
C VAL K 208 0.87 42.63 -15.65
N ASN K 209 2.17 42.88 -15.81
CA ASN K 209 3.16 41.82 -15.88
C ASN K 209 4.20 41.90 -14.77
N ALA K 210 4.77 43.07 -14.52
CA ALA K 210 5.82 43.21 -13.52
C ALA K 210 5.27 43.03 -12.12
N GLY K 217 3.06 48.94 -7.42
CA GLY K 217 1.63 48.74 -7.58
C GLY K 217 0.84 49.10 -6.34
N HIS K 218 1.07 48.35 -5.26
CA HIS K 218 0.36 48.59 -4.01
C HIS K 218 1.03 49.70 -3.21
N TYR K 219 1.26 50.85 -3.84
CA TYR K 219 1.77 52.04 -3.17
C TYR K 219 0.71 53.12 -3.34
N HIS K 220 -0.29 53.12 -2.47
CA HIS K 220 -1.37 54.09 -2.56
C HIS K 220 -2.20 54.00 -1.29
N ALA K 221 -2.87 55.12 -0.97
CA ALA K 221 -3.64 55.22 0.26
C ALA K 221 -4.82 56.16 0.03
N TYR K 222 -5.75 56.17 0.99
CA TYR K 222 -6.93 57.02 0.91
C TYR K 222 -6.86 58.14 1.95
N LEU K 223 -7.26 59.34 1.56
CA LEU K 223 -7.23 60.50 2.43
C LEU K 223 -8.60 61.16 2.45
N TYR K 224 -9.16 61.35 3.65
CA TYR K 224 -10.42 62.06 3.86
C TYR K 224 -10.15 63.31 4.69
N LYS K 225 -10.54 64.46 4.15
CA LYS K 225 -10.42 65.74 4.81
C LYS K 225 -11.82 66.22 5.17
N LEU K 226 -12.08 66.39 6.46
CA LEU K 226 -13.45 66.56 6.96
C LEU K 226 -13.95 68.00 6.90
N HIS K 227 -13.06 68.99 6.83
CA HIS K 227 -13.47 70.38 6.79
C HIS K 227 -13.15 71.10 5.49
N GLY K 228 -12.18 70.63 4.70
CA GLY K 228 -11.93 71.20 3.40
C GLY K 228 -10.47 71.44 3.08
N SER K 229 -10.18 72.47 2.30
CA SER K 229 -8.82 72.79 1.90
C SER K 229 -8.81 74.13 1.19
N LEU K 230 -7.63 74.75 1.15
CA LEU K 230 -7.47 76.05 0.51
C LEU K 230 -7.45 75.96 -1.00
N THR K 231 -7.31 74.76 -1.55
CA THR K 231 -7.19 74.56 -3.00
C THR K 231 -8.51 74.21 -3.65
N TRP K 232 -9.60 74.18 -2.89
CA TRP K 232 -10.92 73.83 -3.38
C TRP K 232 -11.77 75.10 -3.46
N TYR K 233 -12.54 75.22 -4.53
CA TYR K 233 -13.40 76.38 -4.69
C TYR K 233 -14.52 76.07 -5.66
N GLN K 234 -15.38 77.05 -5.88
CA GLN K 234 -16.56 76.89 -6.73
C GLN K 234 -16.72 78.10 -7.62
N ASN K 235 -16.90 77.85 -8.92
CA ASN K 235 -17.00 78.89 -9.92
C ASN K 235 -18.41 79.04 -10.48
N ASP K 236 -19.02 77.94 -10.90
CA ASP K 236 -20.39 77.94 -11.39
C ASP K 236 -21.23 77.00 -10.53
N SER K 237 -22.55 77.15 -10.67
CA SER K 237 -23.54 76.56 -9.76
C SER K 237 -23.27 75.11 -9.38
N LEU K 238 -22.85 74.28 -10.32
CA LEU K 238 -23.03 72.84 -10.19
C LEU K 238 -21.75 72.06 -9.91
N THR K 239 -20.59 72.71 -9.86
CA THR K 239 -19.33 71.97 -9.81
C THR K 239 -18.37 72.60 -8.81
N VAL K 240 -17.43 71.78 -8.35
CA VAL K 240 -16.39 72.17 -7.40
C VAL K 240 -15.05 71.82 -8.02
N ASN K 241 -14.09 72.74 -7.93
CA ASN K 241 -12.81 72.60 -8.61
C ASN K 241 -11.66 72.60 -7.60
N GLU K 242 -10.58 71.95 -7.99
CA GLU K 242 -9.33 71.91 -7.24
C GLU K 242 -8.21 72.49 -8.09
N VAL K 243 -7.29 73.20 -7.44
CA VAL K 243 -6.14 73.76 -8.13
C VAL K 243 -4.86 73.52 -7.34
N SER K 244 -3.75 74.05 -7.83
CA SER K 244 -2.44 73.93 -7.20
C SER K 244 -2.16 75.16 -6.35
N ALA K 245 -1.17 75.01 -5.47
CA ALA K 245 -0.83 76.10 -4.55
C ALA K 245 -0.39 77.35 -5.29
N SER K 246 0.47 77.19 -6.29
CA SER K 246 0.97 78.35 -7.02
C SER K 246 -0.14 79.08 -7.75
N GLN K 247 -1.20 78.36 -8.12
CA GLN K 247 -2.33 78.95 -8.84
C GLN K 247 -3.30 79.62 -7.89
N ALA K 248 -3.60 78.96 -6.76
CA ALA K 248 -4.44 79.56 -5.74
C ALA K 248 -3.84 80.86 -5.21
N TYR K 249 -2.56 80.81 -4.81
CA TYR K 249 -1.89 82.00 -4.30
C TYR K 249 -2.07 83.19 -5.23
N ASP K 250 -2.05 82.95 -6.54
CA ASP K 250 -2.17 84.04 -7.50
C ASP K 250 -3.62 84.44 -7.73
N GLU K 251 -4.55 83.51 -7.60
CA GLU K 251 -5.96 83.86 -7.82
C GLU K 251 -6.55 84.59 -6.62
N TYR K 252 -6.59 83.95 -5.45
CA TYR K 252 -7.32 84.55 -4.34
C TYR K 252 -6.57 84.65 -3.01
N ILE K 253 -5.65 83.73 -2.73
CA ILE K 253 -5.07 83.65 -1.39
C ILE K 253 -4.18 84.85 -1.06
N ASN K 254 -3.87 85.70 -2.03
CA ASN K 254 -2.96 86.82 -1.79
C ASN K 254 -3.72 88.06 -1.34
N ASP K 255 -4.73 88.47 -2.09
CA ASP K 255 -5.58 89.60 -1.68
C ASP K 255 -6.06 89.41 -0.25
N ILE K 256 -6.43 88.18 0.11
CA ILE K 256 -6.88 87.85 1.46
C ILE K 256 -5.91 88.43 2.48
N ILE K 257 -4.63 88.09 2.36
CA ILE K 257 -3.65 88.56 3.32
C ILE K 257 -3.42 90.07 3.16
N ASN K 258 -2.95 90.49 1.99
CA ASN K 258 -2.47 91.86 1.85
C ASN K 258 -3.62 92.86 1.78
N LYS K 259 -4.46 92.73 0.75
CA LYS K 259 -5.56 93.66 0.58
C LYS K 259 -6.51 93.59 1.77
N ASP K 260 -7.21 94.70 2.01
CA ASP K 260 -8.18 94.80 3.09
C ASP K 260 -9.55 95.11 2.52
N ASP K 261 -10.59 94.70 3.26
CA ASP K 261 -11.97 94.86 2.82
C ASP K 261 -12.21 94.12 1.50
N PHE K 262 -11.68 92.90 1.41
CA PHE K 262 -11.85 92.04 0.26
C PHE K 262 -12.62 90.80 0.68
N TYR K 263 -13.84 90.65 0.16
CA TYR K 263 -14.62 89.44 0.39
C TYR K 263 -15.50 89.21 -0.82
N ARG K 264 -15.46 87.99 -1.37
CA ARG K 264 -16.13 87.68 -2.62
C ARG K 264 -17.56 87.18 -2.40
N GLY K 265 -17.72 86.09 -1.68
CA GLY K 265 -19.02 85.51 -1.42
C GLY K 265 -18.90 84.02 -1.20
N GLN K 266 -19.96 83.30 -1.60
CA GLN K 266 -20.00 81.85 -1.47
C GLN K 266 -19.09 81.25 -2.55
N HIS K 267 -17.79 81.28 -2.27
CA HIS K 267 -16.77 80.85 -3.21
C HIS K 267 -15.74 79.91 -2.59
N LEU K 268 -15.58 79.89 -1.28
CA LEU K 268 -14.58 79.08 -0.60
C LEU K 268 -15.24 77.93 0.15
N ILE K 269 -14.49 76.85 0.30
CA ILE K 269 -15.00 75.60 0.87
C ILE K 269 -14.17 75.24 2.10
N TYR K 270 -13.72 76.25 2.83
CA TYR K 270 -13.03 76.02 4.08
C TYR K 270 -13.33 77.16 5.04
N PRO K 271 -13.60 76.86 6.33
CA PRO K 271 -13.90 75.58 6.96
C PRO K 271 -15.40 75.39 7.22
N GLY K 272 -15.99 74.35 6.64
CA GLY K 272 -17.39 74.07 6.83
C GLY K 272 -18.29 75.29 6.87
N ALA K 273 -18.10 76.22 5.95
CA ALA K 273 -18.74 77.52 6.05
C ALA K 273 -20.07 77.59 5.31
N ASN K 274 -20.06 77.39 3.99
CA ASN K 274 -21.27 77.54 3.18
C ASN K 274 -22.04 76.23 3.10
N LYS K 275 -22.36 75.69 4.26
CA LYS K 275 -22.98 74.38 4.42
C LYS K 275 -24.47 74.36 4.10
N TYR K 276 -25.08 75.44 3.61
CA TYR K 276 -26.51 75.47 3.36
C TYR K 276 -26.88 75.30 1.89
N SER K 277 -25.93 75.50 0.97
CA SER K 277 -26.17 75.16 -0.41
C SER K 277 -26.29 73.64 -0.55
N HIS K 278 -26.63 73.19 -1.76
CA HIS K 278 -26.80 71.77 -2.03
C HIS K 278 -25.68 71.19 -2.89
N THR K 279 -24.79 72.02 -3.41
CA THR K 279 -23.59 71.53 -4.08
C THR K 279 -22.37 71.49 -3.18
N ILE K 280 -22.44 72.13 -2.00
CA ILE K 280 -21.30 72.24 -1.12
C ILE K 280 -21.40 71.32 0.09
N GLY K 281 -22.62 71.02 0.57
CA GLY K 281 -22.76 70.08 1.67
C GLY K 281 -22.67 68.63 1.22
N PHE K 282 -22.97 68.38 -0.05
CA PHE K 282 -22.76 67.05 -0.61
C PHE K 282 -21.30 66.63 -0.48
N VAL K 283 -20.39 67.59 -0.39
CA VAL K 283 -18.97 67.28 -0.27
C VAL K 283 -18.61 66.96 1.18
N TYR K 284 -19.25 67.64 2.13
CA TYR K 284 -18.96 67.39 3.54
C TYR K 284 -19.61 66.12 4.06
N GLY K 285 -20.79 65.76 3.54
CA GLY K 285 -21.52 64.64 4.10
C GLY K 285 -20.92 63.29 3.74
N GLU K 286 -20.41 63.15 2.52
CA GLU K 286 -19.81 61.90 2.09
C GLU K 286 -18.70 61.46 3.01
N MET K 287 -17.95 62.42 3.56
CA MET K 287 -16.80 62.08 4.40
C MET K 287 -17.25 61.41 5.69
N PHE K 288 -18.22 61.99 6.40
CA PHE K 288 -18.73 61.37 7.60
C PHE K 288 -19.42 60.04 7.28
N ARG K 289 -20.11 59.98 6.14
CA ARG K 289 -20.69 58.72 5.67
C ARG K 289 -19.63 57.61 5.63
N ARG K 290 -18.55 57.87 4.91
CA ARG K 290 -17.47 56.89 4.78
C ARG K 290 -16.77 56.63 6.10
N PHE K 291 -16.71 57.64 6.98
CA PHE K 291 -16.13 57.44 8.31
C PHE K 291 -16.91 56.39 9.09
N GLY K 292 -18.22 56.55 9.17
CA GLY K 292 -19.04 55.54 9.82
C GLY K 292 -18.95 54.18 9.15
N GLU K 293 -19.06 54.15 7.82
CA GLU K 293 -18.99 52.89 7.10
C GLU K 293 -17.66 52.17 7.34
N PHE K 294 -16.59 52.91 7.64
CA PHE K 294 -15.33 52.26 7.96
C PHE K 294 -15.29 51.82 9.41
N ILE K 295 -15.78 52.67 10.32
CA ILE K 295 -15.64 52.44 11.75
C ILE K 295 -16.64 51.40 12.23
N SER K 296 -17.47 50.90 11.30
CA SER K 296 -18.44 49.86 11.65
C SER K 296 -18.13 48.50 11.05
N LYS K 297 -16.89 48.24 10.63
CA LYS K 297 -16.50 46.93 10.14
C LYS K 297 -15.99 46.06 11.26
N PRO K 298 -15.85 44.75 11.01
CA PRO K 298 -15.24 43.86 12.00
C PRO K 298 -13.72 43.90 11.97
N GLN K 299 -13.14 43.65 13.14
CA GLN K 299 -11.68 43.54 13.30
C GLN K 299 -11.00 44.87 12.97
N THR K 300 -11.47 45.94 13.59
CA THR K 300 -11.00 47.28 13.27
C THR K 300 -10.26 47.89 14.44
N ALA K 301 -9.27 48.73 14.12
CA ALA K 301 -8.45 49.42 15.10
C ALA K 301 -8.32 50.89 14.69
N LEU K 302 -8.34 51.77 15.68
CA LEU K 302 -8.30 53.21 15.44
C LEU K 302 -7.37 53.90 16.43
N PHE K 303 -6.45 54.71 15.92
CA PHE K 303 -5.55 55.52 16.71
C PHE K 303 -5.96 56.98 16.59
N ILE K 304 -5.94 57.71 17.71
CA ILE K 304 -6.30 59.12 17.72
C ILE K 304 -5.14 59.93 18.28
N ASN K 305 -4.97 61.14 17.74
CA ASN K 305 -3.91 62.04 18.19
C ASN K 305 -4.15 63.45 17.69
N GLY K 306 -4.15 64.43 18.59
CA GLY K 306 -4.33 65.82 18.23
C GLY K 306 -5.75 66.33 18.33
N PHE K 307 -6.70 65.49 18.73
CA PHE K 307 -8.11 65.85 18.75
C PHE K 307 -8.52 66.21 20.17
N GLY K 308 -9.20 67.35 20.31
CA GLY K 308 -9.58 67.87 21.61
C GLY K 308 -10.91 67.40 22.15
N PHE K 309 -11.72 66.74 21.33
CA PHE K 309 -13.02 66.21 21.75
C PHE K 309 -14.02 67.33 22.04
N GLY K 310 -14.03 68.34 21.18
CA GLY K 310 -15.00 69.41 21.24
C GLY K 310 -16.15 69.28 20.27
N ASP K 311 -16.35 68.11 19.69
CA ASP K 311 -17.42 67.86 18.72
C ASP K 311 -18.35 66.79 19.26
N TYR K 312 -19.65 66.99 19.07
CA TYR K 312 -20.66 66.08 19.60
C TYR K 312 -20.87 64.87 18.71
N HIS K 313 -20.89 65.08 17.39
CA HIS K 313 -21.25 64.01 16.47
C HIS K 313 -20.19 62.93 16.40
N ILE K 314 -18.91 63.32 16.41
CA ILE K 314 -17.84 62.32 16.35
C ILE K 314 -17.82 61.46 17.60
N ASN K 315 -18.01 62.09 18.77
CA ASN K 315 -18.09 61.31 20.00
C ASN K 315 -19.29 60.38 20.00
N ARG K 316 -20.44 60.86 19.51
CA ARG K 316 -21.60 60.00 19.35
C ARG K 316 -21.27 58.78 18.49
N ILE K 317 -20.63 59.02 17.34
CA ILE K 317 -20.30 57.93 16.43
C ILE K 317 -19.40 56.91 17.11
N ILE K 318 -18.37 57.39 17.82
CA ILE K 318 -17.44 56.48 18.45
C ILE K 318 -18.12 55.66 19.55
N LEU K 319 -18.92 56.31 20.39
CA LEU K 319 -19.58 55.60 21.47
C LEU K 319 -20.56 54.57 20.91
N GLY K 320 -21.29 54.92 19.85
CA GLY K 320 -22.16 53.95 19.22
C GLY K 320 -21.39 52.79 18.59
N ALA K 321 -20.23 53.09 18.01
CA ALA K 321 -19.42 52.04 17.40
C ALA K 321 -18.90 51.06 18.43
N LEU K 322 -18.64 51.52 19.65
CA LEU K 322 -18.02 50.63 20.63
C LEU K 322 -18.92 49.49 21.07
N LEU K 323 -20.14 49.37 20.53
CA LEU K 323 -20.96 48.20 20.85
C LEU K 323 -20.46 46.94 20.16
N ASN K 324 -19.76 47.08 19.05
CA ASN K 324 -19.30 45.93 18.29
C ASN K 324 -18.02 45.39 18.90
N PRO K 325 -17.98 44.11 19.31
CA PRO K 325 -16.85 43.64 20.13
C PRO K 325 -15.51 43.60 19.43
N SER K 326 -15.45 43.84 18.12
CA SER K 326 -14.20 43.72 17.37
C SER K 326 -13.60 45.08 17.02
N PHE K 327 -14.06 46.15 17.66
CA PHE K 327 -13.53 47.49 17.46
C PHE K 327 -12.61 47.85 18.62
N HIS K 328 -11.43 48.35 18.30
CA HIS K 328 -10.43 48.74 19.30
C HIS K 328 -9.96 50.16 19.04
N VAL K 329 -9.66 50.88 20.12
CA VAL K 329 -9.32 52.29 20.05
C VAL K 329 -8.07 52.57 20.87
N VAL K 330 -7.42 53.69 20.56
CA VAL K 330 -6.28 54.19 21.31
C VAL K 330 -6.31 55.71 21.26
N ILE K 331 -6.11 56.36 22.40
CA ILE K 331 -6.29 57.80 22.52
C ILE K 331 -5.08 58.42 23.21
N TYR K 332 -4.85 59.70 22.91
CA TYR K 332 -3.72 60.46 23.43
C TYR K 332 -4.24 61.79 23.95
N TYR K 333 -4.16 62.00 25.27
CA TYR K 333 -4.67 63.21 25.90
C TYR K 333 -3.70 63.63 27.02
N PRO K 334 -2.85 64.65 26.78
CA PRO K 334 -1.85 65.00 27.80
C PRO K 334 -2.36 65.98 28.86
N GLU K 335 -3.58 65.79 29.38
CA GLU K 335 -4.04 66.61 30.50
C GLU K 335 -4.91 65.81 31.47
N LEU K 336 -4.69 64.48 31.54
CA LEU K 336 -5.51 63.65 32.41
C LEU K 336 -5.49 64.15 33.84
N LYS K 337 -4.32 64.47 34.36
CA LYS K 337 -4.23 64.93 35.74
C LYS K 337 -4.89 66.29 35.92
N GLU K 338 -4.59 67.23 35.04
CA GLU K 338 -5.18 68.57 35.13
C GLU K 338 -6.69 68.57 34.89
N ALA K 339 -7.28 67.45 34.48
CA ALA K 339 -8.72 67.36 34.25
C ALA K 339 -9.44 66.51 35.26
N ILE K 340 -8.82 65.42 35.74
CA ILE K 340 -9.45 64.53 36.69
C ILE K 340 -9.95 65.30 37.90
N THR K 341 -9.09 66.16 38.45
CA THR K 341 -9.46 66.91 39.64
C THR K 341 -10.52 67.96 39.32
N LYS K 342 -10.27 68.75 38.27
CA LYS K 342 -11.21 69.79 37.87
C LYS K 342 -12.61 69.24 37.59
N VAL K 343 -12.72 67.94 37.32
CA VAL K 343 -14.02 67.32 37.07
C VAL K 343 -14.53 66.54 38.28
N SER K 344 -13.65 66.05 39.15
CA SER K 344 -14.09 65.30 40.31
C SER K 344 -14.48 66.19 41.48
N LYS K 345 -14.02 67.44 41.51
CA LYS K 345 -14.41 68.33 42.61
C LYS K 345 -15.83 68.85 42.41
N GLY K 346 -16.04 69.65 41.37
CA GLY K 346 -17.36 70.17 41.07
C GLY K 346 -17.81 69.93 39.65
N GLY K 347 -16.86 69.81 38.74
CA GLY K 347 -17.14 69.67 37.32
C GLY K 347 -16.19 70.55 36.53
N GLY K 348 -15.89 70.12 35.31
CA GLY K 348 -14.97 70.85 34.45
C GLY K 348 -15.65 71.35 33.19
N SER K 349 -15.34 70.74 32.05
CA SER K 349 -15.96 71.06 30.78
C SER K 349 -16.29 69.77 30.05
N GLU K 350 -17.23 69.88 29.11
CA GLU K 350 -17.77 68.70 28.44
C GLU K 350 -16.67 67.81 27.89
N ALA K 351 -15.61 68.41 27.35
CA ALA K 351 -14.50 67.62 26.83
C ALA K 351 -13.87 66.77 27.93
N GLU K 352 -13.55 67.40 29.06
CA GLU K 352 -12.97 66.66 30.18
C GLU K 352 -13.92 65.56 30.64
N LYS K 353 -15.20 65.88 30.81
CA LYS K 353 -16.15 64.89 31.27
C LYS K 353 -16.19 63.68 30.34
N ALA K 354 -16.31 63.94 29.04
CA ALA K 354 -16.36 62.86 28.06
C ALA K 354 -15.10 62.01 28.12
N ILE K 355 -13.93 62.65 28.01
CA ILE K 355 -12.68 61.90 27.99
C ILE K 355 -12.50 61.10 29.28
N VAL K 356 -13.08 61.56 30.38
CA VAL K 356 -12.91 60.86 31.65
C VAL K 356 -13.86 59.67 31.75
N THR K 357 -15.09 59.81 31.24
CA THR K 357 -16.03 58.69 31.31
C THR K 357 -15.47 57.41 30.73
N LEU K 358 -14.51 57.51 29.81
CA LEU K 358 -13.97 56.33 29.15
C LEU K 358 -12.88 55.66 29.99
N LYS K 359 -12.09 56.46 30.71
CA LYS K 359 -11.07 55.90 31.58
C LYS K 359 -11.65 54.88 32.55
N ASN K 360 -12.86 55.11 33.03
CA ASN K 360 -13.48 54.30 34.07
C ASN K 360 -14.52 53.39 33.44
N MET K 361 -14.08 52.22 33.00
CA MET K 361 -14.98 51.20 32.47
C MET K 361 -14.31 49.83 32.61
N ALA K 362 -15.11 48.80 32.42
CA ALA K 362 -14.61 47.42 32.38
C ALA K 362 -14.40 46.99 30.94
N PHE K 363 -13.43 47.62 30.30
CA PHE K 363 -13.10 47.37 28.90
C PHE K 363 -11.62 47.06 28.77
N ASN K 364 -11.31 45.91 28.17
CA ASN K 364 -9.96 45.62 27.74
C ASN K 364 -9.68 46.06 26.31
N GLN K 365 -10.61 46.79 25.69
CA GLN K 365 -10.45 47.29 24.33
C GLN K 365 -10.62 48.80 24.30
N VAL K 366 -10.10 49.47 25.33
CA VAL K 366 -9.95 50.92 25.36
C VAL K 366 -8.61 51.21 26.02
N THR K 367 -8.09 52.41 25.77
CA THR K 367 -6.77 52.76 26.27
C THR K 367 -6.57 54.26 26.14
N VAL K 368 -5.98 54.86 27.18
CA VAL K 368 -5.72 56.29 27.21
C VAL K 368 -4.28 56.49 27.66
N VAL K 369 -3.69 57.60 27.23
CA VAL K 369 -2.27 57.84 27.42
C VAL K 369 -2.07 59.31 27.78
N GLY K 370 -1.23 59.56 28.78
CA GLY K 370 -0.89 60.91 29.17
C GLY K 370 0.58 61.07 29.48
N GLY K 371 0.98 62.23 30.00
CA GLY K 371 2.37 62.47 30.32
C GLY K 371 2.93 63.75 29.72
N GLY K 372 2.04 64.67 29.33
CA GLY K 372 2.46 65.93 28.77
C GLY K 372 3.18 65.78 27.45
N SER K 373 4.49 66.06 27.45
CA SER K 373 5.31 65.93 26.24
C SER K 373 5.62 64.50 25.89
N LYS K 374 5.00 63.54 26.56
CA LYS K 374 5.19 62.13 26.30
C LYS K 374 4.03 61.53 25.51
N ALA K 375 2.98 62.30 25.26
CA ALA K 375 1.85 61.86 24.45
C ALA K 375 1.69 62.78 23.26
N TYR K 376 2.80 63.10 22.59
CA TYR K 376 2.82 64.01 21.46
C TYR K 376 2.96 63.21 20.15
N PHE K 377 3.05 63.95 19.05
CA PHE K 377 3.10 63.33 17.72
C PHE K 377 4.47 62.72 17.44
N ASN K 378 5.53 63.45 17.78
CA ASN K 378 6.90 62.95 17.59
C ASN K 378 7.17 61.71 18.43
N SER K 379 6.28 61.36 19.35
CA SER K 379 6.39 60.15 20.15
C SER K 379 5.37 59.10 19.78
N PHE K 380 4.21 59.51 19.27
CA PHE K 380 3.28 58.55 18.68
C PHE K 380 3.90 57.87 17.48
N VAL K 381 4.58 58.64 16.63
CA VAL K 381 5.21 58.08 15.44
C VAL K 381 6.31 57.08 15.78
N GLU K 382 6.74 57.01 17.03
CA GLU K 382 7.85 56.16 17.43
C GLU K 382 7.44 54.87 18.12
N HIS K 383 6.18 54.75 18.55
CA HIS K 383 5.69 53.49 19.09
C HIS K 383 5.28 52.50 18.02
N LEU K 384 5.26 52.90 16.77
CA LEU K 384 4.80 52.04 15.68
C LEU K 384 5.96 51.17 15.19
N PRO K 385 5.74 49.88 14.98
CA PRO K 385 6.85 49.00 14.63
C PRO K 385 7.49 49.37 13.30
N TYR K 386 8.78 49.06 13.19
CA TYR K 386 9.57 49.36 12.02
C TYR K 386 9.96 48.07 11.32
N PRO K 387 9.80 47.93 10.01
CA PRO K 387 10.00 46.63 9.38
C PRO K 387 11.47 46.22 9.37
N VAL K 388 11.70 45.01 8.87
CA VAL K 388 13.03 44.41 8.85
C VAL K 388 13.79 44.75 7.57
N LEU K 389 13.17 44.49 6.42
CA LEU K 389 13.88 44.64 5.16
C LEU K 389 13.99 46.09 4.73
N PHE K 390 13.06 46.94 5.16
CA PHE K 390 13.15 48.38 4.91
C PHE K 390 14.56 48.85 5.25
N PRO K 391 15.26 49.51 4.32
CA PRO K 391 16.67 49.88 4.57
C PRO K 391 16.78 51.13 5.43
N ARG K 392 17.45 50.99 6.58
CA ARG K 392 17.86 52.15 7.36
C ARG K 392 19.29 52.59 6.99
N ASP K 393 19.52 52.75 5.70
CA ASP K 393 20.79 53.25 5.17
C ASP K 393 20.52 53.89 3.82
N ASN K 394 21.34 54.88 3.46
CA ASN K 394 21.15 55.65 2.24
C ASN K 394 22.45 55.70 1.43
N ILE K 395 22.72 54.64 0.67
CA ILE K 395 23.66 54.78 -0.45
C ILE K 395 22.85 55.07 -1.71
N VAL K 396 22.34 56.30 -1.80
CA VAL K 396 21.68 56.81 -2.99
C VAL K 396 22.24 58.20 -3.26
N ASP K 397 22.23 59.02 -2.22
CA ASP K 397 22.67 60.40 -2.34
C ASP K 397 24.15 60.50 -2.67
N GLU K 398 24.97 59.59 -2.16
CA GLU K 398 26.38 59.62 -2.49
C GLU K 398 26.61 59.35 -3.97
N LEU K 399 25.69 58.63 -4.62
CA LEU K 399 25.77 58.38 -6.05
C LEU K 399 25.18 59.51 -6.86
N VAL K 400 24.07 60.08 -6.39
CA VAL K 400 23.47 61.22 -7.09
C VAL K 400 24.41 62.42 -7.06
N GLU K 401 25.13 62.61 -5.96
CA GLU K 401 26.10 63.69 -5.87
C GLU K 401 27.18 63.54 -6.93
N ALA K 402 27.68 62.31 -7.12
CA ALA K 402 28.71 62.10 -8.13
C ALA K 402 28.14 62.25 -9.54
N ILE K 403 26.90 61.79 -9.76
CA ILE K 403 26.28 61.95 -11.06
C ILE K 403 26.16 63.43 -11.41
N ALA K 404 25.76 64.26 -10.44
CA ALA K 404 25.64 65.69 -10.68
C ALA K 404 26.99 66.40 -10.73
N ASN K 405 28.01 65.86 -10.07
CA ASN K 405 29.34 66.45 -10.13
C ASN K 405 30.01 66.15 -11.46
N LEU K 406 29.69 65.02 -12.07
CA LEU K 406 30.26 64.67 -13.37
C LEU K 406 30.13 65.83 -14.34
N SER K 407 31.25 66.19 -14.97
CA SER K 407 31.28 67.31 -15.90
C SER K 407 32.66 67.45 -16.54
N SER L 2 -40.03 60.19 -29.05
CA SER L 2 -40.00 58.85 -29.62
C SER L 2 -39.15 57.92 -28.76
N ILE L 3 -38.35 57.06 -29.41
CA ILE L 3 -37.47 56.13 -28.73
C ILE L 3 -36.07 56.31 -29.31
N TYR L 4 -35.11 56.61 -28.44
CA TYR L 4 -33.72 56.82 -28.85
C TYR L 4 -32.81 55.84 -28.13
N GLN L 5 -31.74 55.44 -28.83
CA GLN L 5 -30.65 54.66 -28.27
C GLN L 5 -29.35 55.15 -28.87
N GLY L 6 -28.31 55.19 -28.04
CA GLY L 6 -27.00 55.60 -28.52
C GLY L 6 -26.97 56.96 -29.16
N GLY L 7 -27.96 57.81 -28.88
CA GLY L 7 -28.09 59.10 -29.54
C GLY L 7 -28.84 59.05 -30.84
N ASN L 8 -29.18 57.86 -31.34
CA ASN L 8 -29.86 57.67 -32.60
C ASN L 8 -31.29 57.21 -32.34
N LYS L 9 -31.99 56.86 -33.41
CA LYS L 9 -33.40 56.50 -33.36
C LYS L 9 -33.57 55.03 -33.68
N LEU L 10 -34.50 54.37 -32.99
CA LEU L 10 -34.82 52.98 -33.26
C LEU L 10 -36.32 52.80 -33.22
N ASN L 11 -36.78 51.62 -33.63
CA ASN L 11 -38.18 51.35 -33.89
C ASN L 11 -38.80 50.51 -32.78
N GLU L 12 -40.13 50.34 -32.87
CA GLU L 12 -40.89 49.69 -31.81
C GLU L 12 -40.56 48.20 -31.73
N ASP L 13 -40.49 47.52 -32.88
CA ASP L 13 -40.32 46.07 -32.89
C ASP L 13 -38.94 45.62 -32.42
N ASP L 14 -37.98 46.54 -32.32
CA ASP L 14 -36.68 46.23 -31.75
C ASP L 14 -36.59 46.58 -30.28
N PHE L 15 -37.27 47.64 -29.84
CA PHE L 15 -37.40 47.93 -28.42
C PHE L 15 -38.14 46.79 -27.70
N ARG L 16 -39.24 46.33 -28.30
CA ARG L 16 -40.04 45.27 -27.71
C ARG L 16 -39.22 44.00 -27.47
N SER L 17 -38.12 43.82 -28.19
CA SER L 17 -37.25 42.66 -28.02
C SER L 17 -36.00 42.97 -27.22
N HIS L 18 -35.53 44.21 -27.25
CA HIS L 18 -34.46 44.62 -26.35
C HIS L 18 -34.90 44.47 -24.91
N VAL L 19 -36.15 44.85 -24.62
CA VAL L 19 -36.71 44.61 -23.28
C VAL L 19 -36.60 43.13 -22.92
N TYR L 20 -37.12 42.25 -23.78
CA TYR L 20 -37.06 40.82 -23.54
C TYR L 20 -35.64 40.38 -23.21
N SER L 21 -34.71 40.65 -24.13
CA SER L 21 -33.31 40.26 -23.92
C SER L 21 -32.71 40.90 -22.67
N LEU L 22 -33.34 41.97 -22.17
CA LEU L 22 -32.82 42.70 -21.02
C LEU L 22 -33.30 42.13 -19.69
N CYS L 23 -34.49 41.52 -19.67
CA CYS L 23 -35.05 40.96 -18.45
C CYS L 23 -34.56 39.54 -18.17
N GLN L 24 -33.53 39.06 -18.86
CA GLN L 24 -32.97 37.72 -18.61
C GLN L 24 -31.64 37.78 -17.89
N LEU L 25 -31.21 38.95 -17.45
CA LEU L 25 -29.96 39.10 -16.73
C LEU L 25 -30.14 38.71 -15.27
N ASP L 26 -29.05 38.78 -14.51
CA ASP L 26 -29.03 38.30 -13.13
C ASP L 26 -29.22 39.43 -12.11
N ASN L 27 -29.50 40.65 -12.56
CA ASN L 27 -29.78 41.77 -11.66
C ASN L 27 -30.71 42.74 -12.38
N VAL L 28 -31.92 42.89 -11.86
CA VAL L 28 -32.95 43.72 -12.48
C VAL L 28 -33.60 44.57 -11.39
N GLY L 29 -33.84 45.85 -11.71
CA GLY L 29 -34.46 46.74 -10.73
C GLY L 29 -35.29 47.83 -11.36
N VAL L 30 -36.06 48.50 -10.51
CA VAL L 30 -36.93 49.60 -10.91
C VAL L 30 -36.83 50.72 -9.89
N LEU L 31 -37.07 51.94 -10.36
CA LEU L 31 -37.07 53.14 -9.53
C LEU L 31 -38.28 53.98 -9.89
N LEU L 32 -39.18 54.15 -8.93
CA LEU L 32 -40.43 54.88 -9.15
C LEU L 32 -40.45 56.19 -8.38
N GLY L 33 -41.37 57.05 -8.78
CA GLY L 33 -41.53 58.38 -8.24
C GLY L 33 -42.97 58.64 -7.84
N ALA L 34 -43.37 59.90 -7.98
CA ALA L 34 -44.69 60.35 -7.54
C ALA L 34 -45.72 60.35 -8.65
N GLY L 35 -45.31 60.16 -9.90
CA GLY L 35 -46.27 60.07 -10.98
C GLY L 35 -46.91 58.71 -11.09
N ALA L 36 -46.18 57.66 -10.73
CA ALA L 36 -46.70 56.30 -10.76
C ALA L 36 -47.90 56.11 -9.83
N SER L 37 -48.19 57.09 -8.96
CA SER L 37 -49.27 56.98 -7.99
C SER L 37 -50.43 57.92 -8.31
N VAL L 38 -50.52 58.41 -9.54
CA VAL L 38 -51.62 59.29 -9.90
C VAL L 38 -52.86 58.48 -10.28
N GLY L 39 -52.67 57.29 -10.86
CA GLY L 39 -53.77 56.41 -11.17
C GLY L 39 -54.49 55.83 -9.97
N CYS L 40 -54.05 56.15 -8.75
CA CYS L 40 -54.63 55.57 -7.55
C CYS L 40 -55.17 56.62 -6.58
N GLY L 41 -54.92 57.90 -6.80
CA GLY L 41 -55.44 58.93 -5.92
C GLY L 41 -54.41 59.95 -5.46
N GLY L 42 -53.17 59.79 -5.92
CA GLY L 42 -52.08 60.65 -5.49
C GLY L 42 -52.07 61.98 -6.21
N LYS L 43 -51.01 62.75 -5.96
CA LYS L 43 -50.87 64.08 -6.51
C LYS L 43 -49.40 64.37 -6.80
N THR L 44 -49.18 65.44 -7.55
CA THR L 44 -47.84 65.94 -7.86
C THR L 44 -47.57 67.22 -7.09
N MET L 45 -46.33 67.69 -7.15
CA MET L 45 -45.95 68.93 -6.49
C MET L 45 -46.62 70.14 -7.12
N LYS L 46 -46.99 70.06 -8.39
CA LYS L 46 -47.67 71.19 -9.04
C LYS L 46 -49.08 71.37 -8.49
N ASP L 47 -49.69 70.29 -8.01
CA ASP L 47 -51.04 70.33 -7.45
C ASP L 47 -51.05 70.66 -5.96
N VAL L 48 -49.90 71.01 -5.38
CA VAL L 48 -49.81 71.37 -3.98
C VAL L 48 -49.71 72.88 -3.79
N TRP L 49 -49.02 73.57 -4.69
CA TRP L 49 -48.98 75.03 -4.61
C TRP L 49 -50.37 75.62 -4.76
N LYS L 50 -51.18 75.04 -5.63
CA LYS L 50 -52.55 75.52 -5.81
C LYS L 50 -53.36 75.34 -4.54
N SER L 51 -53.29 74.16 -3.93
CA SER L 51 -54.01 73.92 -2.69
C SER L 51 -53.47 74.73 -1.54
N PHE L 52 -52.23 75.22 -1.63
CA PHE L 52 -51.70 76.11 -0.61
C PHE L 52 -52.23 77.52 -0.78
N LYS L 53 -52.16 78.05 -2.00
CA LYS L 53 -52.62 79.41 -2.26
C LYS L 53 -54.14 79.52 -2.33
N GLN L 54 -54.85 78.40 -2.29
CA GLN L 54 -56.31 78.41 -2.32
C GLN L 54 -56.94 78.26 -0.93
N ASN L 55 -56.13 78.01 0.09
CA ASN L 55 -56.63 77.87 1.45
C ASN L 55 -55.82 78.65 2.47
N TYR L 56 -54.68 79.22 2.09
CA TYR L 56 -53.85 80.05 2.98
C TYR L 56 -53.44 81.29 2.20
N PRO L 57 -54.37 82.22 1.97
CA PRO L 57 -54.08 83.33 1.05
C PRO L 57 -53.36 84.50 1.69
N GLU L 58 -53.42 84.62 3.02
CA GLU L 58 -52.85 85.79 3.67
C GLU L 58 -51.34 85.65 3.88
N LEU L 59 -50.89 84.52 4.41
CA LEU L 59 -49.46 84.31 4.61
C LEU L 59 -48.70 84.53 3.30
N LEU L 60 -49.23 83.99 2.21
CA LEU L 60 -48.63 84.18 0.89
C LEU L 60 -48.27 85.63 0.63
N GLY L 61 -49.08 86.55 1.14
CA GLY L 61 -48.78 87.97 0.96
C GLY L 61 -47.43 88.35 1.55
N ALA L 62 -47.18 87.91 2.79
CA ALA L 62 -45.89 88.20 3.42
C ALA L 62 -44.75 87.56 2.65
N LEU L 63 -44.92 86.30 2.23
CA LEU L 63 -43.89 85.62 1.45
C LEU L 63 -43.49 86.42 0.23
N ILE L 64 -44.41 87.19 -0.34
CA ILE L 64 -44.14 87.92 -1.58
C ILE L 64 -43.72 89.37 -1.30
N ASP L 65 -44.26 89.99 -0.25
CA ASP L 65 -44.09 91.42 -0.03
C ASP L 65 -42.87 91.73 0.84
N LYS L 66 -42.86 91.23 2.07
CA LYS L 66 -41.86 91.64 3.05
C LYS L 66 -40.58 90.83 2.93
N TYR L 67 -40.68 89.51 3.13
CA TYR L 67 -39.50 88.66 3.14
C TYR L 67 -38.94 88.42 1.73
N LEU L 68 -39.76 88.60 0.69
CA LEU L 68 -39.28 88.60 -0.68
C LEU L 68 -38.70 87.25 -1.08
N LEU L 69 -39.47 86.18 -0.87
CA LEU L 69 -39.03 84.84 -1.19
C LEU L 69 -39.59 84.32 -2.50
N VAL L 70 -40.70 84.87 -2.99
CA VAL L 70 -41.36 84.40 -4.20
C VAL L 70 -41.70 85.57 -5.10
N SER L 71 -41.86 85.27 -6.39
CA SER L 71 -42.24 86.25 -7.39
C SER L 71 -43.71 86.07 -7.76
N GLN L 72 -44.39 87.19 -8.01
CA GLN L 72 -45.78 87.13 -8.43
C GLN L 72 -45.93 86.34 -9.73
N ILE L 73 -44.98 86.51 -10.65
CA ILE L 73 -45.05 85.81 -11.93
C ILE L 73 -45.10 84.31 -11.72
N ASP L 74 -44.23 83.80 -10.84
CA ASP L 74 -44.17 82.35 -10.61
C ASP L 74 -45.44 81.85 -9.95
N SER L 75 -45.96 82.58 -8.96
CA SER L 75 -47.19 82.17 -8.29
C SER L 75 -48.35 82.12 -9.29
N ASP L 76 -48.50 83.17 -10.09
CA ASP L 76 -49.57 83.19 -11.08
C ASP L 76 -49.41 82.07 -12.09
N ASN L 77 -48.17 81.80 -12.52
CA ASN L 77 -47.90 80.80 -13.53
C ASN L 77 -47.67 79.41 -12.95
N ASN L 78 -47.73 79.26 -11.62
CA ASN L 78 -47.55 77.97 -10.97
C ASN L 78 -46.27 77.28 -11.43
N LEU L 79 -45.14 77.99 -11.25
CA LEU L 79 -43.82 77.48 -11.56
C LEU L 79 -42.88 77.67 -10.39
N VAL L 80 -43.40 77.46 -9.18
CA VAL L 80 -42.66 77.68 -7.93
C VAL L 80 -42.35 76.33 -7.32
N ASN L 81 -41.10 76.15 -6.88
CA ASN L 81 -40.71 74.96 -6.17
C ASN L 81 -41.10 75.05 -4.70
N VAL L 82 -41.14 73.89 -4.05
CA VAL L 82 -41.49 73.79 -2.63
C VAL L 82 -40.32 73.25 -1.80
N GLU L 83 -39.62 72.24 -2.33
CA GLU L 83 -38.47 71.67 -1.64
C GLU L 83 -37.32 72.66 -1.52
N LEU L 84 -37.43 73.82 -2.16
CA LEU L 84 -36.46 74.90 -2.01
C LEU L 84 -37.00 76.02 -1.14
N LEU L 85 -38.31 76.22 -1.12
CA LEU L 85 -38.93 77.17 -0.20
C LEU L 85 -38.79 76.71 1.24
N ILE L 86 -38.89 75.40 1.47
CA ILE L 86 -38.79 74.87 2.83
C ILE L 86 -37.41 75.14 3.41
N ASP L 87 -36.37 74.96 2.60
CA ASP L 87 -35.01 75.12 3.09
C ASP L 87 -34.66 76.57 3.38
N GLU L 88 -35.43 77.52 2.85
CA GLU L 88 -35.24 78.94 3.15
C GLU L 88 -36.10 79.37 4.32
N ALA L 89 -37.31 78.82 4.44
CA ALA L 89 -38.12 79.06 5.62
C ALA L 89 -37.49 78.45 6.87
N THR L 90 -36.66 77.43 6.71
CA THR L 90 -35.90 76.86 7.82
C THR L 90 -34.62 77.62 8.10
N LYS L 91 -34.21 78.53 7.23
CA LYS L 91 -33.03 79.36 7.43
C LYS L 91 -33.37 80.73 8.01
N PHE L 92 -34.48 81.33 7.57
CA PHE L 92 -34.93 82.58 8.16
C PHE L 92 -35.29 82.43 9.63
N LEU L 93 -35.46 81.20 10.11
CA LEU L 93 -35.95 80.94 11.46
C LEU L 93 -34.83 80.82 12.48
N SER L 94 -33.71 80.19 12.11
CA SER L 94 -32.60 80.02 13.04
C SER L 94 -31.99 81.36 13.43
N VAL L 95 -31.79 82.25 12.44
CA VAL L 95 -31.17 83.55 12.72
C VAL L 95 -32.15 84.53 13.35
N ALA L 96 -33.40 84.13 13.56
CA ALA L 96 -34.35 84.87 14.38
C ALA L 96 -34.45 84.31 15.78
N LYS L 97 -34.39 82.99 15.91
CA LYS L 97 -34.31 82.37 17.23
C LYS L 97 -33.00 82.71 17.93
N THR L 98 -31.95 82.98 17.17
CA THR L 98 -30.65 83.28 17.76
C THR L 98 -30.51 84.73 18.19
N ARG L 99 -31.18 85.66 17.51
CA ARG L 99 -31.14 87.07 17.87
C ARG L 99 -32.41 87.52 18.60
N ARG L 100 -33.27 86.57 19.00
CA ARG L 100 -34.37 86.83 19.92
C ARG L 100 -35.33 87.90 19.37
N CYS L 101 -35.98 87.54 18.27
CA CYS L 101 -37.11 88.30 17.73
C CYS L 101 -38.34 87.40 17.78
N GLU L 102 -39.24 87.68 18.72
CA GLU L 102 -40.38 86.82 18.97
C GLU L 102 -41.55 87.05 18.02
N ASP L 103 -41.45 88.01 17.11
CA ASP L 103 -42.52 88.28 16.15
C ASP L 103 -42.32 87.58 14.82
N GLU L 104 -41.18 86.93 14.62
CA GLU L 104 -40.92 86.17 13.39
C GLU L 104 -40.92 84.67 13.61
N GLU L 105 -40.50 84.20 14.79
CA GLU L 105 -40.64 82.80 15.12
C GLU L 105 -42.08 82.33 14.91
N GLU L 106 -43.04 83.07 15.45
CA GLU L 106 -44.44 82.68 15.36
C GLU L 106 -44.98 82.82 13.95
N GLU L 107 -44.36 83.64 13.10
CA GLU L 107 -44.79 83.79 11.72
C GLU L 107 -44.16 82.76 10.80
N PHE L 108 -43.03 82.19 11.18
CA PHE L 108 -42.39 81.14 10.41
C PHE L 108 -42.71 79.74 10.91
N ARG L 109 -43.29 79.61 12.10
CA ARG L 109 -43.68 78.29 12.61
C ARG L 109 -45.01 77.82 12.04
N LYS L 110 -45.80 78.71 11.44
CA LYS L 110 -47.08 78.35 10.85
C LYS L 110 -46.94 77.94 9.39
N ILE L 111 -46.03 78.59 8.67
CA ILE L 111 -45.85 78.30 7.25
C ILE L 111 -45.35 76.87 7.06
N LEU L 112 -44.41 76.43 7.91
CA LEU L 112 -43.89 75.09 7.79
C LEU L 112 -44.95 74.05 8.13
N SER L 113 -45.77 74.33 9.14
CA SER L 113 -46.86 73.43 9.47
C SER L 113 -47.83 73.29 8.31
N SER L 114 -48.15 74.40 7.63
CA SER L 114 -49.04 74.33 6.48
C SER L 114 -48.42 73.52 5.34
N LEU L 115 -47.14 73.78 5.04
CA LEU L 115 -46.48 73.04 3.97
C LEU L 115 -46.35 71.56 4.30
N TYR L 116 -46.30 71.21 5.59
CA TYR L 116 -46.21 69.81 5.99
C TYR L 116 -47.57 69.14 6.07
N LYS L 117 -48.64 69.91 6.24
CA LYS L 117 -49.99 69.35 6.22
C LYS L 117 -50.45 69.09 4.80
N GLU L 118 -50.14 70.00 3.88
CA GLU L 118 -50.52 69.79 2.48
C GLU L 118 -49.69 68.71 1.81
N VAL L 119 -48.49 68.42 2.31
CA VAL L 119 -47.72 67.28 1.84
C VAL L 119 -48.20 65.97 2.44
N THR L 120 -48.93 66.01 3.54
CA THR L 120 -49.43 64.82 4.19
C THR L 120 -50.79 64.40 3.64
N LYS L 121 -51.68 65.36 3.42
CA LYS L 121 -53.00 65.02 2.87
C LYS L 121 -52.93 64.41 1.48
N ALA L 122 -51.76 64.38 0.84
CA ALA L 122 -51.63 63.91 -0.53
C ALA L 122 -50.93 62.56 -0.62
N ALA L 123 -50.80 61.83 0.48
CA ALA L 123 -50.15 60.53 0.48
C ALA L 123 -51.02 59.43 1.08
N LEU L 124 -52.31 59.70 1.30
CA LEU L 124 -53.23 58.70 1.84
C LEU L 124 -53.86 57.86 0.75
N LEU L 125 -54.22 58.48 -0.37
CA LEU L 125 -54.77 57.87 -1.59
C LEU L 125 -56.23 57.48 -1.43
N THR L 126 -56.80 57.53 -0.23
CA THR L 126 -58.17 57.08 -0.02
C THR L 126 -58.96 57.91 0.98
N GLY L 127 -58.40 58.99 1.51
CA GLY L 127 -59.14 59.80 2.46
C GLY L 127 -59.49 59.04 3.73
N GLU L 128 -60.76 59.09 4.10
CA GLU L 128 -61.21 58.55 5.38
C GLU L 128 -61.01 57.03 5.48
N GLN L 129 -60.89 56.33 4.35
CA GLN L 129 -60.75 54.88 4.34
C GLN L 129 -59.29 54.45 4.45
N PHE L 130 -58.44 55.28 5.05
CA PHE L 130 -57.04 54.94 5.23
C PHE L 130 -56.84 53.93 6.36
N ARG L 131 -57.76 53.89 7.32
CA ARG L 131 -57.63 53.03 8.48
C ARG L 131 -58.37 51.69 8.34
N GLU L 132 -59.15 51.51 7.29
CA GLU L 132 -59.87 50.26 7.12
C GLU L 132 -58.91 49.18 6.61
N LYS L 133 -59.44 48.01 6.28
CA LYS L 133 -58.65 46.87 5.87
C LYS L 133 -58.99 46.45 4.46
N ASN L 134 -58.12 45.63 3.87
CA ASN L 134 -58.29 45.08 2.54
C ASN L 134 -58.56 46.21 1.53
N GLN L 135 -57.58 47.11 1.43
CA GLN L 135 -57.61 48.18 0.44
C GLN L 135 -56.87 47.82 -0.83
N GLY L 136 -56.22 46.66 -0.87
CA GLY L 136 -55.57 46.18 -2.07
C GLY L 136 -56.44 45.23 -2.86
N LYS L 137 -57.75 45.42 -2.76
CA LYS L 137 -58.72 44.66 -3.54
C LYS L 137 -59.47 45.50 -4.56
N LYS L 138 -59.41 46.83 -4.44
CA LYS L 138 -60.12 47.71 -5.34
C LYS L 138 -59.51 47.63 -6.74
N ASP L 139 -60.14 48.33 -7.68
CA ASP L 139 -59.76 48.26 -9.08
C ASP L 139 -58.59 49.17 -9.42
N ALA L 140 -58.08 49.93 -8.47
CA ALA L 140 -56.99 50.88 -8.74
C ALA L 140 -55.62 50.24 -8.61
N PHE L 141 -55.43 49.34 -7.65
CA PHE L 141 -54.12 48.74 -7.37
C PHE L 141 -53.91 47.45 -8.17
N LYS L 142 -54.12 47.51 -9.48
CA LYS L 142 -54.07 46.33 -10.34
C LYS L 142 -52.75 46.19 -11.09
N TYR L 143 -52.30 47.27 -11.73
CA TYR L 143 -51.02 47.21 -12.44
C TYR L 143 -49.86 47.12 -11.47
N HIS L 144 -50.05 47.60 -10.24
CA HIS L 144 -49.08 47.36 -9.17
C HIS L 144 -48.98 45.87 -8.84
N LYS L 145 -50.04 45.10 -9.08
CA LYS L 145 -49.96 43.65 -8.91
C LYS L 145 -49.31 42.99 -10.12
N GLU L 146 -49.69 43.41 -11.33
CA GLU L 146 -49.07 42.87 -12.53
C GLU L 146 -47.56 43.06 -12.53
N LEU L 147 -47.10 44.24 -12.10
CA LEU L 147 -45.67 44.53 -12.08
C LEU L 147 -44.92 43.51 -11.23
N ILE L 148 -45.39 43.29 -10.00
CA ILE L 148 -44.70 42.37 -9.11
C ILE L 148 -44.75 40.96 -9.65
N SER L 149 -45.93 40.52 -10.11
CA SER L 149 -46.05 39.18 -10.66
C SER L 149 -45.05 38.95 -11.78
N LYS L 150 -44.97 39.89 -12.72
CA LYS L 150 -44.05 39.75 -13.84
C LYS L 150 -42.60 39.75 -13.37
N LEU L 151 -42.26 40.69 -12.48
CA LEU L 151 -40.88 40.76 -11.99
C LEU L 151 -40.45 39.43 -11.36
N ILE L 152 -41.36 38.78 -10.64
CA ILE L 152 -40.96 37.59 -9.90
C ILE L 152 -41.02 36.31 -10.75
N SER L 153 -41.98 36.21 -11.68
CA SER L 153 -42.11 34.99 -12.46
C SER L 153 -41.03 34.81 -13.52
N ASN L 154 -40.18 35.81 -13.74
CA ASN L 154 -39.17 35.76 -14.79
C ASN L 154 -37.79 35.37 -14.28
N ARG L 155 -37.72 34.75 -13.10
CA ARG L 155 -36.45 34.38 -12.49
C ARG L 155 -36.23 32.88 -12.58
N GLN L 156 -35.07 32.47 -13.08
CA GLN L 156 -34.66 31.08 -13.06
C GLN L 156 -33.92 30.79 -11.76
N PRO L 157 -33.86 29.51 -11.35
CA PRO L 157 -33.22 29.20 -10.07
C PRO L 157 -31.76 29.60 -10.06
N GLY L 158 -31.26 29.90 -8.86
CA GLY L 158 -29.90 30.38 -8.67
C GLY L 158 -29.78 31.89 -8.71
N GLN L 159 -30.58 32.53 -9.56
CA GLN L 159 -30.56 33.98 -9.67
C GLN L 159 -31.04 34.61 -8.37
N SER L 160 -30.78 35.91 -8.23
CA SER L 160 -31.15 36.66 -7.04
C SER L 160 -32.52 37.29 -7.20
N ALA L 161 -33.09 37.71 -6.08
CA ALA L 161 -34.42 38.30 -6.06
C ALA L 161 -34.41 39.72 -6.60
N PRO L 162 -35.56 40.23 -7.01
CA PRO L 162 -35.62 41.60 -7.54
C PRO L 162 -35.65 42.65 -6.45
N ALA L 163 -35.28 43.86 -6.85
CA ALA L 163 -35.22 45.02 -5.96
C ALA L 163 -36.13 46.12 -6.49
N ILE L 164 -36.64 46.94 -5.58
CA ILE L 164 -37.53 48.06 -5.90
C ILE L 164 -37.04 49.27 -5.12
N PHE L 165 -36.97 50.43 -5.81
CA PHE L 165 -36.55 51.66 -5.19
C PHE L 165 -37.63 52.73 -5.37
N THR L 166 -37.87 53.51 -4.32
CA THR L 166 -39.01 54.40 -4.29
C THR L 166 -38.68 55.62 -3.43
N THR L 167 -39.32 56.74 -3.76
CA THR L 167 -39.27 57.95 -2.96
C THR L 167 -40.55 58.16 -2.17
N ASN L 168 -41.69 58.16 -2.86
CA ASN L 168 -42.97 58.54 -2.25
C ASN L 168 -43.23 57.77 -0.97
N TYR L 169 -44.06 58.36 -0.11
CA TYR L 169 -44.36 57.82 1.20
C TYR L 169 -45.58 56.90 1.22
N ASP L 170 -46.38 56.89 0.16
CA ASP L 170 -47.62 56.13 0.17
C ASP L 170 -47.34 54.63 0.31
N LEU L 171 -48.41 53.88 0.56
CA LEU L 171 -48.34 52.45 0.86
C LEU L 171 -48.90 51.59 -0.27
N ALA L 172 -48.74 52.03 -1.51
CA ALA L 172 -49.38 51.34 -2.63
C ALA L 172 -48.67 50.06 -3.05
N LEU L 173 -47.44 49.83 -2.60
CA LEU L 173 -46.72 48.62 -2.95
C LEU L 173 -46.95 47.48 -1.95
N GLU L 174 -47.36 47.81 -0.72
CA GLU L 174 -47.60 46.81 0.31
C GLU L 174 -49.05 46.33 0.30
N TRP L 175 -49.98 47.25 0.12
CA TRP L 175 -51.38 46.89 -0.02
C TRP L 175 -51.60 45.90 -1.16
N ALA L 176 -50.74 45.96 -2.19
CA ALA L 176 -50.89 45.13 -3.38
C ALA L 176 -50.11 43.83 -3.29
N ALA L 177 -49.27 43.67 -2.27
CA ALA L 177 -48.58 42.42 -2.01
C ALA L 177 -49.19 41.63 -0.88
N GLU L 178 -49.90 42.29 0.04
CA GLU L 178 -50.65 41.57 1.06
C GLU L 178 -51.85 40.86 0.45
N ASP L 179 -52.52 41.52 -0.50
CA ASP L 179 -53.63 40.92 -1.23
C ASP L 179 -53.20 39.82 -2.17
N LEU L 180 -51.90 39.53 -2.26
CA LEU L 180 -51.35 38.63 -3.26
C LEU L 180 -50.59 37.47 -2.67
N GLY L 181 -50.25 37.51 -1.39
CA GLY L 181 -49.61 36.39 -0.72
C GLY L 181 -48.10 36.44 -0.69
N ILE L 182 -47.49 37.59 -0.94
CA ILE L 182 -46.05 37.72 -1.11
C ILE L 182 -45.51 38.62 -0.01
N GLN L 183 -44.38 38.21 0.57
CA GLN L 183 -43.77 38.90 1.71
C GLN L 183 -42.64 39.79 1.22
N LEU L 184 -42.80 41.10 1.38
CA LEU L 184 -41.73 42.05 1.11
C LEU L 184 -40.87 42.23 2.35
N PHE L 185 -39.63 42.65 2.13
CA PHE L 185 -38.68 42.89 3.21
C PHE L 185 -38.30 44.36 3.20
N ASN L 186 -38.38 45.01 4.37
CA ASN L 186 -38.16 46.45 4.48
C ASN L 186 -37.20 46.80 5.61
N GLY L 187 -36.55 45.83 6.22
CA GLY L 187 -35.57 46.12 7.26
C GLY L 187 -36.05 45.83 8.66
N PHE L 188 -37.32 46.11 8.95
CA PHE L 188 -37.79 45.99 10.32
C PHE L 188 -38.15 44.53 10.64
N SER L 189 -38.35 44.27 11.94
CA SER L 189 -38.67 42.94 12.41
C SER L 189 -39.37 43.03 13.76
N GLY L 190 -40.40 42.22 13.94
CA GLY L 190 -41.20 42.21 15.15
C GLY L 190 -42.62 42.69 14.91
N LEU L 191 -43.48 42.47 15.90
CA LEU L 191 -44.86 42.95 15.85
C LEU L 191 -45.25 43.83 17.03
N HIS L 192 -44.88 43.46 18.26
CA HIS L 192 -45.27 44.27 19.41
C HIS L 192 -44.32 45.44 19.62
N THR L 193 -43.04 45.26 19.30
CA THR L 193 -42.11 46.37 19.14
C THR L 193 -41.29 46.08 17.88
N ARG L 194 -41.51 46.89 16.85
CA ARG L 194 -40.92 46.71 15.54
C ARG L 194 -39.78 47.71 15.38
N GLN L 195 -38.62 47.23 14.94
CA GLN L 195 -37.39 48.02 15.06
C GLN L 195 -36.44 47.70 13.92
N PHE L 196 -35.67 48.72 13.52
CA PHE L 196 -34.75 48.64 12.38
C PHE L 196 -33.46 47.93 12.78
N TYR L 197 -33.13 46.86 12.07
CA TYR L 197 -31.83 46.21 12.17
C TYR L 197 -31.29 46.07 10.74
N PRO L 198 -30.18 46.72 10.40
CA PRO L 198 -29.75 46.77 8.99
C PRO L 198 -29.13 45.49 8.47
N GLN L 199 -28.96 44.46 9.30
CA GLN L 199 -28.51 43.17 8.82
C GLN L 199 -29.66 42.24 8.48
N ASN L 200 -30.86 42.78 8.33
CA ASN L 200 -32.02 42.03 7.85
C ASN L 200 -32.17 42.11 6.34
N PHE L 201 -31.33 42.90 5.66
CA PHE L 201 -31.29 42.93 4.21
C PHE L 201 -30.43 41.83 3.62
N ASP L 202 -29.86 40.96 4.46
CA ASP L 202 -28.99 39.88 4.02
C ASP L 202 -29.60 38.51 4.26
N LEU L 203 -30.87 38.44 4.63
CA LEU L 203 -31.54 37.18 4.89
C LEU L 203 -32.22 36.67 3.61
N ALA L 204 -32.71 35.43 3.69
CA ALA L 204 -33.35 34.80 2.54
C ALA L 204 -34.06 33.54 3.00
N PHE L 205 -35.27 33.33 2.47
CA PHE L 205 -36.03 32.14 2.77
C PHE L 205 -35.32 30.89 2.26
N ARG L 206 -35.81 29.74 2.70
CA ARG L 206 -35.45 28.44 2.14
C ARG L 206 -36.45 27.42 2.65
N ASN L 207 -36.46 26.26 2.02
CA ASN L 207 -37.44 25.21 2.30
C ASN L 207 -36.79 24.05 3.04
N VAL L 208 -37.64 23.25 3.68
CA VAL L 208 -37.20 22.12 4.50
C VAL L 208 -36.48 21.09 3.64
N ASN L 209 -37.21 20.49 2.70
CA ASN L 209 -36.69 19.39 1.90
C ASN L 209 -36.12 19.85 0.56
N ALA L 210 -36.95 20.47 -0.27
CA ALA L 210 -36.54 20.88 -1.61
C ALA L 210 -37.68 21.63 -2.31
N GLY L 217 -42.65 30.68 -0.71
CA GLY L 217 -41.60 29.81 -1.18
C GLY L 217 -40.97 30.30 -2.47
N HIS L 218 -39.76 30.84 -2.36
CA HIS L 218 -38.99 31.33 -3.51
C HIS L 218 -39.59 32.62 -4.07
N TYR L 219 -40.73 33.05 -3.52
CA TYR L 219 -41.41 34.26 -3.97
C TYR L 219 -41.25 35.32 -2.89
N HIS L 220 -40.30 36.22 -3.10
CA HIS L 220 -40.06 37.30 -2.15
C HIS L 220 -39.25 38.38 -2.86
N ALA L 221 -39.25 39.58 -2.27
CA ALA L 221 -38.57 40.72 -2.86
C ALA L 221 -38.16 41.69 -1.76
N TYR L 222 -37.34 42.66 -2.15
CA TYR L 222 -36.83 43.68 -1.24
C TYR L 222 -37.36 45.05 -1.64
N LEU L 223 -37.67 45.87 -0.63
CA LEU L 223 -38.20 47.21 -0.82
C LEU L 223 -37.34 48.21 -0.09
N TYR L 224 -36.86 49.22 -0.80
CA TYR L 224 -36.04 50.29 -0.23
C TYR L 224 -36.77 51.62 -0.42
N LYS L 225 -37.16 52.24 0.68
CA LYS L 225 -37.70 53.59 0.67
C LYS L 225 -36.60 54.56 1.08
N LEU L 226 -36.34 55.55 0.23
CA LEU L 226 -35.20 56.44 0.41
C LEU L 226 -35.54 57.71 1.17
N HIS L 227 -36.81 58.12 1.20
CA HIS L 227 -37.23 59.32 1.92
C HIS L 227 -38.20 59.00 3.06
N GLY L 228 -38.25 57.75 3.49
CA GLY L 228 -39.05 57.38 4.62
C GLY L 228 -40.49 57.09 4.26
N SER L 229 -41.29 56.94 5.31
CA SER L 229 -42.71 56.67 5.20
C SER L 229 -43.44 57.46 6.28
N LEU L 230 -44.77 57.38 6.26
CA LEU L 230 -45.60 58.03 7.27
C LEU L 230 -46.17 57.03 8.25
N THR L 231 -45.54 55.86 8.37
CA THR L 231 -45.79 54.90 9.43
C THR L 231 -44.59 54.72 10.35
N TRP L 232 -43.58 55.57 10.22
CA TRP L 232 -42.33 55.47 10.98
C TRP L 232 -42.21 56.63 11.95
N TYR L 233 -41.70 56.36 13.14
CA TYR L 233 -41.46 57.43 14.10
C TYR L 233 -40.18 57.15 14.89
N GLN L 234 -39.69 58.20 15.52
CA GLN L 234 -38.46 58.17 16.30
C GLN L 234 -38.73 58.64 17.72
N ASN L 235 -38.01 58.04 18.67
CA ASN L 235 -38.11 58.43 20.08
C ASN L 235 -36.76 58.69 20.72
N ASP L 236 -35.66 58.32 20.08
CA ASP L 236 -34.32 58.49 20.63
C ASP L 236 -33.36 58.70 19.47
N SER L 237 -32.07 58.52 19.72
CA SER L 237 -31.05 58.63 18.69
C SER L 237 -30.58 57.26 18.19
N LEU L 238 -31.11 56.17 18.76
CA LEU L 238 -30.68 54.83 18.41
C LEU L 238 -31.81 53.90 18.00
N THR L 239 -33.04 54.40 17.86
CA THR L 239 -34.19 53.54 17.60
C THR L 239 -35.18 54.22 16.67
N VAL L 240 -35.81 53.42 15.81
CA VAL L 240 -36.91 53.85 14.95
C VAL L 240 -37.96 52.76 14.98
N ASN L 241 -39.23 53.16 15.10
CA ASN L 241 -40.33 52.21 15.26
C ASN L 241 -41.35 52.37 14.14
N GLU L 242 -42.09 51.29 13.90
CA GLU L 242 -43.14 51.23 12.90
C GLU L 242 -44.42 50.68 13.51
N VAL L 243 -45.55 51.27 13.12
CA VAL L 243 -46.86 50.79 13.53
C VAL L 243 -47.71 50.54 12.30
N SER L 244 -48.95 50.13 12.51
CA SER L 244 -49.89 49.90 11.42
C SER L 244 -50.56 51.22 11.04
N ALA L 245 -51.49 51.14 10.09
CA ALA L 245 -52.13 52.34 9.57
C ALA L 245 -53.26 52.80 10.47
N SER L 246 -54.13 51.88 10.91
CA SER L 246 -55.17 52.25 11.86
C SER L 246 -54.58 52.82 13.14
N GLN L 247 -53.47 52.23 13.60
CA GLN L 247 -52.82 52.71 14.81
C GLN L 247 -52.27 54.12 14.62
N ALA L 248 -51.60 54.36 13.49
CA ALA L 248 -51.03 55.68 13.22
C ALA L 248 -52.12 56.74 13.09
N TYR L 249 -53.19 56.42 12.38
CA TYR L 249 -54.25 57.40 12.17
C TYR L 249 -54.91 57.84 13.46
N ASP L 250 -54.86 57.01 14.50
CA ASP L 250 -55.40 57.40 15.81
C ASP L 250 -54.39 58.26 16.57
N GLU L 251 -53.12 57.86 16.57
CA GLU L 251 -52.11 58.54 17.37
C GLU L 251 -51.87 59.98 16.92
N TYR L 252 -51.38 60.19 15.70
CA TYR L 252 -50.92 61.52 15.32
C TYR L 252 -51.44 62.02 13.97
N ILE L 253 -51.75 61.12 13.03
CA ILE L 253 -52.10 61.57 11.69
C ILE L 253 -53.46 62.25 11.63
N ASN L 254 -54.27 62.14 12.67
CA ASN L 254 -55.57 62.80 12.69
C ASN L 254 -55.47 64.24 13.19
N ASP L 255 -54.73 64.46 14.28
CA ASP L 255 -54.55 65.81 14.80
C ASP L 255 -53.96 66.73 13.74
N ILE L 256 -52.81 66.34 13.17
CA ILE L 256 -52.13 67.09 12.13
C ILE L 256 -53.13 67.56 11.07
N ILE L 257 -53.98 66.63 10.62
CA ILE L 257 -54.89 66.95 9.52
C ILE L 257 -55.92 67.99 9.94
N ASN L 258 -56.41 67.90 11.17
CA ASN L 258 -57.55 68.70 11.61
C ASN L 258 -57.16 69.83 12.55
N LYS L 259 -56.39 69.55 13.60
CA LYS L 259 -56.03 70.59 14.55
C LYS L 259 -54.94 71.49 13.99
N ASP L 260 -54.93 72.74 14.47
CA ASP L 260 -53.96 73.73 14.00
C ASP L 260 -52.79 73.81 14.98
N ASP L 261 -52.05 72.70 15.04
CA ASP L 261 -50.84 72.60 15.83
C ASP L 261 -49.61 72.80 14.94
N PHE L 262 -48.47 73.03 15.58
CA PHE L 262 -47.20 73.09 14.88
C PHE L 262 -46.57 71.71 14.85
N TYR L 263 -46.14 71.29 13.67
CA TYR L 263 -45.51 69.99 13.52
C TYR L 263 -44.20 69.96 14.32
N ARG L 264 -44.11 69.05 15.28
CA ARG L 264 -42.97 68.97 16.18
C ARG L 264 -42.14 67.71 15.99
N GLY L 265 -42.27 67.05 14.84
CA GLY L 265 -41.47 65.87 14.57
C GLY L 265 -42.20 64.58 14.87
N GLN L 266 -43.46 64.48 14.47
CA GLN L 266 -44.26 63.30 14.77
C GLN L 266 -43.87 62.13 13.87
N HIS L 267 -43.77 62.36 12.56
CA HIS L 267 -43.39 61.32 11.61
C HIS L 267 -42.16 61.76 10.82
N LEU L 268 -41.57 60.79 10.14
CA LEU L 268 -40.21 60.87 9.60
C LEU L 268 -40.14 60.94 8.07
N ILE L 269 -40.03 62.15 7.54
CA ILE L 269 -40.00 62.38 6.09
C ILE L 269 -38.92 63.39 5.76
N TYR L 270 -38.32 63.23 4.57
CA TYR L 270 -37.34 64.17 4.05
C TYR L 270 -37.85 64.82 2.77
N PRO L 271 -38.66 65.88 2.85
CA PRO L 271 -39.12 66.58 1.65
C PRO L 271 -38.29 67.78 1.23
N GLY L 272 -37.14 68.03 1.88
CA GLY L 272 -36.32 69.18 1.55
C GLY L 272 -35.43 68.94 0.35
N ALA L 273 -34.47 69.86 0.17
CA ALA L 273 -33.52 69.80 -0.93
C ALA L 273 -32.15 69.32 -0.51
N ASN L 274 -31.66 69.74 0.65
CA ASN L 274 -30.39 69.27 1.21
C ASN L 274 -30.73 68.40 2.41
N LYS L 275 -30.61 67.09 2.24
CA LYS L 275 -31.02 66.12 3.25
C LYS L 275 -29.88 65.67 4.13
N TYR L 276 -28.75 66.38 4.12
CA TYR L 276 -27.66 66.12 5.06
C TYR L 276 -27.67 67.08 6.24
N SER L 277 -28.40 68.19 6.14
CA SER L 277 -28.58 69.06 7.30
C SER L 277 -29.22 68.29 8.46
N HIS L 278 -29.93 67.21 8.18
CA HIS L 278 -30.45 66.32 9.21
C HIS L 278 -29.29 65.49 9.72
N THR L 279 -28.64 65.95 10.78
CA THR L 279 -27.43 65.34 11.29
C THR L 279 -27.71 64.24 12.31
N ILE L 280 -28.89 63.63 12.26
CA ILE L 280 -29.24 62.56 13.20
C ILE L 280 -29.80 61.35 12.45
N GLY L 281 -30.14 61.53 11.18
CA GLY L 281 -30.70 60.44 10.40
C GLY L 281 -29.63 59.44 9.97
N PHE L 282 -29.87 58.16 10.28
CA PHE L 282 -28.94 57.10 9.93
C PHE L 282 -29.59 56.01 9.07
N VAL L 283 -30.82 56.22 8.61
CA VAL L 283 -31.47 55.30 7.68
C VAL L 283 -31.20 55.69 6.23
N TYR L 284 -31.29 57.00 5.95
CA TYR L 284 -30.95 57.55 4.64
C TYR L 284 -29.64 56.98 4.11
N GLY L 285 -28.61 56.99 4.95
CA GLY L 285 -27.31 56.51 4.51
C GLY L 285 -27.30 55.03 4.21
N GLU L 286 -27.96 54.23 5.05
CA GLU L 286 -28.01 52.79 4.82
C GLU L 286 -28.82 52.43 3.58
N MET L 287 -29.75 53.29 3.17
CA MET L 287 -30.49 53.07 1.93
C MET L 287 -29.63 53.41 0.71
N PHE L 288 -29.02 54.59 0.72
CA PHE L 288 -28.22 54.98 -0.43
C PHE L 288 -26.97 54.13 -0.58
N ARG L 289 -26.46 53.56 0.52
CA ARG L 289 -25.33 52.65 0.44
C ARG L 289 -25.72 51.39 -0.34
N ARG L 290 -26.91 50.86 -0.10
CA ARG L 290 -27.37 49.70 -0.83
C ARG L 290 -27.67 50.05 -2.28
N PHE L 291 -28.24 51.24 -2.52
CA PHE L 291 -28.44 51.69 -3.89
C PHE L 291 -27.11 51.71 -4.65
N GLY L 292 -26.07 52.27 -4.03
CA GLY L 292 -24.75 52.26 -4.66
C GLY L 292 -24.21 50.85 -4.88
N GLU L 293 -24.26 50.01 -3.84
CA GLU L 293 -23.76 48.66 -3.95
C GLU L 293 -24.45 47.86 -5.05
N PHE L 294 -25.71 48.17 -5.32
CA PHE L 294 -26.46 47.43 -6.34
C PHE L 294 -26.11 47.91 -7.74
N ILE L 295 -26.02 49.23 -7.93
CA ILE L 295 -25.82 49.82 -9.24
C ILE L 295 -24.42 49.58 -9.80
N SER L 296 -23.51 49.02 -8.99
CA SER L 296 -22.12 48.86 -9.37
C SER L 296 -21.68 47.40 -9.37
N LYS L 297 -22.50 46.52 -9.89
CA LYS L 297 -22.14 45.12 -10.13
C LYS L 297 -22.50 44.75 -11.55
N PRO L 298 -21.87 43.72 -12.10
CA PRO L 298 -22.02 43.44 -13.53
C PRO L 298 -23.34 42.76 -13.86
N GLN L 299 -23.72 42.89 -15.13
CA GLN L 299 -24.95 42.32 -15.66
C GLN L 299 -26.17 42.85 -14.91
N THR L 300 -26.37 44.16 -15.05
CA THR L 300 -27.36 44.90 -14.28
C THR L 300 -28.27 45.70 -15.21
N ALA L 301 -29.55 45.70 -14.90
CA ALA L 301 -30.54 46.44 -15.64
C ALA L 301 -31.43 47.24 -14.70
N LEU L 302 -31.81 48.45 -15.14
CA LEU L 302 -32.59 49.36 -14.33
C LEU L 302 -33.66 50.02 -15.20
N PHE L 303 -34.85 50.15 -14.63
CA PHE L 303 -35.95 50.88 -15.25
C PHE L 303 -36.31 52.05 -14.35
N ILE L 304 -36.62 53.19 -14.96
CA ILE L 304 -36.92 54.41 -14.21
C ILE L 304 -38.24 54.96 -14.70
N ASN L 305 -39.15 55.28 -13.77
CA ASN L 305 -40.44 55.81 -14.15
C ASN L 305 -40.98 56.71 -13.06
N GLY L 306 -41.62 57.81 -13.46
CA GLY L 306 -42.22 58.75 -12.54
C GLY L 306 -41.30 59.85 -12.05
N PHE L 307 -40.02 59.78 -12.36
CA PHE L 307 -39.03 60.69 -11.80
C PHE L 307 -38.82 61.87 -12.72
N GLY L 308 -38.86 63.07 -12.16
CA GLY L 308 -38.71 64.30 -12.91
C GLY L 308 -37.31 64.85 -13.00
N PHE L 309 -36.32 64.18 -12.40
CA PHE L 309 -34.92 64.57 -12.52
C PHE L 309 -34.66 65.93 -11.88
N GLY L 310 -35.05 66.07 -10.62
CA GLY L 310 -34.79 67.28 -9.86
C GLY L 310 -34.11 67.00 -8.54
N ASP L 311 -33.30 65.95 -8.49
CA ASP L 311 -32.59 65.54 -7.29
C ASP L 311 -31.10 65.42 -7.61
N TYR L 312 -30.31 66.34 -7.05
CA TYR L 312 -28.87 66.33 -7.27
C TYR L 312 -28.25 64.98 -6.92
N HIS L 313 -28.62 64.42 -5.77
CA HIS L 313 -27.95 63.24 -5.24
C HIS L 313 -28.13 62.01 -6.10
N ILE L 314 -29.19 61.95 -6.91
CA ILE L 314 -29.48 60.78 -7.73
C ILE L 314 -28.99 60.97 -9.17
N ASN L 315 -29.18 62.17 -9.73
CA ASN L 315 -28.56 62.53 -10.99
C ASN L 315 -27.05 62.50 -10.91
N ARG L 316 -26.49 62.52 -9.71
CA ARG L 316 -25.05 62.45 -9.51
C ARG L 316 -24.56 61.03 -9.27
N ILE L 317 -25.49 60.06 -9.15
CA ILE L 317 -25.13 58.66 -8.99
C ILE L 317 -25.35 57.95 -10.32
N ILE L 318 -26.37 58.36 -11.06
CA ILE L 318 -26.66 57.69 -12.33
C ILE L 318 -25.58 57.97 -13.35
N LEU L 319 -24.89 59.10 -13.24
CA LEU L 319 -23.83 59.44 -14.19
C LEU L 319 -22.57 58.62 -13.95
N GLY L 320 -22.24 58.36 -12.68
CA GLY L 320 -21.02 57.65 -12.35
C GLY L 320 -21.08 56.15 -12.51
N ALA L 321 -22.26 55.61 -12.82
CA ALA L 321 -22.42 54.18 -13.05
C ALA L 321 -22.34 53.81 -14.53
N LEU L 322 -22.40 54.78 -15.43
CA LEU L 322 -22.30 54.54 -16.85
C LEU L 322 -20.86 54.43 -17.33
N LEU L 323 -19.92 54.27 -16.41
CA LEU L 323 -18.53 53.94 -16.74
C LEU L 323 -18.21 52.48 -16.48
N ASN L 324 -19.24 51.63 -16.43
CA ASN L 324 -19.10 50.19 -16.28
C ASN L 324 -19.79 49.53 -17.46
N PRO L 325 -19.08 48.75 -18.28
CA PRO L 325 -19.69 48.29 -19.53
C PRO L 325 -20.56 47.06 -19.36
N SER L 326 -21.35 47.01 -18.28
CA SER L 326 -22.32 45.94 -18.13
C SER L 326 -23.58 46.43 -17.42
N PHE L 327 -23.94 47.70 -17.58
CA PHE L 327 -25.04 48.31 -16.85
C PHE L 327 -25.95 49.02 -17.83
N HIS L 328 -27.23 48.67 -17.84
CA HIS L 328 -28.20 49.24 -18.76
C HIS L 328 -29.32 49.94 -18.00
N VAL L 329 -29.81 51.04 -18.58
CA VAL L 329 -30.93 51.79 -18.05
C VAL L 329 -31.98 51.98 -19.14
N VAL L 330 -33.23 52.12 -18.70
CA VAL L 330 -34.33 52.53 -19.55
C VAL L 330 -35.10 53.61 -18.82
N ILE L 331 -35.45 54.68 -19.53
CA ILE L 331 -35.93 55.92 -18.95
C ILE L 331 -37.17 56.37 -19.72
N TYR L 332 -38.22 56.69 -18.97
CA TYR L 332 -39.45 57.22 -19.54
C TYR L 332 -39.57 58.71 -19.20
N TYR L 333 -39.84 59.53 -20.22
CA TYR L 333 -39.99 60.96 -20.04
C TYR L 333 -40.93 61.52 -21.10
N PRO L 334 -42.18 61.83 -20.76
CA PRO L 334 -43.13 62.31 -21.77
C PRO L 334 -42.67 63.56 -22.51
N GLU L 335 -42.42 64.64 -21.78
CA GLU L 335 -42.09 65.93 -22.40
C GLU L 335 -40.63 65.98 -22.84
N LEU L 336 -40.30 65.11 -23.80
CA LEU L 336 -38.95 65.06 -24.35
C LEU L 336 -38.77 66.02 -25.52
N LYS L 337 -39.86 66.51 -26.11
CA LYS L 337 -39.78 67.42 -27.25
C LYS L 337 -39.69 68.89 -26.82
N GLU L 338 -40.49 69.26 -25.81
CA GLU L 338 -40.44 70.61 -25.27
C GLU L 338 -39.18 70.87 -24.47
N ALA L 339 -38.29 69.88 -24.36
CA ALA L 339 -36.99 70.05 -23.75
C ALA L 339 -35.86 70.05 -24.75
N ILE L 340 -36.01 69.37 -25.88
CA ILE L 340 -35.08 69.55 -26.99
C ILE L 340 -35.33 70.88 -27.67
N THR L 341 -36.53 71.44 -27.55
CA THR L 341 -36.80 72.75 -28.10
C THR L 341 -36.12 73.85 -27.28
N LYS L 342 -36.42 73.92 -25.99
CA LYS L 342 -35.95 75.05 -25.18
C LYS L 342 -34.44 75.08 -25.05
N VAL L 343 -33.79 73.92 -24.93
CA VAL L 343 -32.37 73.89 -24.59
C VAL L 343 -31.48 74.15 -25.80
N SER L 344 -32.04 74.20 -27.01
CA SER L 344 -31.26 74.61 -28.17
C SER L 344 -31.11 76.12 -28.24
N LYS L 345 -32.16 76.86 -27.84
CA LYS L 345 -32.17 78.31 -27.88
C LYS L 345 -31.74 78.95 -26.57
N GLY L 346 -30.91 78.28 -25.80
CA GLY L 346 -30.33 78.86 -24.58
C GLY L 346 -31.06 78.60 -23.28
N GLY L 347 -32.37 78.83 -23.26
CA GLY L 347 -33.14 78.71 -22.03
C GLY L 347 -33.17 77.30 -21.48
N GLY L 348 -33.95 77.09 -20.42
CA GLY L 348 -34.13 75.76 -19.86
C GLY L 348 -33.64 75.62 -18.42
N SER L 349 -34.38 74.87 -17.62
CA SER L 349 -34.01 74.54 -16.27
C SER L 349 -33.01 73.37 -16.27
N GLU L 350 -32.55 72.98 -15.07
CA GLU L 350 -31.58 71.90 -14.98
C GLU L 350 -32.23 70.54 -15.23
N ALA L 351 -33.52 70.42 -14.94
CA ALA L 351 -34.20 69.15 -15.12
C ALA L 351 -34.05 68.62 -16.55
N GLU L 352 -34.34 69.46 -17.53
CA GLU L 352 -34.27 69.02 -18.92
C GLU L 352 -32.84 69.00 -19.47
N LYS L 353 -31.97 69.87 -18.96
CA LYS L 353 -30.55 69.77 -19.29
C LYS L 353 -30.02 68.38 -18.95
N ALA L 354 -30.33 67.90 -17.76
CA ALA L 354 -29.78 66.63 -17.29
C ALA L 354 -30.16 65.48 -18.21
N ILE L 355 -31.37 65.51 -18.76
CA ILE L 355 -31.84 64.38 -19.56
C ILE L 355 -31.53 64.54 -21.04
N VAL L 356 -31.45 65.78 -21.54
CA VAL L 356 -30.98 65.95 -22.91
C VAL L 356 -29.50 65.59 -23.01
N THR L 357 -28.73 65.85 -21.94
CA THR L 357 -27.36 65.36 -21.89
C THR L 357 -27.29 63.85 -22.10
N LEU L 358 -28.23 63.11 -21.51
CA LEU L 358 -28.24 61.66 -21.68
C LEU L 358 -28.71 61.27 -23.08
N LYS L 359 -29.77 61.93 -23.56
CA LYS L 359 -30.22 61.69 -24.93
C LYS L 359 -29.09 61.82 -25.92
N ASN L 360 -28.20 62.80 -25.71
CA ASN L 360 -27.05 63.01 -26.59
C ASN L 360 -25.84 62.31 -26.00
N MET L 361 -25.57 61.10 -26.50
CA MET L 361 -24.43 60.30 -26.07
C MET L 361 -23.96 59.48 -27.26
N ALA L 362 -23.00 58.58 -27.01
CA ALA L 362 -22.51 57.68 -28.05
C ALA L 362 -22.30 56.27 -27.51
N PHE L 363 -23.02 55.92 -26.46
CA PHE L 363 -23.00 54.56 -25.90
C PHE L 363 -24.36 53.92 -26.10
N ASN L 364 -24.35 52.64 -26.50
CA ASN L 364 -25.57 51.89 -26.71
C ASN L 364 -26.21 51.39 -25.42
N GLN L 365 -25.68 51.79 -24.26
CA GLN L 365 -26.19 51.37 -22.96
C GLN L 365 -27.13 52.40 -22.37
N VAL L 366 -27.83 53.16 -23.21
CA VAL L 366 -28.78 54.18 -22.74
C VAL L 366 -29.92 54.24 -23.74
N THR L 367 -31.14 54.15 -23.24
CA THR L 367 -32.35 54.21 -24.06
C THR L 367 -33.32 55.17 -23.41
N VAL L 368 -34.01 55.96 -24.24
CA VAL L 368 -34.90 57.00 -23.75
C VAL L 368 -36.20 56.94 -24.53
N VAL L 369 -37.33 56.99 -23.81
CA VAL L 369 -38.66 56.87 -24.39
C VAL L 369 -39.41 58.17 -24.14
N GLY L 370 -40.15 58.62 -25.15
CA GLY L 370 -41.05 59.75 -25.01
C GLY L 370 -42.38 59.49 -25.68
N GLY L 371 -43.19 60.53 -25.85
CA GLY L 371 -44.39 60.42 -26.64
C GLY L 371 -45.69 60.70 -25.89
N GLY L 372 -45.62 61.51 -24.85
CA GLY L 372 -46.84 61.89 -24.15
C GLY L 372 -47.39 60.74 -23.32
N SER L 373 -48.67 60.41 -23.56
CA SER L 373 -49.41 59.47 -22.74
C SER L 373 -49.13 58.01 -23.07
N LYS L 374 -48.06 57.73 -23.81
CA LYS L 374 -47.61 56.35 -24.02
C LYS L 374 -46.26 56.10 -23.36
N ALA L 375 -45.87 56.98 -22.44
CA ALA L 375 -44.72 56.77 -21.56
C ALA L 375 -45.15 56.67 -20.11
N TYR L 376 -46.45 56.43 -19.87
CA TYR L 376 -46.98 56.37 -18.53
C TYR L 376 -46.75 54.99 -17.92
N PHE L 377 -47.32 54.78 -16.73
CA PHE L 377 -47.06 53.57 -15.96
C PHE L 377 -47.83 52.38 -16.53
N ASN L 378 -49.10 52.60 -16.91
CA ASN L 378 -49.90 51.51 -17.45
C ASN L 378 -49.34 51.01 -18.78
N SER L 379 -48.76 51.91 -19.59
CA SER L 379 -48.09 51.48 -20.80
C SER L 379 -46.76 50.79 -20.48
N PHE L 380 -46.04 51.32 -19.50
CA PHE L 380 -44.78 50.69 -19.09
C PHE L 380 -44.98 49.22 -18.73
N VAL L 381 -45.99 48.93 -17.92
CA VAL L 381 -46.18 47.55 -17.47
C VAL L 381 -46.43 46.62 -18.65
N GLU L 382 -47.25 47.04 -19.61
CA GLU L 382 -47.63 46.18 -20.72
C GLU L 382 -46.48 45.87 -21.67
N HIS L 383 -45.32 46.51 -21.50
CA HIS L 383 -44.16 46.21 -22.32
C HIS L 383 -43.29 45.11 -21.74
N LEU L 384 -43.59 44.65 -20.53
CA LEU L 384 -42.81 43.57 -19.94
C LEU L 384 -43.37 42.21 -20.35
N PRO L 385 -42.52 41.21 -20.54
CA PRO L 385 -42.97 39.94 -21.09
C PRO L 385 -43.38 38.91 -20.05
N TYR L 386 -44.42 38.15 -20.39
CA TYR L 386 -44.69 36.90 -19.69
C TYR L 386 -43.67 35.86 -20.12
N PRO L 387 -43.35 34.90 -19.26
CA PRO L 387 -42.41 33.84 -19.63
C PRO L 387 -43.10 32.72 -20.40
N VAL L 388 -42.29 31.82 -20.93
CA VAL L 388 -42.75 30.65 -21.68
C VAL L 388 -42.41 29.43 -20.85
N LEU L 389 -43.44 28.79 -20.30
CA LEU L 389 -43.23 27.70 -19.35
C LEU L 389 -42.50 26.54 -20.00
N PHE L 390 -43.03 26.04 -21.12
CA PHE L 390 -42.44 24.93 -21.84
C PHE L 390 -41.82 25.47 -23.13
N PRO L 391 -40.52 25.72 -23.16
CA PRO L 391 -39.93 26.41 -24.31
C PRO L 391 -39.83 25.48 -25.51
N ARG L 392 -40.59 25.79 -26.55
CA ARG L 392 -40.48 25.02 -27.77
C ARG L 392 -39.07 25.16 -28.35
N ASP L 393 -38.46 24.02 -28.64
CA ASP L 393 -37.31 24.07 -29.54
C ASP L 393 -37.75 24.56 -30.91
N ASN L 394 -38.99 24.26 -31.30
CA ASN L 394 -39.77 24.90 -32.36
C ASN L 394 -39.16 24.69 -33.75
N ILE L 395 -38.21 23.77 -33.89
CA ILE L 395 -37.65 23.50 -35.21
C ILE L 395 -38.74 23.05 -36.16
N VAL L 396 -39.58 22.09 -35.75
CA VAL L 396 -40.65 21.60 -36.61
C VAL L 396 -41.74 22.66 -36.74
N ASP L 397 -41.95 23.46 -35.69
CA ASP L 397 -43.00 24.48 -35.75
C ASP L 397 -42.80 25.40 -36.95
N GLU L 398 -41.59 25.94 -37.09
CA GLU L 398 -41.33 26.85 -38.20
C GLU L 398 -41.06 26.08 -39.50
N LEU L 399 -40.39 24.92 -39.40
CA LEU L 399 -40.15 24.09 -40.58
C LEU L 399 -41.45 23.80 -41.31
N VAL L 400 -42.50 23.44 -40.58
CA VAL L 400 -43.75 23.01 -41.20
C VAL L 400 -44.40 24.13 -41.99
N GLU L 401 -44.39 25.35 -41.43
CA GLU L 401 -45.01 26.46 -42.15
C GLU L 401 -44.12 26.99 -43.27
N ALA L 402 -42.80 26.77 -43.16
CA ALA L 402 -41.90 27.27 -44.19
C ALA L 402 -42.23 26.69 -45.56
N ILE L 403 -42.47 25.37 -45.61
CA ILE L 403 -42.77 24.70 -46.87
C ILE L 403 -44.13 25.14 -47.42
N ALA L 404 -45.09 25.42 -46.54
CA ALA L 404 -46.48 25.57 -46.98
C ALA L 404 -46.67 26.81 -47.86
N ASN L 405 -45.81 27.81 -47.69
CA ASN L 405 -46.10 29.15 -48.22
C ASN L 405 -46.47 29.14 -49.70
N LEU L 406 -45.67 28.47 -50.54
CA LEU L 406 -45.79 28.68 -51.98
C LEU L 406 -47.14 28.18 -52.52
N SER L 407 -47.59 27.02 -52.06
CA SER L 407 -48.78 26.40 -52.66
C SER L 407 -50.00 27.32 -52.57
N LYS L 408 -50.03 28.22 -51.59
CA LYS L 408 -51.14 29.15 -51.44
C LYS L 408 -51.45 29.88 -52.74
N LEU M 3 8.60 55.52 -6.82
CA LEU M 3 9.94 55.80 -6.32
C LEU M 3 10.13 55.22 -4.92
N PHE M 4 9.06 54.63 -4.38
CA PHE M 4 9.10 54.09 -3.02
C PHE M 4 10.01 52.87 -2.97
N LYS M 5 10.98 52.90 -2.06
CA LYS M 5 11.95 51.82 -1.90
C LYS M 5 11.49 50.91 -0.75
N LEU M 6 10.52 50.06 -1.06
CA LEU M 6 10.00 49.15 -0.06
C LEU M 6 10.97 48.00 0.23
N THR M 7 11.88 47.71 -0.69
CA THR M 7 12.83 46.62 -0.51
C THR M 7 14.10 46.91 -1.30
N GLU M 8 15.24 46.59 -0.70
CA GLU M 8 16.55 46.68 -1.34
C GLU M 8 17.02 45.32 -1.85
N ILE M 9 16.08 44.50 -2.32
CA ILE M 9 16.36 43.09 -2.61
C ILE M 9 15.42 42.63 -3.71
N SER M 10 15.95 41.85 -4.64
CA SER M 10 15.16 41.26 -5.70
C SER M 10 14.51 39.96 -5.23
N ALA M 11 13.50 39.52 -5.97
CA ALA M 11 12.72 38.35 -5.59
C ALA M 11 13.19 37.12 -6.35
N ILE M 12 12.63 35.96 -5.96
CA ILE M 12 13.06 34.67 -6.48
C ILE M 12 11.87 33.84 -6.94
N GLY M 13 10.66 34.25 -6.55
CA GLY M 13 9.49 33.45 -6.83
C GLY M 13 8.32 33.90 -5.98
N TYR M 14 7.32 33.02 -5.88
CA TYR M 14 6.10 33.35 -5.17
C TYR M 14 5.38 32.07 -4.77
N VAL M 15 4.81 32.08 -3.56
CA VAL M 15 4.12 30.91 -3.04
C VAL M 15 2.85 30.64 -3.85
N VAL M 16 2.52 29.35 -4.00
CA VAL M 16 1.28 28.93 -4.63
C VAL M 16 0.56 27.85 -3.84
N GLY M 17 1.07 27.44 -2.69
CA GLY M 17 0.49 26.32 -1.98
C GLY M 17 0.92 26.21 -0.53
N LEU M 18 0.04 25.66 0.31
CA LEU M 18 0.33 25.51 1.73
C LEU M 18 -0.37 24.26 2.23
N GLU M 19 0.40 23.26 2.63
CA GLU M 19 -0.13 22.04 3.22
C GLU M 19 0.72 21.67 4.43
N GLY M 20 0.07 21.51 5.58
CA GLY M 20 0.77 21.21 6.81
C GLY M 20 1.90 22.20 7.08
N GLU M 21 3.12 21.69 7.13
CA GLU M 21 4.29 22.52 7.39
C GLU M 21 5.32 22.44 6.25
N ARG M 22 4.89 22.03 5.07
CA ARG M 22 5.77 21.98 3.89
C ARG M 22 5.26 22.99 2.87
N ILE M 23 6.14 23.90 2.47
CA ILE M 23 5.78 25.04 1.63
C ILE M 23 6.20 24.74 0.19
N ARG M 24 5.34 25.11 -0.75
CA ARG M 24 5.52 24.85 -2.17
C ARG M 24 5.71 26.17 -2.90
N ILE M 25 6.77 26.26 -3.71
CA ILE M 25 7.14 27.50 -4.37
C ILE M 25 7.32 27.26 -5.86
N ASN M 26 6.84 28.21 -6.66
CA ASN M 26 7.14 28.31 -8.09
C ASN M 26 8.13 29.44 -8.31
N LEU M 27 8.78 29.41 -9.47
CA LEU M 27 9.90 30.29 -9.78
C LEU M 27 9.54 31.20 -10.95
N HIS M 28 10.47 32.11 -11.27
CA HIS M 28 10.34 32.99 -12.41
C HIS M 28 10.95 32.31 -13.64
N GLU M 29 11.17 33.06 -14.71
CA GLU M 29 11.43 32.50 -16.02
C GLU M 29 12.91 32.43 -16.36
N GLY M 30 13.61 33.57 -16.36
CA GLY M 30 15.00 33.58 -16.80
C GLY M 30 15.95 32.81 -15.92
N LEU M 31 15.55 32.48 -14.69
CA LEU M 31 16.46 32.01 -13.67
C LEU M 31 16.77 30.52 -13.88
N GLN M 32 18.03 30.21 -14.17
CA GLN M 32 18.50 28.82 -14.27
C GLN M 32 19.61 28.48 -13.30
N GLY M 33 20.68 29.28 -13.27
CA GLY M 33 21.97 28.82 -12.78
C GLY M 33 22.28 28.92 -11.30
N ARG M 34 21.30 28.68 -10.44
CA ARG M 34 21.42 28.53 -8.99
C ARG M 34 21.68 29.83 -8.27
N LEU M 35 21.95 30.94 -8.97
CA LEU M 35 22.57 32.10 -8.36
C LEU M 35 21.68 33.32 -8.44
N ALA M 36 21.76 34.14 -7.41
CA ALA M 36 21.12 35.45 -7.37
C ALA M 36 22.13 36.47 -6.88
N SER M 37 21.85 37.74 -7.15
CA SER M 37 22.76 38.84 -6.87
C SER M 37 22.08 39.88 -5.99
N HIS M 38 22.91 40.64 -5.28
CA HIS M 38 22.43 41.74 -4.44
C HIS M 38 23.62 42.62 -4.08
N ARG M 39 23.34 43.68 -3.33
CA ARG M 39 24.34 44.72 -3.08
C ARG M 39 25.64 44.15 -2.52
N LYS M 40 25.56 43.05 -1.77
CA LYS M 40 26.76 42.50 -1.14
C LYS M 40 27.47 41.47 -2.00
N GLY M 41 26.79 40.85 -2.95
CA GLY M 41 27.43 39.87 -3.81
C GLY M 41 26.49 38.88 -4.45
N VAL M 42 26.83 37.60 -4.37
CA VAL M 42 26.15 36.52 -5.08
C VAL M 42 25.87 35.40 -4.10
N SER M 43 24.72 34.74 -4.27
CA SER M 43 24.29 33.69 -3.35
C SER M 43 23.61 32.57 -4.11
N SER M 44 23.80 31.34 -3.62
CA SER M 44 23.16 30.16 -4.19
C SER M 44 21.84 29.89 -3.48
N VAL M 45 20.83 29.48 -4.26
CA VAL M 45 19.46 29.52 -3.76
C VAL M 45 18.66 28.24 -4.03
N THR M 46 19.19 27.32 -4.84
CA THR M 46 18.36 26.25 -5.39
C THR M 46 18.63 24.86 -4.84
N GLN M 47 19.78 24.60 -4.25
CA GLN M 47 20.09 23.22 -3.93
C GLN M 47 19.52 22.81 -2.57
N PRO M 48 19.27 21.52 -2.38
CA PRO M 48 18.84 21.06 -1.05
C PRO M 48 19.92 21.28 -0.01
N GLY M 49 19.49 21.59 1.20
CA GLY M 49 20.39 21.97 2.26
C GLY M 49 20.66 23.46 2.35
N ASP M 50 20.04 24.27 1.51
CA ASP M 50 20.20 25.71 1.51
C ASP M 50 19.05 26.38 2.27
N LEU M 51 19.28 27.64 2.61
CA LEU M 51 18.34 28.43 3.40
C LEU M 51 17.70 29.49 2.52
N ILE M 52 16.43 29.78 2.81
CA ILE M 52 15.62 30.69 2.02
C ILE M 52 14.76 31.51 2.98
N GLY M 53 14.35 32.68 2.53
CA GLY M 53 13.62 33.60 3.39
C GLY M 53 12.38 34.15 2.71
N PHE M 54 11.32 34.31 3.50
CA PHE M 54 10.09 34.94 3.07
C PHE M 54 9.85 36.21 3.88
N ASP M 55 9.43 37.27 3.19
CA ASP M 55 9.06 38.52 3.84
C ASP M 55 7.58 38.48 4.18
N ALA M 56 7.26 38.60 5.47
CA ALA M 56 5.89 38.53 5.96
C ALA M 56 5.63 39.73 6.85
N GLY M 57 5.22 40.84 6.24
CA GLY M 57 4.93 42.05 6.97
C GLY M 57 6.15 42.64 7.65
N ASN M 58 6.20 42.54 8.97
CA ASN M 58 7.23 43.16 9.78
C ASN M 58 8.28 42.17 10.27
N ILE M 59 8.28 40.94 9.76
CA ILE M 59 9.23 39.91 10.17
C ILE M 59 9.73 39.18 8.93
N LEU M 60 10.56 38.17 9.16
CA LEU M 60 11.18 37.39 8.10
C LEU M 60 11.18 35.93 8.52
N VAL M 61 10.49 35.09 7.76
CA VAL M 61 10.42 33.66 8.04
C VAL M 61 11.55 32.95 7.32
N VAL M 62 12.16 32.00 8.01
CA VAL M 62 13.34 31.29 7.52
C VAL M 62 12.96 29.85 7.25
N ALA M 63 13.46 29.30 6.14
CA ALA M 63 13.12 27.95 5.74
C ALA M 63 14.33 27.28 5.11
N ARG M 64 14.27 25.96 5.02
CA ARG M 64 15.32 25.13 4.47
C ARG M 64 14.75 24.32 3.32
N VAL M 65 15.53 24.21 2.23
CA VAL M 65 15.06 23.55 1.02
C VAL M 65 15.18 22.04 1.17
N THR M 66 14.23 21.31 0.58
CA THR M 66 14.27 19.85 0.59
C THR M 66 14.28 19.25 -0.81
N ASP M 67 13.40 19.71 -1.69
CA ASP M 67 13.21 19.10 -3.00
C ASP M 67 13.37 20.14 -4.10
N MET M 68 13.33 19.66 -5.34
CA MET M 68 13.53 20.46 -6.53
C MET M 68 13.08 19.65 -7.74
N ALA M 69 12.17 20.16 -8.55
CA ALA M 69 11.65 19.32 -9.63
C ALA M 69 10.99 20.16 -10.71
N PHE M 70 10.60 19.49 -11.79
CA PHE M 70 9.80 20.08 -12.86
C PHE M 70 8.33 19.91 -12.52
N VAL M 71 7.58 21.01 -12.47
CA VAL M 71 6.15 21.00 -12.18
C VAL M 71 5.78 19.94 -11.15
N ILE M 89 10.19 25.71 -22.51
CA ILE M 89 10.72 26.06 -21.20
C ILE M 89 9.72 25.66 -20.11
N PRO M 90 9.93 24.47 -19.51
CA PRO M 90 8.95 23.98 -18.53
C PRO M 90 8.98 24.74 -17.21
N LEU M 91 8.21 24.26 -16.24
CA LEU M 91 7.93 24.98 -15.00
C LEU M 91 8.57 24.24 -13.82
N ARG M 92 9.36 24.97 -13.04
CA ARG M 92 10.08 24.41 -11.90
C ARG M 92 9.27 24.58 -10.61
N GLN M 93 9.67 23.81 -9.60
CA GLN M 93 8.95 23.82 -8.33
C GLN M 93 9.89 23.37 -7.20
N ILE M 94 9.63 23.91 -6.00
CA ILE M 94 10.49 23.74 -4.84
C ILE M 94 9.63 23.46 -3.61
N ILE M 95 10.25 22.78 -2.64
CA ILE M 95 9.62 22.43 -1.38
C ILE M 95 10.55 22.83 -0.24
N ALA M 96 9.97 23.37 0.83
CA ALA M 96 10.76 23.92 1.93
C ALA M 96 10.06 23.69 3.26
N TYR M 97 10.84 23.80 4.34
CA TYR M 97 10.35 23.64 5.71
C TYR M 97 10.83 24.80 6.58
N ALA M 98 9.92 25.35 7.39
CA ALA M 98 10.23 26.51 8.22
C ALA M 98 10.99 26.12 9.48
N ILE M 99 11.88 27.02 9.92
CA ILE M 99 12.65 26.77 11.14
C ILE M 99 12.69 27.97 12.10
N GLY M 100 11.89 28.99 11.85
CA GLY M 100 11.85 30.14 12.74
C GLY M 100 11.63 31.44 12.00
N PHE M 101 11.90 32.54 12.71
CA PHE M 101 11.69 33.88 12.17
C PHE M 101 12.64 34.86 12.84
N VAL M 102 12.87 35.99 12.17
CA VAL M 102 13.77 37.05 12.62
C VAL M 102 12.94 38.27 13.01
N LYS M 103 13.50 39.10 13.89
CA LYS M 103 12.79 40.24 14.44
C LYS M 103 13.73 41.45 14.49
N ARG M 104 13.22 42.55 15.05
CA ARG M 104 13.98 43.78 15.25
C ARG M 104 13.36 44.50 16.44
N GLU M 105 14.11 44.66 17.52
CA GLU M 105 13.51 45.07 18.80
C GLU M 105 13.90 46.48 19.23
N LEU M 106 15.17 46.76 19.49
CA LEU M 106 15.57 48.06 20.02
C LEU M 106 16.55 48.80 19.12
N ASN M 107 17.71 48.19 18.82
CA ASN M 107 18.66 48.76 17.88
C ASN M 107 19.30 47.69 17.01
N GLY M 108 18.90 46.42 17.16
CA GLY M 108 19.44 45.35 16.36
C GLY M 108 18.41 44.27 16.12
N TYR M 109 18.87 43.05 15.86
CA TYR M 109 18.01 41.92 15.56
C TYR M 109 18.18 40.83 16.60
N VAL M 110 17.27 39.86 16.54
CA VAL M 110 17.32 38.67 17.39
C VAL M 110 16.63 37.54 16.64
N PHE M 111 17.15 36.33 16.82
CA PHE M 111 16.64 35.16 16.12
C PHE M 111 15.94 34.25 17.12
N ILE M 112 14.64 34.10 16.96
CA ILE M 112 13.86 33.16 17.75
C ILE M 112 13.79 31.84 16.99
N SER M 113 13.69 30.74 17.72
CA SER M 113 13.68 29.40 17.14
C SER M 113 12.40 28.69 17.57
N GLU M 114 11.33 28.94 16.82
CA GLU M 114 10.06 28.26 17.01
C GLU M 114 9.39 28.14 15.65
N ASP M 115 8.96 26.94 15.31
CA ASP M 115 8.67 26.57 13.91
C ASP M 115 7.21 26.76 13.54
N TRP M 116 6.65 27.96 13.78
CA TRP M 116 5.26 28.19 13.39
C TRP M 116 5.07 29.68 13.08
N ARG M 117 5.31 30.06 11.83
CA ARG M 117 4.78 31.32 11.32
C ARG M 117 4.49 31.23 9.82
N LEU M 118 3.86 30.14 9.39
CA LEU M 118 3.63 29.88 7.98
C LEU M 118 3.22 31.14 7.22
N PRO M 119 3.81 31.43 6.05
CA PRO M 119 3.47 32.66 5.34
C PRO M 119 2.17 32.56 4.57
N ALA M 120 1.86 33.59 3.78
CA ALA M 120 0.61 33.69 3.05
C ALA M 120 0.87 33.64 1.54
N LEU M 121 -0.19 33.30 0.80
CA LEU M 121 -0.09 33.20 -0.64
C LEU M 121 0.36 34.53 -1.24
N GLY M 122 0.71 34.47 -2.53
CA GLY M 122 1.12 35.66 -3.26
C GLY M 122 2.29 36.38 -2.64
N SER M 123 3.02 35.70 -1.76
CA SER M 123 4.17 36.30 -1.09
C SER M 123 5.34 36.32 -2.06
N SER M 124 6.52 36.67 -1.55
CA SER M 124 7.73 36.74 -2.37
C SER M 124 8.89 36.15 -1.59
N ALA M 125 9.53 35.13 -2.16
CA ALA M 125 10.68 34.50 -1.55
C ALA M 125 11.96 35.20 -1.98
N VAL M 126 12.91 35.29 -1.06
CA VAL M 126 14.15 36.02 -1.31
C VAL M 126 15.32 35.24 -0.73
N PRO M 127 16.53 35.56 -1.16
CA PRO M 127 17.71 34.91 -0.59
C PRO M 127 18.19 35.61 0.68
N LEU M 128 19.13 34.95 1.36
CA LEU M 128 19.73 35.47 2.58
C LEU M 128 21.15 35.90 2.30
N THR M 129 21.48 37.14 2.68
CA THR M 129 22.82 37.67 2.50
C THR M 129 23.72 37.21 3.63
N SER M 130 24.93 37.74 3.70
CA SER M 130 25.90 37.38 4.72
C SER M 130 25.76 38.20 5.99
N ASP M 131 24.68 38.97 6.12
CA ASP M 131 24.41 39.74 7.32
C ASP M 131 23.21 39.25 8.10
N PHE M 132 22.26 38.59 7.44
CA PHE M 132 21.18 37.88 8.10
C PHE M 132 21.59 36.47 8.50
N LEU M 133 22.87 36.14 8.35
CA LEU M 133 23.41 34.83 8.68
C LEU M 133 24.22 34.84 9.97
N ASN M 134 24.96 35.91 10.24
CA ASN M 134 25.60 36.07 11.54
C ASN M 134 24.55 36.14 12.65
N ILE M 135 23.48 36.90 12.42
CA ILE M 135 22.41 36.98 13.40
C ILE M 135 21.91 35.59 13.78
N ILE M 136 21.89 34.67 12.81
CA ILE M 136 21.45 33.31 13.07
C ILE M 136 22.53 32.55 13.84
N TYR M 137 23.75 32.53 13.30
CA TYR M 137 24.86 31.82 13.95
C TYR M 137 25.67 32.76 14.84
N SER M 138 24.99 33.47 15.73
CA SER M 138 25.65 34.35 16.68
C SER M 138 24.97 34.23 18.03
N ILE M 139 25.62 34.79 19.05
CA ILE M 139 25.14 34.76 20.43
C ILE M 139 24.81 36.17 20.88
N ASP M 140 24.35 36.30 22.12
CA ASP M 140 24.20 37.62 22.74
C ASP M 140 25.52 38.37 22.66
N LYS M 141 25.49 39.68 22.80
CA LYS M 141 26.70 40.50 22.71
C LYS M 141 27.13 41.06 24.06
N GLU M 142 26.49 40.64 25.14
CA GLU M 142 27.00 40.90 26.48
C GLU M 142 27.91 39.78 26.96
N GLU M 143 27.89 38.63 26.31
CA GLU M 143 28.69 37.48 26.68
C GLU M 143 30.00 37.40 25.92
N LEU M 144 30.23 38.32 24.98
CA LEU M 144 31.49 38.32 24.24
C LEU M 144 32.72 38.24 25.14
N PRO M 145 32.75 38.86 26.32
CA PRO M 145 33.91 38.66 27.21
C PRO M 145 34.09 37.21 27.63
N LYS M 146 33.05 36.38 27.51
CA LYS M 146 33.09 34.98 27.90
C LYS M 146 32.94 34.06 26.70
N ALA M 147 33.59 34.41 25.58
CA ALA M 147 33.41 33.71 24.32
C ALA M 147 34.75 33.28 23.76
N VAL M 148 34.76 32.13 23.09
CA VAL M 148 35.94 31.58 22.45
C VAL M 148 35.60 31.22 21.01
N GLU M 149 36.60 31.32 20.14
CA GLU M 149 36.44 31.07 18.72
C GLU M 149 36.88 29.64 18.41
N LEU M 150 36.03 28.91 17.70
CA LEU M 150 36.29 27.53 17.32
C LEU M 150 36.57 27.35 15.83
N GLY M 151 35.74 27.94 14.98
CA GLY M 151 35.93 27.81 13.55
C GLY M 151 34.98 28.66 12.73
N VAL M 152 34.59 28.15 11.57
CA VAL M 152 33.71 28.86 10.63
C VAL M 152 32.66 27.88 10.11
N ASP M 153 31.73 28.42 9.34
CA ASP M 153 30.77 27.59 8.63
C ASP M 153 31.46 26.86 7.48
N SER M 154 31.03 25.63 7.23
CA SER M 154 31.69 24.79 6.24
C SER M 154 31.07 24.88 4.86
N ARG M 155 29.79 25.26 4.75
CA ARG M 155 29.16 25.39 3.45
C ARG M 155 29.60 26.64 2.73
N THR M 156 29.92 27.71 3.46
CA THR M 156 30.27 29.00 2.88
C THR M 156 31.65 29.49 3.28
N LYS M 157 32.08 29.25 4.52
CA LYS M 157 33.41 29.62 4.99
C LYS M 157 33.55 31.13 5.15
N THR M 158 32.48 31.79 5.60
CA THR M 158 32.48 33.22 5.84
C THR M 158 32.27 33.57 7.30
N VAL M 159 31.29 32.94 7.95
CA VAL M 159 30.92 33.28 9.31
C VAL M 159 31.86 32.62 10.30
N LYS M 160 31.99 33.22 11.48
CA LYS M 160 32.77 32.67 12.59
C LYS M 160 31.83 32.29 13.73
N ILE M 161 32.23 31.26 14.48
CA ILE M 161 31.40 30.66 15.50
C ILE M 161 32.03 30.92 16.87
N PHE M 162 31.22 31.40 17.81
CA PHE M 162 31.64 31.68 19.17
C PHE M 162 30.73 30.95 20.15
N ALA M 163 31.28 30.59 21.31
CA ALA M 163 30.53 29.85 22.32
C ALA M 163 30.87 30.37 23.71
N SER M 164 29.92 30.21 24.63
CA SER M 164 30.04 30.73 25.98
C SER M 164 30.70 29.70 26.90
N VAL M 165 31.75 30.12 27.59
CA VAL M 165 32.52 29.19 28.43
C VAL M 165 31.67 28.67 29.59
N ASP M 166 30.88 29.54 30.22
CA ASP M 166 30.10 29.13 31.37
C ASP M 166 28.86 28.34 30.99
N LYS M 167 28.56 28.22 29.71
CA LYS M 167 27.54 27.30 29.23
C LYS M 167 28.13 26.00 28.70
N LEU M 168 29.38 26.04 28.21
CA LEU M 168 30.07 24.81 27.85
C LEU M 168 30.46 24.03 29.10
N LEU M 169 31.31 24.63 29.94
CA LEU M 169 31.85 23.94 31.12
C LEU M 169 30.99 24.18 32.35
N SER M 170 29.69 23.96 32.25
CA SER M 170 28.81 23.92 33.40
C SER M 170 28.46 22.48 33.78
N ARG M 171 27.86 21.74 32.84
CA ARG M 171 27.73 20.29 32.95
C ARG M 171 28.89 19.66 32.17
N HIS M 172 28.80 18.35 31.93
CA HIS M 172 29.87 17.63 31.24
C HIS M 172 29.72 17.76 29.73
N LEU M 173 30.77 17.34 29.01
CA LEU M 173 30.85 17.52 27.57
C LEU M 173 31.34 16.25 26.91
N ALA M 174 30.72 15.89 25.78
CA ALA M 174 31.03 14.67 25.05
C ALA M 174 31.71 15.00 23.73
N VAL M 175 32.84 14.34 23.49
CA VAL M 175 33.58 14.43 22.23
C VAL M 175 33.68 13.03 21.66
N LEU M 176 33.08 12.82 20.49
CA LEU M 176 33.01 11.49 19.89
C LEU M 176 33.57 11.53 18.49
N GLY M 177 34.26 10.45 18.12
CA GLY M 177 34.84 10.39 16.79
C GLY M 177 35.78 9.24 16.53
N SER M 178 35.77 8.76 15.28
CA SER M 178 36.61 7.67 14.86
C SER M 178 38.08 8.11 14.80
N THR M 179 38.94 7.19 14.38
CA THR M 179 40.38 7.40 14.41
C THR M 179 40.86 8.20 13.20
N GLY M 180 41.75 9.16 13.44
CA GLY M 180 42.34 9.91 12.36
C GLY M 180 41.53 11.06 11.84
N TYR M 181 40.62 11.61 12.65
CA TYR M 181 39.73 12.66 12.19
C TYR M 181 39.68 13.91 13.05
N GLY M 182 40.40 13.96 14.18
CA GLY M 182 40.60 15.21 14.88
C GLY M 182 40.07 15.31 16.30
N LYS M 183 40.05 14.20 17.04
CA LYS M 183 39.61 14.28 18.43
C LYS M 183 40.65 14.96 19.32
N SER M 184 41.93 14.83 18.99
CA SER M 184 43.00 15.38 19.81
C SER M 184 43.45 16.76 19.39
N ASN M 185 42.99 17.24 18.23
CA ASN M 185 43.28 18.60 17.80
C ASN M 185 42.22 19.60 18.25
N PHE M 186 41.12 19.13 18.84
CA PHE M 186 40.11 19.99 19.43
C PHE M 186 40.30 20.15 20.93
N ASN M 187 40.96 19.20 21.59
CA ASN M 187 41.25 19.34 23.02
C ASN M 187 42.40 20.31 23.25
N ALA M 188 43.47 20.17 22.48
CA ALA M 188 44.58 21.10 22.55
C ALA M 188 44.23 22.50 22.07
N LEU M 189 42.99 22.71 21.65
CA LEU M 189 42.48 24.03 21.26
C LEU M 189 41.47 24.58 22.25
N LEU M 190 40.61 23.72 22.79
CA LEU M 190 39.68 24.11 23.84
C LEU M 190 40.37 24.27 25.20
N THR M 191 41.58 23.72 25.37
CA THR M 191 42.25 23.79 26.67
C THR M 191 43.30 24.88 26.75
N ARG M 192 44.00 25.21 25.66
CA ARG M 192 44.97 26.29 25.68
C ARG M 192 44.34 27.64 25.43
N LYS M 193 43.05 27.78 25.69
CA LYS M 193 42.31 29.03 25.56
C LYS M 193 41.73 29.48 26.90
N VAL M 194 41.12 28.55 27.63
CA VAL M 194 40.67 28.87 28.99
C VAL M 194 41.87 29.23 29.86
N SER M 195 43.05 28.69 29.55
CA SER M 195 44.24 29.04 30.33
C SER M 195 44.72 30.45 30.02
N GLU M 196 44.68 30.85 28.75
CA GLU M 196 45.04 32.21 28.36
C GLU M 196 43.97 33.23 28.72
N LYS M 197 42.77 32.79 29.11
CA LYS M 197 41.70 33.71 29.50
C LYS M 197 41.41 33.74 30.99
N TYR M 198 41.78 32.70 31.74
CA TYR M 198 41.45 32.60 33.17
C TYR M 198 42.58 31.89 33.89
N PRO M 199 43.71 32.58 34.10
CA PRO M 199 44.84 31.92 34.77
C PRO M 199 44.52 31.42 36.17
N ASN M 200 43.35 31.79 36.70
CA ASN M 200 42.85 31.23 37.95
C ASN M 200 41.85 30.12 37.60
N SER M 201 42.39 28.97 37.23
CA SER M 201 41.56 27.84 36.81
C SER M 201 42.35 26.55 37.02
N ARG M 202 41.63 25.49 37.37
CA ARG M 202 42.24 24.19 37.68
C ARG M 202 41.81 23.17 36.63
N ILE M 203 42.77 22.71 35.84
CA ILE M 203 42.53 21.70 34.82
C ILE M 203 43.48 20.54 35.06
N VAL M 204 43.00 19.32 34.85
CA VAL M 204 43.84 18.13 34.96
C VAL M 204 43.47 17.14 33.86
N ILE M 205 44.49 16.51 33.27
CA ILE M 205 44.35 15.72 32.05
C ILE M 205 44.89 14.32 32.29
N PHE M 206 44.17 13.32 31.79
CA PHE M 206 44.66 11.94 31.72
C PHE M 206 45.19 11.69 30.31
N ASP M 207 46.51 11.52 30.17
CA ASP M 207 47.16 11.40 28.87
C ASP M 207 47.67 9.96 28.71
N ILE M 208 46.91 9.14 28.00
CA ILE M 208 47.22 7.72 27.88
C ILE M 208 48.28 7.43 26.82
N ASN M 209 48.77 8.44 26.10
CA ASN M 209 49.67 8.20 24.98
C ASN M 209 50.89 9.11 24.94
N GLY M 210 50.98 10.14 25.77
CA GLY M 210 52.10 11.06 25.71
C GLY M 210 52.00 11.99 24.52
N GLU M 211 50.99 12.85 24.54
CA GLU M 211 50.68 13.71 23.40
C GLU M 211 50.57 15.18 23.82
N TYR M 212 50.16 15.43 25.05
CA TYR M 212 49.66 16.73 25.47
C TYR M 212 50.72 17.56 26.19
N ALA M 213 51.98 17.48 25.77
CA ALA M 213 53.04 18.29 26.35
C ALA M 213 53.53 19.39 25.42
N GLN M 214 53.77 19.07 24.15
CA GLN M 214 54.14 20.09 23.18
C GLN M 214 53.06 21.15 22.99
N ALA M 215 51.86 20.93 23.53
CA ALA M 215 50.77 21.89 23.37
C ALA M 215 50.92 23.07 24.31
N PHE M 216 51.25 22.81 25.57
CA PHE M 216 51.32 23.84 26.59
C PHE M 216 52.68 24.51 26.67
N THR M 217 53.45 24.50 25.58
CA THR M 217 54.75 25.15 25.56
C THR M 217 54.61 26.66 25.49
N GLY M 218 54.65 27.33 26.64
CA GLY M 218 54.59 28.77 26.69
C GLY M 218 53.80 29.32 27.86
N ILE M 219 53.08 28.45 28.56
CA ILE M 219 52.23 28.86 29.67
C ILE M 219 52.96 28.59 30.99
N PRO M 220 52.77 29.40 32.02
CA PRO M 220 53.35 29.10 33.33
C PRO M 220 52.39 28.31 34.21
N ASN M 221 52.94 27.82 35.32
CA ASN M 221 52.15 27.13 36.36
C ASN M 221 51.63 25.78 35.86
N VAL M 222 52.49 25.03 35.17
CA VAL M 222 52.14 23.72 34.64
C VAL M 222 53.16 22.69 35.13
N LYS M 223 52.69 21.47 35.40
CA LYS M 223 53.52 20.39 35.90
C LYS M 223 53.35 19.16 35.02
N HIS M 224 54.45 18.43 34.82
CA HIS M 224 54.48 17.24 33.96
C HIS M 224 54.90 16.05 34.80
N THR M 225 53.92 15.34 35.34
CA THR M 225 54.17 14.16 36.17
C THR M 225 54.17 12.91 35.28
N ILE M 226 55.32 12.24 35.20
CA ILE M 226 55.39 10.93 34.59
C ILE M 226 55.10 9.89 35.66
N LEU M 227 54.63 8.72 35.24
CA LEU M 227 54.16 7.68 36.14
C LEU M 227 54.90 6.39 35.79
N GLY M 228 55.79 5.98 36.68
CA GLY M 228 56.67 4.85 36.43
C GLY M 228 57.90 4.95 37.34
N GLU M 229 59.05 4.61 36.77
CA GLU M 229 60.31 4.65 37.51
C GLU M 229 61.41 5.14 36.59
N SER M 230 62.46 5.68 37.22
CA SER M 230 63.58 6.25 36.47
C SER M 230 64.33 5.16 35.71
N PRO M 231 64.44 5.24 34.38
CA PRO M 231 65.17 4.20 33.64
C PRO M 231 66.66 4.26 33.89
N ASN M 232 67.24 5.45 33.79
CA ASN M 232 68.66 5.62 34.05
C ASN M 232 68.92 5.81 35.54
N VAL M 233 70.06 5.30 35.99
CA VAL M 233 70.40 5.38 37.42
C VAL M 233 70.37 6.84 37.88
N ASP M 234 71.24 7.65 37.29
CA ASP M 234 71.30 9.08 37.60
C ASP M 234 70.71 9.87 36.45
N SER M 235 69.95 10.92 36.78
CA SER M 235 69.22 11.69 35.80
C SER M 235 69.38 13.16 36.12
N LEU M 236 68.60 14.01 35.44
CA LEU M 236 68.63 15.46 35.64
C LEU M 236 67.19 15.93 35.76
N GLU M 237 66.80 16.37 36.95
CA GLU M 237 65.46 16.86 37.23
C GLU M 237 65.54 18.25 37.85
N LYS M 238 64.53 19.07 37.57
CA LYS M 238 64.50 20.45 38.02
C LYS M 238 63.08 20.80 38.44
N LYS M 239 62.89 22.05 38.87
CA LYS M 239 61.59 22.59 39.18
C LYS M 239 61.51 24.01 38.66
N GLN M 240 60.33 24.62 38.75
CA GLN M 240 60.05 25.88 38.09
C GLN M 240 59.90 27.00 39.11
N GLN M 241 60.15 28.23 38.66
CA GLN M 241 60.26 29.38 39.56
C GLN M 241 58.93 30.14 39.66
N LYS M 242 57.89 29.40 40.03
CA LYS M 242 56.61 29.96 40.47
C LYS M 242 56.21 31.18 39.65
N GLY M 243 56.02 30.94 38.35
CA GLY M 243 55.54 31.99 37.46
C GLY M 243 56.35 32.11 36.19
N GLU M 244 57.23 31.15 35.94
CA GLU M 244 58.06 31.15 34.75
C GLU M 244 57.45 30.25 33.68
N LEU M 245 57.85 30.49 32.44
CA LEU M 245 57.30 29.76 31.32
C LEU M 245 57.67 28.28 31.41
N TYR M 246 57.13 27.49 30.48
CA TYR M 246 57.29 26.05 30.48
C TYR M 246 58.04 25.58 29.24
N SER M 247 58.55 24.36 29.32
CA SER M 247 59.25 23.72 28.22
C SER M 247 59.17 22.21 28.47
N GLU M 248 59.95 21.44 27.71
CA GLU M 248 59.84 19.98 27.69
C GLU M 248 61.06 19.30 28.30
N GLU M 249 61.54 19.82 29.42
CA GLU M 249 62.62 19.20 30.18
C GLU M 249 62.22 18.87 31.60
N TYR M 250 61.42 19.72 32.24
CA TYR M 250 60.97 19.47 33.61
C TYR M 250 60.00 18.29 33.64
N TYR M 251 60.22 17.36 34.56
CA TYR M 251 59.30 16.25 34.76
C TYR M 251 59.72 15.45 35.98
N CYS M 252 58.75 14.82 36.63
CA CYS M 252 58.97 14.03 37.83
C CYS M 252 58.35 12.66 37.68
N TYR M 253 59.05 11.65 38.18
CA TYR M 253 58.54 10.28 38.23
C TYR M 253 57.81 10.05 39.55
N LYS M 254 57.04 8.96 39.61
CA LYS M 254 56.30 8.65 40.82
C LYS M 254 55.76 7.23 40.75
N LYS M 255 55.33 6.73 41.91
CA LYS M 255 54.65 5.45 42.05
C LYS M 255 53.39 5.64 42.89
N ILE M 256 52.72 4.56 43.27
CA ILE M 256 51.54 4.62 44.12
C ILE M 256 51.67 3.60 45.24
N PRO M 257 51.40 3.96 46.50
CA PRO M 257 51.40 2.95 47.57
C PRO M 257 50.07 2.24 47.70
N TYR M 258 50.15 0.92 47.97
CA TYR M 258 48.96 0.08 47.96
C TYR M 258 47.95 0.47 49.03
N GLN M 259 48.38 1.07 50.13
CA GLN M 259 47.46 1.38 51.22
C GLN M 259 46.52 2.52 50.88
N ALA M 260 46.88 3.37 49.92
CA ALA M 260 46.03 4.48 49.54
C ALA M 260 44.66 4.04 49.05
N LEU M 261 44.52 2.78 48.64
CA LEU M 261 43.25 2.32 48.07
C LEU M 261 42.18 2.15 49.13
N GLY M 262 42.56 1.92 50.37
CA GLY M 262 41.62 1.86 51.47
C GLY M 262 41.25 0.45 51.87
N PHE M 263 40.33 0.38 52.83
CA PHE M 263 39.90 -0.90 53.38
C PHE M 263 39.00 -1.65 52.41
N ALA M 264 38.23 -0.93 51.58
CA ALA M 264 37.30 -1.54 50.65
C ALA M 264 37.83 -1.62 49.23
N GLY M 265 38.77 -0.75 48.87
CA GLY M 265 39.39 -0.87 47.56
C GLY M 265 40.07 -2.21 47.37
N LEU M 266 40.78 -2.69 48.39
CA LEU M 266 41.46 -3.96 48.32
C LEU M 266 40.52 -5.15 48.47
N ILE M 267 39.28 -4.92 48.89
CA ILE M 267 38.27 -5.99 48.88
C ILE M 267 37.54 -6.04 47.54
N LYS M 268 37.44 -4.93 46.83
CA LYS M 268 36.87 -4.96 45.49
C LYS M 268 37.90 -5.44 44.46
N LEU M 269 39.16 -5.06 44.63
CA LEU M 269 40.22 -5.49 43.73
C LEU M 269 40.32 -7.01 43.61
N LEU M 270 39.79 -7.76 44.58
CA LEU M 270 40.02 -9.20 44.66
C LEU M 270 38.75 -10.02 44.49
N ARG M 271 37.60 -9.40 44.30
CA ARG M 271 36.31 -10.04 44.04
C ARG M 271 36.15 -11.38 44.76
N PRO M 272 36.34 -11.42 46.08
CA PRO M 272 36.24 -12.70 46.78
C PRO M 272 34.80 -13.15 47.00
N SER M 273 34.63 -14.47 47.04
CA SER M 273 33.32 -15.03 47.36
C SER M 273 32.91 -14.63 48.77
N ASP M 274 31.61 -14.67 49.03
CA ASP M 274 31.02 -14.07 50.22
C ASP M 274 30.53 -15.10 51.23
N LYS M 275 31.15 -16.28 51.27
CA LYS M 275 30.84 -17.27 52.30
C LYS M 275 32.01 -17.54 53.24
N THR M 276 33.17 -17.95 52.70
CA THR M 276 34.30 -18.36 53.50
C THR M 276 35.55 -17.51 53.32
N GLN M 277 35.69 -16.81 52.21
CA GLN M 277 36.87 -15.97 51.99
C GLN M 277 36.71 -14.60 52.65
N LEU M 278 35.53 -14.00 52.51
CA LEU M 278 35.34 -12.62 52.97
C LEU M 278 35.67 -12.43 54.43
N PRO M 279 35.15 -13.24 55.37
CA PRO M 279 35.55 -13.07 56.78
C PRO M 279 37.06 -13.11 56.99
N ALA M 280 37.75 -14.03 56.32
CA ALA M 280 39.17 -14.20 56.55
C ALA M 280 39.96 -12.99 56.05
N LEU M 281 39.60 -12.47 54.87
CA LEU M 281 40.27 -11.27 54.38
C LEU M 281 39.96 -10.07 55.26
N ARG M 282 38.72 -9.96 55.73
CA ARG M 282 38.36 -8.88 56.64
C ARG M 282 39.22 -8.91 57.90
N ASN M 283 39.33 -10.09 58.52
CA ASN M 283 40.15 -10.22 59.72
C ASN M 283 41.62 -9.95 59.44
N ALA M 284 42.13 -10.46 58.32
CA ALA M 284 43.53 -10.23 57.97
C ALA M 284 43.81 -8.75 57.76
N LEU M 285 42.85 -8.00 57.21
CA LEU M 285 43.03 -6.56 57.06
C LEU M 285 42.97 -5.88 58.42
N SER M 286 42.04 -6.28 59.28
CA SER M 286 42.00 -5.74 60.63
C SER M 286 43.32 -5.99 61.37
N ALA M 287 44.02 -7.06 61.02
CA ALA M 287 45.22 -7.48 61.74
C ALA M 287 46.51 -6.95 61.09
N ILE M 288 46.47 -5.78 60.48
CA ILE M 288 47.67 -5.22 59.86
C ILE M 288 48.45 -4.33 60.85
N ASN M 289 47.76 -3.71 61.80
CA ASN M 289 48.43 -2.80 62.72
C ASN M 289 49.39 -3.53 63.65
N ARG M 290 49.20 -4.84 63.84
CA ARG M 290 49.98 -5.59 64.82
C ARG M 290 50.76 -6.72 64.16
N THR M 291 51.44 -6.42 63.05
CA THR M 291 52.22 -7.41 62.32
C THR M 291 53.61 -6.85 62.06
N HIS M 292 54.63 -7.62 62.46
CA HIS M 292 56.02 -7.22 62.34
C HIS M 292 56.69 -7.98 61.20
N PHE M 293 57.89 -7.56 60.85
CA PHE M 293 58.58 -8.13 59.70
C PHE M 293 60.08 -7.92 59.84
N LYS M 294 60.84 -8.97 59.51
CA LYS M 294 62.29 -8.91 59.43
C LYS M 294 62.72 -9.44 58.08
N SER M 295 64.01 -9.74 57.90
CA SER M 295 64.56 -10.04 56.59
C SER M 295 63.60 -10.84 55.72
N ARG M 296 63.14 -12.00 56.21
CA ARG M 296 62.13 -12.77 55.52
C ARG M 296 61.13 -13.41 56.48
N ASN M 297 60.94 -12.83 57.66
CA ASN M 297 60.16 -13.44 58.72
C ASN M 297 59.00 -12.53 59.09
N ILE M 298 57.81 -13.12 59.22
CA ILE M 298 56.60 -12.40 59.60
C ILE M 298 56.13 -13.01 60.93
N TYR M 299 56.55 -12.41 62.03
CA TYR M 299 56.28 -12.92 63.36
C TYR M 299 55.32 -11.99 64.10
N LEU M 300 55.05 -12.34 65.36
CA LEU M 300 54.26 -11.54 66.28
C LEU M 300 55.11 -11.22 67.51
N GLU M 301 54.48 -10.58 68.50
CA GLU M 301 55.19 -10.18 69.70
C GLU M 301 54.16 -9.86 70.77
N LYS M 302 54.64 -9.78 72.02
CA LYS M 302 53.79 -9.51 73.17
C LYS M 302 54.42 -8.39 73.99
N ASP M 303 53.64 -7.86 74.93
CA ASP M 303 54.11 -6.72 75.72
C ASP M 303 55.36 -7.08 76.52
N ASP M 304 55.44 -8.31 77.02
CA ASP M 304 56.64 -8.78 77.69
C ASP M 304 56.75 -10.28 77.39
N GLY M 305 57.50 -10.61 76.34
CA GLY M 305 57.60 -11.98 75.90
C GLY M 305 58.30 -12.06 74.56
N GLU M 306 58.26 -13.26 73.98
CA GLU M 306 58.96 -13.55 72.75
C GLU M 306 57.95 -13.76 71.61
N THR M 307 58.47 -14.16 70.45
CA THR M 307 57.74 -14.07 69.19
C THR M 307 57.11 -15.40 68.80
N PHE M 308 56.51 -15.41 67.61
CA PHE M 308 55.82 -16.59 67.09
C PHE M 308 55.72 -16.41 65.59
N LEU M 309 56.38 -17.28 64.83
CA LEU M 309 56.48 -17.10 63.39
C LEU M 309 55.22 -17.63 62.69
N LEU M 310 54.95 -17.07 61.52
CA LEU M 310 53.84 -17.46 60.68
C LEU M 310 54.39 -18.01 59.36
N TYR M 311 53.65 -18.95 58.77
CA TYR M 311 54.10 -19.66 57.58
C TYR M 311 52.99 -19.71 56.55
N ASP M 312 53.39 -19.61 55.28
CA ASP M 312 52.43 -19.60 54.17
C ASP M 312 51.88 -20.99 53.89
N ASP M 313 52.73 -22.02 53.97
CA ASP M 313 52.31 -23.38 53.71
C ASP M 313 51.62 -23.95 54.96
N CYS M 314 51.37 -25.25 54.96
CA CYS M 314 50.69 -25.93 56.06
C CYS M 314 51.62 -26.92 56.75
N ARG M 315 52.85 -26.51 57.02
CA ARG M 315 53.84 -27.39 57.60
C ARG M 315 53.50 -27.69 59.06
N ASP M 316 54.20 -28.68 59.61
CA ASP M 316 53.98 -29.18 60.96
C ASP M 316 55.12 -28.68 61.85
N THR M 317 54.91 -27.51 62.46
CA THR M 317 55.91 -26.95 63.37
C THR M 317 55.20 -25.95 64.28
N ASN M 318 55.09 -26.28 65.55
CA ASN M 318 54.49 -25.40 66.55
C ASN M 318 53.10 -24.95 66.13
N GLN M 319 52.21 -25.94 65.98
CA GLN M 319 50.83 -25.68 65.61
C GLN M 319 49.84 -26.06 66.70
N SER M 320 50.31 -26.46 67.89
CA SER M 320 49.42 -26.78 68.99
C SER M 320 48.96 -25.55 69.75
N LYS M 321 49.62 -24.42 69.56
CA LYS M 321 49.31 -23.17 70.26
C LYS M 321 49.01 -22.06 69.27
N LEU M 322 48.21 -22.36 68.25
CA LEU M 322 47.88 -21.42 67.19
C LEU M 322 46.64 -20.58 67.53
N ALA M 323 45.56 -21.23 67.93
CA ALA M 323 44.36 -20.49 68.31
C ALA M 323 44.60 -19.64 69.55
N GLU M 324 45.43 -20.11 70.48
CA GLU M 324 45.73 -19.34 71.68
C GLU M 324 46.30 -17.98 71.33
N TRP M 325 46.92 -17.84 70.16
CA TRP M 325 47.44 -16.57 69.69
C TRP M 325 46.46 -15.84 68.77
N LEU M 326 45.72 -16.58 67.94
CA LEU M 326 44.84 -15.92 66.98
C LEU M 326 43.61 -15.31 67.66
N ASP M 327 43.00 -16.02 68.62
CA ASP M 327 41.91 -15.43 69.37
C ASP M 327 42.38 -14.19 70.12
N LEU M 328 43.61 -14.21 70.62
CA LEU M 328 44.17 -13.06 71.30
C LEU M 328 44.44 -11.90 70.35
N LEU M 329 44.82 -12.19 69.11
CA LEU M 329 44.96 -11.16 68.09
C LEU M 329 43.62 -10.55 67.73
N ARG M 330 42.57 -11.38 67.68
CA ARG M 330 41.23 -10.85 67.42
C ARG M 330 40.77 -9.98 68.58
N ARG M 331 41.06 -10.38 69.81
CA ARG M 331 40.69 -9.60 70.99
C ARG M 331 41.60 -8.39 71.21
N ARG M 332 42.67 -8.25 70.43
CA ARG M 332 43.53 -7.06 70.50
C ARG M 332 44.18 -6.93 71.86
N ARG M 333 44.99 -7.94 72.20
CA ARG M 333 45.66 -8.04 73.48
C ARG M 333 47.14 -8.32 73.31
N LEU M 334 47.79 -7.58 72.41
CA LEU M 334 49.22 -7.75 72.18
C LEU M 334 49.76 -6.53 71.46
N LYS M 335 51.09 -6.47 71.37
CA LYS M 335 51.79 -5.25 71.02
C LYS M 335 51.50 -4.82 69.58
N ARG M 336 51.76 -3.55 69.30
CA ARG M 336 51.57 -2.94 68.00
C ARG M 336 52.91 -2.50 67.42
N THR M 337 52.89 -2.20 66.12
CA THR M 337 54.05 -1.67 65.41
C THR M 337 53.72 -0.28 64.88
N ASN M 338 54.77 0.42 64.43
CA ASN M 338 54.62 1.79 63.93
C ASN M 338 55.13 1.95 62.50
N VAL M 339 55.37 0.87 61.79
CA VAL M 339 55.72 0.93 60.37
C VAL M 339 54.68 0.16 59.57
N TRP M 340 54.81 0.18 58.24
CA TRP M 340 53.89 -0.58 57.40
C TRP M 340 54.53 -1.89 56.97
N PRO M 341 53.77 -2.98 56.89
CA PRO M 341 54.33 -4.23 56.38
C PRO M 341 54.15 -4.33 54.88
N PRO M 342 54.86 -5.22 54.22
CA PRO M 342 54.76 -5.34 52.76
C PRO M 342 53.48 -6.06 52.34
N PHE M 343 53.23 -6.03 51.03
CA PHE M 343 52.00 -6.58 50.48
C PHE M 343 51.94 -8.10 50.66
N LYS M 344 53.04 -8.79 50.33
CA LYS M 344 53.06 -10.25 50.40
C LYS M 344 52.55 -10.77 51.74
N SER M 345 52.75 -10.01 52.82
CA SER M 345 52.34 -10.46 54.14
C SER M 345 50.83 -10.64 54.27
N LEU M 346 50.05 -10.18 53.30
CA LEU M 346 48.62 -10.42 53.31
C LEU M 346 48.25 -11.85 52.94
N ALA M 347 49.23 -12.70 52.67
CA ALA M 347 49.00 -14.09 52.34
C ALA M 347 49.35 -15.04 53.48
N THR M 348 50.27 -14.67 54.36
CA THR M 348 50.58 -15.46 55.54
C THR M 348 49.56 -15.26 56.65
N LEU M 349 48.46 -14.59 56.37
CA LEU M 349 47.38 -14.35 57.34
C LEU M 349 46.10 -15.05 56.95
N VAL M 350 45.69 -14.94 55.69
CA VAL M 350 44.48 -15.62 55.23
C VAL M 350 44.59 -17.12 55.46
N ALA M 351 45.75 -17.70 55.13
CA ALA M 351 45.97 -19.12 55.38
C ALA M 351 45.77 -19.40 56.86
N GLU M 352 46.65 -18.84 57.71
CA GLU M 352 46.57 -19.06 59.14
C GLU M 352 45.14 -18.93 59.67
N PHE M 353 44.34 -18.06 59.07
CA PHE M 353 42.98 -17.84 59.54
C PHE M 353 41.98 -18.86 58.99
N GLY M 354 42.28 -19.49 57.85
CA GLY M 354 41.34 -20.42 57.26
C GLY M 354 41.80 -21.87 57.23
N CYS M 355 42.96 -22.14 57.81
CA CYS M 355 43.56 -23.47 57.78
C CYS M 355 43.58 -24.16 59.13
N VAL M 356 43.19 -23.49 60.21
CA VAL M 356 43.24 -24.07 61.54
C VAL M 356 41.96 -24.85 61.80
N ALA M 357 42.09 -25.93 62.57
CA ALA M 357 40.97 -26.82 62.85
C ALA M 357 41.03 -27.24 64.31
N ALA M 358 40.25 -28.25 64.67
CA ALA M 358 40.12 -28.72 66.04
C ALA M 358 40.77 -30.09 66.16
N ASP M 359 41.74 -30.20 67.07
CA ASP M 359 42.44 -31.45 67.34
C ASP M 359 41.95 -32.04 68.66
N ARG M 360 42.30 -33.30 68.89
CA ARG M 360 41.73 -34.05 70.01
C ARG M 360 42.07 -33.40 71.35
N SER M 361 43.36 -33.33 71.67
CA SER M 361 43.77 -32.96 73.03
C SER M 361 43.66 -31.46 73.28
N ASN M 362 42.47 -30.91 73.06
CA ASN M 362 42.21 -29.48 73.25
C ASN M 362 43.37 -28.65 72.74
N GLY M 363 43.83 -28.99 71.54
CA GLY M 363 44.96 -28.31 70.93
C GLY M 363 44.59 -27.61 69.65
N SER M 364 45.37 -27.82 68.60
CA SER M 364 45.11 -27.21 67.31
C SER M 364 45.86 -27.99 66.25
N LYS M 365 45.57 -27.67 64.98
CA LYS M 365 46.11 -28.42 63.87
C LYS M 365 45.95 -27.65 62.56
N ARG M 366 47.05 -27.46 61.84
CA ARG M 366 46.98 -26.88 60.50
C ARG M 366 46.44 -27.93 59.54
N ASP M 367 45.22 -27.74 59.08
CA ASP M 367 44.51 -28.73 58.28
C ASP M 367 44.84 -28.54 56.81
N ALA M 368 44.17 -29.31 55.95
CA ALA M 368 44.33 -29.19 54.51
C ALA M 368 43.00 -29.16 53.78
N PHE M 369 41.87 -29.27 54.47
CA PHE M 369 40.56 -29.22 53.85
C PHE M 369 39.95 -27.81 53.86
N GLY M 370 40.63 -26.85 54.46
CA GLY M 370 40.21 -25.46 54.42
C GLY M 370 41.11 -24.65 53.53
N PHE M 371 42.39 -25.05 53.47
CA PHE M 371 43.28 -24.50 52.46
C PHE M 371 42.68 -24.65 51.08
N SER M 372 42.03 -25.79 50.81
CA SER M 372 41.38 -26.00 49.52
C SER M 372 40.25 -25.02 49.28
N ASN M 373 39.62 -24.52 50.34
CA ASN M 373 38.52 -23.57 50.20
C ASN M 373 39.00 -22.13 50.12
N VAL M 374 40.20 -21.84 50.64
CA VAL M 374 40.72 -20.49 50.69
C VAL M 374 41.93 -20.32 49.77
N LEU M 375 42.17 -21.27 48.86
CA LEU M 375 43.35 -21.25 48.00
C LEU M 375 43.30 -20.19 46.91
N PRO M 376 42.17 -19.98 46.22
CA PRO M 376 42.19 -19.12 45.03
C PRO M 376 42.30 -17.62 45.33
N LEU M 377 42.63 -17.27 46.56
CA LEU M 377 42.89 -15.88 46.95
C LEU M 377 44.38 -15.60 47.13
N VAL M 378 45.05 -16.42 47.96
CA VAL M 378 46.49 -16.37 48.06
C VAL M 378 47.13 -16.53 46.70
N LYS M 379 46.53 -17.33 45.83
CA LYS M 379 47.08 -17.52 44.49
C LYS M 379 47.17 -16.21 43.73
N ILE M 380 46.08 -15.44 43.72
CA ILE M 380 46.10 -14.20 42.92
C ILE M 380 46.96 -13.14 43.59
N ILE M 381 46.91 -13.04 44.93
CA ILE M 381 47.78 -12.05 45.57
C ILE M 381 49.24 -12.44 45.52
N GLN M 382 49.56 -13.70 45.14
CA GLN M 382 50.92 -14.09 44.86
C GLN M 382 51.30 -13.83 43.41
N GLN M 383 50.38 -14.08 42.49
CA GLN M 383 50.60 -13.79 41.07
C GLN M 383 50.70 -12.30 40.80
N LEU M 384 50.14 -11.47 41.68
CA LEU M 384 50.08 -10.04 41.47
C LEU M 384 51.30 -9.29 41.99
N ALA M 385 52.16 -9.94 42.77
CA ALA M 385 53.34 -9.31 43.33
C ALA M 385 54.61 -9.63 42.57
N GLU M 386 54.65 -10.76 41.86
CA GLU M 386 55.81 -11.13 41.07
C GLU M 386 55.82 -10.51 39.68
N ASP M 387 54.68 -9.99 39.23
CA ASP M 387 54.59 -9.39 37.90
C ASP M 387 55.48 -8.15 37.81
N ILE M 388 56.37 -8.13 36.82
CA ILE M 388 57.24 -6.98 36.58
C ILE M 388 56.49 -5.84 35.91
N ARG M 389 55.22 -6.02 35.58
CA ARG M 389 54.43 -5.03 34.87
C ARG M 389 53.44 -4.30 35.78
N PHE M 390 53.47 -4.56 37.07
CA PHE M 390 52.53 -4.00 38.04
C PHE M 390 53.22 -3.32 39.20
N LYS M 391 54.35 -3.86 39.65
CA LYS M 391 55.12 -3.27 40.74
C LYS M 391 56.06 -2.17 40.25
N SER M 392 56.20 -2.00 38.94
CA SER M 392 56.84 -0.81 38.40
C SER M 392 55.93 0.41 38.45
N ILE M 393 54.63 0.20 38.68
CA ILE M 393 53.67 1.28 38.85
C ILE M 393 53.38 1.44 40.33
N VAL M 394 52.87 0.38 40.95
CA VAL M 394 52.54 0.41 42.37
C VAL M 394 53.80 0.16 43.19
N ASN M 395 53.83 0.73 44.40
CA ASN M 395 54.93 0.55 45.34
C ASN M 395 54.40 -0.25 46.52
N LEU M 396 54.86 -1.49 46.64
CA LEU M 396 54.39 -2.42 47.67
C LEU M 396 55.55 -2.98 48.46
N ASN M 397 56.57 -2.17 48.69
CA ASN M 397 57.69 -2.53 49.56
C ASN M 397 57.46 -2.12 51.01
N GLY M 398 56.36 -1.45 51.31
CA GLY M 398 56.10 -0.96 52.65
C GLY M 398 57.24 -0.10 53.16
N GLY M 399 57.35 -0.03 54.48
CA GLY M 399 58.43 0.69 55.12
C GLY M 399 58.12 2.10 55.55
N GLY M 400 56.85 2.53 55.49
CA GLY M 400 56.48 3.87 55.87
C GLY M 400 55.97 3.96 57.30
N GLU M 401 55.94 5.19 57.81
CA GLU M 401 55.43 5.44 59.14
C GLU M 401 53.95 5.07 59.24
N LEU M 402 53.51 4.81 60.46
CA LEU M 402 52.13 4.42 60.72
C LEU M 402 51.56 5.29 61.83
N ALA M 403 50.32 5.72 61.64
CA ALA M 403 49.67 6.67 62.55
C ALA M 403 49.21 5.96 63.81
N ASP M 404 48.41 6.65 64.62
CA ASP M 404 47.83 6.08 65.82
C ASP M 404 46.38 6.51 65.93
N GLY M 405 45.66 5.90 66.87
CA GLY M 405 44.27 6.24 67.09
C GLY M 405 43.29 5.55 66.17
N GLY M 406 43.71 4.52 65.44
CA GLY M 406 42.82 3.82 64.54
C GLY M 406 42.45 4.57 63.28
N THR M 407 43.18 5.63 62.93
CA THR M 407 42.93 6.41 61.74
C THR M 407 44.10 6.32 60.75
N HIS M 408 44.81 5.20 60.78
CA HIS M 408 45.97 5.02 59.89
C HIS M 408 45.56 4.86 58.43
N TRP M 409 44.30 4.50 58.17
CA TRP M 409 43.86 4.27 56.79
C TRP M 409 43.58 5.59 56.07
N ASP M 410 43.01 6.56 56.77
CA ASP M 410 42.47 7.75 56.10
C ASP M 410 43.55 8.73 55.66
N LYS M 411 44.66 8.83 56.41
CA LYS M 411 45.68 9.80 56.08
C LYS M 411 46.24 9.57 54.68
N ALA M 412 46.54 8.31 54.34
CA ALA M 412 47.12 8.01 53.03
C ALA M 412 46.13 8.30 51.92
N MET M 413 44.88 7.86 52.11
CA MET M 413 43.83 8.13 51.13
C MET M 413 43.68 9.63 50.88
N SER M 414 43.82 10.44 51.93
CA SER M 414 43.69 11.88 51.80
C SER M 414 44.94 12.55 51.25
N ASP M 415 46.11 11.96 51.46
CA ASP M 415 47.36 12.56 51.01
C ASP M 415 47.73 12.15 49.59
N GLU M 416 47.11 11.11 49.04
CA GLU M 416 47.34 10.78 47.64
C GLU M 416 46.45 11.54 46.68
N VAL M 417 45.39 12.19 47.17
CA VAL M 417 44.53 12.99 46.32
C VAL M 417 45.05 14.41 46.20
N ASP M 418 45.48 14.99 47.32
CA ASP M 418 46.15 16.28 47.29
C ASP M 418 47.21 16.31 46.20
N TYR M 419 47.81 15.16 45.91
CA TYR M 419 48.59 14.95 44.71
C TYR M 419 47.66 14.35 43.65
N PHE M 420 47.82 14.81 42.42
CA PHE M 420 47.03 14.47 41.24
C PHE M 420 45.66 15.16 41.21
N PHE M 421 45.22 15.83 42.28
CA PHE M 421 43.97 16.58 42.16
C PHE M 421 44.06 18.01 42.68
N GLY M 422 44.81 18.26 43.73
CA GLY M 422 44.98 19.60 44.27
C GLY M 422 44.38 19.72 45.66
N LYS M 423 44.80 20.79 46.34
CA LYS M 423 44.42 21.03 47.73
C LYS M 423 43.05 21.71 47.81
N GLU M 424 42.69 22.17 49.00
CA GLU M 424 41.36 22.67 49.30
C GLU M 424 41.31 24.19 49.18
N LYS M 425 40.08 24.72 49.21
CA LYS M 425 39.85 26.15 49.20
C LYS M 425 40.57 26.85 50.35
N GLY M 426 41.52 27.72 50.03
CA GLY M 426 42.20 28.55 51.02
C GLY M 426 43.71 28.37 51.09
N GLN M 427 44.24 27.28 50.53
CA GLN M 427 45.66 26.99 50.63
C GLN M 427 46.38 27.37 49.34
N GLU M 428 47.72 27.31 49.41
CA GLU M 428 48.59 27.74 48.31
C GLU M 428 49.13 26.52 47.58
N ASN M 429 48.60 26.28 46.39
CA ASN M 429 49.12 25.25 45.50
C ASN M 429 50.26 25.84 44.66
N ASP M 430 50.73 25.08 43.67
CA ASP M 430 51.79 25.56 42.79
C ASP M 430 51.54 25.22 41.32
N TRP M 431 50.38 24.66 40.98
CA TRP M 431 50.07 24.33 39.60
C TRP M 431 48.61 24.69 39.31
N ASN M 432 48.35 25.01 38.04
CA ASN M 432 47.00 25.27 37.55
C ASN M 432 46.55 24.26 36.49
N VAL M 433 47.48 23.65 35.77
CA VAL M 433 47.19 22.58 34.82
C VAL M 433 48.10 21.41 35.15
N HIS M 434 47.51 20.22 35.26
CA HIS M 434 48.25 19.00 35.60
C HIS M 434 48.11 17.99 34.47
N ILE M 435 49.24 17.44 34.04
CA ILE M 435 49.29 16.41 33.01
C ILE M 435 49.70 15.11 33.68
N VAL M 436 48.82 14.12 33.68
CA VAL M 436 49.14 12.80 34.22
C VAL M 436 49.36 11.87 33.05
N ASN M 437 50.62 11.55 32.77
CA ASN M 437 51.00 10.74 31.62
C ASN M 437 51.04 9.27 32.00
N MET M 438 50.55 8.42 31.09
CA MET M 438 50.55 6.97 31.26
C MET M 438 51.00 6.35 29.94
N LYS M 439 52.32 6.21 29.77
CA LYS M 439 52.89 5.51 28.63
C LYS M 439 53.54 4.19 29.04
N ASN M 440 53.26 3.73 30.26
CA ASN M 440 53.81 2.47 30.75
C ASN M 440 52.74 1.60 31.40
N LEU M 441 51.49 2.06 31.47
CA LEU M 441 50.39 1.30 32.02
C LEU M 441 49.82 0.35 30.97
N ALA M 442 49.21 -0.73 31.43
CA ALA M 442 48.72 -1.79 30.58
C ALA M 442 47.20 -1.78 30.52
N GLN M 443 46.66 -2.14 29.36
CA GLN M 443 45.21 -2.20 29.15
C GLN M 443 44.58 -3.31 29.98
N ASP M 444 45.42 -4.13 30.61
CA ASP M 444 44.93 -5.18 31.50
C ASP M 444 44.76 -4.71 32.93
N HIS M 445 45.56 -3.73 33.35
CA HIS M 445 45.51 -3.21 34.72
C HIS M 445 44.85 -1.84 34.80
N ALA M 446 44.57 -1.18 33.68
CA ALA M 446 43.98 0.15 33.72
C ALA M 446 42.62 0.16 34.40
N PRO M 447 41.69 -0.75 34.12
CA PRO M 447 40.35 -0.67 34.72
C PRO M 447 40.35 -0.85 36.23
N MET M 448 41.49 -1.19 36.82
CA MET M 448 41.59 -1.41 38.26
C MET M 448 42.32 -0.29 38.98
N LEU M 449 43.26 0.38 38.32
CA LEU M 449 44.00 1.48 38.92
C LEU M 449 43.50 2.85 38.47
N LEU M 450 42.56 2.90 37.52
CA LEU M 450 41.94 4.14 37.10
C LEU M 450 40.45 4.21 37.45
N SER M 451 39.92 3.18 38.10
CA SER M 451 38.52 3.15 38.52
C SER M 451 38.36 3.31 40.03
N ALA M 452 39.45 3.60 40.74
CA ALA M 452 39.43 3.81 42.19
C ALA M 452 39.78 5.24 42.59
N LEU M 453 40.66 5.89 41.83
CA LEU M 453 41.02 7.26 42.12
C LEU M 453 39.79 8.17 42.07
N LEU M 454 38.93 7.98 41.08
CA LEU M 454 37.73 8.78 40.92
C LEU M 454 36.55 8.22 41.70
N GLU M 455 36.84 7.44 42.74
CA GLU M 455 35.90 7.11 43.81
C GLU M 455 36.40 7.62 45.15
N MET M 456 37.70 7.53 45.38
CA MET M 456 38.32 8.23 46.51
C MET M 456 38.08 9.73 46.39
N PHE M 457 38.25 10.28 45.18
CA PHE M 457 38.01 11.69 44.94
C PHE M 457 36.56 12.08 45.19
N ALA M 458 35.62 11.15 45.09
CA ALA M 458 34.22 11.44 45.36
C ALA M 458 33.90 11.38 46.84
N GLU M 459 34.47 10.40 47.56
CA GLU M 459 34.30 10.39 49.01
C GLU M 459 34.91 11.63 49.64
N ILE M 460 36.12 12.00 49.21
CA ILE M 460 36.74 13.22 49.72
C ILE M 460 35.83 14.42 49.48
N LEU M 461 35.15 14.45 48.33
CA LEU M 461 34.24 15.56 48.04
C LEU M 461 33.04 15.53 49.00
N PHE M 462 32.43 14.36 49.17
CA PHE M 462 31.33 14.24 50.12
C PHE M 462 31.73 14.66 51.53
N ARG M 463 33.03 14.68 51.83
CA ARG M 463 33.48 15.17 53.13
C ARG M 463 33.82 16.66 53.13
N ARG M 464 34.43 17.18 52.07
CA ARG M 464 34.84 18.59 52.05
C ARG M 464 33.74 19.51 51.54
N GLY M 465 32.57 18.98 51.22
CA GLY M 465 31.39 19.81 51.01
C GLY M 465 31.52 20.92 50.00
N GLN M 466 30.56 21.85 50.01
CA GLN M 466 30.45 22.91 49.01
C GLN M 466 31.20 24.18 49.41
N GLU M 467 32.07 24.12 50.42
CA GLU M 467 32.67 25.34 50.94
C GLU M 467 34.19 25.32 50.86
N ARG M 468 34.78 24.13 50.95
CA ARG M 468 36.23 23.98 50.95
C ARG M 468 36.78 23.56 49.58
N SER M 469 35.97 23.68 48.53
CA SER M 469 36.32 23.18 47.21
C SER M 469 36.72 24.32 46.27
N TYR M 470 37.27 23.92 45.13
CA TYR M 470 37.73 24.84 44.08
C TYR M 470 37.35 24.27 42.73
N PRO M 471 36.44 24.90 41.98
CA PRO M 471 35.96 24.30 40.73
C PRO M 471 37.10 23.91 39.81
N THR M 472 36.93 22.77 39.12
CA THR M 472 38.00 22.21 38.30
C THR M 472 37.40 21.43 37.13
N VAL M 473 38.28 21.10 36.18
CA VAL M 473 37.91 20.42 34.94
C VAL M 473 38.81 19.22 34.72
N LEU M 474 38.21 18.05 34.55
CA LEU M 474 38.93 16.82 34.22
C LEU M 474 38.79 16.54 32.73
N LEU M 475 39.90 16.17 32.10
CA LEU M 475 39.93 15.68 30.72
C LEU M 475 40.18 14.18 30.76
N LEU M 476 39.19 13.41 30.32
CA LEU M 476 39.27 11.96 30.24
C LEU M 476 39.38 11.54 28.79
N GLU M 477 40.42 10.75 28.50
CA GLU M 477 40.79 10.35 27.15
C GLU M 477 40.81 8.84 27.08
N GLU M 478 40.16 8.27 26.07
CA GLU M 478 40.02 6.82 25.93
C GLU M 478 39.21 6.24 27.10
N ALA M 479 38.03 6.83 27.31
CA ALA M 479 37.25 6.52 28.51
C ALA M 479 36.60 5.14 28.45
N HIS M 480 36.42 4.56 27.27
CA HIS M 480 35.74 3.29 27.18
C HIS M 480 36.55 2.14 27.76
N HIS M 481 37.82 2.38 28.10
CA HIS M 481 38.62 1.34 28.75
C HIS M 481 38.25 1.18 30.22
N TYR M 482 37.92 2.30 30.89
CA TYR M 482 37.83 2.28 32.35
C TYR M 482 36.61 3.02 32.89
N LEU M 483 35.61 3.32 32.06
CA LEU M 483 34.34 3.86 32.50
C LEU M 483 33.22 2.86 32.20
N ARG M 484 33.52 1.58 32.35
CA ARG M 484 32.57 0.52 32.04
C ARG M 484 32.53 -0.51 33.16
N GLU M 498 29.97 7.23 37.70
CA GLU M 498 28.72 6.88 38.36
C GLU M 498 28.37 7.94 39.41
N ARG M 499 28.81 7.69 40.64
CA ARG M 499 28.65 8.65 41.72
C ARG M 499 29.22 10.01 41.34
N LEU M 500 30.32 10.02 40.57
CA LEU M 500 30.99 11.26 40.20
C LEU M 500 30.36 11.92 38.98
N ALA M 501 29.52 11.21 38.23
CA ALA M 501 28.75 11.83 37.17
C ALA M 501 27.39 12.30 37.66
N LYS M 502 26.89 11.74 38.76
CA LYS M 502 25.67 12.26 39.38
C LYS M 502 25.97 13.46 40.29
N GLU M 503 26.76 13.25 41.33
CA GLU M 503 27.01 14.27 42.34
C GLU M 503 28.33 15.00 42.06
N GLY M 504 28.38 15.71 40.95
CA GLY M 504 29.53 16.51 40.61
C GLY M 504 29.17 17.94 40.23
N ARG M 505 27.88 18.17 39.92
CA ARG M 505 27.42 19.49 39.54
C ARG M 505 27.49 20.49 40.69
N LYS M 506 27.72 20.04 41.92
CA LYS M 506 27.74 20.93 43.07
C LYS M 506 28.98 21.81 43.10
N PHE M 507 29.99 21.54 42.26
CA PHE M 507 31.29 22.17 42.39
C PHE M 507 31.79 22.82 41.10
N LYS M 508 31.03 22.76 40.02
CA LYS M 508 31.54 23.01 38.67
C LYS M 508 32.62 22.01 38.29
N CYS M 509 32.76 20.93 39.05
CA CYS M 509 33.73 19.88 38.75
C CYS M 509 33.26 19.15 37.51
N SER M 510 33.76 19.56 36.35
CA SER M 510 33.20 19.12 35.08
C SER M 510 34.11 18.08 34.42
N LEU M 511 33.49 17.29 33.54
CA LEU M 511 34.15 16.19 32.84
C LEU M 511 34.06 16.40 31.34
N ILE M 512 35.20 16.30 30.66
CA ILE M 512 35.24 16.26 29.20
C ILE M 512 35.66 14.85 28.79
N VAL M 513 34.76 14.10 28.19
CA VAL M 513 35.01 12.69 27.86
C VAL M 513 35.19 12.57 26.36
N SER M 514 36.34 12.07 25.93
CA SER M 514 36.64 11.85 24.53
C SER M 514 36.70 10.35 24.23
N THR M 515 36.10 9.94 23.12
CA THR M 515 36.16 8.52 22.78
C THR M 515 35.68 8.29 21.34
N GLN M 516 35.77 7.01 20.94
CA GLN M 516 35.38 6.56 19.61
C GLN M 516 34.38 5.42 19.65
N ARG M 517 33.94 4.99 20.83
CA ARG M 517 32.95 3.91 20.96
C ARG M 517 31.89 4.35 21.96
N PRO M 518 30.89 5.10 21.50
CA PRO M 518 29.83 5.56 22.42
C PRO M 518 28.83 4.48 22.78
N SER M 519 29.15 3.23 22.47
CA SER M 519 28.32 2.09 22.85
C SER M 519 28.89 1.30 24.01
N GLU M 520 30.22 1.28 24.17
CA GLU M 520 30.85 0.72 25.36
C GLU M 520 30.88 1.76 26.48
N LEU M 521 29.70 2.26 26.82
CA LEU M 521 29.53 3.24 27.88
C LEU M 521 28.15 3.09 28.48
N SER M 522 28.03 3.49 29.74
CA SER M 522 26.73 3.48 30.39
C SER M 522 25.88 4.59 29.81
N PRO M 523 24.59 4.35 29.53
CA PRO M 523 23.74 5.41 28.98
C PRO M 523 23.23 6.38 30.03
N THR M 524 23.82 6.30 31.23
CA THR M 524 23.60 7.30 32.27
C THR M 524 24.78 8.26 32.39
N VAL M 525 25.84 8.06 31.60
CA VAL M 525 26.90 9.03 31.46
C VAL M 525 26.82 9.76 30.13
N LEU M 526 26.13 9.21 29.13
CA LEU M 526 25.85 9.88 27.88
C LEU M 526 24.53 10.63 27.92
N ALA M 527 23.92 10.75 29.09
CA ALA M 527 22.68 11.49 29.26
C ALA M 527 22.75 12.52 30.38
N MET M 528 23.82 12.50 31.19
CA MET M 528 24.08 13.55 32.17
C MET M 528 24.90 14.69 31.59
N CYS M 529 24.98 14.79 30.27
CA CYS M 529 25.77 15.81 29.59
C CYS M 529 24.84 16.73 28.82
N SER M 530 25.38 17.90 28.45
CA SER M 530 24.60 18.93 27.80
C SER M 530 25.21 19.44 26.49
N ASN M 531 26.40 18.98 26.11
CA ASN M 531 27.03 19.39 24.86
C ASN M 531 27.62 18.19 24.16
N TRP M 532 27.35 18.08 22.86
CA TRP M 532 27.78 16.96 22.04
C TRP M 532 28.52 17.49 20.82
N PHE M 533 29.80 17.13 20.69
CA PHE M 533 30.60 17.35 19.49
C PHE M 533 30.88 15.99 18.88
N SER M 534 30.54 15.83 17.59
CA SER M 534 30.61 14.54 16.92
C SER M 534 31.33 14.69 15.58
N LEU M 535 32.35 13.87 15.38
CA LEU M 535 33.01 13.72 14.09
C LEU M 535 32.54 12.41 13.45
N ARG M 536 33.17 12.02 12.34
CA ARG M 536 32.68 10.90 11.57
C ARG M 536 32.60 9.64 12.43
N LEU M 537 31.64 8.78 12.09
CA LEU M 537 31.31 7.64 12.95
C LEU M 537 30.64 6.59 12.05
N THR M 538 31.42 5.59 11.62
CA THR M 538 30.97 4.60 10.65
C THR M 538 30.64 3.29 11.37
N ASN M 539 29.43 3.26 11.95
CA ASN M 539 28.83 2.03 12.45
C ASN M 539 27.45 2.37 12.98
N GLU M 540 26.52 1.41 12.98
CA GLU M 540 25.14 1.69 13.36
C GLU M 540 24.79 1.21 14.75
N ARG M 541 25.74 0.64 15.49
CA ARG M 541 25.58 0.44 16.92
C ARG M 541 26.22 1.56 17.73
N ASP M 542 26.99 2.43 17.08
CA ASP M 542 27.49 3.64 17.69
C ASP M 542 26.69 4.87 17.29
N LEU M 543 25.60 4.68 16.54
CA LEU M 543 24.75 5.76 16.08
C LEU M 543 23.39 5.78 16.76
N GLN M 544 22.96 4.68 17.35
CA GLN M 544 21.71 4.63 18.09
C GLN M 544 21.88 5.06 19.54
N ALA M 545 23.06 4.82 20.11
CA ALA M 545 23.36 5.37 21.43
C ALA M 545 23.18 6.88 21.45
N LEU M 546 23.72 7.56 20.43
CA LEU M 546 23.56 9.00 20.34
C LEU M 546 22.10 9.39 20.25
N ARG M 547 21.30 8.64 19.49
CA ARG M 547 19.88 8.93 19.39
C ARG M 547 19.18 8.79 20.72
N TYR M 548 19.45 7.69 21.44
CA TYR M 548 18.88 7.53 22.78
C TYR M 548 19.29 8.67 23.70
N ALA M 549 20.53 9.12 23.57
CA ALA M 549 21.03 10.18 24.44
C ALA M 549 20.34 11.50 24.14
N MET M 550 20.08 11.78 22.87
CA MET M 550 19.42 13.03 22.48
C MET M 550 17.91 12.85 22.48
N GLU M 551 17.21 13.95 22.21
CA GLU M 551 15.75 13.95 22.11
C GLU M 551 15.35 14.09 20.64
N SER M 552 14.24 13.45 20.28
CA SER M 552 13.74 13.52 18.92
C SER M 552 13.48 14.98 18.53
N GLY M 553 13.46 15.22 17.22
CA GLY M 553 13.21 16.55 16.71
C GLY M 553 14.05 16.90 15.50
N ASN M 554 15.08 16.09 15.23
CA ASN M 554 15.96 16.33 14.09
C ASN M 554 16.58 15.01 13.67
N GLU M 555 16.35 14.61 12.41
CA GLU M 555 16.97 13.41 11.87
C GLU M 555 17.48 13.61 10.45
N GLN M 556 17.35 14.81 9.89
CA GLN M 556 18.08 15.17 8.68
C GLN M 556 19.48 15.69 8.99
N ILE M 557 19.83 15.77 10.28
CA ILE M 557 21.15 16.21 10.70
C ILE M 557 22.09 15.02 10.95
N LEU M 558 21.56 13.82 11.12
CA LEU M 558 22.34 12.66 11.50
C LEU M 558 22.79 11.83 10.30
N LYS M 559 22.41 12.21 9.09
CA LYS M 559 22.80 11.48 7.89
C LYS M 559 24.06 12.04 7.24
N GLN M 560 24.74 12.96 7.91
CA GLN M 560 26.01 13.50 7.44
C GLN M 560 27.20 12.94 8.20
N ILE M 561 26.98 12.55 9.45
CA ILE M 561 28.05 12.06 10.31
C ILE M 561 28.73 10.84 9.73
N SER M 562 28.07 10.13 8.81
CA SER M 562 28.68 9.02 8.11
C SER M 562 29.57 9.46 6.96
N GLY M 563 29.65 10.76 6.67
CA GLY M 563 30.39 11.25 5.53
C GLY M 563 31.29 12.44 5.80
N LEU M 564 31.19 13.02 6.98
CA LEU M 564 32.01 14.19 7.29
C LEU M 564 33.48 13.88 7.02
N PRO M 565 34.23 14.82 6.44
CA PRO M 565 35.66 14.62 6.23
C PRO M 565 36.49 14.99 7.45
N ARG M 566 37.81 14.93 7.28
CA ARG M 566 38.72 15.30 8.35
C ARG M 566 38.56 16.76 8.73
N GLY M 567 38.57 17.03 10.03
CA GLY M 567 38.43 18.39 10.53
C GLY M 567 37.09 19.00 10.16
N ASP M 568 36.00 18.34 10.53
CA ASP M 568 34.66 18.83 10.23
C ASP M 568 33.71 18.14 11.20
N ALA M 569 33.11 18.91 12.08
CA ALA M 569 32.31 18.37 13.18
C ALA M 569 30.86 18.81 13.06
N VAL M 570 30.01 18.13 13.82
CA VAL M 570 28.64 18.56 14.08
C VAL M 570 28.52 18.82 15.57
N ALA M 571 27.88 19.94 15.92
CA ALA M 571 27.78 20.38 17.30
C ALA M 571 26.34 20.68 17.65
N PHE M 572 25.86 20.10 18.75
CA PHE M 572 24.58 20.49 19.31
C PHE M 572 24.64 20.43 20.83
N GLY M 573 23.60 20.99 21.45
CA GLY M 573 23.56 21.09 22.89
C GLY M 573 22.72 22.26 23.37
N SER M 574 23.30 23.11 24.22
CA SER M 574 22.60 24.25 24.77
C SER M 574 23.36 25.57 24.60
N ALA M 575 24.64 25.53 24.26
CA ALA M 575 25.38 26.71 23.88
C ALA M 575 25.18 27.10 22.42
N PHE M 576 24.20 26.48 21.75
CA PHE M 576 23.97 26.67 20.33
C PHE M 576 22.47 26.80 20.10
N ASN M 577 22.07 27.87 19.42
CA ASN M 577 20.64 28.12 19.23
C ASN M 577 20.01 27.05 18.34
N LEU M 578 20.74 26.57 17.34
CA LEU M 578 20.31 25.44 16.54
C LEU M 578 21.54 24.68 16.09
N PRO M 579 21.42 23.37 15.83
CA PRO M 579 22.60 22.56 15.52
C PRO M 579 23.44 23.18 14.42
N VAL M 580 24.74 22.90 14.45
CA VAL M 580 25.66 23.53 13.50
C VAL M 580 26.64 22.50 12.96
N ARG M 581 27.05 22.70 11.71
CA ARG M 581 28.14 21.99 11.10
C ARG M 581 29.33 22.94 11.00
N ILE M 582 30.47 22.53 11.56
CA ILE M 582 31.58 23.43 11.82
C ILE M 582 32.85 22.89 11.17
N SER M 583 33.69 23.79 10.73
CA SER M 583 35.02 23.48 10.19
C SER M 583 36.04 24.11 11.12
N ILE M 584 36.78 23.27 11.84
CA ILE M 584 37.62 23.71 12.94
C ILE M 584 38.97 24.18 12.41
N ASN M 585 39.69 24.93 13.23
CA ASN M 585 41.00 25.46 12.88
C ASN M 585 42.11 24.62 13.49
N GLN M 586 43.26 24.60 12.81
CA GLN M 586 44.40 23.83 13.27
C GLN M 586 45.09 24.54 14.44
N ALA M 587 45.36 23.79 15.50
CA ALA M 587 46.01 24.35 16.69
C ALA M 587 47.52 24.45 16.48
N ARG M 588 48.12 25.43 17.17
CA ARG M 588 49.55 25.68 17.08
C ARG M 588 50.10 26.12 18.43
N PRO M 589 51.11 25.43 18.99
CA PRO M 589 51.73 24.18 18.52
C PRO M 589 50.83 22.97 18.81
N GLY M 590 50.88 21.97 17.95
CA GLY M 590 49.99 20.85 18.06
C GLY M 590 50.56 19.72 18.90
N PRO M 591 49.70 18.75 19.25
CA PRO M 591 50.17 17.59 20.03
C PRO M 591 51.39 16.92 19.40
N LYS M 592 52.07 16.09 20.20
CA LYS M 592 53.26 15.41 19.69
C LYS M 592 52.92 14.65 18.41
N SER M 593 53.93 14.53 17.53
CA SER M 593 53.65 14.21 16.14
C SER M 593 53.39 12.72 15.92
N SER M 594 54.38 11.87 16.16
CA SER M 594 54.35 10.51 15.68
C SER M 594 54.80 9.54 16.78
N ASP M 595 54.78 8.25 16.44
CA ASP M 595 55.23 7.19 17.33
C ASP M 595 56.46 6.48 16.76
N ALA M 596 56.39 5.96 15.53
CA ALA M 596 57.52 5.29 14.91
C ALA M 596 57.18 4.99 13.46
N VAL M 597 58.21 5.00 12.61
CA VAL M 597 58.07 4.75 11.18
C VAL M 597 58.96 3.57 10.82
N PHE M 598 58.75 3.02 9.62
CA PHE M 598 59.36 1.76 9.22
C PHE M 598 60.33 1.88 8.04
N SER M 599 60.07 2.77 7.08
CA SER M 599 60.89 2.81 5.88
C SER M 599 62.25 3.44 6.14
N GLU M 600 62.28 4.50 6.96
CA GLU M 600 63.55 5.13 7.30
C GLU M 600 64.52 4.12 7.91
N GLU M 601 64.11 3.47 9.00
CA GLU M 601 65.02 2.57 9.71
C GLU M 601 65.51 1.43 8.84
N TRP M 602 64.80 1.10 7.76
CA TRP M 602 65.19 0.01 6.89
C TRP M 602 66.01 0.47 5.69
N ALA M 603 65.85 1.73 5.27
CA ALA M 603 66.61 2.25 4.13
C ALA M 603 67.91 2.91 4.57
N ASN M 604 67.82 3.85 5.51
CA ASN M 604 69.02 4.51 6.02
C ASN M 604 70.08 3.49 6.42
N CYS M 605 69.68 2.46 7.16
CA CYS M 605 70.61 1.43 7.61
C CYS M 605 71.10 0.60 6.42
N LEU N 3 31.87 24.01 -37.35
CA LEU N 3 32.78 22.96 -36.92
C LEU N 3 33.20 23.14 -35.46
N PHE N 4 32.57 24.09 -34.77
CA PHE N 4 32.80 24.28 -33.35
C PHE N 4 31.95 23.29 -32.57
N LYS N 5 32.59 22.54 -31.67
CA LYS N 5 31.91 21.53 -30.86
C LYS N 5 32.28 21.71 -29.40
N LEU N 6 31.28 21.58 -28.52
CA LEU N 6 31.46 21.80 -27.10
C LEU N 6 32.04 20.58 -26.38
N THR N 7 32.11 19.42 -27.02
CA THR N 7 32.66 18.22 -26.41
C THR N 7 32.76 17.14 -27.48
N GLU N 8 33.36 16.01 -27.11
CA GLU N 8 33.55 14.89 -28.02
C GLU N 8 32.88 13.61 -27.58
N ILE N 9 32.57 13.45 -26.29
CA ILE N 9 31.84 12.29 -25.79
C ILE N 9 30.39 12.69 -25.60
N SER N 10 29.48 11.84 -26.05
CA SER N 10 28.06 12.16 -26.13
C SER N 10 27.33 11.70 -24.87
N ALA N 11 26.07 12.10 -24.78
CA ALA N 11 25.31 12.03 -23.54
C ALA N 11 24.39 10.82 -23.52
N ILE N 12 23.75 10.63 -22.36
CA ILE N 12 22.92 9.46 -22.11
C ILE N 12 21.53 9.82 -21.60
N GLY N 13 21.30 11.05 -21.16
CA GLY N 13 20.01 11.41 -20.59
C GLY N 13 20.08 12.79 -19.97
N TYR N 14 19.09 13.09 -19.13
CA TYR N 14 19.01 14.40 -18.50
C TYR N 14 18.34 14.28 -17.13
N VAL N 15 18.79 15.11 -16.20
CA VAL N 15 18.26 15.13 -14.83
C VAL N 15 16.87 15.76 -14.80
N VAL N 16 15.97 15.16 -14.02
CA VAL N 16 14.62 15.69 -13.87
C VAL N 16 14.17 15.75 -12.41
N GLY N 17 14.99 15.33 -11.46
CA GLY N 17 14.57 15.39 -10.07
C GLY N 17 15.66 15.17 -9.04
N LEU N 18 15.56 15.92 -7.94
CA LEU N 18 16.41 15.72 -6.77
C LEU N 18 15.52 15.63 -5.55
N GLU N 19 15.63 14.52 -4.81
CA GLU N 19 14.87 14.30 -3.58
C GLU N 19 15.86 13.88 -2.51
N GLY N 20 16.45 14.86 -1.83
CA GLY N 20 17.44 14.60 -0.82
C GLY N 20 18.78 14.21 -1.42
N GLU N 21 19.19 12.96 -1.17
CA GLU N 21 20.44 12.45 -1.73
C GLU N 21 20.27 11.83 -3.10
N ARG N 22 19.04 11.56 -3.51
CA ARG N 22 18.79 10.85 -4.76
C ARG N 22 18.90 11.77 -5.97
N ILE N 23 19.10 11.14 -7.12
CA ILE N 23 19.13 11.81 -8.42
C ILE N 23 18.27 10.99 -9.38
N ARG N 24 17.52 11.67 -10.23
CA ARG N 24 16.59 11.01 -11.15
C ARG N 24 16.88 11.44 -12.58
N ILE N 25 16.95 10.46 -13.47
CA ILE N 25 17.50 10.62 -14.82
C ILE N 25 16.47 10.06 -15.80
N ASN N 26 16.22 10.80 -16.88
CA ASN N 26 15.43 10.29 -17.99
C ASN N 26 16.34 10.09 -19.20
N LEU N 27 16.21 8.93 -19.82
CA LEU N 27 17.09 8.50 -20.90
C LEU N 27 16.55 8.91 -22.26
N HIS N 28 17.44 8.94 -23.24
CA HIS N 28 17.06 9.20 -24.61
C HIS N 28 16.55 7.92 -25.27
N GLU N 29 15.92 8.08 -26.43
CA GLU N 29 15.27 6.99 -27.12
C GLU N 29 16.26 6.28 -28.05
N GLY N 30 16.25 4.95 -27.98
CA GLY N 30 17.14 4.12 -28.77
C GLY N 30 18.30 3.58 -27.97
N LEU N 31 19.22 2.95 -28.70
CA LEU N 31 20.47 2.48 -28.10
C LEU N 31 21.44 3.63 -27.81
N GLN N 32 21.09 4.85 -28.23
CA GLN N 32 21.86 6.04 -27.87
C GLN N 32 21.80 6.32 -26.38
N GLY N 33 20.89 5.66 -25.65
CA GLY N 33 20.80 5.79 -24.21
C GLY N 33 21.51 4.70 -23.45
N ARG N 34 22.12 3.75 -24.14
CA ARG N 34 22.90 2.69 -23.50
C ARG N 34 24.35 2.69 -23.95
N LEU N 35 24.60 2.74 -25.26
CA LEU N 35 25.95 2.58 -25.79
C LEU N 35 26.59 3.93 -26.09
N ALA N 36 27.87 3.89 -26.42
CA ALA N 36 28.63 5.07 -26.80
C ALA N 36 29.91 4.61 -27.49
N SER N 37 30.54 5.55 -28.19
CA SER N 37 31.77 5.28 -28.91
C SER N 37 32.53 6.58 -29.03
N HIS N 38 33.84 6.54 -28.79
CA HIS N 38 34.65 7.74 -28.79
C HIS N 38 36.06 7.39 -29.28
N ARG N 39 36.92 8.40 -29.29
CA ARG N 39 38.26 8.24 -29.86
C ARG N 39 39.08 7.17 -29.16
N LYS N 40 38.68 6.75 -27.97
CA LYS N 40 39.46 5.81 -27.17
C LYS N 40 38.91 4.39 -27.15
N GLY N 41 37.63 4.20 -27.47
CA GLY N 41 37.06 2.87 -27.45
C GLY N 41 35.54 2.86 -27.36
N VAL N 42 35.01 1.90 -26.60
CA VAL N 42 33.58 1.71 -26.44
C VAL N 42 33.29 1.55 -24.96
N SER N 43 32.25 2.24 -24.47
CA SER N 43 31.91 2.25 -23.06
C SER N 43 30.41 2.14 -22.89
N SER N 44 29.98 1.52 -21.79
CA SER N 44 28.58 1.18 -21.58
C SER N 44 28.15 1.49 -20.16
N VAL N 45 26.83 1.52 -19.97
CA VAL N 45 26.19 1.61 -18.67
C VAL N 45 24.93 0.74 -18.74
N THR N 46 24.93 -0.36 -17.98
CA THR N 46 23.93 -1.42 -18.18
C THR N 46 23.11 -1.75 -16.95
N GLN N 47 23.73 -1.82 -15.78
CA GLN N 47 23.08 -2.45 -14.63
C GLN N 47 23.44 -1.70 -13.37
N PRO N 48 22.74 -1.97 -12.26
CA PRO N 48 23.14 -1.41 -10.98
C PRO N 48 24.54 -1.84 -10.59
N GLY N 49 25.25 -0.93 -9.93
CA GLY N 49 26.64 -1.14 -9.61
C GLY N 49 27.62 -0.53 -10.58
N ASP N 50 27.20 0.49 -11.34
CA ASP N 50 28.02 1.10 -12.36
C ASP N 50 28.13 2.59 -12.08
N LEU N 51 29.21 3.19 -12.59
CA LEU N 51 29.55 4.57 -12.33
C LEU N 51 29.12 5.46 -13.48
N ILE N 52 28.67 6.67 -13.15
CA ILE N 52 28.16 7.63 -14.13
C ILE N 52 28.60 9.01 -13.70
N GLY N 53 28.59 9.94 -14.65
CA GLY N 53 29.13 11.27 -14.42
C GLY N 53 28.20 12.36 -14.90
N PHE N 54 28.30 13.52 -14.26
CA PHE N 54 27.52 14.71 -14.59
C PHE N 54 28.44 15.91 -14.72
N ASP N 55 28.12 16.77 -15.67
CA ASP N 55 28.80 18.05 -15.82
C ASP N 55 28.27 19.06 -14.81
N ALA N 56 29.17 19.90 -14.27
CA ALA N 56 28.72 21.02 -13.45
C ALA N 56 29.56 22.26 -13.71
N GLY N 57 30.13 22.38 -14.90
CA GLY N 57 31.00 23.49 -15.21
C GLY N 57 32.46 23.20 -14.91
N ASN N 58 32.91 23.64 -13.74
CA ASN N 58 34.30 23.46 -13.35
C ASN N 58 34.56 22.12 -12.67
N ILE N 59 33.53 21.34 -12.36
CA ILE N 59 33.69 20.04 -11.74
C ILE N 59 32.84 19.00 -12.46
N LEU N 60 33.24 17.75 -12.30
CA LEU N 60 32.50 16.59 -12.77
C LEU N 60 32.06 15.78 -11.57
N VAL N 61 30.76 15.57 -11.44
CA VAL N 61 30.20 14.83 -10.31
C VAL N 61 30.12 13.36 -10.67
N VAL N 62 30.46 12.50 -9.72
CA VAL N 62 30.53 11.06 -9.91
C VAL N 62 29.44 10.40 -9.08
N ALA N 63 28.83 9.35 -9.63
CA ALA N 63 27.69 8.72 -8.98
C ALA N 63 27.64 7.24 -9.33
N ARG N 64 26.90 6.51 -8.51
CA ARG N 64 26.71 5.07 -8.66
C ARG N 64 25.23 4.77 -8.84
N VAL N 65 24.93 3.86 -9.77
CA VAL N 65 23.56 3.49 -10.10
C VAL N 65 23.02 2.50 -9.06
N THR N 66 21.69 2.54 -8.86
CA THR N 66 21.06 1.63 -7.92
C THR N 66 19.88 0.88 -8.53
N ASP N 67 19.10 1.55 -9.38
CA ASP N 67 17.87 0.99 -9.93
C ASP N 67 17.78 1.30 -11.41
N MET N 68 16.75 0.74 -12.04
CA MET N 68 16.44 0.93 -13.45
C MET N 68 15.10 0.28 -13.74
N ALA N 69 14.33 0.88 -14.65
CA ALA N 69 12.98 0.38 -14.89
C ALA N 69 12.32 1.17 -16.02
N PHE N 70 11.20 0.62 -16.48
CA PHE N 70 10.29 1.26 -17.41
C PHE N 70 9.27 2.09 -16.65
N VAL N 71 8.61 2.99 -17.38
CA VAL N 71 7.53 3.78 -16.81
C VAL N 71 6.21 3.41 -17.47
N ILE N 89 7.47 3.00 -28.22
CA ILE N 89 8.19 2.36 -27.14
C ILE N 89 7.97 3.12 -25.84
N PRO N 90 8.21 2.48 -24.70
CA PRO N 90 8.05 3.17 -23.41
C PRO N 90 9.31 3.90 -22.98
N LEU N 91 9.18 4.64 -21.89
CA LEU N 91 10.25 5.45 -21.33
C LEU N 91 10.95 4.71 -20.19
N ARG N 92 12.21 5.06 -19.95
CA ARG N 92 13.06 4.37 -19.00
C ARG N 92 13.68 5.37 -18.04
N GLN N 93 13.84 4.95 -16.78
CA GLN N 93 14.38 5.81 -15.74
C GLN N 93 15.55 5.15 -15.02
N ILE N 94 16.22 5.93 -14.17
CA ILE N 94 17.39 5.49 -13.43
C ILE N 94 17.42 6.22 -12.09
N ILE N 95 18.06 5.60 -11.10
CA ILE N 95 18.28 6.20 -9.78
C ILE N 95 19.74 6.03 -9.42
N ALA N 96 20.31 7.03 -8.76
CA ALA N 96 21.74 7.04 -8.46
C ALA N 96 22.02 7.81 -7.18
N TYR N 97 23.22 7.60 -6.64
CA TYR N 97 23.72 8.33 -5.49
C TYR N 97 25.10 8.88 -5.79
N ALA N 98 25.53 9.86 -5.00
CA ALA N 98 26.74 10.62 -5.28
C ALA N 98 27.95 10.06 -4.51
N ILE N 99 29.13 10.24 -5.10
CA ILE N 99 30.37 9.67 -4.57
C ILE N 99 31.41 10.76 -4.35
N GLY N 100 31.57 11.65 -5.33
CA GLY N 100 32.62 12.65 -5.27
C GLY N 100 32.64 13.50 -6.52
N PHE N 101 33.79 14.13 -6.77
CA PHE N 101 33.93 14.99 -7.95
C PHE N 101 35.39 15.10 -8.34
N VAL N 102 35.61 15.46 -9.61
CA VAL N 102 36.94 15.63 -10.19
C VAL N 102 37.10 17.07 -10.64
N LYS N 103 38.33 17.57 -10.57
CA LYS N 103 38.65 18.94 -10.98
C LYS N 103 40.10 19.03 -11.41
N ARG N 104 40.50 20.23 -11.83
CA ARG N 104 41.84 20.50 -12.37
C ARG N 104 42.77 21.05 -11.31
N GLU N 105 44.06 20.73 -11.43
CA GLU N 105 45.07 21.30 -10.53
C GLU N 105 46.08 22.18 -11.26
N LEU N 106 46.92 21.61 -12.14
CA LEU N 106 47.83 22.39 -12.96
C LEU N 106 47.59 22.13 -14.45
N ASN N 107 47.76 20.88 -14.88
CA ASN N 107 47.43 20.43 -16.22
C ASN N 107 46.82 19.04 -16.17
N GLY N 108 46.35 18.62 -15.00
CA GLY N 108 45.82 17.30 -14.78
C GLY N 108 44.59 17.37 -13.91
N TYR N 109 44.38 16.37 -13.06
CA TYR N 109 43.15 16.30 -12.28
C TYR N 109 43.44 15.71 -10.92
N VAL N 110 42.42 15.74 -10.07
CA VAL N 110 42.49 15.15 -8.74
C VAL N 110 41.07 14.87 -8.28
N PHE N 111 40.91 13.77 -7.54
CA PHE N 111 39.60 13.30 -7.09
C PHE N 111 39.43 13.59 -5.61
N ILE N 112 38.31 14.21 -5.25
CA ILE N 112 38.00 14.58 -3.89
C ILE N 112 36.75 13.81 -3.45
N SER N 113 36.78 13.29 -2.24
CA SER N 113 35.71 12.43 -1.71
C SER N 113 34.90 13.19 -0.67
N GLU N 114 33.73 13.66 -1.08
CA GLU N 114 32.73 14.22 -0.17
C GLU N 114 31.44 14.38 -0.95
N ASP N 115 30.33 13.97 -0.34
CA ASP N 115 29.09 13.67 -1.06
C ASP N 115 27.94 14.58 -0.67
N TRP N 116 28.21 15.86 -0.46
CA TRP N 116 27.14 16.83 -0.22
C TRP N 116 26.81 17.66 -1.44
N ARG N 117 27.61 17.59 -2.49
CA ARG N 117 27.38 18.34 -3.72
C ARG N 117 26.54 17.55 -4.70
N LEU N 118 25.67 18.23 -5.42
CA LEU N 118 24.74 17.63 -6.37
C LEU N 118 24.76 18.43 -7.66
N PRO N 119 24.25 17.85 -8.75
CA PRO N 119 24.16 18.60 -10.01
C PRO N 119 22.88 19.43 -10.12
N ALA N 120 22.69 20.09 -11.25
CA ALA N 120 21.57 20.99 -11.46
C ALA N 120 20.62 20.44 -12.51
N LEU N 121 19.33 20.71 -12.33
CA LEU N 121 18.31 20.31 -13.29
C LEU N 121 18.71 20.65 -14.72
N GLY N 122 18.40 19.74 -15.63
CA GLY N 122 18.73 19.90 -17.02
C GLY N 122 20.13 19.43 -17.40
N SER N 123 20.99 19.18 -16.43
CA SER N 123 22.33 18.73 -16.73
C SER N 123 22.28 17.42 -17.52
N SER N 124 23.39 17.13 -18.21
CA SER N 124 23.49 15.98 -19.09
C SER N 124 24.41 14.94 -18.48
N ALA N 125 24.01 13.67 -18.60
CA ALA N 125 24.75 12.55 -18.04
C ALA N 125 25.59 11.87 -19.11
N VAL N 126 26.81 11.49 -18.74
CA VAL N 126 27.74 10.85 -19.67
C VAL N 126 28.43 9.69 -18.98
N PRO N 127 28.86 8.71 -19.75
CA PRO N 127 29.62 7.59 -19.17
C PRO N 127 31.05 7.98 -18.85
N LEU N 128 31.68 7.16 -18.02
CA LEU N 128 33.04 7.38 -17.56
C LEU N 128 34.00 6.54 -18.38
N THR N 129 34.91 7.19 -19.09
CA THR N 129 35.92 6.51 -19.87
C THR N 129 37.01 5.96 -18.95
N SER N 130 38.00 5.30 -19.53
CA SER N 130 39.03 4.62 -18.78
C SER N 130 40.17 5.54 -18.34
N ASP N 131 40.12 6.81 -18.69
CA ASP N 131 41.08 7.79 -18.20
C ASP N 131 40.64 8.42 -16.88
N PHE N 132 39.34 8.60 -16.69
CA PHE N 132 38.81 9.13 -15.44
C PHE N 132 38.66 8.06 -14.37
N LEU N 133 39.03 6.80 -14.64
CA LEU N 133 39.04 5.77 -13.63
C LEU N 133 40.40 5.59 -12.99
N ASN N 134 41.47 5.74 -13.77
CA ASN N 134 42.82 5.75 -13.21
C ASN N 134 42.99 6.88 -12.20
N ILE N 135 42.17 7.93 -12.32
CA ILE N 135 42.27 9.06 -11.40
C ILE N 135 41.46 8.79 -10.14
N ILE N 136 40.31 8.13 -10.27
CA ILE N 136 39.51 7.77 -9.12
C ILE N 136 40.22 6.75 -8.26
N TYR N 137 40.88 5.76 -8.89
CA TYR N 137 41.66 4.76 -8.18
C TYR N 137 43.14 5.04 -8.40
N SER N 138 43.73 5.88 -7.53
CA SER N 138 45.14 6.19 -7.61
C SER N 138 45.60 6.74 -6.28
N ILE N 139 46.93 6.87 -6.16
CA ILE N 139 47.57 7.44 -4.98
C ILE N 139 48.45 8.61 -5.41
N ASP N 140 48.90 9.37 -4.42
CA ASP N 140 49.62 10.62 -4.66
C ASP N 140 50.97 10.39 -5.32
N LYS N 141 51.65 11.49 -5.68
CA LYS N 141 53.07 11.41 -6.00
C LYS N 141 53.92 11.24 -4.75
N GLU N 142 53.41 11.73 -3.62
CA GLU N 142 54.15 11.63 -2.35
C GLU N 142 54.39 10.18 -1.96
N GLU N 143 53.52 9.27 -2.40
CA GLU N 143 53.53 7.88 -1.95
C GLU N 143 53.89 6.90 -3.04
N LEU N 144 53.93 7.31 -4.30
CA LEU N 144 54.24 6.42 -5.41
C LEU N 144 55.61 5.77 -5.25
N PRO N 145 56.59 6.42 -4.61
CA PRO N 145 57.87 5.74 -4.36
C PRO N 145 57.81 4.67 -3.29
N LYS N 146 56.72 4.56 -2.54
CA LYS N 146 56.59 3.60 -1.45
C LYS N 146 55.46 2.60 -1.71
N ALA N 147 55.25 2.22 -2.96
CA ALA N 147 54.07 1.48 -3.36
C ALA N 147 54.41 0.03 -3.67
N VAL N 148 53.35 -0.79 -3.72
CA VAL N 148 53.45 -2.22 -3.98
C VAL N 148 52.21 -2.64 -4.76
N GLU N 149 52.42 -3.26 -5.93
CA GLU N 149 51.33 -3.64 -6.80
C GLU N 149 50.73 -4.97 -6.36
N LEU N 150 49.40 -5.05 -6.36
CA LEU N 150 48.69 -6.21 -5.83
C LEU N 150 47.80 -6.89 -6.86
N GLY N 151 47.08 -6.13 -7.67
CA GLY N 151 46.16 -6.74 -8.62
C GLY N 151 45.55 -5.79 -9.62
N VAL N 152 44.33 -6.10 -10.05
CA VAL N 152 43.66 -5.39 -11.14
C VAL N 152 42.17 -5.34 -10.83
N ASP N 153 41.54 -4.24 -11.22
CA ASP N 153 40.10 -4.09 -11.08
C ASP N 153 39.37 -5.30 -11.65
N SER N 154 38.27 -5.68 -11.01
CA SER N 154 37.57 -6.90 -11.34
C SER N 154 36.46 -6.70 -12.36
N ARG N 155 35.77 -5.56 -12.32
CA ARG N 155 34.61 -5.35 -13.19
C ARG N 155 34.99 -4.95 -14.60
N THR N 156 36.16 -4.35 -14.79
CA THR N 156 36.60 -3.89 -16.10
C THR N 156 37.97 -4.40 -16.50
N LYS N 157 38.89 -4.55 -15.54
CA LYS N 157 40.19 -5.17 -15.77
C LYS N 157 41.09 -4.28 -16.63
N THR N 158 41.02 -2.97 -16.42
CA THR N 158 41.87 -2.02 -17.13
C THR N 158 42.72 -1.17 -16.20
N VAL N 159 42.46 -1.17 -14.90
CA VAL N 159 43.12 -0.29 -13.94
C VAL N 159 43.92 -1.13 -12.96
N LYS N 160 45.10 -0.64 -12.61
CA LYS N 160 45.97 -1.28 -11.64
C LYS N 160 45.80 -0.65 -10.27
N ILE N 161 46.08 -1.44 -9.24
CA ILE N 161 45.86 -1.06 -7.85
C ILE N 161 47.19 -1.07 -7.13
N PHE N 162 47.54 0.06 -6.51
CA PHE N 162 48.75 0.20 -5.71
C PHE N 162 48.37 0.58 -4.29
N ALA N 163 49.29 0.33 -3.36
CA ALA N 163 49.09 0.68 -1.96
C ALA N 163 50.44 0.97 -1.32
N SER N 164 50.41 1.68 -0.21
CA SER N 164 51.61 2.18 0.46
C SER N 164 52.02 1.26 1.60
N VAL N 165 53.29 0.87 1.61
CA VAL N 165 53.82 0.02 2.68
C VAL N 165 53.68 0.71 4.03
N ASP N 166 53.90 2.03 4.07
CA ASP N 166 53.88 2.74 5.34
C ASP N 166 52.52 2.64 6.02
N LYS N 167 51.44 2.79 5.25
CA LYS N 167 50.10 2.67 5.80
C LYS N 167 49.62 1.24 5.90
N LEU N 168 50.24 0.32 5.17
CA LEU N 168 49.82 -1.09 5.22
C LEU N 168 50.43 -1.80 6.42
N LEU N 169 51.76 -1.80 6.51
CA LEU N 169 52.46 -2.45 7.61
C LEU N 169 52.87 -1.42 8.67
N SER N 170 51.87 -0.82 9.28
CA SER N 170 52.08 -0.01 10.48
C SER N 170 51.39 -0.63 11.69
N ARG N 171 50.09 -0.86 11.62
CA ARG N 171 49.35 -1.63 12.60
C ARG N 171 49.03 -3.00 12.02
N HIS N 172 48.21 -3.77 12.72
CA HIS N 172 47.97 -5.15 12.37
C HIS N 172 47.18 -5.24 11.06
N LEU N 173 47.16 -6.45 10.48
CA LEU N 173 46.50 -6.68 9.20
C LEU N 173 45.83 -8.04 9.21
N ALA N 174 44.68 -8.12 8.54
CA ALA N 174 43.80 -9.27 8.61
C ALA N 174 43.49 -9.83 7.22
N VAL N 175 43.64 -11.14 7.09
CA VAL N 175 43.33 -11.88 5.88
C VAL N 175 42.33 -12.97 6.25
N LEU N 176 41.14 -12.90 5.65
CA LEU N 176 40.05 -13.78 6.02
C LEU N 176 39.49 -14.45 4.78
N GLY N 177 38.98 -15.66 4.95
CA GLY N 177 38.39 -16.41 3.86
C GLY N 177 38.28 -17.88 4.19
N SER N 178 37.70 -18.61 3.25
CA SER N 178 37.49 -20.04 3.38
C SER N 178 38.58 -20.81 2.65
N THR N 179 38.41 -22.13 2.58
CA THR N 179 39.41 -23.01 1.99
C THR N 179 39.20 -23.17 0.49
N GLY N 180 40.28 -23.10 -0.26
CA GLY N 180 40.23 -23.21 -1.70
C GLY N 180 40.03 -21.91 -2.42
N TYR N 181 40.25 -20.77 -1.77
CA TYR N 181 39.92 -19.48 -2.34
C TYR N 181 41.08 -18.49 -2.39
N GLY N 182 42.24 -18.81 -1.83
CA GLY N 182 43.44 -18.04 -2.13
C GLY N 182 44.13 -17.30 -1.00
N LYS N 183 44.16 -17.85 0.21
CA LYS N 183 44.74 -17.12 1.34
C LYS N 183 46.26 -17.09 1.33
N SER N 184 46.92 -18.09 0.71
CA SER N 184 48.37 -18.20 0.78
C SER N 184 49.09 -17.53 -0.38
N ASN N 185 48.43 -17.46 -1.54
CA ASN N 185 48.99 -16.71 -2.67
C ASN N 185 49.26 -15.26 -2.28
N PHE N 186 48.30 -14.64 -1.59
CA PHE N 186 48.47 -13.25 -1.17
C PHE N 186 49.61 -13.09 -0.18
N ASN N 187 49.71 -14.01 0.79
CA ASN N 187 50.80 -13.94 1.75
C ASN N 187 52.15 -14.00 1.05
N ALA N 188 52.30 -14.94 0.13
CA ALA N 188 53.59 -15.11 -0.55
C ALA N 188 53.92 -13.90 -1.41
N LEU N 189 52.98 -13.48 -2.24
CA LEU N 189 53.11 -12.26 -3.03
C LEU N 189 53.63 -11.10 -2.19
N LEU N 190 52.88 -10.75 -1.15
CA LEU N 190 53.18 -9.55 -0.37
C LEU N 190 54.54 -9.65 0.31
N THR N 191 54.80 -10.79 0.99
CA THR N 191 56.06 -10.91 1.70
C THR N 191 57.25 -10.87 0.74
N ARG N 192 57.15 -11.59 -0.38
CA ARG N 192 58.27 -11.64 -1.31
C ARG N 192 58.57 -10.29 -1.93
N LYS N 193 57.53 -9.55 -2.33
CA LYS N 193 57.77 -8.27 -2.99
C LYS N 193 57.82 -7.11 -2.01
N VAL N 194 57.80 -7.39 -0.70
CA VAL N 194 58.37 -6.45 0.26
C VAL N 194 59.85 -6.75 0.49
N SER N 195 60.24 -8.03 0.48
CA SER N 195 61.64 -8.39 0.65
C SER N 195 62.48 -7.93 -0.53
N GLU N 196 61.92 -7.95 -1.74
CA GLU N 196 62.67 -7.47 -2.90
C GLU N 196 62.90 -5.97 -2.83
N LYS N 197 61.98 -5.23 -2.22
CA LYS N 197 62.03 -3.77 -2.24
C LYS N 197 62.82 -3.19 -1.07
N TYR N 198 62.74 -3.81 0.11
CA TYR N 198 63.47 -3.34 1.28
C TYR N 198 64.33 -4.50 1.78
N PRO N 199 65.54 -4.66 1.22
CA PRO N 199 66.35 -5.83 1.58
C PRO N 199 66.70 -5.91 3.06
N ASN N 200 66.81 -4.78 3.75
CA ASN N 200 67.13 -4.79 5.17
C ASN N 200 65.91 -5.05 6.05
N SER N 201 64.78 -5.45 5.46
CA SER N 201 63.59 -5.76 6.24
C SER N 201 63.83 -6.96 7.15
N ARG N 202 62.90 -7.18 8.06
CA ARG N 202 62.99 -8.24 9.06
C ARG N 202 61.64 -8.93 9.14
N ILE N 203 61.59 -10.19 8.68
CA ILE N 203 60.33 -10.92 8.53
C ILE N 203 60.46 -12.29 9.17
N VAL N 204 59.41 -12.72 9.87
CA VAL N 204 59.35 -14.02 10.51
C VAL N 204 58.01 -14.66 10.17
N ILE N 205 58.06 -15.97 9.90
CA ILE N 205 56.90 -16.71 9.39
C ILE N 205 56.69 -17.96 10.23
N PHE N 206 55.47 -18.12 10.75
CA PHE N 206 55.06 -19.35 11.45
C PHE N 206 54.36 -20.25 10.42
N ASP N 207 55.06 -21.30 9.98
CA ASP N 207 54.55 -22.23 8.99
C ASP N 207 54.08 -23.49 9.69
N ILE N 208 52.79 -23.81 9.51
CA ILE N 208 52.17 -24.94 10.21
C ILE N 208 52.16 -26.20 9.35
N ASN N 209 52.54 -26.12 8.08
CA ASN N 209 52.51 -27.26 7.18
C ASN N 209 53.76 -27.42 6.33
N GLY N 210 54.69 -26.47 6.35
CA GLY N 210 55.88 -26.57 5.54
C GLY N 210 55.64 -26.39 4.06
N GLU N 211 55.22 -25.19 3.66
CA GLU N 211 54.91 -24.92 2.26
C GLU N 211 55.41 -23.57 1.75
N TYR N 212 56.06 -22.76 2.58
CA TYR N 212 56.45 -21.40 2.22
C TYR N 212 57.93 -21.29 1.85
N ALA N 213 58.60 -22.41 1.60
CA ALA N 213 60.02 -22.39 1.28
C ALA N 213 60.31 -22.70 -0.18
N GLN N 214 59.32 -23.14 -0.94
CA GLN N 214 59.44 -23.22 -2.39
C GLN N 214 59.13 -21.89 -3.06
N ALA N 215 58.76 -20.87 -2.28
CA ALA N 215 58.36 -19.58 -2.81
C ALA N 215 59.41 -18.49 -2.63
N PHE N 216 60.39 -18.71 -1.76
CA PHE N 216 61.48 -17.78 -1.55
C PHE N 216 62.76 -18.22 -2.27
N THR N 217 62.60 -18.87 -3.42
CA THR N 217 63.73 -19.44 -4.15
C THR N 217 64.28 -18.39 -5.11
N GLY N 218 65.34 -17.71 -4.67
CA GLY N 218 65.97 -16.68 -5.46
C GLY N 218 66.18 -15.40 -4.69
N ILE N 219 65.98 -15.45 -3.39
CA ILE N 219 66.16 -14.28 -2.51
C ILE N 219 67.36 -14.56 -1.62
N PRO N 220 68.20 -13.58 -1.32
CA PRO N 220 69.36 -13.82 -0.46
C PRO N 220 69.04 -13.71 1.03
N ASN N 221 69.87 -14.39 1.82
CA ASN N 221 69.85 -14.29 3.27
C ASN N 221 68.63 -14.95 3.92
N VAL N 222 68.14 -16.03 3.31
CA VAL N 222 67.03 -16.78 3.87
C VAL N 222 67.57 -17.88 4.79
N LYS N 223 66.74 -18.31 5.74
CA LYS N 223 67.10 -19.36 6.68
C LYS N 223 65.86 -20.20 6.97
N HIS N 224 66.00 -21.52 6.82
CA HIS N 224 64.91 -22.47 7.00
C HIS N 224 65.22 -23.35 8.20
N THR N 225 64.36 -23.28 9.21
CA THR N 225 64.48 -24.09 10.41
C THR N 225 63.37 -25.13 10.46
N ILE N 226 63.70 -26.28 11.05
CA ILE N 226 62.73 -27.34 11.31
C ILE N 226 62.80 -27.66 12.79
N LEU N 227 61.68 -28.19 13.31
CA LEU N 227 61.46 -28.32 14.74
C LEU N 227 61.36 -29.80 15.10
N GLY N 228 62.34 -30.29 15.85
CA GLY N 228 62.37 -31.70 16.22
C GLY N 228 63.75 -32.31 16.14
N GLU N 229 63.83 -33.56 15.66
CA GLU N 229 65.09 -34.25 15.49
C GLU N 229 65.06 -34.99 14.16
N SER N 230 66.24 -35.46 13.75
CA SER N 230 66.39 -36.10 12.46
C SER N 230 65.83 -37.52 12.48
N PRO N 231 65.49 -38.07 11.31
CA PRO N 231 65.03 -39.46 11.26
C PRO N 231 66.19 -40.43 11.14
N ASN N 232 67.34 -39.92 10.70
CA ASN N 232 68.58 -40.68 10.66
C ASN N 232 69.73 -39.74 10.91
N VAL N 233 70.84 -40.29 11.41
CA VAL N 233 71.93 -39.46 11.91
C VAL N 233 72.83 -38.94 10.79
N ASP N 234 72.88 -39.61 9.64
CA ASP N 234 73.74 -39.18 8.55
C ASP N 234 73.11 -38.09 7.69
N SER N 235 71.86 -37.73 7.93
CA SER N 235 71.14 -36.78 7.08
C SER N 235 71.90 -35.47 6.89
N LEU N 236 71.61 -34.78 5.79
CA LEU N 236 72.30 -33.54 5.46
C LEU N 236 72.04 -32.47 6.50
N GLU N 237 73.07 -31.65 6.73
CA GLU N 237 72.91 -30.41 7.51
C GLU N 237 74.08 -29.49 7.15
N LYS N 238 73.79 -28.40 6.46
CA LYS N 238 74.82 -27.47 6.01
C LYS N 238 74.35 -26.03 6.22
N LYS N 239 75.25 -25.10 5.97
CA LYS N 239 74.99 -23.67 6.10
C LYS N 239 75.23 -22.97 4.76
N GLN N 240 75.18 -21.64 4.78
CA GLN N 240 75.43 -20.82 3.60
C GLN N 240 76.30 -19.64 3.99
N GLN N 241 77.00 -19.10 3.00
CA GLN N 241 77.83 -17.92 3.18
C GLN N 241 77.03 -16.68 2.80
N LYS N 242 77.28 -15.59 3.51
CA LYS N 242 76.44 -14.41 3.41
C LYS N 242 76.34 -13.92 1.97
N GLY N 243 75.17 -13.40 1.61
CA GLY N 243 74.95 -12.78 0.33
C GLY N 243 74.49 -13.71 -0.78
N GLU N 244 74.51 -15.03 -0.56
CA GLU N 244 74.23 -15.98 -1.62
C GLU N 244 72.74 -16.32 -1.67
N LEU N 245 72.28 -16.67 -2.86
CA LEU N 245 70.89 -17.01 -3.08
C LEU N 245 70.53 -18.30 -2.35
N TYR N 246 69.24 -18.51 -2.16
CA TYR N 246 68.72 -19.62 -1.37
C TYR N 246 68.27 -20.77 -2.25
N SER N 247 68.42 -21.99 -1.74
CA SER N 247 67.99 -23.20 -2.40
C SER N 247 67.39 -24.15 -1.37
N GLU N 248 66.57 -25.08 -1.85
CA GLU N 248 65.88 -26.03 -0.97
C GLU N 248 66.79 -27.13 -0.43
N GLU N 249 68.11 -27.03 -0.60
CA GLU N 249 69.01 -28.05 -0.08
C GLU N 249 69.50 -27.72 1.32
N TYR N 250 69.49 -26.45 1.71
CA TYR N 250 70.03 -26.00 2.97
C TYR N 250 68.92 -25.88 4.02
N TYR N 251 69.13 -26.50 5.17
CA TYR N 251 68.17 -26.41 6.27
C TYR N 251 68.85 -26.90 7.54
N CYS N 252 68.07 -26.94 8.64
CA CYS N 252 68.61 -27.24 9.96
C CYS N 252 67.50 -27.79 10.84
N TYR N 253 67.86 -28.13 12.07
CA TYR N 253 66.94 -28.70 13.06
C TYR N 253 67.16 -28.02 14.40
N LYS N 254 66.20 -28.19 15.31
CA LYS N 254 66.37 -27.68 16.66
C LYS N 254 65.29 -28.23 17.57
N LYS N 255 65.55 -28.15 18.87
CA LYS N 255 64.60 -28.48 19.94
C LYS N 255 64.39 -27.23 20.81
N ILE N 256 63.69 -27.41 21.93
CA ILE N 256 63.49 -26.34 22.90
C ILE N 256 63.77 -26.88 24.29
N PRO N 257 64.57 -26.22 25.11
CA PRO N 257 64.78 -26.67 26.49
C PRO N 257 63.57 -26.37 27.37
N TYR N 258 63.51 -27.10 28.48
CA TYR N 258 62.45 -26.89 29.47
C TYR N 258 62.75 -25.73 30.42
N GLN N 259 63.88 -25.05 30.26
CA GLN N 259 64.22 -23.92 31.13
C GLN N 259 63.61 -22.62 30.64
N ALA N 260 63.63 -22.39 29.33
CA ALA N 260 63.20 -21.11 28.78
C ALA N 260 61.77 -20.77 29.15
N LEU N 261 60.94 -21.76 29.46
CA LEU N 261 59.55 -21.48 29.81
C LEU N 261 59.47 -20.58 31.04
N GLY N 262 60.35 -20.79 32.01
CA GLY N 262 60.47 -19.91 33.14
C GLY N 262 59.81 -20.46 34.39
N PHE N 263 59.70 -19.57 35.39
CA PHE N 263 59.10 -19.93 36.66
C PHE N 263 57.57 -19.97 36.57
N ALA N 264 56.97 -19.09 35.77
CA ALA N 264 55.52 -19.02 35.67
C ALA N 264 54.97 -19.78 34.47
N GLY N 265 55.71 -19.84 33.37
CA GLY N 265 55.30 -20.67 32.26
C GLY N 265 55.41 -22.16 32.51
N LEU N 266 55.99 -22.55 33.64
CA LEU N 266 56.11 -23.95 34.03
C LEU N 266 55.11 -24.31 35.12
N ILE N 267 54.18 -23.43 35.44
CA ILE N 267 53.06 -23.72 36.31
C ILE N 267 51.78 -23.93 35.52
N LYS N 268 51.59 -23.14 34.46
CA LYS N 268 50.45 -23.34 33.57
C LYS N 268 50.49 -24.74 32.96
N LEU N 269 51.68 -25.16 32.49
CA LEU N 269 51.82 -26.46 31.86
C LEU N 269 51.31 -27.58 32.76
N LEU N 270 51.52 -27.45 34.08
CA LEU N 270 51.24 -28.54 35.01
C LEU N 270 49.89 -28.43 35.69
N ARG N 271 49.38 -27.21 35.92
CA ARG N 271 48.03 -27.01 36.42
C ARG N 271 47.81 -27.66 37.78
N PRO N 272 48.42 -27.14 38.85
CA PRO N 272 48.12 -27.62 40.20
C PRO N 272 46.94 -26.90 40.81
N SER N 273 46.03 -27.69 41.42
CA SER N 273 44.76 -27.15 41.89
C SER N 273 44.57 -27.30 43.40
N ASP N 274 44.66 -28.50 43.93
CA ASP N 274 44.10 -28.83 45.24
C ASP N 274 45.15 -28.67 46.35
N LYS N 275 44.91 -29.32 47.47
CA LYS N 275 45.35 -28.90 48.80
C LYS N 275 46.75 -28.29 48.85
N THR N 276 47.78 -29.08 48.51
CA THR N 276 49.15 -28.70 48.80
C THR N 276 50.07 -28.97 47.62
N GLN N 277 49.58 -28.69 46.41
CA GLN N 277 50.41 -28.81 45.22
C GLN N 277 51.18 -27.53 44.93
N LEU N 278 50.52 -26.38 45.10
CA LEU N 278 51.11 -25.07 44.84
C LEU N 278 52.39 -24.86 45.65
N PRO N 279 52.34 -24.94 46.99
CA PRO N 279 53.57 -24.65 47.75
C PRO N 279 54.68 -25.64 47.49
N ALA N 280 54.36 -26.92 47.35
CA ALA N 280 55.36 -27.92 47.01
C ALA N 280 56.07 -27.57 45.71
N LEU N 281 55.30 -27.21 44.68
CA LEU N 281 55.90 -26.87 43.40
C LEU N 281 56.73 -25.60 43.50
N ARG N 282 56.24 -24.60 44.24
CA ARG N 282 57.00 -23.36 44.39
C ARG N 282 58.30 -23.59 45.15
N ASN N 283 58.31 -24.52 46.10
CA ASN N 283 59.54 -24.82 46.83
C ASN N 283 60.52 -25.59 45.94
N ALA N 284 60.03 -26.59 45.22
CA ALA N 284 60.87 -27.34 44.29
C ALA N 284 61.55 -26.43 43.26
N LEU N 285 60.75 -25.59 42.59
CA LEU N 285 61.29 -24.72 41.56
C LEU N 285 62.42 -23.84 42.07
N SER N 286 62.42 -23.51 43.36
CA SER N 286 63.52 -22.73 43.94
C SER N 286 64.65 -23.61 44.40
N ALA N 287 64.34 -24.84 44.86
CA ALA N 287 65.38 -25.79 45.22
C ALA N 287 66.22 -26.22 44.03
N ILE N 288 65.71 -26.02 42.81
CA ILE N 288 66.37 -26.50 41.59
C ILE N 288 67.88 -26.29 41.61
N ASN N 289 68.34 -25.18 42.15
CA ASN N 289 69.76 -24.82 42.06
C ASN N 289 70.60 -25.47 43.15
N ARG N 290 70.04 -26.39 43.92
CA ARG N 290 70.77 -27.13 44.94
C ARG N 290 70.50 -28.63 44.80
N THR N 291 70.59 -29.12 43.57
CA THR N 291 70.37 -30.52 43.27
C THR N 291 71.43 -31.03 42.32
N HIS N 292 71.92 -32.24 42.57
CA HIS N 292 72.97 -32.85 41.78
C HIS N 292 72.43 -34.13 41.13
N PHE N 293 73.22 -34.66 40.20
CA PHE N 293 72.82 -35.85 39.46
C PHE N 293 74.02 -36.77 39.28
N LYS N 294 73.76 -38.07 39.28
CA LYS N 294 74.76 -39.09 39.07
C LYS N 294 74.07 -40.26 38.36
N SER N 295 74.65 -41.46 38.46
CA SER N 295 74.27 -42.59 37.64
C SER N 295 72.75 -42.68 37.43
N ARG N 296 72.01 -42.87 38.53
CA ARG N 296 70.56 -42.96 38.44
C ARG N 296 69.86 -42.31 39.63
N ASN N 297 70.56 -41.46 40.39
CA ASN N 297 70.06 -40.99 41.67
C ASN N 297 70.19 -39.48 41.77
N ILE N 298 69.44 -38.92 42.72
CA ILE N 298 69.44 -37.50 42.99
C ILE N 298 69.76 -37.31 44.47
N TYR N 299 70.63 -36.35 44.76
CA TYR N 299 71.16 -36.22 46.12
C TYR N 299 71.47 -34.77 46.43
N LEU N 300 71.58 -34.48 47.72
CA LEU N 300 72.04 -33.21 48.23
C LEU N 300 73.44 -33.38 48.82
N GLU N 301 74.21 -32.29 48.83
CA GLU N 301 75.58 -32.33 49.30
C GLU N 301 75.86 -31.12 50.17
N LYS N 302 76.58 -31.35 51.27
CA LYS N 302 77.01 -30.28 52.16
C LYS N 302 78.35 -29.72 51.70
N ASP N 303 78.73 -28.60 52.31
CA ASP N 303 80.01 -27.98 51.94
C ASP N 303 81.20 -28.81 52.40
N ASP N 304 81.02 -29.60 53.46
CA ASP N 304 82.12 -30.42 53.97
C ASP N 304 82.41 -31.59 53.02
N GLY N 305 81.36 -32.26 52.55
CA GLY N 305 81.53 -33.43 51.69
C GLY N 305 80.58 -34.55 52.02
N GLU N 306 79.70 -34.34 53.00
CA GLU N 306 78.66 -35.31 53.29
C GLU N 306 77.57 -35.24 52.21
N THR N 307 76.76 -36.29 52.15
CA THR N 307 75.70 -36.39 51.14
C THR N 307 74.44 -36.97 51.76
N PHE N 308 73.37 -36.95 50.97
CA PHE N 308 72.08 -37.49 51.36
C PHE N 308 71.29 -37.74 50.09
N LEU N 309 70.51 -38.82 50.09
CA LEU N 309 69.92 -39.35 48.86
C LEU N 309 68.41 -39.36 48.99
N LEU N 310 67.72 -38.79 48.00
CA LEU N 310 66.27 -38.64 47.99
C LEU N 310 65.64 -39.71 47.10
N TYR N 311 64.36 -39.97 47.36
CA TYR N 311 63.61 -41.03 46.70
C TYR N 311 62.26 -40.52 46.24
N ASP N 312 61.60 -41.33 45.41
CA ASP N 312 60.28 -41.04 44.89
C ASP N 312 59.18 -41.85 45.57
N ASP N 313 59.53 -42.89 46.32
CA ASP N 313 58.56 -43.76 46.97
C ASP N 313 58.68 -43.62 48.48
N CYS N 314 57.56 -43.80 49.16
CA CYS N 314 57.48 -43.61 50.60
C CYS N 314 58.09 -44.81 51.34
N ARG N 315 59.38 -44.99 51.15
CA ARG N 315 60.12 -46.05 51.83
C ARG N 315 60.66 -45.54 53.16
N ASP N 316 60.98 -46.48 54.04
CA ASP N 316 61.33 -46.15 55.42
C ASP N 316 62.82 -45.94 55.65
N THR N 317 63.65 -46.15 54.63
CA THR N 317 65.09 -45.98 54.82
C THR N 317 65.43 -44.53 55.11
N ASN N 318 66.17 -44.31 56.20
CA ASN N 318 66.67 -43.00 56.57
C ASN N 318 65.57 -41.95 56.52
N GLN N 319 64.57 -42.13 57.39
CA GLN N 319 63.47 -41.19 57.51
C GLN N 319 63.50 -40.44 58.84
N SER N 320 64.65 -40.43 59.51
CA SER N 320 64.82 -39.70 60.76
C SER N 320 65.53 -38.36 60.55
N LYS N 321 66.63 -38.38 59.82
CA LYS N 321 67.39 -37.15 59.54
C LYS N 321 66.97 -36.56 58.18
N LEU N 322 65.68 -36.28 58.06
CA LEU N 322 65.15 -35.62 56.87
C LEU N 322 64.96 -34.13 57.08
N ALA N 323 64.30 -33.73 58.17
CA ALA N 323 64.08 -32.30 58.43
C ALA N 323 65.40 -31.57 58.64
N GLU N 324 66.36 -32.21 59.31
CA GLU N 324 67.65 -31.58 59.55
C GLU N 324 68.32 -31.18 58.24
N TRP N 325 68.15 -31.99 57.19
CA TRP N 325 68.71 -31.68 55.88
C TRP N 325 67.81 -30.77 55.07
N LEU N 326 66.51 -30.81 55.32
CA LEU N 326 65.53 -30.13 54.48
C LEU N 326 65.26 -28.69 54.92
N ASP N 327 65.56 -28.34 56.17
CA ASP N 327 65.39 -26.96 56.62
C ASP N 327 66.51 -26.08 56.07
N LEU N 328 67.73 -26.61 56.01
CA LEU N 328 68.83 -25.86 55.41
C LEU N 328 68.54 -25.55 53.95
N LEU N 329 67.78 -26.41 53.27
CA LEU N 329 67.41 -26.14 51.88
C LEU N 329 66.57 -24.87 51.78
N ARG N 330 65.58 -24.73 52.66
CA ARG N 330 64.77 -23.52 52.67
C ARG N 330 65.60 -22.30 53.09
N ARG N 331 66.45 -22.46 54.09
CA ARG N 331 67.23 -21.34 54.60
C ARG N 331 68.51 -21.08 53.79
N ARG N 332 68.69 -21.77 52.66
CA ARG N 332 69.78 -21.48 51.73
C ARG N 332 71.13 -21.46 52.44
N ARG N 333 71.44 -22.57 53.13
CA ARG N 333 72.70 -22.69 53.85
C ARG N 333 73.62 -23.78 53.34
N LEU N 334 73.10 -24.76 52.60
CA LEU N 334 73.93 -25.83 52.08
C LEU N 334 74.32 -25.52 50.62
N LYS N 335 74.96 -26.49 49.97
CA LYS N 335 75.72 -26.22 48.76
C LYS N 335 74.83 -26.10 47.53
N ARG N 336 75.41 -25.56 46.46
CA ARG N 336 74.76 -25.42 45.17
C ARG N 336 75.71 -25.92 44.09
N THR N 337 75.19 -26.02 42.86
CA THR N 337 75.93 -26.63 41.77
C THR N 337 76.06 -25.71 40.56
N ASN N 338 76.56 -26.24 39.44
CA ASN N 338 76.87 -25.44 38.26
C ASN N 338 76.42 -26.15 36.98
N VAL N 339 75.33 -26.92 37.04
CA VAL N 339 74.84 -27.64 35.88
C VAL N 339 73.34 -27.85 36.04
N TRP N 340 72.62 -27.76 34.93
CA TRP N 340 71.17 -27.90 34.96
C TRP N 340 70.79 -29.37 35.11
N PRO N 341 69.86 -29.70 36.00
CA PRO N 341 69.41 -31.10 36.10
C PRO N 341 68.28 -31.39 35.14
N PRO N 342 67.79 -32.64 35.10
CA PRO N 342 66.73 -32.99 34.14
C PRO N 342 65.32 -32.68 34.64
N PHE N 343 64.33 -33.07 33.84
CA PHE N 343 62.94 -32.69 34.10
C PHE N 343 62.29 -33.64 35.11
N LYS N 344 62.56 -34.94 35.00
CA LYS N 344 61.95 -35.92 35.89
C LYS N 344 62.27 -35.67 37.36
N SER N 345 63.29 -34.87 37.65
CA SER N 345 63.77 -34.67 39.01
C SER N 345 62.89 -33.72 39.82
N LEU N 346 61.74 -33.31 39.29
CA LEU N 346 60.82 -32.48 40.07
C LEU N 346 59.92 -33.31 40.96
N ALA N 347 59.58 -34.52 40.51
CA ALA N 347 58.65 -35.36 41.25
C ALA N 347 59.21 -35.79 42.60
N THR N 348 60.52 -36.02 42.68
CA THR N 348 61.11 -36.42 43.95
C THR N 348 61.03 -35.29 44.97
N LEU N 349 61.42 -34.08 44.57
CA LEU N 349 61.30 -32.94 45.47
C LEU N 349 59.86 -32.72 45.89
N VAL N 350 58.92 -32.84 44.94
CA VAL N 350 57.50 -32.67 45.28
C VAL N 350 57.09 -33.70 46.33
N ALA N 351 57.40 -34.97 46.09
CA ALA N 351 57.01 -36.02 47.02
C ALA N 351 57.62 -35.80 48.40
N GLU N 352 58.89 -35.38 48.46
CA GLU N 352 59.53 -35.20 49.75
C GLU N 352 58.96 -33.99 50.49
N PHE N 353 58.64 -32.92 49.76
CA PHE N 353 58.01 -31.77 50.41
C PHE N 353 56.56 -32.03 50.78
N GLY N 354 55.95 -33.08 50.24
CA GLY N 354 54.57 -33.37 50.57
C GLY N 354 54.33 -34.52 51.53
N CYS N 355 55.33 -35.39 51.71
CA CYS N 355 55.15 -36.59 52.53
C CYS N 355 56.00 -36.59 53.79
N VAL N 356 56.43 -35.42 54.26
CA VAL N 356 57.21 -35.32 55.49
C VAL N 356 56.29 -34.92 56.63
N ALA N 357 56.53 -35.49 57.80
CA ALA N 357 55.73 -35.21 58.98
C ALA N 357 56.64 -35.25 60.21
N ALA N 358 56.04 -35.01 61.38
CA ALA N 358 56.75 -35.02 62.64
C ALA N 358 56.51 -36.35 63.35
N ASP N 359 57.60 -36.95 63.86
CA ASP N 359 57.55 -38.23 64.54
C ASP N 359 57.54 -38.02 66.05
N ARG N 360 57.06 -39.04 66.76
CA ARG N 360 57.06 -39.03 68.23
C ARG N 360 58.37 -39.54 68.80
N SER N 361 59.15 -40.31 68.04
CA SER N 361 60.43 -40.80 68.51
C SER N 361 61.51 -39.75 68.31
N ASN N 362 61.24 -38.52 68.73
CA ASN N 362 62.21 -37.43 68.70
C ASN N 362 62.91 -37.33 67.35
N GLY N 363 62.22 -37.74 66.28
CA GLY N 363 62.79 -37.68 64.95
C GLY N 363 61.79 -37.29 63.89
N SER N 364 62.07 -37.65 62.64
CA SER N 364 61.19 -37.37 61.52
C SER N 364 60.54 -38.66 61.03
N LYS N 365 59.50 -38.51 60.21
CA LYS N 365 58.76 -39.64 59.68
C LYS N 365 58.34 -39.33 58.26
N ARG N 366 58.10 -40.40 57.49
CA ARG N 366 57.55 -40.31 56.15
C ARG N 366 56.10 -40.74 56.23
N ASP N 367 55.19 -39.80 56.00
CA ASP N 367 53.77 -40.05 56.13
C ASP N 367 53.21 -40.60 54.83
N ALA N 368 51.93 -40.99 54.86
CA ALA N 368 51.23 -41.44 53.66
C ALA N 368 49.90 -40.73 53.46
N PHE N 369 49.50 -39.87 54.38
CA PHE N 369 48.30 -39.05 54.24
C PHE N 369 48.58 -37.74 53.51
N GLY N 370 49.81 -37.52 53.06
CA GLY N 370 50.15 -36.35 52.28
C GLY N 370 50.52 -36.73 50.86
N PHE N 371 51.04 -37.95 50.71
CA PHE N 371 51.18 -38.52 49.38
C PHE N 371 49.83 -38.55 48.68
N SER N 372 48.78 -38.89 49.40
CA SER N 372 47.43 -38.89 48.82
C SER N 372 46.98 -37.50 48.42
N ASN N 373 47.61 -36.45 48.96
CA ASN N 373 47.28 -35.07 48.58
C ASN N 373 48.10 -34.61 47.38
N VAL N 374 49.36 -35.05 47.31
CA VAL N 374 50.27 -34.60 46.26
C VAL N 374 50.28 -35.52 45.04
N LEU N 375 49.58 -36.65 45.10
CA LEU N 375 49.74 -37.67 44.07
C LEU N 375 49.30 -37.22 42.67
N PRO N 376 48.18 -36.52 42.49
CA PRO N 376 47.70 -36.26 41.12
C PRO N 376 48.68 -35.50 40.24
N LEU N 377 49.68 -34.83 40.82
CA LEU N 377 50.60 -33.98 40.06
C LEU N 377 51.82 -34.76 39.58
N VAL N 378 52.46 -35.51 40.48
CA VAL N 378 53.56 -36.39 40.10
C VAL N 378 53.12 -37.33 38.99
N LYS N 379 51.83 -37.70 38.98
CA LYS N 379 51.34 -38.62 37.96
C LYS N 379 51.43 -38.00 36.57
N ILE N 380 50.94 -36.77 36.41
CA ILE N 380 51.01 -36.14 35.10
C ILE N 380 52.45 -35.80 34.75
N ILE N 381 53.28 -35.45 35.72
CA ILE N 381 54.69 -35.22 35.43
C ILE N 381 55.31 -36.48 34.83
N GLN N 382 55.04 -37.63 35.46
CA GLN N 382 55.62 -38.89 34.99
C GLN N 382 55.07 -39.27 33.62
N GLN N 383 53.76 -39.10 33.40
CA GLN N 383 53.18 -39.43 32.11
C GLN N 383 53.60 -38.45 31.02
N LEU N 384 54.09 -37.27 31.41
CA LEU N 384 54.53 -36.27 30.44
C LEU N 384 56.00 -36.43 30.08
N ALA N 385 56.82 -36.89 31.03
CA ALA N 385 58.23 -37.14 30.75
C ALA N 385 58.49 -38.44 30.03
N GLU N 386 57.44 -39.16 29.60
CA GLU N 386 57.60 -40.43 28.91
C GLU N 386 56.85 -40.49 27.59
N ASP N 387 56.28 -39.38 27.13
CA ASP N 387 55.63 -39.37 25.82
C ASP N 387 56.68 -39.29 24.72
N ILE N 388 56.35 -39.89 23.57
CA ILE N 388 57.26 -39.93 22.44
C ILE N 388 57.00 -38.82 21.44
N ARG N 389 56.02 -37.97 21.70
CA ARG N 389 55.73 -36.81 20.86
C ARG N 389 56.03 -35.49 21.54
N PHE N 390 56.34 -35.50 22.83
CA PHE N 390 56.69 -34.31 23.59
C PHE N 390 58.20 -34.15 23.76
N LYS N 391 58.91 -35.25 23.98
CA LYS N 391 60.35 -35.21 24.17
C LYS N 391 61.13 -35.08 22.87
N SER N 392 60.49 -35.34 21.73
CA SER N 392 61.12 -35.10 20.43
C SER N 392 61.07 -33.63 20.04
N ILE N 393 60.27 -32.83 20.72
CA ILE N 393 60.23 -31.39 20.53
C ILE N 393 60.98 -30.66 21.64
N VAL N 394 60.75 -31.07 22.89
CA VAL N 394 61.39 -30.46 24.05
C VAL N 394 62.56 -31.32 24.47
N ASN N 395 63.58 -30.68 25.07
CA ASN N 395 64.82 -31.34 25.47
C ASN N 395 64.79 -31.53 26.98
N LEU N 396 64.37 -32.72 27.42
CA LEU N 396 64.21 -33.04 28.83
C LEU N 396 65.44 -33.74 29.39
N ASN N 397 66.63 -33.15 29.24
CA ASN N 397 67.85 -33.83 29.68
C ASN N 397 68.83 -32.95 30.44
N GLY N 398 68.70 -31.62 30.43
CA GLY N 398 69.63 -30.80 31.16
C GLY N 398 71.04 -30.91 30.60
N GLY N 399 72.02 -30.82 31.50
CA GLY N 399 73.41 -30.96 31.14
C GLY N 399 74.14 -29.65 30.87
N GLY N 400 73.43 -28.53 30.77
CA GLY N 400 74.04 -27.27 30.43
C GLY N 400 74.57 -26.51 31.63
N GLU N 401 75.14 -25.35 31.35
CA GLU N 401 75.76 -24.53 32.39
C GLU N 401 74.71 -23.78 33.18
N LEU N 402 74.97 -23.62 34.48
CA LEU N 402 74.09 -22.91 35.40
C LEU N 402 74.89 -21.82 36.07
N ALA N 403 74.50 -20.57 35.85
CA ALA N 403 75.27 -19.41 36.30
C ALA N 403 74.99 -19.11 37.77
N ASP N 404 75.67 -18.10 38.28
CA ASP N 404 75.53 -17.62 39.66
C ASP N 404 74.87 -16.24 39.66
N GLY N 405 74.71 -15.70 40.86
CA GLY N 405 74.14 -14.38 41.06
C GLY N 405 72.67 -14.40 41.41
N GLY N 406 71.91 -15.35 40.87
CA GLY N 406 70.48 -15.41 41.09
C GLY N 406 69.64 -15.06 39.88
N THR N 407 70.21 -15.05 38.68
CA THR N 407 69.55 -14.62 37.46
C THR N 407 69.67 -15.71 36.39
N HIS N 408 69.35 -16.94 36.75
CA HIS N 408 69.57 -18.08 35.87
C HIS N 408 68.36 -18.43 35.02
N TRP N 409 67.17 -17.90 35.32
CA TRP N 409 66.03 -18.08 34.44
C TRP N 409 66.04 -17.04 33.33
N ASP N 410 66.43 -15.81 33.64
CA ASP N 410 66.36 -14.69 32.73
C ASP N 410 67.48 -14.69 31.70
N LYS N 411 68.45 -15.59 31.83
CA LYS N 411 69.46 -15.79 30.80
C LYS N 411 69.17 -17.00 29.92
N ALA N 412 68.29 -17.89 30.38
CA ALA N 412 67.80 -18.97 29.53
C ALA N 412 66.66 -18.46 28.66
N MET N 413 65.75 -17.67 29.24
CA MET N 413 64.66 -17.11 28.46
C MET N 413 65.17 -16.24 27.33
N SER N 414 66.17 -15.41 27.62
CA SER N 414 66.67 -14.42 26.68
C SER N 414 67.70 -14.97 25.69
N ASP N 415 67.77 -16.29 25.51
CA ASP N 415 68.66 -16.89 24.53
C ASP N 415 67.94 -17.71 23.47
N GLU N 416 66.66 -18.02 23.67
CA GLU N 416 65.83 -18.61 22.63
C GLU N 416 65.02 -17.59 21.87
N VAL N 417 64.94 -16.35 22.37
CA VAL N 417 64.26 -15.28 21.64
C VAL N 417 65.20 -14.70 20.59
N ASP N 418 66.48 -14.57 20.90
CA ASP N 418 67.45 -14.09 19.93
C ASP N 418 67.67 -15.07 18.79
N TYR N 419 67.13 -16.28 18.89
CA TYR N 419 67.25 -17.29 17.85
C TYR N 419 66.06 -17.31 16.90
N PHE N 420 64.85 -17.08 17.42
CA PHE N 420 63.65 -17.08 16.60
C PHE N 420 63.29 -15.68 16.11
N PHE N 421 63.25 -14.70 17.01
CA PHE N 421 62.76 -13.37 16.70
C PHE N 421 63.86 -12.36 16.44
N GLY N 422 65.12 -12.74 16.62
CA GLY N 422 66.24 -11.90 16.26
C GLY N 422 66.81 -11.13 17.45
N LYS N 423 67.96 -10.50 17.19
CA LYS N 423 68.65 -9.71 18.20
C LYS N 423 68.20 -8.25 18.15
N GLU N 424 68.83 -7.42 18.96
CA GLU N 424 68.44 -6.03 19.10
C GLU N 424 69.23 -5.16 18.12
N LYS N 425 69.14 -3.85 18.30
CA LYS N 425 69.74 -2.90 17.38
C LYS N 425 71.24 -2.77 17.62
N GLY N 426 72.00 -2.71 16.53
CA GLY N 426 73.44 -2.48 16.57
C GLY N 426 74.26 -3.72 16.28
N GLN N 427 73.75 -4.90 16.59
CA GLN N 427 74.50 -6.12 16.45
C GLN N 427 74.39 -6.67 15.04
N GLU N 428 75.13 -7.75 14.78
CA GLU N 428 75.17 -8.40 13.47
C GLU N 428 74.28 -9.64 13.51
N ASN N 429 73.31 -9.68 12.59
CA ASN N 429 72.47 -10.86 12.40
C ASN N 429 72.66 -11.38 10.98
N ASP N 430 72.55 -12.70 10.84
CA ASP N 430 72.90 -13.38 9.60
C ASP N 430 71.70 -13.67 8.71
N TRP N 431 70.53 -13.12 9.02
CA TRP N 431 69.35 -13.36 8.20
C TRP N 431 68.38 -12.20 8.34
N ASN N 432 67.56 -12.03 7.31
CA ASN N 432 66.46 -11.08 7.32
C ASN N 432 65.09 -11.74 7.17
N VAL N 433 65.05 -13.02 6.81
CA VAL N 433 63.82 -13.79 6.67
C VAL N 433 63.99 -15.08 7.46
N HIS N 434 63.03 -15.38 8.34
CA HIS N 434 63.04 -16.61 9.11
C HIS N 434 61.75 -17.38 8.85
N ILE N 435 61.89 -18.66 8.54
CA ILE N 435 60.78 -19.56 8.23
C ILE N 435 60.83 -20.70 9.24
N VAL N 436 59.92 -20.68 10.21
CA VAL N 436 59.85 -21.78 11.18
C VAL N 436 58.80 -22.76 10.70
N ASN N 437 59.17 -24.05 10.66
CA ASN N 437 58.31 -25.12 10.16
C ASN N 437 57.88 -26.00 11.32
N MET N 438 56.59 -26.31 11.39
CA MET N 438 56.02 -27.08 12.49
C MET N 438 55.12 -28.19 11.98
N LYS N 439 55.63 -28.97 11.02
CA LYS N 439 54.88 -30.11 10.50
C LYS N 439 54.98 -31.33 11.39
N ASN N 440 55.89 -31.34 12.38
CA ASN N 440 56.13 -32.50 13.22
C ASN N 440 55.51 -32.36 14.60
N LEU N 441 54.70 -31.34 14.83
CA LEU N 441 54.15 -31.02 16.14
C LEU N 441 52.67 -31.38 16.17
N ALA N 442 52.29 -32.18 17.16
CA ALA N 442 50.94 -32.72 17.22
C ALA N 442 49.90 -31.61 17.39
N GLN N 443 48.65 -31.96 17.10
CA GLN N 443 47.54 -31.01 17.15
C GLN N 443 46.94 -30.87 18.54
N ASP N 444 47.57 -31.43 19.57
CA ASP N 444 47.13 -31.26 20.94
C ASP N 444 48.18 -30.65 21.85
N HIS N 445 49.42 -30.53 21.39
CA HIS N 445 50.48 -29.85 22.12
C HIS N 445 50.78 -28.46 21.57
N ALA N 446 50.05 -28.04 20.53
CA ALA N 446 50.40 -26.79 19.85
C ALA N 446 50.01 -25.55 20.66
N PRO N 447 48.78 -25.41 21.15
CA PRO N 447 48.42 -24.19 21.88
C PRO N 447 49.42 -23.80 22.95
N MET N 448 49.79 -24.73 23.83
CA MET N 448 50.67 -24.42 24.94
C MET N 448 52.02 -23.89 24.46
N LEU N 449 52.70 -24.67 23.61
CA LEU N 449 54.05 -24.34 23.20
C LEU N 449 54.10 -23.14 22.28
N LEU N 450 53.03 -22.85 21.54
CA LEU N 450 53.00 -21.70 20.66
C LEU N 450 52.53 -20.42 21.36
N SER N 451 51.79 -20.53 22.46
CA SER N 451 51.51 -19.36 23.27
C SER N 451 52.68 -19.01 24.19
N ALA N 452 53.43 -20.01 24.64
CA ALA N 452 54.62 -19.75 25.43
C ALA N 452 55.56 -18.78 24.72
N LEU N 453 55.77 -18.99 23.43
CA LEU N 453 56.73 -18.17 22.70
C LEU N 453 56.28 -16.72 22.59
N LEU N 454 54.99 -16.50 22.32
CA LEU N 454 54.46 -15.15 22.24
C LEU N 454 54.33 -14.49 23.61
N GLU N 455 54.30 -15.28 24.68
CA GLU N 455 54.40 -14.73 26.02
C GLU N 455 55.83 -14.40 26.40
N MET N 456 56.80 -15.09 25.80
CA MET N 456 58.21 -14.79 26.05
C MET N 456 58.66 -13.57 25.26
N PHE N 457 58.13 -13.38 24.06
CA PHE N 457 58.52 -12.25 23.21
C PHE N 457 57.89 -10.94 23.67
N ALA N 458 57.19 -10.93 24.80
CA ALA N 458 56.60 -9.71 25.34
C ALA N 458 57.17 -9.28 26.67
N GLU N 459 57.74 -10.21 27.45
CA GLU N 459 58.48 -9.83 28.65
C GLU N 459 59.83 -9.23 28.33
N ILE N 460 60.25 -9.25 27.06
CA ILE N 460 61.58 -8.82 26.68
C ILE N 460 61.57 -7.51 25.90
N LEU N 461 60.55 -7.25 25.07
CA LEU N 461 60.43 -5.93 24.48
C LEU N 461 60.30 -4.86 25.55
N PHE N 462 59.62 -5.19 26.65
CA PHE N 462 59.48 -4.25 27.75
C PHE N 462 60.83 -3.94 28.38
N ARG N 463 61.62 -4.97 28.65
CA ARG N 463 62.95 -4.80 29.24
C ARG N 463 63.98 -4.32 28.23
N ARG N 464 63.64 -4.27 26.94
CA ARG N 464 64.54 -3.80 25.90
C ARG N 464 64.32 -2.32 25.60
N GLY N 465 63.09 -1.94 25.28
CA GLY N 465 62.71 -0.55 25.21
C GLY N 465 62.35 -0.13 23.79
N GLN N 466 61.95 1.14 23.69
CA GLN N 466 61.64 1.77 22.42
C GLN N 466 62.88 2.32 21.73
N GLU N 467 64.07 2.02 22.23
CA GLU N 467 65.33 2.49 21.70
C GLU N 467 66.17 1.39 21.07
N ARG N 468 66.38 0.30 21.79
CA ARG N 468 67.20 -0.82 21.33
C ARG N 468 66.44 -1.79 20.44
N SER N 469 65.13 -1.60 20.27
CA SER N 469 64.30 -2.54 19.52
C SER N 469 64.26 -2.20 18.05
N TYR N 470 64.31 -3.23 17.22
CA TYR N 470 64.26 -3.18 15.75
C TYR N 470 62.89 -3.61 15.26
N PRO N 471 62.33 -2.98 14.22
CA PRO N 471 60.98 -3.35 13.78
C PRO N 471 60.94 -4.59 12.90
N THR N 472 59.95 -5.44 13.16
CA THR N 472 59.83 -6.74 12.52
C THR N 472 58.42 -6.90 11.98
N VAL N 473 58.22 -7.98 11.21
CA VAL N 473 56.89 -8.37 10.74
C VAL N 473 56.67 -9.84 11.08
N LEU N 474 55.47 -10.16 11.55
CA LEU N 474 55.11 -11.49 12.02
C LEU N 474 53.95 -12.03 11.22
N LEU N 475 54.18 -13.12 10.49
CA LEU N 475 53.13 -13.81 9.75
C LEU N 475 52.61 -14.99 10.58
N LEU N 476 51.35 -14.91 10.99
CA LEU N 476 50.67 -15.95 11.76
C LEU N 476 49.57 -16.58 10.91
N GLU N 477 49.68 -17.89 10.72
CA GLU N 477 48.77 -18.67 9.91
C GLU N 477 48.01 -19.63 10.80
N GLU N 478 46.70 -19.76 10.56
CA GLU N 478 45.82 -20.57 11.40
C GLU N 478 45.94 -20.15 12.86
N ALA N 479 45.61 -18.89 13.12
CA ALA N 479 45.83 -18.28 14.42
C ALA N 479 44.72 -18.56 15.43
N HIS N 480 43.57 -19.05 14.97
CA HIS N 480 42.48 -19.36 15.88
C HIS N 480 42.73 -20.62 16.69
N HIS N 481 43.78 -21.38 16.38
CA HIS N 481 44.10 -22.57 17.16
C HIS N 481 44.94 -22.25 18.39
N TYR N 482 45.71 -21.16 18.35
CA TYR N 482 46.69 -20.91 19.40
C TYR N 482 46.75 -19.45 19.83
N LEU N 483 45.82 -18.60 19.39
CA LEU N 483 45.75 -17.23 19.88
C LEU N 483 44.64 -17.04 20.90
N ARG N 484 43.75 -18.01 21.05
CA ARG N 484 42.78 -18.05 22.14
C ARG N 484 41.84 -19.23 21.92
N LYS N 495 43.28 -12.13 29.56
CA LYS N 495 44.05 -11.16 30.31
C LYS N 495 45.44 -10.93 29.70
N ALA N 496 46.41 -11.73 30.13
CA ALA N 496 47.79 -11.56 29.71
C ALA N 496 48.18 -12.46 28.55
N TYR N 497 47.29 -13.36 28.12
CA TYR N 497 47.60 -14.24 27.01
C TYR N 497 47.66 -13.52 25.68
N GLU N 498 47.22 -12.26 25.61
CA GLU N 498 47.14 -11.52 24.36
C GLU N 498 47.71 -10.11 24.53
N ARG N 499 48.87 -10.01 25.17
CA ARG N 499 49.51 -8.72 25.33
C ARG N 499 50.29 -8.30 24.09
N LEU N 500 50.66 -9.23 23.21
CA LEU N 500 51.44 -8.87 22.03
C LEU N 500 50.60 -8.17 20.98
N ALA N 501 49.27 -8.36 21.01
CA ALA N 501 48.40 -7.67 20.08
C ALA N 501 48.03 -6.27 20.57
N LYS N 502 48.24 -5.98 21.85
CA LYS N 502 47.93 -4.67 22.42
C LYS N 502 49.16 -3.80 22.59
N GLU N 503 50.18 -4.30 23.29
CA GLU N 503 51.42 -3.55 23.50
C GLU N 503 52.45 -3.89 22.42
N GLY N 504 52.05 -3.78 21.16
CA GLY N 504 52.94 -4.07 20.05
C GLY N 504 53.34 -2.84 19.26
N ARG N 505 52.40 -1.91 19.11
CA ARG N 505 52.69 -0.68 18.37
C ARG N 505 53.79 0.13 19.05
N LYS N 506 53.87 0.04 20.38
CA LYS N 506 54.92 0.78 21.08
C LYS N 506 56.28 0.16 20.83
N PHE N 507 56.37 -1.17 20.82
CA PHE N 507 57.62 -1.88 20.67
C PHE N 507 57.91 -2.26 19.23
N LYS N 508 57.18 -1.71 18.27
CA LYS N 508 57.50 -1.85 16.86
C LYS N 508 57.39 -3.29 16.36
N CYS N 509 56.22 -3.89 16.50
CA CYS N 509 55.93 -5.18 15.89
C CYS N 509 54.57 -5.11 15.22
N SER N 510 54.46 -5.72 14.05
CA SER N 510 53.24 -5.75 13.28
C SER N 510 52.89 -7.19 12.92
N LEU N 511 51.62 -7.53 13.07
CA LEU N 511 51.11 -8.87 12.87
C LEU N 511 50.24 -8.93 11.61
N ILE N 512 50.38 -10.03 10.88
CA ILE N 512 49.43 -10.45 9.86
C ILE N 512 48.76 -11.71 10.36
N VAL N 513 47.44 -11.68 10.48
CA VAL N 513 46.68 -12.84 10.95
C VAL N 513 45.85 -13.38 9.80
N SER N 514 46.08 -14.65 9.46
CA SER N 514 45.30 -15.34 8.44
C SER N 514 44.38 -16.36 9.11
N THR N 515 43.10 -16.36 8.74
CA THR N 515 42.23 -17.35 9.36
C THR N 515 40.89 -17.42 8.65
N GLN N 516 40.22 -18.56 8.83
CA GLN N 516 38.92 -18.82 8.23
C GLN N 516 37.77 -18.75 9.21
N ARG N 517 38.02 -18.98 10.51
CA ARG N 517 36.98 -18.89 11.52
C ARG N 517 37.20 -17.66 12.38
N PRO N 518 36.81 -16.47 11.90
CA PRO N 518 36.97 -15.25 12.72
C PRO N 518 36.07 -15.21 13.94
N SER N 519 35.04 -16.05 14.01
CA SER N 519 34.16 -16.07 15.16
C SER N 519 34.81 -16.72 16.38
N GLU N 520 36.01 -17.26 16.24
CA GLU N 520 36.73 -17.88 17.34
C GLU N 520 37.86 -17.02 17.85
N LEU N 521 37.93 -15.75 17.45
CA LEU N 521 38.89 -14.80 17.95
C LEU N 521 38.23 -13.86 18.96
N SER N 522 39.05 -13.09 19.64
CA SER N 522 38.53 -12.11 20.57
C SER N 522 38.09 -10.85 19.82
N PRO N 523 36.95 -10.26 20.18
CA PRO N 523 36.51 -9.05 19.48
C PRO N 523 37.48 -7.88 19.57
N THR N 524 38.52 -7.97 20.40
CA THR N 524 39.52 -6.91 20.50
C THR N 524 40.66 -7.10 19.50
N VAL N 525 41.09 -8.35 19.28
CA VAL N 525 42.09 -8.61 18.27
C VAL N 525 41.57 -8.23 16.90
N LEU N 526 40.32 -8.59 16.60
CA LEU N 526 39.69 -8.25 15.33
C LEU N 526 39.22 -6.80 15.29
N ALA N 527 39.53 -6.00 16.31
CA ALA N 527 39.24 -4.58 16.30
C ALA N 527 40.50 -3.72 16.32
N MET N 528 41.63 -4.28 16.71
CA MET N 528 42.91 -3.59 16.65
C MET N 528 43.52 -3.60 15.25
N CYS N 529 42.73 -3.89 14.22
CA CYS N 529 43.20 -3.99 12.84
C CYS N 529 42.74 -2.78 12.05
N SER N 530 43.61 -2.26 11.18
CA SER N 530 43.33 -1.07 10.41
C SER N 530 42.86 -1.36 9.00
N ASN N 531 43.46 -2.32 8.31
CA ASN N 531 43.10 -2.68 6.95
C ASN N 531 42.59 -4.12 6.91
N TRP N 532 41.72 -4.40 5.94
CA TRP N 532 41.01 -5.67 5.87
C TRP N 532 41.06 -6.21 4.45
N PHE N 533 41.37 -7.51 4.34
CA PHE N 533 41.28 -8.24 3.08
C PHE N 533 40.40 -9.46 3.30
N SER N 534 39.27 -9.51 2.59
CA SER N 534 38.28 -10.55 2.77
C SER N 534 38.03 -11.27 1.45
N LEU N 535 38.27 -12.57 1.45
CA LEU N 535 37.85 -13.47 0.39
C LEU N 535 36.48 -14.04 0.76
N ARG N 536 36.06 -15.10 0.07
CA ARG N 536 34.73 -15.63 0.30
C ARG N 536 34.55 -16.04 1.76
N LEU N 537 33.32 -15.89 2.23
CA LEU N 537 32.98 -16.13 3.64
C LEU N 537 31.49 -16.45 3.66
N THR N 538 31.14 -17.70 3.95
CA THR N 538 29.82 -18.21 3.67
C THR N 538 28.93 -18.37 4.90
N ASN N 539 29.45 -18.13 6.10
CA ASN N 539 28.72 -18.40 7.33
C ASN N 539 28.31 -17.10 8.01
N GLU N 540 27.05 -17.05 8.44
CA GLU N 540 26.53 -15.86 9.09
C GLU N 540 27.14 -15.66 10.46
N ARG N 541 27.47 -16.75 11.16
CA ARG N 541 28.15 -16.67 12.44
C ARG N 541 29.50 -15.96 12.33
N ASP N 542 30.05 -15.85 11.12
CA ASP N 542 31.30 -15.14 10.87
C ASP N 542 31.07 -13.76 10.27
N LEU N 543 30.11 -13.63 9.36
CA LEU N 543 29.73 -12.31 8.85
C LEU N 543 29.33 -11.38 9.98
N GLN N 544 28.49 -11.86 10.91
CA GLN N 544 28.06 -11.03 12.02
C GLN N 544 29.23 -10.53 12.84
N ALA N 545 30.24 -11.39 13.06
CA ALA N 545 31.41 -10.96 13.81
C ALA N 545 32.19 -9.89 13.07
N LEU N 546 32.51 -10.17 11.80
CA LEU N 546 33.21 -9.18 10.98
C LEU N 546 32.49 -7.83 11.03
N ARG N 547 31.16 -7.85 11.05
CA ARG N 547 30.39 -6.61 11.03
C ARG N 547 30.42 -5.93 12.40
N TYR N 548 30.19 -6.69 13.46
CA TYR N 548 30.22 -6.13 14.81
C TYR N 548 31.57 -5.52 15.14
N ALA N 549 32.65 -6.01 14.53
CA ALA N 549 33.97 -5.49 14.81
C ALA N 549 34.44 -4.45 13.79
N MET N 550 33.85 -4.42 12.60
CA MET N 550 34.25 -3.46 11.57
C MET N 550 34.10 -2.04 12.07
N GLU N 551 35.02 -1.18 11.63
CA GLU N 551 34.99 0.25 11.94
C GLU N 551 35.01 1.16 10.72
N SER N 552 35.69 0.77 9.64
CA SER N 552 35.89 1.62 8.47
C SER N 552 35.38 0.90 7.23
N GLY N 553 34.10 1.06 6.93
CA GLY N 553 33.54 0.52 5.70
C GLY N 553 32.11 0.95 5.47
N ASN N 554 31.30 0.01 4.99
CA ASN N 554 29.88 0.26 4.73
C ASN N 554 29.14 -1.06 4.91
N GLU N 555 27.87 -1.09 4.47
CA GLU N 555 27.10 -2.33 4.42
C GLU N 555 26.64 -2.63 3.00
N GLN N 556 27.24 -1.98 2.00
CA GLN N 556 27.01 -2.34 0.61
C GLN N 556 28.02 -3.34 0.09
N ILE N 557 29.26 -3.29 0.60
CA ILE N 557 30.28 -4.27 0.24
C ILE N 557 30.20 -5.54 1.06
N LEU N 558 29.37 -5.57 2.10
CA LEU N 558 29.19 -6.78 2.89
C LEU N 558 28.36 -7.83 2.15
N LYS N 559 27.46 -7.39 1.28
CA LYS N 559 26.61 -8.32 0.52
C LYS N 559 27.37 -9.03 -0.58
N GLN N 560 28.47 -8.45 -1.07
CA GLN N 560 29.22 -9.06 -2.15
C GLN N 560 30.07 -10.24 -1.69
N ILE N 561 30.37 -10.31 -0.39
CA ILE N 561 31.38 -11.25 0.09
C ILE N 561 30.94 -12.70 -0.04
N SER N 562 29.65 -12.97 -0.21
CA SER N 562 29.16 -14.34 -0.26
C SER N 562 29.14 -14.92 -1.67
N GLY N 563 29.35 -14.09 -2.70
CA GLY N 563 29.35 -14.57 -4.07
C GLY N 563 30.63 -14.26 -4.81
N LEU N 564 31.75 -14.29 -4.11
CA LEU N 564 33.04 -14.00 -4.73
C LEU N 564 33.66 -15.26 -5.28
N PRO N 565 34.22 -15.23 -6.49
CA PRO N 565 34.99 -16.38 -6.97
C PRO N 565 36.41 -16.41 -6.42
N ARG N 566 37.21 -17.37 -6.87
CA ARG N 566 38.58 -17.48 -6.41
C ARG N 566 39.43 -16.36 -6.98
N GLY N 567 40.38 -15.88 -6.17
CA GLY N 567 41.25 -14.80 -6.55
C GLY N 567 40.67 -13.42 -6.40
N ASP N 568 39.34 -13.30 -6.32
CA ASP N 568 38.70 -12.01 -6.11
C ASP N 568 38.52 -11.75 -4.62
N ALA N 569 38.74 -10.50 -4.22
CA ALA N 569 38.71 -10.12 -2.84
C ALA N 569 38.05 -8.75 -2.69
N VAL N 570 37.64 -8.44 -1.47
CA VAL N 570 37.18 -7.12 -1.09
C VAL N 570 38.18 -6.54 -0.12
N ALA N 571 38.53 -5.27 -0.34
CA ALA N 571 39.62 -4.64 0.40
C ALA N 571 39.16 -3.27 0.89
N PHE N 572 39.43 -2.99 2.16
CA PHE N 572 39.08 -1.67 2.69
C PHE N 572 39.84 -1.37 3.96
N GLY N 573 40.08 -0.09 4.20
CA GLY N 573 40.79 0.35 5.36
C GLY N 573 41.36 1.75 5.15
N SER N 574 42.56 1.97 5.70
CA SER N 574 43.19 3.30 5.70
C SER N 574 44.03 3.56 4.47
N ALA N 575 44.51 2.52 3.80
CA ALA N 575 45.32 2.68 2.60
C ALA N 575 44.48 2.70 1.32
N PHE N 576 43.16 2.67 1.44
CA PHE N 576 42.25 2.69 0.30
C PHE N 576 41.26 3.82 0.51
N ASN N 577 41.29 4.81 -0.37
CA ASN N 577 40.45 5.99 -0.20
C ASN N 577 38.98 5.69 -0.46
N LEU N 578 38.68 4.61 -1.18
CA LEU N 578 37.31 4.14 -1.30
C LEU N 578 37.36 2.62 -1.51
N PRO N 579 36.53 1.85 -0.79
CA PRO N 579 36.65 0.40 -0.83
C PRO N 579 36.74 -0.14 -2.25
N VAL N 580 37.40 -1.30 -2.40
CA VAL N 580 37.68 -1.82 -3.73
C VAL N 580 37.41 -3.32 -3.80
N ARG N 581 36.95 -3.76 -4.97
CA ARG N 581 36.90 -5.15 -5.36
C ARG N 581 38.09 -5.43 -6.27
N ILE N 582 38.88 -6.44 -5.93
CA ILE N 582 40.21 -6.62 -6.52
C ILE N 582 40.35 -8.04 -7.04
N SER N 583 41.07 -8.17 -8.16
CA SER N 583 41.52 -9.46 -8.68
C SER N 583 43.03 -9.52 -8.52
N ILE N 584 43.51 -10.58 -7.89
CA ILE N 584 44.86 -10.63 -7.34
C ILE N 584 45.78 -11.37 -8.29
N ASN N 585 47.01 -10.88 -8.42
CA ASN N 585 47.97 -11.47 -9.33
C ASN N 585 48.52 -12.78 -8.77
N GLN N 586 48.82 -13.71 -9.66
CA GLN N 586 49.41 -14.99 -9.28
C GLN N 586 50.89 -14.82 -8.94
N ALA N 587 51.39 -15.69 -8.08
CA ALA N 587 52.74 -15.59 -7.54
C ALA N 587 53.66 -16.62 -8.18
N ARG N 588 54.89 -16.19 -8.46
CA ARG N 588 55.90 -17.03 -9.11
C ARG N 588 57.26 -16.81 -8.46
N PRO N 589 57.91 -17.86 -7.91
CA PRO N 589 57.40 -19.23 -7.70
C PRO N 589 56.40 -19.28 -6.56
N GLY N 590 55.41 -20.17 -6.68
CA GLY N 590 54.33 -20.20 -5.72
C GLY N 590 54.60 -21.10 -4.55
N PRO N 591 53.65 -21.17 -3.62
CA PRO N 591 53.78 -22.09 -2.48
C PRO N 591 53.46 -23.52 -2.89
N LYS N 592 54.13 -24.46 -2.22
CA LYS N 592 53.98 -25.88 -2.54
C LYS N 592 52.52 -26.26 -2.77
N SER N 593 51.69 -26.10 -1.75
CA SER N 593 50.24 -26.26 -1.86
C SER N 593 49.87 -27.52 -2.65
N SER N 594 50.70 -28.55 -2.54
CA SER N 594 50.40 -29.81 -3.22
C SER N 594 49.14 -30.44 -2.63
N ASP N 595 48.75 -31.58 -3.19
CA ASP N 595 47.54 -32.28 -2.78
C ASP N 595 47.84 -33.77 -2.73
N ALA N 596 46.81 -34.58 -2.57
CA ALA N 596 46.93 -36.03 -2.49
C ALA N 596 46.23 -36.67 -3.68
N VAL N 597 46.68 -37.88 -4.01
CA VAL N 597 46.10 -38.64 -5.11
C VAL N 597 46.14 -40.12 -4.75
N PHE N 598 44.97 -40.74 -4.63
CA PHE N 598 44.86 -42.14 -4.26
C PHE N 598 44.83 -43.06 -5.47
N SER N 599 44.13 -42.65 -6.55
CA SER N 599 43.99 -43.50 -7.72
C SER N 599 45.32 -44.03 -8.22
N GLU N 600 46.39 -43.24 -8.08
CA GLU N 600 47.70 -43.68 -8.57
C GLU N 600 48.17 -44.95 -7.87
N GLU N 601 48.31 -44.88 -6.54
CA GLU N 601 49.00 -45.93 -5.81
C GLU N 601 48.32 -47.29 -5.97
N TRP N 602 46.99 -47.31 -6.15
CA TRP N 602 46.27 -48.56 -6.42
C TRP N 602 45.40 -48.36 -7.65
N ALA N 603 45.96 -48.70 -8.80
CA ALA N 603 45.25 -48.69 -10.08
C ALA N 603 46.00 -49.56 -11.08
N PHE O 4 15.60 -20.82 -42.42
CA PHE O 4 16.63 -20.25 -41.56
C PHE O 4 16.03 -19.87 -40.21
N LYS O 5 16.65 -20.36 -39.14
CA LYS O 5 16.16 -20.18 -37.79
C LYS O 5 17.27 -19.65 -36.89
N LEU O 6 16.91 -18.76 -35.98
CA LEU O 6 17.83 -18.28 -34.96
C LEU O 6 17.79 -19.10 -33.69
N THR O 7 16.67 -19.75 -33.39
CA THR O 7 16.51 -20.52 -32.17
C THR O 7 15.53 -21.67 -32.41
N GLU O 8 15.63 -22.69 -31.56
CA GLU O 8 14.67 -23.78 -31.53
C GLU O 8 14.10 -23.95 -30.12
N ILE O 9 13.97 -22.85 -29.39
CA ILE O 9 13.39 -22.81 -28.05
C ILE O 9 12.74 -21.45 -27.88
N SER O 10 11.46 -21.43 -27.53
CA SER O 10 10.67 -20.21 -27.52
C SER O 10 10.67 -19.57 -26.13
N ALA O 11 10.17 -18.34 -26.09
CA ALA O 11 10.22 -17.51 -24.90
C ALA O 11 8.89 -17.51 -24.16
N ILE O 12 8.93 -17.02 -22.93
CA ILE O 12 7.75 -17.04 -22.06
C ILE O 12 7.49 -15.65 -21.46
N GLY O 13 8.44 -14.74 -21.61
CA GLY O 13 8.29 -13.43 -21.01
C GLY O 13 9.43 -12.51 -21.38
N TYR O 14 9.45 -11.36 -20.70
CA TYR O 14 10.48 -10.35 -20.93
C TYR O 14 10.70 -9.56 -19.65
N VAL O 15 11.94 -9.06 -19.51
CA VAL O 15 12.35 -8.31 -18.32
C VAL O 15 11.74 -6.91 -18.36
N VAL O 16 11.27 -6.44 -17.21
CA VAL O 16 10.61 -5.15 -17.13
C VAL O 16 11.14 -4.32 -15.96
N GLY O 17 12.18 -4.82 -15.29
CA GLY O 17 12.71 -4.11 -14.13
C GLY O 17 13.96 -4.70 -13.51
N LEU O 18 14.74 -3.85 -12.87
CA LEU O 18 15.95 -4.26 -12.15
C LEU O 18 16.08 -3.39 -10.91
N GLU O 19 15.84 -3.97 -9.75
CA GLU O 19 15.83 -3.23 -8.48
C GLU O 19 16.79 -3.93 -7.52
N GLY O 20 18.06 -3.54 -7.59
CA GLY O 20 19.08 -4.17 -6.78
C GLY O 20 19.52 -5.51 -7.32
N GLU O 21 19.36 -6.56 -6.52
CA GLU O 21 19.70 -7.91 -6.92
C GLU O 21 18.52 -8.66 -7.52
N ARG O 22 17.35 -8.03 -7.60
CA ARG O 22 16.13 -8.66 -8.07
C ARG O 22 15.95 -8.49 -9.56
N ILE O 23 15.03 -9.29 -10.12
CA ILE O 23 14.66 -9.25 -11.52
C ILE O 23 13.15 -9.42 -11.60
N ARG O 24 12.51 -8.63 -12.47
CA ARG O 24 11.06 -8.62 -12.62
C ARG O 24 10.70 -8.91 -14.07
N ILE O 25 9.73 -9.80 -14.26
CA ILE O 25 9.48 -10.45 -15.54
C ILE O 25 7.98 -10.46 -15.80
N ASN O 26 7.58 -10.02 -16.99
CA ASN O 26 6.19 -10.09 -17.43
C ASN O 26 6.05 -11.18 -18.48
N LEU O 27 5.03 -12.03 -18.33
CA LEU O 27 4.85 -13.20 -19.15
C LEU O 27 3.88 -12.94 -20.29
N HIS O 28 3.90 -13.84 -21.26
CA HIS O 28 3.01 -13.81 -22.41
C HIS O 28 1.71 -14.53 -22.09
N GLU O 29 0.66 -14.18 -22.84
CA GLU O 29 -0.69 -14.64 -22.52
C GLU O 29 -0.90 -16.06 -23.04
N GLY O 30 -1.37 -16.94 -22.17
CA GLY O 30 -1.79 -18.28 -22.55
C GLY O 30 -0.87 -19.34 -21.96
N LEU O 31 -0.83 -20.49 -22.64
CA LEU O 31 0.09 -21.56 -22.28
C LEU O 31 1.53 -21.23 -22.67
N GLN O 32 1.71 -20.20 -23.48
CA GLN O 32 3.01 -19.54 -23.62
C GLN O 32 3.25 -18.74 -22.36
N GLY O 33 3.98 -19.33 -21.43
CA GLY O 33 4.05 -18.83 -20.07
C GLY O 33 4.10 -19.98 -19.10
N ARG O 34 3.68 -21.16 -19.57
CA ARG O 34 3.75 -22.38 -18.77
C ARG O 34 4.41 -23.60 -19.41
N LEU O 35 4.29 -23.77 -20.74
CA LEU O 35 4.75 -24.98 -21.40
C LEU O 35 5.61 -24.64 -22.61
N ALA O 36 6.27 -25.67 -23.14
CA ALA O 36 7.08 -25.56 -24.33
C ALA O 36 7.51 -26.96 -24.75
N SER O 37 7.54 -27.20 -26.05
CA SER O 37 7.96 -28.48 -26.62
C SER O 37 9.12 -28.25 -27.59
N HIS O 38 10.11 -29.13 -27.51
CA HIS O 38 11.30 -29.00 -28.34
C HIS O 38 11.80 -30.41 -28.67
N ARG O 39 12.94 -30.47 -29.36
CA ARG O 39 13.45 -31.73 -29.88
C ARG O 39 13.87 -32.71 -28.79
N LYS O 40 13.87 -32.31 -27.52
CA LYS O 40 14.27 -33.19 -26.44
C LYS O 40 13.14 -33.61 -25.51
N GLY O 41 12.01 -32.90 -25.52
CA GLY O 41 10.90 -33.26 -24.69
C GLY O 41 10.02 -32.04 -24.40
N VAL O 42 9.58 -31.94 -23.16
CA VAL O 42 8.62 -30.92 -22.72
C VAL O 42 9.12 -30.33 -21.41
N SER O 43 9.09 -29.00 -21.31
CA SER O 43 9.63 -28.29 -20.16
C SER O 43 8.67 -27.21 -19.70
N SER O 44 8.67 -26.94 -18.40
CA SER O 44 7.71 -26.03 -17.80
C SER O 44 8.38 -25.21 -16.69
N VAL O 45 7.70 -24.14 -16.29
CA VAL O 45 8.10 -23.27 -15.19
C VAL O 45 6.83 -22.90 -14.43
N THR O 46 6.65 -23.48 -13.23
CA THR O 46 5.34 -23.44 -12.60
C THR O 46 5.29 -23.13 -11.10
N GLN O 47 6.41 -23.02 -10.39
CA GLN O 47 6.32 -22.72 -8.97
C GLN O 47 7.67 -22.19 -8.48
N PRO O 48 7.70 -21.58 -7.27
CA PRO O 48 8.90 -20.88 -6.77
C PRO O 48 10.02 -21.81 -6.32
N GLY O 49 10.45 -22.70 -7.20
CA GLY O 49 11.67 -23.44 -6.95
C GLY O 49 12.44 -23.73 -8.22
N ASP O 50 11.98 -23.16 -9.33
CA ASP O 50 12.45 -23.57 -10.63
C ASP O 50 13.61 -22.68 -11.11
N LEU O 51 14.24 -23.14 -12.19
CA LEU O 51 15.36 -22.47 -12.83
C LEU O 51 14.93 -21.97 -14.20
N ILE O 52 15.33 -20.75 -14.54
CA ILE O 52 15.15 -20.21 -15.88
C ILE O 52 16.45 -19.53 -16.31
N GLY O 53 16.47 -19.08 -17.56
CA GLY O 53 17.65 -18.47 -18.12
C GLY O 53 17.29 -17.28 -18.99
N PHE O 54 18.28 -16.42 -19.17
CA PHE O 54 18.15 -15.19 -19.95
C PHE O 54 19.24 -15.17 -21.02
N ASP O 55 18.82 -14.87 -22.25
CA ASP O 55 19.73 -14.78 -23.39
C ASP O 55 20.43 -13.43 -23.39
N ALA O 56 21.76 -13.46 -23.59
CA ALA O 56 22.53 -12.23 -23.66
C ALA O 56 23.58 -12.29 -24.77
N GLY O 57 23.34 -13.11 -25.79
CA GLY O 57 24.23 -13.18 -26.94
C GLY O 57 25.43 -14.07 -26.73
N ASN O 58 26.40 -13.58 -25.95
CA ASN O 58 27.63 -14.31 -25.72
C ASN O 58 27.53 -15.25 -24.52
N ILE O 59 26.74 -14.90 -23.51
CA ILE O 59 26.57 -15.72 -22.33
C ILE O 59 25.08 -15.98 -22.12
N LEU O 60 24.78 -16.85 -21.15
CA LEU O 60 23.42 -17.18 -20.75
C LEU O 60 23.34 -17.08 -19.24
N VAL O 61 22.49 -16.21 -18.74
CA VAL O 61 22.35 -16.01 -17.30
C VAL O 61 21.36 -17.02 -16.75
N VAL O 62 21.62 -17.51 -15.55
CA VAL O 62 20.85 -18.58 -14.92
C VAL O 62 20.30 -18.08 -13.60
N ALA O 63 19.00 -18.26 -13.39
CA ALA O 63 18.31 -17.67 -12.25
C ALA O 63 17.29 -18.63 -11.67
N ARG O 64 16.97 -18.40 -10.40
CA ARG O 64 16.03 -19.18 -9.61
C ARG O 64 14.82 -18.34 -9.24
N VAL O 65 13.64 -18.95 -9.32
CA VAL O 65 12.38 -18.24 -9.11
C VAL O 65 12.07 -18.13 -7.63
N THR O 66 11.34 -17.08 -7.26
CA THR O 66 11.04 -16.81 -5.86
C THR O 66 9.58 -16.44 -5.58
N ASP O 67 8.82 -15.90 -6.53
CA ASP O 67 7.48 -15.43 -6.26
C ASP O 67 6.65 -15.49 -7.54
N MET O 68 5.34 -15.33 -7.38
CA MET O 68 4.38 -15.29 -8.48
C MET O 68 3.13 -14.58 -8.01
N ALA O 69 2.43 -13.94 -8.94
CA ALA O 69 1.20 -13.24 -8.60
C ALA O 69 0.57 -12.65 -9.85
N PHE O 70 -0.72 -12.33 -9.72
CA PHE O 70 -1.38 -11.38 -10.60
C PHE O 70 -1.06 -9.97 -10.13
N VAL O 71 -0.93 -9.04 -11.07
CA VAL O 71 -0.57 -7.67 -10.71
C VAL O 71 -1.56 -7.10 -9.71
N GLU O 72 -2.85 -7.20 -10.01
CA GLU O 72 -3.89 -6.68 -9.14
C GLU O 72 -4.38 -7.75 -8.16
N ILE O 89 -7.83 -10.81 -20.34
CA ILE O 89 -7.45 -11.63 -19.19
C ILE O 89 -6.41 -10.88 -18.36
N PRO O 90 -6.14 -11.35 -17.15
CA PRO O 90 -5.20 -10.65 -16.27
C PRO O 90 -3.75 -10.94 -16.64
N LEU O 91 -2.85 -10.23 -15.95
CA LEU O 91 -1.43 -10.25 -16.24
C LEU O 91 -0.68 -10.80 -15.04
N ARG O 92 0.29 -11.67 -15.32
CA ARG O 92 1.02 -12.40 -14.29
C ARG O 92 2.48 -11.98 -14.26
N GLN O 93 3.07 -11.92 -13.08
CA GLN O 93 4.45 -11.51 -12.89
C GLN O 93 5.27 -12.62 -12.24
N ILE O 94 6.59 -12.40 -12.20
CA ILE O 94 7.55 -13.33 -11.61
C ILE O 94 8.72 -12.53 -11.06
N ILE O 95 9.44 -13.14 -10.11
CA ILE O 95 10.61 -12.53 -9.49
C ILE O 95 11.67 -13.61 -9.30
N ALA O 96 12.95 -13.23 -9.45
CA ALA O 96 14.01 -14.22 -9.52
C ALA O 96 15.31 -13.64 -8.96
N TYR O 97 16.28 -14.54 -8.76
CA TYR O 97 17.64 -14.20 -8.36
C TYR O 97 18.62 -14.93 -9.26
N ALA O 98 19.86 -14.44 -9.34
CA ALA O 98 20.86 -14.95 -10.27
C ALA O 98 21.89 -15.82 -9.55
N ILE O 99 22.36 -16.87 -10.23
CA ILE O 99 23.35 -17.76 -9.61
C ILE O 99 24.53 -18.11 -10.52
N GLY O 100 24.61 -17.53 -11.71
CA GLY O 100 25.74 -17.80 -12.58
C GLY O 100 25.42 -17.59 -14.04
N PHE O 101 26.30 -18.12 -14.88
CA PHE O 101 26.18 -17.98 -16.34
C PHE O 101 26.93 -19.11 -17.03
N VAL O 102 26.56 -19.36 -18.28
CA VAL O 102 27.13 -20.40 -19.12
C VAL O 102 27.82 -19.76 -20.32
N LYS O 103 28.78 -20.49 -20.89
CA LYS O 103 29.52 -20.03 -22.06
C LYS O 103 30.24 -21.20 -22.70
N ARG O 104 30.82 -20.95 -23.88
CA ARG O 104 31.57 -21.95 -24.62
C ARG O 104 33.05 -21.90 -24.26
N GLU O 105 33.72 -23.05 -24.39
CA GLU O 105 35.16 -23.11 -24.11
C GLU O 105 35.97 -23.44 -25.37
N LEU O 106 35.80 -24.62 -25.95
CA LEU O 106 36.38 -24.91 -27.27
C LEU O 106 35.31 -25.34 -28.27
N ASN O 107 34.59 -26.43 -27.97
CA ASN O 107 33.45 -26.86 -28.77
C ASN O 107 32.31 -27.34 -27.87
N GLY O 108 32.41 -27.07 -26.57
CA GLY O 108 31.39 -27.40 -25.59
C GLY O 108 31.01 -26.16 -24.81
N TYR O 109 30.69 -26.38 -23.54
CA TYR O 109 30.29 -25.30 -22.65
C TYR O 109 30.88 -25.53 -21.27
N VAL O 110 30.68 -24.56 -20.39
CA VAL O 110 31.19 -24.63 -19.03
C VAL O 110 30.38 -23.68 -18.16
N PHE O 111 30.20 -24.05 -16.90
CA PHE O 111 29.41 -23.29 -15.94
C PHE O 111 30.33 -22.63 -14.91
N ILE O 112 30.10 -21.35 -14.65
CA ILE O 112 30.86 -20.57 -13.68
C ILE O 112 29.88 -19.92 -12.71
N SER O 113 30.18 -20.01 -11.41
CA SER O 113 29.31 -19.50 -10.37
C SER O 113 29.84 -18.16 -9.86
N GLU O 114 29.11 -17.09 -10.16
CA GLU O 114 29.39 -15.75 -9.66
C GLU O 114 28.18 -14.88 -9.96
N ASP O 115 27.79 -14.06 -8.98
CA ASP O 115 26.43 -13.57 -8.89
C ASP O 115 26.27 -12.08 -9.12
N TRP O 116 27.28 -11.38 -9.63
CA TRP O 116 27.18 -9.94 -9.80
C TRP O 116 26.58 -9.52 -11.14
N ARG O 117 26.44 -10.44 -12.09
CA ARG O 117 25.91 -10.08 -13.40
C ARG O 117 24.38 -10.07 -13.40
N LEU O 118 23.82 -9.43 -14.43
CA LEU O 118 22.39 -9.28 -14.58
C LEU O 118 22.08 -9.11 -16.05
N PRO O 119 20.84 -9.35 -16.46
CA PRO O 119 20.45 -9.13 -17.85
C PRO O 119 19.93 -7.71 -18.09
N ALA O 120 19.79 -7.38 -19.37
CA ALA O 120 19.37 -6.06 -19.79
C ALA O 120 17.86 -5.99 -19.97
N LEU O 121 17.34 -4.76 -19.90
CA LEU O 121 15.92 -4.54 -20.12
C LEU O 121 15.50 -4.99 -21.51
N GLY O 122 14.33 -5.62 -21.60
CA GLY O 122 13.80 -6.10 -22.85
C GLY O 122 14.23 -7.49 -23.23
N SER O 123 15.28 -8.01 -22.62
CA SER O 123 15.73 -9.35 -22.95
C SER O 123 14.64 -10.38 -22.66
N SER O 124 14.72 -11.51 -23.35
CA SER O 124 13.69 -12.52 -23.32
C SER O 124 14.10 -13.66 -22.37
N ALA O 125 13.12 -14.19 -21.67
CA ALA O 125 13.32 -15.29 -20.74
C ALA O 125 12.99 -16.62 -21.42
N VAL O 126 13.73 -17.65 -21.07
CA VAL O 126 13.62 -18.95 -21.74
C VAL O 126 13.82 -20.04 -20.69
N PRO O 127 13.16 -21.19 -20.82
CA PRO O 127 13.39 -22.28 -19.87
C PRO O 127 14.64 -23.09 -20.20
N LEU O 128 15.04 -23.92 -19.24
CA LEU O 128 16.24 -24.71 -19.33
C LEU O 128 15.91 -26.16 -19.67
N THR O 129 16.85 -26.81 -20.34
CA THR O 129 16.67 -28.17 -20.85
C THR O 129 17.66 -29.12 -20.19
N SER O 130 17.54 -30.40 -20.56
CA SER O 130 18.37 -31.46 -20.03
C SER O 130 19.76 -31.48 -20.62
N ASP O 131 20.07 -30.53 -21.51
CA ASP O 131 21.42 -30.37 -22.03
C ASP O 131 22.19 -29.30 -21.28
N PHE O 132 21.50 -28.33 -20.71
CA PHE O 132 22.12 -27.33 -19.86
C PHE O 132 22.12 -27.74 -18.39
N LEU O 133 21.09 -28.44 -17.94
CA LEU O 133 21.13 -28.98 -16.57
C LEU O 133 22.29 -29.95 -16.40
N ASN O 134 22.60 -30.72 -17.43
CA ASN O 134 23.70 -31.68 -17.39
C ASN O 134 25.05 -31.01 -17.54
N ILE O 135 25.07 -29.69 -17.71
CA ILE O 135 26.29 -28.91 -17.61
C ILE O 135 26.36 -28.15 -16.29
N ILE O 136 25.22 -27.80 -15.71
CA ILE O 136 25.18 -27.15 -14.41
C ILE O 136 25.48 -28.14 -13.30
N TYR O 137 25.13 -29.41 -13.48
CA TYR O 137 25.33 -30.42 -12.44
C TYR O 137 26.35 -31.47 -12.86
N SER O 138 27.46 -31.05 -13.43
CA SER O 138 28.49 -31.97 -13.90
C SER O 138 29.83 -31.61 -13.30
N ILE O 139 30.81 -32.49 -13.55
CA ILE O 139 32.16 -32.30 -13.06
C ILE O 139 33.09 -32.06 -14.26
N ASP O 140 34.35 -31.81 -13.95
CA ASP O 140 35.34 -31.46 -14.96
C ASP O 140 35.60 -32.64 -15.88
N LYS O 141 36.45 -32.40 -16.90
CA LYS O 141 36.94 -33.46 -17.77
C LYS O 141 38.15 -34.15 -17.17
N GLU O 142 38.97 -33.40 -16.42
CA GLU O 142 40.13 -33.96 -15.76
C GLU O 142 39.77 -35.08 -14.80
N GLU O 143 38.53 -35.10 -14.29
CA GLU O 143 38.12 -36.01 -13.25
C GLU O 143 37.14 -37.08 -13.73
N LEU O 144 36.82 -37.09 -15.01
CA LEU O 144 35.73 -37.92 -15.52
C LEU O 144 36.07 -39.42 -15.48
N PRO O 145 37.30 -39.82 -15.78
CA PRO O 145 37.65 -41.24 -15.70
C PRO O 145 37.88 -41.76 -14.29
N LYS O 146 37.54 -40.99 -13.26
CA LYS O 146 37.71 -41.39 -11.87
C LYS O 146 36.44 -41.11 -11.07
N ALA O 147 35.30 -41.20 -11.71
CA ALA O 147 34.02 -40.81 -11.13
C ALA O 147 33.26 -42.02 -10.60
N VAL O 148 32.16 -41.73 -9.92
CA VAL O 148 31.32 -42.75 -9.31
C VAL O 148 29.89 -42.25 -9.29
N GLU O 149 28.95 -43.12 -9.62
CA GLU O 149 27.55 -42.75 -9.71
C GLU O 149 26.85 -42.96 -8.38
N LEU O 150 25.96 -42.02 -8.04
CA LEU O 150 25.24 -42.05 -6.79
C LEU O 150 23.72 -42.04 -6.95
N GLY O 151 23.20 -41.33 -7.94
CA GLY O 151 21.77 -41.27 -8.10
C GLY O 151 21.29 -40.40 -9.25
N VAL O 152 20.20 -39.67 -9.01
CA VAL O 152 19.54 -38.87 -10.02
C VAL O 152 18.89 -37.69 -9.33
N ASP O 153 18.67 -36.61 -10.08
CA ASP O 153 18.07 -35.42 -9.51
C ASP O 153 16.59 -35.62 -9.26
N SER O 154 16.09 -35.00 -8.19
CA SER O 154 14.77 -35.31 -7.69
C SER O 154 13.67 -34.60 -8.47
N ARG O 155 13.80 -33.28 -8.63
CA ARG O 155 12.71 -32.49 -9.22
C ARG O 155 12.40 -32.94 -10.63
N THR O 156 13.42 -33.17 -11.45
CA THR O 156 13.24 -33.46 -12.87
C THR O 156 13.43 -34.94 -13.20
N LYS O 157 14.50 -35.56 -12.68
CA LYS O 157 14.78 -36.98 -12.89
C LYS O 157 15.21 -37.27 -14.33
N THR O 158 15.97 -36.36 -14.93
CA THR O 158 16.57 -36.58 -16.24
C THR O 158 18.08 -36.46 -16.23
N VAL O 159 18.71 -36.29 -15.07
CA VAL O 159 20.12 -35.96 -14.97
C VAL O 159 20.74 -36.82 -13.88
N LYS O 160 21.86 -37.47 -14.20
CA LYS O 160 22.58 -38.33 -13.27
C LYS O 160 23.71 -37.56 -12.62
N ILE O 161 24.05 -37.96 -11.39
CA ILE O 161 24.97 -37.24 -10.53
C ILE O 161 26.23 -38.08 -10.37
N PHE O 162 27.38 -37.46 -10.59
CA PHE O 162 28.67 -38.10 -10.44
C PHE O 162 29.53 -37.31 -9.46
N ALA O 163 30.49 -38.01 -8.84
CA ALA O 163 31.45 -37.40 -7.94
C ALA O 163 32.80 -38.08 -8.11
N SER O 164 33.86 -37.35 -7.80
CA SER O 164 35.22 -37.84 -7.98
C SER O 164 35.73 -38.50 -6.71
N VAL O 165 36.33 -39.68 -6.88
CA VAL O 165 36.87 -40.42 -5.74
C VAL O 165 37.91 -39.59 -5.00
N ASP O 166 38.79 -38.94 -5.75
CA ASP O 166 39.85 -38.16 -5.12
C ASP O 166 39.27 -37.08 -4.22
N LYS O 167 38.55 -36.12 -4.80
CA LYS O 167 37.96 -35.05 -4.00
C LYS O 167 37.16 -35.61 -2.83
N LEU O 168 36.37 -36.65 -3.08
CA LEU O 168 35.43 -37.12 -2.07
C LEU O 168 36.12 -37.79 -0.89
N LEU O 169 37.19 -38.55 -1.14
CA LEU O 169 37.75 -39.42 -0.12
C LEU O 169 39.15 -39.07 0.34
N SER O 170 39.92 -38.29 -0.41
CA SER O 170 41.22 -37.83 0.07
C SER O 170 41.10 -37.16 1.44
N ARG O 171 39.92 -36.68 1.78
CA ARG O 171 39.64 -36.04 3.05
C ARG O 171 38.55 -36.83 3.76
N HIS O 172 38.06 -36.28 4.87
CA HIS O 172 37.10 -36.99 5.71
C HIS O 172 35.68 -36.69 5.26
N LEU O 173 34.77 -37.59 5.62
CA LEU O 173 33.39 -37.52 5.14
C LEU O 173 32.42 -37.87 6.26
N ALA O 174 31.24 -37.26 6.22
CA ALA O 174 30.25 -37.37 7.27
C ALA O 174 28.89 -37.73 6.67
N VAL O 175 28.21 -38.67 7.33
CA VAL O 175 26.88 -39.12 6.94
C VAL O 175 25.98 -39.04 8.17
N LEU O 176 24.84 -38.35 8.03
CA LEU O 176 23.98 -38.06 9.15
C LEU O 176 22.55 -38.42 8.80
N GLY O 177 21.82 -38.93 9.78
CA GLY O 177 20.42 -39.21 9.53
C GLY O 177 19.69 -39.99 10.61
N SER O 178 18.38 -39.81 10.67
CA SER O 178 17.55 -40.44 11.68
C SER O 178 17.35 -41.91 11.33
N THR O 179 16.45 -42.57 12.07
CA THR O 179 16.28 -44.02 11.97
C THR O 179 15.15 -44.33 11.00
N GLY O 180 15.41 -45.26 10.07
CA GLY O 180 14.39 -45.71 9.15
C GLY O 180 14.20 -44.85 7.92
N TYR O 181 15.27 -44.29 7.36
CA TYR O 181 15.15 -43.37 6.25
C TYR O 181 16.13 -43.60 5.12
N GLY O 182 17.08 -44.52 5.25
CA GLY O 182 17.90 -44.94 4.12
C GLY O 182 19.39 -44.70 4.26
N LYS O 183 19.90 -44.74 5.48
CA LYS O 183 21.28 -44.38 5.74
C LYS O 183 22.26 -45.53 5.62
N SER O 184 21.79 -46.78 5.67
CA SER O 184 22.69 -47.92 5.56
C SER O 184 22.82 -48.43 4.12
N ASN O 185 21.86 -48.12 3.27
CA ASN O 185 22.00 -48.42 1.84
C ASN O 185 23.09 -47.58 1.20
N PHE O 186 23.25 -46.33 1.65
CA PHE O 186 24.21 -45.42 1.04
C PHE O 186 25.64 -45.90 1.23
N ASN O 187 25.98 -46.34 2.44
CA ASN O 187 27.35 -46.74 2.73
C ASN O 187 27.74 -48.02 2.02
N ALA O 188 26.81 -48.95 1.87
CA ALA O 188 27.10 -50.17 1.12
C ALA O 188 27.24 -49.89 -0.37
N LEU O 189 26.31 -49.10 -0.92
CA LEU O 189 26.46 -48.64 -2.29
C LEU O 189 27.85 -48.07 -2.54
N LEU O 190 28.26 -47.11 -1.70
CA LEU O 190 29.52 -46.42 -1.91
C LEU O 190 30.71 -47.37 -1.79
N THR O 191 30.76 -48.14 -0.70
CA THR O 191 31.91 -48.99 -0.46
C THR O 191 32.03 -50.11 -1.48
N ARG O 192 30.90 -50.57 -2.04
CA ARG O 192 30.97 -51.62 -3.03
C ARG O 192 31.32 -51.07 -4.41
N LYS O 193 30.83 -49.86 -4.73
CA LYS O 193 31.18 -49.25 -6.02
C LYS O 193 32.62 -48.79 -6.06
N VAL O 194 33.24 -48.51 -4.92
CA VAL O 194 34.67 -48.21 -4.93
C VAL O 194 35.47 -49.46 -5.27
N SER O 195 35.06 -50.61 -4.74
CA SER O 195 35.80 -51.85 -4.99
C SER O 195 35.60 -52.31 -6.43
N GLU O 196 34.35 -52.38 -6.89
CA GLU O 196 34.08 -52.84 -8.25
C GLU O 196 34.86 -52.05 -9.30
N LYS O 197 35.33 -50.85 -8.97
CA LYS O 197 36.08 -50.02 -9.92
C LYS O 197 37.58 -50.04 -9.66
N TYR O 198 38.00 -50.16 -8.41
CA TYR O 198 39.42 -50.21 -8.05
C TYR O 198 39.65 -51.45 -7.20
N PRO O 199 39.86 -52.62 -7.84
CA PRO O 199 39.94 -53.87 -7.07
C PRO O 199 41.22 -54.04 -6.26
N ASN O 200 42.13 -53.08 -6.31
CA ASN O 200 43.35 -53.09 -5.49
C ASN O 200 43.26 -52.11 -4.33
N SER O 201 42.07 -51.96 -3.77
CA SER O 201 41.81 -50.95 -2.74
C SER O 201 42.08 -51.54 -1.36
N ARG O 202 41.68 -50.82 -0.31
CA ARG O 202 41.81 -51.31 1.06
C ARG O 202 40.73 -50.64 1.90
N ILE O 203 39.77 -51.43 2.36
CA ILE O 203 38.61 -50.91 3.07
C ILE O 203 38.44 -51.68 4.38
N VAL O 204 38.20 -50.93 5.46
CA VAL O 204 38.03 -51.50 6.79
C VAL O 204 36.73 -50.96 7.38
N ILE O 205 35.95 -51.85 7.98
CA ILE O 205 34.60 -51.52 8.45
C ILE O 205 34.43 -51.95 9.89
N PHE O 206 34.03 -51.00 10.75
CA PHE O 206 33.64 -51.29 12.13
C PHE O 206 32.13 -51.49 12.15
N ASP O 207 31.70 -52.75 12.26
CA ASP O 207 30.28 -53.10 12.27
C ASP O 207 29.91 -53.57 13.67
N ILE O 208 29.10 -52.79 14.36
CA ILE O 208 28.68 -53.11 15.72
C ILE O 208 27.25 -53.68 15.75
N ASN O 209 26.73 -54.08 14.60
CA ASN O 209 25.39 -54.67 14.52
C ASN O 209 25.32 -55.92 13.67
N GLY O 210 26.34 -56.24 12.87
CA GLY O 210 26.29 -57.41 12.01
C GLY O 210 25.33 -57.29 10.86
N GLU O 211 25.64 -56.40 9.91
CA GLU O 211 24.74 -56.14 8.78
C GLU O 211 25.45 -56.17 7.44
N TYR O 212 26.76 -55.87 7.43
CA TYR O 212 27.45 -55.49 6.21
C TYR O 212 28.17 -56.66 5.53
N ALA O 213 27.82 -57.89 5.88
CA ALA O 213 28.40 -59.07 5.23
C ALA O 213 27.54 -59.58 4.09
N GLN O 214 26.21 -59.56 4.26
CA GLN O 214 25.29 -59.96 3.20
C GLN O 214 25.40 -59.07 1.97
N ALA O 215 26.08 -57.93 2.05
CA ALA O 215 26.12 -56.97 0.96
C ALA O 215 27.36 -57.09 0.09
N PHE O 216 28.37 -57.85 0.51
CA PHE O 216 29.58 -58.06 -0.27
C PHE O 216 29.66 -59.46 -0.85
N THR O 217 28.56 -60.21 -0.81
CA THR O 217 28.52 -61.51 -1.47
C THR O 217 28.78 -61.36 -2.96
N GLY O 218 29.83 -62.01 -3.44
CA GLY O 218 30.19 -61.98 -4.82
C GLY O 218 31.42 -61.16 -5.17
N ILE O 219 32.31 -60.92 -4.21
CA ILE O 219 33.46 -60.04 -4.42
C ILE O 219 34.72 -60.71 -3.88
N PRO O 220 35.86 -60.58 -4.53
CA PRO O 220 37.07 -61.25 -4.05
C PRO O 220 37.66 -60.58 -2.82
N ASN O 221 38.65 -61.27 -2.25
CA ASN O 221 39.51 -60.75 -1.19
C ASN O 221 38.70 -60.01 -0.11
N VAL O 222 37.65 -60.67 0.34
CA VAL O 222 36.88 -60.23 1.49
C VAL O 222 37.27 -61.09 2.69
N LYS O 223 37.10 -60.53 3.88
CA LYS O 223 37.30 -61.27 5.11
C LYS O 223 36.16 -60.94 6.06
N HIS O 224 36.04 -61.72 7.13
CA HIS O 224 34.97 -61.52 8.10
C HIS O 224 35.45 -62.07 9.44
N THR O 225 35.63 -61.16 10.41
CA THR O 225 36.13 -61.53 11.71
C THR O 225 35.13 -61.11 12.78
N ILE O 226 34.90 -62.01 13.74
CA ILE O 226 34.00 -61.76 14.84
C ILE O 226 34.82 -61.60 16.11
N LEU O 227 34.32 -60.79 17.04
CA LEU O 227 35.05 -60.45 18.25
C LEU O 227 34.48 -61.24 19.42
N GLY O 228 35.12 -62.35 19.77
CA GLY O 228 34.65 -63.12 20.91
C GLY O 228 35.05 -64.58 20.79
N GLU O 229 34.34 -65.41 21.54
CA GLU O 229 34.59 -66.84 21.63
C GLU O 229 33.46 -67.60 20.95
N SER O 230 33.76 -68.81 20.51
CA SER O 230 32.78 -69.63 19.82
C SER O 230 31.78 -70.21 20.82
N PRO O 231 30.47 -70.14 20.54
CA PRO O 231 29.51 -70.78 21.46
C PRO O 231 29.79 -72.27 21.58
N ASN O 232 29.78 -72.96 20.45
CA ASN O 232 30.36 -74.28 20.38
C ASN O 232 31.88 -74.19 20.52
N VAL O 233 32.53 -75.34 20.68
CA VAL O 233 33.97 -75.36 20.87
C VAL O 233 34.62 -76.28 19.83
N ASP O 234 34.12 -77.51 19.71
CA ASP O 234 34.67 -78.46 18.75
C ASP O 234 34.00 -78.29 17.39
N SER O 235 34.15 -77.10 16.83
CA SER O 235 33.65 -76.78 15.50
C SER O 235 34.79 -76.19 14.67
N LEU O 236 34.61 -76.22 13.36
CA LEU O 236 35.64 -75.84 12.41
C LEU O 236 35.33 -74.47 11.80
N GLU O 237 36.38 -73.83 11.29
CA GLU O 237 36.27 -72.58 10.53
C GLU O 237 37.11 -72.73 9.27
N LYS O 238 36.51 -72.41 8.13
CA LYS O 238 37.08 -72.73 6.82
C LYS O 238 37.72 -71.50 6.21
N LYS O 239 39.04 -71.55 6.03
CA LYS O 239 39.75 -70.50 5.32
C LYS O 239 39.43 -70.54 3.83
N GLN O 240 39.68 -69.42 3.15
CA GLN O 240 39.45 -69.31 1.72
C GLN O 240 40.75 -68.92 1.04
N GLN O 241 40.77 -69.09 -0.29
CA GLN O 241 41.95 -68.86 -1.09
C GLN O 241 41.84 -67.50 -1.80
N LYS O 242 42.80 -67.23 -2.68
CA LYS O 242 42.82 -65.98 -3.42
C LYS O 242 41.95 -66.08 -4.67
N GLY O 243 41.34 -64.95 -5.03
CA GLY O 243 40.48 -64.89 -6.19
C GLY O 243 39.13 -65.53 -6.03
N GLU O 244 38.81 -66.06 -4.86
CA GLU O 244 37.57 -66.79 -4.64
C GLU O 244 36.47 -65.82 -4.23
N LEU O 245 35.32 -65.94 -4.87
CA LEU O 245 34.19 -65.06 -4.58
C LEU O 245 33.67 -65.34 -3.18
N TYR O 246 33.39 -64.27 -2.44
CA TYR O 246 32.91 -64.40 -1.07
C TYR O 246 31.50 -64.95 -1.05
N SER O 247 31.28 -65.96 -0.21
CA SER O 247 29.96 -66.44 0.13
C SER O 247 29.92 -66.66 1.64
N GLU O 248 28.74 -66.46 2.22
CA GLU O 248 28.60 -66.67 3.65
C GLU O 248 28.93 -68.12 3.99
N GLU O 249 29.02 -68.39 5.30
CA GLU O 249 29.50 -69.65 5.85
C GLU O 249 31.02 -69.71 5.88
N TYR O 250 31.69 -68.57 5.63
CA TYR O 250 33.12 -68.42 5.84
C TYR O 250 33.32 -67.25 6.78
N TYR O 251 34.08 -67.47 7.86
CA TYR O 251 34.27 -66.44 8.88
C TYR O 251 35.30 -66.93 9.87
N CYS O 252 35.74 -66.02 10.74
CA CYS O 252 36.72 -66.37 11.77
C CYS O 252 36.38 -65.66 13.07
N TYR O 253 37.04 -66.10 14.14
CA TYR O 253 36.85 -65.58 15.48
C TYR O 253 38.15 -64.98 15.98
N LYS O 254 38.07 -64.07 16.95
CA LYS O 254 39.28 -63.48 17.48
C LYS O 254 39.04 -62.88 18.85
N LYS O 255 40.05 -63.00 19.71
CA LYS O 255 40.19 -62.27 20.96
C LYS O 255 41.29 -61.24 20.82
N ILE O 256 41.41 -60.38 21.84
CA ILE O 256 42.48 -59.40 21.94
C ILE O 256 43.30 -59.71 23.18
N PRO O 257 44.61 -59.89 23.08
CA PRO O 257 45.41 -60.12 24.30
C PRO O 257 45.49 -58.87 25.17
N TYR O 258 46.22 -58.95 26.28
CA TYR O 258 46.42 -57.80 27.15
C TYR O 258 47.81 -57.21 27.03
N GLN O 259 48.73 -57.88 26.35
CA GLN O 259 50.03 -57.27 26.10
C GLN O 259 49.90 -55.98 25.30
N ALA O 260 48.89 -55.90 24.44
CA ALA O 260 48.73 -54.76 23.54
C ALA O 260 47.85 -53.67 24.15
N LEU O 261 48.20 -53.27 25.37
CA LEU O 261 47.63 -52.09 26.00
C LEU O 261 48.69 -51.22 26.67
N GLY O 262 49.91 -51.70 26.84
CA GLY O 262 51.03 -50.86 27.18
C GLY O 262 51.16 -50.54 28.66
N PHE O 263 52.25 -49.84 28.96
CA PHE O 263 52.54 -49.36 30.30
C PHE O 263 51.53 -48.34 30.80
N ALA O 264 50.64 -47.84 29.93
CA ALA O 264 49.72 -46.76 30.27
C ALA O 264 48.26 -47.18 30.23
N GLY O 265 47.87 -47.99 29.25
CA GLY O 265 46.50 -48.46 29.19
C GLY O 265 46.07 -49.14 30.48
N LEU O 266 46.96 -49.92 31.08
CA LEU O 266 46.61 -50.64 32.31
C LEU O 266 46.47 -49.68 33.49
N ILE O 267 47.36 -48.70 33.59
CA ILE O 267 47.23 -47.68 34.62
C ILE O 267 45.88 -46.98 34.48
N LYS O 268 45.50 -46.62 33.25
CA LYS O 268 44.22 -45.97 33.03
C LYS O 268 43.07 -46.89 33.38
N LEU O 269 43.20 -48.18 33.08
CA LEU O 269 42.14 -49.16 33.30
C LEU O 269 41.98 -49.56 34.76
N LEU O 270 42.99 -49.29 35.60
CA LEU O 270 42.92 -49.66 37.00
C LEU O 270 42.75 -48.48 37.95
N ARG O 271 43.24 -47.29 37.58
CA ARG O 271 42.97 -46.07 38.34
C ARG O 271 43.43 -46.17 39.79
N PRO O 272 44.74 -46.15 40.07
CA PRO O 272 45.23 -46.05 41.45
C PRO O 272 44.99 -44.65 41.98
N SER O 273 44.10 -44.54 42.97
CA SER O 273 43.53 -43.26 43.37
C SER O 273 43.94 -42.83 44.77
N ASP O 274 44.89 -43.51 45.39
CA ASP O 274 45.24 -43.20 46.77
C ASP O 274 46.74 -43.39 46.97
N LYS O 275 47.15 -43.55 48.23
CA LYS O 275 48.50 -43.23 48.68
C LYS O 275 49.56 -44.04 47.92
N THR O 276 49.59 -45.35 48.14
CA THR O 276 50.76 -46.16 47.77
C THR O 276 50.36 -47.31 46.85
N GLN O 277 49.54 -47.01 45.84
CA GLN O 277 49.20 -47.96 44.80
C GLN O 277 50.04 -47.79 43.55
N LEU O 278 50.21 -46.54 43.10
CA LEU O 278 51.00 -46.16 41.94
C LEU O 278 52.45 -46.68 41.86
N PRO O 279 53.33 -46.39 42.84
CA PRO O 279 54.71 -46.90 42.69
C PRO O 279 54.79 -48.40 42.65
N ALA O 280 53.97 -49.10 43.44
CA ALA O 280 53.96 -50.56 43.39
C ALA O 280 53.48 -51.07 42.03
N LEU O 281 52.42 -50.45 41.50
CA LEU O 281 51.92 -50.87 40.20
C LEU O 281 52.89 -50.55 39.07
N ARG O 282 53.79 -49.59 39.28
CA ARG O 282 54.85 -49.35 38.32
C ARG O 282 55.96 -50.39 38.46
N ASN O 283 56.40 -50.65 39.70
CA ASN O 283 57.45 -51.63 39.93
C ASN O 283 57.04 -53.01 39.44
N ALA O 284 55.74 -53.32 39.45
CA ALA O 284 55.29 -54.62 38.97
C ALA O 284 55.36 -54.70 37.45
N LEU O 285 54.86 -53.67 36.76
CA LEU O 285 54.90 -53.69 35.30
C LEU O 285 56.32 -53.61 34.78
N SER O 286 57.24 -52.99 35.52
CA SER O 286 58.62 -52.91 35.08
C SER O 286 59.36 -54.22 35.28
N ALA O 287 58.86 -55.10 36.13
CA ALA O 287 59.54 -56.36 36.46
C ALA O 287 58.80 -57.59 35.97
N ILE O 288 57.64 -57.43 35.33
CA ILE O 288 56.88 -58.57 34.85
C ILE O 288 57.66 -59.48 33.92
N ASN O 289 58.84 -59.06 33.44
CA ASN O 289 59.63 -59.86 32.51
C ASN O 289 60.76 -60.63 33.20
N ARG O 290 60.64 -60.85 34.51
CA ARG O 290 61.59 -61.69 35.22
C ARG O 290 60.89 -62.64 36.20
N THR O 291 59.61 -62.91 35.98
CA THR O 291 58.84 -63.84 36.80
C THR O 291 58.59 -65.11 36.01
N HIS O 292 58.80 -66.25 36.65
CA HIS O 292 58.56 -67.55 36.05
C HIS O 292 57.28 -68.15 36.61
N PHE O 293 56.74 -69.13 35.89
CA PHE O 293 55.42 -69.66 36.18
C PHE O 293 55.44 -71.18 36.22
N LYS O 294 54.55 -71.74 37.04
CA LYS O 294 54.34 -73.17 37.15
C LYS O 294 52.82 -73.37 37.21
N SER O 295 52.38 -74.59 37.51
CA SER O 295 50.96 -74.92 37.45
C SER O 295 50.07 -73.83 38.03
N ARG O 296 50.23 -73.52 39.33
CA ARG O 296 49.37 -72.50 39.95
C ARG O 296 50.12 -71.64 40.96
N ASN O 297 51.44 -71.58 40.91
CA ASN O 297 52.21 -70.77 41.83
C ASN O 297 53.30 -70.03 41.07
N ILE O 298 53.66 -68.86 41.59
CA ILE O 298 54.63 -67.97 40.96
C ILE O 298 55.88 -67.92 41.83
N TYR O 299 57.03 -67.70 41.18
CA TYR O 299 58.31 -67.71 41.86
C TYR O 299 59.34 -66.98 41.01
N LEU O 300 60.52 -66.82 41.59
CA LEU O 300 61.69 -66.29 40.90
C LEU O 300 62.74 -67.38 40.77
N GLU O 301 63.64 -67.20 39.81
CA GLU O 301 64.74 -68.13 39.60
C GLU O 301 66.04 -67.35 39.52
N LYS O 302 66.98 -67.67 40.40
CA LYS O 302 68.27 -67.00 40.46
C LYS O 302 69.18 -67.52 39.35
N ASP O 303 70.29 -66.80 39.14
CA ASP O 303 71.28 -67.23 38.16
C ASP O 303 71.85 -68.61 38.48
N ASP O 304 71.73 -69.07 39.73
CA ASP O 304 72.34 -70.34 40.15
C ASP O 304 71.29 -71.18 40.88
N GLY O 305 70.43 -71.84 40.12
CA GLY O 305 69.56 -72.87 40.67
C GLY O 305 68.50 -72.39 41.64
N GLU O 306 68.94 -71.69 42.69
CA GLU O 306 68.07 -71.35 43.80
C GLU O 306 66.80 -70.64 43.33
N THR O 307 65.72 -70.85 44.07
CA THR O 307 64.43 -70.22 43.80
C THR O 307 63.86 -69.66 45.09
N PHE O 308 62.88 -68.78 44.94
CA PHE O 308 62.19 -68.19 46.08
C PHE O 308 60.76 -67.91 45.67
N LEU O 309 59.82 -68.25 46.56
CA LEU O 309 58.41 -68.21 46.25
C LEU O 309 57.81 -66.84 46.59
N LEU O 310 56.75 -66.49 45.87
CA LEU O 310 55.94 -65.31 46.16
C LEU O 310 54.53 -65.73 46.55
N TYR O 311 53.90 -64.94 47.39
CA TYR O 311 52.57 -65.23 47.92
C TYR O 311 51.70 -64.00 47.81
N ASP O 312 50.39 -64.19 48.06
CA ASP O 312 49.40 -63.13 47.90
C ASP O 312 48.52 -62.94 49.13
N ASP O 313 48.90 -63.51 50.27
CA ASP O 313 48.10 -63.40 51.48
C ASP O 313 48.87 -62.88 52.69
N CYS O 314 50.13 -62.49 52.53
CA CYS O 314 50.93 -61.92 53.61
C CYS O 314 51.20 -62.96 54.70
N ARG O 315 51.62 -64.16 54.28
CA ARG O 315 51.99 -65.20 55.21
C ARG O 315 53.48 -65.11 55.54
N ASP O 316 53.79 -65.13 56.83
CA ASP O 316 55.14 -64.85 57.33
C ASP O 316 56.16 -65.94 57.03
N THR O 317 55.88 -66.97 56.23
CA THR O 317 56.87 -68.01 55.98
C THR O 317 57.98 -67.46 55.09
N ASN O 318 59.22 -67.50 55.60
CA ASN O 318 60.39 -67.02 54.86
C ASN O 318 60.25 -65.53 54.53
N GLN O 319 60.10 -64.73 55.58
CA GLN O 319 59.88 -63.30 55.45
C GLN O 319 61.14 -62.48 55.74
N SER O 320 62.30 -63.13 55.76
CA SER O 320 63.54 -62.49 56.20
C SER O 320 64.52 -62.19 55.08
N LYS O 321 64.27 -62.65 53.86
CA LYS O 321 65.17 -62.44 52.75
C LYS O 321 64.57 -61.61 51.63
N LEU O 322 63.35 -61.10 51.82
CA LEU O 322 62.73 -60.23 50.82
C LEU O 322 63.71 -59.17 50.35
N ALA O 323 64.14 -58.29 51.27
CA ALA O 323 64.97 -57.16 50.90
C ALA O 323 66.01 -57.50 49.83
N GLU O 324 66.78 -58.57 50.05
CA GLU O 324 67.87 -58.91 49.13
C GLU O 324 67.41 -59.77 47.97
N TRP O 325 66.20 -60.30 47.98
CA TRP O 325 65.64 -60.93 46.79
C TRP O 325 64.75 -59.98 45.98
N LEU O 326 64.58 -58.75 46.46
CA LEU O 326 63.80 -57.72 45.80
C LEU O 326 64.65 -56.60 45.24
N ASP O 327 65.70 -56.18 45.95
CA ASP O 327 66.58 -55.14 45.41
C ASP O 327 67.20 -55.58 44.09
N LEU O 328 67.52 -56.86 43.96
CA LEU O 328 68.10 -57.36 42.73
C LEU O 328 67.10 -57.28 41.58
N LEU O 329 65.91 -57.83 41.78
CA LEU O 329 64.84 -57.66 40.80
C LEU O 329 64.60 -56.21 40.45
N ARG O 330 64.80 -55.32 41.43
CA ARG O 330 64.54 -53.90 41.23
C ARG O 330 65.62 -53.24 40.40
N ARG O 331 66.86 -53.70 40.51
CA ARG O 331 67.98 -53.12 39.77
C ARG O 331 68.55 -54.10 38.75
N ARG O 332 67.70 -54.97 38.20
CA ARG O 332 68.02 -55.74 37.00
C ARG O 332 69.25 -56.63 37.21
N ARG O 333 69.09 -57.61 38.10
CA ARG O 333 70.15 -58.56 38.40
C ARG O 333 69.73 -60.02 38.35
N LEU O 334 68.44 -60.34 38.46
CA LEU O 334 67.99 -61.72 38.43
C LEU O 334 67.97 -62.24 36.99
N LYS O 335 67.46 -63.45 36.81
CA LYS O 335 67.42 -64.09 35.50
C LYS O 335 66.14 -63.73 34.76
N ARG O 336 66.20 -63.83 33.43
CA ARG O 336 65.10 -63.45 32.56
C ARG O 336 64.24 -64.67 32.25
N THR O 337 63.28 -64.50 31.34
CA THR O 337 62.41 -65.58 30.91
C THR O 337 61.96 -65.29 29.48
N ASN O 338 61.15 -66.20 28.92
CA ASN O 338 60.78 -66.10 27.52
C ASN O 338 59.31 -66.42 27.26
N VAL O 339 58.44 -66.29 28.26
CA VAL O 339 57.01 -66.55 28.11
C VAL O 339 56.24 -65.47 28.83
N TRP O 340 55.09 -65.08 28.27
CA TRP O 340 54.23 -64.10 28.90
C TRP O 340 53.39 -64.75 29.99
N PRO O 341 53.39 -64.23 31.21
CA PRO O 341 52.57 -64.83 32.27
C PRO O 341 51.17 -64.26 32.27
N PRO O 342 50.27 -64.82 33.06
CA PRO O 342 48.87 -64.39 33.06
C PRO O 342 48.68 -63.05 33.76
N PHE O 343 47.41 -62.67 33.89
CA PHE O 343 47.00 -61.38 34.41
C PHE O 343 46.85 -61.38 35.93
N LYS O 344 47.47 -62.34 36.62
CA LYS O 344 47.40 -62.44 38.07
C LYS O 344 48.73 -62.33 38.78
N SER O 345 49.84 -62.68 38.11
CA SER O 345 51.15 -62.34 38.63
C SER O 345 51.23 -60.87 38.99
N LEU O 346 50.51 -60.02 38.26
CA LEU O 346 50.43 -58.61 38.59
C LEU O 346 49.90 -58.41 40.01
N ALA O 347 48.77 -59.06 40.32
CA ALA O 347 48.17 -58.95 41.64
C ALA O 347 49.03 -59.62 42.70
N THR O 348 49.86 -60.59 42.32
CA THR O 348 50.72 -61.26 43.28
C THR O 348 51.98 -60.45 43.59
N LEU O 349 52.43 -59.62 42.66
CA LEU O 349 53.58 -58.76 42.90
C LEU O 349 53.19 -57.45 43.57
N VAL O 350 52.01 -56.91 43.25
CA VAL O 350 51.60 -55.63 43.82
C VAL O 350 51.46 -55.70 45.33
N ALA O 351 51.32 -56.90 45.89
CA ALA O 351 51.17 -57.08 47.32
C ALA O 351 52.51 -57.29 48.03
N GLU O 352 53.41 -58.08 47.45
CA GLU O 352 54.74 -58.25 48.02
C GLU O 352 55.63 -57.05 47.80
N PHE O 353 55.24 -56.10 46.95
CA PHE O 353 55.94 -54.82 46.88
C PHE O 353 55.33 -53.77 47.80
N GLY O 354 54.16 -54.02 48.39
CA GLY O 354 53.51 -53.05 49.24
C GLY O 354 53.35 -53.52 50.67
N CYS O 355 53.76 -54.76 50.97
CA CYS O 355 53.68 -55.25 52.34
C CYS O 355 55.07 -55.63 52.86
N VAL O 356 56.05 -54.76 52.65
CA VAL O 356 57.42 -55.01 53.07
C VAL O 356 57.93 -53.83 53.88
N ALA O 357 58.78 -54.12 54.85
CA ALA O 357 59.35 -53.12 55.73
C ALA O 357 60.65 -53.67 56.30
N ALA O 358 61.18 -53.02 57.33
CA ALA O 358 62.41 -53.45 57.97
C ALA O 358 62.33 -53.21 59.46
N ASP O 359 62.48 -54.27 60.24
CA ASP O 359 62.61 -54.14 61.68
C ASP O 359 63.96 -53.54 62.03
N ARG O 360 63.98 -52.67 63.03
CA ARG O 360 65.25 -52.16 63.54
C ARG O 360 66.19 -53.30 63.91
N SER O 361 65.64 -54.47 64.24
CA SER O 361 66.40 -55.71 64.30
C SER O 361 66.62 -56.18 62.87
N ASN O 362 67.87 -56.07 62.39
CA ASN O 362 68.16 -56.34 60.99
C ASN O 362 67.53 -57.65 60.54
N GLY O 363 66.97 -57.64 59.34
CA GLY O 363 66.15 -58.74 58.83
C GLY O 363 64.78 -58.17 58.56
N SER O 364 64.28 -58.44 57.35
CA SER O 364 63.04 -57.85 56.89
C SER O 364 61.82 -58.62 57.40
N LYS O 365 60.67 -57.95 57.34
CA LYS O 365 59.40 -58.53 57.75
C LYS O 365 58.32 -58.02 56.81
N ARG O 366 57.39 -58.89 56.42
CA ARG O 366 56.29 -58.49 55.56
C ARG O 366 55.13 -58.01 56.45
N ASP O 367 55.22 -56.74 56.83
CA ASP O 367 54.27 -56.13 57.77
C ASP O 367 52.84 -56.28 57.28
N ALA O 368 51.88 -56.08 58.19
CA ALA O 368 50.46 -56.24 57.88
C ALA O 368 49.75 -54.92 57.63
N PHE O 369 50.23 -53.81 58.21
CA PHE O 369 49.54 -52.54 58.08
C PHE O 369 49.61 -52.01 56.65
N GLY O 370 50.82 -51.94 56.10
CA GLY O 370 50.97 -51.45 54.74
C GLY O 370 50.17 -52.25 53.73
N PHE O 371 50.06 -53.56 53.96
CA PHE O 371 49.32 -54.43 53.04
C PHE O 371 47.90 -53.92 52.81
N SER O 372 47.27 -53.37 53.86
CA SER O 372 45.93 -52.84 53.72
C SER O 372 45.91 -51.64 52.78
N ASN O 373 46.96 -50.83 52.81
CA ASN O 373 47.03 -49.65 51.95
C ASN O 373 47.02 -50.02 50.47
N VAL O 374 47.26 -51.28 50.14
CA VAL O 374 47.27 -51.75 48.75
C VAL O 374 46.13 -52.71 48.45
N LEU O 375 45.52 -53.34 49.46
CA LEU O 375 44.50 -54.37 49.27
C LEU O 375 43.47 -54.06 48.17
N PRO O 376 42.83 -52.88 48.12
CA PRO O 376 41.71 -52.72 47.18
C PRO O 376 42.08 -52.92 45.72
N LEU O 377 43.27 -52.48 45.32
CA LEU O 377 43.74 -52.75 43.97
C LEU O 377 43.79 -54.25 43.72
N VAL O 378 44.26 -55.01 44.71
CA VAL O 378 44.28 -56.46 44.57
C VAL O 378 42.86 -57.00 44.42
N LYS O 379 41.92 -56.43 45.18
CA LYS O 379 40.53 -56.86 45.06
C LYS O 379 40.05 -56.71 43.63
N ILE O 380 40.19 -55.51 43.06
CA ILE O 380 39.60 -55.25 41.74
C ILE O 380 40.35 -56.01 40.64
N ILE O 381 41.68 -56.09 40.73
CA ILE O 381 42.43 -56.84 39.73
C ILE O 381 42.15 -58.33 39.84
N GLN O 382 41.62 -58.79 40.97
CA GLN O 382 41.09 -60.15 41.03
C GLN O 382 39.70 -60.21 40.38
N GLN O 383 38.84 -59.26 40.74
CA GLN O 383 37.51 -59.20 40.14
C GLN O 383 37.57 -59.32 38.63
N LEU O 384 38.53 -58.65 38.00
CA LEU O 384 38.63 -58.73 36.54
C LEU O 384 39.34 -59.98 36.07
N ALA O 385 38.98 -61.14 36.63
CA ALA O 385 39.26 -62.43 36.03
C ALA O 385 38.09 -63.41 36.10
N GLU O 386 37.21 -63.30 37.10
CA GLU O 386 36.06 -64.18 37.25
C GLU O 386 34.82 -63.53 36.64
N ASP O 387 34.93 -63.21 35.36
CA ASP O 387 33.89 -62.46 34.66
C ASP O 387 33.57 -63.15 33.33
N ILE O 388 32.43 -62.77 32.77
CA ILE O 388 31.96 -63.34 31.51
C ILE O 388 32.05 -62.35 30.35
N ARG O 389 32.17 -61.06 30.62
CA ARG O 389 32.20 -60.05 29.57
C ARG O 389 33.64 -59.72 29.16
N PHE O 390 34.45 -59.26 30.11
CA PHE O 390 35.83 -58.92 29.80
C PHE O 390 36.61 -60.12 29.28
N LYS O 391 36.39 -61.29 29.88
CA LYS O 391 37.15 -62.48 29.51
C LYS O 391 36.73 -63.06 28.17
N SER O 392 35.51 -62.79 27.73
CA SER O 392 35.06 -63.29 26.43
C SER O 392 35.82 -62.60 25.30
N ILE O 393 36.19 -61.34 25.49
CA ILE O 393 36.87 -60.57 24.45
C ILE O 393 38.39 -60.62 24.64
N VAL O 394 38.86 -60.46 25.86
CA VAL O 394 40.30 -60.33 26.14
C VAL O 394 40.84 -61.67 26.62
N ASN O 395 42.13 -61.89 26.36
CA ASN O 395 42.80 -63.16 26.63
C ASN O 395 43.80 -62.95 27.77
N LEU O 396 43.34 -63.14 29.00
CA LEU O 396 44.19 -63.02 30.18
C LEU O 396 44.63 -64.41 30.65
N ASN O 397 45.41 -65.07 29.79
CA ASN O 397 45.96 -66.38 30.10
C ASN O 397 47.48 -66.40 30.09
N GLY O 398 48.11 -65.85 29.05
CA GLY O 398 49.55 -65.75 29.03
C GLY O 398 50.24 -66.81 28.21
N GLY O 399 50.78 -66.42 27.05
CA GLY O 399 51.52 -67.33 26.21
C GLY O 399 52.10 -66.64 24.99
N GLY O 400 53.29 -67.07 24.58
CA GLY O 400 53.96 -66.51 23.43
C GLY O 400 55.43 -66.34 23.72
N GLU O 401 56.13 -65.70 22.79
CA GLU O 401 57.54 -65.43 22.92
C GLU O 401 57.78 -64.01 23.44
N LEU O 402 58.91 -63.83 24.10
CA LEU O 402 59.28 -62.58 24.75
C LEU O 402 60.73 -62.22 24.41
N ALA O 403 61.04 -62.25 23.11
CA ALA O 403 62.40 -62.04 22.64
C ALA O 403 63.07 -60.88 23.38
N ASP O 404 64.29 -61.13 23.86
CA ASP O 404 65.00 -60.15 24.66
C ASP O 404 65.39 -58.94 23.81
N GLY O 405 65.88 -57.90 24.49
CA GLY O 405 66.28 -56.68 23.83
C GLY O 405 65.53 -55.47 24.34
N GLY O 406 64.84 -55.62 25.46
CA GLY O 406 64.00 -54.53 25.95
C GLY O 406 63.01 -54.04 24.93
N THR O 407 62.42 -54.96 24.16
CA THR O 407 61.56 -54.60 23.04
C THR O 407 60.32 -55.49 23.05
N HIS O 408 59.73 -55.71 24.23
CA HIS O 408 58.62 -56.63 24.37
C HIS O 408 57.27 -55.95 24.52
N TRP O 409 57.24 -54.63 24.67
CA TRP O 409 55.98 -53.88 24.67
C TRP O 409 55.59 -53.40 23.27
N ASP O 410 56.56 -53.23 22.38
CA ASP O 410 56.30 -52.62 21.08
C ASP O 410 55.82 -53.64 20.05
N LYS O 411 56.40 -54.84 20.06
CA LYS O 411 56.08 -55.81 19.02
C LYS O 411 54.64 -56.30 19.13
N ALA O 412 54.07 -56.30 20.33
CA ALA O 412 52.67 -56.68 20.47
C ALA O 412 51.76 -55.69 19.76
N MET O 413 51.98 -54.39 19.98
CA MET O 413 51.25 -53.38 19.23
C MET O 413 51.47 -53.55 17.73
N SER O 414 52.73 -53.71 17.32
CA SER O 414 53.03 -53.78 15.90
C SER O 414 52.38 -54.99 15.23
N ASP O 415 52.20 -56.08 15.99
CA ASP O 415 51.56 -57.27 15.43
C ASP O 415 50.04 -57.19 15.47
N GLU O 416 49.48 -56.52 16.48
CA GLU O 416 48.03 -56.40 16.56
C GLU O 416 47.49 -55.38 15.58
N VAL O 417 48.31 -54.40 15.18
CA VAL O 417 47.87 -53.42 14.20
C VAL O 417 47.80 -54.06 12.82
N ASP O 418 48.82 -54.85 12.46
CA ASP O 418 48.87 -55.48 11.15
C ASP O 418 47.75 -56.49 10.93
N TYR O 419 46.99 -56.85 11.97
CA TYR O 419 45.90 -57.79 11.83
C TYR O 419 44.61 -57.11 11.41
N PHE O 420 44.28 -55.99 12.04
CA PHE O 420 43.05 -55.28 11.70
C PHE O 420 43.26 -54.33 10.52
N PHE O 421 44.31 -53.50 10.59
CA PHE O 421 44.43 -52.37 9.69
C PHE O 421 45.26 -52.63 8.44
N GLY O 422 46.21 -53.54 8.49
CA GLY O 422 46.92 -53.97 7.29
C GLY O 422 48.43 -53.93 7.49
N LYS O 423 49.11 -54.45 6.46
CA LYS O 423 50.55 -54.59 6.47
C LYS O 423 51.22 -53.42 5.75
N GLU O 424 52.51 -53.24 6.02
CA GLU O 424 53.30 -52.20 5.41
C GLU O 424 53.34 -52.40 3.89
N LYS O 425 53.76 -51.36 3.18
CA LYS O 425 53.89 -51.41 1.73
C LYS O 425 54.94 -52.44 1.34
N GLY O 426 54.74 -53.06 0.18
CA GLY O 426 55.63 -54.09 -0.30
C GLY O 426 55.25 -55.50 0.11
N GLN O 427 54.95 -55.69 1.39
CA GLN O 427 54.58 -56.99 1.89
C GLN O 427 53.33 -57.50 1.18
N GLU O 428 53.04 -58.79 1.38
CA GLU O 428 51.90 -59.45 0.77
C GLU O 428 50.77 -59.53 1.79
N ASN O 429 49.72 -58.77 1.56
CA ASN O 429 48.51 -58.82 2.36
C ASN O 429 47.42 -59.51 1.55
N ASP O 430 46.74 -60.48 2.17
CA ASP O 430 45.80 -61.31 1.42
C ASP O 430 44.52 -60.55 1.11
N TRP O 431 43.83 -60.06 2.12
CA TRP O 431 42.51 -59.47 1.93
C TRP O 431 42.62 -58.03 1.45
N ASN O 432 41.49 -57.52 0.94
CA ASN O 432 41.33 -56.12 0.59
C ASN O 432 40.13 -55.48 1.25
N VAL O 433 39.16 -56.26 1.70
CA VAL O 433 38.02 -55.78 2.46
C VAL O 433 37.99 -56.51 3.80
N HIS O 434 37.95 -55.76 4.89
CA HIS O 434 37.91 -56.34 6.22
C HIS O 434 36.69 -55.83 6.97
N ILE O 435 35.87 -56.77 7.45
CA ILE O 435 34.68 -56.49 8.24
C ILE O 435 34.91 -57.02 9.64
N VAL O 436 34.77 -56.15 10.64
CA VAL O 436 34.94 -56.54 12.03
C VAL O 436 33.57 -56.49 12.70
N ASN O 437 33.19 -57.57 13.36
CA ASN O 437 31.87 -57.71 13.95
C ASN O 437 31.98 -57.68 15.47
N MET O 438 31.25 -56.75 16.07
CA MET O 438 31.24 -56.52 17.52
C MET O 438 29.86 -56.77 18.08
N LYS O 439 29.12 -57.70 17.45
CA LYS O 439 27.82 -58.14 17.95
C LYS O 439 27.81 -58.26 19.47
N ASN O 440 28.84 -58.89 20.02
CA ASN O 440 28.91 -59.22 21.44
C ASN O 440 29.98 -58.34 22.10
N LEU O 441 29.55 -57.17 22.57
CA LEU O 441 30.42 -56.24 23.24
C LEU O 441 29.57 -55.24 24.01
N ALA O 442 29.88 -55.05 25.30
CA ALA O 442 29.01 -54.28 26.17
C ALA O 442 29.18 -52.78 25.96
N GLN O 443 28.17 -52.03 26.38
CA GLN O 443 28.19 -50.58 26.33
C GLN O 443 29.13 -49.97 27.34
N ASP O 444 29.80 -50.79 28.15
CA ASP O 444 30.71 -50.31 29.18
C ASP O 444 32.17 -50.37 28.76
N HIS O 445 32.57 -51.43 28.06
CA HIS O 445 33.95 -51.59 27.62
C HIS O 445 34.18 -51.14 26.19
N ALA O 446 33.21 -50.46 25.59
CA ALA O 446 33.33 -50.07 24.18
C ALA O 446 34.32 -48.91 24.02
N PRO O 447 34.15 -47.79 24.72
CA PRO O 447 35.12 -46.70 24.57
C PRO O 447 36.54 -47.12 24.86
N MET O 448 36.77 -47.78 26.00
CA MET O 448 38.13 -48.14 26.38
C MET O 448 38.81 -48.98 25.32
N LEU O 449 38.10 -49.95 24.75
CA LEU O 449 38.72 -50.87 23.81
C LEU O 449 38.85 -50.27 22.42
N LEU O 450 37.81 -49.60 21.93
CA LEU O 450 37.81 -49.07 20.58
C LEU O 450 38.45 -47.69 20.47
N SER O 451 38.92 -47.11 21.57
CA SER O 451 39.69 -45.87 21.54
C SER O 451 41.16 -46.12 21.87
N ALA O 452 41.63 -47.33 21.64
CA ALA O 452 43.03 -47.68 21.81
C ALA O 452 43.62 -48.25 20.54
N LEU O 453 42.84 -49.00 19.77
CA LEU O 453 43.29 -49.42 18.44
C LEU O 453 43.59 -48.22 17.57
N LEU O 454 42.81 -47.14 17.71
CA LEU O 454 43.04 -45.94 16.92
C LEU O 454 44.32 -45.23 17.33
N GLU O 455 44.59 -45.17 18.64
CA GLU O 455 45.85 -44.60 19.11
C GLU O 455 47.04 -45.43 18.61
N MET O 456 46.91 -46.76 18.65
CA MET O 456 47.91 -47.64 18.07
C MET O 456 48.17 -47.28 16.60
N PHE O 457 47.08 -47.20 15.83
CA PHE O 457 47.21 -46.90 14.41
C PHE O 457 47.90 -45.56 14.19
N ALA O 458 47.55 -44.56 15.00
CA ALA O 458 48.22 -43.27 14.91
C ALA O 458 49.72 -43.42 15.14
N GLU O 459 50.10 -44.12 16.21
CA GLU O 459 51.51 -44.29 16.53
C GLU O 459 52.27 -44.97 15.40
N ILE O 460 51.68 -46.03 14.81
CA ILE O 460 52.37 -46.77 13.77
C ILE O 460 52.42 -45.98 12.47
N LEU O 461 51.36 -45.20 12.20
CA LEU O 461 51.30 -44.39 11.00
C LEU O 461 52.22 -43.19 11.06
N PHE O 462 52.58 -42.74 12.26
CA PHE O 462 53.60 -41.71 12.38
C PHE O 462 54.98 -42.25 12.00
N ARG O 463 55.22 -43.53 12.25
CA ARG O 463 56.52 -44.12 11.94
C ARG O 463 56.62 -44.51 10.48
N ARG O 464 55.60 -45.18 9.95
CA ARG O 464 55.68 -45.67 8.57
C ARG O 464 56.06 -44.54 7.61
N GLY O 465 55.46 -43.37 7.76
CA GLY O 465 55.80 -42.24 6.93
C GLY O 465 55.09 -42.24 5.59
N GLN O 466 55.60 -41.39 4.70
CA GLN O 466 55.05 -41.24 3.36
C GLN O 466 55.61 -42.26 2.38
N GLU O 467 56.68 -42.97 2.73
CA GLU O 467 57.30 -43.92 1.83
C GLU O 467 56.81 -45.35 2.04
N ARG O 468 56.37 -45.68 3.25
CA ARG O 468 56.00 -47.03 3.61
C ARG O 468 54.50 -47.20 3.88
N SER O 469 53.71 -46.15 3.71
CA SER O 469 52.29 -46.18 4.05
C SER O 469 51.46 -46.46 2.81
N TYR O 470 50.39 -47.22 3.00
CA TYR O 470 49.46 -47.57 1.94
C TYR O 470 48.09 -46.94 2.21
N PRO O 471 47.40 -46.46 1.18
CA PRO O 471 46.08 -45.85 1.40
C PRO O 471 45.09 -46.83 1.99
N THR O 472 44.16 -46.30 2.79
CA THR O 472 43.08 -47.10 3.33
C THR O 472 41.90 -46.22 3.67
N VAL O 473 40.70 -46.80 3.54
CA VAL O 473 39.46 -46.15 3.94
C VAL O 473 38.94 -46.86 5.19
N LEU O 474 38.45 -46.08 6.15
CA LEU O 474 38.05 -46.59 7.45
C LEU O 474 36.66 -46.06 7.77
N LEU O 475 35.72 -46.98 8.01
CA LEU O 475 34.31 -46.63 8.19
C LEU O 475 33.90 -46.87 9.65
N LEU O 476 33.34 -45.83 10.27
CA LEU O 476 33.00 -45.80 11.69
C LEU O 476 31.51 -45.55 11.83
N GLU O 477 30.79 -46.57 12.29
CA GLU O 477 29.35 -46.52 12.49
C GLU O 477 29.01 -46.17 13.93
N GLU O 478 27.92 -45.43 14.09
CA GLU O 478 27.43 -45.03 15.40
C GLU O 478 28.57 -44.59 16.31
N ALA O 479 29.27 -43.55 15.85
CA ALA O 479 30.47 -43.08 16.53
C ALA O 479 30.17 -42.26 17.78
N HIS O 480 28.92 -41.93 18.03
CA HIS O 480 28.58 -41.24 19.28
C HIS O 480 28.58 -42.18 20.48
N HIS O 481 29.04 -43.42 20.29
CA HIS O 481 29.12 -44.40 21.36
C HIS O 481 30.53 -44.54 21.91
N TYR O 482 31.57 -44.30 21.11
CA TYR O 482 32.93 -44.56 21.54
C TYR O 482 33.94 -43.49 21.14
N LEU O 483 33.50 -42.37 20.59
CA LEU O 483 34.40 -41.28 20.24
C LEU O 483 34.60 -40.29 21.38
N ARG O 484 33.89 -40.47 22.49
CA ARG O 484 34.02 -39.60 23.66
C ARG O 484 33.99 -40.46 24.91
N ASP O 485 35.13 -40.59 25.57
CA ASP O 485 35.23 -41.39 26.78
C ASP O 485 34.36 -40.77 27.87
N PRO O 486 33.25 -41.42 28.26
CA PRO O 486 32.33 -40.75 29.21
C PRO O 486 33.02 -40.31 30.50
N TYR O 487 33.76 -41.20 31.15
CA TYR O 487 34.49 -40.83 32.37
C TYR O 487 35.85 -40.22 32.01
N ALA O 488 35.80 -39.25 31.10
CA ALA O 488 36.94 -38.44 30.69
C ALA O 488 36.48 -37.00 30.57
N GLU O 489 35.74 -36.55 31.59
CA GLU O 489 34.81 -35.43 31.50
C GLU O 489 35.46 -34.11 31.12
N ILE O 490 36.77 -34.06 30.85
CA ILE O 490 37.42 -32.83 30.41
C ILE O 490 38.02 -33.06 29.03
N ASP O 491 37.99 -32.03 28.20
CA ASP O 491 38.58 -32.11 26.87
C ASP O 491 40.07 -32.43 26.91
N SER O 492 40.69 -32.36 28.09
CA SER O 492 42.09 -32.74 28.25
C SER O 492 42.30 -34.22 27.98
N GLN O 493 41.20 -34.97 27.80
CA GLN O 493 41.26 -36.42 27.66
C GLN O 493 40.70 -36.92 26.33
N ILE O 494 40.17 -36.03 25.48
CA ILE O 494 39.73 -36.40 24.14
C ILE O 494 40.89 -36.05 23.21
N LYS O 495 41.74 -37.05 22.94
CA LYS O 495 43.01 -36.81 22.27
C LYS O 495 43.32 -37.90 21.24
N ALA O 496 42.30 -38.52 20.66
CA ALA O 496 42.49 -39.59 19.70
C ALA O 496 42.06 -39.21 18.30
N TYR O 497 40.82 -38.74 18.13
CA TYR O 497 40.39 -38.27 16.82
C TYR O 497 41.23 -37.08 16.38
N GLU O 498 41.55 -36.18 17.31
CA GLU O 498 42.29 -34.98 16.98
C GLU O 498 43.69 -35.28 16.48
N ARG O 499 44.26 -36.42 16.85
CA ARG O 499 45.57 -36.84 16.36
C ARG O 499 45.46 -37.67 15.10
N LEU O 500 44.53 -38.63 15.09
CA LEU O 500 44.44 -39.55 13.97
C LEU O 500 43.98 -38.84 12.70
N ALA O 501 43.09 -37.86 12.83
CA ALA O 501 42.64 -37.12 11.65
C ALA O 501 43.81 -36.44 10.96
N LYS O 502 44.67 -35.76 11.73
CA LYS O 502 45.81 -35.07 11.13
C LYS O 502 46.82 -36.06 10.56
N GLU O 503 47.19 -37.07 11.36
CA GLU O 503 48.15 -38.04 10.86
C GLU O 503 47.65 -38.74 9.60
N GLY O 504 46.34 -38.92 9.47
CA GLY O 504 45.80 -39.57 8.28
C GLY O 504 45.76 -38.64 7.09
N ARG O 505 45.35 -37.39 7.32
CA ARG O 505 45.41 -36.39 6.28
C ARG O 505 46.82 -36.20 5.75
N LYS O 506 47.83 -36.53 6.57
CA LYS O 506 49.21 -36.47 6.12
C LYS O 506 49.69 -37.77 5.47
N PHE O 507 49.25 -38.93 5.97
CA PHE O 507 49.79 -40.21 5.57
C PHE O 507 48.70 -41.17 5.10
N LYS O 508 47.78 -40.68 4.27
CA LYS O 508 46.92 -41.53 3.46
C LYS O 508 46.07 -42.48 4.31
N CYS O 509 45.15 -41.88 5.05
CA CYS O 509 44.10 -42.62 5.73
C CYS O 509 42.85 -41.78 5.75
N SER O 510 41.74 -42.31 5.25
CA SER O 510 40.51 -41.55 5.13
C SER O 510 39.44 -42.10 6.07
N LEU O 511 38.61 -41.18 6.60
CA LEU O 511 37.62 -41.48 7.61
C LEU O 511 36.21 -41.20 7.09
N ILE O 512 35.30 -42.12 7.39
CA ILE O 512 33.87 -41.92 7.17
C ILE O 512 33.17 -42.07 8.51
N VAL O 513 32.41 -41.04 8.90
CA VAL O 513 31.74 -40.97 10.19
C VAL O 513 30.25 -41.01 9.94
N SER O 514 29.57 -42.08 10.39
CA SER O 514 28.14 -42.20 10.20
C SER O 514 27.43 -42.11 11.55
N THR O 515 26.29 -41.39 11.59
CA THR O 515 25.58 -41.29 12.85
C THR O 515 24.19 -40.69 12.67
N GLN O 516 23.42 -40.75 13.74
CA GLN O 516 22.03 -40.30 13.76
C GLN O 516 21.73 -39.32 14.89
N ARG O 517 22.73 -38.93 15.66
CA ARG O 517 22.56 -37.98 16.77
C ARG O 517 23.77 -37.07 16.82
N PRO O 518 23.83 -36.06 15.95
CA PRO O 518 24.99 -35.16 15.92
C PRO O 518 25.05 -34.14 17.04
N SER O 519 24.21 -34.25 18.07
CA SER O 519 24.29 -33.36 19.22
C SER O 519 25.02 -33.99 20.40
N GLU O 520 25.18 -35.32 20.40
CA GLU O 520 25.99 -36.02 21.40
C GLU O 520 27.42 -36.19 20.93
N LEU O 521 27.90 -35.26 20.12
CA LEU O 521 29.16 -35.40 19.39
C LEU O 521 29.82 -34.03 19.36
N SER O 522 31.08 -33.98 19.79
CA SER O 522 31.75 -32.70 19.96
C SER O 522 31.75 -31.92 18.63
N PRO O 523 31.74 -30.59 18.68
CA PRO O 523 31.73 -29.79 17.45
C PRO O 523 33.10 -29.59 16.80
N THR O 524 34.16 -30.19 17.34
CA THR O 524 35.44 -30.23 16.65
C THR O 524 35.64 -31.52 15.87
N VAL O 525 34.83 -32.55 16.14
CA VAL O 525 34.82 -33.73 15.30
C VAL O 525 34.15 -33.42 13.97
N LEU O 526 33.15 -32.57 13.97
CA LEU O 526 32.36 -32.25 12.80
C LEU O 526 32.87 -31.02 12.05
N ALA O 527 34.07 -30.54 12.38
CA ALA O 527 34.67 -29.41 11.71
C ALA O 527 35.87 -29.79 10.85
N MET O 528 36.50 -30.93 11.13
CA MET O 528 37.57 -31.47 10.31
C MET O 528 37.07 -32.12 9.03
N CYS O 529 35.79 -31.97 8.71
CA CYS O 529 35.19 -32.60 7.54
C CYS O 529 35.08 -31.59 6.40
N SER O 530 35.11 -32.11 5.18
CA SER O 530 35.08 -31.28 3.99
C SER O 530 33.89 -31.60 3.08
N ASN O 531 33.08 -32.60 3.43
CA ASN O 531 31.89 -32.94 2.65
C ASN O 531 30.86 -33.49 3.62
N TRP O 532 29.59 -33.33 3.27
CA TRP O 532 28.49 -33.62 4.18
C TRP O 532 27.36 -34.30 3.41
N PHE O 533 26.83 -35.39 3.97
CA PHE O 533 25.57 -35.96 3.49
C PHE O 533 24.61 -36.04 4.66
N SER O 534 23.40 -35.55 4.46
CA SER O 534 22.40 -35.49 5.52
C SER O 534 21.06 -35.96 5.00
N LEU O 535 20.43 -36.86 5.72
CA LEU O 535 19.05 -37.26 5.47
C LEU O 535 18.15 -36.57 6.48
N ARG O 536 16.88 -36.96 6.51
CA ARG O 536 15.90 -36.28 7.35
C ARG O 536 16.32 -36.30 8.82
N LEU O 537 16.23 -35.15 9.46
CA LEU O 537 16.44 -35.01 10.89
C LEU O 537 15.14 -34.50 11.51
N THR O 538 14.67 -35.18 12.55
CA THR O 538 13.35 -34.93 13.09
C THR O 538 13.35 -33.86 14.19
N ASN O 539 14.38 -33.85 15.04
CA ASN O 539 14.43 -32.90 16.14
C ASN O 539 14.88 -31.53 15.63
N GLU O 540 14.99 -30.58 16.56
CA GLU O 540 15.43 -29.23 16.27
C GLU O 540 16.73 -28.88 16.96
N ARG O 541 17.25 -29.76 17.81
CA ARG O 541 18.53 -29.56 18.48
C ARG O 541 19.66 -30.34 17.81
N ASP O 542 19.34 -31.24 16.88
CA ASP O 542 20.33 -31.90 16.05
C ASP O 542 20.47 -31.23 14.69
N LEU O 543 19.61 -30.26 14.38
CA LEU O 543 19.66 -29.51 13.14
C LEU O 543 20.29 -28.14 13.31
N GLN O 544 20.67 -27.79 14.53
CA GLN O 544 21.44 -26.58 14.81
C GLN O 544 22.93 -26.88 14.97
N ALA O 545 23.28 -28.10 15.39
CA ALA O 545 24.67 -28.49 15.49
C ALA O 545 25.36 -28.54 14.14
N LEU O 546 24.59 -28.65 13.06
CA LEU O 546 25.11 -28.66 11.70
C LEU O 546 25.25 -27.24 11.17
N ARG O 547 24.22 -26.41 11.37
CA ARG O 547 24.32 -24.98 11.12
C ARG O 547 25.58 -24.40 11.75
N TYR O 548 25.74 -24.60 13.06
CA TYR O 548 26.85 -24.02 13.80
C TYR O 548 28.21 -24.41 13.24
N ALA O 549 28.30 -25.52 12.51
CA ALA O 549 29.59 -26.11 12.19
C ALA O 549 29.82 -26.37 10.71
N MET O 550 28.93 -25.92 9.82
CA MET O 550 29.13 -26.09 8.40
C MET O 550 29.81 -24.88 7.79
N GLU O 551 30.38 -25.08 6.59
CA GLU O 551 31.09 -24.02 5.88
C GLU O 551 30.45 -23.64 4.56
N SER O 552 30.25 -24.60 3.65
CA SER O 552 30.02 -24.32 2.24
C SER O 552 28.57 -24.49 1.81
N GLY O 553 27.62 -24.07 2.63
CA GLY O 553 26.21 -24.20 2.30
C GLY O 553 25.49 -22.86 2.36
N ASN O 554 24.20 -22.94 2.65
CA ASN O 554 23.33 -21.77 2.73
C ASN O 554 22.11 -22.16 3.57
N GLU O 555 21.08 -21.32 3.54
CA GLU O 555 19.88 -21.55 4.34
C GLU O 555 18.74 -22.17 3.57
N GLN O 556 18.68 -21.96 2.25
CA GLN O 556 17.59 -22.53 1.46
C GLN O 556 17.78 -24.03 1.22
N ILE O 557 19.01 -24.53 1.38
CA ILE O 557 19.23 -25.97 1.32
C ILE O 557 19.09 -26.62 2.69
N LEU O 558 19.12 -25.84 3.77
CA LEU O 558 18.94 -26.36 5.12
C LEU O 558 17.49 -26.32 5.56
N LYS O 559 16.71 -25.36 5.08
CA LYS O 559 15.32 -25.24 5.47
C LYS O 559 14.43 -26.30 4.84
N GLN O 560 14.99 -27.27 4.12
CA GLN O 560 14.24 -28.36 3.53
C GLN O 560 14.90 -29.69 3.86
N ILE O 561 15.28 -29.85 5.13
CA ILE O 561 15.76 -31.12 5.65
C ILE O 561 14.73 -31.78 6.55
N SER O 562 13.87 -31.01 7.21
CA SER O 562 12.83 -31.57 8.05
C SER O 562 11.82 -32.38 7.26
N GLY O 563 11.71 -32.16 5.95
CA GLY O 563 10.68 -32.78 5.15
C GLY O 563 11.19 -33.67 4.04
N LEU O 564 12.40 -34.21 4.19
CA LEU O 564 12.95 -35.08 3.17
C LEU O 564 12.32 -36.46 3.28
N PRO O 565 11.82 -37.04 2.18
CA PRO O 565 11.26 -38.39 2.26
C PRO O 565 12.32 -39.47 2.39
N ARG O 566 11.88 -40.72 2.34
CA ARG O 566 12.76 -41.87 2.50
C ARG O 566 13.51 -42.12 1.20
N GLY O 567 14.84 -41.95 1.23
CA GLY O 567 15.70 -42.15 0.08
C GLY O 567 16.35 -40.88 -0.42
N ASP O 568 15.69 -39.73 -0.26
CA ASP O 568 16.22 -38.46 -0.72
C ASP O 568 17.18 -37.87 0.29
N ALA O 569 18.18 -37.13 -0.22
CA ALA O 569 19.23 -36.57 0.61
C ALA O 569 19.52 -35.14 0.17
N VAL O 570 20.57 -34.57 0.74
CA VAL O 570 21.02 -33.21 0.47
C VAL O 570 22.53 -33.18 0.65
N ALA O 571 23.24 -32.68 -0.36
CA ALA O 571 24.69 -32.74 -0.39
C ALA O 571 25.29 -31.37 -0.68
N PHE O 572 26.44 -31.11 -0.05
CA PHE O 572 27.19 -29.90 -0.27
C PHE O 572 28.60 -30.09 0.27
N GLY O 573 29.53 -29.31 -0.24
CA GLY O 573 30.92 -29.39 0.16
C GLY O 573 31.83 -29.05 -1.00
N SER O 574 33.11 -29.37 -0.83
CA SER O 574 34.17 -28.99 -1.76
C SER O 574 34.27 -29.92 -2.96
N ALA O 575 33.29 -30.80 -3.17
CA ALA O 575 33.23 -31.64 -4.35
C ALA O 575 32.02 -31.34 -5.21
N PHE O 576 31.21 -30.37 -4.82
CA PHE O 576 30.01 -29.98 -5.54
C PHE O 576 30.11 -28.49 -5.85
N ASN O 577 29.82 -28.14 -7.10
CA ASN O 577 29.93 -26.74 -7.51
C ASN O 577 28.83 -25.90 -6.88
N LEU O 578 27.59 -26.35 -7.00
CA LEU O 578 26.47 -25.79 -6.24
C LEU O 578 25.66 -26.92 -5.63
N PRO O 579 25.09 -26.71 -4.45
CA PRO O 579 24.40 -27.81 -3.76
C PRO O 579 23.32 -28.46 -4.60
N VAL O 580 22.97 -29.69 -4.21
CA VAL O 580 22.02 -30.51 -4.94
C VAL O 580 21.09 -31.20 -3.95
N ARG O 581 19.84 -31.38 -4.37
CA ARG O 581 18.94 -32.34 -3.74
C ARG O 581 18.83 -33.54 -4.67
N ILE O 582 18.96 -34.73 -4.09
CA ILE O 582 19.31 -35.92 -4.87
C ILE O 582 18.48 -37.10 -4.40
N SER O 583 18.23 -38.02 -5.33
CA SER O 583 17.50 -39.26 -5.07
C SER O 583 18.47 -40.43 -5.26
N ILE O 584 18.68 -41.18 -4.21
CA ILE O 584 19.68 -42.25 -4.19
C ILE O 584 19.05 -43.52 -4.75
N ASN O 585 19.89 -44.37 -5.32
CA ASN O 585 19.46 -45.58 -6.00
C ASN O 585 19.78 -46.80 -5.16
N GLN O 586 18.93 -47.80 -5.26
CA GLN O 586 18.96 -48.94 -4.33
C GLN O 586 20.15 -49.84 -4.59
N ALA O 587 20.60 -50.52 -3.54
CA ALA O 587 21.71 -51.45 -3.61
C ALA O 587 21.20 -52.87 -3.78
N ARG O 588 22.00 -53.69 -4.46
CA ARG O 588 21.60 -55.06 -4.76
C ARG O 588 22.82 -55.98 -4.80
N PRO O 589 23.01 -56.87 -3.80
CA PRO O 589 22.19 -57.04 -2.60
C PRO O 589 22.53 -56.01 -1.53
N GLY O 590 21.64 -55.85 -0.55
CA GLY O 590 21.82 -54.83 0.46
C GLY O 590 22.23 -55.41 1.81
N PRO O 591 22.08 -54.62 2.86
CA PRO O 591 22.40 -55.10 4.20
C PRO O 591 21.21 -55.80 4.85
N LYS O 592 21.47 -56.39 6.01
CA LYS O 592 20.46 -57.11 6.78
C LYS O 592 19.91 -56.22 7.89
N SER O 593 18.71 -56.56 8.35
CA SER O 593 18.02 -55.78 9.36
C SER O 593 17.32 -56.64 10.40
N SER O 594 17.61 -57.93 10.46
CA SER O 594 16.89 -58.83 11.35
C SER O 594 17.32 -58.63 12.80
N ASP O 595 16.63 -57.71 13.50
CA ASP O 595 16.92 -57.44 14.91
C ASP O 595 15.97 -58.18 15.84
N ALA O 596 14.67 -57.97 15.70
CA ALA O 596 13.69 -58.64 16.53
C ALA O 596 12.29 -58.30 16.05
N VAL O 597 11.39 -59.27 16.18
CA VAL O 597 9.97 -59.08 15.85
C VAL O 597 9.17 -59.94 16.82
N PHE O 598 8.14 -59.32 17.43
CA PHE O 598 7.41 -59.99 18.50
C PHE O 598 6.36 -60.95 17.93
N SER O 599 5.47 -60.44 17.09
CA SER O 599 4.37 -61.22 16.53
C SER O 599 4.78 -62.64 16.14
N GLU O 600 5.93 -62.78 15.48
CA GLU O 600 6.39 -64.09 15.05
C GLU O 600 6.54 -65.03 16.24
N GLU O 601 7.38 -64.65 17.21
CA GLU O 601 7.62 -65.51 18.36
C GLU O 601 6.33 -65.76 19.14
N TRP O 602 5.50 -64.73 19.30
CA TRP O 602 4.24 -64.91 20.01
C TRP O 602 3.32 -65.88 19.28
N ALA O 603 3.42 -65.96 17.95
CA ALA O 603 2.57 -66.86 17.20
C ALA O 603 3.12 -68.28 17.20
N ASN O 604 4.44 -68.44 17.26
CA ASN O 604 5.05 -69.76 17.32
C ASN O 604 4.51 -70.53 18.52
N LEU P 3 -26.48 -37.88 -19.16
CA LEU P 3 -25.98 -36.59 -18.70
C LEU P 3 -24.51 -36.68 -18.30
N PHE P 4 -23.63 -36.17 -19.18
CA PHE P 4 -22.20 -36.24 -18.95
C PHE P 4 -21.74 -35.12 -18.03
N LYS P 5 -21.06 -35.50 -16.96
CA LYS P 5 -20.50 -34.55 -15.99
C LYS P 5 -19.01 -34.81 -15.84
N LEU P 6 -18.25 -33.73 -15.63
CA LEU P 6 -16.81 -33.84 -15.41
C LEU P 6 -16.45 -34.06 -13.95
N THR P 7 -17.09 -33.34 -13.04
CA THR P 7 -16.76 -33.41 -11.63
C THR P 7 -18.05 -33.44 -10.82
N GLU P 8 -17.89 -33.59 -9.52
CA GLU P 8 -18.99 -33.82 -8.59
C GLU P 8 -19.12 -32.75 -7.50
N ILE P 9 -18.01 -32.28 -6.95
CA ILE P 9 -18.03 -31.29 -5.87
C ILE P 9 -17.72 -29.91 -6.46
N SER P 10 -18.37 -28.89 -5.91
CA SER P 10 -18.21 -27.53 -6.37
C SER P 10 -16.97 -26.89 -5.76
N ALA P 11 -16.67 -25.67 -6.18
CA ALA P 11 -15.49 -24.94 -5.72
C ALA P 11 -15.90 -23.67 -4.99
N ILE P 12 -14.95 -23.10 -4.25
CA ILE P 12 -15.21 -21.98 -3.36
C ILE P 12 -14.21 -20.84 -3.51
N GLY P 13 -13.27 -20.92 -4.44
CA GLY P 13 -12.27 -19.89 -4.56
C GLY P 13 -11.25 -20.22 -5.61
N TYR P 14 -10.28 -19.31 -5.75
CA TYR P 14 -9.23 -19.44 -6.75
C TYR P 14 -7.93 -18.82 -6.23
N VAL P 15 -6.81 -19.43 -6.62
CA VAL P 15 -5.49 -19.00 -6.17
C VAL P 15 -5.07 -17.72 -6.88
N VAL P 16 -4.53 -16.78 -6.12
CA VAL P 16 -4.02 -15.53 -6.69
C VAL P 16 -2.56 -15.26 -6.34
N GLY P 17 -1.93 -16.05 -5.48
CA GLY P 17 -0.56 -15.76 -5.11
C GLY P 17 0.22 -16.89 -4.46
N LEU P 18 1.51 -16.95 -4.77
CA LEU P 18 2.46 -17.84 -4.12
C LEU P 18 3.68 -17.03 -3.73
N GLU P 19 3.93 -16.89 -2.43
CA GLU P 19 5.04 -16.09 -1.91
C GLU P 19 5.82 -16.97 -0.94
N GLY P 20 6.74 -17.75 -1.48
CA GLY P 20 7.51 -18.70 -0.67
C GLY P 20 6.82 -20.06 -0.58
N GLU P 21 6.36 -20.40 0.62
CA GLU P 21 5.64 -21.64 0.85
C GLU P 21 4.20 -21.41 1.28
N ARG P 22 3.72 -20.16 1.25
CA ARG P 22 2.36 -19.84 1.62
C ARG P 22 1.52 -19.54 0.39
N ILE P 23 0.21 -19.77 0.53
CA ILE P 23 -0.74 -19.72 -0.58
C ILE P 23 -1.81 -18.69 -0.25
N ARG P 24 -2.36 -18.07 -1.29
CA ARG P 24 -3.32 -16.99 -1.12
C ARG P 24 -4.50 -17.20 -2.07
N ILE P 25 -5.70 -17.04 -1.53
CA ILE P 25 -6.93 -17.53 -2.16
C ILE P 25 -7.98 -16.44 -2.07
N ASN P 26 -8.69 -16.20 -3.17
CA ASN P 26 -9.86 -15.34 -3.18
C ASN P 26 -11.11 -16.20 -3.22
N LEU P 27 -12.13 -15.79 -2.45
CA LEU P 27 -13.36 -16.56 -2.31
C LEU P 27 -14.46 -15.96 -3.19
N HIS P 28 -15.34 -16.83 -3.68
CA HIS P 28 -16.48 -16.41 -4.45
C HIS P 28 -17.46 -15.64 -3.55
N GLU P 29 -18.43 -14.99 -4.20
CA GLU P 29 -19.31 -14.05 -3.52
C GLU P 29 -20.60 -14.74 -3.09
N GLY P 30 -20.95 -14.58 -1.82
CA GLY P 30 -22.24 -15.00 -1.31
C GLY P 30 -22.21 -16.21 -0.40
N LEU P 31 -23.04 -17.19 -0.72
CA LEU P 31 -23.14 -18.43 0.03
C LEU P 31 -22.28 -19.53 -0.56
N GLN P 32 -21.79 -19.35 -1.79
CA GLN P 32 -20.94 -20.33 -2.45
C GLN P 32 -19.56 -20.39 -1.85
N GLY P 33 -19.10 -19.31 -1.20
CA GLY P 33 -17.80 -19.32 -0.57
C GLY P 33 -17.70 -20.23 0.64
N ARG P 34 -18.82 -20.67 1.20
CA ARG P 34 -18.79 -21.63 2.31
C ARG P 34 -19.54 -22.92 2.00
N LEU P 35 -20.79 -22.84 1.53
CA LEU P 35 -21.66 -24.02 1.53
C LEU P 35 -21.66 -24.71 0.17
N ALA P 36 -21.26 -25.98 0.17
CA ALA P 36 -21.37 -26.86 -0.99
C ALA P 36 -22.14 -28.11 -0.58
N SER P 37 -23.09 -28.52 -1.41
CA SER P 37 -23.87 -29.73 -1.21
C SER P 37 -23.47 -30.78 -2.22
N HIS P 38 -23.68 -32.05 -1.87
CA HIS P 38 -23.26 -33.16 -2.71
C HIS P 38 -23.92 -34.44 -2.18
N ARG P 39 -23.54 -35.56 -2.77
CA ARG P 39 -24.17 -36.86 -2.53
C ARG P 39 -23.86 -37.44 -1.18
N LYS P 40 -23.19 -36.73 -0.26
CA LYS P 40 -22.83 -37.29 1.02
C LYS P 40 -23.16 -36.38 2.20
N GLY P 41 -23.64 -35.18 1.95
CA GLY P 41 -24.04 -34.27 3.00
C GLY P 41 -23.83 -32.83 2.56
N VAL P 42 -23.50 -31.99 3.53
CA VAL P 42 -23.21 -30.58 3.31
C VAL P 42 -21.90 -30.26 4.01
N SER P 43 -20.95 -29.71 3.27
CA SER P 43 -19.61 -29.43 3.78
C SER P 43 -19.38 -27.91 3.81
N SER P 44 -18.31 -27.53 4.49
CA SER P 44 -18.04 -26.11 4.73
C SER P 44 -16.63 -25.94 5.27
N VAL P 45 -16.05 -24.78 4.96
CA VAL P 45 -14.79 -24.33 5.54
C VAL P 45 -15.07 -23.00 6.22
N THR P 46 -14.78 -22.92 7.52
CA THR P 46 -15.31 -21.84 8.34
C THR P 46 -14.28 -21.13 9.21
N GLN P 47 -13.13 -21.73 9.51
CA GLN P 47 -12.21 -21.13 10.46
C GLN P 47 -10.85 -21.81 10.32
N PRO P 48 -9.79 -21.18 10.84
CA PRO P 48 -8.46 -21.82 10.86
C PRO P 48 -8.48 -23.23 11.41
N GLY P 49 -7.40 -23.98 11.15
CA GLY P 49 -7.30 -25.36 11.55
C GLY P 49 -7.91 -26.34 10.57
N ASP P 50 -8.82 -25.89 9.72
CA ASP P 50 -9.47 -26.77 8.77
C ASP P 50 -8.52 -27.14 7.64
N LEU P 51 -8.90 -28.18 6.90
CA LEU P 51 -8.17 -28.66 5.74
C LEU P 51 -8.98 -28.39 4.48
N ILE P 52 -8.29 -28.01 3.41
CA ILE P 52 -8.88 -27.90 2.09
C ILE P 52 -7.94 -28.53 1.07
N GLY P 53 -8.36 -28.51 -0.19
CA GLY P 53 -7.64 -29.20 -1.24
C GLY P 53 -7.73 -28.45 -2.55
N PHE P 54 -6.78 -28.76 -3.42
CA PHE P 54 -6.66 -28.13 -4.73
C PHE P 54 -6.57 -29.20 -5.81
N ASP P 55 -7.32 -28.99 -6.89
CA ASP P 55 -7.35 -29.88 -8.03
C ASP P 55 -6.22 -29.52 -8.98
N ALA P 56 -5.36 -30.50 -9.28
CA ALA P 56 -4.19 -30.27 -10.11
C ALA P 56 -4.03 -31.37 -11.15
N GLY P 57 -5.13 -31.88 -11.68
CA GLY P 57 -5.09 -32.90 -12.70
C GLY P 57 -5.10 -34.31 -12.15
N ASN P 58 -3.92 -34.91 -12.07
CA ASN P 58 -3.77 -36.30 -11.65
C ASN P 58 -3.40 -36.44 -10.18
N ILE P 59 -3.19 -35.32 -9.46
CA ILE P 59 -3.00 -35.36 -8.02
C ILE P 59 -3.88 -34.29 -7.38
N LEU P 60 -4.09 -34.44 -6.08
CA LEU P 60 -4.85 -33.50 -5.27
C LEU P 60 -3.96 -32.99 -4.16
N VAL P 61 -3.79 -31.68 -4.09
CA VAL P 61 -2.91 -31.08 -3.09
C VAL P 61 -3.74 -30.77 -1.84
N VAL P 62 -3.15 -31.01 -0.68
CA VAL P 62 -3.84 -30.93 0.61
C VAL P 62 -3.17 -29.86 1.45
N ALA P 63 -3.97 -28.96 2.03
CA ALA P 63 -3.44 -27.82 2.76
C ALA P 63 -4.29 -27.54 3.99
N ARG P 64 -3.67 -26.83 4.93
CA ARG P 64 -4.26 -26.43 6.20
C ARG P 64 -4.39 -24.91 6.24
N VAL P 65 -5.51 -24.44 6.78
CA VAL P 65 -5.79 -23.01 6.84
C VAL P 65 -5.11 -22.39 8.05
N THR P 66 -4.71 -21.13 7.90
CA THR P 66 -3.99 -20.42 8.95
C THR P 66 -4.59 -19.07 9.30
N ASP P 67 -5.10 -18.33 8.33
CA ASP P 67 -5.60 -16.97 8.56
C ASP P 67 -6.92 -16.79 7.82
N MET P 68 -7.48 -15.59 7.98
CA MET P 68 -8.76 -15.19 7.42
C MET P 68 -8.92 -13.70 7.62
N ALA P 69 -9.42 -13.00 6.61
CA ALA P 69 -9.62 -11.57 6.79
C ALA P 69 -10.43 -10.98 5.64
N PHE P 70 -10.79 -9.72 5.79
CA PHE P 70 -11.35 -8.89 4.73
C PHE P 70 -10.23 -8.18 3.99
N VAL P 71 -10.55 -7.71 2.79
CA VAL P 71 -9.60 -6.95 1.99
C VAL P 71 -10.08 -5.51 1.85
N ILE P 89 -19.36 -4.34 -2.18
CA ILE P 89 -19.38 -5.59 -1.42
C ILE P 89 -17.95 -5.95 -1.03
N PRO P 90 -17.73 -6.31 0.24
CA PRO P 90 -16.37 -6.58 0.69
C PRO P 90 -15.87 -7.97 0.35
N LEU P 91 -14.56 -8.06 0.09
CA LEU P 91 -13.92 -9.27 -0.37
C LEU P 91 -13.18 -9.94 0.79
N ARG P 92 -13.04 -11.27 0.68
CA ARG P 92 -12.50 -12.10 1.75
C ARG P 92 -11.28 -12.86 1.26
N GLN P 93 -10.34 -13.10 2.17
CA GLN P 93 -9.07 -13.74 1.83
C GLN P 93 -8.64 -14.72 2.91
N ILE P 94 -7.84 -15.71 2.47
CA ILE P 94 -7.41 -16.85 3.26
C ILE P 94 -5.91 -17.05 3.05
N ILE P 95 -5.29 -17.75 4.00
CA ILE P 95 -3.88 -18.15 3.91
C ILE P 95 -3.79 -19.62 4.31
N ALA P 96 -2.87 -20.34 3.69
CA ALA P 96 -2.80 -21.79 3.88
C ALA P 96 -1.37 -22.29 3.71
N TYR P 97 -1.15 -23.54 4.13
CA TYR P 97 0.15 -24.21 4.04
C TYR P 97 -0.07 -25.66 3.64
N ALA P 98 0.79 -26.17 2.76
CA ALA P 98 0.62 -27.51 2.21
C ALA P 98 1.21 -28.58 3.13
N ILE P 99 0.64 -29.79 3.06
CA ILE P 99 1.14 -30.87 3.91
C ILE P 99 1.37 -32.18 3.14
N GLY P 100 0.84 -32.29 1.93
CA GLY P 100 1.07 -33.49 1.14
C GLY P 100 0.16 -33.54 -0.07
N PHE P 101 -0.01 -34.75 -0.61
CA PHE P 101 -0.83 -34.91 -1.81
C PHE P 101 -1.35 -36.33 -1.92
N VAL P 102 -2.55 -36.45 -2.50
CA VAL P 102 -3.23 -37.72 -2.73
C VAL P 102 -3.08 -38.11 -4.18
N LYS P 103 -2.96 -39.41 -4.45
CA LYS P 103 -2.87 -39.90 -5.82
C LYS P 103 -3.59 -41.24 -5.93
N ARG P 104 -3.69 -41.73 -7.17
CA ARG P 104 -4.45 -42.92 -7.49
C ARG P 104 -3.62 -44.18 -7.30
N GLU P 105 -4.28 -45.32 -7.48
CA GLU P 105 -3.68 -46.64 -7.31
C GLU P 105 -4.40 -47.58 -8.27
N LEU P 106 -4.28 -48.89 -8.02
CA LEU P 106 -4.96 -49.88 -8.85
C LEU P 106 -6.45 -49.55 -8.96
N ASN P 107 -7.14 -49.55 -7.81
CA ASN P 107 -8.54 -49.17 -7.76
C ASN P 107 -8.84 -48.36 -6.50
N GLY P 108 -7.85 -47.63 -6.00
CA GLY P 108 -8.01 -46.86 -4.77
C GLY P 108 -7.18 -45.61 -4.80
N TYR P 109 -6.58 -45.27 -3.66
CA TYR P 109 -5.83 -44.03 -3.52
C TYR P 109 -4.76 -44.22 -2.46
N VAL P 110 -3.81 -43.30 -2.43
CA VAL P 110 -2.79 -43.25 -1.39
C VAL P 110 -2.41 -41.80 -1.12
N PHE P 111 -1.95 -41.55 0.11
CA PHE P 111 -1.55 -40.22 0.57
C PHE P 111 -0.05 -40.22 0.80
N ILE P 112 0.63 -39.23 0.22
CA ILE P 112 2.08 -39.09 0.33
C ILE P 112 2.39 -37.74 0.96
N SER P 113 3.25 -37.76 1.97
CA SER P 113 3.57 -36.58 2.79
C SER P 113 4.86 -35.94 2.29
N GLU P 114 4.74 -35.16 1.22
CA GLU P 114 5.83 -34.34 0.70
C GLU P 114 5.37 -32.90 0.63
N ASP P 115 5.96 -32.06 1.49
CA ASP P 115 5.56 -30.66 1.62
C ASP P 115 6.42 -29.73 0.76
N TRP P 116 6.52 -29.99 -0.54
CA TRP P 116 7.24 -29.11 -1.44
C TRP P 116 6.50 -28.79 -2.73
N ARG P 117 5.47 -29.55 -3.10
CA ARG P 117 4.66 -29.20 -4.25
C ARG P 117 3.65 -28.12 -3.88
N LEU P 118 3.24 -27.37 -4.89
CA LEU P 118 2.29 -26.29 -4.72
C LEU P 118 1.35 -26.28 -5.92
N PRO P 119 0.18 -25.65 -5.78
CA PRO P 119 -0.72 -25.52 -6.93
C PRO P 119 -0.30 -24.39 -7.86
N ALA P 120 -1.11 -24.12 -8.87
CA ALA P 120 -0.81 -23.11 -9.86
C ALA P 120 -1.86 -22.01 -9.84
N LEU P 121 -1.49 -20.86 -10.43
CA LEU P 121 -2.38 -19.71 -10.46
C LEU P 121 -3.65 -20.03 -11.24
N GLY P 122 -4.77 -19.58 -10.71
CA GLY P 122 -6.07 -19.83 -11.30
C GLY P 122 -6.71 -21.14 -10.91
N SER P 123 -6.02 -21.98 -10.15
CA SER P 123 -6.56 -23.27 -9.76
C SER P 123 -7.73 -23.08 -8.79
N SER P 124 -8.58 -24.10 -8.73
CA SER P 124 -9.82 -24.06 -7.98
C SER P 124 -9.68 -24.83 -6.68
N ALA P 125 -10.15 -24.25 -5.58
CA ALA P 125 -10.11 -24.86 -4.27
C ALA P 125 -11.45 -25.51 -3.94
N VAL P 126 -11.38 -26.69 -3.33
CA VAL P 126 -12.57 -27.44 -2.94
C VAL P 126 -12.42 -27.86 -1.49
N PRO P 127 -13.52 -28.19 -0.82
CA PRO P 127 -13.45 -28.76 0.52
C PRO P 127 -13.31 -30.27 0.48
N LEU P 128 -12.94 -30.83 1.62
CA LEU P 128 -12.63 -32.25 1.74
C LEU P 128 -13.81 -33.00 2.35
N THR P 129 -13.96 -34.25 1.96
CA THR P 129 -15.06 -35.11 2.41
C THR P 129 -14.56 -36.26 3.25
N SER P 130 -15.51 -36.99 3.83
CA SER P 130 -15.28 -38.13 4.69
C SER P 130 -14.84 -39.35 3.93
N ASP P 131 -14.65 -39.24 2.62
CA ASP P 131 -14.04 -40.30 1.83
C ASP P 131 -12.56 -40.04 1.57
N PHE P 132 -12.13 -38.78 1.60
CA PHE P 132 -10.72 -38.43 1.52
C PHE P 132 -10.07 -38.36 2.88
N LEU P 133 -10.80 -37.95 3.92
CA LEU P 133 -10.25 -38.00 5.27
C LEU P 133 -9.92 -39.42 5.70
N ASN P 134 -10.79 -40.37 5.33
CA ASN P 134 -10.59 -41.78 5.65
C ASN P 134 -9.39 -42.36 4.92
N ILE P 135 -8.83 -41.59 3.99
CA ILE P 135 -7.61 -41.96 3.30
C ILE P 135 -6.40 -41.25 3.88
N ILE P 136 -6.56 -39.98 4.24
CA ILE P 136 -5.49 -39.21 4.86
C ILE P 136 -5.13 -39.80 6.22
N TYR P 137 -6.09 -40.43 6.90
CA TYR P 137 -5.85 -40.91 8.26
C TYR P 137 -5.89 -42.44 8.35
N SER P 138 -5.24 -43.12 7.40
CA SER P 138 -5.28 -44.58 7.33
C SER P 138 -3.85 -45.12 7.34
N ILE P 139 -3.76 -46.45 7.37
CA ILE P 139 -2.48 -47.16 7.37
C ILE P 139 -2.39 -47.98 6.09
N ASP P 140 -1.21 -48.56 5.89
CA ASP P 140 -0.98 -49.40 4.72
C ASP P 140 -1.88 -50.63 4.74
N LYS P 141 -1.89 -51.35 3.63
CA LYS P 141 -2.66 -52.58 3.51
C LYS P 141 -1.94 -53.79 4.06
N GLU P 142 -0.65 -53.66 4.36
CA GLU P 142 0.15 -54.76 4.89
C GLU P 142 0.02 -54.92 6.40
N GLU P 143 -0.90 -54.19 7.04
CA GLU P 143 -0.90 -54.09 8.49
C GLU P 143 -2.26 -54.15 9.15
N LEU P 144 -3.34 -54.37 8.40
CA LEU P 144 -4.67 -54.41 8.98
C LEU P 144 -4.86 -55.61 9.91
N PRO P 145 -4.27 -56.77 9.61
CA PRO P 145 -4.36 -57.88 10.58
C PRO P 145 -3.67 -57.59 11.90
N LYS P 146 -2.59 -56.80 11.87
CA LYS P 146 -1.78 -56.53 13.06
C LYS P 146 -2.13 -55.19 13.70
N ALA P 147 -3.39 -54.79 13.64
CA ALA P 147 -3.81 -53.47 14.09
C ALA P 147 -4.88 -53.58 15.18
N VAL P 148 -4.84 -52.63 16.11
CA VAL P 148 -5.84 -52.48 17.16
C VAL P 148 -6.49 -51.12 17.02
N GLU P 149 -7.75 -51.04 17.42
CA GLU P 149 -8.50 -49.79 17.35
C GLU P 149 -8.38 -49.03 18.65
N LEU P 150 -8.39 -47.70 18.54
CA LEU P 150 -8.19 -46.83 19.69
C LEU P 150 -9.34 -45.85 19.90
N GLY P 151 -9.91 -45.31 18.83
CA GLY P 151 -10.97 -44.35 18.98
C GLY P 151 -11.48 -43.74 17.69
N VAL P 152 -11.71 -42.43 17.72
CA VAL P 152 -12.33 -41.71 16.61
C VAL P 152 -11.84 -40.27 16.67
N ASP P 153 -11.88 -39.60 15.52
CA ASP P 153 -11.40 -38.23 15.46
C ASP P 153 -12.36 -37.31 16.21
N SER P 154 -11.83 -36.17 16.65
CA SER P 154 -12.56 -35.28 17.54
C SER P 154 -13.31 -34.18 16.82
N ARG P 155 -12.77 -33.69 15.70
CA ARG P 155 -13.33 -32.52 15.04
C ARG P 155 -14.54 -32.85 14.16
N THR P 156 -14.69 -34.10 13.76
CA THR P 156 -15.83 -34.53 12.95
C THR P 156 -16.54 -35.75 13.53
N LYS P 157 -15.81 -36.67 14.17
CA LYS P 157 -16.40 -37.85 14.78
C LYS P 157 -16.86 -38.86 13.73
N THR P 158 -16.18 -38.89 12.58
CA THR P 158 -16.57 -39.74 11.47
C THR P 158 -15.53 -40.79 11.08
N VAL P 159 -14.30 -40.69 11.57
CA VAL P 159 -13.19 -41.50 11.07
C VAL P 159 -12.63 -42.32 12.22
N LYS P 160 -12.61 -43.64 12.05
CA LYS P 160 -11.92 -44.51 12.99
C LYS P 160 -10.42 -44.47 12.76
N ILE P 161 -9.67 -44.80 13.81
CA ILE P 161 -8.22 -44.68 13.82
C ILE P 161 -7.62 -45.98 14.35
N PHE P 162 -6.77 -46.60 13.55
CA PHE P 162 -6.08 -47.84 13.88
C PHE P 162 -4.58 -47.61 14.03
N ALA P 163 -3.93 -48.56 14.67
CA ALA P 163 -2.48 -48.53 14.84
C ALA P 163 -1.95 -49.95 14.94
N SER P 164 -0.70 -50.13 14.50
CA SER P 164 -0.08 -51.45 14.41
C SER P 164 0.74 -51.74 15.66
N VAL P 165 0.58 -52.97 16.17
CA VAL P 165 1.24 -53.35 17.42
C VAL P 165 2.75 -53.43 17.23
N ASP P 166 3.21 -53.89 16.07
CA ASP P 166 4.64 -54.05 15.85
C ASP P 166 5.36 -52.71 15.96
N LYS P 167 4.89 -51.71 15.21
CA LYS P 167 5.50 -50.39 15.30
C LYS P 167 5.25 -49.77 16.68
N LEU P 168 4.04 -49.91 17.20
CA LEU P 168 3.72 -49.34 18.50
C LEU P 168 4.66 -49.86 19.59
N LEU P 169 5.18 -51.08 19.44
CA LEU P 169 6.10 -51.67 20.39
C LEU P 169 7.46 -51.97 19.77
N SER P 170 7.87 -51.19 18.77
CA SER P 170 9.22 -51.26 18.26
C SER P 170 10.23 -50.61 19.19
N ARG P 171 9.78 -49.73 20.08
CA ARG P 171 10.62 -49.18 21.14
C ARG P 171 9.69 -48.85 22.30
N HIS P 172 10.15 -48.09 23.29
CA HIS P 172 9.38 -47.84 24.50
C HIS P 172 8.24 -46.85 24.23
N LEU P 173 7.29 -46.80 25.15
CA LEU P 173 6.07 -46.02 24.96
C LEU P 173 5.85 -45.10 26.14
N ALA P 174 5.25 -43.93 25.88
CA ALA P 174 5.10 -42.87 26.87
C ALA P 174 3.68 -42.34 26.90
N VAL P 175 3.09 -42.33 28.10
CA VAL P 175 1.77 -41.76 28.37
C VAL P 175 1.94 -40.67 29.42
N LEU P 176 1.50 -39.47 29.09
CA LEU P 176 1.73 -38.30 29.93
C LEU P 176 0.43 -37.58 30.16
N GLY P 177 0.21 -37.10 31.38
CA GLY P 177 -0.95 -36.28 31.65
C GLY P 177 -1.21 -36.11 33.11
N SER P 178 -2.08 -35.14 33.39
CA SER P 178 -2.44 -34.75 34.76
C SER P 178 -3.45 -35.75 35.33
N THR P 179 -4.00 -35.41 36.49
CA THR P 179 -4.91 -36.29 37.22
C THR P 179 -6.35 -36.11 36.75
N GLY P 180 -7.04 -37.23 36.58
CA GLY P 180 -8.45 -37.20 36.26
C GLY P 180 -8.76 -36.99 34.78
N TYR P 181 -7.96 -37.58 33.89
CA TYR P 181 -8.15 -37.35 32.47
C TYR P 181 -8.06 -38.58 31.57
N GLY P 182 -7.64 -39.74 32.07
CA GLY P 182 -7.83 -40.98 31.32
C GLY P 182 -6.64 -41.91 31.15
N LYS P 183 -5.57 -41.68 31.90
CA LYS P 183 -4.36 -42.50 31.75
C LYS P 183 -4.66 -43.98 32.00
N SER P 184 -5.38 -44.29 33.07
CA SER P 184 -5.66 -45.68 33.39
C SER P 184 -6.66 -46.31 32.43
N ASN P 185 -7.65 -45.53 32.00
CA ASN P 185 -8.53 -45.99 30.92
C ASN P 185 -7.72 -46.45 29.72
N PHE P 186 -6.78 -45.62 29.26
CA PHE P 186 -5.99 -45.97 28.09
C PHE P 186 -5.12 -47.19 28.37
N ASN P 187 -4.49 -47.25 29.54
CA ASN P 187 -3.55 -48.33 29.83
C ASN P 187 -4.25 -49.68 29.98
N ALA P 188 -5.52 -49.68 30.39
CA ALA P 188 -6.28 -50.92 30.41
C ALA P 188 -6.78 -51.30 29.02
N LEU P 189 -7.32 -50.32 28.30
CA LEU P 189 -7.84 -50.58 26.95
C LEU P 189 -6.75 -51.13 26.04
N LEU P 190 -5.53 -50.64 26.18
CA LEU P 190 -4.47 -51.07 25.29
C LEU P 190 -3.98 -52.48 25.59
N THR P 191 -3.91 -52.85 26.86
CA THR P 191 -3.36 -54.15 27.25
C THR P 191 -4.36 -55.27 27.03
N ARG P 192 -5.62 -55.06 27.40
CA ARG P 192 -6.61 -56.14 27.27
C ARG P 192 -6.68 -56.63 25.83
N LYS P 193 -6.67 -55.72 24.86
CA LYS P 193 -6.83 -56.10 23.46
C LYS P 193 -5.65 -56.94 22.98
N VAL P 194 -4.42 -56.52 23.28
CA VAL P 194 -3.26 -57.30 22.87
C VAL P 194 -3.29 -58.67 23.53
N SER P 195 -3.72 -58.74 24.79
CA SER P 195 -3.81 -60.05 25.45
C SER P 195 -4.80 -60.96 24.72
N GLU P 196 -5.95 -60.41 24.34
CA GLU P 196 -6.93 -61.20 23.60
C GLU P 196 -6.38 -61.64 22.24
N LYS P 197 -5.69 -60.73 21.54
CA LYS P 197 -5.34 -60.96 20.15
C LYS P 197 -4.16 -61.92 20.01
N TYR P 198 -3.16 -61.81 20.91
CA TYR P 198 -1.99 -62.69 20.90
C TYR P 198 -1.97 -63.40 22.25
N PRO P 199 -2.73 -64.50 22.39
CA PRO P 199 -2.87 -65.11 23.72
C PRO P 199 -1.59 -65.67 24.29
N ASN P 200 -0.54 -65.85 23.49
CA ASN P 200 0.71 -66.43 23.95
C ASN P 200 1.70 -65.37 24.42
N SER P 201 1.25 -64.16 24.71
CA SER P 201 2.09 -63.10 25.21
C SER P 201 2.18 -63.15 26.73
N ARG P 202 3.03 -62.29 27.29
CA ARG P 202 3.11 -62.12 28.72
C ARG P 202 3.28 -60.64 29.04
N ILE P 203 2.76 -60.24 30.20
CA ILE P 203 2.68 -58.85 30.61
C ILE P 203 2.93 -58.77 32.11
N VAL P 204 3.66 -57.73 32.53
CA VAL P 204 3.99 -57.52 33.95
C VAL P 204 3.60 -56.09 34.30
N ILE P 205 2.73 -55.93 35.29
CA ILE P 205 2.15 -54.64 35.66
C ILE P 205 2.57 -54.31 37.09
N PHE P 206 3.08 -53.08 37.28
CA PHE P 206 3.38 -52.57 38.62
C PHE P 206 2.18 -51.72 39.07
N ASP P 207 1.18 -52.36 39.67
CA ASP P 207 -0.03 -51.68 40.11
C ASP P 207 0.20 -51.14 41.52
N ILE P 208 0.31 -49.82 41.63
CA ILE P 208 0.63 -49.21 42.92
C ILE P 208 -0.62 -49.01 43.75
N ASN P 209 -1.70 -48.52 43.14
CA ASN P 209 -2.94 -48.23 43.85
C ASN P 209 -3.95 -49.37 43.78
N GLY P 210 -3.58 -50.51 43.21
CA GLY P 210 -4.47 -51.66 43.17
C GLY P 210 -5.80 -51.37 42.50
N GLU P 211 -5.79 -51.13 41.20
CA GLU P 211 -7.01 -50.78 40.48
C GLU P 211 -7.15 -51.46 39.12
N TYR P 212 -6.33 -52.47 38.82
CA TYR P 212 -6.32 -53.09 37.50
C TYR P 212 -6.85 -54.50 37.46
N ALA P 213 -6.98 -55.18 38.61
CA ALA P 213 -7.44 -56.57 38.60
C ALA P 213 -8.89 -56.68 38.15
N GLN P 214 -9.68 -55.64 38.37
CA GLN P 214 -11.10 -55.67 37.99
C GLN P 214 -11.29 -55.70 36.48
N ALA P 215 -10.27 -55.31 35.71
CA ALA P 215 -10.41 -55.13 34.27
C ALA P 215 -9.93 -56.34 33.46
N PHE P 216 -9.81 -57.50 34.09
CA PHE P 216 -9.41 -58.71 33.40
C PHE P 216 -10.38 -59.86 33.66
N THR P 217 -11.62 -59.57 33.99
CA THR P 217 -12.61 -60.60 34.27
C THR P 217 -13.05 -61.30 33.01
N GLY P 218 -12.40 -62.42 32.68
CA GLY P 218 -12.75 -63.20 31.52
C GLY P 218 -11.54 -63.68 30.75
N ILE P 219 -10.35 -63.33 31.23
CA ILE P 219 -9.09 -63.63 30.54
C ILE P 219 -8.45 -64.82 31.26
N PRO P 220 -8.05 -65.86 30.53
CA PRO P 220 -7.31 -66.96 31.18
C PRO P 220 -5.93 -66.52 31.65
N ASN P 221 -5.30 -67.41 32.41
CA ASN P 221 -3.88 -67.32 32.74
C ASN P 221 -3.54 -65.97 33.38
N VAL P 222 -4.08 -65.77 34.58
CA VAL P 222 -3.79 -64.58 35.38
C VAL P 222 -3.33 -65.04 36.76
N LYS P 223 -2.63 -64.14 37.45
CA LYS P 223 -2.08 -64.43 38.77
C LYS P 223 -1.95 -63.13 39.53
N HIS P 224 -2.89 -62.88 40.44
CA HIS P 224 -2.82 -61.71 41.31
C HIS P 224 -1.94 -62.02 42.52
N THR P 225 -1.09 -61.05 42.86
CA THR P 225 -0.17 -61.19 43.98
C THR P 225 -0.14 -59.87 44.75
N ILE P 226 0.04 -59.98 46.07
CA ILE P 226 -0.04 -58.83 46.97
C ILE P 226 1.17 -58.83 47.88
N LEU P 227 1.64 -57.64 48.23
CA LEU P 227 2.80 -57.46 49.09
C LEU P 227 2.34 -57.06 50.48
N GLY P 228 3.04 -57.56 51.49
CA GLY P 228 2.71 -57.29 52.87
C GLY P 228 2.22 -58.53 53.59
N GLU P 229 2.37 -58.51 54.92
CA GLU P 229 1.94 -59.64 55.73
C GLU P 229 0.48 -59.95 55.47
N SER P 230 0.12 -61.22 55.65
CA SER P 230 -1.27 -61.62 55.54
C SER P 230 -2.06 -61.09 56.74
N PRO P 231 -3.34 -60.74 56.54
CA PRO P 231 -4.09 -60.13 57.64
C PRO P 231 -4.52 -61.16 58.68
N ASN P 232 -4.86 -62.37 58.23
CA ASN P 232 -5.17 -63.48 59.11
C ASN P 232 -4.29 -64.67 58.73
N VAL P 233 -3.64 -65.26 59.73
CA VAL P 233 -2.76 -66.39 59.46
C VAL P 233 -3.59 -67.62 59.05
N ASP P 234 -4.75 -67.79 59.68
CA ASP P 234 -5.56 -68.98 59.40
C ASP P 234 -6.14 -68.95 58.01
N SER P 235 -6.55 -67.78 57.53
CA SER P 235 -7.17 -67.66 56.22
C SER P 235 -6.29 -68.27 55.15
N LEU P 236 -6.82 -69.28 54.46
CA LEU P 236 -6.11 -69.95 53.38
C LEU P 236 -6.52 -69.35 52.05
N GLU P 237 -5.60 -69.39 51.09
CA GLU P 237 -5.75 -68.73 49.80
C GLU P 237 -6.07 -69.77 48.73
N LYS P 238 -7.10 -69.49 47.93
CA LYS P 238 -7.59 -70.40 46.92
C LYS P 238 -6.84 -70.21 45.60
N LYS P 239 -6.82 -71.25 44.79
CA LYS P 239 -5.90 -71.32 43.65
C LYS P 239 -6.51 -72.16 42.54
N GLN P 240 -6.41 -71.68 41.30
CA GLN P 240 -6.92 -72.37 40.12
C GLN P 240 -5.79 -72.97 39.30
N GLN P 241 -6.17 -73.65 38.23
CA GLN P 241 -5.26 -74.31 37.30
C GLN P 241 -5.44 -73.73 35.90
N LYS P 242 -4.68 -74.28 34.95
CA LYS P 242 -4.63 -73.73 33.60
C LYS P 242 -5.99 -73.83 32.91
N GLY P 243 -6.18 -72.96 31.92
CA GLY P 243 -7.38 -73.00 31.09
C GLY P 243 -8.64 -72.55 31.79
N GLU P 244 -8.51 -71.67 32.77
CA GLU P 244 -9.64 -71.24 33.60
C GLU P 244 -9.71 -69.73 33.63
N LEU P 245 -10.93 -69.20 33.58
CA LEU P 245 -11.13 -67.76 33.59
C LEU P 245 -10.93 -67.19 34.98
N TYR P 246 -10.52 -65.93 35.02
CA TYR P 246 -10.13 -65.28 36.27
C TYR P 246 -11.30 -64.54 36.90
N SER P 247 -11.38 -64.61 38.22
CA SER P 247 -12.33 -63.83 39.00
C SER P 247 -11.56 -63.07 40.08
N GLU P 248 -12.23 -62.10 40.69
CA GLU P 248 -11.61 -61.22 41.65
C GLU P 248 -11.53 -61.82 43.05
N GLU P 249 -11.68 -63.14 43.17
CA GLU P 249 -11.65 -63.79 44.48
C GLU P 249 -10.25 -64.21 44.88
N TYR P 250 -9.42 -64.63 43.93
CA TYR P 250 -8.13 -65.19 44.25
C TYR P 250 -7.09 -64.10 44.51
N TYR P 251 -6.07 -64.45 45.29
CA TYR P 251 -4.93 -63.59 45.56
C TYR P 251 -3.94 -64.38 46.40
N CYS P 252 -2.74 -63.83 46.56
CA CYS P 252 -1.68 -64.52 47.28
C CYS P 252 -0.72 -63.47 47.84
N TYR P 253 -0.45 -63.56 49.14
CA TYR P 253 0.52 -62.71 49.78
C TYR P 253 1.92 -63.32 49.67
N LYS P 254 2.93 -62.50 49.87
CA LYS P 254 4.30 -62.98 49.71
C LYS P 254 5.27 -61.92 50.21
N LYS P 255 6.42 -62.39 50.70
CA LYS P 255 7.50 -61.54 51.18
C LYS P 255 8.78 -61.84 50.40
N ILE P 256 9.65 -60.85 50.34
CA ILE P 256 10.93 -60.96 49.65
C ILE P 256 12.04 -60.95 50.70
N PRO P 257 13.03 -61.84 50.62
CA PRO P 257 14.14 -61.79 51.59
C PRO P 257 15.02 -60.56 51.40
N TYR P 258 16.02 -60.42 52.26
CA TYR P 258 16.98 -59.33 52.16
C TYR P 258 18.28 -59.75 51.49
N GLN P 259 18.41 -61.02 51.11
CA GLN P 259 19.60 -61.49 50.41
C GLN P 259 19.45 -61.46 48.90
N ALA P 260 18.22 -61.50 48.39
CA ALA P 260 18.02 -61.40 46.95
C ALA P 260 18.61 -60.11 46.41
N LEU P 261 18.47 -59.01 47.14
CA LEU P 261 19.08 -57.75 46.73
C LEU P 261 20.54 -57.92 46.37
N GLY P 262 21.22 -58.85 47.04
CA GLY P 262 22.57 -59.22 46.66
C GLY P 262 23.65 -58.24 47.07
N PHE P 263 24.91 -58.67 46.89
CA PHE P 263 26.06 -57.82 47.21
C PHE P 263 25.93 -56.43 46.62
N ALA P 264 25.24 -56.31 45.48
CA ALA P 264 25.22 -55.04 44.76
C ALA P 264 24.35 -54.00 45.47
N GLY P 265 23.06 -54.31 45.64
CA GLY P 265 22.12 -53.31 46.13
C GLY P 265 22.33 -52.95 47.59
N LEU P 266 22.73 -53.91 48.41
CA LEU P 266 22.94 -53.64 49.83
C LEU P 266 23.98 -52.54 50.06
N ILE P 267 24.86 -52.29 49.08
CA ILE P 267 25.81 -51.19 49.18
C ILE P 267 25.23 -49.90 48.63
N LYS P 268 24.07 -49.94 47.99
CA LYS P 268 23.41 -48.75 47.47
C LYS P 268 22.22 -48.32 48.31
N LEU P 269 21.52 -49.28 48.94
CA LEU P 269 20.44 -48.93 49.87
C LEU P 269 20.92 -47.92 50.91
N LEU P 270 22.03 -48.23 51.57
CA LEU P 270 22.56 -47.34 52.61
C LEU P 270 23.40 -46.22 52.02
N ARG P 271 24.04 -46.45 50.88
CA ARG P 271 24.86 -45.47 50.17
C ARG P 271 25.74 -44.67 51.13
N PRO P 272 26.69 -45.32 51.80
CA PRO P 272 27.55 -44.60 52.74
C PRO P 272 28.45 -43.61 52.04
N SER P 273 29.03 -42.71 52.83
CA SER P 273 30.07 -41.82 52.33
C SER P 273 31.29 -42.64 51.92
N ASP P 274 31.61 -42.64 50.63
CA ASP P 274 32.63 -43.53 50.08
C ASP P 274 34.03 -43.00 50.35
N LYS P 275 34.34 -42.79 51.62
CA LYS P 275 35.67 -42.39 52.05
C LYS P 275 36.32 -43.44 52.94
N THR P 276 35.70 -43.80 54.06
CA THR P 276 36.28 -44.76 54.99
C THR P 276 35.27 -45.76 55.53
N GLN P 277 33.97 -45.55 55.33
CA GLN P 277 32.95 -46.43 55.87
C GLN P 277 32.72 -47.65 54.99
N LEU P 278 33.20 -47.62 53.73
CA LEU P 278 32.98 -48.76 52.83
C LEU P 278 33.83 -49.96 53.22
N PRO P 279 35.16 -49.86 53.35
CA PRO P 279 35.97 -51.06 53.60
C PRO P 279 35.47 -51.91 54.77
N ALA P 280 35.08 -51.27 55.87
CA ALA P 280 34.49 -52.02 56.97
C ALA P 280 33.23 -52.75 56.53
N LEU P 281 32.47 -52.18 55.60
CA LEU P 281 31.27 -52.85 55.10
C LEU P 281 31.61 -53.99 54.16
N ARG P 282 32.66 -53.83 53.34
CA ARG P 282 33.22 -54.96 52.61
C ARG P 282 33.49 -56.11 53.55
N ASN P 283 34.24 -55.85 54.63
CA ASN P 283 34.59 -56.90 55.58
C ASN P 283 33.34 -57.47 56.24
N ALA P 284 32.36 -56.63 56.55
CA ALA P 284 31.12 -57.10 57.14
C ALA P 284 30.43 -58.11 56.22
N LEU P 285 30.10 -57.69 55.01
CA LEU P 285 29.45 -58.60 54.06
C LEU P 285 30.33 -59.79 53.73
N SER P 286 31.64 -59.68 53.91
CA SER P 286 32.55 -60.81 53.71
C SER P 286 32.32 -61.87 54.78
N ALA P 287 32.45 -61.46 56.04
CA ALA P 287 32.26 -62.41 57.15
C ALA P 287 30.78 -62.73 57.34
N ILE P 288 30.19 -63.41 56.36
CA ILE P 288 28.79 -63.83 56.45
C ILE P 288 28.60 -65.30 56.13
N ASN P 289 29.57 -65.97 55.50
CA ASN P 289 29.47 -67.41 55.30
C ASN P 289 29.93 -68.17 56.54
N ARG P 290 30.83 -67.58 57.32
CA ARG P 290 31.25 -68.11 58.61
C ARG P 290 30.83 -67.09 59.67
N THR P 291 29.58 -67.20 60.12
CA THR P 291 29.03 -66.32 61.13
C THR P 291 27.90 -67.07 61.83
N HIS P 292 27.85 -66.97 63.15
CA HIS P 292 26.96 -67.80 63.96
C HIS P 292 26.10 -66.91 64.86
N PHE P 293 25.22 -67.55 65.61
CA PHE P 293 24.28 -66.87 66.49
C PHE P 293 23.64 -67.87 67.45
N LYS P 294 23.63 -67.59 68.74
CA LYS P 294 23.01 -68.53 69.67
C LYS P 294 21.50 -68.31 69.73
N SER P 295 21.07 -67.21 70.33
CA SER P 295 19.72 -66.68 70.11
C SER P 295 19.77 -65.16 69.95
N ARG P 296 20.65 -64.52 70.73
CA ARG P 296 20.70 -63.06 70.81
C ARG P 296 22.10 -62.50 70.65
N ASN P 297 23.14 -63.32 70.73
CA ASN P 297 24.51 -62.88 70.54
C ASN P 297 25.09 -63.51 69.28
N ILE P 298 26.19 -62.93 68.82
CA ILE P 298 26.83 -63.33 67.57
C ILE P 298 28.28 -63.68 67.89
N TYR P 299 28.61 -64.96 67.79
CA TYR P 299 29.92 -65.47 68.15
C TYR P 299 30.58 -66.11 66.94
N LEU P 300 31.78 -66.64 67.16
CA LEU P 300 32.59 -67.27 66.11
C LEU P 300 33.07 -68.62 66.62
N GLU P 301 33.74 -69.37 65.73
CA GLU P 301 34.23 -70.70 66.06
C GLU P 301 35.44 -71.01 65.21
N LYS P 302 36.33 -71.84 65.74
CA LYS P 302 37.47 -72.36 65.00
C LYS P 302 37.38 -73.87 64.81
N ASP P 303 37.30 -74.63 65.90
CA ASP P 303 37.24 -76.08 65.88
C ASP P 303 37.02 -76.51 67.33
N ASP P 304 37.06 -77.83 67.57
CA ASP P 304 37.14 -78.30 68.95
C ASP P 304 38.31 -77.69 69.70
N GLY P 305 39.29 -77.13 68.99
CA GLY P 305 40.39 -76.41 69.60
C GLY P 305 40.27 -74.92 69.37
N GLU P 306 40.59 -74.15 70.41
CA GLU P 306 40.64 -72.68 70.32
C GLU P 306 39.33 -72.11 69.79
N THR P 307 38.26 -72.34 70.54
CA THR P 307 37.00 -71.66 70.27
C THR P 307 37.08 -70.22 70.76
N PHE P 308 36.18 -69.38 70.26
CA PHE P 308 36.17 -67.97 70.61
C PHE P 308 34.74 -67.48 70.72
N LEU P 309 34.53 -66.51 71.62
CA LEU P 309 33.22 -65.94 71.88
C LEU P 309 33.33 -64.42 71.84
N LEU P 310 32.20 -63.77 71.59
CA LEU P 310 32.16 -62.35 71.26
C LEU P 310 31.33 -61.60 72.29
N TYR P 311 31.93 -60.57 72.89
CA TYR P 311 31.26 -59.71 73.87
C TYR P 311 31.57 -58.26 73.50
N ASP P 312 30.54 -57.50 73.14
CA ASP P 312 30.68 -56.11 72.70
C ASP P 312 30.34 -55.12 73.81
N ASP P 313 30.65 -55.45 75.06
CA ASP P 313 30.36 -54.57 76.18
C ASP P 313 31.45 -53.50 76.37
N CYS P 314 32.57 -53.60 75.67
CA CYS P 314 33.68 -52.66 75.79
C CYS P 314 34.37 -52.76 77.16
N ARG P 315 34.29 -53.94 77.78
CA ARG P 315 35.00 -54.23 79.01
C ARG P 315 35.84 -55.49 78.93
N ASP P 316 35.54 -56.41 78.02
CA ASP P 316 36.37 -57.57 77.71
C ASP P 316 37.41 -57.31 76.63
N THR P 317 37.90 -56.06 76.53
CA THR P 317 38.58 -55.56 75.34
C THR P 317 39.44 -56.52 74.52
N ASN P 318 40.42 -57.17 75.15
CA ASN P 318 41.23 -58.17 74.45
C ASN P 318 41.65 -57.69 73.08
N GLN P 319 41.90 -56.39 72.93
CA GLN P 319 42.12 -55.78 71.63
C GLN P 319 43.38 -56.29 70.94
N SER P 320 44.13 -57.17 71.60
CA SER P 320 45.33 -57.74 71.01
C SER P 320 45.05 -58.97 70.16
N LYS P 321 43.83 -59.51 70.19
CA LYS P 321 43.45 -60.69 69.42
C LYS P 321 42.13 -60.45 68.69
N LEU P 322 42.01 -59.30 68.02
CA LEU P 322 40.78 -58.96 67.33
C LEU P 322 40.88 -59.02 65.82
N ALA P 323 42.09 -59.00 65.25
CA ALA P 323 42.31 -59.29 63.84
C ALA P 323 42.76 -60.73 63.63
N GLU P 324 42.28 -61.64 64.48
CA GLU P 324 42.72 -63.03 64.51
C GLU P 324 41.94 -63.93 63.57
N TRP P 325 40.84 -63.45 63.00
CA TRP P 325 39.87 -64.28 62.30
C TRP P 325 39.55 -63.71 60.92
N LEU P 326 40.59 -63.38 60.16
CA LEU P 326 40.39 -62.69 58.88
C LEU P 326 40.09 -63.65 57.74
N ASP P 327 41.03 -64.56 57.45
CA ASP P 327 41.02 -65.27 56.18
C ASP P 327 40.91 -66.78 56.33
N LEU P 328 39.99 -67.25 57.18
CA LEU P 328 39.73 -68.67 57.28
C LEU P 328 38.90 -69.14 56.08
N ARG P 336 31.87 -73.20 58.61
CA ARG P 336 30.96 -73.08 57.48
C ARG P 336 29.51 -73.21 57.94
N THR P 337 28.84 -72.07 58.06
CA THR P 337 27.47 -72.06 58.56
C THR P 337 26.57 -72.88 57.64
N ASN P 338 25.34 -73.15 58.13
CA ASN P 338 24.37 -73.91 57.37
C ASN P 338 22.99 -73.26 57.38
N VAL P 339 22.89 -71.99 57.79
CA VAL P 339 21.63 -71.27 57.82
C VAL P 339 21.94 -69.78 57.69
N TRP P 340 20.95 -69.02 57.25
CA TRP P 340 21.14 -67.61 56.96
C TRP P 340 21.05 -66.80 58.24
N PRO P 341 22.05 -65.99 58.59
CA PRO P 341 21.98 -65.19 59.80
C PRO P 341 20.97 -64.06 59.65
N PRO P 342 20.76 -63.26 60.70
CA PRO P 342 19.80 -62.16 60.61
C PRO P 342 20.37 -60.92 59.92
N PHE P 343 19.59 -59.84 59.90
CA PHE P 343 19.96 -58.62 59.20
C PHE P 343 20.77 -57.67 60.07
N LYS P 344 20.53 -57.66 61.38
CA LYS P 344 21.14 -56.66 62.26
C LYS P 344 22.62 -56.92 62.52
N SER P 345 23.10 -58.14 62.27
CA SER P 345 24.50 -58.47 62.58
C SER P 345 25.47 -57.47 61.96
N LEU P 346 25.08 -56.82 60.87
CA LEU P 346 25.97 -55.89 60.20
C LEU P 346 26.37 -54.75 61.11
N ALA P 347 25.51 -54.37 62.06
CA ALA P 347 25.87 -53.32 63.00
C ALA P 347 27.07 -53.73 63.85
N THR P 348 26.96 -54.87 64.54
CA THR P 348 28.07 -55.39 65.31
C THR P 348 29.32 -55.50 64.45
N LEU P 349 29.17 -56.06 63.24
CA LEU P 349 30.35 -56.28 62.40
C LEU P 349 31.03 -54.97 62.03
N VAL P 350 30.26 -54.03 61.46
CA VAL P 350 30.82 -52.76 60.99
C VAL P 350 31.19 -51.82 62.12
N ALA P 351 30.82 -52.15 63.37
CA ALA P 351 31.27 -51.40 64.53
C ALA P 351 32.55 -51.96 65.13
N GLU P 352 32.65 -53.29 65.21
CA GLU P 352 33.86 -53.89 65.79
C GLU P 352 35.02 -53.85 64.82
N PHE P 353 34.78 -54.12 63.53
CA PHE P 353 35.87 -54.06 62.56
C PHE P 353 36.54 -52.69 62.53
N GLY P 354 35.87 -51.65 63.02
CA GLY P 354 36.48 -50.34 63.11
C GLY P 354 37.27 -50.15 64.40
N CYS P 355 37.93 -51.20 64.86
CA CYS P 355 38.71 -51.15 66.08
C CYS P 355 40.17 -50.78 65.80
N VAL P 374 31.51 -43.50 61.85
CA VAL P 374 30.87 -44.73 61.40
C VAL P 374 29.49 -44.84 62.03
N LEU P 375 29.29 -44.12 63.13
CA LEU P 375 27.96 -43.94 63.71
C LEU P 375 26.91 -43.57 62.69
N PRO P 376 27.15 -42.61 61.77
CA PRO P 376 26.12 -42.29 60.78
C PRO P 376 25.70 -43.46 59.93
N LEU P 377 26.56 -44.48 59.79
CA LEU P 377 26.23 -45.67 59.02
C LEU P 377 25.53 -46.72 59.89
N VAL P 378 26.09 -46.99 61.07
CA VAL P 378 25.51 -48.02 61.94
C VAL P 378 24.21 -47.58 62.59
N LYS P 379 23.81 -46.32 62.43
CA LYS P 379 22.55 -45.85 63.02
C LYS P 379 21.35 -46.25 62.17
N ILE P 380 21.40 -45.96 60.87
CA ILE P 380 20.25 -46.22 60.01
C ILE P 380 19.95 -47.72 59.94
N ILE P 381 20.96 -48.56 60.11
CA ILE P 381 20.73 -50.00 60.10
C ILE P 381 19.79 -50.40 61.22
N GLN P 382 20.09 -49.94 62.44
CA GLN P 382 19.21 -50.19 63.57
C GLN P 382 17.84 -49.57 63.34
N GLN P 383 17.80 -48.34 62.84
CA GLN P 383 16.52 -47.68 62.59
C GLN P 383 15.63 -48.53 61.70
N LEU P 384 16.18 -49.02 60.59
CA LEU P 384 15.38 -49.82 59.66
C LEU P 384 15.05 -51.18 60.23
N ALA P 385 15.98 -51.81 60.96
CA ALA P 385 15.70 -53.10 61.57
C ALA P 385 14.63 -52.99 62.64
N GLU P 386 14.37 -51.79 63.16
CA GLU P 386 13.32 -51.58 64.14
C GLU P 386 11.99 -51.15 63.53
N ASP P 387 12.01 -50.27 62.53
CA ASP P 387 10.77 -49.79 61.92
C ASP P 387 9.89 -50.95 61.47
N ILE P 388 8.59 -50.70 61.40
CA ILE P 388 7.61 -51.74 61.07
C ILE P 388 7.21 -51.68 59.61
N ARG P 389 7.07 -50.49 59.04
CA ARG P 389 6.67 -50.36 57.64
C ARG P 389 7.70 -50.94 56.69
N PHE P 390 8.87 -51.34 57.19
CA PHE P 390 9.92 -51.97 56.39
C PHE P 390 9.91 -53.49 56.53
N LYS P 391 9.89 -53.98 57.77
CA LYS P 391 9.86 -55.42 58.02
C LYS P 391 8.47 -56.01 57.89
N SER P 392 7.48 -55.20 57.53
CA SER P 392 6.18 -55.71 57.14
C SER P 392 6.10 -55.99 55.64
N ILE P 393 7.10 -55.57 54.89
CA ILE P 393 7.27 -55.93 53.48
C ILE P 393 8.41 -56.90 53.29
N VAL P 394 9.53 -56.66 53.96
CA VAL P 394 10.71 -57.51 53.84
C VAL P 394 10.66 -58.58 54.93
N ASN P 395 11.43 -59.65 54.72
CA ASN P 395 11.60 -60.73 55.69
C ASN P 395 13.08 -60.74 56.07
N LEU P 396 13.43 -59.97 57.09
CA LEU P 396 14.82 -59.72 57.46
C LEU P 396 15.20 -60.38 58.78
N ASN P 397 14.47 -61.39 59.21
CA ASN P 397 14.81 -62.07 60.46
C ASN P 397 15.89 -63.13 60.23
N GLY P 398 15.77 -63.91 59.16
CA GLY P 398 16.75 -64.91 58.82
C GLY P 398 16.31 -66.31 59.18
N GLY P 399 17.30 -67.21 59.24
CA GLY P 399 17.05 -68.58 59.64
C GLY P 399 16.42 -69.42 58.55
N GLY P 400 17.16 -69.63 57.45
CA GLY P 400 16.64 -70.39 56.33
C GLY P 400 17.72 -71.28 55.75
N GLU P 401 17.31 -72.11 54.79
CA GLU P 401 18.21 -73.06 54.18
C GLU P 401 19.40 -72.36 53.54
N LEU P 402 20.48 -73.11 53.37
CA LEU P 402 21.71 -72.61 52.77
C LEU P 402 22.64 -73.78 52.54
N ALA P 403 23.48 -73.68 51.51
CA ALA P 403 24.42 -74.73 51.16
C ALA P 403 25.78 -74.11 50.87
N ASP P 404 26.77 -74.98 50.65
CA ASP P 404 28.13 -74.55 50.38
C ASP P 404 28.43 -74.67 48.88
N GLY P 405 29.40 -73.90 48.44
CA GLY P 405 29.80 -73.89 47.04
C GLY P 405 30.15 -72.52 46.53
N GLY P 406 29.71 -71.47 47.24
CA GLY P 406 29.99 -70.12 46.82
C GLY P 406 29.06 -69.62 45.73
N THR P 407 27.78 -69.98 45.80
CA THR P 407 26.81 -69.57 44.79
C THR P 407 25.48 -69.16 45.41
N HIS P 408 25.48 -68.74 46.69
CA HIS P 408 24.23 -68.46 47.38
C HIS P 408 23.61 -67.14 46.92
N TRP P 409 24.42 -66.08 46.86
CA TRP P 409 23.95 -64.82 46.29
C TRP P 409 23.29 -65.07 44.94
N ASP P 410 24.01 -65.73 44.04
CA ASP P 410 23.52 -65.95 42.68
C ASP P 410 22.25 -66.79 42.69
N LYS P 411 22.20 -67.81 43.53
CA LYS P 411 21.02 -68.68 43.55
C LYS P 411 19.79 -67.91 44.03
N ALA P 412 19.93 -67.13 45.11
CA ALA P 412 18.80 -66.34 45.58
C ALA P 412 18.35 -65.34 44.51
N MET P 413 19.30 -64.62 43.93
CA MET P 413 18.97 -63.66 42.88
C MET P 413 18.20 -64.32 41.76
N SER P 414 18.71 -65.43 41.23
CA SER P 414 18.10 -66.10 40.09
C SER P 414 16.75 -66.69 40.45
N ASP P 415 16.58 -67.17 41.69
CA ASP P 415 15.32 -67.77 42.10
C ASP P 415 14.28 -66.75 42.51
N GLU P 416 14.66 -65.48 42.69
CA GLU P 416 13.71 -64.44 43.01
C GLU P 416 13.36 -63.54 41.84
N VAL P 417 14.26 -63.36 40.85
CA VAL P 417 13.87 -62.59 39.67
C VAL P 417 12.76 -63.30 38.92
N ASP P 418 12.83 -64.62 38.81
CA ASP P 418 11.72 -65.40 38.31
C ASP P 418 10.65 -65.51 39.41
N TYR P 419 9.45 -65.95 38.99
CA TYR P 419 8.23 -65.86 39.79
C TYR P 419 7.74 -64.42 39.85
N PHE P 420 8.55 -63.48 39.33
CA PHE P 420 8.13 -62.10 39.14
C PHE P 420 8.18 -61.72 37.66
N PHE P 421 9.32 -61.92 37.00
CA PHE P 421 9.48 -61.55 35.60
C PHE P 421 9.43 -62.75 34.67
N GLY P 422 8.83 -63.86 35.10
CA GLY P 422 8.78 -65.05 34.27
C GLY P 422 10.16 -65.66 34.08
N LYS P 423 10.22 -66.90 33.64
CA LYS P 423 11.47 -67.62 33.48
C LYS P 423 11.74 -67.91 32.01
N GLU P 424 12.78 -68.69 31.75
CA GLU P 424 13.45 -68.73 30.45
C GLU P 424 12.58 -69.27 29.33
N LYS P 425 13.12 -69.24 28.12
CA LYS P 425 12.40 -69.62 26.91
C LYS P 425 11.72 -70.98 27.06
N GLY P 426 12.50 -72.03 27.28
CA GLY P 426 11.97 -73.38 27.25
C GLY P 426 11.08 -73.70 28.41
N GLN P 427 11.61 -73.62 29.63
CA GLN P 427 10.83 -73.91 30.83
C GLN P 427 9.48 -73.21 30.76
N GLU P 428 8.42 -73.98 31.04
CA GLU P 428 7.07 -73.48 30.92
C GLU P 428 6.74 -72.52 32.06
N ASN P 429 5.93 -71.52 31.74
CA ASN P 429 5.42 -70.57 32.71
C ASN P 429 3.91 -70.70 32.76
N ASP P 430 3.37 -71.03 33.93
CA ASP P 430 1.94 -71.28 34.04
C ASP P 430 1.13 -70.04 33.65
N TRP P 431 1.54 -68.87 34.11
CA TRP P 431 0.80 -67.63 33.91
C TRP P 431 1.37 -66.86 32.72
N ASN P 432 0.55 -65.93 32.22
CA ASN P 432 0.96 -64.96 31.21
C ASN P 432 0.87 -63.53 31.69
N VAL P 433 -0.17 -63.19 32.46
CA VAL P 433 -0.37 -61.86 32.98
C VAL P 433 0.00 -61.87 34.46
N HIS P 434 0.74 -60.86 34.91
CA HIS P 434 1.11 -60.74 36.31
C HIS P 434 0.87 -59.31 36.78
N ILE P 435 -0.17 -59.14 37.59
CA ILE P 435 -0.40 -57.89 38.31
C ILE P 435 0.35 -57.98 39.62
N VAL P 436 1.11 -56.92 39.96
CA VAL P 436 1.80 -56.86 41.23
C VAL P 436 1.25 -55.66 41.98
N ASN P 437 0.48 -55.93 43.04
CA ASN P 437 -0.18 -54.88 43.82
C ASN P 437 0.74 -54.47 44.96
N MET P 438 1.26 -53.25 44.88
CA MET P 438 2.08 -52.67 45.93
C MET P 438 1.38 -51.41 46.42
N LYS P 439 0.44 -51.58 47.35
CA LYS P 439 -0.33 -50.49 47.91
C LYS P 439 0.10 -50.13 49.33
N ASN P 440 0.40 -51.12 50.16
CA ASN P 440 0.78 -50.89 51.55
C ASN P 440 2.26 -50.57 51.71
N LEU P 441 2.92 -50.13 50.64
CA LEU P 441 4.28 -49.62 50.69
C LEU P 441 4.25 -48.10 50.75
N ALA P 442 5.25 -47.54 51.43
CA ALA P 442 5.29 -46.11 51.71
C ALA P 442 6.06 -45.36 50.63
N GLN P 443 5.75 -44.06 50.50
CA GLN P 443 6.27 -43.23 49.42
C GLN P 443 7.75 -42.87 49.58
N ASP P 444 8.40 -43.28 50.67
CA ASP P 444 9.82 -43.01 50.85
C ASP P 444 10.68 -44.27 50.86
N HIS P 445 10.07 -45.45 50.75
CA HIS P 445 10.80 -46.72 50.66
C HIS P 445 10.77 -47.31 49.26
N ALA P 446 10.10 -46.67 48.31
CA ALA P 446 9.99 -47.20 46.95
C ALA P 446 11.26 -46.95 46.15
N PRO P 447 11.78 -45.71 46.15
CA PRO P 447 13.04 -45.45 45.44
C PRO P 447 14.21 -46.31 45.91
N MET P 448 14.05 -47.04 47.01
CA MET P 448 15.07 -47.94 47.51
C MET P 448 14.87 -49.37 47.04
N LEU P 449 13.62 -49.78 46.86
CA LEU P 449 13.25 -51.17 46.63
C LEU P 449 12.98 -51.48 45.15
N LEU P 450 12.16 -50.66 44.51
CA LEU P 450 11.84 -50.91 43.11
C LEU P 450 13.05 -50.65 42.22
N SER P 451 13.82 -49.62 42.54
CA SER P 451 15.07 -49.34 41.85
C SER P 451 16.09 -50.47 41.99
N ALA P 452 15.91 -51.36 42.96
CA ALA P 452 16.77 -52.52 43.13
C ALA P 452 16.25 -53.73 42.37
N LEU P 453 14.93 -53.94 42.39
CA LEU P 453 14.36 -54.98 41.54
C LEU P 453 14.71 -54.75 40.07
N LEU P 454 14.62 -53.49 39.63
CA LEU P 454 14.91 -53.15 38.24
C LEU P 454 16.40 -53.20 37.91
N GLU P 455 17.25 -53.49 38.89
CA GLU P 455 18.67 -53.76 38.65
C GLU P 455 18.97 -55.25 38.65
N MET P 456 18.34 -55.98 39.56
CA MET P 456 18.41 -57.44 39.52
C MET P 456 18.01 -57.97 38.16
N PHE P 457 16.87 -57.48 37.64
CA PHE P 457 16.40 -57.93 36.34
C PHE P 457 17.46 -57.74 35.26
N ALA P 458 18.03 -56.53 35.19
CA ALA P 458 19.05 -56.25 34.19
C ALA P 458 20.23 -57.20 34.35
N GLU P 459 20.78 -57.30 35.56
CA GLU P 459 21.94 -58.17 35.77
C GLU P 459 21.67 -59.60 35.29
N ILE P 460 20.44 -60.09 35.46
CA ILE P 460 20.14 -61.44 35.03
C ILE P 460 20.05 -61.54 33.51
N LEU P 461 19.50 -60.50 32.87
CA LEU P 461 19.30 -60.55 31.43
C LEU P 461 20.57 -60.90 30.67
N PHE P 462 21.73 -60.45 31.15
CA PHE P 462 22.96 -60.73 30.40
C PHE P 462 23.29 -62.22 30.42
N ARG P 463 23.22 -62.85 31.59
CA ARG P 463 23.39 -64.30 31.64
C ARG P 463 22.44 -64.98 30.68
N ARG P 464 21.16 -64.58 30.71
CA ARG P 464 20.18 -65.30 29.92
C ARG P 464 20.44 -65.14 28.42
N GLY P 465 20.61 -63.91 27.96
CA GLY P 465 21.11 -63.66 26.62
C GLY P 465 20.08 -63.76 25.51
N GLN P 466 20.55 -63.52 24.29
CA GLN P 466 19.68 -63.46 23.13
C GLN P 466 18.92 -64.77 22.90
N GLU P 467 19.57 -65.90 23.14
CA GLU P 467 18.98 -67.18 22.75
C GLU P 467 17.92 -67.65 23.74
N ARG P 468 18.15 -67.43 25.03
CA ARG P 468 17.26 -67.93 26.07
C ARG P 468 16.19 -66.92 26.48
N SER P 469 16.16 -65.74 25.87
CA SER P 469 15.26 -64.69 26.30
C SER P 469 13.92 -64.76 25.57
N TYR P 470 12.88 -64.32 26.26
CA TYR P 470 11.51 -64.26 25.76
C TYR P 470 11.00 -62.83 25.82
N PRO P 471 10.31 -62.36 24.78
CA PRO P 471 9.83 -60.97 24.80
C PRO P 471 8.88 -60.70 25.97
N THR P 472 8.96 -59.50 26.51
CA THR P 472 8.16 -59.12 27.67
C THR P 472 7.77 -57.65 27.59
N VAL P 473 6.64 -57.33 28.23
CA VAL P 473 6.10 -55.98 28.29
C VAL P 473 5.95 -55.59 29.76
N LEU P 474 6.49 -54.43 30.10
CA LEU P 474 6.43 -53.90 31.45
C LEU P 474 5.55 -52.66 31.46
N LEU P 475 4.67 -52.56 32.45
CA LEU P 475 3.85 -51.38 32.67
C LEU P 475 4.29 -50.72 33.97
N LEU P 476 4.77 -49.47 33.87
CA LEU P 476 5.36 -48.72 34.97
C LEU P 476 4.54 -47.46 35.20
N GLU P 477 3.79 -47.44 36.29
CA GLU P 477 2.96 -46.32 36.70
C GLU P 477 3.70 -45.47 37.74
N GLU P 478 3.39 -44.18 37.73
CA GLU P 478 3.98 -43.23 38.67
C GLU P 478 5.49 -43.42 38.75
N ALA P 479 6.14 -43.22 37.62
CA ALA P 479 7.55 -43.54 37.46
C ALA P 479 8.47 -42.38 37.86
N HIS P 480 7.92 -41.22 38.17
CA HIS P 480 8.75 -40.12 38.66
C HIS P 480 9.13 -40.31 40.13
N HIS P 481 8.72 -41.43 40.74
CA HIS P 481 9.17 -41.76 42.08
C HIS P 481 10.49 -42.53 42.03
N TYR P 482 10.54 -43.60 41.23
CA TYR P 482 11.64 -44.56 41.28
C TYR P 482 12.45 -44.58 39.99
N LEU P 483 12.35 -43.54 39.16
CA LEU P 483 13.24 -43.36 38.02
C LEU P 483 14.07 -42.09 38.22
N ARG P 484 14.45 -41.85 39.46
CA ARG P 484 15.30 -40.73 39.85
C ARG P 484 15.97 -41.12 41.16
N ASP P 485 16.55 -40.14 41.84
CA ASP P 485 17.30 -40.39 43.07
C ASP P 485 16.90 -39.39 44.16
N PRO P 486 16.00 -39.77 45.05
CA PRO P 486 15.81 -39.01 46.29
C PRO P 486 16.70 -39.53 47.40
N TYR P 487 16.96 -38.66 48.37
CA TYR P 487 17.93 -38.86 49.46
C TYR P 487 19.36 -38.79 48.96
N ALA P 488 19.58 -38.63 47.66
CA ALA P 488 20.90 -38.40 47.10
C ALA P 488 20.71 -37.70 45.76
N GLU P 489 21.69 -36.87 45.40
CA GLU P 489 21.47 -35.88 44.34
C GLU P 489 21.69 -36.42 42.94
N ILE P 490 22.54 -37.42 42.75
CA ILE P 490 22.79 -37.95 41.42
C ILE P 490 21.47 -38.52 40.89
N ASP P 491 20.87 -37.85 39.90
CA ASP P 491 19.53 -38.17 39.45
C ASP P 491 19.35 -39.68 39.31
N SER P 492 20.22 -40.32 38.53
CA SER P 492 20.26 -41.78 38.44
C SER P 492 21.50 -42.24 39.20
N GLN P 493 21.35 -42.39 40.53
CA GLN P 493 22.43 -42.93 41.34
C GLN P 493 22.52 -44.44 41.24
N ILE P 494 21.45 -45.09 40.77
CA ILE P 494 21.45 -46.50 40.42
C ILE P 494 21.17 -46.58 38.92
N LYS P 495 22.22 -46.88 38.13
CA LYS P 495 22.11 -46.91 36.68
C LYS P 495 21.07 -47.90 36.17
N ALA P 496 20.48 -48.71 37.04
CA ALA P 496 19.55 -49.76 36.62
C ALA P 496 18.64 -49.32 35.49
N TYR P 497 17.92 -48.22 35.67
CA TYR P 497 16.90 -47.81 34.70
C TYR P 497 17.46 -47.03 33.53
N GLU P 498 18.80 -46.96 33.39
CA GLU P 498 19.43 -46.52 32.16
C GLU P 498 20.10 -47.66 31.41
N ARG P 499 20.74 -48.58 32.14
CA ARG P 499 21.18 -49.82 31.55
C ARG P 499 20.01 -50.62 30.97
N LEU P 500 18.84 -50.50 31.59
CA LEU P 500 17.66 -51.20 31.10
C LEU P 500 16.99 -50.50 29.93
N ALA P 501 17.26 -49.22 29.72
CA ALA P 501 16.64 -48.45 28.65
C ALA P 501 17.55 -48.22 27.46
N LYS P 502 18.86 -48.47 27.60
CA LYS P 502 19.78 -48.31 26.49
C LYS P 502 20.14 -49.63 25.79
N GLU P 503 20.02 -50.75 26.49
CA GLU P 503 20.30 -52.06 25.91
C GLU P 503 19.25 -53.07 26.35
N GLY P 504 18.00 -52.64 26.43
CA GLY P 504 16.94 -53.49 26.91
C GLY P 504 15.95 -53.90 25.84
N ARG P 505 16.16 -53.43 24.61
CA ARG P 505 15.37 -53.88 23.47
C ARG P 505 16.08 -54.94 22.66
N LYS P 506 17.41 -55.05 22.79
CA LYS P 506 18.11 -56.22 22.27
C LYS P 506 17.57 -57.50 22.89
N PHE P 507 17.44 -57.51 24.22
CA PHE P 507 16.97 -58.66 24.97
C PHE P 507 15.44 -58.73 25.08
N LYS P 508 14.72 -58.00 24.22
CA LYS P 508 13.28 -58.19 24.04
C LYS P 508 12.49 -57.81 25.29
N CYS P 509 12.67 -56.58 25.75
CA CYS P 509 11.88 -56.02 26.84
C CYS P 509 11.41 -54.64 26.43
N SER P 510 10.10 -54.41 26.50
CA SER P 510 9.51 -53.13 26.12
C SER P 510 8.84 -52.49 27.33
N LEU P 511 9.15 -51.21 27.56
CA LEU P 511 8.63 -50.45 28.69
C LEU P 511 7.48 -49.54 28.25
N ILE P 512 6.51 -49.41 29.15
CA ILE P 512 5.47 -48.39 29.05
C ILE P 512 5.58 -47.51 30.28
N VAL P 513 5.72 -46.22 30.06
CA VAL P 513 6.03 -45.25 31.12
C VAL P 513 4.84 -44.30 31.22
N SER P 514 4.09 -44.39 32.32
CA SER P 514 2.96 -43.50 32.57
C SER P 514 3.31 -42.51 33.66
N THR P 515 2.93 -41.24 33.48
CA THR P 515 3.20 -40.28 34.54
C THR P 515 2.50 -38.95 34.28
N GLN P 516 2.71 -38.03 35.23
CA GLN P 516 2.07 -36.72 35.23
C GLN P 516 3.06 -35.58 35.45
N ARG P 517 4.33 -35.87 35.72
CA ARG P 517 5.39 -34.86 35.85
C ARG P 517 6.58 -35.30 35.02
N PRO P 518 6.56 -35.06 33.70
CA PRO P 518 7.71 -35.43 32.87
C PRO P 518 8.99 -34.71 33.25
N SER P 519 8.90 -33.61 33.99
CA SER P 519 10.07 -32.81 34.34
C SER P 519 10.93 -33.47 35.40
N GLU P 520 10.42 -34.48 36.11
CA GLU P 520 11.15 -35.17 37.16
C GLU P 520 11.65 -36.53 36.69
N LEU P 521 12.05 -36.62 35.43
CA LEU P 521 12.62 -37.82 34.85
C LEU P 521 14.02 -37.52 34.32
N SER P 522 14.78 -38.57 34.09
CA SER P 522 16.06 -38.42 33.43
C SER P 522 15.80 -38.08 31.97
N PRO P 523 16.34 -36.98 31.44
CA PRO P 523 15.99 -36.57 30.08
C PRO P 523 16.54 -37.50 29.00
N THR P 524 17.16 -38.60 29.41
CA THR P 524 17.59 -39.63 28.47
C THR P 524 16.63 -40.81 28.38
N VAL P 525 15.77 -40.99 29.38
CA VAL P 525 14.74 -42.02 29.30
C VAL P 525 13.75 -41.70 28.20
N LEU P 526 13.26 -40.46 28.18
CA LEU P 526 12.30 -40.05 27.15
C LEU P 526 12.85 -40.29 25.74
N ALA P 527 14.03 -39.75 25.46
CA ALA P 527 14.58 -39.82 24.11
C ALA P 527 14.61 -41.23 23.56
N MET P 528 14.62 -42.24 24.42
CA MET P 528 14.59 -43.63 23.98
C MET P 528 13.20 -44.12 23.65
N CYS P 529 12.20 -43.22 23.63
CA CYS P 529 10.84 -43.56 23.29
C CYS P 529 10.52 -43.11 21.88
N SER P 530 9.69 -43.90 21.19
CA SER P 530 9.40 -43.68 19.78
C SER P 530 8.02 -43.08 19.52
N ASN P 531 7.06 -43.28 20.43
CA ASN P 531 5.71 -42.75 20.28
C ASN P 531 5.33 -42.02 21.55
N TRP P 532 4.38 -41.09 21.43
CA TRP P 532 3.99 -40.26 22.55
C TRP P 532 2.48 -40.03 22.54
N PHE P 533 1.86 -40.26 23.70
CA PHE P 533 0.46 -39.93 23.95
C PHE P 533 0.41 -38.90 25.07
N SER P 534 -0.17 -37.74 24.78
CA SER P 534 -0.19 -36.62 25.70
C SER P 534 -1.62 -36.16 25.95
N LEU P 535 -1.99 -36.10 27.22
CA LEU P 535 -3.24 -35.49 27.69
C LEU P 535 -2.93 -34.09 28.17
N ARG P 536 -3.89 -33.45 28.85
CA ARG P 536 -3.73 -32.06 29.24
C ARG P 536 -2.55 -31.90 30.18
N LEU P 537 -1.73 -30.89 29.92
CA LEU P 537 -0.69 -30.43 30.83
C LEU P 537 -0.82 -28.93 31.00
N THR P 538 -0.59 -28.45 32.22
CA THR P 538 -0.84 -27.06 32.59
C THR P 538 0.42 -26.25 32.84
N ASN P 539 1.46 -26.86 33.43
CA ASN P 539 2.63 -26.12 33.87
C ASN P 539 3.64 -26.01 32.74
N GLU P 540 4.18 -24.80 32.57
CA GLU P 540 5.07 -24.49 31.44
C GLU P 540 6.45 -25.13 31.58
N ARG P 541 6.76 -25.78 32.70
CA ARG P 541 8.00 -26.50 32.85
C ARG P 541 7.83 -28.01 32.64
N ASP P 542 6.60 -28.50 32.74
CA ASP P 542 6.29 -29.84 32.25
C ASP P 542 5.98 -29.81 30.76
N LEU P 543 5.55 -28.66 30.25
CA LEU P 543 5.22 -28.47 28.85
C LEU P 543 6.44 -28.03 28.02
N GLN P 544 7.64 -28.25 28.52
CA GLN P 544 8.87 -27.94 27.78
C GLN P 544 9.78 -29.15 27.64
N ALA P 545 9.85 -29.99 28.68
CA ALA P 545 10.54 -31.27 28.54
C ALA P 545 9.93 -32.11 27.43
N LEU P 546 8.69 -31.82 27.04
CA LEU P 546 8.07 -32.52 25.93
C LEU P 546 8.56 -31.98 24.58
N ARG P 547 8.37 -30.69 24.34
CA ARG P 547 8.84 -30.09 23.11
C ARG P 547 10.35 -30.19 22.96
N TYR P 548 11.06 -30.56 24.02
CA TYR P 548 12.44 -31.02 23.89
C TYR P 548 12.57 -32.00 22.72
N ALA P 549 11.83 -33.10 22.78
CA ALA P 549 11.82 -34.12 21.73
C ALA P 549 10.45 -34.08 21.06
N MET P 550 10.35 -33.37 19.94
CA MET P 550 9.09 -33.21 19.24
C MET P 550 9.38 -33.00 17.76
N GLU P 551 8.34 -33.23 16.95
CA GLU P 551 8.46 -33.13 15.50
C GLU P 551 8.57 -31.67 15.09
N SER P 552 9.76 -31.26 14.64
CA SER P 552 10.00 -29.86 14.32
C SER P 552 8.99 -29.37 13.29
N GLY P 553 8.65 -28.09 13.39
CA GLY P 553 7.69 -27.46 12.51
C GLY P 553 6.26 -27.55 12.97
N ASN P 554 6.00 -28.05 14.17
CA ASN P 554 4.65 -28.20 14.72
C ASN P 554 4.51 -27.31 15.94
N GLU P 555 3.59 -26.35 15.87
CA GLU P 555 3.35 -25.44 16.98
C GLU P 555 1.87 -25.39 17.33
N GLN P 556 1.01 -25.59 16.35
CA GLN P 556 -0.43 -25.60 16.59
C GLN P 556 -0.91 -26.91 17.21
N ILE P 557 0.00 -27.86 17.43
CA ILE P 557 -0.35 -29.12 18.09
C ILE P 557 0.15 -29.05 19.54
N LEU P 558 1.17 -28.22 19.77
CA LEU P 558 1.66 -27.94 21.12
C LEU P 558 0.91 -26.81 21.80
N LYS P 559 0.31 -25.90 21.03
CA LYS P 559 -0.51 -24.83 21.56
C LYS P 559 -1.98 -25.23 21.64
N GLN P 560 -2.24 -26.54 21.79
CA GLN P 560 -3.58 -27.09 21.78
C GLN P 560 -3.83 -28.02 22.95
N ILE P 561 -2.88 -28.11 23.89
CA ILE P 561 -2.87 -29.17 24.91
C ILE P 561 -3.41 -28.63 26.22
N SER P 562 -3.17 -27.34 26.49
CA SER P 562 -3.65 -26.73 27.72
C SER P 562 -5.17 -26.74 27.85
N GLY P 563 -5.90 -27.08 26.79
CA GLY P 563 -7.34 -27.02 26.82
C GLY P 563 -8.04 -28.27 26.32
N LEU P 564 -7.49 -29.44 26.64
CA LEU P 564 -8.09 -30.68 26.17
C LEU P 564 -9.07 -31.23 27.20
N PRO P 565 -10.25 -31.70 26.76
CA PRO P 565 -11.15 -32.38 27.70
C PRO P 565 -10.68 -33.77 28.08
N ARG P 566 -11.50 -34.50 28.83
CA ARG P 566 -11.19 -35.87 29.19
C ARG P 566 -11.39 -36.80 28.01
N GLY P 567 -10.51 -37.77 27.88
CA GLY P 567 -10.53 -38.69 26.76
C GLY P 567 -9.98 -38.12 25.48
N ASP P 568 -9.70 -36.83 25.42
CA ASP P 568 -9.13 -36.21 24.23
C ASP P 568 -7.62 -36.15 24.41
N ALA P 569 -6.90 -36.80 23.49
CA ALA P 569 -5.46 -36.92 23.57
C ALA P 569 -4.83 -36.42 22.28
N VAL P 570 -3.53 -36.19 22.34
CA VAL P 570 -2.71 -35.89 21.16
C VAL P 570 -1.69 -37.01 21.01
N ALA P 571 -1.55 -37.51 19.78
CA ALA P 571 -0.75 -38.69 19.52
C ALA P 571 0.22 -38.41 18.38
N PHE P 572 1.50 -38.76 18.59
CA PHE P 572 2.46 -38.57 17.52
C PHE P 572 3.66 -39.49 17.71
N GLY P 573 4.26 -39.87 16.60
CA GLY P 573 5.41 -40.73 16.59
C GLY P 573 5.56 -41.45 15.24
N SER P 574 5.94 -42.71 15.31
CA SER P 574 6.29 -43.48 14.11
C SER P 574 5.12 -44.25 13.52
N ALA P 575 4.13 -44.61 14.33
CA ALA P 575 2.96 -45.33 13.83
C ALA P 575 1.91 -44.41 13.22
N PHE P 576 2.24 -43.14 13.01
CA PHE P 576 1.29 -42.16 12.52
C PHE P 576 1.94 -41.37 11.38
N ASN P 577 1.31 -41.39 10.21
CA ASN P 577 1.76 -40.53 9.11
C ASN P 577 1.93 -39.10 9.58
N LEU P 578 0.87 -38.50 10.12
CA LEU P 578 0.92 -37.17 10.71
C LEU P 578 0.18 -37.16 12.03
N PRO P 579 0.55 -36.27 12.94
CA PRO P 579 0.01 -36.34 14.31
C PRO P 579 -1.49 -36.12 14.34
N VAL P 580 -2.14 -36.74 15.34
CA VAL P 580 -3.58 -36.75 15.39
C VAL P 580 -4.07 -36.27 16.75
N ARG P 581 -5.31 -35.77 16.76
CA ARG P 581 -6.06 -35.39 17.95
C ARG P 581 -7.22 -36.36 18.09
N ILE P 582 -7.18 -37.20 19.11
CA ILE P 582 -8.04 -38.38 19.20
C ILE P 582 -9.02 -38.20 20.34
N SER P 583 -10.19 -38.83 20.19
CA SER P 583 -11.20 -38.95 21.23
C SER P 583 -11.36 -40.43 21.54
N ILE P 584 -10.84 -40.85 22.69
CA ILE P 584 -10.68 -42.26 23.01
C ILE P 584 -11.98 -42.81 23.56
N ASN P 585 -12.10 -44.14 23.51
CA ASN P 585 -13.31 -44.84 23.92
C ASN P 585 -13.07 -45.63 25.20
N GLN P 586 -14.14 -45.87 25.95
CA GLN P 586 -14.05 -46.46 27.27
C GLN P 586 -13.61 -47.92 27.20
N ALA P 587 -13.42 -48.50 28.39
CA ALA P 587 -13.00 -49.88 28.53
C ALA P 587 -14.04 -50.67 29.32
N ARG P 588 -14.27 -51.91 28.92
CA ARG P 588 -15.28 -52.77 29.55
C ARG P 588 -14.64 -54.12 29.86
N PRO P 589 -14.54 -54.52 31.14
CA PRO P 589 -14.84 -53.79 32.37
C PRO P 589 -13.69 -52.89 32.80
N GLY P 590 -14.01 -51.65 33.19
CA GLY P 590 -12.99 -50.69 33.55
C GLY P 590 -12.26 -51.05 34.83
N PRO P 591 -11.43 -50.13 35.29
CA PRO P 591 -10.70 -50.34 36.54
C PRO P 591 -11.51 -49.93 37.77
N LYS P 592 -10.95 -50.22 38.95
CA LYS P 592 -11.64 -50.01 40.21
C LYS P 592 -11.68 -48.51 40.49
N SER P 593 -12.88 -47.93 40.45
CA SER P 593 -13.05 -46.48 40.52
C SER P 593 -13.06 -45.96 41.96
N SER P 594 -14.07 -46.36 42.72
CA SER P 594 -14.32 -45.75 44.02
C SER P 594 -13.12 -45.90 44.94
N ASP P 595 -12.79 -44.81 45.65
CA ASP P 595 -11.75 -44.84 46.67
C ASP P 595 -12.32 -44.57 48.06
N ALA P 596 -12.95 -43.41 48.27
CA ALA P 596 -13.60 -43.07 49.53
C ALA P 596 -14.31 -41.74 49.41
N VAL P 597 -15.42 -41.57 50.14
CA VAL P 597 -16.18 -40.33 50.10
C VAL P 597 -16.79 -40.09 51.47
N PHE P 598 -16.72 -38.83 51.94
CA PHE P 598 -17.07 -38.53 53.32
C PHE P 598 -18.58 -38.52 53.54
N SER P 599 -19.32 -37.80 52.68
CA SER P 599 -20.77 -37.72 52.83
C SER P 599 -21.43 -39.09 52.95
N GLU P 600 -20.75 -40.15 52.51
CA GLU P 600 -21.30 -41.50 52.68
C GLU P 600 -21.29 -41.92 54.15
N GLU P 601 -20.20 -41.63 54.85
CA GLU P 601 -20.03 -42.07 56.23
C GLU P 601 -20.44 -41.01 57.24
N TRP P 602 -20.69 -39.79 56.81
CA TRP P 602 -21.08 -38.70 57.70
C TRP P 602 -22.60 -38.59 57.84
N ALA P 603 -23.33 -39.66 57.58
CA ALA P 603 -24.78 -39.67 57.75
C ALA P 603 -25.32 -41.08 57.67
N MET Q 1 -45.29 -1.53 7.24
CA MET Q 1 -46.36 -2.16 6.47
C MET Q 1 -47.37 -2.79 7.41
N SER Q 2 -47.24 -4.10 7.60
CA SER Q 2 -48.12 -4.83 8.49
C SER Q 2 -47.41 -5.03 9.84
N LEU Q 3 -48.03 -5.84 10.70
CA LEU Q 3 -47.61 -5.92 12.09
C LEU Q 3 -46.23 -6.55 12.24
N PHE Q 4 -45.85 -7.48 11.37
CA PHE Q 4 -44.74 -8.37 11.66
C PHE Q 4 -43.42 -7.61 11.76
N LYS Q 5 -42.78 -7.69 12.93
CA LYS Q 5 -41.44 -7.18 13.16
C LYS Q 5 -40.43 -8.26 13.52
N LEU Q 6 -39.16 -8.00 13.24
CA LEU Q 6 -38.11 -8.99 13.45
C LEU Q 6 -37.01 -8.55 14.38
N THR Q 7 -36.51 -7.32 14.25
CA THR Q 7 -35.32 -6.89 14.99
C THR Q 7 -35.66 -6.51 16.42
N GLU Q 8 -34.79 -6.91 17.36
CA GLU Q 8 -34.97 -6.55 18.76
C GLU Q 8 -33.66 -6.08 19.41
N ILE Q 9 -32.52 -6.55 18.92
CA ILE Q 9 -31.27 -6.47 19.66
C ILE Q 9 -30.34 -5.45 19.01
N SER Q 10 -29.45 -4.88 19.83
CA SER Q 10 -28.43 -3.96 19.39
C SER Q 10 -27.07 -4.45 19.86
N ALA Q 11 -26.01 -3.91 19.27
CA ALA Q 11 -24.67 -4.43 19.47
C ALA Q 11 -23.67 -3.27 19.54
N ILE Q 12 -22.38 -3.62 19.61
CA ILE Q 12 -21.31 -2.65 19.73
C ILE Q 12 -20.40 -2.64 18.50
N GLY Q 13 -20.10 -3.80 17.94
CA GLY Q 13 -19.18 -3.88 16.83
C GLY Q 13 -19.32 -5.17 16.07
N TYR Q 14 -18.40 -5.38 15.13
CA TYR Q 14 -18.45 -6.52 14.24
C TYR Q 14 -17.06 -7.12 14.04
N VAL Q 15 -17.02 -8.44 13.90
CA VAL Q 15 -15.77 -9.17 13.70
C VAL Q 15 -15.20 -8.85 12.32
N VAL Q 16 -13.87 -8.69 12.27
CA VAL Q 16 -13.20 -8.29 11.03
C VAL Q 16 -11.99 -9.18 10.74
N GLY Q 17 -11.59 -10.02 11.69
CA GLY Q 17 -10.40 -10.83 11.50
C GLY Q 17 -10.33 -12.05 12.38
N LEU Q 18 -9.49 -12.99 11.97
CA LEU Q 18 -9.15 -14.18 12.76
C LEU Q 18 -7.73 -14.58 12.40
N GLU Q 19 -6.83 -14.55 13.37
CA GLU Q 19 -5.41 -14.71 13.14
C GLU Q 19 -4.80 -15.71 14.12
N GLY Q 20 -5.40 -16.89 14.22
CA GLY Q 20 -4.85 -17.94 15.06
C GLY Q 20 -5.19 -17.80 16.53
N GLU Q 21 -6.47 -17.94 16.87
CA GLU Q 21 -6.94 -17.82 18.25
C GLU Q 21 -6.91 -16.39 18.74
N ARG Q 22 -7.14 -15.44 17.84
CA ARG Q 22 -6.97 -14.03 18.15
C ARG Q 22 -7.93 -13.25 17.26
N ILE Q 23 -9.00 -12.74 17.86
CA ILE Q 23 -10.10 -12.12 17.13
C ILE Q 23 -9.90 -10.61 17.09
N ARG Q 24 -10.31 -10.00 15.98
CA ARG Q 24 -10.29 -8.55 15.82
C ARG Q 24 -11.70 -8.04 15.59
N ILE Q 25 -12.04 -6.94 16.25
CA ILE Q 25 -13.41 -6.44 16.30
C ILE Q 25 -13.37 -4.93 16.09
N ASN Q 26 -14.17 -4.44 15.14
CA ASN Q 26 -14.28 -3.02 14.88
C ASN Q 26 -15.54 -2.48 15.54
N LEU Q 27 -15.39 -1.37 16.25
CA LEU Q 27 -16.46 -0.78 17.04
C LEU Q 27 -17.27 0.22 16.23
N HIS Q 28 -18.49 0.48 16.68
CA HIS Q 28 -19.45 1.30 15.98
C HIS Q 28 -19.55 2.70 16.58
N GLU Q 29 -20.13 3.60 15.80
CA GLU Q 29 -20.72 4.83 16.31
C GLU Q 29 -22.19 4.94 15.89
N GLY Q 30 -22.70 3.98 15.12
CA GLY Q 30 -24.09 4.03 14.72
C GLY Q 30 -25.04 3.97 15.89
N LEU Q 31 -24.79 3.05 16.82
CA LEU Q 31 -25.57 2.95 18.05
C LEU Q 31 -25.17 4.13 18.94
N GLN Q 32 -25.65 5.32 18.56
CA GLN Q 32 -25.37 6.53 19.30
C GLN Q 32 -25.52 6.30 20.80
N GLY Q 33 -26.63 5.69 21.20
CA GLY Q 33 -26.81 5.27 22.58
C GLY Q 33 -26.37 3.83 22.77
N ARG Q 34 -25.15 3.63 23.26
CA ARG Q 34 -24.68 2.28 23.53
C ARG Q 34 -25.52 1.58 24.59
N LEU Q 35 -26.43 2.31 25.23
CA LEU Q 35 -27.47 1.69 26.05
C LEU Q 35 -28.47 0.98 25.15
N ALA Q 36 -28.84 -0.24 25.54
CA ALA Q 36 -29.86 -1.01 24.84
C ALA Q 36 -30.66 -1.76 25.91
N SER Q 37 -31.75 -1.16 26.36
CA SER Q 37 -32.57 -1.77 27.39
C SER Q 37 -33.27 -3.01 26.84
N HIS Q 38 -33.59 -3.93 27.74
CA HIS Q 38 -34.25 -5.18 27.39
C HIS Q 38 -34.93 -5.72 28.64
N ARG Q 39 -35.38 -6.98 28.57
CA ARG Q 39 -36.19 -7.57 29.63
C ARG Q 39 -35.63 -7.29 31.02
N LYS Q 40 -34.39 -7.69 31.28
CA LYS Q 40 -33.81 -7.64 32.62
C LYS Q 40 -32.43 -6.99 32.55
N GLY Q 41 -32.38 -5.70 32.88
CA GLY Q 41 -31.13 -4.99 33.04
C GLY Q 41 -30.62 -4.35 31.76
N VAL Q 42 -29.53 -3.59 31.93
CA VAL Q 42 -28.84 -2.94 30.83
C VAL Q 42 -27.34 -3.14 31.04
N SER Q 43 -26.58 -3.15 29.95
CA SER Q 43 -25.16 -3.45 30.05
C SER Q 43 -24.43 -2.84 28.88
N SER Q 44 -23.13 -2.61 29.08
CA SER Q 44 -22.23 -2.13 28.04
C SER Q 44 -20.81 -2.44 28.48
N VAL Q 45 -20.07 -3.15 27.64
CA VAL Q 45 -18.74 -3.64 27.96
C VAL Q 45 -17.73 -2.74 27.26
N THR Q 46 -16.96 -1.99 28.04
CA THR Q 46 -16.01 -1.03 27.51
C THR Q 46 -14.69 -1.06 28.28
N GLN Q 47 -14.24 -2.23 28.72
CA GLN Q 47 -13.01 -2.31 29.48
C GLN Q 47 -12.50 -3.75 29.47
N PRO Q 48 -11.18 -3.97 29.49
CA PRO Q 48 -10.65 -5.34 29.59
C PRO Q 48 -11.20 -6.12 30.78
N GLY Q 49 -10.90 -7.42 30.80
CA GLY Q 49 -11.46 -8.32 31.79
C GLY Q 49 -12.92 -8.66 31.59
N ASP Q 50 -13.62 -7.97 30.70
CA ASP Q 50 -15.04 -8.16 30.49
C ASP Q 50 -15.30 -9.30 29.52
N LEU Q 51 -16.56 -9.73 29.50
CA LEU Q 51 -17.03 -10.86 28.71
C LEU Q 51 -18.00 -10.38 27.65
N ILE Q 52 -17.93 -10.97 26.46
CA ILE Q 52 -18.83 -10.68 25.36
C ILE Q 52 -19.23 -12.00 24.71
N GLY Q 53 -20.16 -11.91 23.78
CA GLY Q 53 -20.76 -13.10 23.19
C GLY Q 53 -21.07 -12.90 21.72
N PHE Q 54 -21.12 -14.02 21.00
CA PHE Q 54 -21.45 -14.04 19.58
C PHE Q 54 -22.46 -15.15 19.33
N ASP Q 55 -23.45 -14.87 18.49
CA ASP Q 55 -24.45 -15.87 18.14
C ASP Q 55 -24.10 -16.50 16.80
N ALA Q 56 -24.19 -17.83 16.75
CA ALA Q 56 -23.85 -18.63 15.58
C ALA Q 56 -25.04 -19.50 15.19
N GLY Q 57 -26.22 -18.89 15.19
CA GLY Q 57 -27.43 -19.59 14.80
C GLY Q 57 -27.95 -20.52 15.86
N ASN Q 58 -27.19 -21.58 16.15
CA ASN Q 58 -27.65 -22.63 17.05
C ASN Q 58 -27.03 -22.56 18.45
N ILE Q 59 -25.95 -21.80 18.64
CA ILE Q 59 -25.22 -21.77 19.90
C ILE Q 59 -24.71 -20.35 20.15
N LEU Q 60 -24.18 -20.13 21.35
CA LEU Q 60 -23.58 -18.86 21.75
C LEU Q 60 -22.13 -19.11 22.13
N VAL Q 61 -21.24 -18.27 21.61
CA VAL Q 61 -19.80 -18.37 21.83
C VAL Q 61 -19.40 -17.24 22.78
N VAL Q 62 -18.59 -17.57 23.78
CA VAL Q 62 -18.27 -16.68 24.88
C VAL Q 62 -16.80 -16.31 24.81
N ALA Q 63 -16.50 -15.01 24.91
CA ALA Q 63 -15.15 -14.52 24.76
C ALA Q 63 -14.84 -13.50 25.86
N ARG Q 64 -13.55 -13.39 26.16
CA ARG Q 64 -13.02 -12.42 27.10
C ARG Q 64 -12.17 -11.40 26.36
N VAL Q 65 -12.26 -10.14 26.79
CA VAL Q 65 -11.52 -9.04 26.17
C VAL Q 65 -10.13 -8.98 26.77
N THR Q 66 -9.15 -8.56 25.97
CA THR Q 66 -7.76 -8.53 26.41
C THR Q 66 -7.08 -7.18 26.20
N ASP Q 67 -7.37 -6.48 25.10
CA ASP Q 67 -6.68 -5.26 24.77
C ASP Q 67 -7.65 -4.26 24.13
N MET Q 68 -7.17 -3.03 23.97
CA MET Q 68 -7.89 -1.98 23.27
C MET Q 68 -6.88 -1.02 22.68
N ALA Q 69 -7.28 -0.32 21.62
CA ALA Q 69 -6.40 0.63 20.97
C ALA Q 69 -7.09 1.41 19.87
N PHE Q 70 -6.38 2.36 19.27
CA PHE Q 70 -6.87 3.16 18.16
C PHE Q 70 -6.61 2.47 16.83
N VAL Q 71 -7.09 3.10 15.76
CA VAL Q 71 -6.79 2.70 14.39
C VAL Q 71 -6.92 1.20 14.21
N ILE Q 89 -13.19 10.60 11.62
CA ILE Q 89 -12.99 10.36 13.03
C ILE Q 89 -12.13 9.09 13.21
N PRO Q 90 -11.17 9.13 14.13
CA PRO Q 90 -10.29 7.97 14.31
C PRO Q 90 -11.07 6.72 14.68
N LEU Q 91 -10.43 5.58 14.46
CA LEU Q 91 -11.02 4.26 14.63
C LEU Q 91 -10.46 3.58 15.87
N ARG Q 92 -11.23 2.63 16.39
CA ARG Q 92 -10.87 1.86 17.57
C ARG Q 92 -11.04 0.37 17.29
N GLN Q 93 -10.32 -0.45 18.04
CA GLN Q 93 -10.34 -1.89 17.87
C GLN Q 93 -10.28 -2.58 19.21
N ILE Q 94 -10.53 -3.90 19.20
CA ILE Q 94 -10.47 -4.73 20.40
C ILE Q 94 -9.80 -6.04 20.01
N ILE Q 95 -9.32 -6.75 21.02
CA ILE Q 95 -8.73 -8.08 20.86
C ILE Q 95 -9.31 -8.98 21.95
N ALA Q 96 -9.56 -10.24 21.61
CA ALA Q 96 -10.30 -11.12 22.51
C ALA Q 96 -9.85 -12.55 22.32
N TYR Q 97 -10.19 -13.38 23.29
CA TYR Q 97 -9.98 -14.81 23.25
C TYR Q 97 -11.29 -15.49 23.64
N ALA Q 98 -11.38 -16.80 23.40
CA ALA Q 98 -12.62 -17.55 23.60
C ALA Q 98 -12.45 -18.53 24.75
N ILE Q 99 -13.55 -18.83 25.44
CA ILE Q 99 -13.47 -19.71 26.60
C ILE Q 99 -14.51 -20.82 26.59
N GLY Q 100 -15.51 -20.71 25.71
CA GLY Q 100 -16.48 -21.79 25.59
C GLY Q 100 -17.74 -21.31 24.89
N PHE Q 101 -18.79 -22.14 25.01
CA PHE Q 101 -20.07 -21.85 24.39
C PHE Q 101 -21.22 -22.30 25.28
N VAL Q 102 -22.40 -21.78 24.98
CA VAL Q 102 -23.63 -22.07 25.71
C VAL Q 102 -24.60 -22.76 24.76
N LYS Q 103 -25.43 -23.65 25.32
CA LYS Q 103 -26.49 -24.27 24.53
C LYS Q 103 -27.59 -24.74 25.46
N ARG Q 104 -28.79 -24.92 24.88
CA ARG Q 104 -29.99 -25.21 25.65
C ARG Q 104 -30.27 -26.71 25.68
N GLU Q 105 -30.59 -27.23 26.85
CA GLU Q 105 -31.26 -28.50 26.98
C GLU Q 105 -32.76 -28.27 26.74
N LEU Q 106 -33.59 -29.26 27.07
CA LEU Q 106 -35.03 -29.13 26.83
C LEU Q 106 -35.59 -27.85 27.45
N ASN Q 107 -35.40 -27.68 28.75
CA ASN Q 107 -35.86 -26.50 29.49
C ASN Q 107 -34.77 -26.01 30.43
N GLY Q 108 -33.55 -25.91 29.93
CA GLY Q 108 -32.43 -25.48 30.73
C GLY Q 108 -31.17 -25.30 29.93
N TYR Q 109 -30.43 -24.22 30.19
CA TYR Q 109 -29.20 -23.94 29.47
C TYR Q 109 -28.02 -24.62 30.15
N VAL Q 110 -26.87 -24.61 29.46
CA VAL Q 110 -25.67 -25.24 29.98
C VAL Q 110 -24.48 -24.67 29.22
N PHE Q 111 -23.31 -24.70 29.87
CA PHE Q 111 -22.10 -24.06 29.38
C PHE Q 111 -20.99 -25.11 29.30
N ILE Q 112 -20.28 -25.14 28.17
CA ILE Q 112 -19.19 -26.09 27.97
C ILE Q 112 -17.96 -25.32 27.51
N SER Q 113 -16.79 -25.81 27.90
CA SER Q 113 -15.55 -25.04 27.87
C SER Q 113 -14.68 -25.22 26.64
N GLU Q 114 -14.99 -26.16 25.73
CA GLU Q 114 -14.07 -26.44 24.63
C GLU Q 114 -13.61 -25.15 23.95
N ASP Q 115 -12.30 -24.88 24.01
CA ASP Q 115 -11.70 -23.64 23.54
C ASP Q 115 -11.15 -23.77 22.12
N TRP Q 116 -11.95 -24.20 21.14
CA TRP Q 116 -11.48 -24.25 19.76
C TRP Q 116 -12.49 -23.78 18.73
N ARG Q 117 -13.75 -23.59 19.09
CA ARG Q 117 -14.72 -22.98 18.18
C ARG Q 117 -14.56 -21.47 18.21
N LEU Q 118 -14.41 -20.88 17.04
CA LEU Q 118 -14.40 -19.44 16.85
C LEU Q 118 -15.63 -18.98 16.09
N PRO Q 119 -15.94 -17.68 16.11
CA PRO Q 119 -17.07 -17.18 15.33
C PRO Q 119 -16.73 -16.94 13.88
N ALA Q 120 -17.68 -16.39 13.12
CA ALA Q 120 -17.54 -16.16 11.70
C ALA Q 120 -17.34 -14.69 11.40
N LEU Q 121 -16.87 -14.41 10.19
CA LEU Q 121 -16.64 -13.04 9.78
C LEU Q 121 -17.97 -12.31 9.63
N GLY Q 122 -18.00 -11.04 10.02
CA GLY Q 122 -19.20 -10.24 10.00
C GLY Q 122 -20.11 -10.40 11.18
N SER Q 123 -19.86 -11.38 12.04
CA SER Q 123 -20.72 -11.64 13.19
C SER Q 123 -20.78 -10.41 14.10
N SER Q 124 -21.80 -10.39 14.96
CA SER Q 124 -22.07 -9.27 15.84
C SER Q 124 -21.76 -9.66 17.28
N ALA Q 125 -21.22 -8.69 18.03
CA ALA Q 125 -20.82 -8.89 19.43
C ALA Q 125 -21.78 -8.16 20.34
N VAL Q 126 -22.31 -8.87 21.33
CA VAL Q 126 -23.28 -8.29 22.26
C VAL Q 126 -22.79 -8.52 23.69
N PRO Q 127 -22.96 -7.56 24.59
CA PRO Q 127 -22.52 -7.77 25.98
C PRO Q 127 -23.49 -8.64 26.75
N LEU Q 128 -22.93 -9.39 27.69
CA LEU Q 128 -23.71 -10.35 28.46
C LEU Q 128 -24.55 -9.65 29.53
N THR Q 129 -25.66 -10.27 29.87
CA THR Q 129 -26.58 -9.79 30.89
C THR Q 129 -26.27 -10.49 32.22
N SER Q 130 -27.15 -10.31 33.19
CA SER Q 130 -26.98 -10.87 34.53
C SER Q 130 -27.56 -12.27 34.67
N ASP Q 131 -28.20 -12.80 33.63
CA ASP Q 131 -28.79 -14.13 33.67
C ASP Q 131 -27.93 -15.18 32.99
N PHE Q 132 -27.03 -14.78 32.10
CA PHE Q 132 -26.09 -15.72 31.51
C PHE Q 132 -24.91 -15.97 32.43
N LEU Q 133 -24.47 -14.94 33.16
CA LEU Q 133 -23.40 -15.11 34.13
C LEU Q 133 -23.78 -16.12 35.20
N ASN Q 134 -25.05 -16.18 35.58
CA ASN Q 134 -25.50 -17.16 36.55
C ASN Q 134 -25.49 -18.57 35.98
N ILE Q 135 -25.47 -18.71 34.65
CA ILE Q 135 -25.33 -20.02 34.03
C ILE Q 135 -23.86 -20.39 33.88
N ILE Q 136 -23.00 -19.38 33.69
CA ILE Q 136 -21.58 -19.63 33.54
C ILE Q 136 -20.95 -20.02 34.86
N TYR Q 137 -21.15 -19.20 35.89
CA TYR Q 137 -20.54 -19.41 37.20
C TYR Q 137 -21.36 -20.31 38.10
N SER Q 138 -22.21 -21.16 37.54
CA SER Q 138 -23.00 -22.09 38.32
C SER Q 138 -22.28 -23.44 38.41
N ILE Q 139 -22.95 -24.42 39.00
CA ILE Q 139 -22.44 -25.77 39.15
C ILE Q 139 -23.48 -26.74 38.60
N ASP Q 140 -23.19 -28.03 38.73
CA ASP Q 140 -24.08 -29.05 38.23
C ASP Q 140 -25.47 -28.93 38.87
N LYS Q 141 -26.43 -29.63 38.28
CA LYS Q 141 -27.80 -29.61 38.78
C LYS Q 141 -28.05 -30.61 39.90
N GLU Q 142 -27.15 -31.58 40.08
CA GLU Q 142 -27.39 -32.71 40.97
C GLU Q 142 -26.65 -32.60 42.31
N GLU Q 143 -25.60 -31.80 42.40
CA GLU Q 143 -24.80 -31.71 43.60
C GLU Q 143 -25.12 -30.49 44.44
N LEU Q 144 -26.20 -29.78 44.13
CA LEU Q 144 -26.65 -28.71 45.01
C LEU Q 144 -26.94 -29.19 46.43
N PRO Q 145 -27.46 -30.40 46.66
CA PRO Q 145 -27.59 -30.90 48.04
C PRO Q 145 -26.33 -30.68 48.86
N LYS Q 146 -25.17 -30.79 48.22
CA LYS Q 146 -23.88 -30.70 48.89
C LYS Q 146 -23.21 -29.35 48.70
N ALA Q 147 -23.98 -28.29 48.49
CA ALA Q 147 -23.45 -26.97 48.16
C ALA Q 147 -23.43 -26.08 49.39
N VAL Q 148 -22.27 -25.49 49.67
CA VAL Q 148 -22.13 -24.45 50.69
C VAL Q 148 -21.72 -23.17 49.98
N GLU Q 149 -22.24 -22.04 50.46
CA GLU Q 149 -21.97 -20.75 49.85
C GLU Q 149 -20.70 -20.15 50.46
N LEU Q 150 -20.03 -19.31 49.67
CA LEU Q 150 -18.77 -18.70 50.09
C LEU Q 150 -18.69 -17.20 49.85
N GLY Q 151 -19.48 -16.63 48.94
CA GLY Q 151 -19.39 -15.20 48.71
C GLY Q 151 -20.12 -14.77 47.45
N VAL Q 152 -19.57 -13.73 46.83
CA VAL Q 152 -20.22 -13.06 45.70
C VAL Q 152 -19.12 -12.56 44.76
N ASP Q 153 -19.48 -12.39 43.49
CA ASP Q 153 -18.51 -11.87 42.54
C ASP Q 153 -18.26 -10.39 42.78
N SER Q 154 -17.10 -9.91 42.33
CA SER Q 154 -16.62 -8.58 42.67
C SER Q 154 -16.93 -7.53 41.62
N ARG Q 155 -16.76 -7.85 40.34
CA ARG Q 155 -16.91 -6.85 39.29
C ARG Q 155 -18.35 -6.36 39.18
N THR Q 156 -19.32 -7.21 39.50
CA THR Q 156 -20.74 -6.87 39.39
C THR Q 156 -21.46 -6.95 40.73
N LYS Q 157 -21.18 -7.98 41.53
CA LYS Q 157 -21.85 -8.19 42.82
C LYS Q 157 -23.33 -8.51 42.63
N THR Q 158 -23.63 -9.34 41.63
CA THR Q 158 -24.97 -9.85 41.38
C THR Q 158 -25.06 -11.36 41.38
N VAL Q 159 -23.95 -12.07 41.20
CA VAL Q 159 -23.92 -13.52 41.11
C VAL Q 159 -23.34 -14.08 42.40
N LYS Q 160 -23.81 -15.26 42.77
CA LYS Q 160 -23.38 -15.94 43.98
C LYS Q 160 -22.59 -17.19 43.62
N ILE Q 161 -21.75 -17.62 44.56
CA ILE Q 161 -20.76 -18.68 44.34
C ILE Q 161 -21.02 -19.79 45.33
N PHE Q 162 -21.00 -21.03 44.85
CA PHE Q 162 -21.16 -22.23 45.66
C PHE Q 162 -19.96 -23.15 45.43
N ALA Q 163 -20.01 -24.32 46.06
CA ALA Q 163 -18.94 -25.31 45.95
C ALA Q 163 -19.38 -26.59 46.64
N SER Q 164 -18.76 -27.70 46.25
CA SER Q 164 -19.13 -29.02 46.72
C SER Q 164 -18.16 -29.49 47.82
N VAL Q 165 -18.72 -29.93 48.94
CA VAL Q 165 -17.91 -30.37 50.07
C VAL Q 165 -17.07 -31.58 49.69
N ASP Q 166 -17.66 -32.53 48.96
CA ASP Q 166 -16.97 -33.77 48.63
C ASP Q 166 -15.87 -33.57 47.60
N LYS Q 167 -15.84 -32.42 46.93
CA LYS Q 167 -14.74 -32.07 46.04
C LYS Q 167 -13.85 -30.99 46.64
N LEU Q 168 -14.21 -30.44 47.79
CA LEU Q 168 -13.45 -29.38 48.44
C LEU Q 168 -12.65 -29.85 49.65
N LEU Q 169 -13.09 -30.91 50.34
CA LEU Q 169 -12.47 -31.32 51.59
C LEU Q 169 -12.03 -32.77 51.61
N SER Q 170 -12.14 -33.49 50.49
CA SER Q 170 -11.61 -34.84 50.44
C SER Q 170 -10.11 -34.86 50.21
N ARG Q 171 -9.54 -33.74 49.77
CA ARG Q 171 -8.11 -33.57 49.59
C ARG Q 171 -7.63 -32.44 50.50
N HIS Q 172 -6.37 -32.05 50.35
CA HIS Q 172 -5.81 -30.96 51.14
C HIS Q 172 -6.14 -29.61 50.49
N LEU Q 173 -6.16 -28.57 51.32
CA LEU Q 173 -6.57 -27.25 50.87
C LEU Q 173 -5.59 -26.21 51.41
N ALA Q 174 -5.29 -25.21 50.58
CA ALA Q 174 -4.31 -24.20 50.91
C ALA Q 174 -4.95 -22.82 51.00
N VAL Q 175 -4.67 -22.11 52.09
CA VAL Q 175 -5.11 -20.74 52.30
C VAL Q 175 -3.86 -19.90 52.54
N LEU Q 176 -3.64 -18.91 51.68
CA LEU Q 176 -2.41 -18.14 51.69
C LEU Q 176 -2.74 -16.65 51.70
N GLY Q 177 -1.91 -15.89 52.40
CA GLY Q 177 -2.07 -14.44 52.38
C GLY Q 177 -1.22 -13.77 53.44
N SER Q 178 -1.29 -12.45 53.42
CA SER Q 178 -0.51 -11.61 54.32
C SER Q 178 -1.27 -11.42 55.63
N THR Q 179 -0.79 -10.51 56.47
CA THR Q 179 -1.37 -10.25 57.78
C THR Q 179 -2.39 -9.13 57.69
N GLY Q 180 -3.58 -9.38 58.23
CA GLY Q 180 -4.62 -8.37 58.21
C GLY Q 180 -5.43 -8.32 56.93
N TYR Q 181 -5.68 -9.47 56.30
CA TYR Q 181 -6.36 -9.50 55.02
C TYR Q 181 -7.49 -10.52 54.93
N GLY Q 182 -7.68 -11.38 55.94
CA GLY Q 182 -8.91 -12.16 56.02
C GLY Q 182 -8.81 -13.67 56.07
N LYS Q 183 -7.70 -14.22 56.57
CA LYS Q 183 -7.56 -15.68 56.59
C LYS Q 183 -8.46 -16.32 57.65
N SER Q 184 -8.47 -15.79 58.87
CA SER Q 184 -9.17 -16.44 59.96
C SER Q 184 -10.69 -16.36 59.79
N ASN Q 185 -11.18 -15.25 59.27
CA ASN Q 185 -12.61 -15.13 58.97
C ASN Q 185 -13.07 -16.27 58.07
N PHE Q 186 -12.31 -16.54 57.00
CA PHE Q 186 -12.67 -17.61 56.08
C PHE Q 186 -12.54 -18.97 56.74
N ASN Q 187 -11.44 -19.19 57.47
CA ASN Q 187 -11.27 -20.45 58.19
C ASN Q 187 -12.45 -20.73 59.11
N ALA Q 188 -13.01 -19.70 59.73
CA ALA Q 188 -14.16 -19.88 60.62
C ALA Q 188 -15.44 -20.12 59.83
N LEU Q 189 -15.69 -19.29 58.82
CA LEU Q 189 -16.86 -19.46 57.97
C LEU Q 189 -17.00 -20.89 57.48
N LEU Q 190 -15.95 -21.38 56.80
CA LEU Q 190 -16.05 -22.70 56.17
C LEU Q 190 -16.38 -23.78 57.19
N THR Q 191 -15.64 -23.83 58.29
CA THR Q 191 -15.83 -24.88 59.28
C THR Q 191 -17.18 -24.79 59.96
N ARG Q 192 -17.60 -23.57 60.32
CA ARG Q 192 -18.90 -23.41 60.96
C ARG Q 192 -20.02 -23.88 60.04
N LYS Q 193 -19.92 -23.59 58.74
CA LYS Q 193 -20.97 -24.04 57.83
C LYS Q 193 -20.94 -25.55 57.67
N VAL Q 194 -19.75 -26.14 57.55
CA VAL Q 194 -19.66 -27.60 57.45
C VAL Q 194 -20.30 -28.26 58.66
N SER Q 195 -20.10 -27.68 59.84
CA SER Q 195 -20.66 -28.27 61.06
C SER Q 195 -22.17 -28.06 61.12
N GLU Q 196 -22.64 -26.86 60.78
CA GLU Q 196 -24.07 -26.60 60.75
C GLU Q 196 -24.78 -27.47 59.73
N LYS Q 197 -24.07 -27.99 58.73
CA LYS Q 197 -24.68 -28.86 57.73
C LYS Q 197 -24.64 -30.34 58.15
N TYR Q 198 -23.44 -30.86 58.44
CA TYR Q 198 -23.30 -32.25 58.86
C TYR Q 198 -23.00 -32.30 60.35
N PRO Q 199 -23.96 -32.67 61.21
CA PRO Q 199 -23.65 -32.80 62.64
C PRO Q 199 -22.90 -34.06 63.00
N ASN Q 200 -22.83 -35.05 62.12
CA ASN Q 200 -22.09 -36.28 62.37
C ASN Q 200 -20.61 -36.15 62.03
N SER Q 201 -20.11 -34.92 61.92
CA SER Q 201 -18.77 -34.65 61.42
C SER Q 201 -17.74 -34.82 62.53
N ARG Q 202 -16.50 -34.41 62.25
CA ARG Q 202 -15.42 -34.42 63.22
C ARG Q 202 -14.40 -33.40 62.77
N ILE Q 203 -13.99 -32.51 63.67
CA ILE Q 203 -13.14 -31.39 63.31
C ILE Q 203 -12.14 -31.13 64.43
N VAL Q 204 -10.90 -30.80 64.05
CA VAL Q 204 -9.85 -30.47 65.00
C VAL Q 204 -9.17 -29.18 64.57
N ILE Q 205 -8.85 -28.33 65.54
CA ILE Q 205 -8.30 -27.00 65.29
C ILE Q 205 -7.08 -26.81 66.18
N PHE Q 206 -5.94 -26.45 65.57
CA PHE Q 206 -4.74 -26.11 66.33
C PHE Q 206 -4.68 -24.60 66.52
N ASP Q 207 -5.36 -24.11 67.56
CA ASP Q 207 -5.43 -22.68 67.83
C ASP Q 207 -4.12 -22.21 68.48
N ILE Q 208 -3.45 -21.26 67.84
CA ILE Q 208 -2.15 -20.78 68.29
C ILE Q 208 -2.26 -19.51 69.13
N ASN Q 209 -3.37 -18.77 69.03
CA ASN Q 209 -3.55 -17.53 69.77
C ASN Q 209 -4.84 -17.48 70.56
N GLY Q 210 -5.63 -18.55 70.59
CA GLY Q 210 -6.84 -18.58 71.36
C GLY Q 210 -7.86 -17.55 70.92
N GLU Q 211 -8.32 -17.63 69.67
CA GLU Q 211 -9.30 -16.69 69.13
C GLU Q 211 -10.42 -17.38 68.37
N TYR Q 212 -10.58 -18.69 68.53
CA TYR Q 212 -11.57 -19.45 67.78
C TYR Q 212 -12.72 -19.96 68.64
N ALA Q 213 -12.66 -19.75 69.96
CA ALA Q 213 -13.73 -20.24 70.83
C ALA Q 213 -15.01 -19.45 70.62
N GLN Q 214 -14.90 -18.13 70.41
CA GLN Q 214 -16.09 -17.30 70.28
C GLN Q 214 -16.96 -17.73 69.10
N ALA Q 215 -16.33 -18.05 67.96
CA ALA Q 215 -17.09 -18.28 66.74
C ALA Q 215 -17.97 -19.53 66.81
N PHE Q 216 -17.73 -20.42 67.78
CA PHE Q 216 -18.45 -21.68 67.86
C PHE Q 216 -19.46 -21.69 69.00
N THR Q 217 -20.01 -20.52 69.33
CA THR Q 217 -21.05 -20.44 70.35
C THR Q 217 -22.42 -20.74 69.74
N GLY Q 218 -23.13 -21.69 70.33
CA GLY Q 218 -24.41 -22.10 69.82
C GLY Q 218 -24.42 -23.39 69.02
N ILE Q 219 -23.45 -24.27 69.23
CA ILE Q 219 -23.33 -25.51 68.45
C ILE Q 219 -23.12 -26.66 69.41
N PRO Q 220 -23.82 -27.77 69.28
CA PRO Q 220 -23.68 -28.87 70.24
C PRO Q 220 -22.30 -29.52 70.18
N ASN Q 221 -22.07 -30.38 71.17
CA ASN Q 221 -20.93 -31.31 71.20
C ASN Q 221 -19.58 -30.62 71.09
N VAL Q 222 -19.52 -29.32 71.33
CA VAL Q 222 -18.23 -28.63 71.30
C VAL Q 222 -17.45 -28.92 72.58
N LYS Q 223 -16.14 -28.70 72.52
CA LYS Q 223 -15.25 -28.98 73.63
C LYS Q 223 -14.16 -27.92 73.64
N HIS Q 224 -13.30 -27.97 74.66
CA HIS Q 224 -12.18 -27.05 74.79
C HIS Q 224 -11.16 -27.67 75.73
N THR Q 225 -9.89 -27.41 75.45
CA THR Q 225 -8.80 -27.92 76.27
C THR Q 225 -7.62 -26.96 76.14
N ILE Q 226 -7.10 -26.52 77.28
CA ILE Q 226 -5.97 -25.60 77.33
C ILE Q 226 -4.77 -26.35 77.87
N LEU Q 227 -3.59 -25.93 77.43
CA LEU Q 227 -2.33 -26.56 77.82
C LEU Q 227 -1.70 -25.74 78.95
N GLY Q 228 -1.63 -26.33 80.13
CA GLY Q 228 -1.05 -25.65 81.27
C GLY Q 228 -1.42 -26.27 82.60
N GLU Q 229 -1.70 -25.42 83.59
CA GLU Q 229 -2.00 -25.89 84.94
C GLU Q 229 -3.32 -25.30 85.42
N LYS Q 238 -17.62 -27.76 85.83
CA LYS Q 238 -17.48 -26.76 84.79
C LYS Q 238 -17.40 -27.42 83.42
N LYS Q 239 -18.45 -28.13 83.04
CA LYS Q 239 -18.49 -28.83 81.76
C LYS Q 239 -19.95 -29.01 81.36
N GLN Q 240 -20.18 -29.80 80.31
CA GLN Q 240 -21.51 -30.06 79.78
C GLN Q 240 -21.60 -31.54 79.44
N GLN Q 241 -22.70 -31.91 78.77
CA GLN Q 241 -22.88 -33.26 78.26
C GLN Q 241 -23.71 -33.18 76.99
N LYS Q 242 -24.16 -34.34 76.51
CA LYS Q 242 -24.86 -34.41 75.23
C LYS Q 242 -25.95 -33.35 75.13
N GLY Q 243 -26.11 -32.81 73.94
CA GLY Q 243 -27.25 -31.95 73.60
C GLY Q 243 -27.12 -30.47 73.86
N GLU Q 244 -26.74 -30.09 75.08
CA GLU Q 244 -26.76 -28.69 75.45
C GLU Q 244 -25.68 -27.90 74.71
N LEU Q 245 -25.99 -26.64 74.43
CA LEU Q 245 -25.13 -25.80 73.60
C LEU Q 245 -23.88 -25.38 74.36
N TYR Q 246 -22.88 -24.95 73.60
CA TYR Q 246 -21.61 -24.50 74.16
C TYR Q 246 -21.63 -22.99 74.37
N SER Q 247 -21.17 -22.55 75.53
CA SER Q 247 -20.98 -21.14 75.82
C SER Q 247 -19.55 -20.91 76.31
N GLU Q 248 -19.07 -19.68 76.16
CA GLU Q 248 -17.67 -19.35 76.35
C GLU Q 248 -17.20 -19.53 77.80
N GLU Q 249 -18.11 -19.89 78.70
CA GLU Q 249 -17.75 -19.96 80.11
C GLU Q 249 -16.84 -21.16 80.40
N TYR Q 250 -17.05 -22.27 79.71
CA TYR Q 250 -16.45 -23.53 80.11
C TYR Q 250 -15.15 -23.80 79.36
N TYR Q 251 -14.30 -24.62 79.96
CA TYR Q 251 -12.99 -24.97 79.42
C TYR Q 251 -12.42 -26.11 80.26
N CYS Q 252 -11.18 -26.49 79.99
CA CYS Q 252 -10.52 -27.59 80.70
C CYS Q 252 -9.02 -27.36 80.65
N TYR Q 253 -8.26 -28.36 81.11
CA TYR Q 253 -6.81 -28.26 81.21
C TYR Q 253 -6.21 -29.64 81.04
N LYS Q 254 -4.98 -29.68 80.52
CA LYS Q 254 -4.30 -30.96 80.30
C LYS Q 254 -2.83 -30.70 80.00
N LYS Q 255 -2.02 -31.72 80.27
CA LYS Q 255 -0.58 -31.73 80.00
C LYS Q 255 -0.26 -32.85 79.02
N ILE Q 256 1.04 -33.01 78.74
CA ILE Q 256 1.53 -34.08 77.86
C ILE Q 256 2.43 -34.99 78.66
N PRO Q 257 2.01 -36.21 79.01
CA PRO Q 257 2.94 -37.14 79.67
C PRO Q 257 4.07 -37.53 78.73
N TYR Q 258 5.31 -37.26 79.16
CA TYR Q 258 6.48 -37.56 78.34
C TYR Q 258 6.59 -39.04 78.00
N GLN Q 259 5.79 -39.90 78.63
CA GLN Q 259 5.79 -41.32 78.29
C GLN Q 259 5.26 -41.59 76.89
N ALA Q 260 4.62 -40.61 76.25
CA ALA Q 260 3.98 -40.80 74.97
C ALA Q 260 4.90 -40.52 73.79
N LEU Q 261 5.82 -39.55 73.94
CA LEU Q 261 6.75 -39.23 72.88
C LEU Q 261 7.34 -40.49 72.26
N GLY Q 262 7.63 -41.48 73.09
CA GLY Q 262 8.07 -42.78 72.62
C GLY Q 262 9.58 -42.87 72.51
N PHE Q 263 10.05 -44.11 72.35
CA PHE Q 263 11.48 -44.39 72.15
C PHE Q 263 12.09 -43.47 71.11
N ALA Q 264 11.54 -43.48 69.90
CA ALA Q 264 12.13 -42.75 68.78
C ALA Q 264 12.10 -41.24 69.01
N GLY Q 265 10.90 -40.68 69.22
CA GLY Q 265 10.79 -39.25 69.43
C GLY Q 265 11.61 -38.76 70.60
N LEU Q 266 11.76 -39.59 71.63
CA LEU Q 266 12.52 -39.19 72.81
C LEU Q 266 14.02 -39.27 72.56
N ILE Q 267 14.45 -40.15 71.65
CA ILE Q 267 15.83 -40.09 71.18
C ILE Q 267 16.05 -38.86 70.32
N LYS Q 268 15.03 -38.45 69.57
CA LYS Q 268 15.18 -37.37 68.59
C LYS Q 268 15.07 -35.98 69.21
N LEU Q 269 14.43 -35.87 70.38
CA LEU Q 269 14.24 -34.56 71.00
C LEU Q 269 15.55 -34.01 71.58
N LEU Q 270 16.44 -34.89 72.01
CA LEU Q 270 17.66 -34.48 72.71
C LEU Q 270 18.89 -34.93 71.95
N ARG Q 271 18.93 -34.60 70.66
CA ARG Q 271 19.85 -35.14 69.66
C ARG Q 271 21.25 -35.38 70.22
N PRO Q 272 21.73 -36.62 70.22
CA PRO Q 272 23.14 -36.87 70.54
C PRO Q 272 24.01 -36.91 69.29
N SER Q 273 25.20 -36.30 69.41
CA SER Q 273 26.18 -36.33 68.32
C SER Q 273 27.56 -36.26 68.95
N ASP Q 274 28.15 -37.43 69.20
CA ASP Q 274 29.47 -37.54 69.83
C ASP Q 274 29.94 -38.99 69.67
N LYS Q 275 31.01 -39.33 70.37
CA LYS Q 275 31.63 -40.64 70.20
C LYS Q 275 30.64 -41.77 70.48
N THR Q 276 30.15 -41.87 71.72
CA THR Q 276 29.41 -43.06 72.14
C THR Q 276 28.22 -42.72 73.04
N GLN Q 277 27.56 -41.60 72.81
CA GLN Q 277 26.40 -41.26 73.63
C GLN Q 277 25.19 -42.13 73.31
N LEU Q 278 25.03 -42.51 72.06
CA LEU Q 278 23.81 -43.14 71.55
C LEU Q 278 23.63 -44.56 72.10
N PRO Q 279 24.68 -45.39 72.11
CA PRO Q 279 24.52 -46.72 72.73
C PRO Q 279 24.15 -46.65 74.20
N ALA Q 280 24.80 -45.75 74.95
CA ALA Q 280 24.47 -45.59 76.35
C ALA Q 280 23.02 -45.17 76.53
N LEU Q 281 22.56 -44.22 75.72
CA LEU Q 281 21.18 -43.75 75.85
C LEU Q 281 20.18 -44.84 75.47
N ARG Q 282 20.53 -45.69 74.50
CA ARG Q 282 19.63 -46.79 74.16
C ARG Q 282 19.58 -47.83 75.27
N ASN Q 283 20.74 -48.18 75.84
CA ASN Q 283 20.76 -49.03 77.01
C ASN Q 283 19.88 -48.47 78.11
N ALA Q 284 19.96 -47.16 78.35
CA ALA Q 284 19.13 -46.53 79.37
C ALA Q 284 17.65 -46.71 79.06
N LEU Q 285 17.22 -46.25 77.88
CA LEU Q 285 15.81 -46.35 77.51
C LEU Q 285 15.30 -47.79 77.53
N SER Q 286 16.17 -48.77 77.33
CA SER Q 286 15.75 -50.17 77.38
C SER Q 286 15.76 -50.73 78.80
N ALA Q 287 16.54 -50.13 79.71
CA ALA Q 287 16.57 -50.53 81.11
C ALA Q 287 15.88 -49.51 82.01
N ILE Q 288 14.92 -48.77 81.46
CA ILE Q 288 14.19 -47.79 82.26
C ILE Q 288 13.29 -48.47 83.28
N ASN Q 289 12.74 -49.65 82.95
CA ASN Q 289 11.69 -50.23 83.79
C ASN Q 289 12.24 -50.66 85.15
N ARG Q 290 13.31 -51.46 85.15
CA ARG Q 290 13.90 -51.92 86.41
C ARG Q 290 14.63 -50.75 87.05
N THR Q 291 13.86 -49.87 87.67
CA THR Q 291 14.40 -48.65 88.26
C THR Q 291 13.41 -48.13 89.29
N HIS Q 292 13.87 -47.91 90.52
CA HIS Q 292 13.04 -47.45 91.62
C HIS Q 292 13.58 -46.13 92.16
N PHE Q 293 12.80 -45.50 93.03
CA PHE Q 293 13.17 -44.20 93.59
C PHE Q 293 12.36 -43.98 94.86
N LYS Q 294 13.05 -43.96 96.01
CA LYS Q 294 12.40 -43.64 97.28
C LYS Q 294 12.69 -42.19 97.68
N SER Q 295 12.26 -41.28 96.81
CA SER Q 295 12.18 -39.85 97.11
C SER Q 295 13.54 -39.18 97.22
N ARG Q 296 14.63 -39.95 97.23
CA ARG Q 296 15.97 -39.41 97.37
C ARG Q 296 16.88 -39.73 96.20
N ASN Q 297 17.00 -41.02 95.85
CA ASN Q 297 17.90 -41.42 94.79
C ASN Q 297 17.40 -42.72 94.17
N ILE Q 298 17.86 -42.98 92.95
CA ILE Q 298 17.48 -44.21 92.26
C ILE Q 298 18.23 -45.40 92.88
N TYR Q 299 17.64 -46.58 92.73
CA TYR Q 299 18.27 -47.79 93.24
C TYR Q 299 17.67 -48.99 92.50
N LEU Q 300 18.30 -50.14 92.71
CA LEU Q 300 17.89 -51.39 92.08
C LEU Q 300 17.76 -52.47 93.15
N GLU Q 301 16.92 -53.46 92.89
CA GLU Q 301 16.71 -54.55 93.83
C GLU Q 301 16.43 -55.83 93.06
N LYS Q 302 16.44 -56.94 93.79
CA LYS Q 302 16.20 -58.26 93.21
C LYS Q 302 15.16 -59.00 94.06
N ASP Q 303 14.95 -60.29 93.77
CA ASP Q 303 13.96 -61.06 94.50
C ASP Q 303 14.25 -61.12 96.00
N ASP Q 304 15.51 -60.97 96.40
CA ASP Q 304 15.85 -60.97 97.81
C ASP Q 304 15.57 -59.61 98.44
N GLY Q 305 16.21 -58.57 97.91
CA GLY Q 305 16.04 -57.22 98.43
C GLY Q 305 17.32 -56.41 98.41
N GLU Q 306 18.45 -57.08 98.18
CA GLU Q 306 19.73 -56.41 98.07
C GLU Q 306 19.64 -55.18 97.18
N THR Q 307 19.98 -54.02 97.74
CA THR Q 307 19.75 -52.74 97.10
C THR Q 307 21.09 -52.08 96.79
N PHE Q 308 21.30 -51.77 95.52
CA PHE Q 308 22.47 -51.01 95.07
C PHE Q 308 22.03 -49.60 94.72
N LEU Q 309 22.91 -48.63 94.98
CA LEU Q 309 22.61 -47.22 94.82
C LEU Q 309 23.54 -46.63 93.76
N LEU Q 310 22.97 -45.87 92.83
CA LEU Q 310 23.73 -45.24 91.77
C LEU Q 310 23.86 -43.76 92.01
N TYR Q 311 24.94 -43.18 91.48
CA TYR Q 311 25.26 -41.77 91.70
C TYR Q 311 25.72 -41.16 90.38
N ASP Q 312 25.80 -39.84 90.37
CA ASP Q 312 26.05 -39.09 89.14
C ASP Q 312 27.52 -38.78 88.92
N ASP Q 313 28.16 -38.14 89.89
CA ASP Q 313 29.49 -37.55 89.67
C ASP Q 313 30.62 -38.52 90.04
N CYS Q 314 30.56 -39.73 89.51
CA CYS Q 314 31.64 -40.70 89.64
C CYS Q 314 32.17 -40.76 91.07
N ARG Q 315 31.28 -41.18 91.98
CA ARG Q 315 31.65 -41.31 93.38
C ARG Q 315 32.50 -42.56 93.57
N ASP Q 316 33.73 -42.38 94.04
CA ASP Q 316 34.55 -43.52 94.41
C ASP Q 316 34.04 -44.11 95.71
N THR Q 317 32.89 -44.77 95.66
CA THR Q 317 32.20 -45.22 96.87
C THR Q 317 31.37 -46.44 96.51
N ASN Q 318 31.78 -47.60 97.02
CA ASN Q 318 31.05 -48.85 96.83
C ASN Q 318 30.94 -49.22 95.35
N GLN Q 319 32.09 -49.17 94.65
CA GLN Q 319 32.18 -49.66 93.29
C GLN Q 319 32.54 -51.14 93.23
N SER Q 320 32.21 -51.89 94.28
CA SER Q 320 32.56 -53.30 94.34
C SER Q 320 31.87 -54.10 93.23
N LYS Q 321 30.54 -54.11 93.25
CA LYS Q 321 29.76 -54.92 92.32
C LYS Q 321 29.15 -54.10 91.20
N LEU Q 322 29.64 -52.88 90.96
CA LEU Q 322 29.11 -52.07 89.86
C LEU Q 322 29.43 -52.72 88.51
N ALA Q 323 30.62 -53.32 88.39
CA ALA Q 323 31.00 -53.94 87.13
C ALA Q 323 30.13 -55.14 86.80
N GLU Q 324 29.48 -55.74 87.81
CA GLU Q 324 28.71 -56.96 87.63
C GLU Q 324 27.21 -56.76 87.74
N TRP Q 325 26.74 -55.62 88.26
CA TRP Q 325 25.31 -55.37 88.34
C TRP Q 325 24.72 -55.17 86.95
N LEU Q 326 25.35 -54.32 86.14
CA LEU Q 326 24.85 -54.09 84.79
C LEU Q 326 24.84 -55.36 83.96
N ASP Q 327 25.67 -56.34 84.30
CA ASP Q 327 25.59 -57.63 83.61
C ASP Q 327 24.23 -58.27 83.81
N LEU Q 328 23.81 -58.42 85.07
CA LEU Q 328 22.48 -58.95 85.35
C LEU Q 328 21.41 -58.07 84.74
N LEU Q 329 21.59 -56.76 84.78
CA LEU Q 329 20.59 -55.85 84.22
C LEU Q 329 20.39 -56.11 82.74
N ARG Q 330 21.48 -56.25 81.98
CA ARG Q 330 21.37 -56.54 80.56
C ARG Q 330 20.85 -57.95 80.31
N ARG Q 331 21.16 -58.89 81.21
CA ARG Q 331 20.73 -60.27 81.04
C ARG Q 331 19.30 -60.50 81.48
N ARG Q 332 18.64 -59.50 82.08
CA ARG Q 332 17.23 -59.58 82.44
C ARG Q 332 16.99 -60.69 83.46
N ARG Q 333 17.64 -60.54 84.62
CA ARG Q 333 17.48 -61.49 85.72
C ARG Q 333 17.23 -60.78 87.05
N LEU Q 334 16.84 -59.50 87.00
CA LEU Q 334 16.59 -58.71 88.20
C LEU Q 334 15.08 -58.43 88.31
N LYS Q 335 14.72 -57.62 89.30
CA LYS Q 335 13.33 -57.42 89.68
C LYS Q 335 12.78 -56.14 89.04
N ARG Q 336 11.52 -56.22 88.60
CA ARG Q 336 10.87 -55.15 87.86
C ARG Q 336 9.85 -54.42 88.74
N THR Q 337 9.54 -53.19 88.35
CA THR Q 337 8.59 -52.34 89.06
C THR Q 337 7.32 -52.19 88.24
N ASN Q 338 6.36 -51.43 88.79
CA ASN Q 338 5.08 -51.22 88.14
C ASN Q 338 4.64 -49.76 88.20
N VAL Q 339 5.59 -48.83 88.23
CA VAL Q 339 5.29 -47.41 88.24
C VAL Q 339 6.25 -46.67 87.32
N TRP Q 340 5.79 -45.52 86.84
CA TRP Q 340 6.56 -44.70 85.90
C TRP Q 340 7.46 -43.75 86.69
N PRO Q 341 8.77 -43.97 86.72
CA PRO Q 341 9.64 -43.07 87.48
C PRO Q 341 9.76 -41.71 86.81
N PRO Q 342 10.54 -40.80 87.39
CA PRO Q 342 10.65 -39.44 86.81
C PRO Q 342 11.48 -39.41 85.55
N PHE Q 343 11.73 -38.20 85.04
CA PHE Q 343 12.49 -38.00 83.81
C PHE Q 343 13.98 -37.83 84.06
N LYS Q 344 14.38 -37.49 85.29
CA LYS Q 344 15.77 -37.18 85.59
C LYS Q 344 16.63 -38.41 85.85
N SER Q 345 16.03 -39.61 85.86
CA SER Q 345 16.82 -40.82 86.07
C SER Q 345 17.71 -41.14 84.88
N LEU Q 346 17.45 -40.51 83.72
CA LEU Q 346 18.20 -40.83 82.52
C LEU Q 346 19.67 -40.45 82.65
N ALA Q 347 19.96 -39.26 83.18
CA ALA Q 347 21.36 -38.85 83.34
C ALA Q 347 22.11 -39.77 84.29
N THR Q 348 21.47 -40.16 85.39
CA THR Q 348 22.10 -41.04 86.36
C THR Q 348 22.27 -42.46 85.85
N LEU Q 349 21.42 -42.90 84.92
CA LEU Q 349 21.63 -44.18 84.26
C LEU Q 349 22.65 -44.09 83.14
N VAL Q 350 22.84 -42.90 82.56
CA VAL Q 350 23.80 -42.74 81.47
C VAL Q 350 25.22 -42.63 81.99
N ALA Q 351 25.40 -41.94 83.12
CA ALA Q 351 26.75 -41.80 83.68
C ALA Q 351 27.32 -43.16 84.06
N GLU Q 352 26.53 -43.99 84.74
CA GLU Q 352 26.99 -45.31 85.14
C GLU Q 352 27.46 -46.15 83.96
N PHE Q 353 26.87 -45.93 82.79
CA PHE Q 353 27.30 -46.66 81.60
C PHE Q 353 28.52 -46.00 80.95
N GLY Q 354 28.56 -44.66 80.97
CA GLY Q 354 29.67 -43.96 80.35
C GLY Q 354 30.99 -44.20 81.05
N CYS Q 355 30.95 -44.29 82.38
CA CYS Q 355 32.18 -44.55 83.14
C CYS Q 355 32.70 -45.96 82.84
N SER Q 364 37.12 -52.86 89.51
CA SER Q 364 35.84 -52.24 89.18
C SER Q 364 35.80 -50.81 89.71
N LYS Q 365 36.14 -49.86 88.85
CA LYS Q 365 36.22 -48.45 89.21
C LYS Q 365 35.30 -47.62 88.33
N ARG Q 366 35.04 -46.40 88.78
CA ARG Q 366 34.36 -45.39 87.98
C ARG Q 366 35.44 -44.45 87.44
N ASP Q 367 35.75 -44.61 86.15
CA ASP Q 367 36.84 -43.85 85.54
C ASP Q 367 36.31 -42.50 85.07
N ALA Q 368 36.94 -41.43 85.56
CA ALA Q 368 36.48 -40.06 85.25
C ALA Q 368 36.59 -39.72 83.78
N PHE Q 369 37.27 -40.53 82.97
CA PHE Q 369 37.47 -40.21 81.56
C PHE Q 369 36.37 -40.74 80.66
N GLY Q 370 35.56 -41.68 81.14
CA GLY Q 370 34.39 -42.13 80.39
C GLY Q 370 33.29 -41.09 80.43
N PHE Q 371 33.00 -40.60 81.63
CA PHE Q 371 32.08 -39.49 81.83
C PHE Q 371 32.36 -38.36 80.85
N SER Q 372 33.64 -38.17 80.50
CA SER Q 372 34.05 -37.14 79.55
C SER Q 372 33.60 -37.45 78.12
N ASN Q 373 32.94 -38.58 77.88
CA ASN Q 373 32.41 -38.91 76.56
C ASN Q 373 30.91 -38.67 76.46
N VAL Q 374 30.23 -38.41 77.58
CA VAL Q 374 28.78 -38.21 77.59
C VAL Q 374 28.37 -36.97 78.36
N LEU Q 375 29.32 -36.23 78.94
CA LEU Q 375 29.04 -35.03 79.72
C LEU Q 375 27.98 -34.14 79.06
N PRO Q 376 28.04 -33.93 77.73
CA PRO Q 376 27.02 -33.07 77.10
C PRO Q 376 25.58 -33.51 77.36
N LEU Q 377 25.27 -34.78 77.08
CA LEU Q 377 23.90 -35.27 77.31
C LEU Q 377 23.42 -34.92 78.71
N VAL Q 378 24.27 -35.16 79.71
CA VAL Q 378 23.92 -34.83 81.09
C VAL Q 378 23.52 -33.37 81.20
N LYS Q 379 24.32 -32.49 80.58
CA LYS Q 379 24.05 -31.06 80.69
C LYS Q 379 22.74 -30.70 80.02
N ILE Q 380 22.45 -31.28 78.85
CA ILE Q 380 21.20 -30.96 78.16
C ILE Q 380 20.01 -31.40 79.01
N ILE Q 381 20.08 -32.62 79.55
CA ILE Q 381 18.96 -33.13 80.35
C ILE Q 381 18.76 -32.29 81.59
N GLN Q 382 19.85 -31.98 82.30
CA GLN Q 382 19.75 -31.21 83.53
C GLN Q 382 19.39 -29.75 83.28
N GLN Q 383 19.61 -29.26 82.07
CA GLN Q 383 19.23 -27.88 81.72
C GLN Q 383 17.80 -27.79 81.22
N LEU Q 384 17.24 -28.88 80.72
CA LEU Q 384 15.83 -28.90 80.37
C LEU Q 384 14.95 -29.19 81.58
N ALA Q 385 15.30 -30.21 82.37
CA ALA Q 385 14.48 -30.57 83.52
C ALA Q 385 14.42 -29.47 84.57
N GLU Q 386 15.30 -28.46 84.49
CA GLU Q 386 15.27 -27.33 85.41
C GLU Q 386 14.56 -26.11 84.83
N ASP Q 387 14.02 -26.22 83.62
CA ASP Q 387 13.37 -25.09 82.98
C ASP Q 387 11.95 -24.91 83.52
N ILE Q 388 11.42 -23.72 83.31
CA ILE Q 388 10.10 -23.36 83.82
C ILE Q 388 9.04 -23.38 82.72
N ARG Q 389 9.41 -23.10 81.47
CA ARG Q 389 8.46 -23.20 80.37
C ARG Q 389 8.27 -24.64 79.92
N PHE Q 390 9.35 -25.40 79.85
CA PHE Q 390 9.31 -26.82 79.53
C PHE Q 390 8.82 -27.68 80.68
N LYS Q 391 8.36 -27.07 81.77
CA LYS Q 391 7.82 -27.81 82.90
C LYS Q 391 6.38 -27.47 83.21
N SER Q 392 5.90 -26.28 82.85
CA SER Q 392 4.48 -25.99 82.90
C SER Q 392 3.70 -26.70 81.81
N ILE Q 393 4.38 -27.43 80.91
CA ILE Q 393 3.74 -28.02 79.74
C ILE Q 393 3.93 -29.52 79.64
N VAL Q 394 4.96 -30.10 80.24
CA VAL Q 394 5.15 -31.55 80.26
C VAL Q 394 5.14 -32.02 81.71
N ASN Q 395 4.77 -33.28 81.90
CA ASN Q 395 4.70 -33.90 83.21
C ASN Q 395 5.94 -34.78 83.37
N LEU Q 396 6.99 -34.19 83.96
CA LEU Q 396 8.27 -34.87 84.14
C LEU Q 396 8.39 -35.57 85.48
N ASN Q 397 7.28 -35.99 86.07
CA ASN Q 397 7.27 -36.59 87.40
C ASN Q 397 6.91 -38.06 87.41
N GLY Q 398 6.14 -38.54 86.44
CA GLY Q 398 5.75 -39.94 86.45
C GLY Q 398 4.79 -40.23 87.59
N GLY Q 399 4.96 -41.41 88.18
CA GLY Q 399 4.14 -41.83 89.30
C GLY Q 399 2.95 -42.71 88.92
N GLY Q 400 2.49 -42.63 87.67
CA GLY Q 400 1.41 -43.48 87.23
C GLY Q 400 1.82 -44.93 87.18
N GLU Q 401 0.84 -45.79 86.89
CA GLU Q 401 1.08 -47.23 86.84
C GLU Q 401 1.76 -47.62 85.54
N LEU Q 402 2.55 -48.69 85.61
CA LEU Q 402 3.18 -49.29 84.44
C LEU Q 402 2.45 -50.58 84.07
N ALA Q 403 2.47 -50.90 82.78
CA ALA Q 403 1.80 -52.08 82.26
C ALA Q 403 2.75 -53.28 82.34
N ASP Q 404 2.35 -54.38 81.70
CA ASP Q 404 3.12 -55.61 81.72
C ASP Q 404 3.14 -56.19 80.31
N GLY Q 405 3.94 -57.23 80.11
CA GLY Q 405 4.00 -57.93 78.84
C GLY Q 405 4.94 -57.32 77.82
N GLY Q 406 5.87 -56.47 78.25
CA GLY Q 406 6.75 -55.81 77.31
C GLY Q 406 6.08 -54.76 76.45
N THR Q 407 4.90 -54.30 76.85
CA THR Q 407 4.08 -53.37 76.05
C THR Q 407 3.55 -52.29 76.98
N HIS Q 408 4.28 -51.18 77.08
CA HIS Q 408 3.81 -50.03 77.84
C HIS Q 408 3.90 -48.75 77.01
N TRP Q 409 4.92 -48.65 76.16
CA TRP Q 409 5.02 -47.51 75.25
C TRP Q 409 3.79 -47.42 74.35
N ASP Q 410 3.36 -48.56 73.80
CA ASP Q 410 2.23 -48.56 72.88
C ASP Q 410 0.97 -48.08 73.56
N LYS Q 411 0.72 -48.58 74.78
CA LYS Q 411 -0.47 -48.17 75.52
C LYS Q 411 -0.41 -46.69 75.87
N ALA Q 412 0.74 -46.23 76.37
CA ALA Q 412 0.87 -44.83 76.76
C ALA Q 412 0.70 -43.90 75.58
N MET Q 413 1.08 -44.34 74.38
CA MET Q 413 0.91 -43.50 73.20
C MET Q 413 -0.52 -43.56 72.68
N SER Q 414 -1.13 -44.75 72.69
CA SER Q 414 -2.47 -44.92 72.12
C SER Q 414 -3.52 -44.20 72.96
N ASP Q 415 -3.50 -44.42 74.27
CA ASP Q 415 -4.53 -43.79 75.11
C ASP Q 415 -4.37 -42.27 75.11
N GLU Q 416 -3.18 -41.78 74.81
CA GLU Q 416 -2.97 -40.34 74.72
C GLU Q 416 -3.46 -39.78 73.40
N VAL Q 417 -3.18 -40.47 72.29
CA VAL Q 417 -3.67 -40.02 70.99
C VAL Q 417 -5.20 -40.06 70.97
N ASP Q 418 -5.79 -41.02 71.68
CA ASP Q 418 -7.24 -41.16 71.67
C ASP Q 418 -7.95 -39.99 72.33
N TYR Q 419 -7.24 -39.18 73.12
CA TYR Q 419 -7.84 -38.00 73.71
C TYR Q 419 -7.69 -36.76 72.84
N PHE Q 420 -6.68 -36.72 71.98
CA PHE Q 420 -6.40 -35.55 71.16
C PHE Q 420 -7.04 -35.63 69.77
N PHE Q 421 -6.86 -36.75 69.06
CA PHE Q 421 -7.28 -36.84 67.67
C PHE Q 421 -8.46 -37.80 67.48
N GLY Q 422 -9.37 -37.83 68.45
CA GLY Q 422 -10.55 -38.67 68.33
C GLY Q 422 -10.31 -40.09 68.81
N LYS Q 423 -11.36 -40.90 68.70
CA LYS Q 423 -11.34 -42.28 69.14
C LYS Q 423 -11.71 -43.20 67.99
N GLU Q 424 -11.40 -44.48 68.17
CA GLU Q 424 -11.71 -45.49 67.16
C GLU Q 424 -13.15 -45.37 66.70
N LYS Q 425 -13.40 -45.72 65.44
CA LYS Q 425 -14.77 -45.81 64.95
C LYS Q 425 -15.38 -47.13 65.37
N GLY Q 426 -16.67 -47.11 65.68
CA GLY Q 426 -17.34 -48.21 66.33
C GLY Q 426 -17.43 -48.07 67.83
N GLN Q 427 -16.62 -47.19 68.41
CA GLN Q 427 -16.68 -46.86 69.83
C GLN Q 427 -17.26 -45.47 70.00
N GLU Q 428 -17.96 -45.26 71.11
CA GLU Q 428 -18.73 -44.04 71.31
C GLU Q 428 -17.82 -42.92 71.78
N ASN Q 429 -17.71 -41.87 70.98
CA ASN Q 429 -17.07 -40.62 71.36
C ASN Q 429 -18.14 -39.56 71.58
N ASP Q 430 -17.81 -38.57 72.40
CA ASP Q 430 -18.79 -37.55 72.77
C ASP Q 430 -18.73 -36.33 71.86
N TRP Q 431 -17.57 -35.66 71.83
CA TRP Q 431 -17.45 -34.43 71.08
C TRP Q 431 -17.33 -34.69 69.58
N ASN Q 432 -17.63 -33.65 68.81
CA ASN Q 432 -17.43 -33.66 67.36
C ASN Q 432 -16.60 -32.49 66.87
N VAL Q 433 -16.48 -31.42 67.65
CA VAL Q 433 -15.55 -30.34 67.39
C VAL Q 433 -14.53 -30.34 68.51
N HIS Q 434 -13.28 -30.02 68.17
CA HIS Q 434 -12.23 -29.97 69.18
C HIS Q 434 -11.29 -28.82 68.86
N ILE Q 435 -11.16 -27.90 69.82
CA ILE Q 435 -10.25 -26.78 69.74
C ILE Q 435 -9.10 -27.06 70.70
N VAL Q 436 -7.88 -26.68 70.30
CA VAL Q 436 -6.73 -26.85 71.19
C VAL Q 436 -5.96 -25.54 71.20
N ASN Q 437 -6.06 -24.80 72.30
CA ASN Q 437 -5.39 -23.51 72.46
C ASN Q 437 -4.00 -23.72 73.03
N MET Q 438 -3.00 -23.14 72.40
CA MET Q 438 -1.60 -23.28 72.83
C MET Q 438 -0.94 -21.92 72.93
N LYS Q 439 -1.59 -21.00 73.64
CA LYS Q 439 -1.00 -19.68 73.87
C LYS Q 439 0.15 -19.74 74.88
N ASN Q 440 0.07 -20.65 75.85
CA ASN Q 440 1.05 -20.76 76.92
C ASN Q 440 2.27 -21.59 76.52
N LEU Q 441 2.49 -21.78 75.22
CA LEU Q 441 3.64 -22.52 74.71
C LEU Q 441 4.54 -21.54 73.98
N ALA Q 442 5.77 -21.39 74.47
CA ALA Q 442 6.68 -20.39 73.93
C ALA Q 442 6.99 -20.68 72.47
N GLN Q 443 7.68 -19.72 71.84
CA GLN Q 443 8.07 -19.83 70.45
C GLN Q 443 9.39 -20.56 70.26
N ASP Q 444 9.79 -21.38 71.24
CA ASP Q 444 11.04 -22.11 71.20
C ASP Q 444 10.84 -23.62 71.24
N HIS Q 445 9.60 -24.08 71.35
CA HIS Q 445 9.30 -25.49 71.57
C HIS Q 445 8.25 -26.06 70.63
N ALA Q 446 7.46 -25.21 69.96
CA ALA Q 446 6.38 -25.72 69.13
C ALA Q 446 6.86 -26.70 68.08
N PRO Q 447 7.96 -26.47 67.36
CA PRO Q 447 8.42 -27.48 66.40
C PRO Q 447 8.52 -28.87 67.00
N MET Q 448 9.35 -28.98 68.04
CA MET Q 448 9.64 -30.29 68.62
C MET Q 448 8.41 -30.92 69.24
N LEU Q 449 7.52 -30.10 69.81
CA LEU Q 449 6.30 -30.66 70.40
C LEU Q 449 5.34 -31.17 69.32
N LEU Q 450 4.94 -30.27 68.42
CA LEU Q 450 3.86 -30.58 67.49
C LEU Q 450 4.28 -31.61 66.44
N SER Q 451 5.54 -31.58 66.00
CA SER Q 451 5.99 -32.58 65.03
C SER Q 451 5.75 -34.00 65.55
N ALA Q 452 6.17 -34.26 66.79
CA ALA Q 452 5.92 -35.56 67.39
C ALA Q 452 4.43 -35.78 67.61
N LEU Q 453 3.72 -34.74 68.03
CA LEU Q 453 2.27 -34.86 68.20
C LEU Q 453 1.61 -35.40 66.93
N LEU Q 454 2.15 -35.03 65.76
CA LEU Q 454 1.57 -35.48 64.49
C LEU Q 454 2.09 -36.86 64.08
N GLU Q 455 3.37 -37.12 64.31
CA GLU Q 455 3.93 -38.42 63.98
C GLU Q 455 3.23 -39.54 64.77
N MET Q 456 2.85 -39.26 66.01
CA MET Q 456 2.11 -40.24 66.79
C MET Q 456 0.76 -40.54 66.14
N PHE Q 457 0.06 -39.51 65.66
CA PHE Q 457 -1.16 -39.70 64.91
C PHE Q 457 -0.94 -40.65 63.73
N ALA Q 458 0.08 -40.34 62.92
CA ALA Q 458 0.35 -41.15 61.73
C ALA Q 458 0.62 -42.61 62.11
N GLU Q 459 1.40 -42.84 63.17
CA GLU Q 459 1.78 -44.19 63.53
C GLU Q 459 0.63 -44.95 64.19
N ILE Q 460 -0.32 -44.25 64.80
CA ILE Q 460 -1.52 -44.93 65.28
C ILE Q 460 -2.43 -45.27 64.10
N LEU Q 461 -2.45 -44.43 63.07
CA LEU Q 461 -3.31 -44.70 61.93
C LEU Q 461 -2.83 -45.90 61.13
N PHE Q 462 -1.51 -46.02 60.92
CA PHE Q 462 -1.02 -47.14 60.13
C PHE Q 462 -1.62 -48.46 60.61
N ARG Q 463 -1.76 -48.62 61.92
CA ARG Q 463 -2.27 -49.86 62.49
C ARG Q 463 -3.77 -49.82 62.77
N ARG Q 464 -4.36 -48.64 62.93
CA ARG Q 464 -5.81 -48.56 62.89
C ARG Q 464 -6.34 -49.14 61.59
N GLY Q 465 -5.62 -48.89 60.49
CA GLY Q 465 -5.92 -49.55 59.24
C GLY Q 465 -6.97 -48.84 58.41
N GLN Q 466 -7.32 -49.48 57.29
CA GLN Q 466 -8.31 -48.91 56.39
C GLN Q 466 -9.73 -49.15 56.86
N GLU Q 467 -9.95 -50.18 57.67
CA GLU Q 467 -11.29 -50.51 58.13
C GLU Q 467 -11.71 -49.65 59.32
N ARG Q 468 -10.87 -49.57 60.34
CA ARG Q 468 -11.20 -48.89 61.59
C ARG Q 468 -10.73 -47.43 61.59
N SER Q 469 -11.14 -46.67 60.58
CA SER Q 469 -10.74 -45.27 60.45
C SER Q 469 -11.96 -44.40 60.27
N TYR Q 470 -11.97 -43.25 60.93
CA TYR Q 470 -13.06 -42.30 60.85
C TYR Q 470 -12.57 -40.99 60.24
N PRO Q 471 -13.28 -40.45 59.25
CA PRO Q 471 -12.86 -39.16 58.65
C PRO Q 471 -12.50 -38.10 59.68
N THR Q 472 -11.53 -37.24 59.34
CA THR Q 472 -11.14 -36.14 60.21
C THR Q 472 -10.66 -34.99 59.35
N VAL Q 473 -10.81 -33.78 59.88
CA VAL Q 473 -10.44 -32.55 59.20
C VAL Q 473 -9.66 -31.69 60.18
N LEU Q 474 -8.39 -31.46 59.88
CA LEU Q 474 -7.51 -30.65 60.72
C LEU Q 474 -7.39 -29.25 60.14
N LEU Q 475 -7.27 -28.27 61.03
CA LEU Q 475 -6.94 -26.90 60.66
C LEU Q 475 -5.62 -26.52 61.29
N LEU Q 476 -4.65 -26.17 60.44
CA LEU Q 476 -3.30 -25.79 60.86
C LEU Q 476 -3.07 -24.33 60.51
N GLU Q 477 -2.69 -23.54 61.51
CA GLU Q 477 -2.43 -22.12 61.37
C GLU Q 477 -0.93 -21.87 61.43
N GLU Q 478 -0.45 -20.98 60.57
CA GLU Q 478 0.96 -20.59 60.51
C GLU Q 478 1.86 -21.81 60.67
N ALA Q 479 1.69 -22.74 59.74
CA ALA Q 479 2.37 -24.03 59.80
C ALA Q 479 3.82 -23.97 59.33
N HIS Q 480 4.32 -22.80 58.94
CA HIS Q 480 5.73 -22.71 58.57
C HIS Q 480 6.64 -22.80 59.77
N HIS Q 481 6.09 -22.80 60.99
CA HIS Q 481 6.89 -22.90 62.20
C HIS Q 481 7.15 -24.34 62.62
N TYR Q 482 6.25 -25.26 62.26
CA TYR Q 482 6.35 -26.63 62.75
C TYR Q 482 6.06 -27.69 61.70
N LEU Q 483 5.84 -27.31 60.44
CA LEU Q 483 5.63 -28.28 59.36
C LEU Q 483 6.85 -28.41 58.46
N ARG Q 484 8.04 -28.06 58.97
CA ARG Q 484 9.27 -28.17 58.21
C ARG Q 484 9.67 -29.63 58.03
N TYR Q 497 9.74 -37.13 57.71
CA TYR Q 497 9.23 -36.24 58.75
C TYR Q 497 7.93 -35.56 58.30
N GLU Q 498 7.49 -35.86 57.08
CA GLU Q 498 6.28 -35.26 56.52
C GLU Q 498 5.47 -36.33 55.80
N ARG Q 499 5.34 -37.51 56.40
CA ARG Q 499 4.65 -38.63 55.76
C ARG Q 499 3.14 -38.61 56.03
N LEU Q 500 2.67 -37.78 56.96
CA LEU Q 500 1.24 -37.63 57.16
C LEU Q 500 0.58 -37.02 55.92
N ALA Q 501 1.13 -35.91 55.43
CA ALA Q 501 0.60 -35.30 54.22
C ALA Q 501 0.51 -36.30 53.07
N LYS Q 502 1.44 -37.26 53.02
CA LYS Q 502 1.45 -38.24 51.94
C LYS Q 502 0.40 -39.32 52.15
N GLU Q 503 0.43 -40.00 53.32
CA GLU Q 503 -0.44 -41.12 53.58
C GLU Q 503 -1.72 -40.74 54.31
N GLY Q 504 -2.17 -39.49 54.19
CA GLY Q 504 -3.45 -39.09 54.75
C GLY Q 504 -4.65 -39.52 53.92
N ARG Q 505 -4.68 -39.14 52.64
CA ARG Q 505 -5.78 -39.56 51.77
C ARG Q 505 -6.02 -41.05 51.89
N LYS Q 506 -4.94 -41.83 51.98
CA LYS Q 506 -5.07 -43.26 52.25
C LYS Q 506 -5.92 -43.50 53.50
N PHE Q 507 -5.46 -42.99 54.63
CA PHE Q 507 -6.15 -43.21 55.91
C PHE Q 507 -7.10 -42.07 56.26
N LYS Q 508 -7.93 -41.68 55.29
CA LYS Q 508 -9.16 -40.92 55.53
C LYS Q 508 -8.94 -39.74 56.49
N CYS Q 509 -8.19 -38.76 56.00
CA CYS Q 509 -8.00 -37.51 56.74
C CYS Q 509 -7.79 -36.37 55.74
N SER Q 510 -7.99 -35.14 56.22
CA SER Q 510 -7.81 -33.99 55.35
C SER Q 510 -7.29 -32.80 56.17
N LEU Q 511 -6.67 -31.88 55.46
CA LEU Q 511 -5.93 -30.77 56.06
C LEU Q 511 -6.28 -29.45 55.39
N ILE Q 512 -6.48 -28.43 56.20
CA ILE Q 512 -6.48 -27.04 55.77
C ILE Q 512 -5.21 -26.38 56.29
N VAL Q 513 -4.43 -25.79 55.38
CA VAL Q 513 -3.11 -25.26 55.68
C VAL Q 513 -3.16 -23.77 55.44
N SER Q 514 -3.06 -22.96 56.51
CA SER Q 514 -3.11 -21.51 56.41
C SER Q 514 -1.73 -20.93 56.68
N THR Q 515 -1.34 -19.93 55.89
CA THR Q 515 -0.05 -19.28 56.19
C THR Q 515 0.16 -18.04 55.33
N GLN Q 516 1.31 -17.41 55.57
CA GLN Q 516 1.74 -16.20 54.88
C GLN Q 516 3.14 -16.30 54.30
N ARG Q 517 3.93 -17.30 54.69
CA ARG Q 517 5.29 -17.51 54.20
C ARG Q 517 5.31 -18.83 53.43
N PRO Q 518 4.76 -18.85 52.21
CA PRO Q 518 4.74 -20.10 51.45
C PRO Q 518 6.09 -20.51 50.89
N SER Q 519 7.15 -19.77 51.23
CA SER Q 519 8.50 -20.10 50.79
C SER Q 519 9.29 -20.89 51.83
N GLU Q 520 8.69 -21.21 52.97
CA GLU Q 520 9.32 -22.02 53.98
C GLU Q 520 8.78 -23.44 54.02
N LEU Q 521 7.78 -23.75 53.20
CA LEU Q 521 7.24 -25.09 53.07
C LEU Q 521 8.01 -25.87 52.01
N SER Q 522 7.92 -27.18 52.08
CA SER Q 522 8.51 -28.01 51.05
C SER Q 522 7.69 -27.90 49.76
N PRO Q 523 8.34 -27.82 48.59
CA PRO Q 523 7.60 -27.61 47.35
C PRO Q 523 6.85 -28.84 46.84
N THR Q 524 6.72 -29.88 47.65
CA THR Q 524 5.88 -31.02 47.31
C THR Q 524 4.56 -31.04 48.06
N VAL Q 525 4.49 -30.42 49.24
CA VAL Q 525 3.22 -30.27 49.93
C VAL Q 525 2.22 -29.53 49.05
N LEU Q 526 2.59 -28.33 48.61
CA LEU Q 526 1.72 -27.56 47.73
C LEU Q 526 1.34 -28.34 46.48
N ALA Q 527 2.25 -29.15 45.96
CA ALA Q 527 1.93 -29.99 44.82
C ALA Q 527 0.89 -31.04 45.18
N MET Q 528 0.96 -31.58 46.39
CA MET Q 528 -0.05 -32.52 46.87
C MET Q 528 -1.37 -31.83 47.19
N CYS Q 529 -1.39 -30.51 47.29
CA CYS Q 529 -2.64 -29.79 47.48
C CYS Q 529 -3.39 -29.68 46.16
N SER Q 530 -4.71 -29.58 46.25
CA SER Q 530 -5.57 -29.62 45.07
C SER Q 530 -6.55 -28.46 44.99
N ASN Q 531 -6.48 -27.51 45.93
CA ASN Q 531 -7.37 -26.35 45.90
C ASN Q 531 -6.68 -25.19 46.60
N TRP Q 532 -6.70 -24.03 45.95
CA TRP Q 532 -5.89 -22.88 46.34
C TRP Q 532 -6.79 -21.67 46.53
N PHE Q 533 -6.69 -21.04 47.70
CA PHE Q 533 -7.26 -19.74 47.99
C PHE Q 533 -6.12 -18.80 48.35
N SER Q 534 -5.98 -17.72 47.61
CA SER Q 534 -4.86 -16.80 47.75
C SER Q 534 -5.37 -15.37 47.86
N LEU Q 535 -5.02 -14.72 48.96
CA LEU Q 535 -5.21 -13.28 49.11
C LEU Q 535 -3.91 -12.57 48.72
N ARG Q 536 -3.82 -11.29 49.05
CA ARG Q 536 -2.69 -10.46 48.63
C ARG Q 536 -1.35 -11.10 49.03
N LEU Q 537 -0.34 -10.82 48.23
CA LEU Q 537 1.04 -11.26 48.49
C LEU Q 537 1.97 -10.32 47.73
N THR Q 538 2.91 -9.70 48.44
CA THR Q 538 3.75 -8.66 47.85
C THR Q 538 5.21 -9.06 47.69
N ASN Q 539 5.73 -9.93 48.54
CA ASN Q 539 7.11 -10.37 48.43
C ASN Q 539 7.34 -11.10 47.10
N GLU Q 540 8.23 -10.56 46.27
CA GLU Q 540 8.52 -11.18 44.99
C GLU Q 540 9.04 -12.60 45.14
N ARG Q 541 9.53 -12.96 46.33
CA ARG Q 541 10.07 -14.30 46.55
C ARG Q 541 9.00 -15.30 46.94
N ASP Q 542 7.82 -14.85 47.36
CA ASP Q 542 6.79 -15.75 47.86
C ASP Q 542 5.73 -16.10 46.82
N LEU Q 543 5.55 -15.28 45.79
CA LEU Q 543 4.65 -15.62 44.71
C LEU Q 543 5.37 -16.27 43.52
N GLN Q 544 6.64 -16.63 43.70
CA GLN Q 544 7.37 -17.44 42.74
C GLN Q 544 7.42 -18.91 43.15
N ALA Q 545 7.08 -19.23 44.39
CA ALA Q 545 6.93 -20.62 44.81
C ALA Q 545 5.56 -21.18 44.45
N LEU Q 546 4.59 -20.30 44.20
CA LEU Q 546 3.28 -20.73 43.71
C LEU Q 546 3.37 -21.05 42.23
N ARG Q 547 4.10 -20.23 41.47
CA ARG Q 547 4.38 -20.46 40.06
C ARG Q 547 5.56 -21.42 39.94
N TYR Q 548 5.54 -22.48 40.74
CA TYR Q 548 6.39 -23.65 40.59
C TYR Q 548 5.65 -24.95 40.83
N ALA Q 549 4.53 -24.92 41.55
CA ALA Q 549 3.78 -26.11 41.89
C ALA Q 549 2.29 -26.00 41.57
N MET Q 550 1.79 -24.83 41.22
CA MET Q 550 0.38 -24.70 40.83
C MET Q 550 0.18 -25.37 39.48
N GLU Q 551 -0.28 -26.62 39.50
CA GLU Q 551 -0.62 -27.32 38.27
C GLU Q 551 -2.11 -27.25 37.97
N SER Q 552 -2.72 -26.06 38.06
CA SER Q 552 -4.11 -25.95 37.66
C SER Q 552 -4.50 -24.60 37.04
N GLY Q 553 -3.55 -23.72 36.72
CA GLY Q 553 -3.94 -22.35 36.39
C GLY Q 553 -3.29 -21.75 35.16
N ASN Q 554 -3.08 -20.43 35.20
CA ASN Q 554 -2.65 -19.65 34.04
C ASN Q 554 -1.60 -18.66 34.51
N GLU Q 555 -1.34 -17.66 33.67
CA GLU Q 555 -0.48 -16.54 34.02
C GLU Q 555 -1.24 -15.23 34.20
N GLN Q 556 -2.43 -15.11 33.62
CA GLN Q 556 -3.25 -13.91 33.79
C GLN Q 556 -3.99 -13.89 35.11
N ILE Q 557 -3.77 -14.89 35.97
CA ILE Q 557 -4.42 -14.96 37.28
C ILE Q 557 -3.48 -14.56 38.40
N LEU Q 558 -2.16 -14.57 38.17
CA LEU Q 558 -1.19 -14.22 39.19
C LEU Q 558 -0.71 -12.78 39.06
N LYS Q 559 -1.31 -12.01 38.16
CA LYS Q 559 -1.02 -10.58 38.02
C LYS Q 559 -2.00 -9.71 38.79
N GLN Q 560 -3.00 -10.31 39.42
CA GLN Q 560 -3.98 -9.58 40.21
C GLN Q 560 -3.68 -9.60 41.70
N ILE Q 561 -2.91 -10.59 42.16
CA ILE Q 561 -2.71 -10.81 43.58
C ILE Q 561 -1.88 -9.72 44.25
N SER Q 562 -1.30 -8.81 43.48
CA SER Q 562 -0.48 -7.73 44.02
C SER Q 562 -1.26 -6.44 44.26
N GLY Q 563 -2.57 -6.45 44.01
CA GLY Q 563 -3.39 -5.27 44.24
C GLY Q 563 -4.75 -5.61 44.81
N LEU Q 564 -4.84 -6.76 45.46
CA LEU Q 564 -6.13 -7.21 45.99
C LEU Q 564 -6.48 -6.42 47.25
N PRO Q 565 -7.70 -5.92 47.37
CA PRO Q 565 -8.14 -5.38 48.67
C PRO Q 565 -8.28 -6.47 49.71
N ARG Q 566 -8.71 -6.12 50.92
CA ARG Q 566 -8.90 -7.09 51.98
C ARG Q 566 -10.32 -7.61 51.95
N GLY Q 567 -10.47 -8.92 52.08
CA GLY Q 567 -11.72 -9.61 51.86
C GLY Q 567 -11.83 -10.26 50.50
N ASP Q 568 -11.11 -9.72 49.51
CA ASP Q 568 -11.06 -10.32 48.19
C ASP Q 568 -10.08 -11.48 48.19
N ALA Q 569 -10.25 -12.37 47.22
CA ALA Q 569 -9.41 -13.56 47.10
C ALA Q 569 -9.36 -14.00 45.65
N VAL Q 570 -8.58 -15.04 45.40
CA VAL Q 570 -8.58 -15.75 44.13
C VAL Q 570 -8.53 -17.24 44.43
N ALA Q 571 -9.35 -18.00 43.71
CA ALA Q 571 -9.57 -19.40 44.01
C ALA Q 571 -9.43 -20.24 42.76
N PHE Q 572 -8.85 -21.42 42.90
CA PHE Q 572 -8.87 -22.34 41.76
C PHE Q 572 -8.48 -23.75 42.19
N GLY Q 573 -8.81 -24.70 41.33
CA GLY Q 573 -8.63 -26.10 41.61
C GLY Q 573 -9.73 -26.96 41.00
N SER Q 574 -9.96 -28.14 41.57
CA SER Q 574 -10.88 -29.09 40.97
C SER Q 574 -12.33 -28.61 41.06
N ALA Q 575 -12.69 -27.93 42.15
CA ALA Q 575 -14.07 -27.55 42.40
C ALA Q 575 -14.48 -26.27 41.68
N PHE Q 576 -13.77 -25.89 40.62
CA PHE Q 576 -14.09 -24.69 39.86
C PHE Q 576 -13.88 -24.98 38.39
N ASN Q 577 -14.93 -24.83 37.58
CA ASN Q 577 -14.79 -25.00 36.14
C ASN Q 577 -13.93 -23.92 35.50
N LEU Q 578 -13.68 -22.82 36.21
CA LEU Q 578 -12.81 -21.76 35.70
C LEU Q 578 -12.52 -20.76 36.82
N PRO Q 579 -11.32 -20.18 36.86
CA PRO Q 579 -10.99 -19.23 37.93
C PRO Q 579 -11.98 -18.09 38.03
N VAL Q 580 -12.11 -17.55 39.24
CA VAL Q 580 -13.02 -16.44 39.50
C VAL Q 580 -12.54 -15.67 40.72
N ARG Q 581 -12.63 -14.35 40.64
CA ARG Q 581 -12.40 -13.47 41.77
C ARG Q 581 -13.72 -13.18 42.48
N ILE Q 582 -13.70 -13.21 43.81
CA ILE Q 582 -14.92 -13.13 44.60
C ILE Q 582 -14.68 -12.26 45.84
N SER Q 583 -15.76 -11.70 46.36
CA SER Q 583 -15.76 -10.94 47.60
C SER Q 583 -16.32 -11.83 48.70
N ILE Q 584 -15.47 -12.24 49.63
CA ILE Q 584 -15.89 -13.14 50.69
C ILE Q 584 -16.83 -12.42 51.66
N ASN Q 585 -17.68 -13.21 52.30
CA ASN Q 585 -18.68 -12.70 53.23
C ASN Q 585 -18.15 -12.72 54.66
N GLN Q 586 -18.76 -11.88 55.50
CA GLN Q 586 -18.37 -11.78 56.89
C GLN Q 586 -18.94 -12.95 57.70
N ALA Q 587 -18.28 -13.25 58.80
CA ALA Q 587 -18.64 -14.37 59.67
C ALA Q 587 -19.19 -13.86 60.99
N ARG Q 588 -20.29 -14.46 61.44
CA ARG Q 588 -20.98 -14.02 62.65
C ARG Q 588 -21.47 -15.23 63.43
N PRO Q 589 -21.04 -15.42 64.69
CA PRO Q 589 -20.11 -14.59 65.46
C PRO Q 589 -18.67 -14.69 64.96
N GLY Q 590 -18.04 -13.55 64.74
CA GLY Q 590 -16.68 -13.51 64.26
C GLY Q 590 -15.67 -13.72 65.36
N PRO Q 591 -14.46 -14.14 65.01
CA PRO Q 591 -13.44 -14.40 66.02
C PRO Q 591 -12.93 -13.11 66.64
N LYS Q 592 -12.10 -13.27 67.67
CA LYS Q 592 -11.58 -12.14 68.42
C LYS Q 592 -10.42 -11.51 67.66
N SER Q 593 -10.52 -10.19 67.44
CA SER Q 593 -9.47 -9.42 66.75
C SER Q 593 -9.38 -8.09 67.49
N SER Q 594 -8.47 -8.03 68.46
CA SER Q 594 -8.36 -6.87 69.33
C SER Q 594 -6.89 -6.51 69.51
N ASP Q 595 -6.67 -5.29 70.02
CA ASP Q 595 -5.33 -4.81 70.32
C ASP Q 595 -5.43 -3.86 71.50
N ALA Q 596 -4.73 -4.18 72.58
CA ALA Q 596 -4.73 -3.30 73.74
C ALA Q 596 -4.22 -1.93 73.31
N VAL Q 597 -5.13 -0.95 73.28
CA VAL Q 597 -4.78 0.37 72.76
C VAL Q 597 -3.83 1.05 73.74
N PHE Q 598 -2.67 1.47 73.23
CA PHE Q 598 -1.69 2.15 74.07
C PHE Q 598 -2.15 3.55 74.48
N SER Q 599 -3.31 4.00 74.01
CA SER Q 599 -3.85 5.30 74.36
C SER Q 599 -4.74 5.24 75.60
N GLU Q 600 -5.61 4.23 75.67
CA GLU Q 600 -6.58 4.16 76.76
C GLU Q 600 -5.90 4.03 78.12
N GLU Q 601 -5.13 2.95 78.31
CA GLU Q 601 -4.61 2.65 79.64
C GLU Q 601 -3.55 3.65 80.12
N TRP Q 602 -3.10 4.56 79.26
CA TRP Q 602 -2.22 5.63 79.72
C TRP Q 602 -3.03 6.66 80.52
N SER R 10 -5.10 21.80 32.49
CA SER R 10 -3.98 21.56 31.61
C SER R 10 -3.83 20.07 31.31
N ALA R 11 -2.77 19.72 30.58
CA ALA R 11 -2.52 18.33 30.19
C ALA R 11 -1.17 18.26 29.51
N ILE R 12 -0.65 17.04 29.39
CA ILE R 12 0.66 16.81 28.79
C ILE R 12 0.59 15.70 27.74
N GLY R 13 -0.53 14.98 27.70
CA GLY R 13 -0.66 13.87 26.77
C GLY R 13 -1.99 13.18 26.98
N TYR R 14 -2.24 12.18 26.13
CA TYR R 14 -3.49 11.43 26.19
C TYR R 14 -3.23 9.94 26.07
N VAL R 15 -4.22 9.16 26.50
CA VAL R 15 -4.13 7.70 26.49
C VAL R 15 -4.34 7.18 25.08
N VAL R 16 -3.44 6.34 24.60
CA VAL R 16 -3.60 5.73 23.28
C VAL R 16 -3.43 4.22 23.34
N GLY R 17 -3.74 3.61 24.49
CA GLY R 17 -3.64 2.17 24.59
C GLY R 17 -3.86 1.60 25.96
N LEU R 18 -4.39 0.38 26.01
CA LEU R 18 -4.56 -0.37 27.24
C LEU R 18 -4.25 -1.83 26.95
N GLU R 19 -3.27 -2.38 27.65
CA GLU R 19 -2.83 -3.76 27.48
C GLU R 19 -2.82 -4.42 28.85
N GLY R 20 -3.97 -4.94 29.27
CA GLY R 20 -4.08 -5.58 30.57
C GLY R 20 -4.35 -4.58 31.67
N GLU R 21 -3.30 -4.20 32.40
CA GLU R 21 -3.39 -3.20 33.44
C GLU R 21 -2.47 -2.00 33.21
N ARG R 22 -1.75 -1.98 32.09
CA ARG R 22 -0.86 -0.88 31.77
C ARG R 22 -1.62 0.24 31.05
N ILE R 23 -0.99 1.41 31.01
CA ILE R 23 -1.55 2.56 30.30
C ILE R 23 -0.42 3.22 29.52
N ARG R 24 -0.68 3.49 28.24
CA ARG R 24 0.29 4.13 27.35
C ARG R 24 -0.17 5.56 27.10
N ILE R 25 0.65 6.52 27.51
CA ILE R 25 0.37 7.93 27.34
C ILE R 25 1.26 8.47 26.23
N ASN R 26 0.64 9.04 25.21
CA ASN R 26 1.34 9.71 24.12
C ASN R 26 1.32 11.21 24.42
N LEU R 27 2.51 11.80 24.50
CA LEU R 27 2.66 13.16 24.98
C LEU R 27 2.47 14.18 23.86
N HIS R 28 2.48 15.44 24.25
CA HIS R 28 2.22 16.56 23.36
C HIS R 28 3.53 17.14 22.86
N GLU R 29 3.46 18.31 22.22
CA GLU R 29 4.64 19.03 21.75
C GLU R 29 5.77 19.01 22.76
N THR R 46 6.93 14.62 36.56
CA THR R 46 7.18 13.76 35.41
C THR R 46 8.41 12.90 35.65
N GLN R 47 8.33 12.06 36.67
CA GLN R 47 9.43 11.17 37.03
C GLN R 47 8.85 9.88 37.57
N PRO R 48 9.60 8.78 37.50
CA PRO R 48 9.14 7.54 38.13
C PRO R 48 8.77 7.77 39.59
N GLY R 49 7.66 7.17 40.01
CA GLY R 49 7.08 7.43 41.29
C GLY R 49 6.08 8.58 41.31
N ASP R 50 6.09 9.43 40.29
CA ASP R 50 5.16 10.53 40.22
C ASP R 50 3.73 10.03 40.09
N LEU R 51 2.78 10.90 40.43
CA LEU R 51 1.35 10.61 40.41
C LEU R 51 0.65 11.63 39.53
N ILE R 52 -0.28 11.15 38.71
CA ILE R 52 -1.11 12.00 37.86
C ILE R 52 -2.54 11.49 37.91
N GLY R 53 -3.42 12.15 37.17
CA GLY R 53 -4.84 11.86 37.26
C GLY R 53 -5.55 12.01 35.93
N PHE R 54 -6.70 11.34 35.85
CA PHE R 54 -7.56 11.35 34.67
C PHE R 54 -9.00 11.59 35.09
N ASP R 55 -9.70 12.40 34.30
CA ASP R 55 -11.11 12.67 34.52
C ASP R 55 -11.92 11.82 33.55
N ALA R 56 -12.77 10.95 34.09
CA ALA R 56 -13.53 9.98 33.31
C ALA R 56 -15.02 10.12 33.60
N GLY R 57 -15.51 11.35 33.56
CA GLY R 57 -16.92 11.61 33.74
C GLY R 57 -17.23 12.22 35.10
N ASN R 58 -17.83 11.43 35.99
CA ASN R 58 -18.18 11.88 37.32
C ASN R 58 -17.19 11.43 38.38
N ILE R 59 -16.10 10.75 37.99
CA ILE R 59 -15.15 10.18 38.92
C ILE R 59 -13.74 10.47 38.40
N LEU R 60 -12.78 10.48 39.32
CA LEU R 60 -11.39 10.74 39.02
C LEU R 60 -10.57 9.49 39.27
N VAL R 61 -9.55 9.28 38.43
CA VAL R 61 -8.66 8.13 38.53
C VAL R 61 -7.25 8.66 38.78
N VAL R 62 -6.51 7.99 39.66
CA VAL R 62 -5.16 8.39 40.00
C VAL R 62 -4.20 7.27 39.60
N ALA R 63 -3.11 7.65 38.94
CA ALA R 63 -2.18 6.72 38.35
C ALA R 63 -0.76 7.08 38.76
N ARG R 64 0.09 6.06 38.77
CA ARG R 64 1.50 6.17 39.11
C ARG R 64 2.33 5.91 37.86
N VAL R 65 3.34 6.77 37.64
CA VAL R 65 4.20 6.64 36.49
C VAL R 65 5.28 5.59 36.76
N THR R 66 5.73 4.93 35.71
CA THR R 66 6.76 3.90 35.79
C THR R 66 7.94 4.17 34.88
N ASP R 67 7.72 4.71 33.69
CA ASP R 67 8.79 5.05 32.76
C ASP R 67 8.63 6.48 32.26
N LEU R 91 6.59 7.70 19.24
CA LEU R 91 7.14 8.97 19.68
C LEU R 91 7.19 9.04 21.20
N ARG R 92 6.90 10.21 21.76
CA ARG R 92 6.88 10.37 23.21
C ARG R 92 5.83 9.47 23.83
N GLN R 93 6.26 8.46 24.58
CA GLN R 93 5.35 7.47 25.14
C GLN R 93 5.83 7.08 26.52
N ILE R 94 4.91 7.13 27.50
CA ILE R 94 5.23 6.73 28.86
C ILE R 94 4.23 5.68 29.34
N ILE R 95 4.71 4.80 30.22
CA ILE R 95 3.89 3.76 30.82
C ILE R 95 3.29 4.32 32.11
N ALA R 96 2.21 3.70 32.56
CA ALA R 96 1.63 4.07 33.85
C ALA R 96 0.70 2.96 34.34
N TYR R 97 0.47 2.96 35.65
CA TYR R 97 -0.47 2.04 36.30
C TYR R 97 -1.47 2.87 37.08
N ALA R 98 -2.49 2.21 37.63
CA ALA R 98 -3.58 2.86 38.35
C ALA R 98 -3.60 2.41 39.80
N ILE R 99 -4.14 3.24 40.69
CA ILE R 99 -4.21 2.88 42.10
C ILE R 99 -5.65 2.91 42.63
N GLY R 100 -6.36 3.99 42.39
CA GLY R 100 -7.67 4.15 42.98
C GLY R 100 -8.47 5.24 42.30
N PHE R 101 -9.46 5.76 43.03
CA PHE R 101 -10.34 6.76 42.45
C PHE R 101 -10.90 7.67 43.55
N VAL R 102 -11.08 8.94 43.18
CA VAL R 102 -11.65 9.96 44.07
C VAL R 102 -13.10 10.21 43.65
N LYS R 103 -13.98 10.35 44.65
CA LYS R 103 -15.41 10.50 44.42
C LYS R 103 -15.94 11.69 45.21
N ARG R 104 -16.72 12.53 44.52
CA ARG R 104 -17.55 13.53 45.20
C ARG R 104 -18.60 12.82 46.04
N GLU R 105 -18.58 13.05 47.34
CA GLU R 105 -19.31 12.23 48.30
C GLU R 105 -20.09 13.13 49.26
N LEU R 106 -20.74 12.50 50.24
CA LEU R 106 -21.51 13.22 51.24
C LEU R 106 -20.80 14.48 51.74
N ASN R 107 -19.47 14.45 51.81
CA ASN R 107 -18.69 15.60 52.26
C ASN R 107 -17.55 15.82 51.27
N GLY R 108 -17.67 16.86 50.45
CA GLY R 108 -16.63 17.17 49.49
C GLY R 108 -16.20 15.96 48.68
N TYR R 109 -14.95 15.55 48.86
CA TYR R 109 -14.39 14.42 48.13
C TYR R 109 -13.85 13.39 49.10
N VAL R 110 -13.70 12.15 48.60
CA VAL R 110 -13.05 11.08 49.33
C VAL R 110 -12.29 10.22 48.33
N PHE R 111 -11.34 9.43 48.83
CA PHE R 111 -10.46 8.61 48.00
C PHE R 111 -10.61 7.15 48.40
N ILE R 112 -10.89 6.29 47.43
CA ILE R 112 -11.04 4.86 47.66
C ILE R 112 -10.03 4.12 46.79
N SER R 113 -9.58 2.97 47.29
CA SER R 113 -8.57 2.15 46.64
C SER R 113 -9.24 0.95 45.99
N GLU R 114 -9.23 0.90 44.65
CA GLU R 114 -9.79 -0.21 43.90
C GLU R 114 -8.89 -0.48 42.69
N ASP R 115 -8.50 -1.74 42.51
CA ASP R 115 -7.49 -2.08 41.52
C ASP R 115 -8.03 -1.98 40.08
N TRP R 116 -9.26 -2.43 39.86
CA TRP R 116 -9.76 -2.68 38.50
C TRP R 116 -10.58 -1.50 38.00
N ARG R 117 -9.88 -0.45 37.58
CA ARG R 117 -10.56 0.68 36.95
C ARG R 117 -9.56 1.45 36.10
N LEU R 118 -9.86 1.58 34.81
CA LEU R 118 -9.01 2.25 33.84
C LEU R 118 -9.80 3.34 33.14
N PRO R 119 -9.11 4.33 32.55
CA PRO R 119 -9.83 5.39 31.83
C PRO R 119 -10.22 5.00 30.42
N ALA R 120 -10.77 5.95 29.68
CA ALA R 120 -11.17 5.73 28.30
C ALA R 120 -10.00 6.06 27.37
N LEU R 121 -10.28 6.13 26.07
CA LEU R 121 -9.26 6.44 25.07
C LEU R 121 -9.39 7.90 24.67
N GLY R 122 -8.24 8.54 24.44
CA GLY R 122 -8.20 9.95 24.10
C GLY R 122 -8.37 10.89 25.26
N SER R 123 -8.68 10.38 26.45
CA SER R 123 -8.79 11.24 27.63
C SER R 123 -7.51 12.04 27.81
N SER R 124 -7.65 13.20 28.44
CA SER R 124 -6.56 14.14 28.62
C SER R 124 -5.98 13.98 30.02
N ALA R 125 -4.67 13.73 30.09
CA ALA R 125 -3.98 13.63 31.36
C ALA R 125 -3.88 15.01 32.00
N VAL R 126 -3.30 15.05 33.19
CA VAL R 126 -3.13 16.30 33.92
C VAL R 126 -2.24 16.07 35.14
N PRO R 127 -1.38 17.02 35.51
CA PRO R 127 -0.66 16.89 36.80
C PRO R 127 -1.62 16.90 37.98
N LEU R 128 -1.11 16.72 39.19
CA LEU R 128 -1.94 16.64 40.37
C LEU R 128 -1.78 17.89 41.23
N THR R 129 -2.61 17.98 42.26
CA THR R 129 -2.73 19.19 43.08
C THR R 129 -2.63 18.82 44.55
N SER R 130 -2.21 19.80 45.36
CA SER R 130 -2.01 19.56 46.78
C SER R 130 -3.32 19.32 47.51
N ASP R 131 -4.37 20.05 47.14
CA ASP R 131 -5.68 19.82 47.74
C ASP R 131 -6.16 18.39 47.53
N PHE R 132 -5.56 17.66 46.59
CA PHE R 132 -5.88 16.25 46.36
C PHE R 132 -4.86 15.32 47.02
N LEU R 133 -3.57 15.69 46.95
CA LEU R 133 -2.56 14.94 47.69
C LEU R 133 -2.92 14.85 49.17
N ASN R 134 -3.58 15.87 49.71
CA ASN R 134 -4.00 15.84 51.10
C ASN R 134 -4.95 14.66 51.35
N ILE R 135 -6.04 14.59 50.59
CA ILE R 135 -6.97 13.46 50.72
C ILE R 135 -6.23 12.15 50.54
N ILE R 136 -5.34 12.08 49.53
CA ILE R 136 -4.62 10.85 49.25
C ILE R 136 -3.87 10.38 50.50
N TYR R 137 -2.99 11.23 51.02
CA TYR R 137 -2.11 10.86 52.13
C TYR R 137 -2.73 11.10 53.51
N SER R 138 -4.02 11.37 53.59
CA SER R 138 -4.65 11.70 54.86
C SER R 138 -5.16 10.44 55.57
N ILE R 139 -5.64 10.64 56.80
CA ILE R 139 -6.21 9.58 57.61
C ILE R 139 -7.55 10.07 58.16
N ASP R 140 -8.36 9.12 58.62
CA ASP R 140 -9.72 9.42 59.03
C ASP R 140 -9.75 10.08 60.41
N LYS R 141 -10.93 10.59 60.76
CA LYS R 141 -11.04 11.49 61.90
C LYS R 141 -10.92 10.73 63.22
N GLU R 142 -11.67 9.64 63.37
CA GLU R 142 -11.66 8.91 64.63
C GLU R 142 -10.25 8.64 65.15
N GLU R 143 -9.30 8.44 64.24
CA GLU R 143 -7.91 8.20 64.62
C GLU R 143 -7.01 9.41 64.38
N LEU R 144 -7.54 10.48 63.78
CA LEU R 144 -6.73 11.68 63.61
C LEU R 144 -6.22 12.26 64.94
N PRO R 145 -6.97 12.25 66.04
CA PRO R 145 -6.43 12.78 67.30
C PRO R 145 -5.09 12.17 67.71
N LYS R 146 -5.00 10.84 67.76
CA LYS R 146 -3.84 10.15 68.29
C LYS R 146 -2.60 10.27 67.43
N ALA R 147 -2.63 11.06 66.35
CA ALA R 147 -1.54 11.08 65.40
C ALA R 147 -0.36 11.90 65.95
N VAL R 148 0.71 11.92 65.16
CA VAL R 148 1.90 12.72 65.45
C VAL R 148 2.48 13.17 64.12
N GLU R 149 3.21 14.29 64.15
CA GLU R 149 3.77 14.88 62.94
C GLU R 149 5.15 14.30 62.69
N LEU R 150 5.28 13.49 61.63
CA LEU R 150 6.55 12.83 61.34
C LEU R 150 7.48 13.74 60.54
N GLY R 151 6.94 14.43 59.53
CA GLY R 151 7.80 15.29 58.71
C GLY R 151 7.02 15.92 57.57
N VAL R 152 7.75 16.24 56.51
CA VAL R 152 7.20 16.94 55.36
C VAL R 152 7.45 16.11 54.10
N ASP R 153 6.53 16.23 53.14
CA ASP R 153 6.75 15.64 51.83
C ASP R 153 8.04 16.14 51.22
N SER R 154 8.82 15.23 50.63
CA SER R 154 10.12 15.58 50.08
C SER R 154 10.00 16.29 48.74
N ARG R 155 9.05 15.87 47.91
CA ARG R 155 8.97 16.39 46.54
C ARG R 155 8.73 17.89 46.53
N THR R 156 7.58 18.32 47.05
CA THR R 156 7.19 19.73 46.99
C THR R 156 7.30 20.46 48.32
N LYS R 157 7.33 19.74 49.44
CA LYS R 157 7.44 20.35 50.77
C LYS R 157 6.27 21.30 51.02
N THR R 158 5.09 20.93 50.53
CA THR R 158 3.86 21.66 50.77
C THR R 158 2.85 20.83 51.56
N VAL R 159 3.26 19.67 52.08
CA VAL R 159 2.35 18.74 52.72
C VAL R 159 2.99 18.25 54.01
N LYS R 160 2.15 17.74 54.91
CA LYS R 160 2.60 17.17 56.18
C LYS R 160 1.99 15.79 56.36
N ILE R 161 2.77 14.88 56.92
CA ILE R 161 2.42 13.47 57.00
C ILE R 161 2.28 13.09 58.47
N PHE R 162 1.22 12.36 58.79
CA PHE R 162 0.92 11.96 60.16
C PHE R 162 0.84 10.44 60.27
N ALA R 163 0.94 9.95 61.50
CA ALA R 163 0.85 8.53 61.78
C ALA R 163 0.29 8.33 63.18
N SER R 164 -0.50 7.26 63.34
CA SER R 164 -1.15 6.98 64.62
C SER R 164 -0.25 6.09 65.48
N VAL R 165 -0.08 6.51 66.73
CA VAL R 165 0.86 5.82 67.63
C VAL R 165 0.42 4.38 67.86
N ASP R 166 -0.89 4.15 67.99
CA ASP R 166 -1.37 2.82 68.33
C ASP R 166 -0.89 1.78 67.32
N LYS R 167 -1.02 2.08 66.03
CA LYS R 167 -0.55 1.14 65.02
C LYS R 167 0.96 1.22 64.84
N LEU R 168 1.51 2.44 64.85
CA LEU R 168 2.94 2.60 64.58
C LEU R 168 3.79 1.90 65.63
N LEU R 169 3.28 1.71 66.85
CA LEU R 169 4.10 1.23 67.95
C LEU R 169 3.53 0.05 68.71
N SER R 170 2.29 -0.37 68.46
CA SER R 170 1.77 -1.55 69.14
C SER R 170 2.74 -2.73 69.00
N ARG R 171 3.15 -3.03 67.77
CA ARG R 171 4.20 -3.99 67.53
C ARG R 171 5.52 -3.26 67.31
N HIS R 172 6.53 -3.98 66.84
CA HIS R 172 7.91 -3.49 66.84
C HIS R 172 8.13 -2.55 65.66
N LEU R 173 9.38 -2.16 65.44
CA LEU R 173 9.71 -1.16 64.44
C LEU R 173 11.22 -1.16 64.20
N ALA R 174 11.60 -0.83 62.96
CA ALA R 174 13.01 -0.85 62.58
C ALA R 174 13.37 0.42 61.82
N VAL R 175 14.46 1.06 62.24
CA VAL R 175 15.09 2.14 61.50
C VAL R 175 16.46 1.64 61.05
N LEU R 176 16.87 2.03 59.85
CA LEU R 176 18.13 1.56 59.29
C LEU R 176 18.85 2.73 58.64
N GLY R 177 20.17 2.76 58.80
CA GLY R 177 20.97 3.81 58.19
C GLY R 177 22.41 3.83 58.65
N SER R 178 23.31 4.24 57.77
CA SER R 178 24.73 4.34 58.08
C SER R 178 25.13 5.79 58.31
N THR R 179 26.39 5.96 58.71
CA THR R 179 26.90 7.26 59.11
C THR R 179 26.61 8.33 58.07
N GLY R 180 26.45 9.57 58.53
CA GLY R 180 26.45 10.72 57.67
C GLY R 180 25.10 11.23 57.20
N TYR R 181 23.99 10.74 57.76
CA TYR R 181 22.68 11.13 57.25
C TYR R 181 21.62 11.40 58.31
N GLY R 182 21.92 11.24 59.60
CA GLY R 182 21.04 11.76 60.64
C GLY R 182 20.23 10.75 61.43
N LYS R 183 20.79 9.55 61.64
CA LYS R 183 20.05 8.50 62.33
C LYS R 183 19.72 8.90 63.77
N SER R 184 20.73 9.37 64.52
CA SER R 184 20.49 9.74 65.90
C SER R 184 19.53 10.92 66.00
N ASN R 185 19.72 11.93 65.14
CA ASN R 185 18.79 13.04 65.09
C ASN R 185 17.36 12.54 64.91
N PHE R 186 17.16 11.60 63.98
CA PHE R 186 15.83 11.04 63.75
C PHE R 186 15.30 10.37 65.01
N ASN R 187 16.09 9.48 65.60
CA ASN R 187 15.65 8.76 66.80
C ASN R 187 15.19 9.73 67.88
N ALA R 188 16.02 10.72 68.20
CA ALA R 188 15.68 11.66 69.27
C ALA R 188 14.46 12.50 68.89
N LEU R 189 14.47 13.07 67.69
CA LEU R 189 13.35 13.89 67.22
C LEU R 189 12.04 13.11 67.18
N LEU R 190 12.10 11.78 67.22
CA LEU R 190 10.88 10.97 67.28
C LEU R 190 10.47 10.67 68.72
N THR R 191 11.39 10.14 69.51
CA THR R 191 11.04 9.72 70.87
C THR R 191 10.94 10.90 71.84
N ARG R 192 11.16 12.13 71.38
CA ARG R 192 10.81 13.29 72.18
C ARG R 192 9.39 13.78 71.85
N LYS R 193 9.02 13.74 70.57
CA LYS R 193 7.65 14.04 70.21
C LYS R 193 6.67 13.03 70.80
N VAL R 194 7.11 11.77 70.92
CA VAL R 194 6.22 10.78 71.52
C VAL R 194 5.95 11.10 72.98
N SER R 195 6.88 11.78 73.65
CA SER R 195 6.72 12.09 75.07
C SER R 195 6.04 13.43 75.30
N GLU R 196 6.21 14.39 74.40
CA GLU R 196 5.61 15.71 74.61
C GLU R 196 4.09 15.69 74.59
N LYS R 197 3.47 14.59 74.16
CA LYS R 197 2.01 14.51 74.12
C LYS R 197 1.45 13.86 75.39
N TYR R 198 1.88 12.62 75.66
CA TYR R 198 1.41 11.84 76.81
C TYR R 198 2.60 11.61 77.72
N PRO R 199 2.89 12.54 78.63
CA PRO R 199 4.10 12.41 79.47
C PRO R 199 3.97 11.37 80.58
N ASN R 200 2.79 10.76 80.76
CA ASN R 200 2.63 9.67 81.70
C ASN R 200 3.01 8.32 81.08
N SER R 201 3.68 8.34 79.93
CA SER R 201 4.18 7.13 79.30
C SER R 201 5.55 6.76 79.87
N ARG R 202 6.00 5.56 79.54
CA ARG R 202 7.28 5.02 80.00
C ARG R 202 8.18 4.75 78.80
N ILE R 203 9.43 5.21 78.88
CA ILE R 203 10.37 5.08 77.78
C ILE R 203 11.74 4.75 78.35
N VAL R 204 12.47 3.87 77.66
CA VAL R 204 13.78 3.42 78.11
C VAL R 204 14.75 3.42 76.93
N ILE R 205 15.97 3.88 77.19
CA ILE R 205 17.03 3.97 76.20
C ILE R 205 18.28 3.31 76.78
N PHE R 206 18.95 2.52 75.94
CA PHE R 206 20.21 1.87 76.28
C PHE R 206 21.31 2.57 75.48
N ASP R 207 21.83 3.66 76.03
CA ASP R 207 22.79 4.48 75.29
C ASP R 207 24.19 3.92 75.50
N ILE R 208 24.82 3.48 74.41
CA ILE R 208 26.20 3.02 74.46
C ILE R 208 27.18 4.18 74.32
N ASN R 209 26.81 5.21 73.58
CA ASN R 209 27.55 6.45 73.50
C ASN R 209 27.00 7.42 74.55
N GLY R 210 27.35 8.70 74.45
CA GLY R 210 26.85 9.70 75.39
C GLY R 210 26.10 10.81 74.71
N GLU R 211 25.26 10.45 73.73
CA GLU R 211 24.58 11.42 72.88
C GLU R 211 23.19 11.80 73.37
N TYR R 212 22.39 10.81 73.77
CA TYR R 212 20.98 11.04 74.03
C TYR R 212 20.71 11.74 75.36
N ALA R 213 21.74 12.15 76.09
CA ALA R 213 21.54 12.93 77.30
C ALA R 213 21.29 14.40 76.95
N GLN R 214 22.08 14.95 76.03
CA GLN R 214 21.90 16.34 75.63
C GLN R 214 20.51 16.60 75.05
N ALA R 215 19.96 15.61 74.35
CA ALA R 215 18.71 15.83 73.62
C ALA R 215 17.51 16.06 74.53
N PHE R 216 17.63 15.76 75.82
CA PHE R 216 16.48 15.78 76.73
C PHE R 216 16.52 16.96 77.70
N THR R 217 17.44 17.90 77.50
CA THR R 217 17.51 19.07 78.37
C THR R 217 16.22 19.89 78.27
N GLY R 218 15.43 19.91 79.34
CA GLY R 218 14.18 20.65 79.35
C GLY R 218 12.97 19.77 79.19
N ILE R 219 13.04 18.54 79.68
CA ILE R 219 11.96 17.57 79.60
C ILE R 219 11.60 17.15 81.02
N PRO R 220 10.36 17.34 81.47
CA PRO R 220 10.00 16.92 82.83
C PRO R 220 10.24 15.44 83.06
N ASN R 221 10.58 15.11 84.31
CA ASN R 221 10.67 13.73 84.78
C ASN R 221 11.65 12.91 83.94
N VAL R 222 12.92 13.30 84.05
CA VAL R 222 14.01 12.62 83.36
C VAL R 222 15.02 12.15 84.40
N LYS R 223 15.61 10.99 84.14
CA LYS R 223 16.63 10.40 84.98
C LYS R 223 17.80 9.97 84.11
N HIS R 224 18.96 9.82 84.75
CA HIS R 224 20.20 9.54 84.02
C HIS R 224 21.09 8.68 84.90
N THR R 225 21.54 7.55 84.36
CA THR R 225 22.38 6.61 85.09
C THR R 225 23.64 6.33 84.28
N ILE R 226 24.74 6.11 84.99
CA ILE R 226 26.03 5.81 84.37
C ILE R 226 26.70 4.70 85.18
N LEU R 227 27.45 3.85 84.47
CA LEU R 227 28.17 2.76 85.12
C LEU R 227 29.66 3.08 85.20
N GLU R 237 27.01 12.31 94.87
CA GLU R 237 25.68 12.18 94.27
C GLU R 237 24.88 13.47 94.43
N LYS R 238 23.80 13.57 93.67
CA LYS R 238 22.90 14.71 93.74
C LYS R 238 21.60 14.35 93.03
N LYS R 239 20.46 14.56 93.70
CA LYS R 239 19.18 14.05 93.23
C LYS R 239 18.13 15.14 93.34
N GLN R 240 17.84 15.80 92.22
CA GLN R 240 16.64 16.62 92.12
C GLN R 240 15.43 15.73 91.84
N GLN R 241 14.25 16.24 92.14
CA GLN R 241 13.08 15.39 92.33
C GLN R 241 11.95 15.80 91.38
N LYS R 242 10.77 15.20 91.60
CA LYS R 242 9.64 15.26 90.69
C LYS R 242 9.26 16.67 90.28
N GLY R 243 8.58 16.80 89.15
CA GLY R 243 7.95 18.05 88.75
C GLY R 243 8.85 19.01 88.02
N GLU R 244 10.10 19.13 88.46
CA GLU R 244 11.02 20.11 87.89
C GLU R 244 11.75 19.53 86.70
N LEU R 245 12.12 20.41 85.77
CA LEU R 245 12.72 19.99 84.51
C LEU R 245 14.12 19.45 84.75
N TYR R 246 14.77 19.04 83.65
CA TYR R 246 16.05 18.33 83.70
C TYR R 246 17.11 19.14 82.98
N SER R 247 18.29 19.22 83.59
CA SER R 247 19.47 19.80 82.97
C SER R 247 20.61 18.80 83.01
N GLU R 248 21.67 19.09 82.26
CA GLU R 248 22.81 18.19 82.19
C GLU R 248 23.53 18.15 83.54
N GLU R 249 24.53 17.28 83.62
CA GLU R 249 25.39 17.11 84.79
C GLU R 249 24.60 17.09 86.10
N TYR R 250 23.41 16.52 86.08
CA TYR R 250 22.63 16.21 87.29
C TYR R 250 22.43 14.69 87.38
N TYR R 251 23.49 13.93 87.14
CA TYR R 251 23.41 12.51 86.92
C TYR R 251 23.65 11.73 88.22
N CYS R 252 23.79 10.41 88.10
CA CYS R 252 24.02 9.53 89.22
C CYS R 252 24.99 8.44 88.79
N TYR R 253 25.14 7.41 89.62
CA TYR R 253 26.05 6.30 89.34
C TYR R 253 25.47 5.02 89.91
N LYS R 254 26.00 3.89 89.44
CA LYS R 254 25.57 2.59 89.94
C LYS R 254 26.48 1.50 89.39
N LYS R 255 26.43 0.35 90.04
CA LYS R 255 27.08 -0.87 89.57
C LYS R 255 26.09 -2.01 89.66
N ILE R 256 26.50 -3.19 89.18
CA ILE R 256 25.62 -4.34 89.12
C ILE R 256 26.21 -5.48 89.96
N PRO R 257 25.39 -6.19 90.76
CA PRO R 257 25.93 -7.33 91.53
C PRO R 257 26.20 -8.54 90.66
N TYR R 258 26.62 -9.64 91.29
CA TYR R 258 26.86 -10.90 90.61
C TYR R 258 25.82 -11.95 90.94
N GLN R 259 24.80 -11.60 91.72
CA GLN R 259 23.72 -12.54 92.02
C GLN R 259 22.65 -12.53 90.93
N ALA R 260 22.33 -11.34 90.41
CA ALA R 260 21.32 -11.19 89.37
C ALA R 260 21.49 -12.22 88.26
N LEU R 261 22.73 -12.49 87.87
CA LEU R 261 22.99 -13.43 86.78
C LEU R 261 22.25 -14.74 86.98
N GLY R 262 22.55 -15.45 88.06
CA GLY R 262 21.78 -16.61 88.47
C GLY R 262 22.57 -17.90 88.33
N PHE R 263 21.91 -18.98 88.75
CA PHE R 263 22.49 -20.32 88.70
C PHE R 263 23.06 -20.62 87.31
N ALA R 264 22.21 -20.66 86.30
CA ALA R 264 22.64 -21.07 84.97
C ALA R 264 23.49 -20.00 84.30
N GLY R 265 23.23 -18.73 84.58
CA GLY R 265 24.10 -17.68 84.07
C GLY R 265 25.54 -17.86 84.52
N LEU R 266 25.73 -18.08 85.82
CA LEU R 266 27.08 -18.33 86.33
C LEU R 266 27.65 -19.63 85.77
N ILE R 267 26.81 -20.65 85.60
CA ILE R 267 27.28 -21.90 85.00
C ILE R 267 27.87 -21.63 83.63
N LYS R 268 27.11 -20.96 82.77
CA LYS R 268 27.52 -20.73 81.38
C LYS R 268 28.53 -19.61 81.24
N LEU R 269 28.78 -18.82 82.28
CA LEU R 269 29.76 -17.75 82.21
C LEU R 269 31.20 -18.25 82.36
N LEU R 270 31.40 -19.55 82.57
CA LEU R 270 32.73 -20.12 82.73
C LEU R 270 33.09 -21.15 81.67
N ARG R 271 32.12 -21.79 81.04
CA ARG R 271 32.38 -22.77 79.99
C ARG R 271 33.19 -23.93 80.55
N PRO R 272 32.67 -24.63 81.56
CA PRO R 272 33.41 -25.77 82.11
C PRO R 272 33.28 -27.01 81.22
N SER R 273 34.38 -27.76 81.13
CA SER R 273 34.42 -28.97 80.31
C SER R 273 35.74 -29.69 80.58
N ASP R 274 35.96 -30.76 79.82
CA ASP R 274 37.17 -31.58 79.76
C ASP R 274 37.29 -32.55 80.94
N LYS R 275 36.46 -32.44 81.97
CA LYS R 275 36.59 -33.27 83.17
C LYS R 275 35.32 -33.11 84.01
N THR R 276 35.38 -33.57 85.26
CA THR R 276 34.29 -33.57 86.22
C THR R 276 33.97 -32.18 86.77
N GLN R 277 34.46 -31.10 86.17
CA GLN R 277 34.20 -29.76 86.69
C GLN R 277 32.73 -29.53 86.98
N LEU R 278 31.84 -30.12 86.16
CA LEU R 278 30.42 -29.74 86.23
C LEU R 278 29.77 -30.14 87.54
N PRO R 279 29.86 -31.39 88.01
CA PRO R 279 29.24 -31.72 89.31
C PRO R 279 29.84 -30.95 90.47
N ALA R 280 31.16 -30.83 90.52
CA ALA R 280 31.79 -30.06 91.59
C ALA R 280 31.31 -28.61 91.57
N LEU R 281 31.10 -28.06 90.38
CA LEU R 281 30.61 -26.68 90.28
C LEU R 281 29.15 -26.59 90.71
N ARG R 282 28.35 -27.58 90.37
CA ARG R 282 26.97 -27.62 90.86
C ARG R 282 26.94 -27.62 92.38
N ASN R 283 27.80 -28.42 93.01
CA ASN R 283 27.86 -28.43 94.46
C ASN R 283 28.39 -27.12 95.02
N ALA R 284 29.36 -26.50 94.32
CA ALA R 284 29.87 -25.21 94.75
C ALA R 284 28.80 -24.14 94.69
N LEU R 285 27.85 -24.26 93.76
CA LEU R 285 26.72 -23.35 93.72
C LEU R 285 25.67 -23.72 94.77
N SER R 286 25.61 -25.01 95.15
CA SER R 286 24.67 -25.43 96.18
C SER R 286 25.11 -24.96 97.56
N ALA R 287 26.41 -24.84 97.79
CA ALA R 287 26.94 -24.51 99.10
C ALA R 287 26.94 -23.01 99.41
N ILE R 288 26.38 -22.18 98.53
CA ILE R 288 26.48 -20.74 98.70
C ILE R 288 25.76 -20.24 99.95
N ASN R 289 24.77 -20.98 100.44
CA ASN R 289 23.97 -20.53 101.58
C ASN R 289 24.30 -21.26 102.87
N ARG R 290 25.43 -21.98 102.91
CA ARG R 290 25.91 -22.62 104.13
C ARG R 290 27.40 -22.38 104.30
N THR R 291 27.86 -21.20 103.87
CA THR R 291 29.26 -20.80 104.01
C THR R 291 29.31 -19.45 104.70
N HIS R 292 30.21 -19.32 105.67
CA HIS R 292 30.33 -18.11 106.46
C HIS R 292 31.65 -17.41 106.16
N PHE R 293 31.65 -16.09 106.32
CA PHE R 293 32.76 -15.24 105.94
C PHE R 293 33.35 -14.55 107.16
N LYS R 294 34.61 -14.15 107.02
CA LYS R 294 35.33 -13.37 108.02
C LYS R 294 36.62 -12.92 107.34
N SER R 295 37.47 -12.20 108.08
CA SER R 295 38.69 -11.66 107.52
C SER R 295 39.40 -12.68 106.63
N ARG R 296 39.83 -13.80 107.20
CA ARG R 296 40.42 -14.88 106.41
C ARG R 296 40.02 -16.26 106.95
N ASN R 297 38.84 -16.37 107.54
CA ASN R 297 38.34 -17.64 108.07
C ASN R 297 37.10 -18.05 107.29
N ILE R 298 37.16 -19.21 106.66
CA ILE R 298 36.05 -19.76 105.87
C ILE R 298 35.79 -21.15 106.44
N TYR R 299 34.77 -21.27 107.28
CA TYR R 299 34.61 -22.42 108.16
C TYR R 299 33.21 -23.00 108.05
N LEU R 300 33.01 -24.13 108.73
CA LEU R 300 31.79 -24.93 108.66
C LEU R 300 31.08 -24.86 110.01
N GLU R 301 30.23 -23.85 110.18
CA GLU R 301 29.48 -23.73 111.43
C GLU R 301 28.44 -24.83 111.54
N LYS R 302 28.37 -25.47 112.70
CA LYS R 302 27.37 -26.48 112.99
C LYS R 302 26.30 -25.91 113.94
N ASP R 303 25.22 -26.69 114.10
CA ASP R 303 24.15 -26.30 115.00
C ASP R 303 24.65 -25.89 116.37
N ASP R 304 25.75 -26.49 116.84
CA ASP R 304 26.27 -26.26 118.18
C ASP R 304 27.45 -25.31 118.21
N GLY R 305 28.33 -25.38 117.21
CA GLY R 305 29.55 -24.60 117.22
C GLY R 305 30.72 -25.38 116.64
N GLU R 306 30.55 -26.69 116.54
CA GLU R 306 31.51 -27.54 115.85
C GLU R 306 31.87 -26.94 114.51
N THR R 307 33.14 -26.57 114.33
CA THR R 307 33.56 -25.82 113.15
C THR R 307 34.77 -26.47 112.50
N PHE R 308 34.68 -26.70 111.20
CA PHE R 308 35.81 -27.06 110.36
C PHE R 308 36.16 -25.88 109.47
N LEU R 309 37.37 -25.90 108.92
CA LEU R 309 37.84 -24.83 108.05
C LEU R 309 38.58 -25.43 106.86
N LEU R 310 38.59 -24.70 105.75
CA LEU R 310 39.15 -25.19 104.50
C LEU R 310 39.88 -24.06 103.78
N TYR R 311 40.73 -24.45 102.83
CA TYR R 311 41.54 -23.50 102.07
C TYR R 311 41.52 -23.82 100.58
N ASP R 312 42.38 -23.16 99.81
CA ASP R 312 42.41 -23.31 98.35
C ASP R 312 43.36 -24.39 97.88
N ASP R 313 44.58 -24.41 98.39
CA ASP R 313 45.64 -25.23 97.82
C ASP R 313 45.54 -26.68 98.31
N CYS R 314 46.28 -27.55 97.63
CA CYS R 314 46.29 -28.99 97.94
C CYS R 314 47.16 -29.25 99.17
N ARG R 315 46.73 -28.68 100.29
CA ARG R 315 47.40 -28.86 101.57
C ARG R 315 46.36 -29.32 102.58
N ASP R 316 46.60 -30.48 103.19
CA ASP R 316 45.62 -31.11 104.05
C ASP R 316 45.63 -30.51 105.45
N THR R 317 44.49 -30.63 106.13
CA THR R 317 44.34 -30.17 107.51
C THR R 317 43.23 -31.02 108.13
N ASN R 318 43.62 -32.00 108.95
CA ASN R 318 42.68 -32.98 109.49
C ASN R 318 41.99 -33.74 108.35
N GLN R 319 42.83 -34.36 107.52
CA GLN R 319 42.36 -34.89 106.25
C GLN R 319 41.24 -35.92 106.44
N SER R 320 41.48 -36.91 107.29
CA SER R 320 40.55 -38.04 107.39
C SER R 320 39.15 -37.59 107.75
N LYS R 321 39.01 -36.43 108.38
CA LYS R 321 37.72 -35.94 108.86
C LYS R 321 37.08 -34.96 107.89
N LEU R 322 37.28 -35.16 106.59
CA LEU R 322 36.73 -34.30 105.55
C LEU R 322 35.48 -34.89 104.92
N ALA R 323 35.52 -36.16 104.53
CA ALA R 323 34.34 -36.82 103.99
C ALA R 323 33.16 -36.71 104.94
N GLU R 324 33.42 -36.62 106.24
CA GLU R 324 32.34 -36.39 107.21
C GLU R 324 31.52 -35.17 106.82
N TRP R 325 32.17 -34.00 106.80
CA TRP R 325 31.46 -32.77 106.46
C TRP R 325 30.95 -32.80 105.03
N LEU R 326 31.68 -33.46 104.13
CA LEU R 326 31.23 -33.49 102.74
C LEU R 326 29.91 -34.25 102.60
N ASP R 327 29.74 -35.32 103.37
CA ASP R 327 28.46 -36.04 103.37
C ASP R 327 27.39 -35.21 104.07
N LEU R 328 27.72 -34.65 105.24
CA LEU R 328 26.74 -33.86 105.97
C LEU R 328 26.20 -32.71 105.11
N LEU R 329 27.06 -32.09 104.31
CA LEU R 329 26.64 -30.96 103.49
C LEU R 329 25.56 -31.39 102.51
N ARG R 330 25.85 -32.38 101.67
CA ARG R 330 24.85 -32.89 100.74
C ARG R 330 23.59 -33.33 101.48
N ARG R 331 23.72 -33.85 102.69
CA ARG R 331 22.54 -34.20 103.46
C ARG R 331 21.84 -32.98 104.06
N ARG R 332 22.44 -31.80 103.95
CA ARG R 332 21.81 -30.54 104.34
C ARG R 332 21.35 -30.57 105.80
N ARG R 333 22.34 -30.69 106.68
CA ARG R 333 22.10 -30.69 108.12
C ARG R 333 23.12 -29.84 108.87
N LEU R 334 23.54 -28.72 108.28
CA LEU R 334 24.52 -27.82 108.87
C LEU R 334 23.89 -26.45 109.08
N LYS R 335 24.71 -25.49 109.48
CA LYS R 335 24.24 -24.14 109.78
C LYS R 335 24.26 -23.27 108.52
N ARG R 336 23.46 -22.21 108.58
CA ARG R 336 23.23 -21.32 107.46
C ARG R 336 23.83 -19.94 107.76
N THR R 337 23.59 -18.99 106.85
CA THR R 337 24.05 -17.62 107.01
C THR R 337 22.96 -16.68 106.53
N ASN R 338 23.21 -15.37 106.68
CA ASN R 338 22.25 -14.36 106.27
C ASN R 338 22.94 -13.23 105.51
N VAL R 339 24.05 -13.53 104.84
CA VAL R 339 24.79 -12.55 104.07
C VAL R 339 25.17 -13.18 102.73
N TRP R 340 25.69 -12.35 101.84
CA TRP R 340 26.16 -12.81 100.54
C TRP R 340 27.68 -12.86 100.56
N PRO R 341 28.30 -14.05 100.56
CA PRO R 341 29.76 -14.13 100.64
C PRO R 341 30.41 -13.46 99.44
N PRO R 342 31.74 -13.34 99.45
CA PRO R 342 32.43 -12.76 98.29
C PRO R 342 32.44 -13.71 97.11
N PHE R 343 32.50 -13.11 95.91
CA PHE R 343 32.57 -13.91 94.70
C PHE R 343 33.85 -14.74 94.66
N LYS R 344 34.91 -14.28 95.33
CA LYS R 344 36.14 -15.05 95.39
C LYS R 344 35.96 -16.36 96.14
N SER R 345 34.88 -16.49 96.91
CA SER R 345 34.61 -17.75 97.61
C SER R 345 34.48 -18.92 96.64
N LEU R 346 34.02 -18.66 95.42
CA LEU R 346 33.67 -19.72 94.49
C LEU R 346 34.88 -20.53 94.02
N ALA R 347 36.10 -20.09 94.35
CA ALA R 347 37.28 -20.84 93.95
C ALA R 347 37.58 -21.97 94.93
N THR R 348 37.50 -21.70 96.23
CA THR R 348 37.87 -22.71 97.23
C THR R 348 36.90 -23.88 97.23
N LEU R 349 35.62 -23.63 96.95
CA LEU R 349 34.66 -24.72 96.95
C LEU R 349 35.05 -25.80 95.96
N VAL R 350 35.30 -25.42 94.71
CA VAL R 350 35.68 -26.40 93.69
C VAL R 350 37.15 -26.79 93.77
N ALA R 351 37.98 -26.01 94.46
CA ALA R 351 39.34 -26.46 94.74
C ALA R 351 39.32 -27.63 95.72
N GLU R 352 38.38 -27.61 96.66
CA GLU R 352 38.22 -28.73 97.58
C GLU R 352 37.48 -29.89 96.93
N PHE R 353 36.24 -29.64 96.51
CA PHE R 353 35.42 -30.68 95.89
C PHE R 353 36.17 -31.35 94.75
N GLY R 354 36.36 -32.66 94.87
CA GLY R 354 37.11 -33.45 93.91
C GLY R 354 38.47 -33.88 94.40
N CYS R 355 38.96 -33.28 95.49
CA CYS R 355 40.27 -33.65 96.01
C CYS R 355 40.23 -34.95 96.80
N VAL R 356 39.08 -35.29 97.38
CA VAL R 356 38.98 -36.52 98.14
C VAL R 356 39.23 -37.71 97.20
N ALA R 357 39.59 -38.84 97.81
CA ALA R 357 39.87 -40.06 97.06
C ALA R 357 39.53 -41.25 97.94
N ALA R 358 39.52 -42.43 97.32
CA ALA R 358 39.22 -43.65 98.05
C ALA R 358 40.42 -44.04 98.92
N ASP R 359 40.46 -43.52 100.15
CA ASP R 359 41.59 -43.78 101.03
C ASP R 359 41.78 -45.28 101.23
N ARG R 360 43.04 -45.69 101.32
CA ARG R 360 43.36 -47.09 101.56
C ARG R 360 43.15 -47.45 103.03
N SER R 361 43.74 -46.67 103.93
CA SER R 361 43.75 -46.99 105.36
C SER R 361 42.70 -46.15 106.10
N ASN R 362 41.43 -46.50 105.83
CA ASN R 362 40.30 -46.08 106.66
C ASN R 362 40.33 -44.58 106.96
N GLY R 363 40.14 -43.79 105.90
CA GLY R 363 40.04 -42.34 106.08
C GLY R 363 39.88 -41.59 104.78
N SER R 364 40.57 -40.45 104.68
CA SER R 364 40.61 -39.65 103.46
C SER R 364 42.05 -39.24 103.18
N LYS R 365 42.33 -38.95 101.92
CA LYS R 365 43.64 -38.50 101.50
C LYS R 365 43.50 -37.57 100.32
N ARG R 366 44.46 -36.66 100.18
CA ARG R 366 44.45 -35.67 99.10
C ARG R 366 45.17 -36.27 97.89
N ASP R 367 44.40 -36.68 96.89
CA ASP R 367 44.97 -37.18 95.64
C ASP R 367 45.16 -36.01 94.69
N ALA R 368 46.41 -35.79 94.28
CA ALA R 368 46.72 -34.64 93.43
C ALA R 368 45.97 -34.65 92.12
N PHE R 369 45.42 -35.81 91.71
CA PHE R 369 44.84 -35.90 90.37
C PHE R 369 43.54 -35.12 90.26
N GLY R 370 42.69 -35.17 91.29
CA GLY R 370 41.48 -34.36 91.25
C GLY R 370 41.79 -32.88 91.21
N PHE R 371 42.75 -32.45 92.04
CA PHE R 371 43.19 -31.06 92.00
C PHE R 371 43.65 -30.68 90.60
N SER R 372 44.49 -31.52 89.99
CA SER R 372 44.99 -31.23 88.65
C SER R 372 43.89 -31.27 87.60
N ASN R 373 42.82 -32.03 87.84
CA ASN R 373 41.71 -32.11 86.90
C ASN R 373 40.86 -30.84 86.94
N VAL R 374 40.54 -30.36 88.14
CA VAL R 374 39.68 -29.19 88.27
C VAL R 374 40.51 -27.92 88.40
N LEU R 375 41.83 -28.04 88.16
CA LEU R 375 42.68 -26.85 88.18
C LEU R 375 42.25 -25.79 87.18
N PRO R 376 42.09 -26.09 85.89
CA PRO R 376 41.76 -25.04 84.91
C PRO R 376 40.66 -24.11 85.38
N LEU R 377 39.67 -24.67 86.08
CA LEU R 377 38.53 -23.86 86.51
C LEU R 377 38.97 -22.79 87.51
N VAL R 378 39.76 -23.17 88.52
CA VAL R 378 40.24 -22.19 89.48
C VAL R 378 41.22 -21.24 88.82
N LYS R 379 42.04 -21.75 87.89
CA LYS R 379 42.97 -20.89 87.17
C LYS R 379 42.25 -19.79 86.41
N ILE R 380 41.04 -20.09 85.89
CA ILE R 380 40.26 -19.05 85.21
C ILE R 380 39.38 -18.27 86.18
N ILE R 381 39.15 -18.78 87.39
CA ILE R 381 38.45 -17.99 88.40
C ILE R 381 39.37 -16.90 88.96
N GLN R 382 40.68 -17.16 89.00
CA GLN R 382 41.60 -16.20 89.60
C GLN R 382 41.62 -14.87 88.83
N GLN R 383 41.58 -14.94 87.50
CA GLN R 383 41.77 -13.74 86.70
C GLN R 383 40.63 -12.74 86.89
N LEU R 384 39.42 -13.22 87.15
CA LEU R 384 38.30 -12.31 87.34
C LEU R 384 38.58 -11.33 88.48
N ALA R 385 39.00 -11.85 89.63
CA ALA R 385 39.41 -10.97 90.71
C ALA R 385 40.70 -10.24 90.38
N GLU R 386 41.58 -10.87 89.60
CA GLU R 386 42.77 -10.19 89.09
C GLU R 386 42.50 -9.56 87.72
N ASP R 387 41.40 -8.81 87.65
CA ASP R 387 41.00 -8.07 86.45
C ASP R 387 40.69 -6.64 86.82
N ILE R 388 40.62 -5.78 85.80
CA ILE R 388 40.39 -4.35 86.02
C ILE R 388 39.16 -3.89 85.26
N ARG R 389 39.20 -4.02 83.93
CA ARG R 389 38.15 -3.46 83.10
C ARG R 389 36.80 -4.13 83.36
N PHE R 390 36.82 -5.40 83.77
CA PHE R 390 35.59 -6.08 84.18
C PHE R 390 35.33 -5.92 85.66
N LYS R 391 36.37 -5.92 86.49
CA LYS R 391 36.21 -5.73 87.91
C LYS R 391 35.54 -4.40 88.23
N SER R 392 35.67 -3.41 87.35
CA SER R 392 35.18 -2.07 87.61
C SER R 392 33.71 -1.88 87.28
N ILE R 393 33.01 -2.92 86.83
CA ILE R 393 31.61 -2.82 86.45
C ILE R 393 30.71 -3.59 87.42
N VAL R 394 30.96 -4.89 87.58
CA VAL R 394 30.12 -5.74 88.42
C VAL R 394 30.55 -5.57 89.87
N ASN R 395 29.60 -5.21 90.73
CA ASN R 395 29.85 -5.17 92.17
C ASN R 395 30.37 -6.54 92.61
N LEU R 396 31.13 -6.57 93.70
CA LEU R 396 31.82 -7.79 94.10
C LEU R 396 31.97 -7.79 95.61
N ASN R 397 32.51 -8.89 96.14
CA ASN R 397 32.81 -9.10 97.55
C ASN R 397 31.56 -9.26 98.41
N GLY R 398 30.37 -9.19 97.82
CA GLY R 398 29.17 -9.51 98.57
C GLY R 398 29.00 -8.62 99.79
N GLY R 399 28.50 -9.22 100.87
CA GLY R 399 28.18 -8.50 102.08
C GLY R 399 26.76 -7.97 102.14
N GLY R 400 25.88 -8.42 101.25
CA GLY R 400 24.52 -7.93 101.21
C GLY R 400 23.56 -8.77 102.02
N GLU R 401 22.29 -8.39 101.96
CA GLU R 401 21.26 -9.07 102.72
C GLU R 401 20.91 -10.41 102.08
N LEU R 402 20.51 -11.36 102.93
CA LEU R 402 20.02 -12.66 102.50
C LEU R 402 18.91 -13.10 103.43
N ALA R 403 17.85 -13.66 102.86
CA ALA R 403 16.66 -14.07 103.60
C ALA R 403 16.55 -15.58 103.60
N ASP R 404 16.25 -16.14 104.77
CA ASP R 404 16.18 -17.59 104.93
C ASP R 404 15.06 -18.18 104.08
N GLY R 405 14.98 -19.51 104.05
CA GLY R 405 13.99 -20.21 103.26
C GLY R 405 14.53 -20.86 102.00
N GLY R 406 15.81 -20.66 101.68
CA GLY R 406 16.41 -21.20 100.49
C GLY R 406 16.07 -20.48 99.20
N THR R 407 15.03 -19.64 99.20
CA THR R 407 14.57 -18.97 97.98
C THR R 407 15.20 -17.57 97.88
N HIS R 408 16.53 -17.54 97.85
CA HIS R 408 17.29 -16.31 97.77
C HIS R 408 17.84 -16.02 96.39
N TRP R 409 17.57 -16.90 95.41
CA TRP R 409 18.06 -16.71 94.06
C TRP R 409 17.11 -15.90 93.20
N ASP R 410 15.87 -15.70 93.64
CA ASP R 410 14.87 -14.98 92.86
C ASP R 410 14.91 -13.48 93.09
N LYS R 411 15.05 -13.05 94.35
CA LYS R 411 14.92 -11.63 94.66
C LYS R 411 16.14 -10.85 94.22
N ALA R 412 17.33 -11.45 94.31
CA ALA R 412 18.54 -10.77 93.88
C ALA R 412 18.42 -10.30 92.43
N MET R 413 17.64 -11.01 91.62
CA MET R 413 17.39 -10.65 90.23
C MET R 413 16.15 -9.78 90.07
N SER R 414 15.07 -10.14 90.78
CA SER R 414 13.85 -9.36 90.69
C SER R 414 14.08 -7.90 91.07
N ASP R 415 14.90 -7.66 92.10
CA ASP R 415 15.13 -6.29 92.53
C ASP R 415 16.10 -5.56 91.62
N GLU R 416 17.09 -6.26 91.05
CA GLU R 416 17.99 -5.62 90.11
C GLU R 416 17.32 -5.32 88.78
N VAL R 417 16.18 -5.97 88.49
CA VAL R 417 15.40 -5.61 87.31
C VAL R 417 14.24 -4.67 87.65
N ASP R 418 13.86 -4.55 88.92
CA ASP R 418 12.85 -3.58 89.35
C ASP R 418 13.39 -2.17 89.43
N TYR R 419 14.65 -1.94 89.10
CA TYR R 419 15.24 -0.60 89.13
C TYR R 419 15.37 0.02 87.75
N PHE R 420 15.49 -0.80 86.70
CA PHE R 420 15.58 -0.27 85.34
C PHE R 420 14.21 0.12 84.82
N PHE R 421 13.28 -0.84 84.73
CA PHE R 421 11.88 -0.54 84.45
C PHE R 421 11.04 -0.60 85.72
N GLY R 422 10.96 -1.76 86.36
CA GLY R 422 10.30 -1.91 87.63
C GLY R 422 8.88 -1.36 87.69
N LYS R 423 8.31 -1.33 88.89
CA LYS R 423 7.10 -0.59 89.19
C LYS R 423 5.94 -1.06 88.29
N GLU R 424 5.54 -2.32 88.52
CA GLU R 424 4.36 -2.87 87.88
C GLU R 424 3.15 -1.98 88.16
N LYS R 425 2.09 -2.14 87.37
CA LYS R 425 0.92 -1.30 87.53
C LYS R 425 0.29 -1.51 88.90
N GLY R 426 -0.07 -0.40 89.55
CA GLY R 426 -0.60 -0.43 90.89
C GLY R 426 0.35 0.05 91.96
N GLN R 427 1.51 0.60 91.58
CA GLN R 427 2.50 1.10 92.54
C GLN R 427 3.02 2.43 92.03
N GLU R 428 3.79 3.10 92.89
CA GLU R 428 4.26 4.45 92.62
C GLU R 428 5.65 4.43 91.97
N ASN R 429 5.92 5.46 91.18
CA ASN R 429 7.23 5.65 90.57
C ASN R 429 7.47 7.14 90.43
N ASP R 430 8.73 7.50 90.16
CA ASP R 430 9.14 8.90 90.06
C ASP R 430 9.47 9.29 88.63
N TRP R 431 10.37 8.58 87.97
CA TRP R 431 10.76 8.89 86.61
C TRP R 431 9.87 8.15 85.61
N ASN R 432 9.94 8.60 84.35
CA ASN R 432 9.26 7.92 83.26
C ASN R 432 10.12 7.80 82.00
N VAL R 433 11.32 8.36 82.00
CA VAL R 433 12.22 8.30 80.86
C VAL R 433 13.61 7.92 81.36
N HIS R 434 13.97 6.66 81.24
CA HIS R 434 15.24 6.16 81.77
C HIS R 434 16.26 6.08 80.65
N ILE R 435 17.47 6.56 80.93
CA ILE R 435 18.56 6.60 79.97
C ILE R 435 19.75 5.90 80.63
N VAL R 436 20.00 4.65 80.24
CA VAL R 436 21.15 3.90 80.76
C VAL R 436 22.32 4.24 79.85
N ASN R 437 23.05 5.29 80.23
CA ASN R 437 24.19 5.76 79.46
C ASN R 437 25.45 5.11 80.00
N MET R 438 26.11 4.30 79.18
CA MET R 438 27.26 3.54 79.66
C MET R 438 28.26 3.36 78.52
N LYS R 439 29.54 3.60 78.83
CA LYS R 439 30.62 3.53 77.86
C LYS R 439 31.67 2.50 78.22
N ASN R 440 32.11 2.48 79.48
CA ASN R 440 33.29 1.72 79.86
C ASN R 440 32.99 0.22 79.93
N LEU R 441 32.62 -0.36 78.79
CA LEU R 441 32.42 -1.80 78.67
C LEU R 441 32.95 -2.21 77.30
N ALA R 442 34.06 -2.94 77.28
CA ALA R 442 34.80 -3.18 76.05
C ALA R 442 34.01 -4.06 75.10
N GLN R 443 34.62 -4.33 73.94
CA GLN R 443 34.04 -5.22 72.95
C GLN R 443 33.91 -6.66 73.46
N ASP R 444 34.52 -6.97 74.60
CA ASP R 444 34.62 -8.35 75.06
C ASP R 444 33.51 -8.75 76.02
N HIS R 445 32.81 -7.78 76.62
CA HIS R 445 31.85 -8.06 77.67
C HIS R 445 30.44 -7.54 77.41
N ALA R 446 30.29 -6.56 76.52
CA ALA R 446 28.95 -6.02 76.26
C ALA R 446 27.98 -7.10 75.81
N PRO R 447 28.34 -8.03 74.91
CA PRO R 447 27.39 -9.09 74.54
C PRO R 447 26.92 -9.89 75.73
N MET R 448 27.86 -10.48 76.46
CA MET R 448 27.53 -11.37 77.55
C MET R 448 26.83 -10.66 78.71
N LEU R 449 26.97 -9.33 78.80
CA LEU R 449 26.31 -8.59 79.86
C LEU R 449 24.91 -8.16 79.45
N LEU R 450 24.80 -7.46 78.32
CA LEU R 450 23.49 -6.99 77.87
C LEU R 450 22.57 -8.14 77.50
N SER R 451 23.12 -9.33 77.23
CA SER R 451 22.29 -10.50 77.01
C SER R 451 21.81 -11.16 78.30
N ALA R 452 22.17 -10.61 79.45
CA ALA R 452 21.81 -11.17 80.74
C ALA R 452 20.64 -10.45 81.40
N LEU R 453 20.23 -9.30 80.88
CA LEU R 453 19.07 -8.58 81.37
C LEU R 453 17.81 -8.91 80.57
N LEU R 454 17.98 -9.14 79.27
CA LEU R 454 16.84 -9.43 78.40
C LEU R 454 16.32 -10.84 78.63
N GLU R 455 17.19 -11.75 79.04
CA GLU R 455 16.77 -13.11 79.39
C GLU R 455 15.92 -13.14 80.65
N MET R 456 15.83 -12.03 81.38
CA MET R 456 15.12 -11.95 82.64
C MET R 456 13.91 -11.02 82.58
N PHE R 457 14.02 -9.92 81.84
CA PHE R 457 12.86 -9.05 81.68
C PHE R 457 11.67 -9.81 81.12
N ALA R 458 11.91 -10.72 80.18
CA ALA R 458 10.82 -11.51 79.61
C ALA R 458 10.22 -12.45 80.64
N GLU R 459 11.07 -13.09 81.46
CA GLU R 459 10.57 -13.93 82.54
C GLU R 459 9.65 -13.14 83.46
N ILE R 460 10.09 -11.93 83.84
CA ILE R 460 9.27 -11.13 84.75
C ILE R 460 7.98 -10.71 84.08
N LEU R 461 8.02 -10.42 82.78
CA LEU R 461 6.79 -10.11 82.06
C LEU R 461 5.83 -11.28 82.10
N PHE R 462 6.32 -12.48 81.79
CA PHE R 462 5.50 -13.68 81.88
C PHE R 462 4.87 -13.80 83.26
N ARG R 463 5.67 -13.65 84.31
CA ARG R 463 5.14 -13.77 85.66
C ARG R 463 4.03 -12.74 85.91
N ARG R 464 4.31 -11.47 85.65
CA ARG R 464 3.31 -10.43 85.85
C ARG R 464 2.02 -10.76 85.12
N GLY R 465 2.12 -11.20 83.86
CA GLY R 465 0.94 -11.58 83.12
C GLY R 465 0.19 -10.37 82.56
N GLN R 466 -1.13 -10.52 82.48
CA GLN R 466 -2.00 -9.52 81.86
C GLN R 466 -2.65 -8.58 82.87
N GLU R 467 -2.80 -9.01 84.13
CA GLU R 467 -3.50 -8.19 85.11
C GLU R 467 -2.71 -6.92 85.43
N ARG R 468 -1.45 -7.08 85.84
CA ARG R 468 -0.58 -5.95 86.17
C ARG R 468 0.56 -5.91 85.16
N SER R 469 0.56 -4.89 84.31
CA SER R 469 1.63 -4.66 83.35
C SER R 469 1.46 -3.29 82.73
N TYR R 470 2.56 -2.56 82.59
CA TYR R 470 2.53 -1.21 82.06
C TYR R 470 3.21 -1.14 80.69
N PRO R 471 2.64 -0.41 79.74
CA PRO R 471 3.31 -0.24 78.45
C PRO R 471 4.74 0.27 78.62
N THR R 472 5.66 -0.31 77.83
CA THR R 472 7.04 0.11 77.84
C THR R 472 7.56 0.15 76.41
N VAL R 473 8.55 1.02 76.18
CA VAL R 473 9.08 1.31 74.84
C VAL R 473 10.60 1.39 74.95
N LEU R 474 11.29 0.43 74.34
CA LEU R 474 12.74 0.34 74.40
C LEU R 474 13.36 0.84 73.09
N LEU R 475 14.45 1.59 73.21
CA LEU R 475 15.15 2.14 72.04
C LEU R 475 16.61 1.72 72.08
N LEU R 476 16.87 0.43 72.22
CA LEU R 476 18.22 -0.07 72.11
C LEU R 476 18.79 0.24 70.73
N GLU R 477 20.10 0.47 70.67
CA GLU R 477 20.72 0.99 69.47
C GLU R 477 22.03 0.24 69.19
N GLU R 478 22.47 0.32 67.95
CA GLU R 478 23.65 -0.39 67.46
C GLU R 478 23.69 -1.81 68.02
N ALA R 479 22.66 -2.57 67.65
CA ALA R 479 22.44 -3.89 68.23
C ALA R 479 23.32 -4.97 67.63
N HIS R 480 23.99 -4.70 66.52
CA HIS R 480 24.88 -5.71 65.94
C HIS R 480 26.13 -5.93 66.75
N HIS R 481 26.33 -5.17 67.84
CA HIS R 481 27.49 -5.33 68.69
C HIS R 481 27.26 -6.26 69.87
N TYR R 482 26.01 -6.52 70.24
CA TYR R 482 25.71 -7.42 71.35
C TYR R 482 24.64 -8.48 71.06
N LEU R 483 23.76 -8.26 70.08
CA LEU R 483 22.84 -9.33 69.70
C LEU R 483 23.57 -10.41 68.89
N ARG R 484 24.50 -10.00 68.04
CA ARG R 484 25.33 -10.91 67.26
C ARG R 484 26.69 -11.01 67.93
N ASP R 485 26.92 -12.10 68.65
CA ASP R 485 28.25 -12.36 69.19
C ASP R 485 29.19 -12.72 68.05
N PRO R 486 30.24 -11.95 67.80
CA PRO R 486 31.10 -12.21 66.64
C PRO R 486 32.11 -13.33 66.83
N TYR R 487 31.98 -14.14 67.87
CA TYR R 487 32.88 -15.26 68.10
C TYR R 487 32.16 -16.61 68.08
N ALA R 488 31.10 -16.76 68.86
CA ALA R 488 30.40 -18.04 68.94
C ALA R 488 29.55 -18.26 67.69
N GLU R 489 28.99 -19.47 67.60
CA GLU R 489 28.15 -19.87 66.48
C GLU R 489 26.72 -20.21 66.87
N ILE R 490 26.44 -20.47 68.15
CA ILE R 490 25.11 -20.89 68.56
C ILE R 490 24.17 -19.69 68.58
N ASP R 491 22.91 -19.91 68.21
CA ASP R 491 21.94 -18.84 68.04
C ASP R 491 20.68 -19.03 68.88
N SER R 492 20.66 -20.00 69.79
CA SER R 492 19.60 -19.99 70.79
C SER R 492 19.61 -18.68 71.55
N GLN R 493 20.75 -17.98 71.55
CA GLN R 493 20.84 -16.65 72.13
C GLN R 493 20.08 -15.61 71.30
N ILE R 494 19.74 -15.91 70.05
CA ILE R 494 18.84 -15.05 69.29
C ILE R 494 17.42 -15.55 69.55
N LYS R 495 17.30 -16.85 69.80
CA LYS R 495 15.98 -17.38 70.16
C LYS R 495 15.51 -16.80 71.49
N ALA R 496 16.44 -16.37 72.33
CA ALA R 496 16.08 -15.57 73.50
C ALA R 496 15.30 -14.33 73.07
N TYR R 497 15.86 -13.54 72.15
CA TYR R 497 15.14 -12.40 71.59
C TYR R 497 13.84 -12.83 70.95
N GLU R 498 13.81 -14.02 70.35
CA GLU R 498 12.58 -14.53 69.75
C GLU R 498 11.45 -14.60 70.77
N ARG R 499 11.69 -15.31 71.88
CA ARG R 499 10.65 -15.43 72.89
C ARG R 499 10.41 -14.09 73.59
N LEU R 500 11.44 -13.26 73.72
CA LEU R 500 11.23 -11.90 74.22
C LEU R 500 10.21 -11.15 73.38
N ALA R 501 10.35 -11.21 72.06
CA ALA R 501 9.41 -10.53 71.19
C ALA R 501 8.03 -11.15 71.28
N LYS R 502 7.97 -12.48 71.45
CA LYS R 502 6.66 -13.12 71.63
C LYS R 502 5.95 -12.57 72.86
N GLU R 503 6.62 -12.54 74.01
CA GLU R 503 5.99 -11.99 75.20
C GLU R 503 5.74 -10.49 75.08
N GLY R 504 6.58 -9.78 74.31
CA GLY R 504 6.38 -8.37 74.13
C GLY R 504 5.20 -8.03 73.26
N ARG R 505 4.82 -8.94 72.36
CA ARG R 505 3.59 -8.77 71.60
C ARG R 505 2.37 -9.25 72.35
N LYS R 506 2.49 -10.31 73.15
CA LYS R 506 1.40 -10.72 74.01
C LYS R 506 1.07 -9.63 75.03
N PHE R 507 2.01 -9.32 75.90
CA PHE R 507 1.88 -8.27 76.90
C PHE R 507 2.68 -7.05 76.47
N LYS R 508 2.22 -5.88 76.91
CA LYS R 508 2.65 -4.62 76.31
C LYS R 508 4.13 -4.38 76.56
N CYS R 509 4.94 -4.49 75.50
CA CYS R 509 6.33 -4.05 75.52
C CYS R 509 6.79 -3.98 74.08
N SER R 510 7.19 -2.80 73.63
CA SER R 510 7.57 -2.59 72.23
C SER R 510 9.05 -2.24 72.14
N LEU R 511 9.69 -2.75 71.10
CA LEU R 511 11.10 -2.52 70.83
C LEU R 511 11.25 -1.59 69.64
N ILE R 512 12.44 -1.01 69.52
CA ILE R 512 12.85 -0.28 68.32
C ILE R 512 14.27 -0.71 67.99
N VAL R 513 14.46 -1.25 66.79
CA VAL R 513 15.76 -1.75 66.37
C VAL R 513 16.39 -0.74 65.41
N SER R 514 17.60 -0.30 65.74
CA SER R 514 18.33 0.71 64.96
C SER R 514 19.74 0.20 64.72
N THR R 515 20.24 0.42 63.50
CA THR R 515 21.59 -0.03 63.17
C THR R 515 21.96 0.50 61.79
N GLN R 516 23.18 0.15 61.37
CA GLN R 516 23.72 0.51 60.07
C GLN R 516 24.28 -0.67 59.30
N ARG R 517 24.38 -1.85 59.93
CA ARG R 517 24.96 -3.04 59.32
C ARG R 517 23.97 -4.19 59.39
N PRO R 518 22.84 -4.08 58.69
CA PRO R 518 21.83 -5.15 58.76
C PRO R 518 22.32 -6.47 58.23
N SER R 519 23.41 -6.51 57.46
CA SER R 519 23.92 -7.77 56.94
C SER R 519 24.33 -8.70 58.07
N GLU R 520 24.85 -8.15 59.17
CA GLU R 520 25.29 -8.94 60.32
C GLU R 520 24.15 -9.24 61.29
N LEU R 521 22.95 -8.76 61.01
CA LEU R 521 21.78 -9.03 61.83
C LEU R 521 21.02 -10.20 61.24
N SER R 522 20.81 -11.24 62.04
CA SER R 522 20.09 -12.43 61.61
C SER R 522 18.75 -12.03 61.00
N PRO R 523 18.24 -12.76 60.01
CA PRO R 523 17.02 -12.32 59.32
C PRO R 523 15.74 -12.54 60.11
N THR R 524 15.72 -13.55 60.99
CA THR R 524 14.55 -13.76 61.82
C THR R 524 14.33 -12.58 62.77
N VAL R 525 15.41 -11.92 63.18
CA VAL R 525 15.27 -10.67 63.94
C VAL R 525 14.46 -9.67 63.12
N LEU R 526 14.89 -9.41 61.90
CA LEU R 526 14.26 -8.43 61.02
C LEU R 526 12.92 -8.88 60.48
N ALA R 527 12.52 -10.13 60.73
CA ALA R 527 11.24 -10.61 60.22
C ALA R 527 10.07 -10.19 61.11
N MET R 528 10.29 -10.14 62.42
CA MET R 528 9.20 -9.89 63.36
C MET R 528 8.66 -8.47 63.31
N CYS R 529 9.27 -7.58 62.53
CA CYS R 529 8.88 -6.18 62.55
C CYS R 529 7.66 -5.94 61.65
N SER R 530 7.11 -4.73 61.76
CA SER R 530 5.95 -4.36 60.97
C SER R 530 6.03 -2.93 60.41
N ASN R 531 7.13 -2.22 60.62
CA ASN R 531 7.28 -0.87 60.10
C ASN R 531 8.76 -0.58 59.89
N TRP R 532 9.07 0.08 58.78
CA TRP R 532 10.44 0.20 58.30
C TRP R 532 10.70 1.65 57.90
N PHE R 533 11.72 2.25 58.51
CA PHE R 533 12.27 3.53 58.10
C PHE R 533 13.68 3.31 57.61
N SER R 534 14.00 3.86 56.44
CA SER R 534 15.30 3.63 55.82
C SER R 534 15.92 4.94 55.39
N LEU R 535 17.19 5.14 55.76
CA LEU R 535 18.04 6.20 55.28
C LEU R 535 18.98 5.63 54.22
N ARG R 536 19.96 6.42 53.81
CA ARG R 536 20.86 6.00 52.74
C ARG R 536 21.68 4.80 53.17
N LEU R 537 22.06 3.99 52.18
CA LEU R 537 22.92 2.83 52.37
C LEU R 537 23.87 2.73 51.19
N THR R 538 25.17 2.71 51.47
CA THR R 538 26.17 2.70 50.41
C THR R 538 26.54 1.30 49.94
N ASN R 539 26.52 0.31 50.83
CA ASN R 539 26.92 -1.03 50.47
C ASN R 539 25.88 -1.68 49.55
N GLU R 540 26.16 -2.91 49.15
CA GLU R 540 25.25 -3.70 48.32
C GLU R 540 24.78 -4.98 49.01
N ARG R 541 25.50 -5.47 50.01
CA ARG R 541 25.06 -6.61 50.79
C ARG R 541 23.94 -6.28 51.76
N ASP R 542 23.47 -5.03 51.76
CA ASP R 542 22.44 -4.57 52.69
C ASP R 542 21.07 -4.49 52.04
N LEU R 543 20.97 -3.86 50.87
CA LEU R 543 19.70 -3.85 50.14
C LEU R 543 19.19 -5.26 49.90
N GLN R 544 20.10 -6.20 49.64
CA GLN R 544 19.70 -7.58 49.41
C GLN R 544 19.01 -8.16 50.64
N ALA R 545 19.66 -8.08 51.80
CA ALA R 545 19.08 -8.59 53.03
C ALA R 545 17.82 -7.82 53.43
N LEU R 546 17.66 -6.59 52.94
CA LEU R 546 16.46 -5.82 53.23
C LEU R 546 15.28 -6.33 52.40
N ARG R 547 15.46 -6.45 51.09
CA ARG R 547 14.37 -6.90 50.23
C ARG R 547 14.06 -8.36 50.46
N TYR R 548 15.04 -9.17 50.87
CA TYR R 548 14.78 -10.58 51.17
C TYR R 548 13.61 -10.73 52.14
N ALA R 549 13.54 -9.85 53.15
CA ALA R 549 12.51 -9.93 54.17
C ALA R 549 11.47 -8.83 54.09
N MET R 550 11.62 -7.89 53.14
CA MET R 550 10.61 -6.86 52.96
C MET R 550 9.25 -7.50 52.69
N GLU R 551 8.18 -6.76 53.02
CA GLU R 551 6.83 -7.28 52.89
C GLU R 551 5.86 -6.24 52.34
N SER R 552 6.36 -5.23 51.62
CA SER R 552 5.46 -4.28 50.97
C SER R 552 5.94 -3.86 49.58
N GLY R 553 6.79 -4.65 48.94
CA GLY R 553 7.15 -4.48 47.54
C GLY R 553 7.26 -3.05 47.04
N ASN R 554 6.67 -2.79 45.88
CA ASN R 554 6.70 -1.48 45.23
C ASN R 554 8.15 -1.06 44.97
N GLU R 555 8.80 -1.83 44.11
CA GLU R 555 10.22 -1.65 43.82
C GLU R 555 10.55 -0.24 43.32
N GLN R 556 9.59 0.47 42.72
CA GLN R 556 9.89 1.77 42.15
C GLN R 556 10.42 2.76 43.17
N ILE R 557 10.22 2.51 44.47
CA ILE R 557 10.59 3.45 45.51
C ILE R 557 11.90 3.04 46.16
N LEU R 558 12.18 1.73 46.17
CA LEU R 558 13.29 1.22 46.98
C LEU R 558 14.64 1.59 46.39
N LYS R 559 14.76 1.56 45.05
CA LYS R 559 16.04 1.83 44.43
C LYS R 559 16.54 3.24 44.71
N GLN R 560 15.65 4.15 45.10
CA GLN R 560 16.06 5.49 45.51
C GLN R 560 16.93 5.48 46.75
N ILE R 561 16.99 4.37 47.48
CA ILE R 561 17.69 4.34 48.76
C ILE R 561 19.18 4.53 48.58
N SER R 562 19.74 4.12 47.44
CA SER R 562 21.17 4.19 47.22
C SER R 562 21.66 5.56 46.78
N GLY R 563 20.79 6.57 46.75
CA GLY R 563 21.17 7.87 46.28
C GLY R 563 20.52 9.01 47.04
N LEU R 564 19.89 8.69 48.17
CA LEU R 564 19.17 9.71 48.92
C LEU R 564 20.13 10.79 49.40
N PRO R 565 19.66 12.03 49.52
CA PRO R 565 20.47 13.08 50.15
C PRO R 565 20.25 13.15 51.65
N ARG R 566 21.32 13.54 52.35
CA ARG R 566 21.30 13.66 53.80
C ARG R 566 20.02 14.35 54.27
N GLY R 567 19.35 13.73 55.24
CA GLY R 567 18.13 14.24 55.82
C GLY R 567 16.87 13.52 55.39
N ASP R 568 16.84 13.00 54.16
CA ASP R 568 15.65 12.36 53.64
C ASP R 568 15.56 10.91 54.13
N ALA R 569 14.41 10.30 53.89
CA ALA R 569 14.18 8.92 54.30
C ALA R 569 13.04 8.35 53.48
N VAL R 570 12.83 7.04 53.60
CA VAL R 570 11.67 6.38 53.01
C VAL R 570 11.04 5.49 54.08
N ALA R 571 9.71 5.35 54.01
CA ALA R 571 8.97 4.61 55.02
C ALA R 571 8.00 3.65 54.36
N PHE R 572 7.81 2.51 55.03
CA PHE R 572 6.74 1.60 54.59
C PHE R 572 6.39 0.64 55.72
N GLY R 573 5.14 0.20 55.71
CA GLY R 573 4.65 -0.70 56.74
C GLY R 573 3.14 -0.59 56.86
N SER R 574 2.60 -1.43 57.74
CA SER R 574 1.16 -1.48 57.94
C SER R 574 0.57 -0.10 58.21
N ALA R 575 1.23 0.69 59.05
CA ALA R 575 0.71 1.99 59.43
C ALA R 575 0.71 3.00 58.29
N PHE R 576 1.15 2.62 57.09
CA PHE R 576 1.08 3.47 55.91
C PHE R 576 0.29 2.74 54.84
N ASN R 577 -0.80 3.34 54.39
CA ASN R 577 -1.60 2.76 53.33
C ASN R 577 -1.01 3.03 51.94
N LEU R 578 0.03 3.84 51.85
CA LEU R 578 0.64 4.19 50.57
C LEU R 578 2.10 4.60 50.81
N PRO R 579 3.07 3.72 50.50
CA PRO R 579 4.47 4.05 50.79
C PRO R 579 4.84 5.45 50.31
N VAL R 580 5.86 6.02 50.95
CA VAL R 580 6.19 7.43 50.73
C VAL R 580 7.60 7.70 51.22
N ARG R 581 8.25 8.66 50.58
CA ARG R 581 9.52 9.22 51.02
C ARG R 581 9.26 10.55 51.70
N ILE R 582 10.16 10.94 52.60
CA ILE R 582 9.87 12.01 53.55
C ILE R 582 11.15 12.79 53.82
N SER R 583 10.98 14.06 54.18
CA SER R 583 12.08 14.95 54.51
C SER R 583 11.84 15.58 55.88
N ILE R 584 12.93 15.95 56.53
CA ILE R 584 12.89 16.61 57.83
C ILE R 584 14.14 17.46 58.02
N1 AR6 S . 46.46 45.83 -23.04
C2 AR6 S . 45.46 46.43 -22.37
N3 AR6 S . 45.39 47.76 -22.20
C4 AR6 S . 46.32 48.58 -22.72
C5 AR6 S . 47.43 48.00 -23.47
C6 AR6 S . 47.45 46.53 -23.61
N6 AR6 S . 48.45 45.91 -24.29
N7 AR6 S . 48.20 49.03 -23.86
C8 AR6 S . 47.63 50.17 -23.41
N9 AR6 S . 46.51 49.90 -22.71
PA AR6 S . 42.95 55.30 -25.37
PB AR6 S . 40.28 54.68 -26.04
C1' AR6 S . 45.57 50.85 -22.06
O1A AR6 S . 43.59 56.67 -25.31
O1B AR6 S . 39.02 54.57 -25.24
C1D AR6 S . 37.18 58.97 -27.97
O1D AR6 S . 37.42 59.92 -26.91
C2' AR6 S . 46.21 52.12 -21.50
O2' AR6 S . 46.50 52.00 -20.11
O2A AR6 S . 43.21 54.42 -26.56
O2B AR6 S . 40.90 53.45 -26.64
C2D AR6 S . 35.97 58.12 -27.63
O2D AR6 S . 35.40 58.54 -26.39
C3' AR6 S . 45.18 53.20 -21.75
O3' AR6 S . 44.47 53.50 -20.56
O3A AR6 S . 41.37 55.49 -25.16
C3D AR6 S . 36.49 56.71 -27.50
O3D AR6 S . 35.94 56.05 -26.36
C4' AR6 S . 44.24 52.65 -22.79
O4' AR6 S . 44.64 51.30 -23.06
C4D AR6 S . 37.99 56.88 -27.37
O4D AR6 S . 38.30 58.09 -28.06
C5' AR6 S . 44.26 53.42 -24.10
O5' AR6 S . 43.34 54.50 -24.03
C5D AR6 S . 38.79 55.71 -27.90
O5D AR6 S . 40.03 55.73 -27.22
H2 AR6 S . 44.69 45.81 -21.93
HN6 AR6 S . 48.45 44.91 -24.37
HN6A AR6 S . 49.19 46.46 -24.70
H8 AR6 S . 48.03 51.16 -23.57
H1' AR6 S . 45.03 50.35 -21.25
H1D AR6 S . 37.02 59.48 -28.92
H2' AR6 S . 47.12 52.37 -22.06
HO2' AR6 S . 47.00 52.77 -19.83
H2D AR6 S . 35.23 58.18 -28.44
HO2D AR6 S . 35.11 59.46 -26.45
H3' AR6 S . 45.69 54.09 -22.14
HO3' AR6 S . 45.06 53.90 -19.91
H3D AR6 S . 36.27 56.15 -28.43
HO3D AR6 S . 34.98 56.16 -26.37
H4' AR6 S . 43.22 52.67 -22.39
H4D AR6 S . 38.22 57.00 -26.30
H5' AR6 S . 43.97 52.76 -24.93
H5'A AR6 S . 45.26 53.80 -24.30
H5D AR6 S . 38.94 55.82 -28.99
H5DA AR6 S . 38.27 54.77 -27.71
HD1 AR6 S . 38.32 60.23 -26.96
N1 AR6 T . -8.26 65.49 -42.58
C2 AR6 T . -7.31 64.56 -42.71
N3 AR6 T . -6.13 64.81 -43.31
C4 AR6 T . -5.85 66.02 -43.83
C5 AR6 T . -6.86 67.08 -43.73
C6 AR6 T . -8.12 66.74 -43.06
N6 AR6 T . -9.10 67.66 -42.91
N7 AR6 T . -6.33 68.17 -44.32
C8 AR6 T . -5.09 67.83 -44.76
N9 AR6 T . -4.82 66.54 -44.48
PA AR6 T . 2.20 67.35 -43.52
PB AR6 T . 2.80 66.34 -40.98
C1' AR6 T . -3.57 65.78 -44.76
O1A AR6 T . 3.21 67.62 -44.60
O1B AR6 T . 2.96 64.98 -40.36
C1D AR6 T . 7.56 65.35 -39.74
O1D AR6 T . 7.58 63.94 -39.97
C2' AR6 T . -2.85 66.19 -46.04
O2' AR6 T . -3.32 65.47 -47.18
O2A AR6 T . 1.67 68.48 -42.68
O2B AR6 T . 1.66 67.24 -40.56
C2D AR6 T . 7.62 65.65 -38.25
O2D AR6 T . 7.42 64.43 -37.52
C3' AR6 T . -1.40 65.86 -45.75
O3' AR6 T . -1.03 64.61 -46.33
O3A AR6 T . 2.80 66.19 -42.58
C3D AR6 T . 6.48 66.60 -37.98
O3D AR6 T . 5.91 66.39 -36.69
C4' AR6 T . -1.31 65.78 -44.24
O4' AR6 T . -2.62 65.98 -43.73
C4D AR6 T . 5.52 66.28 -39.10
O4D AR6 T . 6.33 65.90 -40.21
C5' AR6 T . -0.35 66.81 -43.67
O5' AR6 T . 0.95 66.57 -44.17
C5D AR6 T . 4.63 67.44 -39.48
O5D AR6 T . 4.15 67.15 -40.79
H2 AR6 T . -7.48 63.58 -42.31
HN6 AR6 T . -8.98 68.60 -43.27
HN6A AR6 T . -9.97 67.41 -42.44
H8 AR6 T . -4.43 68.51 -45.28
H1' AR6 T . -3.81 64.71 -44.83
H1D AR6 T . 8.41 65.83 -40.25
H2' AR6 T . -2.93 67.26 -46.20
HO2' AR6 T . -2.90 65.84 -47.97
H2D AR6 T . 8.59 66.11 -38.00
HO2D AR6 T . 8.17 63.84 -37.67
H3' AR6 T . -0.76 66.67 -46.11
HO3' AR6 T . -1.05 64.69 -47.29
H3D AR6 T . 6.83 67.64 -38.09
HO3D AR6 T . 6.55 66.63 -36.02
H4' AR6 T . -0.95 64.78 -43.97
H4D AR6 T . 4.88 65.43 -38.79
H5' AR6 T . -0.35 66.75 -42.58
H5'A AR6 T . -0.67 67.81 -43.95
H5D AR6 T . 5.19 68.38 -39.47
H5DA AR6 T . 3.79 67.52 -38.79
HD1 AR6 T . 7.52 63.75 -40.91
N1 AR6 U . 43.05 -14.73 -48.37
C2 AR6 U . 43.04 -13.41 -48.13
N3 AR6 U . 43.80 -12.54 -48.81
C4 AR6 U . 44.62 -12.94 -49.79
C5 AR6 U . 44.69 -14.37 -50.12
C6 AR6 U . 43.83 -15.27 -49.34
N6 AR6 U . 43.82 -16.60 -49.58
N7 AR6 U . 45.57 -14.49 -51.12
C8 AR6 U . 46.03 -13.25 -51.42
N9 AR6 U . 45.47 -12.33 -50.61
PA AR6 U . 44.67 -7.41 -55.56
PB AR6 U . 42.12 -6.20 -55.60
C1' AR6 U . 45.67 -10.86 -50.59
O1A AR6 U . 45.90 -6.95 -56.32
O1B AR6 U . 41.48 -5.18 -54.71
C1D AR6 U . 42.33 -1.79 -58.65
O1D AR6 U . 43.34 -1.10 -57.90
C2' AR6 U . 47.06 -10.40 -51.03
O2' AR6 U . 47.95 -10.25 -49.93
O2A AR6 U . 43.87 -8.57 -56.08
O2B AR6 U . 41.65 -7.63 -55.57
C2D AR6 U . 40.94 -1.28 -58.26
O2D AR6 U . 41.04 -0.20 -57.33
C3' AR6 U . 46.81 -9.07 -51.73
O3' AR6 U . 47.11 -7.98 -50.86
O3A AR6 U . 43.71 -6.13 -55.39
C3D AR6 U . 40.24 -2.46 -57.63
O3D AR6 U . 39.62 -2.08 -56.40
C4' AR6 U . 45.33 -9.07 -52.08
O4' AR6 U . 44.77 -10.25 -51.52
C4D AR6 U . 41.35 -3.47 -57.40
O4D AR6 U . 42.36 -3.18 -58.34
C5' AR6 U . 45.07 -9.03 -53.57
O5' AR6 U . 45.09 -7.69 -54.05
C5D AR6 U . 40.90 -4.91 -57.51
O5D AR6 U . 42.01 -5.69 -57.12
H2 AR6 U . 42.40 -13.04 -47.34
HN6 AR6 U . 43.23 -17.21 -49.03
HN6A AR6 U . 44.42 -16.99 -50.30
H8 AR6 U . 46.76 -13.05 -52.19
H1' AR6 U . 45.48 -10.47 -49.59
H1D AR6 U . 42.48 -1.62 -59.73
H2' AR6 U . 47.48 -11.09 -51.77
HO2' AR6 U . 48.84 -10.09 -50.26
H2D AR6 U . 40.41 -0.98 -59.16
HO2D AR6 U . 41.51 0.52 -57.73
H3' AR6 U . 47.40 -9.02 -52.65
HO3' AR6 U . 48.06 -7.97 -50.66
H3D AR6 U . 39.51 -2.88 -58.33
HO3D AR6 U . 39.05 -1.32 -56.56
H4' AR6 U . 44.88 -8.17 -51.62
H4D AR6 U . 41.73 -3.32 -56.38
H5' AR6 U . 44.10 -9.47 -53.78
H5'A AR6 U . 45.82 -9.62 -54.09
H5D AR6 U . 40.62 -5.14 -58.54
H5DA AR6 U . 40.05 -5.12 -56.85
HD1 AR6 U . 44.21 -1.45 -58.14
N1 AR6 V . 7.75 30.40 -70.34
C2 AR6 V . 7.80 29.12 -69.93
N3 AR6 V . 8.36 28.15 -70.67
C4 AR6 V . 8.93 28.41 -71.86
C5 AR6 V . 8.90 29.78 -72.38
C6 AR6 V . 8.26 30.80 -71.52
N6 AR6 V . 8.19 32.10 -71.90
N7 AR6 V . 9.52 29.75 -73.56
C8 AR6 V . 9.90 28.47 -73.80
N9 AR6 V . 9.54 27.67 -72.79
PA AR6 V . 15.03 23.12 -73.29
PB AR6 V . 16.55 23.15 -70.93
C1' AR6 V . 9.78 26.21 -72.63
O1A AR6 V . 15.08 22.10 -74.39
O1B AR6 V . 16.17 22.76 -69.53
C1D AR6 V . 19.43 19.14 -69.49
O1D AR6 V . 18.39 18.44 -68.80
C2' AR6 V . 9.79 25.42 -73.94
O2' AR6 V . 8.49 25.02 -74.34
O2A AR6 V . 15.70 24.46 -73.48
O2B AR6 V . 16.71 24.60 -71.29
C2D AR6 V . 20.40 19.76 -68.49
O2D AR6 V . 19.87 19.60 -67.18
C3' AR6 V . 10.68 24.24 -73.62
O3' AR6 V . 9.91 23.10 -73.27
O3A AR6 V . 15.55 22.42 -71.95
C3D AR6 V . 20.45 21.24 -68.85
O3D AR6 V . 20.62 22.05 -67.69
C4' AR6 V . 11.52 24.68 -72.44
O4' AR6 V . 11.07 25.98 -72.08
C4D AR6 V . 19.11 21.44 -69.52
O4D AR6 V . 18.85 20.22 -70.23
C5' AR6 V . 13.01 24.70 -72.77
O5' AR6 V . 13.49 23.37 -72.91
C5D AR6 V . 19.09 22.61 -70.49
O5D AR6 V . 17.93 22.40 -71.29
H2 AR6 V . 7.36 28.86 -68.98
HN6 AR6 V . 8.59 32.38 -72.78
HN6A AR6 V . 7.75 32.78 -71.30
H8 AR6 V . 10.43 28.15 -74.69
H1' AR6 V . 9.02 25.78 -71.98
H1D AR6 V . 19.97 18.48 -70.17
H2' AR6 V . 10.28 26.02 -74.72
HO2' AR6 V . 8.54 24.61 -75.22
H2D AR6 V . 21.38 19.31 -68.60
HO2D AR6 V . 19.84 18.66 -66.95
H3' AR6 V . 11.34 24.03 -74.48
HO3' AR6 V . 9.40 22.81 -74.04
H3D AR6 V . 21.26 21.40 -69.58
HO3D AR6 V . 21.49 21.88 -67.31
H4' AR6 V . 11.36 23.98 -71.62
H4D AR6 V . 18.35 21.60 -68.75
H5' AR6 V . 13.55 25.19 -71.96
H5'A AR6 V . 13.19 25.26 -73.68
H5D AR6 V . 19.99 22.61 -71.10
H5DA AR6 V . 19.01 23.56 -69.95
HD1 AR6 V . 17.72 18.14 -69.44
N1 AR6 W . -5.08 -54.60 -30.84
C2 AR6 W . -4.26 -53.81 -31.53
N3 AR6 W . -3.65 -54.20 -32.66
C4 AR6 W . -3.83 -55.44 -33.16
C5 AR6 W . -4.72 -56.36 -32.45
C6 AR6 W . -5.36 -55.86 -31.21
N6 AR6 W . -6.18 -56.65 -30.50
N7 AR6 W . -4.72 -57.51 -33.14
C8 AR6 W . -3.93 -57.33 -34.22
N9 AR6 W . -3.38 -56.10 -34.21
PA AR6 W . -4.08 -54.63 -41.05
PB AR6 W . -4.52 -51.98 -41.77
C1' AR6 W . -2.46 -55.49 -35.21
O1A AR6 W . -3.03 -54.60 -42.13
O1B AR6 W . -3.61 -52.30 -42.92
C1D AR6 W . -3.93 -51.04 -46.53
O1D AR6 W . -2.51 -50.92 -46.49
C2' AR6 W . -1.59 -56.48 -35.97
O2' AR6 W . -0.36 -56.75 -35.30
O2A AR6 W . -4.91 -55.88 -40.86
O2B AR6 W . -3.98 -51.16 -40.64
C2D AR6 W . -4.56 -49.66 -46.67
O2D AR6 W . -3.55 -48.65 -46.76
C3' AR6 W . -1.37 -55.82 -37.32
O3' AR6 W . -0.13 -55.13 -37.34
O3A AR6 W . -5.07 -53.38 -41.22
C3D AR6 W . -5.42 -49.47 -45.44
O3D AR6 W . -5.16 -48.20 -44.84
C4' AR6 W . -2.52 -54.84 -37.46
O4' AR6 W . -3.21 -54.81 -36.21
C4D AR6 W . -5.01 -50.59 -44.51
O4D AR6 W . -4.41 -51.60 -45.31
C5' AR6 W . -3.50 -55.19 -38.56
O5' AR6 W . -3.39 -54.29 -39.64
C5D AR6 W . -6.16 -51.20 -43.71
O5D AR6 W . -5.85 -51.25 -42.33
H2 AR6 W . -4.07 -52.80 -31.18
HN6 AR6 W . -6.62 -56.31 -29.65
HN6A AR6 W . -6.37 -57.59 -30.82
H8 AR6 W . -3.74 -58.10 -34.96
H1' AR6 W . -1.80 -54.77 -34.70
H1D AR6 W . -4.24 -51.66 -47.39
H2' AR6 W . -2.14 -57.42 -36.14
HO2' AR6 W . 0.06 -57.51 -35.72
H2D AR6 W . -5.20 -49.64 -47.57
HO2D AR6 W . -3.03 -48.80 -47.55
H3' AR6 W . -1.41 -56.58 -38.10
HO3' AR6 W . 0.60 -55.75 -37.26
H3D AR6 W . -6.48 -49.57 -45.70
HO3D AR6 W . -5.22 -47.51 -45.50
H4' AR6 W . -2.10 -53.84 -37.67
H4D AR6 W . -4.27 -50.18 -43.80
H5' AR6 W . -4.51 -55.14 -38.16
H5'A AR6 W . -3.33 -56.21 -38.91
H5D AR6 W . -6.35 -52.21 -44.08
H5DA AR6 W . -7.06 -50.62 -43.87
HD1 AR6 W . -2.13 -51.79 -46.32
N1 AR6 X . -15.47 -11.25 -72.13
C2 AR6 X . -16.00 -11.86 -71.06
N3 AR6 X . -16.52 -13.10 -71.11
C4 AR6 X . -16.54 -13.80 -72.26
C5 AR6 X . -16.00 -13.20 -73.47
C6 AR6 X . -15.44 -11.85 -73.35
N6 AR6 X . -14.91 -11.21 -74.42
N7 AR6 X . -16.15 -14.11 -74.45
C8 AR6 X . -16.74 -15.20 -73.91
N9 AR6 X . -16.99 -15.01 -72.60
PA AR6 X . -15.38 -21.58 -70.74
PB AR6 X . -13.88 -22.02 -68.41
C1' AR6 X . -17.60 -15.95 -71.62
O1A AR6 X . -16.20 -22.75 -70.25
O1B AR6 X . -14.84 -23.18 -68.25
C1D AR6 X . -12.68 -26.35 -65.49
O1D AR6 X . -13.91 -26.44 -64.77
C2' AR6 X . -18.63 -16.90 -72.21
O2' AR6 X . -19.96 -16.36 -72.17
O2A AR6 X . -15.03 -21.49 -72.21
O2B AR6 X . -13.98 -20.87 -67.44
C2D AR6 X . -11.75 -25.35 -64.83
O2D AR6 X . -12.34 -24.77 -63.67
C3' AR6 X . -18.51 -18.14 -71.34
O3' AR6 X . -19.50 -18.12 -70.31
O3A AR6 X . -14.01 -21.49 -69.91
C3D AR6 X . -11.49 -24.29 -65.86
O3D AR6 X . -11.52 -22.98 -65.29
C4' AR6 X . -17.13 -18.06 -70.73
O4' AR6 X . -16.60 -16.79 -71.06
C4D AR6 X . -12.61 -24.48 -66.86
O4D AR6 X . -12.94 -25.86 -66.80
C5' AR6 X . -16.19 -19.15 -71.23
O5' AR6 X . -16.11 -20.22 -70.31
C5D AR6 X . -12.23 -24.04 -68.26
O5D AR6 X . -12.40 -22.62 -68.36
H2 AR6 X . -16.00 -11.34 -70.12
HN6 AR6 X . -14.89 -11.67 -75.31
HN6A AR6 X . -14.53 -10.28 -74.31
H8 AR6 X . -16.99 -16.10 -74.46
H1' AR6 X . -18.09 -15.38 -70.82
H1D AR6 X . -12.19 -27.33 -65.52
H2' AR6 X . -18.36 -17.18 -73.24
HO2' AR6 X . -20.57 -16.99 -72.60
H2D AR6 X . -10.80 -25.85 -64.59
HO2D AR6 X . -12.55 -25.47 -63.04
H3' AR6 X . -18.61 -19.05 -71.95
HO3' AR6 X . -20.38 -18.19 -70.71
H3D AR6 X . -10.53 -24.48 -66.36
HO3D AR6 X . -10.89 -22.94 -64.55
H4' AR6 X . -17.23 -18.15 -69.64
H4D AR6 X . -13.47 -23.89 -66.50
H5' AR6 X . -15.20 -18.72 -71.36
H5'A AR6 X . -16.53 -19.52 -72.20
H5D AR6 X . -12.88 -24.53 -68.99
H5DA AR6 X . -11.20 -24.31 -68.47
HD1 AR6 X . -14.51 -27.03 -65.23
N1 AR6 Y . -49.41 -35.79 13.08
C2 AR6 Y . -48.79 -36.20 11.96
N3 AR6 Y . -49.19 -37.26 11.24
C4 AR6 Y . -50.25 -38.01 11.62
C5 AR6 Y . -50.98 -37.62 12.83
C6 AR6 Y . -50.50 -36.43 13.56
N6 AR6 Y . -51.10 -36.02 14.69
N7 AR6 Y . -51.98 -38.51 12.98
C8 AR6 Y . -51.90 -39.38 11.95
N9 AR6 Y . -50.86 -39.08 11.14
PA AR6 Y . -53.78 -40.17 4.70
PB AR6 Y . -53.09 -38.24 2.75
C1' AR6 Y . -50.43 -39.77 9.89
O1A AR6 Y . -53.62 -41.08 3.51
O1B AR6 Y . -52.11 -39.20 2.14
C1D AR6 Y . -54.99 -40.04 -1.99
O1D AR6 Y . -53.98 -40.99 -2.32
C2' AR6 Y . -50.74 -41.27 9.83
O2' AR6 Y . -49.58 -42.05 10.13
O2A AR6 Y . -55.11 -40.09 5.41
O2B AR6 Y . -52.80 -36.77 2.74
C2D AR6 Y . -54.68 -38.72 -2.69
O2D AR6 Y . -53.65 -38.88 -3.66
C3' AR6 Y . -51.21 -41.53 8.42
O3' AR6 Y . -50.26 -42.33 7.69
O3A AR6 Y . -53.34 -38.68 4.29
C3D AR6 Y . -54.25 -37.76 -1.59
O3D AR6 Y . -52.95 -37.24 -1.86
C4' AR6 Y . -51.34 -40.17 7.76
O4' AR6 Y . -51.16 -39.21 8.79
C4D AR6 Y . -54.25 -38.60 -0.31
O4D AR6 Y . -54.99 -39.78 -0.59
C5' AR6 Y . -52.67 -39.94 7.08
O5' AR6 Y . -52.66 -40.53 5.79
C5D AR6 Y . -54.85 -37.82 0.86
O5D AR6 Y . -54.53 -38.50 2.06
H2 AR6 Y . -47.94 -35.64 11.61
HN6 AR6 Y . -50.77 -35.21 15.19
HN6A AR6 Y . -51.91 -36.53 15.04
H8 AR6 Y . -52.58 -40.21 11.81
H1' AR6 Y . -49.36 -39.62 9.73
H1D AR6 Y . -55.97 -40.39 -2.33
H2' AR6 Y . -51.54 -41.53 10.51
HO2' AR6 Y . -49.83 -42.97 10.24
H2D AR6 Y . -55.60 -38.34 -3.15
HO2D AR6 Y . -53.98 -39.45 -4.37
H3' AR6 Y . -52.18 -42.03 8.43
HO3' AR6 Y . -50.29 -43.24 8.02
H3D AR6 Y . -54.98 -36.95 -1.49
HO3D AR6 Y . -52.96 -36.82 -2.72
H4' AR6 Y . -50.53 -40.07 7.02
H4D AR6 Y . -53.21 -38.85 -0.07
H5' AR6 Y . -52.86 -38.87 6.99
H5'A AR6 Y . -53.49 -40.37 7.67
H5D AR6 Y . -55.93 -37.76 0.74
H5DA AR6 Y . -54.45 -36.81 0.88
HD1 AR6 Y . -54.16 -41.82 -1.86
N1 AR6 Z . -54.49 -18.31 -45.11
C2 AR6 Z . -54.61 -17.90 -43.83
N3 AR6 Z . -55.65 -18.22 -43.06
C4 AR6 Z . -56.65 -18.99 -43.53
C5 AR6 Z . -56.59 -19.48 -44.91
C6 AR6 Z . -55.41 -19.08 -45.71
N6 AR6 Z . -55.27 -19.48 -47.00
N7 AR6 Z . -57.70 -20.21 -45.11
C8 AR6 Z . -58.41 -20.20 -43.95
N9 AR6 Z . -57.79 -19.46 -43.02
PA AR6 Z . -58.91 -23.55 -37.53
PB AR6 Z . -56.97 -23.81 -35.53
C1' AR6 Z . -58.22 -19.21 -41.62
O1A AR6 Z . -59.66 -22.92 -36.39
O1B AR6 Z . -57.53 -22.48 -35.08
C1D AR6 Z . -56.29 -27.12 -31.47
O1D AR6 Z . -55.13 -26.49 -30.91
C2' AR6 Z . -59.72 -19.01 -41.48
O2' AR6 Z . -60.13 -17.67 -41.76
O2A AR6 Z . -59.59 -24.61 -38.36
O2B AR6 Z . -55.48 -24.03 -35.56
C2D AR6 Z . -55.90 -28.44 -32.15
O2D AR6 Z . -54.56 -28.83 -31.82
C3' AR6 Z . -59.96 -19.36 -40.02
O3' AR6 Z . -59.94 -18.20 -39.19
O3A AR6 Z . -57.53 -24.15 -37.00
C3D AR6 Z . -56.04 -28.18 -33.63
O3D AR6 Z . -54.87 -28.58 -34.34
C4' AR6 Z . -58.84 -20.30 -39.66
O4' AR6 Z . -57.93 -20.32 -40.76
C4D AR6 Z . -56.27 -26.68 -33.73
O4D AR6 Z . -56.82 -26.28 -32.48
C5' AR6 Z . -59.32 -21.70 -39.32
O5' AR6 Z . -58.39 -22.39 -38.51
C5D AR6 Z . -57.21 -26.31 -34.86
O5D AR6 Z . -57.65 -24.98 -34.67
H2 AR6 Z . -53.83 -17.28 -43.41
HN6 AR6 Z . -55.97 -20.06 -47.42
HN6A AR6 Z . -54.45 -19.20 -47.51
H8 AR6 Z . -59.36 -20.70 -43.82
H1' AR6 Z . -57.72 -18.32 -41.24
H1D AR6 Z . -57.03 -27.32 -30.68
H2' AR6 Z . -60.27 -19.73 -42.10
HO2' AR6 Z . -61.10 -17.63 -41.74
H2D AR6 Z . -56.60 -29.23 -31.84
HO2D AR6 Z . -54.58 -29.35 -31.02
H3' AR6 Z . -60.93 -19.89 -39.94
HO3' AR6 Z . -60.64 -17.59 -39.46
H3D AR6 Z . -56.93 -28.70 -34.00
HO3D AR6 Z . -54.70 -29.51 -34.18
H4' AR6 Z . -58.33 -19.90 -38.77
H4D AR6 Z . -55.31 -26.18 -33.90
H5' AR6 Z . -59.47 -22.26 -40.25
H5'A AR6 Z . -60.28 -21.64 -38.80
H5D AR6 Z . -58.06 -26.99 -34.87
H5DA AR6 Z . -56.68 -26.39 -35.81
HD1 AR6 Z . -55.39 -25.62 -30.58
N1 AR6 AA . -44.02 25.35 38.63
C2 AR6 AA . -44.33 24.16 38.06
N3 AR6 AA . -45.55 23.59 38.18
C4 AR6 AA . -46.53 24.19 38.89
C5 AR6 AA . -46.26 25.48 39.54
C6 AR6 AA . -44.90 26.05 39.36
N6 AR6 AA . -44.56 27.24 39.91
N7 AR6 AA . -47.39 25.83 40.17
C8 AR6 AA . -48.30 24.86 39.94
N9 AR6 AA . -47.79 23.87 39.20
PA AR6 AA . -53.86 22.73 35.78
PB AR6 AA . -53.49 22.60 33.00
C1' AR6 AA . -48.47 22.63 38.72
O1A AR6 AA . -55.16 22.34 36.43
O1B AR6 AA . -52.96 21.57 32.02
C1D AR6 AA . -58.58 21.62 30.57
O1D AR6 AA . -58.97 20.33 31.08
C2' AR6 AA . -49.38 22.00 39.77
O2' AR6 AA . -48.74 20.91 40.43
O2A AR6 AA . -53.55 24.18 35.51
O2B AR6 AA . -52.77 23.91 33.16
C2D AR6 AA . -57.96 21.48 29.20
O2D AR6 AA . -58.05 20.13 28.73
C3' AR6 AA . -50.60 21.52 38.99
O3' AR6 AA . -50.64 20.10 38.91
O3A AR6 AA . -53.71 21.88 34.42
C3D AR6 AA . -56.51 21.89 29.35
O3D AR6 AA . -55.64 20.92 28.79
C4' AR6 AA . -50.45 22.13 37.60
O4' AR6 AA . -49.30 22.96 37.61
C4D AR6 AA . -56.30 22.01 30.86
O4D AR6 AA . -57.59 22.20 31.43
C5' AR6 AA . -51.67 22.96 37.18
O5' AR6 AA . -52.66 22.10 36.64
C5D AR6 AA . -55.36 23.14 31.24
O5D AR6 AA . -55.01 22.93 32.60
H2 AR6 AA . -43.58 23.65 37.49
HN6 AR6 AA . -43.64 27.60 39.78
HN6A AR6 AA . -45.23 27.74 40.46
H8 AR6 AA . -49.31 24.87 40.34
H1' AR6 AA . -47.71 21.89 38.42
H1D AR6 AA . -59.46 22.27 30.50
H2' AR6 AA . -49.70 22.74 40.50
HO2' AR6 AA . -49.28 20.62 41.17
H2D AR6 AA . -58.46 22.17 28.50
HO2D AR6 AA . -58.99 19.89 28.65
H3' AR6 AA . -51.50 21.91 39.46
HO3' AR6 AA . -50.83 19.73 39.78
H3D AR6 AA . -56.35 22.88 28.90
HO3D AR6 AA . -55.80 20.84 27.85
H4' AR6 AA . -50.32 21.31 36.87
H4D AR6 AA . -55.88 21.06 31.22
H5' AR6 AA . -51.37 23.68 36.43
H5'A AR6 AA . -52.06 23.50 38.04
H5D AR6 AA . -55.85 24.09 31.12
H5DA AR6 AA . -54.46 23.11 30.61
HD1 AR6 AA . -59.25 20.41 31.99
N1 AR6 BA . -70.08 16.29 -16.24
C2 AR6 BA . -69.27 17.05 -15.48
N3 AR6 BA . -69.72 17.88 -14.52
C4 AR6 BA . -71.05 18.00 -14.29
C5 AR6 BA . -72.00 17.21 -15.07
C6 AR6 BA . -71.43 16.31 -16.09
N6 AR6 BA . -72.22 15.55 -16.87
N7 AR6 BA . -73.22 17.53 -14.62
C8 AR6 BA . -73.07 18.45 -13.61
N9 AR6 BA . -71.77 18.74 -13.44
PA AR6 BA . -71.97 19.50 -6.47
PB AR6 BA . -69.91 18.18 -5.12
C1' AR6 BA . -71.15 19.66 -12.45
O1A AR6 BA . -71.98 20.60 -5.44
O1B AR6 BA . -69.03 19.25 -4.50
C1D AR6 BA . -69.01 19.33 -0.96
O1D AR6 BA . -67.78 19.92 -1.39
C2' AR6 BA . -71.99 20.88 -12.09
O2' AR6 BA . -71.77 21.99 -12.96
O2A AR6 BA . -73.03 18.42 -6.45
O2B AR6 BA . -69.33 16.83 -5.45
C2D AR6 BA . -68.76 18.02 -0.23
O2D AR6 BA . -67.41 17.63 -0.41
C3' AR6 BA . -71.54 21.19 -10.67
O3' AR6 BA . -70.47 22.12 -10.65
O3A AR6 BA . -70.52 18.81 -6.46
C3D AR6 BA . -69.69 17.02 -0.88
O3D AR6 BA . -69.14 15.70 -0.89
C4' AR6 BA . -71.06 19.86 -10.12
O4' AR6 BA . -70.98 18.96 -11.22
C4D AR6 BA . -69.83 17.58 -2.28
O4D AR6 BA . -69.80 19.00 -2.11
C5' AR6 BA . -72.00 19.31 -9.06
O5' AR6 BA . -71.94 20.16 -7.92
C5D AR6 BA . -71.10 17.18 -3.01
O5D AR6 BA . -71.20 17.98 -4.19
H2 AR6 BA . -68.21 16.98 -15.64
HN6 AR6 BA . -73.22 15.57 -16.76
HN6A AR6 BA . -71.81 14.93 -17.56
H8 AR6 BA . -73.88 18.89 -13.07
H1' AR6 BA . -70.18 20.00 -12.81
H1D AR6 BA . -69.57 20.02 -0.31
H2' AR6 BA . -73.05 20.61 -12.07
HO2' AR6 BA . -72.49 22.62 -12.86
H2D AR6 BA . -69.00 18.13 0.84
HO2D AR6 BA . -66.82 18.28 -0.02
H3' AR6 BA . -72.39 21.55 -10.08
HO3' AR6 BA . -70.82 23.01 -10.50
H3D AR6 BA . -70.68 17.04 -0.38
HO3D AR6 BA . -69.07 15.39 0.03
H4' AR6 BA . -70.07 20.01 -9.69
H4D AR6 BA . -68.96 17.25 -2.85
H5' AR6 BA . -71.70 18.31 -8.78
H5'A AR6 BA . -73.01 19.28 -9.45
H5D AR6 BA . -71.97 17.37 -2.35
H5DA AR6 BA . -71.06 16.12 -3.25
HD1 AR6 BA . -67.97 20.64 -1.99
N1 AR6 CA . 1.23 66.87 19.82
C2 AR6 CA . 0.06 66.28 20.10
N3 AR6 CA . -0.99 66.94 20.60
C4 AR6 CA . -0.92 68.26 20.85
C5 AR6 CA . 0.32 68.97 20.58
C6 AR6 CA . 1.43 68.19 20.03
N6 AR6 CA . 2.62 68.77 19.75
N7 AR6 CA . 0.10 70.26 20.92
C8 AR6 CA . -1.16 70.36 21.38
N9 AR6 CA . -1.78 69.16 21.35
PA AR6 CA . -7.88 71.86 19.30
PB AR6 CA . -9.27 70.52 17.24
C1' AR6 CA . -3.17 68.83 21.74
O1A AR6 CA . -8.50 73.02 20.05
O1B AR6 CA . -9.82 69.12 17.18
C1D AR6 CA . -14.68 71.56 16.64
O1D AR6 CA . -15.27 70.87 17.75
C2' AR6 CA . -3.67 69.57 22.97
O2' AR6 CA . -3.50 68.79 24.16
O2A AR6 CA . -6.91 72.15 18.19
O2B AR6 CA . -8.05 70.88 16.43
C2D AR6 CA . -14.83 70.73 15.37
O2D AR6 CA . -15.79 69.70 15.54
C3' AR6 CA . -5.13 69.85 22.69
O3' AR6 CA . -5.98 68.95 23.41
O3A AR6 CA . -9.07 70.92 18.78
C3D AR6 CA . -13.45 70.16 15.11
O3D AR6 CA . -13.47 68.72 15.17
C4' AR6 CA . -5.30 69.62 21.20
O4' AR6 CA . -4.04 69.21 20.68
C4D AR6 CA . -12.56 70.71 16.21
O4D AR6 CA . -13.29 71.74 16.87
C5' AR6 CA . -5.75 70.87 20.45
O5' AR6 CA . -7.16 70.90 20.37
C5D AR6 CA . -11.24 71.25 15.67
O5D AR6 CA . -10.44 71.54 16.81
H2 AR6 CA . -0.03 65.21 19.91
HN6 AR6 CA . 3.38 68.22 19.36
HN6A AR6 CA . 2.75 69.76 19.91
H8 AR6 CA . -1.61 71.28 21.73
H1' AR6 CA . -3.26 67.75 21.93
H1D AR6 CA . -15.17 72.53 16.49
H2' AR6 CA . -3.14 70.53 23.07
HO2' AR6 CA . -3.69 69.34 24.94
H2D AR6 CA . -15.11 71.39 14.54
HO2D AR6 CA . -16.67 70.09 15.67
H3' AR6 CA . -5.36 70.89 22.94
HO3' AR6 CA . -5.89 69.12 24.36
H3D AR6 CA . -13.09 70.50 14.13
HO3D AR6 CA . -14.11 68.37 14.54
H4' AR6 CA . -6.05 68.84 21.05
H4D AR6 CA . -12.34 69.89 16.90
H5' AR6 CA . -5.33 70.86 19.45
H5'A AR6 CA . -5.39 71.77 20.96
H5D AR6 CA . -11.41 72.15 15.09
H5DA AR6 CA . -10.74 70.51 15.05
HD1 AR6 CA . -15.03 71.32 18.56
N1 AR6 DA . -47.46 58.03 -15.29
C2 AR6 DA . -46.13 58.27 -15.31
N3 AR6 DA . -45.61 59.50 -15.17
C4 AR6 DA . -46.39 60.57 -14.98
C5 AR6 DA . -47.84 60.40 -14.95
C6 AR6 DA . -48.36 59.02 -15.11
N6 AR6 DA . -49.68 58.76 -15.10
N7 AR6 DA . -48.37 61.62 -14.74
C8 AR6 DA . -47.34 62.50 -14.66
N9 AR6 DA . -46.16 61.88 -14.82
PA AR6 DA . -42.44 64.93 -9.89
PB AR6 DA . -41.01 63.80 -7.78
C1' AR6 DA . -44.79 62.46 -14.78
O1A AR6 DA . -41.07 65.43 -10.26
O1B AR6 DA . -39.78 63.83 -8.67
C1D AR6 DA . -37.08 65.28 -4.50
O1D AR6 DA . -35.84 65.80 -5.02
C2' AR6 DA . -44.68 63.80 -15.49
O2' AR6 DA . -44.46 63.65 -16.89
O2A AR6 DA . -43.51 65.91 -9.48
O2B AR6 DA . -41.18 62.66 -6.80
C2D AR6 DA . -37.23 63.82 -4.86
O2D AR6 DA . -36.14 63.38 -5.67
C3' AR6 DA . -43.52 64.47 -14.80
O3' AR6 DA . -42.32 64.33 -15.58
O3A AR6 DA . -42.31 63.83 -8.74
C3D AR6 DA . -38.53 63.72 -5.64
O3D AR6 DA . -38.34 62.95 -6.83
C4' AR6 DA . -43.37 63.74 -13.47
O4' AR6 DA . -44.38 62.73 -13.44
C4D AR6 DA . -38.93 65.15 -5.95
O4D AR6 DA . -38.19 65.98 -5.07
C5' AR6 DA . -43.51 64.68 -12.28
O5' AR6 DA . -43.02 64.04 -11.11
C5D AR6 DA . -40.43 65.36 -5.75
O5D AR6 DA . -41.10 65.19 -7.01
H2 AR6 DA . -45.46 57.43 -15.46
HN6 AR6 DA . -50.34 59.51 -14.96
HN6A AR6 DA . -50.02 57.81 -15.21
H8 AR6 DA . -47.46 63.57 -14.51
H1' AR6 DA . -44.09 61.77 -15.24
H1D AR6 DA . -37.10 65.38 -3.41
H2' AR6 DA . -45.58 64.40 -15.30
HO2' AR6 DA . -44.48 64.53 -17.31
H2D AR6 DA . -37.31 63.22 -3.96
HO2D AR6 DA . -35.35 63.34 -5.13
H3' AR6 DA . -43.75 65.53 -14.62
HO3' AR6 DA . -42.42 64.81 -16.40
H3D AR6 DA . -39.28 63.24 -4.99
HO3D AR6 DA . -38.02 62.07 -6.60
H4' AR6 DA . -42.37 63.28 -13.44
H4D AR6 DA . -38.67 65.37 -7.00
H5' AR6 DA . -44.56 64.94 -12.15
H5'A AR6 DA . -42.96 65.60 -12.46
H5D AR6 DA . -40.60 66.38 -5.38
H5DA AR6 DA . -40.82 64.66 -5.02
HD1 AR6 DA . -35.72 66.71 -4.71
PG AGS EA . 43.49 10.64 18.91
S1G AGS EA . 45.55 10.80 18.73
O2G AGS EA . 43.07 10.93 20.44
O3G AGS EA . 43.08 9.26 18.54
PB AGS EA . 42.57 11.35 16.38
O1B AGS EA . 43.64 10.37 15.96
O2B AGS EA . 41.12 11.01 16.17
O3B AGS EA . 42.78 11.69 17.93
PA AGS EA . 44.33 13.30 15.39
O1A AGS EA . 44.57 14.54 16.23
O2A AGS EA . 45.28 12.12 15.49
O3A AGS EA . 42.84 12.77 15.66
O5' AGS EA . 44.29 13.75 13.85
C5' AGS EA . 45.32 13.28 12.97
C4' AGS EA . 45.63 14.31 11.89
O4' AGS EA . 44.45 15.03 11.49
C3' AGS EA . 46.64 15.33 12.36
O3' AGS EA . 47.89 15.15 11.69
C2' AGS EA . 46.04 16.69 12.01
O2' AGS EA . 46.97 17.50 11.30
C1' AGS EA . 44.82 16.36 11.17
N9 AGS EA . 43.73 17.31 11.45
C8 AGS EA . 42.67 17.12 12.27
N7 AGS EA . 41.87 18.22 12.28
C5 AGS EA . 42.41 19.13 11.47
C6 AGS EA . 42.08 20.51 11.02
N6 AGS EA . 40.98 21.13 11.46
N1 AGS EA . 42.93 21.10 10.15
C2 AGS EA . 44.03 20.49 9.69
N3 AGS EA . 44.39 19.25 10.06
C4 AGS EA . 43.64 18.53 10.92
HOG2 AGS EA . 43.42 10.37 21.14
H5'1 AGS EA . 44.99 12.35 12.51
H5'2 AGS EA . 46.23 13.08 13.54
H4' AGS EA . 46.04 13.77 11.02
H3' AGS EA . 46.77 15.25 13.45
HO3' AGS EA . 48.55 15.76 12.03
H2' AGS EA . 45.73 17.18 12.94
HO2' AGS EA . 47.67 17.79 11.90
H1' AGS EA . 45.10 16.43 10.10
H8 AGS EA . 42.49 16.21 12.83
HN61 AGS EA . 40.77 22.06 11.14
HN62 AGS EA . 40.35 20.67 12.12
H2 AGS EA . 44.67 21.03 9.00
PG AGS FA . 43.87 -24.03 2.27
S1G AGS FA . 43.14 -25.95 1.98
O2G AGS FA . 43.17 -23.40 3.58
O3G AGS FA . 45.33 -24.06 2.46
PB AGS FA . 44.05 -21.64 0.81
O1B AGS FA . 43.03 -20.71 1.41
O2B AGS FA . 45.49 -21.59 1.29
O3B AGS FA . 43.52 -23.14 0.97
PA AGS FA . 45.36 -21.59 -1.67
O1A AGS FA . 46.14 -20.31 -1.61
O2A AGS FA . 46.02 -22.90 -1.29
O3A AGS FA . 44.02 -21.46 -0.78
O5' AGS FA . 44.75 -21.75 -3.15
C5' AGS FA . 44.20 -23.00 -3.57
C4' AGS FA . 44.32 -23.16 -5.08
O4' AGS FA . 43.66 -22.10 -5.74
C3' AGS FA . 45.77 -23.17 -5.54
O3' AGS FA . 46.16 -24.48 -5.94
C2' AGS FA . 45.84 -22.20 -6.70
O2' AGS FA . 46.24 -22.86 -7.89
C1' AGS FA . 44.44 -21.61 -6.83
N9 AGS FA . 44.49 -20.14 -6.78
C8 AGS FA . 44.26 -19.39 -5.68
N7 AGS FA . 44.37 -18.07 -5.96
C5 AGS FA . 44.68 -17.96 -7.26
C6 AGS FA . 44.92 -16.84 -8.21
N6 AGS FA . 44.88 -15.56 -7.78
N1 AGS FA . 45.21 -17.15 -9.48
C2 AGS FA . 45.27 -18.42 -9.92
N3 AGS FA . 45.04 -19.48 -9.11
C4 AGS FA . 44.75 -19.32 -7.80
HOG2 AGS FA . 43.28 -23.83 4.45
H5'1 AGS FA . 43.14 -23.04 -3.28
H5'2 AGS FA . 44.72 -23.82 -3.06
H4' AGS FA . 43.86 -24.12 -5.36
H3' AGS FA . 46.42 -22.81 -4.73
HO3' AGS FA . 47.12 -24.50 -6.08
H2' AGS FA . 46.55 -21.39 -6.45
HO2' AGS FA . 47.16 -23.14 -7.81
H1' AGS FA . 44.01 -21.94 -7.79
H8 AGS FA . 44.02 -19.80 -4.71
HN61 AGS FA . 45.06 -14.81 -8.43
HN62 AGS FA . 44.68 -15.35 -6.82
H2 AGS FA . 45.50 -18.60 -10.96
MG MG GA . 46.49 -22.31 2.92
PG AGS HA . 20.56 -48.29 10.33
S1G AGS HA . 18.90 -49.14 11.25
O2G AGS HA . 21.14 -47.10 11.26
O3G AGS HA . 21.60 -49.32 10.16
PB AGS HA . 18.74 -46.92 8.72
O1B AGS HA . 17.71 -47.60 9.59
O2B AGS HA . 19.00 -45.45 8.91
O3B AGS HA . 20.13 -47.70 8.90
PA AGS HA . 17.77 -48.57 6.67
O1A AGS HA . 18.83 -49.34 5.94
O2A AGS HA . 17.03 -49.18 7.83
O3A AGS HA . 18.39 -47.18 7.17
O5' AGS HA . 16.66 -48.11 5.59
C5' AGS HA . 15.32 -48.54 5.76
C4' AGS HA . 14.57 -48.68 4.43
O4' AGS HA . 14.88 -47.64 3.51
C3' AGS HA . 14.91 -49.99 3.74
O3' AGS HA . 13.88 -50.95 3.94
C2' AGS HA . 15.04 -49.62 2.26
O2' AGS HA . 14.21 -50.46 1.44
C1' AGS HA . 14.60 -48.17 2.20
N9 AGS HA . 15.27 -47.44 1.09
C8 AGS HA . 16.59 -47.26 0.90
N7 AGS HA . 16.82 -46.55 -0.23
C5 AGS HA . 15.62 -46.27 -0.79
C6 AGS HA . 15.14 -45.55 -1.99
N6 AGS HA . 16.00 -44.96 -2.87
N1 AGS HA . 13.80 -45.49 -2.19
C2 AGS HA . 12.92 -46.06 -1.35
N3 AGS HA . 13.30 -46.72 -0.24
C4 AGS HA . 14.61 -46.86 0.09
HOG2 AGS HA . 21.43 -47.31 12.16
H5'1 AGS HA . 14.79 -47.82 6.40
H5'2 AGS HA . 15.30 -49.50 6.27
H4' AGS HA . 13.50 -48.67 4.65
H3' AGS HA . 15.87 -50.37 4.11
HO3' AGS HA . 14.14 -51.79 3.55
H2' AGS HA . 16.09 -49.71 1.96
HO2' AGS HA . 14.59 -51.35 1.41
H1' AGS HA . 13.52 -48.15 2.04
H8 AGS HA . 17.36 -47.63 1.56
HN61 AGS HA . 15.64 -44.49 -3.68
HN62 AGS HA . 16.99 -45.02 -2.70
H2 AGS HA . 11.87 -45.97 -1.56
PG AGS IA . -4.86 -42.57 37.61
S1G AGS IA . -5.40 -41.67 39.41
O2G AGS IA . -3.37 -42.10 37.25
O3G AGS IA . -4.86 -44.04 37.78
PB AGS IA . -6.27 -40.70 35.98
O1B AGS IA . -5.16 -40.12 35.14
O2B AGS IA . -6.79 -39.94 37.17
O3B AGS IA . -5.87 -42.20 36.41
PA AGS IA . -8.85 -41.67 35.60
O1A AGS IA . -8.93 -43.10 35.11
O2A AGS IA . -8.88 -41.39 37.08
O3A AGS IA . -7.52 -41.00 35.01
O5' AGS IA . -10.03 -40.83 34.89
C5' AGS IA . -11.00 -40.14 35.67
C4' AGS IA . -12.41 -40.41 35.14
O4' AGS IA . -12.56 -39.97 33.79
C3' AGS IA . -12.73 -41.89 35.17
O3' AGS IA . -13.76 -42.16 36.13
C2' AGS IA . -13.20 -42.23 33.77
O2' AGS IA . -14.41 -43.00 33.79
C1' AGS IA . -13.39 -40.89 33.09
N9 AGS IA . -13.04 -40.96 31.65
C8 AGS IA . -11.82 -40.75 31.13
N7 AGS IA . -11.85 -40.89 29.77
C5 AGS IA . -13.11 -41.21 29.43
C6 AGS IA . -13.84 -41.51 28.18
N6 AGS IA . -13.20 -41.49 26.99
N1 AGS IA . -15.16 -41.78 28.26
C2 AGS IA . -15.82 -41.81 29.43
N3 AGS IA . -15.21 -41.55 30.61
C4 AGS IA . -13.89 -41.26 30.68
HOG2 AGS IA . -2.66 -42.21 37.91
H5'1 AGS IA . -10.80 -39.07 35.64
H5'2 AGS IA . -10.96 -40.45 36.72
H4' AGS IA . -13.13 -39.88 35.78
H3' AGS IA . -11.82 -42.46 35.40
HO3' AGS IA . -13.91 -43.12 36.18
H2' AGS IA . -12.41 -42.79 33.26
HO2' AGS IA . -14.21 -43.89 34.12
H1' AGS IA . -14.44 -40.59 33.20
H8 AGS IA . -10.94 -40.49 31.69
HN61 AGS IA . -13.72 -41.68 26.14
HN62 AGS IA . -12.22 -41.27 26.94
H2 AGS IA . -16.87 -42.04 29.43
PG AGS JA . -3.32 -11.71 61.29
S1G AGS JA . -2.52 -9.84 61.73
O2G AGS JA . -2.47 -12.38 60.10
O3G AGS JA . -3.27 -12.58 62.48
PB AGS JA . -5.51 -12.47 59.69
O1B AGS JA . -4.57 -12.51 58.51
O2B AGS JA . -5.96 -13.75 60.35
O3B AGS JA . -4.86 -11.54 60.82
PA AGS JA . -8.14 -11.65 60.16
O1A AGS JA . -8.97 -12.84 59.79
O2A AGS JA . -7.71 -11.40 61.58
O3A AGS JA . -6.80 -11.61 59.26
O5' AGS JA . -8.87 -10.32 59.62
C5' AGS JA . -8.34 -9.05 59.97
C4' AGS JA . -9.41 -7.96 59.85
O4' AGS JA . -9.90 -7.85 58.52
C3' AGS JA . -10.61 -8.24 60.75
O3' AGS JA . -10.58 -7.37 61.89
C2' AGS JA . -11.82 -7.98 59.89
O2' AGS JA . -12.70 -7.02 60.49
C1' AGS JA . -11.28 -7.46 58.56
N9 AGS JA . -12.05 -8.05 57.43
C8 AGS JA . -11.59 -8.92 56.53
N7 AGS JA . -12.56 -9.25 55.63
C5 AGS JA . -13.67 -8.57 55.98
C6 AGS JA . -15.06 -8.44 55.48
N6 AGS JA . -15.46 -9.13 54.38
N1 AGS JA . -15.90 -7.61 56.13
C2 AGS JA . -15.51 -6.92 57.21
N3 AGS JA . -14.27 -6.99 57.73
C4 AGS JA . -13.33 -7.78 57.16
HOG2 AGS JA . -1.52 -12.51 60.20
H5'1 AGS JA . -7.51 -8.81 59.31
H5'2 AGS JA . -7.96 -9.08 60.99
H4' AGS JA . -8.96 -7.00 60.16
H3' AGS JA . -10.59 -9.29 61.06
HO3' AGS JA . -11.34 -7.56 62.45
H2' AGS JA . -12.35 -8.92 59.72
HO2' AGS JA . -13.17 -7.41 61.22
H1' AGS JA . -11.36 -6.37 58.55
H8 AGS JA . -10.58 -9.33 56.50
HN61 AGS JA . -16.41 -9.03 54.05
HN62 AGS JA . -14.82 -9.74 53.91
H2 AGS JA . -16.23 -6.27 57.70
#